data_5O57
#
_entry.id   5O57
#
_entity_poly.entity_id   1
_entity_poly.type   'polypeptide(L)'
_entity_poly.pdbx_seq_one_letter_code
;MLVLDFNNIRSSADLHGARKGSQCLSDTDCNTRKFCLQPRDEKPFCATCRGLRRRCQRDAMCCPGTLCVNDVCTTMEDAT
ENLYFQSLEHHHHHH
;
_entity_poly.pdbx_strand_id   A
#
# COMPACT_ATOMS: atom_id res chain seq x y z
N MET A 1 -63.25 29.53 -23.78
CA MET A 1 -63.31 29.25 -22.34
C MET A 1 -62.43 28.05 -21.99
N LEU A 2 -61.31 27.91 -22.69
CA LEU A 2 -60.39 26.81 -22.45
C LEU A 2 -59.07 27.33 -21.88
N VAL A 3 -58.84 27.05 -20.60
CA VAL A 3 -57.62 27.49 -19.94
C VAL A 3 -56.40 26.75 -20.49
N LEU A 4 -55.30 27.46 -20.60
CA LEU A 4 -54.06 26.88 -21.11
C LEU A 4 -53.52 25.82 -20.15
N ASP A 5 -53.00 24.73 -20.72
CA ASP A 5 -52.45 23.65 -19.92
C ASP A 5 -51.10 23.19 -20.47
N PHE A 6 -50.33 22.48 -19.65
CA PHE A 6 -49.02 21.99 -20.05
C PHE A 6 -48.96 20.47 -19.99
N ASN A 7 -49.15 19.92 -18.80
CA ASN A 7 -49.12 18.47 -18.62
C ASN A 7 -49.49 18.10 -17.18
N ASN A 8 -48.82 18.74 -16.22
CA ASN A 8 -49.08 18.47 -14.81
C ASN A 8 -48.88 16.99 -14.49
N ILE A 9 -47.61 16.60 -14.29
CA ILE A 9 -47.28 15.23 -13.98
C ILE A 9 -45.99 15.14 -13.16
N ARG A 10 -46.07 15.60 -11.91
CA ARG A 10 -44.92 15.58 -11.02
C ARG A 10 -44.90 14.31 -10.17
N SER A 11 -43.93 13.45 -10.43
CA SER A 11 -43.80 12.19 -9.69
C SER A 11 -42.43 11.57 -9.91
N SER A 12 -41.62 11.55 -8.85
CA SER A 12 -40.28 10.98 -8.92
C SER A 12 -39.86 10.41 -7.57
N ALA A 13 -39.48 9.15 -7.56
CA ALA A 13 -39.04 8.48 -6.35
C ALA A 13 -38.38 7.13 -6.65
N ASP A 14 -37.05 7.12 -6.63
CA ASP A 14 -36.30 5.91 -6.91
C ASP A 14 -34.82 6.09 -6.55
N LEU A 15 -34.49 5.78 -5.29
CA LEU A 15 -33.11 5.91 -4.82
C LEU A 15 -32.81 4.86 -3.76
N HIS A 16 -31.81 4.02 -4.03
CA HIS A 16 -31.41 2.97 -3.11
C HIS A 16 -30.16 2.25 -3.59
N GLY A 17 -29.42 1.66 -2.66
CA GLY A 17 -28.21 0.95 -3.02
C GLY A 17 -27.14 1.02 -1.94
N ALA A 18 -26.99 -0.06 -1.18
CA ALA A 18 -26.02 -0.11 -0.12
C ALA A 18 -25.90 -1.52 0.46
N ARG A 19 -24.72 -2.12 0.33
CA ARG A 19 -24.48 -3.46 0.82
C ARG A 19 -23.00 -3.77 0.90
N LYS A 20 -22.45 -3.82 2.11
CA LYS A 20 -21.04 -4.09 2.31
C LYS A 20 -20.78 -4.57 3.74
N GLY A 21 -20.33 -5.81 3.86
CA GLY A 21 -20.04 -6.36 5.18
C GLY A 21 -18.57 -6.31 5.52
N SER A 22 -17.88 -5.29 5.02
CA SER A 22 -16.46 -5.12 5.27
C SER A 22 -16.04 -3.66 5.21
N GLN A 23 -14.79 -3.37 5.52
CA GLN A 23 -14.28 -2.02 5.49
C GLN A 23 -13.74 -1.66 4.12
N CYS A 24 -12.85 -2.50 3.60
CA CYS A 24 -12.25 -2.28 2.29
C CYS A 24 -11.57 -3.54 1.78
N LEU A 25 -11.56 -3.72 0.47
CA LEU A 25 -10.94 -4.88 -0.16
C LEU A 25 -9.51 -4.58 -0.61
N SER A 26 -9.27 -3.32 -0.97
CA SER A 26 -7.95 -2.90 -1.41
C SER A 26 -7.73 -1.42 -1.14
N ASP A 27 -6.53 -0.93 -1.43
CA ASP A 27 -6.19 0.47 -1.22
C ASP A 27 -6.99 1.36 -2.15
N THR A 28 -7.40 0.82 -3.29
CA THR A 28 -8.18 1.57 -4.27
C THR A 28 -9.49 2.06 -3.67
N ASP A 29 -9.98 1.35 -2.66
CA ASP A 29 -11.23 1.71 -2.00
C ASP A 29 -11.05 2.97 -1.16
N CYS A 30 -9.84 3.18 -0.67
CA CYS A 30 -9.53 4.35 0.15
C CYS A 30 -9.67 5.64 -0.66
N ASN A 31 -9.31 6.77 -0.05
CA ASN A 31 -9.40 8.06 -0.72
C ASN A 31 -8.59 8.05 -2.02
N THR A 32 -7.26 8.09 -1.88
CA THR A 32 -6.38 8.09 -3.04
C THR A 32 -4.97 7.66 -2.66
N ARG A 33 -4.29 8.50 -1.87
CA ARG A 33 -2.93 8.20 -1.44
C ARG A 33 -2.94 7.54 -0.07
N LYS A 34 -3.67 6.45 0.05
CA LYS A 34 -3.76 5.71 1.31
C LYS A 34 -3.82 4.21 1.07
N PHE A 35 -3.21 3.45 1.96
CA PHE A 35 -3.18 1.99 1.84
C PHE A 35 -4.11 1.34 2.87
N CYS A 36 -4.73 0.23 2.49
CA CYS A 36 -5.64 -0.48 3.38
C CYS A 36 -4.89 -1.53 4.20
N LEU A 37 -4.48 -1.14 5.40
CA LEU A 37 -3.74 -2.04 6.29
C LEU A 37 -4.67 -3.09 6.87
N GLN A 38 -4.22 -4.34 6.86
CA GLN A 38 -5.01 -5.45 7.39
C GLN A 38 -4.19 -6.28 8.37
N PRO A 39 -4.21 -5.87 9.65
CA PRO A 39 -3.48 -6.56 10.71
C PRO A 39 -4.07 -7.93 11.04
N ARG A 40 -3.25 -8.82 11.58
CA ARG A 40 -3.70 -10.16 11.94
C ARG A 40 -4.40 -10.15 13.30
N ASP A 41 -3.97 -9.25 14.17
CA ASP A 41 -4.55 -9.14 15.51
C ASP A 41 -5.78 -8.24 15.49
N GLU A 42 -5.85 -7.36 14.50
CA GLU A 42 -6.98 -6.43 14.38
C GLU A 42 -7.69 -6.62 13.04
N LYS A 43 -8.72 -5.81 12.81
CA LYS A 43 -9.48 -5.88 11.57
C LYS A 43 -8.94 -4.90 10.53
N PRO A 44 -9.26 -5.15 9.26
CA PRO A 44 -8.83 -4.30 8.14
C PRO A 44 -9.48 -2.93 8.17
N PHE A 45 -8.74 -1.91 7.75
CA PHE A 45 -9.25 -0.54 7.72
C PHE A 45 -8.37 0.36 6.87
N CYS A 46 -8.83 1.57 6.62
CA CYS A 46 -8.08 2.53 5.82
C CYS A 46 -7.05 3.27 6.67
N ALA A 47 -5.79 3.18 6.27
CA ALA A 47 -4.70 3.84 7.00
C ALA A 47 -4.24 5.09 6.27
N THR A 48 -3.39 5.88 6.93
CA THR A 48 -2.86 7.10 6.35
C THR A 48 -1.46 6.90 5.80
N CYS A 49 -0.98 7.84 5.00
CA CYS A 49 0.35 7.77 4.42
C CYS A 49 1.41 7.66 5.51
N ARG A 50 2.49 6.94 5.21
CA ARG A 50 3.58 6.76 6.17
C ARG A 50 4.78 7.61 5.78
N GLY A 51 5.34 8.31 6.76
CA GLY A 51 6.50 9.16 6.50
C GLY A 51 7.81 8.42 6.68
N LEU A 52 8.92 9.10 6.43
CA LEU A 52 10.24 8.50 6.57
C LEU A 52 10.46 7.99 7.99
N ARG A 53 9.76 8.60 8.95
CA ARG A 53 9.88 8.20 10.35
C ARG A 53 8.96 7.02 10.65
N ARG A 54 7.87 6.92 9.91
CA ARG A 54 6.90 5.84 10.10
C ARG A 54 7.54 4.48 9.80
N ARG A 55 7.15 3.47 10.57
CA ARG A 55 7.67 2.13 10.38
C ARG A 55 6.87 1.36 9.33
N CYS A 56 7.51 0.36 8.73
CA CYS A 56 6.85 -0.45 7.69
C CYS A 56 7.38 -1.88 7.71
N GLN A 57 6.66 -2.78 7.06
CA GLN A 57 7.05 -4.18 7.00
C GLN A 57 7.34 -4.61 5.56
N ARG A 58 6.68 -3.95 4.61
CA ARG A 58 6.86 -4.26 3.20
C ARG A 58 7.07 -2.99 2.39
N ASP A 59 7.30 -3.16 1.09
CA ASP A 59 7.51 -2.02 0.20
C ASP A 59 6.18 -1.37 -0.18
N ALA A 60 5.14 -2.19 -0.31
CA ALA A 60 3.82 -1.68 -0.67
C ALA A 60 3.13 -1.05 0.54
N MET A 61 3.51 -1.49 1.73
CA MET A 61 2.93 -0.97 2.96
C MET A 61 3.12 0.55 3.04
N CYS A 62 4.25 1.02 2.54
CA CYS A 62 4.54 2.45 2.56
C CYS A 62 3.95 3.15 1.34
N CYS A 63 3.81 4.47 1.42
CA CYS A 63 3.25 5.26 0.32
C CYS A 63 4.06 5.06 -0.94
N PRO A 64 3.46 5.38 -2.10
CA PRO A 64 4.11 5.25 -3.41
C PRO A 64 5.22 6.26 -3.60
N GLY A 65 6.42 5.76 -3.88
CA GLY A 65 7.56 6.63 -4.09
C GLY A 65 8.58 6.53 -2.97
N THR A 66 8.53 5.43 -2.22
CA THR A 66 9.46 5.22 -1.12
C THR A 66 9.78 3.73 -0.94
N LEU A 67 10.80 3.44 -0.15
CA LEU A 67 11.21 2.07 0.10
C LEU A 67 11.19 1.75 1.59
N CYS A 68 11.06 0.46 1.92
CA CYS A 68 11.03 0.04 3.30
C CYS A 68 12.38 -0.55 3.74
N VAL A 69 13.14 0.25 4.48
CA VAL A 69 14.46 -0.19 4.95
C VAL A 69 14.51 -0.22 6.47
N ASN A 70 15.05 -1.31 7.01
CA ASN A 70 15.16 -1.46 8.46
C ASN A 70 13.80 -1.30 9.13
N ASP A 71 12.75 -1.77 8.46
CA ASP A 71 11.40 -1.67 8.99
C ASP A 71 10.99 -0.21 9.15
N VAL A 72 11.57 0.66 8.32
CA VAL A 72 11.25 2.08 8.36
C VAL A 72 11.21 2.67 6.96
N CYS A 73 10.26 3.57 6.73
CA CYS A 73 10.10 4.21 5.44
C CYS A 73 11.30 5.10 5.12
N THR A 74 11.77 5.02 3.88
CA THR A 74 12.92 5.81 3.45
C THR A 74 12.76 6.27 2.01
N THR A 75 13.31 7.44 1.70
CA THR A 75 13.22 7.99 0.35
C THR A 75 14.05 7.17 -0.63
N MET A 76 13.70 7.26 -1.91
CA MET A 76 14.41 6.53 -2.95
C MET A 76 15.84 7.04 -3.09
N GLU A 77 16.05 8.30 -2.73
CA GLU A 77 17.38 8.91 -2.84
C GLU A 77 18.29 8.38 -1.74
N ASP A 78 17.69 7.99 -0.61
CA ASP A 78 18.46 7.47 0.51
C ASP A 78 18.75 5.98 0.33
N ALA A 79 17.71 5.21 0.02
CA ALA A 79 17.85 3.78 -0.18
C ALA A 79 18.60 3.47 -1.47
N THR A 80 19.92 3.36 -1.36
CA THR A 80 20.76 3.07 -2.52
C THR A 80 21.95 2.19 -2.13
N GLU A 81 21.86 0.91 -2.45
CA GLU A 81 22.94 -0.03 -2.14
C GLU A 81 23.59 -0.56 -3.42
N ASN A 82 24.85 -0.96 -3.30
CA ASN A 82 25.59 -1.49 -4.44
C ASN A 82 25.66 -0.45 -5.57
N LEU A 83 26.35 0.66 -5.32
CA LEU A 83 26.49 1.72 -6.30
C LEU A 83 27.49 1.33 -7.39
N TYR A 84 27.52 2.10 -8.47
CA TYR A 84 28.43 1.84 -9.58
C TYR A 84 29.85 2.30 -9.23
N PHE A 85 30.84 1.53 -9.66
CA PHE A 85 32.24 1.86 -9.40
C PHE A 85 32.76 2.85 -10.44
N GLN A 86 32.86 2.38 -11.68
CA GLN A 86 33.36 3.23 -12.76
C GLN A 86 34.75 3.77 -12.45
N SER A 87 35.26 4.64 -13.33
CA SER A 87 36.58 5.21 -13.14
C SER A 87 36.74 6.47 -13.99
N LEU A 88 36.84 6.28 -15.30
CA LEU A 88 37.01 7.40 -16.23
C LEU A 88 36.95 6.93 -17.67
N GLU A 89 37.06 7.87 -18.60
CA GLU A 89 37.03 7.54 -20.02
C GLU A 89 38.42 7.55 -20.62
N HIS A 90 38.78 6.47 -21.31
CA HIS A 90 40.09 6.35 -21.93
C HIS A 90 40.11 7.02 -23.30
N HIS A 91 41.17 7.77 -23.57
CA HIS A 91 41.30 8.47 -24.85
C HIS A 91 42.76 8.86 -25.11
N HIS A 92 43.27 8.46 -26.28
CA HIS A 92 44.65 8.77 -26.64
C HIS A 92 44.70 9.88 -27.70
N HIS A 93 45.89 10.41 -27.93
CA HIS A 93 46.08 11.48 -28.90
C HIS A 93 47.55 11.84 -29.03
N HIS A 94 48.03 11.90 -30.28
CA HIS A 94 49.42 12.23 -30.54
C HIS A 94 49.65 12.48 -32.03
N HIS A 95 50.88 12.78 -32.39
CA HIS A 95 51.23 13.06 -33.79
C HIS A 95 51.89 11.82 -34.43
N MET A 1 3.44 13.29 -7.67
CA MET A 1 3.13 12.08 -8.44
C MET A 1 1.86 11.41 -7.91
N LEU A 2 0.72 11.87 -8.38
CA LEU A 2 -0.56 11.32 -7.96
C LEU A 2 -1.59 11.37 -9.09
N VAL A 3 -1.13 11.06 -10.30
CA VAL A 3 -2.01 11.07 -11.47
C VAL A 3 -3.07 9.98 -11.38
N LEU A 4 -4.25 10.27 -11.89
CA LEU A 4 -5.36 9.30 -11.87
C LEU A 4 -5.10 8.17 -12.86
N ASP A 5 -5.50 6.96 -12.48
CA ASP A 5 -5.32 5.79 -13.33
C ASP A 5 -6.61 4.98 -13.41
N PHE A 6 -7.26 5.05 -14.57
CA PHE A 6 -8.51 4.32 -14.78
C PHE A 6 -8.42 3.42 -16.01
N ASN A 7 -7.22 2.93 -16.28
CA ASN A 7 -6.98 2.04 -17.41
C ASN A 7 -7.37 0.62 -17.08
N ASN A 8 -8.21 0.02 -17.93
CA ASN A 8 -8.65 -1.35 -17.72
C ASN A 8 -8.04 -2.29 -18.77
N ILE A 9 -8.09 -3.58 -18.49
CA ILE A 9 -7.55 -4.58 -19.39
C ILE A 9 -8.65 -5.34 -20.13
N ARG A 10 -9.80 -4.67 -20.29
CA ARG A 10 -10.93 -5.28 -20.97
C ARG A 10 -11.37 -6.56 -20.27
N SER A 11 -12.04 -6.41 -19.13
CA SER A 11 -12.51 -7.55 -18.36
C SER A 11 -13.76 -8.16 -19.00
N SER A 12 -13.97 -9.45 -18.75
CA SER A 12 -15.12 -10.15 -19.30
C SER A 12 -15.25 -11.54 -18.68
N ALA A 13 -16.41 -11.81 -18.08
CA ALA A 13 -16.67 -13.10 -17.46
C ALA A 13 -17.98 -13.71 -17.96
N ASP A 14 -19.08 -13.02 -17.71
CA ASP A 14 -20.39 -13.49 -18.15
C ASP A 14 -21.44 -12.41 -17.98
N LEU A 15 -21.47 -11.79 -16.80
CA LEU A 15 -22.44 -10.73 -16.52
C LEU A 15 -22.08 -10.00 -15.22
N HIS A 16 -20.78 -9.87 -14.96
CA HIS A 16 -20.30 -9.20 -13.75
C HIS A 16 -20.80 -9.91 -12.51
N GLY A 17 -20.43 -9.39 -11.34
CA GLY A 17 -20.85 -9.99 -10.08
C GLY A 17 -19.84 -10.98 -9.54
N ALA A 18 -18.90 -10.48 -8.74
CA ALA A 18 -17.87 -11.32 -8.15
C ALA A 18 -17.36 -10.74 -6.83
N ARG A 19 -17.35 -11.56 -5.79
CA ARG A 19 -16.89 -11.13 -4.48
C ARG A 19 -16.46 -12.32 -3.63
N LYS A 20 -15.83 -12.04 -2.50
CA LYS A 20 -15.36 -13.08 -1.60
C LYS A 20 -15.84 -12.81 -0.16
N GLY A 21 -15.66 -11.58 0.29
CA GLY A 21 -16.06 -11.22 1.63
C GLY A 21 -15.05 -10.33 2.33
N SER A 22 -14.52 -9.36 1.60
CA SER A 22 -13.53 -8.44 2.16
C SER A 22 -13.88 -7.00 1.82
N GLN A 23 -13.47 -6.07 2.69
CA GLN A 23 -13.75 -4.65 2.49
C GLN A 23 -12.97 -4.12 1.29
N CYS A 24 -11.70 -4.51 1.19
CA CYS A 24 -10.86 -4.07 0.09
C CYS A 24 -9.90 -5.18 -0.35
N LEU A 25 -9.68 -5.29 -1.65
CA LEU A 25 -8.79 -6.31 -2.20
C LEU A 25 -7.37 -5.76 -2.35
N SER A 26 -7.27 -4.44 -2.52
CA SER A 26 -5.97 -3.80 -2.68
C SER A 26 -6.00 -2.36 -2.16
N ASP A 27 -4.85 -1.71 -2.15
CA ASP A 27 -4.75 -0.34 -1.67
C ASP A 27 -5.53 0.61 -2.57
N THR A 28 -5.70 0.23 -3.83
CA THR A 28 -6.43 1.04 -4.80
C THR A 28 -7.83 1.35 -4.30
N ASP A 29 -8.35 0.48 -3.45
CA ASP A 29 -9.70 0.65 -2.90
C ASP A 29 -9.74 1.85 -1.95
N CYS A 30 -8.60 2.16 -1.35
CA CYS A 30 -8.51 3.28 -0.42
C CYS A 30 -8.04 4.55 -1.13
N ASN A 31 -7.97 5.64 -0.39
CA ASN A 31 -7.54 6.92 -0.95
C ASN A 31 -6.22 6.77 -1.69
N THR A 32 -6.04 7.57 -2.74
CA THR A 32 -4.81 7.53 -3.54
C THR A 32 -3.58 7.70 -2.65
N ARG A 33 -3.74 8.46 -1.57
CA ARG A 33 -2.64 8.71 -0.65
C ARG A 33 -2.80 7.89 0.62
N LYS A 34 -3.42 6.72 0.50
CA LYS A 34 -3.64 5.83 1.63
C LYS A 34 -3.51 4.37 1.22
N PHE A 35 -3.27 3.51 2.20
CA PHE A 35 -3.11 2.08 1.94
C PHE A 35 -4.09 1.26 2.77
N CYS A 36 -4.37 0.05 2.33
CA CYS A 36 -5.29 -0.84 3.02
C CYS A 36 -4.55 -1.72 4.03
N LEU A 37 -4.72 -1.43 5.31
CA LEU A 37 -4.06 -2.20 6.36
C LEU A 37 -5.00 -3.28 6.91
N GLN A 38 -4.54 -4.52 6.88
CA GLN A 38 -5.32 -5.65 7.37
C GLN A 38 -4.63 -6.33 8.54
N PRO A 39 -4.88 -5.84 9.74
CA PRO A 39 -4.28 -6.39 10.97
C PRO A 39 -4.83 -7.77 11.31
N ARG A 40 -4.03 -8.56 12.02
CA ARG A 40 -4.44 -9.91 12.40
C ARG A 40 -5.29 -9.88 13.67
N ASP A 41 -4.84 -9.11 14.66
CA ASP A 41 -5.57 -8.99 15.92
C ASP A 41 -6.81 -8.11 15.75
N GLU A 42 -6.79 -7.25 14.74
CA GLU A 42 -7.91 -6.36 14.48
C GLU A 42 -8.50 -6.62 13.09
N LYS A 43 -9.50 -5.84 12.73
CA LYS A 43 -10.16 -5.98 11.43
C LYS A 43 -9.51 -5.07 10.40
N PRO A 44 -9.73 -5.39 9.11
CA PRO A 44 -9.19 -4.60 7.99
C PRO A 44 -9.84 -3.23 7.88
N PHE A 45 -9.02 -2.20 7.75
CA PHE A 45 -9.52 -0.83 7.62
C PHE A 45 -8.55 0.02 6.80
N CYS A 46 -8.91 1.29 6.61
CA CYS A 46 -8.08 2.22 5.86
C CYS A 46 -7.15 3.00 6.79
N ALA A 47 -5.87 3.01 6.46
CA ALA A 47 -4.88 3.72 7.26
C ALA A 47 -4.43 5.01 6.56
N THR A 48 -3.75 5.87 7.31
CA THR A 48 -3.27 7.13 6.78
C THR A 48 -1.82 7.02 6.32
N CYS A 49 -1.37 8.01 5.56
CA CYS A 49 0.00 8.04 5.06
C CYS A 49 0.99 7.97 6.20
N ARG A 50 2.14 7.32 5.95
CA ARG A 50 3.17 7.19 6.97
C ARG A 50 4.42 7.97 6.58
N GLY A 51 5.02 8.65 7.55
CA GLY A 51 6.23 9.42 7.29
C GLY A 51 7.43 8.55 7.03
N LEU A 52 8.60 9.18 6.90
CA LEU A 52 9.83 8.45 6.65
C LEU A 52 10.31 7.73 7.91
N ARG A 53 10.45 8.48 9.00
CA ARG A 53 10.90 7.91 10.27
C ARG A 53 10.00 6.75 10.68
N ARG A 54 8.76 6.77 10.23
CA ARG A 54 7.80 5.72 10.55
C ARG A 54 8.31 4.36 10.09
N ARG A 55 8.00 3.32 10.87
CA ARG A 55 8.44 1.97 10.53
C ARG A 55 7.49 1.32 9.54
N CYS A 56 7.99 0.32 8.83
CA CYS A 56 7.18 -0.39 7.83
C CYS A 56 7.60 -1.86 7.74
N GLN A 57 6.68 -2.69 7.27
CA GLN A 57 6.95 -4.12 7.13
C GLN A 57 7.06 -4.51 5.66
N ARG A 58 6.40 -3.74 4.79
CA ARG A 58 6.42 -4.01 3.36
C ARG A 58 6.54 -2.72 2.57
N ASP A 59 6.61 -2.83 1.25
CA ASP A 59 6.71 -1.68 0.38
C ASP A 59 5.40 -0.91 0.33
N ALA A 60 4.31 -1.62 0.03
CA ALA A 60 3.00 -1.01 -0.05
C ALA A 60 2.56 -0.46 1.30
N MET A 61 3.11 -1.03 2.37
CA MET A 61 2.78 -0.59 3.72
C MET A 61 3.01 0.90 3.88
N CYS A 62 3.94 1.44 3.10
CA CYS A 62 4.25 2.87 3.16
C CYS A 62 3.75 3.59 1.91
N CYS A 63 3.54 4.89 2.04
CA CYS A 63 3.05 5.70 0.92
C CYS A 63 3.92 5.50 -0.32
N PRO A 64 3.38 5.86 -1.49
CA PRO A 64 4.10 5.73 -2.77
C PRO A 64 5.24 6.74 -2.88
N GLY A 65 6.22 6.42 -3.74
CA GLY A 65 7.34 7.31 -3.93
C GLY A 65 8.53 6.93 -3.05
N THR A 66 8.25 6.20 -1.98
CA THR A 66 9.30 5.78 -1.06
C THR A 66 9.45 4.26 -1.05
N LEU A 67 10.47 3.79 -0.35
CA LEU A 67 10.72 2.35 -0.25
C LEU A 67 11.00 1.94 1.20
N CYS A 68 10.50 0.77 1.57
CA CYS A 68 10.70 0.25 2.92
C CYS A 68 12.12 -0.28 3.10
N VAL A 69 12.94 0.48 3.81
CA VAL A 69 14.33 0.10 4.06
C VAL A 69 14.60 -0.05 5.56
N ASN A 70 15.20 -1.16 5.94
CA ASN A 70 15.53 -1.41 7.34
C ASN A 70 14.28 -1.31 8.21
N ASP A 71 13.15 -1.78 7.68
CA ASP A 71 11.90 -1.73 8.41
C ASP A 71 11.48 -0.28 8.69
N VAL A 72 11.93 0.63 7.82
CA VAL A 72 11.59 2.04 7.97
C VAL A 72 11.39 2.70 6.62
N CYS A 73 10.45 3.63 6.55
CA CYS A 73 10.14 4.34 5.31
C CYS A 73 11.32 5.23 4.90
N THR A 74 12.03 4.81 3.86
CA THR A 74 13.17 5.58 3.37
C THR A 74 12.97 5.99 1.91
N THR A 75 13.46 7.17 1.56
CA THR A 75 13.33 7.69 0.21
C THR A 75 14.09 6.82 -0.79
N MET A 76 13.62 6.78 -2.02
CA MET A 76 14.27 5.99 -3.06
C MET A 76 15.63 6.57 -3.42
N GLU A 77 15.75 7.88 -3.37
CA GLU A 77 17.01 8.56 -3.68
C GLU A 77 18.11 8.12 -2.74
N ASP A 78 17.75 7.93 -1.46
CA ASP A 78 18.72 7.51 -0.46
C ASP A 78 18.96 6.00 -0.52
N ALA A 79 17.90 5.24 -0.81
CA ALA A 79 18.00 3.79 -0.91
C ALA A 79 19.12 3.39 -1.85
N THR A 80 19.39 4.22 -2.85
CA THR A 80 20.44 3.95 -3.83
C THR A 80 21.81 4.26 -3.25
N GLU A 81 22.33 3.35 -2.43
CA GLU A 81 23.64 3.53 -1.82
C GLU A 81 24.72 3.67 -2.88
N ASN A 82 25.90 4.14 -2.46
CA ASN A 82 27.02 4.33 -3.38
C ASN A 82 26.66 5.30 -4.49
N LEU A 83 27.57 5.49 -5.44
CA LEU A 83 27.35 6.39 -6.55
C LEU A 83 27.28 5.63 -7.86
N TYR A 84 27.22 6.37 -8.97
CA TYR A 84 27.16 5.76 -10.29
C TYR A 84 28.30 6.25 -11.17
N PHE A 85 28.41 5.66 -12.36
CA PHE A 85 29.46 6.05 -13.30
C PHE A 85 29.01 5.81 -14.74
N GLN A 86 29.75 6.38 -15.69
CA GLN A 86 29.42 6.23 -17.10
C GLN A 86 30.56 6.75 -17.98
N SER A 87 30.93 5.97 -18.99
CA SER A 87 32.00 6.36 -19.90
C SER A 87 31.55 6.26 -21.35
N LEU A 88 31.69 7.36 -22.08
CA LEU A 88 31.29 7.40 -23.48
C LEU A 88 32.51 7.43 -24.40
N GLU A 89 32.50 6.58 -25.43
CA GLU A 89 33.61 6.50 -26.37
C GLU A 89 33.67 7.77 -27.23
N HIS A 90 34.87 8.32 -27.38
CA HIS A 90 35.07 9.51 -28.19
C HIS A 90 36.06 9.26 -29.31
N HIS A 91 36.18 10.23 -30.22
CA HIS A 91 37.10 10.11 -31.35
C HIS A 91 37.37 11.47 -31.97
N HIS A 92 38.55 11.61 -32.59
CA HIS A 92 38.93 12.86 -33.22
C HIS A 92 39.62 12.61 -34.56
N HIS A 93 39.45 13.54 -35.50
CA HIS A 93 40.06 13.40 -36.82
C HIS A 93 40.00 14.74 -37.57
N HIS A 94 41.13 15.12 -38.16
CA HIS A 94 41.22 16.36 -38.90
C HIS A 94 42.07 16.19 -40.16
N HIS A 95 41.41 16.11 -41.31
CA HIS A 95 42.10 15.94 -42.58
C HIS A 95 42.97 14.68 -42.57
N MET A 1 -78.57 -10.08 5.21
CA MET A 1 -77.53 -9.06 5.18
C MET A 1 -76.59 -9.20 6.37
N LEU A 2 -75.48 -9.90 6.16
CA LEU A 2 -74.50 -10.11 7.22
C LEU A 2 -73.18 -9.40 6.89
N VAL A 3 -72.77 -8.49 7.77
CA VAL A 3 -71.53 -7.76 7.56
C VAL A 3 -70.32 -8.68 7.63
N LEU A 4 -69.48 -8.62 6.61
CA LEU A 4 -68.28 -9.46 6.56
C LEU A 4 -67.08 -8.73 7.16
N ASP A 5 -66.19 -9.50 7.77
CA ASP A 5 -64.99 -8.93 8.39
C ASP A 5 -63.80 -9.01 7.44
N PHE A 6 -63.75 -8.09 6.49
CA PHE A 6 -62.66 -8.06 5.50
C PHE A 6 -61.68 -6.93 5.82
N ASN A 7 -60.41 -7.16 5.51
CA ASN A 7 -59.37 -6.17 5.76
C ASN A 7 -58.35 -6.15 4.63
N ASN A 8 -57.48 -5.15 4.63
CA ASN A 8 -56.45 -5.02 3.61
C ASN A 8 -55.23 -5.87 3.96
N ILE A 9 -54.98 -6.04 5.25
CA ILE A 9 -53.85 -6.84 5.72
C ILE A 9 -54.31 -8.20 6.22
N ARG A 10 -53.34 -9.08 6.47
CA ARG A 10 -53.65 -10.42 6.96
C ARG A 10 -52.72 -10.80 8.12
N SER A 11 -53.23 -11.65 9.01
CA SER A 11 -52.45 -12.08 10.17
C SER A 11 -51.18 -12.81 9.73
N SER A 12 -50.06 -12.09 9.75
CA SER A 12 -48.78 -12.68 9.35
C SER A 12 -47.62 -11.92 10.00
N ALA A 13 -46.41 -12.47 9.85
CA ALA A 13 -45.22 -11.86 10.41
C ALA A 13 -44.67 -10.77 9.50
N ASP A 14 -43.55 -10.17 9.89
CA ASP A 14 -42.93 -9.12 9.10
C ASP A 14 -41.42 -9.13 9.29
N LEU A 15 -40.68 -9.18 8.18
CA LEU A 15 -39.23 -9.19 8.23
C LEU A 15 -38.66 -7.82 7.87
N HIS A 16 -37.50 -7.50 8.43
CA HIS A 16 -36.85 -6.22 8.17
C HIS A 16 -35.51 -6.14 8.90
N GLY A 17 -34.43 -6.07 8.12
CA GLY A 17 -33.10 -5.98 8.73
C GLY A 17 -32.02 -5.78 7.68
N ALA A 18 -31.09 -4.87 7.97
CA ALA A 18 -29.99 -4.59 7.06
C ALA A 18 -28.72 -5.33 7.47
N ARG A 19 -27.69 -5.23 6.64
CA ARG A 19 -26.42 -5.90 6.91
C ARG A 19 -25.24 -5.00 6.53
N LYS A 20 -24.34 -4.78 7.48
CA LYS A 20 -23.17 -3.95 7.24
C LYS A 20 -22.01 -4.78 6.71
N GLY A 21 -21.62 -4.52 5.46
CA GLY A 21 -20.53 -5.26 4.86
C GLY A 21 -19.19 -4.89 5.45
N SER A 22 -18.12 -5.21 4.73
CA SER A 22 -16.77 -4.91 5.20
C SER A 22 -16.36 -3.49 4.83
N GLN A 23 -15.55 -2.87 5.67
CA GLN A 23 -15.08 -1.51 5.42
C GLN A 23 -14.35 -1.42 4.10
N CYS A 24 -13.27 -2.19 3.96
CA CYS A 24 -12.47 -2.20 2.74
C CYS A 24 -11.94 -3.60 2.45
N LEU A 25 -11.79 -3.92 1.17
CA LEU A 25 -11.29 -5.22 0.76
C LEU A 25 -9.87 -5.11 0.21
N SER A 26 -9.56 -3.97 -0.40
CA SER A 26 -8.24 -3.74 -0.96
C SER A 26 -7.89 -2.26 -0.92
N ASP A 27 -6.67 -1.93 -1.34
CA ASP A 27 -6.20 -0.55 -1.35
C ASP A 27 -7.08 0.31 -2.26
N THR A 28 -7.68 -0.33 -3.26
CA THR A 28 -8.53 0.37 -4.20
C THR A 28 -9.80 0.88 -3.53
N ASP A 29 -10.21 0.20 -2.47
CA ASP A 29 -11.41 0.59 -1.71
C ASP A 29 -11.19 1.91 -0.98
N CYS A 30 -9.93 2.19 -0.65
CA CYS A 30 -9.59 3.42 0.06
C CYS A 30 -9.76 4.63 -0.85
N ASN A 31 -9.52 5.82 -0.29
CA ASN A 31 -9.65 7.06 -1.05
C ASN A 31 -8.84 7.00 -2.34
N THR A 32 -7.51 7.06 -2.21
CA THR A 32 -6.62 7.02 -3.35
C THR A 32 -5.16 6.91 -2.92
N ARG A 33 -4.82 7.65 -1.86
CA ARG A 33 -3.46 7.63 -1.34
C ARG A 33 -3.39 6.91 0.00
N LYS A 34 -4.22 5.88 0.16
CA LYS A 34 -4.25 5.12 1.39
C LYS A 34 -4.45 3.63 1.10
N PHE A 35 -3.93 2.79 1.99
CA PHE A 35 -4.06 1.34 1.82
C PHE A 35 -5.03 0.76 2.84
N CYS A 36 -5.65 -0.36 2.49
CA CYS A 36 -6.60 -1.01 3.37
C CYS A 36 -5.90 -1.96 4.34
N LEU A 37 -5.63 -1.47 5.54
CA LEU A 37 -4.96 -2.27 6.56
C LEU A 37 -5.95 -3.20 7.26
N GLN A 38 -5.54 -4.46 7.43
CA GLN A 38 -6.38 -5.46 8.08
C GLN A 38 -5.61 -6.21 9.15
N PRO A 39 -5.60 -5.66 10.38
CA PRO A 39 -4.90 -6.26 11.51
C PRO A 39 -5.56 -7.55 11.99
N ARG A 40 -4.79 -8.41 12.64
CA ARG A 40 -5.30 -9.67 13.15
C ARG A 40 -6.00 -9.48 14.49
N ASP A 41 -5.57 -8.47 15.23
CA ASP A 41 -6.15 -8.18 16.54
C ASP A 41 -7.31 -7.21 16.42
N GLU A 42 -7.33 -6.45 15.32
CA GLU A 42 -8.39 -5.48 15.09
C GLU A 42 -9.11 -5.78 13.77
N LYS A 43 -10.11 -4.96 13.45
CA LYS A 43 -10.89 -5.13 12.22
C LYS A 43 -10.26 -4.36 11.07
N PRO A 44 -10.61 -4.75 9.83
CA PRO A 44 -10.09 -4.10 8.62
C PRO A 44 -10.64 -2.69 8.45
N PHE A 45 -9.78 -1.79 7.97
CA PHE A 45 -10.17 -0.41 7.75
C PHE A 45 -9.11 0.35 6.95
N CYS A 46 -9.45 1.54 6.50
CA CYS A 46 -8.53 2.36 5.72
C CYS A 46 -7.60 3.15 6.64
N ALA A 47 -6.30 2.86 6.55
CA ALA A 47 -5.31 3.54 7.37
C ALA A 47 -4.47 4.50 6.53
N THR A 48 -4.11 5.63 7.14
CA THR A 48 -3.31 6.63 6.45
C THR A 48 -1.89 6.13 6.18
N CYS A 49 -1.23 6.72 5.19
CA CYS A 49 0.13 6.32 4.84
C CYS A 49 1.08 6.54 6.02
N ARG A 50 2.25 5.91 5.94
CA ARG A 50 3.24 6.02 7.00
C ARG A 50 4.41 6.91 6.57
N GLY A 51 4.83 7.80 7.46
CA GLY A 51 5.94 8.69 7.14
C GLY A 51 7.25 7.96 6.95
N LEU A 52 8.35 8.70 6.99
CA LEU A 52 9.67 8.11 6.82
C LEU A 52 10.09 7.34 8.06
N ARG A 53 10.11 8.03 9.20
CA ARG A 53 10.50 7.41 10.46
C ARG A 53 9.68 6.14 10.72
N ARG A 54 8.45 6.12 10.20
CA ARG A 54 7.56 4.98 10.37
C ARG A 54 8.22 3.71 9.84
N ARG A 55 7.93 2.59 10.49
CA ARG A 55 8.49 1.30 10.08
C ARG A 55 7.71 0.71 8.92
N CYS A 56 8.37 -0.11 8.12
CA CYS A 56 7.74 -0.74 6.96
C CYS A 56 8.38 -2.08 6.65
N GLN A 57 7.59 -3.00 6.11
CA GLN A 57 8.09 -4.33 5.77
C GLN A 57 8.03 -4.57 4.27
N ARG A 58 7.12 -3.87 3.60
CA ARG A 58 6.96 -4.00 2.16
C ARG A 58 7.08 -2.65 1.47
N ASP A 59 7.76 -2.63 0.33
CA ASP A 59 7.95 -1.39 -0.43
C ASP A 59 6.61 -0.79 -0.82
N ALA A 60 5.59 -1.64 -0.95
CA ALA A 60 4.26 -1.19 -1.33
C ALA A 60 3.54 -0.54 -0.14
N MET A 61 3.79 -1.07 1.05
CA MET A 61 3.18 -0.55 2.27
C MET A 61 3.47 0.94 2.43
N CYS A 62 4.64 1.36 1.97
CA CYS A 62 5.04 2.76 2.05
C CYS A 62 4.65 3.52 0.79
N CYS A 63 4.25 4.77 0.96
CA CYS A 63 3.85 5.62 -0.16
C CYS A 63 4.92 5.61 -1.25
N PRO A 64 4.52 5.99 -2.47
CA PRO A 64 5.43 6.05 -3.62
C PRO A 64 6.45 7.17 -3.49
N GLY A 65 7.64 6.95 -4.05
CA GLY A 65 8.69 7.96 -3.98
C GLY A 65 9.75 7.62 -2.97
N THR A 66 9.42 6.74 -2.02
CA THR A 66 10.36 6.34 -0.98
C THR A 66 10.69 4.86 -1.08
N LEU A 67 11.63 4.41 -0.27
CA LEU A 67 12.04 3.01 -0.27
C LEU A 67 12.01 2.43 1.14
N CYS A 68 11.98 1.11 1.24
CA CYS A 68 11.95 0.44 2.53
C CYS A 68 13.34 -0.10 2.89
N VAL A 69 13.97 0.53 3.89
CA VAL A 69 15.29 0.12 4.33
C VAL A 69 15.35 0.02 5.86
N ASN A 70 16.00 -1.02 6.35
CA ASN A 70 16.13 -1.24 7.78
C ASN A 70 14.77 -1.25 8.47
N ASP A 71 13.77 -1.76 7.74
CA ASP A 71 12.41 -1.84 8.28
C ASP A 71 11.86 -0.44 8.55
N VAL A 72 12.37 0.54 7.82
CA VAL A 72 11.93 1.93 7.98
C VAL A 72 11.78 2.62 6.64
N CYS A 73 10.80 3.52 6.54
CA CYS A 73 10.56 4.25 5.30
C CYS A 73 11.64 5.30 5.06
N THR A 74 12.50 5.04 4.09
CA THR A 74 13.58 5.96 3.76
C THR A 74 13.35 6.64 2.41
N THR A 75 14.14 7.67 2.13
CA THR A 75 14.01 8.39 0.87
C THR A 75 14.76 7.68 -0.25
N MET A 76 14.22 7.76 -1.46
CA MET A 76 14.83 7.12 -2.62
C MET A 76 16.25 7.63 -2.83
N GLU A 77 16.46 8.90 -2.52
CA GLU A 77 17.79 9.52 -2.68
C GLU A 77 18.79 8.91 -1.71
N ASP A 78 18.29 8.50 -0.54
CA ASP A 78 19.15 7.90 0.48
C ASP A 78 19.40 6.42 0.18
N ALA A 79 18.34 5.71 -0.18
CA ALA A 79 18.45 4.29 -0.49
C ALA A 79 19.10 4.07 -1.86
N THR A 80 20.36 3.64 -1.85
CA THR A 80 21.09 3.40 -3.08
C THR A 80 22.04 2.23 -2.93
N GLU A 81 23.09 2.41 -2.13
CA GLU A 81 24.07 1.36 -1.90
C GLU A 81 25.12 1.81 -0.90
N ASN A 82 25.55 0.89 -0.04
CA ASN A 82 26.56 1.20 0.97
C ASN A 82 27.95 0.80 0.49
N LEU A 83 28.05 -0.39 -0.11
CA LEU A 83 29.32 -0.88 -0.62
C LEU A 83 29.67 -0.22 -1.95
N TYR A 84 30.97 -0.09 -2.21
CA TYR A 84 31.43 0.53 -3.45
C TYR A 84 32.91 0.26 -3.67
N PHE A 85 33.34 0.25 -4.93
CA PHE A 85 34.73 0.01 -5.27
C PHE A 85 35.31 1.16 -6.09
N GLN A 86 36.58 1.07 -6.42
CA GLN A 86 37.26 2.11 -7.20
C GLN A 86 38.44 1.53 -7.97
N SER A 87 38.57 1.93 -9.23
CA SER A 87 39.65 1.45 -10.08
C SER A 87 40.54 2.61 -10.52
N LEU A 88 41.84 2.35 -10.58
CA LEU A 88 42.80 3.37 -10.99
C LEU A 88 43.37 3.06 -12.37
N GLU A 89 43.92 4.08 -13.03
CA GLU A 89 44.50 3.91 -14.36
C GLU A 89 46.03 3.92 -14.30
N HIS A 90 46.62 2.74 -14.19
CA HIS A 90 48.07 2.62 -14.12
C HIS A 90 48.61 1.93 -15.37
N HIS A 91 47.80 1.06 -15.96
CA HIS A 91 48.20 0.33 -17.16
C HIS A 91 48.51 1.30 -18.31
N HIS A 92 47.86 2.45 -18.29
CA HIS A 92 48.06 3.46 -19.33
C HIS A 92 49.48 4.01 -19.28
N HIS A 93 50.20 3.92 -20.40
CA HIS A 93 51.56 4.41 -20.47
C HIS A 93 52.11 4.29 -21.90
N HIS A 94 52.94 5.24 -22.29
CA HIS A 94 53.52 5.25 -23.63
C HIS A 94 55.03 5.01 -23.56
N HIS A 95 55.47 4.33 -22.52
CA HIS A 95 56.89 4.04 -22.33
C HIS A 95 57.11 2.55 -22.06
N MET A 1 -46.35 -62.81 -10.85
CA MET A 1 -45.29 -62.02 -10.23
C MET A 1 -45.84 -60.72 -9.65
N LEU A 2 -45.70 -60.55 -8.34
CA LEU A 2 -46.19 -59.36 -7.66
C LEU A 2 -45.10 -58.76 -6.77
N VAL A 3 -44.46 -57.69 -7.25
CA VAL A 3 -43.41 -57.03 -6.49
C VAL A 3 -43.98 -55.89 -5.65
N LEU A 4 -43.68 -55.92 -4.35
CA LEU A 4 -44.15 -54.89 -3.43
C LEU A 4 -43.75 -53.51 -3.91
N ASP A 5 -44.60 -52.52 -3.64
CA ASP A 5 -44.32 -51.14 -4.03
C ASP A 5 -43.71 -50.36 -2.88
N PHE A 6 -42.41 -50.53 -2.67
CA PHE A 6 -41.71 -49.84 -1.60
C PHE A 6 -40.30 -49.44 -2.03
N ASN A 7 -40.22 -48.41 -2.89
CA ASN A 7 -38.93 -47.93 -3.38
C ASN A 7 -38.80 -46.44 -3.16
N ASN A 8 -37.60 -45.91 -3.41
CA ASN A 8 -37.32 -44.49 -3.23
C ASN A 8 -37.56 -44.06 -1.79
N ILE A 9 -37.21 -42.83 -1.48
CA ILE A 9 -37.38 -42.29 -0.13
C ILE A 9 -37.03 -40.81 -0.08
N ARG A 10 -36.01 -40.41 -0.84
CA ARG A 10 -35.58 -39.03 -0.87
C ARG A 10 -35.10 -38.57 0.50
N SER A 11 -34.63 -37.33 0.58
CA SER A 11 -34.13 -36.77 1.83
C SER A 11 -34.27 -35.25 1.84
N SER A 12 -34.21 -34.67 3.03
CA SER A 12 -34.33 -33.22 3.18
C SER A 12 -33.08 -32.65 3.84
N ALA A 13 -32.27 -31.94 3.06
CA ALA A 13 -31.04 -31.33 3.57
C ALA A 13 -31.00 -29.84 3.25
N ASP A 14 -30.24 -29.11 4.05
CA ASP A 14 -30.11 -27.67 3.86
C ASP A 14 -29.10 -27.07 4.84
N LEU A 15 -28.58 -25.91 4.50
CA LEU A 15 -27.59 -25.24 5.35
C LEU A 15 -27.70 -23.71 5.21
N HIS A 16 -26.96 -23.00 6.05
CA HIS A 16 -26.96 -21.54 6.01
C HIS A 16 -25.67 -20.97 6.60
N GLY A 17 -24.80 -20.49 5.73
CA GLY A 17 -23.53 -19.93 6.18
C GLY A 17 -23.15 -18.66 5.44
N ALA A 18 -22.81 -17.62 6.18
CA ALA A 18 -22.43 -16.35 5.58
C ALA A 18 -21.64 -15.49 6.57
N ARG A 19 -20.51 -14.95 6.10
CA ARG A 19 -19.67 -14.11 6.94
C ARG A 19 -18.98 -13.03 6.11
N LYS A 20 -19.78 -12.24 5.40
CA LYS A 20 -19.26 -11.16 4.57
C LYS A 20 -19.16 -9.86 5.37
N GLY A 21 -17.94 -9.42 5.62
CA GLY A 21 -17.74 -8.19 6.37
C GLY A 21 -16.62 -7.34 5.81
N SER A 22 -15.59 -7.11 6.62
CA SER A 22 -14.44 -6.31 6.19
C SER A 22 -14.88 -4.89 5.82
N GLN A 23 -13.91 -4.03 5.55
CA GLN A 23 -14.19 -2.65 5.18
C GLN A 23 -13.72 -2.36 3.76
N CYS A 24 -12.50 -2.80 3.44
CA CYS A 24 -11.93 -2.58 2.12
C CYS A 24 -11.16 -3.81 1.65
N LEU A 25 -11.23 -4.10 0.36
CA LEU A 25 -10.54 -5.25 -0.21
C LEU A 25 -9.15 -4.85 -0.70
N SER A 26 -9.02 -3.61 -1.16
CA SER A 26 -7.74 -3.10 -1.65
C SER A 26 -7.62 -1.60 -1.41
N ASP A 27 -6.46 -1.05 -1.75
CA ASP A 27 -6.22 0.37 -1.58
C ASP A 27 -7.11 1.20 -2.50
N THR A 28 -7.49 0.61 -3.63
CA THR A 28 -8.33 1.29 -4.61
C THR A 28 -9.71 1.58 -4.03
N ASP A 29 -10.12 0.78 -3.05
CA ASP A 29 -11.42 0.95 -2.41
C ASP A 29 -11.45 2.22 -1.58
N CYS A 30 -10.28 2.63 -1.07
CA CYS A 30 -10.18 3.83 -0.27
C CYS A 30 -10.08 5.08 -1.14
N ASN A 31 -11.05 5.97 -1.01
CA ASN A 31 -11.07 7.20 -1.78
C ASN A 31 -9.76 7.95 -1.64
N THR A 32 -9.48 8.44 -0.44
CA THR A 32 -8.25 9.18 -0.17
C THR A 32 -7.02 8.39 -0.60
N ARG A 33 -5.92 9.08 -0.80
CA ARG A 33 -4.67 8.44 -1.21
C ARG A 33 -4.00 7.75 -0.03
N LYS A 34 -4.65 6.70 0.47
CA LYS A 34 -4.12 5.94 1.61
C LYS A 34 -4.12 4.44 1.31
N PHE A 35 -3.25 3.71 2.01
CA PHE A 35 -3.16 2.27 1.81
C PHE A 35 -4.03 1.53 2.82
N CYS A 36 -4.65 0.44 2.37
CA CYS A 36 -5.52 -0.35 3.23
C CYS A 36 -4.71 -1.40 4.00
N LEU A 37 -4.66 -1.24 5.32
CA LEU A 37 -3.93 -2.18 6.17
C LEU A 37 -4.86 -3.21 6.78
N GLN A 38 -4.41 -4.46 6.83
CA GLN A 38 -5.20 -5.54 7.40
C GLN A 38 -4.43 -6.27 8.49
N PRO A 39 -4.53 -5.77 9.73
CA PRO A 39 -3.85 -6.36 10.89
C PRO A 39 -4.44 -7.71 11.27
N ARG A 40 -3.61 -8.56 11.88
CA ARG A 40 -4.04 -9.89 12.29
C ARG A 40 -4.74 -9.83 13.66
N ASP A 41 -4.17 -9.05 14.57
CA ASP A 41 -4.73 -8.89 15.91
C ASP A 41 -5.93 -7.94 15.89
N GLU A 42 -5.98 -7.08 14.88
CA GLU A 42 -7.07 -6.12 14.75
C GLU A 42 -7.83 -6.34 13.45
N LYS A 43 -8.82 -5.49 13.20
CA LYS A 43 -9.63 -5.59 11.99
C LYS A 43 -9.02 -4.75 10.86
N PRO A 44 -9.42 -5.06 9.62
CA PRO A 44 -8.93 -4.34 8.44
C PRO A 44 -9.46 -2.92 8.35
N PHE A 45 -8.58 -1.99 7.98
CA PHE A 45 -8.97 -0.59 7.87
C PHE A 45 -8.00 0.17 6.96
N CYS A 46 -8.26 1.46 6.77
CA CYS A 46 -7.41 2.29 5.92
C CYS A 46 -6.42 3.09 6.75
N ALA A 47 -5.14 2.93 6.44
CA ALA A 47 -4.08 3.64 7.15
C ALA A 47 -3.51 4.77 6.32
N THR A 48 -3.49 5.97 6.89
CA THR A 48 -2.98 7.14 6.19
C THR A 48 -1.53 6.92 5.72
N CYS A 49 -1.03 7.83 4.90
CA CYS A 49 0.33 7.73 4.38
C CYS A 49 1.32 7.54 5.52
N ARG A 50 2.43 6.84 5.23
CA ARG A 50 3.45 6.59 6.23
C ARG A 50 4.67 7.48 6.00
N GLY A 51 5.02 8.27 7.01
CA GLY A 51 6.16 9.16 6.90
C GLY A 51 7.49 8.42 6.92
N LEU A 52 8.59 9.16 6.84
CA LEU A 52 9.92 8.56 6.84
C LEU A 52 10.21 7.91 8.18
N ARG A 53 9.57 8.41 9.24
CA ARG A 53 9.77 7.87 10.58
C ARG A 53 8.87 6.65 10.81
N ARG A 54 7.75 6.61 10.09
CA ARG A 54 6.81 5.51 10.23
C ARG A 54 7.46 4.17 9.86
N ARG A 55 7.11 3.13 10.59
CA ARG A 55 7.67 1.80 10.35
C ARG A 55 6.94 1.10 9.21
N CYS A 56 7.60 0.13 8.59
CA CYS A 56 7.02 -0.61 7.49
C CYS A 56 7.59 -2.03 7.43
N GLN A 57 6.86 -2.92 6.76
CA GLN A 57 7.29 -4.32 6.63
C GLN A 57 7.52 -4.67 5.18
N ARG A 58 6.80 -4.00 4.28
CA ARG A 58 6.93 -4.24 2.84
C ARG A 58 7.16 -2.94 2.09
N ASP A 59 7.37 -3.05 0.78
CA ASP A 59 7.60 -1.88 -0.06
C ASP A 59 6.29 -1.15 -0.35
N ALA A 60 5.31 -1.89 -0.83
CA ALA A 60 4.00 -1.32 -1.15
C ALA A 60 3.31 -0.81 0.12
N MET A 61 3.66 -1.40 1.26
CA MET A 61 3.06 -1.00 2.53
C MET A 61 3.20 0.50 2.75
N CYS A 62 4.28 1.07 2.22
CA CYS A 62 4.54 2.50 2.35
C CYS A 62 3.96 3.28 1.17
N CYS A 63 4.00 4.60 1.26
CA CYS A 63 3.48 5.46 0.20
C CYS A 63 4.36 5.36 -1.05
N PRO A 64 3.80 5.75 -2.20
CA PRO A 64 4.51 5.72 -3.48
C PRO A 64 5.63 6.76 -3.55
N GLY A 65 6.84 6.30 -3.85
CA GLY A 65 7.98 7.21 -3.94
C GLY A 65 8.95 7.01 -2.80
N THR A 66 8.92 5.84 -2.18
CA THR A 66 9.82 5.54 -1.07
C THR A 66 10.17 4.06 -1.02
N LEU A 67 11.11 3.70 -0.17
CA LEU A 67 11.54 2.32 -0.04
C LEU A 67 11.61 1.91 1.43
N CYS A 68 11.14 0.70 1.73
CA CYS A 68 11.15 0.19 3.09
C CYS A 68 12.55 -0.29 3.49
N VAL A 69 13.19 0.45 4.40
CA VAL A 69 14.53 0.10 4.86
C VAL A 69 14.58 0.06 6.38
N ASN A 70 15.20 -1.00 6.90
CA ASN A 70 15.32 -1.17 8.35
C ASN A 70 13.96 -1.10 9.02
N ASP A 71 12.95 -1.64 8.36
CA ASP A 71 11.60 -1.65 8.90
C ASP A 71 11.08 -0.23 9.07
N VAL A 72 11.61 0.70 8.29
CA VAL A 72 11.20 2.10 8.35
C VAL A 72 11.19 2.73 6.97
N CYS A 73 10.18 3.56 6.71
CA CYS A 73 10.05 4.24 5.43
C CYS A 73 11.26 5.12 5.16
N THR A 74 12.03 4.77 4.13
CA THR A 74 13.21 5.53 3.77
C THR A 74 13.11 6.06 2.34
N THR A 75 13.60 7.28 2.13
CA THR A 75 13.57 7.89 0.81
C THR A 75 14.23 7.00 -0.24
N MET A 76 13.81 7.14 -1.49
CA MET A 76 14.37 6.35 -2.58
C MET A 76 15.81 6.73 -2.83
N GLU A 77 16.10 8.04 -2.79
CA GLU A 77 17.45 8.53 -3.03
C GLU A 77 18.42 7.97 -1.99
N ASP A 78 17.90 7.66 -0.80
CA ASP A 78 18.72 7.12 0.27
C ASP A 78 18.87 5.61 0.13
N ALA A 79 17.75 4.93 -0.07
CA ALA A 79 17.75 3.47 -0.22
C ALA A 79 18.68 3.04 -1.34
N THR A 80 19.15 1.80 -1.28
CA THR A 80 20.05 1.26 -2.29
C THR A 80 21.34 2.06 -2.35
N GLU A 81 22.36 1.59 -1.65
CA GLU A 81 23.65 2.27 -1.62
C GLU A 81 24.79 1.28 -1.93
N ASN A 82 25.93 1.81 -2.36
CA ASN A 82 27.08 0.99 -2.68
C ASN A 82 27.57 0.22 -1.47
N LEU A 83 27.74 0.93 -0.35
CA LEU A 83 28.21 0.32 0.88
C LEU A 83 29.59 -0.31 0.70
N TYR A 84 30.05 -1.02 1.72
CA TYR A 84 31.35 -1.66 1.68
C TYR A 84 31.20 -3.18 1.63
N PHE A 85 32.30 -3.87 1.35
CA PHE A 85 32.30 -5.32 1.27
C PHE A 85 33.21 -5.93 2.34
N GLN A 86 33.23 -7.26 2.40
CA GLN A 86 34.05 -7.96 3.38
C GLN A 86 34.50 -9.31 2.84
N SER A 87 35.81 -9.54 2.86
CA SER A 87 36.37 -10.80 2.36
C SER A 87 36.15 -11.92 3.37
N LEU A 88 36.63 -13.11 3.04
CA LEU A 88 36.48 -14.27 3.91
C LEU A 88 37.78 -14.57 4.64
N GLU A 89 37.72 -15.43 5.66
CA GLU A 89 38.89 -15.79 6.43
C GLU A 89 40.01 -16.29 5.52
N HIS A 90 41.22 -16.38 6.08
CA HIS A 90 42.37 -16.84 5.32
C HIS A 90 42.85 -18.21 5.81
N HIS A 91 43.57 -18.91 4.95
CA HIS A 91 44.08 -20.23 5.30
C HIS A 91 42.93 -21.20 5.58
N HIS A 92 43.26 -22.48 5.70
CA HIS A 92 42.26 -23.51 5.97
C HIS A 92 42.81 -24.57 6.91
N HIS A 93 41.91 -25.39 7.46
CA HIS A 93 42.32 -26.45 8.37
C HIS A 93 42.96 -25.87 9.63
N HIS A 94 43.10 -26.71 10.66
CA HIS A 94 43.70 -26.27 11.92
C HIS A 94 45.10 -26.87 12.08
N HIS A 95 45.27 -28.11 11.65
CA HIS A 95 46.55 -28.79 11.74
C HIS A 95 46.98 -28.94 13.20
N MET A 1 -7.35 9.96 -47.23
CA MET A 1 -8.31 10.33 -46.19
C MET A 1 -9.25 9.18 -45.88
N LEU A 2 -8.89 8.38 -44.88
CA LEU A 2 -9.70 7.23 -44.48
C LEU A 2 -10.12 7.34 -43.03
N VAL A 3 -11.43 7.41 -42.79
CA VAL A 3 -11.95 7.52 -41.44
C VAL A 3 -12.49 6.18 -40.95
N LEU A 4 -11.82 5.59 -39.97
CA LEU A 4 -12.23 4.30 -39.42
C LEU A 4 -13.40 4.47 -38.46
N ASP A 5 -14.39 3.60 -38.59
CA ASP A 5 -15.56 3.65 -37.72
C ASP A 5 -15.26 3.09 -36.34
N PHE A 6 -16.28 3.03 -35.48
CA PHE A 6 -16.11 2.52 -34.13
C PHE A 6 -17.42 1.93 -33.61
N ASN A 7 -17.30 0.86 -32.84
CA ASN A 7 -18.48 0.19 -32.28
C ASN A 7 -18.87 0.81 -30.94
N ASN A 8 -20.14 1.16 -30.81
CA ASN A 8 -20.65 1.77 -29.58
C ASN A 8 -21.14 0.70 -28.60
N ILE A 9 -21.44 1.12 -27.39
CA ILE A 9 -21.94 0.20 -26.37
C ILE A 9 -23.44 0.03 -26.46
N ARG A 10 -23.94 -1.13 -26.03
CA ARG A 10 -25.36 -1.42 -26.06
C ARG A 10 -25.83 -2.02 -24.75
N SER A 11 -25.29 -3.19 -24.41
CA SER A 11 -25.66 -3.87 -23.17
C SER A 11 -24.43 -4.50 -22.51
N SER A 12 -23.32 -3.78 -22.54
CA SER A 12 -22.07 -4.27 -21.95
C SER A 12 -21.27 -3.12 -21.34
N ALA A 13 -21.09 -3.15 -20.02
CA ALA A 13 -20.34 -2.12 -19.32
C ALA A 13 -20.20 -2.45 -17.84
N ASP A 14 -20.01 -3.74 -17.55
CA ASP A 14 -19.85 -4.20 -16.18
C ASP A 14 -21.05 -3.78 -15.32
N LEU A 15 -22.16 -4.51 -15.47
CA LEU A 15 -23.37 -4.21 -14.71
C LEU A 15 -23.81 -5.42 -13.89
N HIS A 16 -23.03 -5.76 -12.87
CA HIS A 16 -23.34 -6.89 -12.01
C HIS A 16 -22.92 -6.61 -10.57
N GLY A 17 -21.64 -6.26 -10.39
CA GLY A 17 -21.14 -5.98 -9.06
C GLY A 17 -20.67 -7.23 -8.34
N ALA A 18 -20.08 -7.04 -7.16
CA ALA A 18 -19.60 -8.17 -6.37
C ALA A 18 -19.22 -7.72 -4.95
N ARG A 19 -19.68 -8.48 -3.96
CA ARG A 19 -19.39 -8.17 -2.57
C ARG A 19 -19.25 -9.44 -1.74
N LYS A 20 -18.64 -9.31 -0.57
CA LYS A 20 -18.44 -10.45 0.32
C LYS A 20 -18.45 -10.01 1.78
N GLY A 21 -17.50 -9.16 2.15
CA GLY A 21 -17.42 -8.67 3.51
C GLY A 21 -16.27 -7.71 3.72
N SER A 22 -15.62 -7.80 4.88
CA SER A 22 -14.50 -6.93 5.20
C SER A 22 -14.91 -5.46 5.10
N GLN A 23 -13.93 -4.58 5.23
CA GLN A 23 -14.19 -3.14 5.16
C GLN A 23 -13.91 -2.60 3.76
N CYS A 24 -12.74 -2.95 3.23
CA CYS A 24 -12.35 -2.50 1.90
C CYS A 24 -11.86 -3.67 1.05
N LEU A 25 -12.19 -3.66 -0.23
CA LEU A 25 -11.79 -4.72 -1.14
C LEU A 25 -10.36 -4.50 -1.64
N SER A 26 -9.96 -3.23 -1.74
CA SER A 26 -8.62 -2.88 -2.20
C SER A 26 -8.26 -1.46 -1.79
N ASP A 27 -6.98 -1.15 -1.86
CA ASP A 27 -6.49 0.19 -1.51
C ASP A 27 -7.21 1.26 -2.31
N THR A 28 -7.68 0.89 -3.50
CA THR A 28 -8.39 1.82 -4.37
C THR A 28 -9.64 2.38 -3.68
N ASP A 29 -10.17 1.61 -2.74
CA ASP A 29 -11.36 2.03 -2.01
C ASP A 29 -11.06 3.22 -1.11
N CYS A 30 -9.80 3.33 -0.68
CA CYS A 30 -9.39 4.43 0.19
C CYS A 30 -9.40 5.75 -0.57
N ASN A 31 -8.91 6.80 0.08
CA ASN A 31 -8.87 8.13 -0.52
C ASN A 31 -8.12 8.09 -1.85
N THR A 32 -6.79 7.97 -1.78
CA THR A 32 -5.97 7.92 -2.98
C THR A 32 -4.57 7.41 -2.66
N ARG A 33 -3.82 8.18 -1.88
CA ARG A 33 -2.46 7.81 -1.50
C ARG A 33 -2.45 7.11 -0.14
N LYS A 34 -3.37 6.16 0.04
CA LYS A 34 -3.47 5.43 1.29
C LYS A 34 -3.50 3.93 1.02
N PHE A 35 -3.15 3.14 2.04
CA PHE A 35 -3.14 1.69 1.92
C PHE A 35 -4.13 1.05 2.89
N CYS A 36 -4.70 -0.08 2.50
CA CYS A 36 -5.67 -0.78 3.34
C CYS A 36 -4.97 -1.81 4.22
N LEU A 37 -5.11 -1.65 5.53
CA LEU A 37 -4.50 -2.56 6.49
C LEU A 37 -5.55 -3.49 7.10
N GLN A 38 -5.30 -4.79 7.01
CA GLN A 38 -6.22 -5.78 7.57
C GLN A 38 -5.50 -6.72 8.53
N PRO A 39 -5.43 -6.32 9.80
CA PRO A 39 -4.78 -7.11 10.85
C PRO A 39 -5.54 -8.38 11.19
N ARG A 40 -4.83 -9.37 11.72
CA ARG A 40 -5.45 -10.64 12.08
C ARG A 40 -6.09 -10.55 13.46
N ASP A 41 -5.55 -9.68 14.31
CA ASP A 41 -6.08 -9.50 15.65
C ASP A 41 -7.17 -8.44 15.67
N GLU A 42 -7.14 -7.55 14.69
CA GLU A 42 -8.13 -6.47 14.60
C GLU A 42 -8.90 -6.56 13.29
N LYS A 43 -9.86 -5.65 13.11
CA LYS A 43 -10.67 -5.62 11.90
C LYS A 43 -10.00 -4.79 10.81
N PRO A 44 -10.42 -5.01 9.55
CA PRO A 44 -9.87 -4.28 8.40
C PRO A 44 -10.28 -2.81 8.39
N PHE A 45 -9.35 -1.95 7.97
CA PHE A 45 -9.62 -0.52 7.92
C PHE A 45 -8.59 0.18 7.03
N CYS A 46 -8.75 1.50 6.87
CA CYS A 46 -7.85 2.29 6.05
C CYS A 46 -6.77 2.94 6.91
N ALA A 47 -5.51 2.75 6.51
CA ALA A 47 -4.39 3.33 7.24
C ALA A 47 -3.77 4.49 6.47
N THR A 48 -3.83 5.68 7.05
CA THR A 48 -3.28 6.87 6.42
C THR A 48 -1.83 6.64 5.99
N CYS A 49 -1.35 7.46 5.06
CA CYS A 49 0.02 7.35 4.58
C CYS A 49 1.02 7.54 5.72
N ARG A 50 2.11 6.80 5.66
CA ARG A 50 3.14 6.87 6.69
C ARG A 50 4.33 7.71 6.20
N GLY A 51 4.91 8.48 7.11
CA GLY A 51 6.06 9.30 6.76
C GLY A 51 7.31 8.49 6.51
N LEU A 52 8.47 9.15 6.58
CA LEU A 52 9.74 8.48 6.36
C LEU A 52 10.20 7.77 7.64
N ARG A 53 10.29 8.53 8.73
CA ARG A 53 10.73 7.97 10.01
C ARG A 53 9.86 6.79 10.41
N ARG A 54 8.62 6.78 9.91
CA ARG A 54 7.68 5.70 10.22
C ARG A 54 8.32 4.34 9.94
N ARG A 55 8.04 3.37 10.82
CA ARG A 55 8.58 2.03 10.66
C ARG A 55 7.72 1.20 9.72
N CYS A 56 8.36 0.42 8.86
CA CYS A 56 7.64 -0.43 7.91
C CYS A 56 8.27 -1.81 7.84
N GLN A 57 7.51 -2.77 7.30
CA GLN A 57 7.99 -4.14 7.17
C GLN A 57 8.08 -4.56 5.70
N ARG A 58 7.23 -3.94 4.88
CA ARG A 58 7.22 -4.26 3.46
C ARG A 58 7.29 -2.98 2.62
N ASP A 59 7.47 -3.13 1.32
CA ASP A 59 7.55 -2.00 0.41
C ASP A 59 6.17 -1.38 0.20
N ALA A 60 5.18 -2.21 -0.07
CA ALA A 60 3.82 -1.73 -0.29
C ALA A 60 3.25 -1.08 0.97
N MET A 61 3.75 -1.51 2.13
CA MET A 61 3.30 -0.96 3.39
C MET A 61 3.51 0.55 3.44
N CYS A 62 4.49 1.04 2.68
CA CYS A 62 4.78 2.46 2.64
C CYS A 62 4.27 3.08 1.34
N CYS A 63 3.92 4.37 1.41
CA CYS A 63 3.42 5.07 0.24
C CYS A 63 4.36 4.92 -0.95
N PRO A 64 3.84 5.16 -2.16
CA PRO A 64 4.61 5.05 -3.40
C PRO A 64 5.67 6.15 -3.51
N GLY A 65 6.81 5.80 -4.10
CA GLY A 65 7.89 6.76 -4.26
C GLY A 65 9.05 6.52 -3.32
N THR A 66 8.78 5.76 -2.25
CA THR A 66 9.80 5.46 -1.26
C THR A 66 10.07 3.95 -1.20
N LEU A 67 11.10 3.58 -0.44
CA LEU A 67 11.46 2.17 -0.29
C LEU A 67 11.62 1.80 1.19
N CYS A 68 11.07 0.65 1.56
CA CYS A 68 11.16 0.18 2.94
C CYS A 68 12.56 -0.32 3.26
N VAL A 69 13.33 0.50 3.98
CA VAL A 69 14.70 0.13 4.34
C VAL A 69 14.93 0.35 5.83
N ASN A 70 15.70 -0.55 6.44
CA ASN A 70 16.00 -0.47 7.86
C ASN A 70 14.72 -0.48 8.69
N ASP A 71 13.72 -1.20 8.20
CA ASP A 71 12.44 -1.30 8.90
C ASP A 71 11.76 0.07 9.00
N VAL A 72 12.12 0.96 8.09
CA VAL A 72 11.55 2.31 8.08
C VAL A 72 11.45 2.85 6.66
N CYS A 73 10.52 3.78 6.45
CA CYS A 73 10.32 4.38 5.13
C CYS A 73 11.51 5.26 4.75
N THR A 74 12.32 4.78 3.80
CA THR A 74 13.49 5.52 3.35
C THR A 74 13.33 5.93 1.89
N THR A 75 13.46 7.24 1.64
CA THR A 75 13.34 7.77 0.28
C THR A 75 14.34 7.11 -0.65
N MET A 76 13.97 7.02 -1.93
CA MET A 76 14.84 6.42 -2.93
C MET A 76 16.11 7.25 -3.13
N GLU A 77 15.95 8.57 -3.12
CA GLU A 77 17.07 9.48 -3.30
C GLU A 77 18.14 9.23 -2.24
N ASP A 78 17.72 8.80 -1.06
CA ASP A 78 18.64 8.52 0.03
C ASP A 78 19.13 7.07 -0.02
N ALA A 79 18.26 6.18 -0.47
CA ALA A 79 18.61 4.77 -0.58
C ALA A 79 19.72 4.55 -1.59
N THR A 80 20.91 4.23 -1.09
CA THR A 80 22.06 4.00 -1.95
C THR A 80 23.10 3.11 -1.26
N GLU A 81 23.60 3.57 -0.12
CA GLU A 81 24.60 2.81 0.63
C GLU A 81 23.97 2.18 1.87
N ASN A 82 24.74 1.32 2.55
CA ASN A 82 24.25 0.65 3.75
C ASN A 82 24.89 1.26 5.00
N LEU A 83 24.05 1.72 5.92
CA LEU A 83 24.52 2.33 7.16
C LEU A 83 25.35 3.58 6.88
N TYR A 84 25.57 4.38 7.91
CA TYR A 84 26.33 5.61 7.77
C TYR A 84 27.77 5.42 8.25
N PHE A 85 28.67 6.27 7.75
CA PHE A 85 30.08 6.18 8.12
C PHE A 85 30.38 7.06 9.33
N GLN A 86 31.32 6.62 10.16
CA GLN A 86 31.70 7.36 11.35
C GLN A 86 32.94 8.21 11.10
N SER A 87 33.46 8.81 12.16
CA SER A 87 34.64 9.65 12.06
C SER A 87 35.85 8.83 11.60
N LEU A 88 36.85 9.52 11.07
CA LEU A 88 38.07 8.85 10.59
C LEU A 88 39.02 8.55 11.74
N GLU A 89 39.83 7.51 11.59
CA GLU A 89 40.78 7.12 12.62
C GLU A 89 40.07 6.83 13.93
N HIS A 90 40.85 6.59 14.98
CA HIS A 90 40.30 6.31 16.30
C HIS A 90 40.25 7.57 17.17
N HIS A 91 39.77 7.41 18.40
CA HIS A 91 39.68 8.54 19.32
C HIS A 91 40.03 8.10 20.74
N HIS A 92 40.01 9.06 21.66
CA HIS A 92 40.33 8.77 23.07
C HIS A 92 39.22 9.26 23.99
N HIS A 93 39.37 8.99 25.28
CA HIS A 93 38.39 9.41 26.27
C HIS A 93 38.97 9.39 27.67
N HIS A 94 38.19 9.85 28.64
CA HIS A 94 38.64 9.89 30.02
C HIS A 94 37.59 9.29 30.96
N HIS A 95 38.04 8.41 31.85
CA HIS A 95 37.13 7.76 32.79
C HIS A 95 37.07 8.53 34.11
N MET A 1 -31.51 31.74 -46.73
CA MET A 1 -30.84 32.09 -45.49
C MET A 1 -31.41 31.30 -44.32
N LEU A 2 -31.44 29.97 -44.46
CA LEU A 2 -31.96 29.11 -43.41
C LEU A 2 -30.86 28.21 -42.84
N VAL A 3 -30.41 28.54 -41.65
CA VAL A 3 -29.36 27.77 -40.99
C VAL A 3 -29.88 27.09 -39.73
N LEU A 4 -29.51 25.82 -39.54
CA LEU A 4 -29.95 25.07 -38.38
C LEU A 4 -28.96 25.23 -37.22
N ASP A 5 -29.47 25.14 -35.99
CA ASP A 5 -28.65 25.28 -34.80
C ASP A 5 -29.05 24.28 -33.74
N PHE A 6 -29.61 23.15 -34.17
CA PHE A 6 -30.04 22.11 -33.25
C PHE A 6 -28.90 21.15 -32.91
N ASN A 7 -28.65 20.98 -31.62
CA ASN A 7 -27.58 20.09 -31.17
C ASN A 7 -27.57 19.99 -29.65
N ASN A 8 -27.79 18.78 -29.14
CA ASN A 8 -27.80 18.55 -27.70
C ASN A 8 -27.89 17.05 -27.39
N ILE A 9 -27.38 16.66 -26.24
CA ILE A 9 -27.40 15.26 -25.82
C ILE A 9 -27.57 15.14 -24.32
N ARG A 10 -28.62 14.43 -23.90
CA ARG A 10 -28.90 14.23 -22.48
C ARG A 10 -30.09 13.30 -22.29
N SER A 11 -29.84 12.15 -21.68
CA SER A 11 -30.89 11.17 -21.45
C SER A 11 -30.95 10.79 -19.96
N SER A 12 -29.84 10.27 -19.45
CA SER A 12 -29.77 9.87 -18.05
C SER A 12 -28.34 9.48 -17.67
N ALA A 13 -28.14 9.14 -16.40
CA ALA A 13 -26.83 8.75 -15.91
C ALA A 13 -26.89 8.33 -14.45
N ASP A 14 -27.01 9.30 -13.56
CA ASP A 14 -27.08 9.02 -12.13
C ASP A 14 -25.86 8.23 -11.67
N LEU A 15 -25.89 7.78 -10.42
CA LEU A 15 -24.79 7.01 -9.86
C LEU A 15 -25.24 6.25 -8.61
N HIS A 16 -24.84 4.98 -8.53
CA HIS A 16 -25.20 4.13 -7.40
C HIS A 16 -24.50 2.79 -7.48
N GLY A 17 -23.55 2.56 -6.58
CA GLY A 17 -22.81 1.31 -6.57
C GLY A 17 -21.31 1.52 -6.41
N ALA A 18 -20.72 0.79 -5.46
CA ALA A 18 -19.28 0.89 -5.21
C ALA A 18 -18.77 -0.33 -4.49
N ARG A 19 -19.39 -0.66 -3.36
CA ARG A 19 -18.98 -1.82 -2.57
C ARG A 19 -20.18 -2.45 -1.87
N LYS A 20 -20.13 -3.76 -1.67
CA LYS A 20 -21.21 -4.48 -1.02
C LYS A 20 -20.66 -5.61 -0.15
N GLY A 21 -19.91 -5.24 0.88
CA GLY A 21 -19.34 -6.24 1.77
C GLY A 21 -19.05 -5.68 3.16
N SER A 22 -18.04 -6.24 3.81
CA SER A 22 -17.67 -5.80 5.15
C SER A 22 -17.29 -4.32 5.15
N GLN A 23 -16.17 -4.01 4.52
CA GLN A 23 -15.69 -2.63 4.45
C GLN A 23 -15.05 -2.34 3.10
N CYS A 24 -14.04 -3.14 2.75
CA CYS A 24 -13.34 -2.97 1.48
C CYS A 24 -12.86 -4.32 0.94
N LEU A 25 -12.97 -4.50 -0.37
CA LEU A 25 -12.54 -5.74 -1.01
C LEU A 25 -11.02 -5.84 -1.03
N SER A 26 -10.35 -4.71 -1.20
CA SER A 26 -8.90 -4.67 -1.24
C SER A 26 -8.40 -3.23 -1.16
N ASP A 27 -7.10 -3.06 -1.38
CA ASP A 27 -6.48 -1.74 -1.33
C ASP A 27 -7.05 -0.84 -2.43
N THR A 28 -7.53 -1.45 -3.50
CA THR A 28 -8.10 -0.71 -4.62
C THR A 28 -9.26 0.16 -4.16
N ASP A 29 -9.93 -0.27 -3.09
CA ASP A 29 -11.07 0.47 -2.55
C ASP A 29 -10.61 1.74 -1.84
N CYS A 30 -9.37 1.72 -1.34
CA CYS A 30 -8.81 2.87 -0.64
C CYS A 30 -7.85 3.64 -1.54
N ASN A 31 -8.16 3.68 -2.83
CA ASN A 31 -7.33 4.39 -3.80
C ASN A 31 -5.91 3.85 -3.77
N THR A 32 -5.01 4.52 -4.49
CA THR A 32 -3.61 4.10 -4.55
C THR A 32 -2.78 4.82 -3.49
N ARG A 33 -3.24 6.00 -3.08
CA ARG A 33 -2.55 6.78 -2.06
C ARG A 33 -2.54 6.06 -0.72
N LYS A 34 -3.69 5.50 -0.36
CA LYS A 34 -3.83 4.79 0.90
C LYS A 34 -4.14 3.31 0.67
N PHE A 35 -4.07 2.52 1.73
CA PHE A 35 -4.34 1.09 1.63
C PHE A 35 -5.33 0.65 2.70
N CYS A 36 -5.84 -0.57 2.57
CA CYS A 36 -6.80 -1.11 3.53
C CYS A 36 -6.09 -1.98 4.57
N LEU A 37 -5.95 -1.44 5.78
CA LEU A 37 -5.30 -2.16 6.86
C LEU A 37 -6.30 -3.04 7.62
N GLN A 38 -5.93 -4.29 7.84
CA GLN A 38 -6.80 -5.23 8.55
C GLN A 38 -6.08 -5.82 9.75
N PRO A 39 -6.18 -5.12 10.90
CA PRO A 39 -5.54 -5.55 12.15
C PRO A 39 -6.21 -6.79 12.73
N ARG A 40 -5.45 -7.58 13.49
CA ARG A 40 -5.97 -8.79 14.10
C ARG A 40 -6.68 -8.48 15.41
N ASP A 41 -6.08 -7.60 16.21
CA ASP A 41 -6.66 -7.21 17.49
C ASP A 41 -7.81 -6.23 17.29
N GLU A 42 -7.79 -5.53 16.15
CA GLU A 42 -8.83 -4.57 15.85
C GLU A 42 -9.57 -4.95 14.57
N LYS A 43 -10.53 -4.11 14.17
CA LYS A 43 -11.31 -4.35 12.97
C LYS A 43 -10.66 -3.68 11.75
N PRO A 44 -11.03 -4.14 10.55
CA PRO A 44 -10.50 -3.60 9.29
C PRO A 44 -11.01 -2.19 9.02
N PHE A 45 -10.18 -1.39 8.35
CA PHE A 45 -10.56 -0.02 8.02
C PHE A 45 -9.59 0.57 6.99
N CYS A 46 -9.82 1.82 6.61
CA CYS A 46 -8.98 2.50 5.65
C CYS A 46 -7.92 3.36 6.34
N ALA A 47 -6.66 2.97 6.18
CA ALA A 47 -5.56 3.70 6.80
C ALA A 47 -4.60 4.24 5.73
N THR A 48 -3.86 5.28 6.10
CA THR A 48 -2.91 5.89 5.18
C THR A 48 -1.51 5.33 5.38
N CYS A 49 -0.59 5.69 4.49
CA CYS A 49 0.79 5.22 4.57
C CYS A 49 1.41 5.60 5.92
N ARG A 50 2.61 5.08 6.18
CA ARG A 50 3.31 5.36 7.42
C ARG A 50 4.43 6.36 7.20
N GLY A 51 4.97 6.89 8.30
CA GLY A 51 6.05 7.86 8.20
C GLY A 51 7.35 7.22 7.78
N LEU A 52 8.44 7.99 7.88
CA LEU A 52 9.76 7.50 7.50
C LEU A 52 10.33 6.59 8.59
N ARG A 53 10.44 7.11 9.80
CA ARG A 53 10.96 6.36 10.92
C ARG A 53 10.20 5.05 11.10
N ARG A 54 8.93 5.04 10.68
CA ARG A 54 8.10 3.86 10.79
C ARG A 54 8.71 2.68 10.03
N ARG A 55 8.51 1.48 10.57
CA ARG A 55 9.04 0.27 9.94
C ARG A 55 8.17 -0.17 8.77
N CYS A 56 8.77 -0.86 7.81
CA CYS A 56 8.06 -1.34 6.64
C CYS A 56 8.58 -2.70 6.18
N GLN A 57 7.75 -3.45 5.47
CA GLN A 57 8.14 -4.76 4.98
C GLN A 57 8.22 -4.78 3.46
N ARG A 58 7.45 -3.89 2.83
CA ARG A 58 7.43 -3.80 1.38
C ARG A 58 7.64 -2.36 0.91
N ASP A 59 7.81 -2.18 -0.39
CA ASP A 59 8.04 -0.86 -0.96
C ASP A 59 6.71 -0.10 -1.10
N ALA A 60 5.70 -0.78 -1.63
CA ALA A 60 4.40 -0.17 -1.82
C ALA A 60 3.74 0.16 -0.48
N MET A 61 4.13 -0.59 0.55
CA MET A 61 3.58 -0.38 1.88
C MET A 61 3.73 1.08 2.32
N CYS A 62 4.75 1.74 1.79
CA CYS A 62 5.01 3.14 2.12
C CYS A 62 4.47 4.06 1.02
N CYS A 63 4.23 5.32 1.37
CA CYS A 63 3.73 6.30 0.42
C CYS A 63 4.58 6.32 -0.84
N PRO A 64 4.01 6.87 -1.94
CA PRO A 64 4.71 6.96 -3.22
C PRO A 64 5.84 7.99 -3.18
N GLY A 65 7.04 7.54 -3.52
CA GLY A 65 8.19 8.42 -3.52
C GLY A 65 9.19 8.09 -2.42
N THR A 66 9.18 6.85 -1.98
CA THR A 66 10.07 6.40 -0.92
C THR A 66 10.52 4.96 -1.14
N LEU A 67 11.45 4.49 -0.32
CA LEU A 67 11.97 3.13 -0.42
C LEU A 67 12.14 2.51 0.96
N CYS A 68 11.83 1.22 1.05
CA CYS A 68 11.96 0.50 2.32
C CYS A 68 13.40 0.06 2.55
N VAL A 69 14.10 0.78 3.42
CA VAL A 69 15.49 0.46 3.73
C VAL A 69 15.65 0.05 5.19
N ASN A 70 16.35 -1.06 5.42
CA ASN A 70 16.57 -1.55 6.77
C ASN A 70 15.25 -1.74 7.51
N ASP A 71 14.23 -2.19 6.79
CA ASP A 71 12.92 -2.42 7.37
C ASP A 71 12.33 -1.10 7.88
N VAL A 72 12.75 0.01 7.29
CA VAL A 72 12.26 1.32 7.68
C VAL A 72 12.04 2.21 6.47
N CYS A 73 10.95 2.97 6.50
CA CYS A 73 10.62 3.87 5.40
C CYS A 73 11.69 4.94 5.22
N THR A 74 12.49 4.80 4.17
CA THR A 74 13.55 5.76 3.89
C THR A 74 13.35 6.43 2.53
N THR A 75 13.50 7.75 2.51
CA THR A 75 13.33 8.51 1.27
C THR A 75 14.24 7.98 0.18
N MET A 76 13.80 8.13 -1.07
CA MET A 76 14.58 7.66 -2.22
C MET A 76 15.83 8.52 -2.41
N GLU A 77 15.73 9.80 -2.03
CA GLU A 77 16.86 10.71 -2.17
C GLU A 77 18.03 10.27 -1.30
N ASP A 78 17.72 9.58 -0.21
CA ASP A 78 18.76 9.10 0.71
C ASP A 78 19.25 7.72 0.29
N ALA A 79 18.33 6.85 -0.10
CA ALA A 79 18.67 5.50 -0.53
C ALA A 79 19.64 5.54 -1.70
N THR A 80 20.28 4.40 -1.97
CA THR A 80 21.23 4.29 -3.07
C THR A 80 22.33 5.34 -2.94
N GLU A 81 23.25 5.12 -2.01
CA GLU A 81 24.36 6.05 -1.78
C GLU A 81 25.30 6.06 -2.98
N ASN A 82 25.45 7.22 -3.60
CA ASN A 82 26.33 7.38 -4.76
C ASN A 82 27.37 8.47 -4.52
N LEU A 83 28.43 8.43 -5.31
CA LEU A 83 29.50 9.43 -5.19
C LEU A 83 30.09 9.75 -6.54
N TYR A 84 30.64 10.96 -6.67
CA TYR A 84 31.25 11.40 -7.93
C TYR A 84 32.62 10.77 -8.12
N PHE A 85 33.26 11.11 -9.23
CA PHE A 85 34.58 10.58 -9.54
C PHE A 85 35.52 11.68 -10.01
N GLN A 86 36.69 11.75 -9.39
CA GLN A 86 37.69 12.76 -9.74
C GLN A 86 39.04 12.44 -9.10
N SER A 87 40.09 13.04 -9.65
CA SER A 87 41.45 12.82 -9.14
C SER A 87 42.06 14.12 -8.63
N LEU A 88 43.22 14.02 -8.01
CA LEU A 88 43.92 15.19 -7.48
C LEU A 88 44.67 15.91 -8.59
N GLU A 89 44.79 17.23 -8.45
CA GLU A 89 45.49 18.04 -9.45
C GLU A 89 46.27 19.16 -8.77
N HIS A 90 47.25 19.71 -9.49
CA HIS A 90 48.07 20.79 -8.97
C HIS A 90 48.80 21.51 -10.10
N HIS A 91 49.09 22.79 -9.89
CA HIS A 91 49.79 23.60 -10.89
C HIS A 91 51.23 23.85 -10.47
N HIS A 92 51.80 22.90 -9.72
CA HIS A 92 53.18 23.02 -9.26
C HIS A 92 53.39 24.34 -8.53
N HIS A 93 52.65 24.54 -7.43
CA HIS A 93 52.76 25.76 -6.65
C HIS A 93 54.17 25.92 -6.08
N HIS A 94 54.64 27.16 -6.03
CA HIS A 94 55.97 27.45 -5.51
C HIS A 94 55.95 28.64 -4.56
N HIS A 95 56.63 28.52 -3.43
CA HIS A 95 56.68 29.59 -2.44
C HIS A 95 57.62 30.70 -2.90
N MET A 1 -84.05 -1.86 -5.81
CA MET A 1 -83.90 -3.00 -6.70
C MET A 1 -82.64 -2.87 -7.55
N LEU A 2 -81.70 -3.78 -7.36
CA LEU A 2 -80.45 -3.76 -8.10
C LEU A 2 -79.60 -4.99 -7.77
N VAL A 3 -78.41 -5.05 -8.37
CA VAL A 3 -77.50 -6.17 -8.13
C VAL A 3 -76.36 -5.77 -7.21
N LEU A 4 -76.26 -6.42 -6.06
CA LEU A 4 -75.22 -6.13 -5.09
C LEU A 4 -73.84 -6.43 -5.67
N ASP A 5 -72.88 -5.57 -5.37
CA ASP A 5 -71.51 -5.74 -5.86
C ASP A 5 -70.57 -6.13 -4.72
N PHE A 6 -69.39 -6.62 -5.07
CA PHE A 6 -68.40 -7.02 -4.08
C PHE A 6 -66.98 -6.76 -4.59
N ASN A 7 -66.07 -6.50 -3.67
CA ASN A 7 -64.68 -6.23 -4.01
C ASN A 7 -63.73 -7.02 -3.12
N ASN A 8 -62.58 -7.40 -3.67
CA ASN A 8 -61.59 -8.16 -2.93
C ASN A 8 -60.18 -7.73 -3.30
N ILE A 9 -59.31 -7.62 -2.30
CA ILE A 9 -57.94 -7.21 -2.51
C ILE A 9 -56.98 -8.38 -2.30
N ARG A 10 -55.71 -8.17 -2.68
CA ARG A 10 -54.70 -9.21 -2.53
C ARG A 10 -53.81 -8.93 -1.32
N SER A 11 -53.34 -9.99 -0.69
CA SER A 11 -52.48 -9.87 0.48
C SER A 11 -51.05 -9.49 0.08
N SER A 12 -50.74 -8.21 0.21
CA SER A 12 -49.41 -7.72 -0.15
C SER A 12 -48.52 -7.60 1.08
N ALA A 13 -47.29 -8.10 0.96
CA ALA A 13 -46.34 -8.05 2.08
C ALA A 13 -44.90 -8.12 1.56
N ASP A 14 -44.10 -7.14 1.94
CA ASP A 14 -42.70 -7.09 1.53
C ASP A 14 -41.77 -7.27 2.72
N LEU A 15 -40.64 -7.93 2.50
CA LEU A 15 -39.67 -8.18 3.56
C LEU A 15 -38.32 -7.57 3.20
N HIS A 16 -38.06 -6.35 3.68
CA HIS A 16 -36.81 -5.67 3.42
C HIS A 16 -35.91 -5.67 4.65
N GLY A 17 -34.67 -5.23 4.47
CA GLY A 17 -33.74 -5.19 5.58
C GLY A 17 -32.48 -4.40 5.26
N ALA A 18 -31.52 -4.44 6.17
CA ALA A 18 -30.27 -3.71 5.98
C ALA A 18 -29.08 -4.67 5.89
N ARG A 19 -28.75 -5.09 4.67
CA ARG A 19 -27.65 -6.00 4.45
C ARG A 19 -26.31 -5.28 4.51
N LYS A 20 -25.44 -5.71 5.41
CA LYS A 20 -24.13 -5.09 5.58
C LYS A 20 -23.03 -6.04 5.10
N GLY A 21 -21.83 -5.50 4.93
CA GLY A 21 -20.70 -6.30 4.49
C GLY A 21 -19.40 -5.92 5.17
N SER A 22 -18.31 -6.00 4.42
CA SER A 22 -16.99 -5.66 4.96
C SER A 22 -16.64 -4.21 4.65
N GLN A 23 -15.50 -3.76 5.17
CA GLN A 23 -15.04 -2.39 4.96
C GLN A 23 -14.45 -2.24 3.56
N CYS A 24 -13.46 -3.05 3.24
CA CYS A 24 -12.80 -3.00 1.94
C CYS A 24 -12.18 -4.35 1.60
N LEU A 25 -12.24 -4.71 0.32
CA LEU A 25 -11.68 -5.97 -0.15
C LEU A 25 -10.22 -5.80 -0.57
N SER A 26 -9.88 -4.60 -1.03
CA SER A 26 -8.53 -4.30 -1.46
C SER A 26 -8.16 -2.85 -1.17
N ASP A 27 -6.96 -2.45 -1.56
CA ASP A 27 -6.49 -1.09 -1.33
C ASP A 27 -7.17 -0.13 -2.30
N THR A 28 -7.43 -0.60 -3.52
CA THR A 28 -8.08 0.22 -4.53
C THR A 28 -9.42 0.78 -4.03
N ASP A 29 -10.03 0.06 -3.10
CA ASP A 29 -11.31 0.48 -2.54
C ASP A 29 -11.13 1.66 -1.60
N CYS A 30 -9.94 1.77 -1.01
CA CYS A 30 -9.64 2.86 -0.09
C CYS A 30 -9.55 4.18 -0.83
N ASN A 31 -9.15 4.13 -2.10
CA ASN A 31 -9.02 5.32 -2.93
C ASN A 31 -7.95 6.25 -2.36
N THR A 32 -7.50 7.19 -3.19
CA THR A 32 -6.47 8.13 -2.78
C THR A 32 -5.18 7.42 -2.40
N ARG A 33 -4.19 8.19 -1.96
CA ARG A 33 -2.90 7.62 -1.56
C ARG A 33 -2.99 6.98 -0.19
N LYS A 34 -3.86 5.97 -0.07
CA LYS A 34 -4.03 5.27 1.20
C LYS A 34 -4.21 3.78 0.97
N PHE A 35 -3.65 2.97 1.86
CA PHE A 35 -3.75 1.52 1.76
C PHE A 35 -4.69 0.96 2.82
N CYS A 36 -5.36 -0.14 2.49
CA CYS A 36 -6.29 -0.78 3.40
C CYS A 36 -5.55 -1.73 4.35
N LEU A 37 -5.27 -1.25 5.56
CA LEU A 37 -4.58 -2.05 6.56
C LEU A 37 -5.54 -3.03 7.23
N GLN A 38 -5.09 -4.29 7.37
CA GLN A 38 -5.91 -5.31 8.00
C GLN A 38 -5.11 -6.09 9.04
N PRO A 39 -5.10 -5.57 10.28
CA PRO A 39 -4.37 -6.20 11.40
C PRO A 39 -5.01 -7.52 11.84
N ARG A 40 -4.19 -8.38 12.44
CA ARG A 40 -4.67 -9.67 12.90
C ARG A 40 -5.33 -9.55 14.28
N ASP A 41 -4.88 -8.57 15.05
CA ASP A 41 -5.41 -8.34 16.39
C ASP A 41 -6.60 -7.39 16.34
N GLU A 42 -6.66 -6.57 15.29
CA GLU A 42 -7.75 -5.62 15.12
C GLU A 42 -8.53 -5.89 13.84
N LYS A 43 -9.54 -5.07 13.58
CA LYS A 43 -10.36 -5.23 12.39
C LYS A 43 -9.78 -4.45 11.21
N PRO A 44 -10.19 -4.82 10.00
CA PRO A 44 -9.73 -4.16 8.77
C PRO A 44 -10.25 -2.73 8.62
N PHE A 45 -9.37 -1.81 8.27
CA PHE A 45 -9.75 -0.42 8.11
C PHE A 45 -8.80 0.29 7.14
N CYS A 46 -9.18 1.51 6.75
CA CYS A 46 -8.36 2.30 5.82
C CYS A 46 -7.24 3.01 6.57
N ALA A 47 -6.00 2.80 6.12
CA ALA A 47 -4.84 3.43 6.74
C ALA A 47 -4.34 4.59 5.89
N THR A 48 -3.61 5.50 6.53
CA THR A 48 -3.07 6.66 5.84
C THR A 48 -1.58 6.47 5.52
N CYS A 49 -1.04 7.37 4.71
CA CYS A 49 0.37 7.30 4.33
C CYS A 49 1.26 7.18 5.56
N ARG A 50 2.44 6.60 5.37
CA ARG A 50 3.39 6.42 6.47
C ARG A 50 4.64 7.24 6.24
N GLY A 51 4.99 8.08 7.22
CA GLY A 51 6.17 8.91 7.10
C GLY A 51 7.44 8.10 6.96
N LEU A 52 8.58 8.78 6.99
CA LEU A 52 9.88 8.11 6.87
C LEU A 52 10.21 7.33 8.13
N ARG A 53 10.14 8.00 9.28
CA ARG A 53 10.43 7.36 10.55
C ARG A 53 9.52 6.16 10.78
N ARG A 54 8.35 6.19 10.16
CA ARG A 54 7.37 5.11 10.30
C ARG A 54 7.96 3.79 9.80
N ARG A 55 7.63 2.70 10.48
CA ARG A 55 8.13 1.39 10.10
C ARG A 55 7.25 0.77 9.00
N CYS A 56 7.85 -0.10 8.19
CA CYS A 56 7.12 -0.75 7.11
C CYS A 56 7.76 -2.09 6.76
N GLN A 57 6.94 -3.04 6.32
CA GLN A 57 7.43 -4.36 5.95
C GLN A 57 7.38 -4.56 4.44
N ARG A 58 6.48 -3.84 3.78
CA ARG A 58 6.34 -3.93 2.33
C ARG A 58 6.42 -2.55 1.68
N ASP A 59 7.13 -2.47 0.56
CA ASP A 59 7.29 -1.21 -0.15
C ASP A 59 5.94 -0.57 -0.43
N ALA A 60 4.90 -1.40 -0.58
CA ALA A 60 3.57 -0.92 -0.84
C ALA A 60 3.00 -0.15 0.36
N MET A 61 3.36 -0.61 1.55
CA MET A 61 2.90 0.02 2.78
C MET A 61 3.49 1.43 2.93
N CYS A 62 4.69 1.61 2.41
CA CYS A 62 5.37 2.89 2.48
C CYS A 62 4.73 3.90 1.53
N CYS A 63 5.00 5.19 1.77
CA CYS A 63 4.44 6.25 0.94
C CYS A 63 4.95 6.14 -0.49
N PRO A 64 4.24 6.77 -1.43
CA PRO A 64 4.60 6.76 -2.85
C PRO A 64 5.86 7.57 -3.13
N GLY A 65 6.89 6.90 -3.64
CA GLY A 65 8.13 7.57 -3.95
C GLY A 65 9.26 7.14 -3.04
N THR A 66 8.92 6.38 -1.99
CA THR A 66 9.92 5.91 -1.04
C THR A 66 10.03 4.39 -1.06
N LEU A 67 11.02 3.85 -0.35
CA LEU A 67 11.23 2.42 -0.29
C LEU A 67 11.32 1.94 1.16
N CYS A 68 11.16 0.64 1.36
CA CYS A 68 11.22 0.06 2.69
C CYS A 68 12.64 -0.43 3.00
N VAL A 69 13.38 0.37 3.75
CA VAL A 69 14.75 0.02 4.12
C VAL A 69 14.87 -0.24 5.61
N ASN A 70 15.44 -1.38 5.98
CA ASN A 70 15.61 -1.74 7.38
C ASN A 70 14.27 -1.73 8.11
N ASP A 71 13.22 -2.16 7.42
CA ASP A 71 11.89 -2.20 8.01
C ASP A 71 11.40 -0.80 8.35
N VAL A 72 11.95 0.20 7.65
CA VAL A 72 11.57 1.59 7.89
C VAL A 72 11.48 2.36 6.58
N CYS A 73 10.54 3.30 6.52
CA CYS A 73 10.36 4.12 5.32
C CYS A 73 11.56 5.02 5.07
N THR A 74 12.32 4.70 4.02
CA THR A 74 13.51 5.48 3.68
C THR A 74 13.38 6.08 2.29
N THR A 75 13.87 7.30 2.13
CA THR A 75 13.82 7.99 0.84
C THR A 75 14.80 7.37 -0.16
N MET A 76 14.43 7.40 -1.43
CA MET A 76 15.28 6.85 -2.48
C MET A 76 16.59 7.61 -2.59
N GLU A 77 16.51 8.92 -2.39
CA GLU A 77 17.70 9.77 -2.46
C GLU A 77 18.78 9.29 -1.51
N ASP A 78 18.35 8.74 -0.38
CA ASP A 78 19.28 8.23 0.63
C ASP A 78 19.62 6.77 0.36
N ALA A 79 18.63 6.00 -0.07
CA ALA A 79 18.82 4.59 -0.37
C ALA A 79 19.57 4.40 -1.68
N THR A 80 20.77 3.83 -1.59
CA THR A 80 21.59 3.59 -2.78
C THR A 80 22.47 2.37 -2.59
N GLU A 81 22.15 1.30 -3.31
CA GLU A 81 22.92 0.06 -3.23
C GLU A 81 24.23 0.18 -4.01
N ASN A 82 24.23 1.04 -5.02
CA ASN A 82 25.43 1.24 -5.84
C ASN A 82 25.94 -0.08 -6.39
N LEU A 83 27.10 -0.03 -7.03
CA LEU A 83 27.72 -1.23 -7.60
C LEU A 83 29.00 -1.59 -6.87
N TYR A 84 29.66 -0.59 -6.31
CA TYR A 84 30.91 -0.80 -5.60
C TYR A 84 30.72 -0.57 -4.10
N PHE A 85 31.41 -1.37 -3.29
CA PHE A 85 31.31 -1.26 -1.84
C PHE A 85 32.69 -1.09 -1.22
N GLN A 86 32.72 -0.65 0.04
CA GLN A 86 33.97 -0.44 0.75
C GLN A 86 33.77 -0.59 2.26
N SER A 87 34.45 -1.57 2.84
CA SER A 87 34.34 -1.82 4.27
C SER A 87 35.62 -2.47 4.80
N LEU A 88 36.13 -3.45 4.07
CA LEU A 88 37.34 -4.15 4.46
C LEU A 88 37.15 -4.86 5.80
N GLU A 89 38.20 -5.53 6.26
CA GLU A 89 38.15 -6.25 7.53
C GLU A 89 39.34 -5.88 8.42
N HIS A 90 39.09 -5.00 9.40
CA HIS A 90 40.13 -4.56 10.31
C HIS A 90 40.44 -5.63 11.36
N HIS A 91 41.28 -5.29 12.31
CA HIS A 91 41.66 -6.24 13.37
C HIS A 91 42.08 -5.48 14.63
N HIS A 92 41.83 -6.09 15.79
CA HIS A 92 42.18 -5.49 17.06
C HIS A 92 41.44 -4.17 17.27
N HIS A 93 40.37 -4.23 18.06
CA HIS A 93 39.56 -3.04 18.34
C HIS A 93 38.70 -3.26 19.59
N HIS A 94 38.25 -2.16 20.18
CA HIS A 94 37.41 -2.22 21.37
C HIS A 94 38.12 -2.97 22.50
N HIS A 95 39.09 -2.29 23.12
CA HIS A 95 39.85 -2.89 24.22
C HIS A 95 40.39 -1.81 25.15
N MET A 1 -57.22 31.09 -38.05
CA MET A 1 -56.49 31.33 -36.81
C MET A 1 -56.02 30.02 -36.19
N LEU A 2 -54.71 29.85 -36.08
CA LEU A 2 -54.15 28.64 -35.51
C LEU A 2 -52.84 28.94 -34.77
N VAL A 3 -52.67 28.34 -33.60
CA VAL A 3 -51.47 28.55 -32.79
C VAL A 3 -50.67 27.25 -32.67
N LEU A 4 -49.35 27.39 -32.63
CA LEU A 4 -48.47 26.24 -32.51
C LEU A 4 -48.81 25.42 -31.26
N ASP A 5 -48.60 24.11 -31.35
CA ASP A 5 -48.88 23.22 -30.23
C ASP A 5 -47.63 22.43 -29.84
N PHE A 6 -47.55 22.07 -28.56
CA PHE A 6 -46.40 21.32 -28.05
C PHE A 6 -46.87 20.04 -27.36
N ASN A 7 -45.90 19.20 -26.99
CA ASN A 7 -46.21 17.95 -26.31
C ASN A 7 -45.78 18.00 -24.85
N ASN A 8 -44.76 18.81 -24.56
CA ASN A 8 -44.26 18.95 -23.20
C ASN A 8 -43.89 17.60 -22.61
N ILE A 9 -42.85 16.97 -23.16
CA ILE A 9 -42.40 15.67 -22.68
C ILE A 9 -41.54 15.81 -21.43
N ARG A 10 -41.02 14.69 -20.95
CA ARG A 10 -40.18 14.69 -19.76
C ARG A 10 -38.98 13.77 -19.94
N SER A 11 -38.16 13.65 -18.91
CA SER A 11 -36.96 12.82 -18.96
C SER A 11 -36.52 12.41 -17.56
N SER A 12 -36.22 11.12 -17.38
CA SER A 12 -35.79 10.61 -16.09
C SER A 12 -35.29 9.18 -16.21
N ALA A 13 -33.96 9.03 -16.17
CA ALA A 13 -33.35 7.71 -16.29
C ALA A 13 -31.95 7.70 -15.68
N ASP A 14 -31.86 7.25 -14.43
CA ASP A 14 -30.59 7.19 -13.72
C ASP A 14 -30.12 5.75 -13.55
N LEU A 15 -28.92 5.58 -13.02
CA LEU A 15 -28.36 4.25 -12.79
C LEU A 15 -27.46 4.23 -11.56
N HIS A 16 -27.40 3.09 -10.89
CA HIS A 16 -26.57 2.94 -9.71
C HIS A 16 -26.47 1.48 -9.29
N GLY A 17 -25.37 1.13 -8.62
CA GLY A 17 -25.17 -0.24 -8.18
C GLY A 17 -23.85 -0.42 -7.46
N ALA A 18 -23.87 -1.23 -6.39
CA ALA A 18 -22.67 -1.49 -5.61
C ALA A 18 -22.90 -2.64 -4.63
N ARG A 19 -22.21 -3.76 -4.87
CA ARG A 19 -22.33 -4.93 -4.01
C ARG A 19 -21.03 -5.71 -3.97
N LYS A 20 -20.55 -6.00 -2.77
CA LYS A 20 -19.32 -6.76 -2.59
C LYS A 20 -19.35 -7.56 -1.30
N GLY A 21 -18.48 -8.57 -1.21
CA GLY A 21 -18.43 -9.41 -0.02
C GLY A 21 -17.22 -9.10 0.83
N SER A 22 -16.79 -7.85 0.83
CA SER A 22 -15.64 -7.43 1.61
C SER A 22 -15.43 -5.92 1.52
N GLN A 23 -14.68 -5.37 2.48
CA GLN A 23 -14.42 -3.94 2.49
C GLN A 23 -13.35 -3.57 1.45
N CYS A 24 -12.14 -4.08 1.66
CA CYS A 24 -11.04 -3.80 0.74
C CYS A 24 -10.18 -5.04 0.53
N LEU A 25 -9.55 -5.14 -0.64
CA LEU A 25 -8.70 -6.27 -0.96
C LEU A 25 -7.23 -5.87 -0.95
N SER A 26 -6.97 -4.60 -1.19
CA SER A 26 -5.59 -4.09 -1.21
C SER A 26 -5.58 -2.56 -1.16
N ASP A 27 -4.39 -1.99 -1.03
CA ASP A 27 -4.24 -0.54 -0.96
C ASP A 27 -4.91 0.13 -2.15
N THR A 28 -4.96 -0.58 -3.27
CA THR A 28 -5.59 -0.05 -4.48
C THR A 28 -7.06 0.26 -4.25
N ASP A 29 -7.65 -0.41 -3.28
CA ASP A 29 -9.06 -0.19 -2.96
C ASP A 29 -9.27 1.17 -2.31
N CYS A 30 -8.25 1.64 -1.60
CA CYS A 30 -8.31 2.93 -0.93
C CYS A 30 -8.25 4.08 -1.94
N ASN A 31 -9.33 4.86 -2.00
CA ASN A 31 -9.40 5.99 -2.93
C ASN A 31 -8.18 6.89 -2.77
N THR A 32 -8.03 7.49 -1.59
CA THR A 32 -6.90 8.38 -1.32
C THR A 32 -5.58 7.62 -1.37
N ARG A 33 -4.48 8.35 -1.20
CA ARG A 33 -3.16 7.74 -1.22
C ARG A 33 -2.82 7.09 0.12
N LYS A 34 -3.66 6.14 0.52
CA LYS A 34 -3.46 5.44 1.79
C LYS A 34 -3.55 3.93 1.59
N PHE A 35 -3.05 3.17 2.56
CA PHE A 35 -3.08 1.71 2.50
C PHE A 35 -4.21 1.16 3.37
N CYS A 36 -4.54 -0.11 3.15
CA CYS A 36 -5.59 -0.77 3.91
C CYS A 36 -5.01 -1.68 4.97
N LEU A 37 -4.94 -1.19 6.20
CA LEU A 37 -4.41 -1.97 7.31
C LEU A 37 -5.42 -3.00 7.80
N GLN A 38 -5.00 -4.26 7.84
CA GLN A 38 -5.87 -5.34 8.28
C GLN A 38 -5.36 -5.95 9.58
N PRO A 39 -5.78 -5.38 10.70
CA PRO A 39 -5.38 -5.85 12.04
C PRO A 39 -5.99 -7.20 12.38
N ARG A 40 -5.31 -7.96 13.22
CA ARG A 40 -5.78 -9.28 13.62
C ARG A 40 -6.77 -9.17 14.78
N ASP A 41 -6.50 -8.24 15.70
CA ASP A 41 -7.37 -8.02 16.85
C ASP A 41 -8.57 -7.16 16.47
N GLU A 42 -8.42 -6.38 15.40
CA GLU A 42 -9.50 -5.51 14.95
C GLU A 42 -9.90 -5.85 13.51
N LYS A 43 -10.85 -5.10 12.97
CA LYS A 43 -11.32 -5.33 11.61
C LYS A 43 -10.51 -4.51 10.60
N PRO A 44 -10.56 -4.91 9.33
CA PRO A 44 -9.83 -4.23 8.25
C PRO A 44 -10.41 -2.86 7.95
N PHE A 45 -9.53 -1.93 7.56
CA PHE A 45 -9.95 -0.58 7.23
C PHE A 45 -8.83 0.20 6.56
N CYS A 46 -9.11 1.44 6.17
CA CYS A 46 -8.13 2.28 5.52
C CYS A 46 -7.43 3.19 6.53
N ALA A 47 -6.11 3.07 6.62
CA ALA A 47 -5.33 3.87 7.55
C ALA A 47 -4.39 4.81 6.81
N THR A 48 -4.23 6.02 7.32
CA THR A 48 -3.37 7.02 6.70
C THR A 48 -1.97 6.45 6.45
N CYS A 49 -1.15 7.18 5.70
CA CYS A 49 0.19 6.75 5.39
C CYS A 49 1.12 6.94 6.59
N ARG A 50 2.36 6.48 6.46
CA ARG A 50 3.33 6.59 7.54
C ARG A 50 4.42 7.62 7.17
N GLY A 51 5.43 7.72 8.03
CA GLY A 51 6.51 8.66 7.78
C GLY A 51 7.80 7.96 7.38
N LEU A 52 8.89 8.71 7.34
CA LEU A 52 10.19 8.17 6.97
C LEU A 52 10.83 7.43 8.15
N ARG A 53 10.43 7.82 9.36
CA ARG A 53 10.97 7.19 10.57
C ARG A 53 10.17 5.95 10.93
N ARG A 54 8.95 5.86 10.40
CA ARG A 54 8.09 4.72 10.68
C ARG A 54 8.65 3.44 10.06
N ARG A 55 8.45 2.32 10.74
CA ARG A 55 8.94 1.03 10.26
C ARG A 55 8.04 0.49 9.15
N CYS A 56 8.58 -0.43 8.35
CA CYS A 56 7.83 -1.03 7.26
C CYS A 56 8.38 -2.43 6.93
N GLN A 57 7.54 -3.24 6.30
CA GLN A 57 7.93 -4.59 5.93
C GLN A 57 7.92 -4.77 4.42
N ARG A 58 7.10 -3.97 3.74
CA ARG A 58 7.00 -4.04 2.28
C ARG A 58 7.22 -2.66 1.66
N ASP A 59 7.42 -2.65 0.35
CA ASP A 59 7.65 -1.40 -0.37
C ASP A 59 6.33 -0.68 -0.65
N ALA A 60 5.32 -1.46 -1.04
CA ALA A 60 4.01 -0.90 -1.33
C ALA A 60 3.31 -0.42 -0.06
N MET A 61 3.69 -1.00 1.07
CA MET A 61 3.11 -0.63 2.35
C MET A 61 3.26 0.87 2.61
N CYS A 62 4.28 1.46 2.00
CA CYS A 62 4.53 2.89 2.15
C CYS A 62 3.96 3.68 0.98
N CYS A 63 3.66 4.96 1.22
CA CYS A 63 3.12 5.82 0.18
C CYS A 63 3.98 5.77 -1.08
N PRO A 64 3.39 6.18 -2.21
CA PRO A 64 4.09 6.20 -3.50
C PRO A 64 5.18 7.27 -3.56
N GLY A 65 6.43 6.84 -3.74
CA GLY A 65 7.53 7.77 -3.82
C GLY A 65 8.67 7.38 -2.90
N THR A 66 8.39 6.49 -1.95
CA THR A 66 9.40 6.03 -1.00
C THR A 66 9.69 4.54 -1.17
N LEU A 67 10.73 4.07 -0.50
CA LEU A 67 11.11 2.67 -0.57
C LEU A 67 11.41 2.11 0.82
N CYS A 68 11.01 0.87 1.07
CA CYS A 68 11.23 0.23 2.35
C CYS A 68 12.68 -0.24 2.47
N VAL A 69 13.41 0.35 3.41
CA VAL A 69 14.81 -0.01 3.62
C VAL A 69 15.13 -0.12 5.12
N ASN A 70 15.83 -1.19 5.49
CA ASN A 70 16.20 -1.42 6.88
C ASN A 70 14.95 -1.45 7.77
N ASP A 71 13.87 -1.99 7.24
CA ASP A 71 12.62 -2.09 7.98
C ASP A 71 12.08 -0.71 8.33
N VAL A 72 12.45 0.28 7.51
CA VAL A 72 12.00 1.66 7.74
C VAL A 72 11.76 2.37 6.41
N CYS A 73 10.71 3.19 6.38
CA CYS A 73 10.36 3.92 5.17
C CYS A 73 11.46 4.91 4.80
N THR A 74 12.20 4.57 3.75
CA THR A 74 13.29 5.42 3.27
C THR A 74 13.01 5.97 1.89
N THR A 75 13.01 7.29 1.76
CA THR A 75 12.75 7.94 0.48
C THR A 75 13.64 7.38 -0.62
N MET A 76 13.16 7.44 -1.86
CA MET A 76 13.91 6.93 -3.00
C MET A 76 15.24 7.68 -3.15
N GLU A 77 15.20 9.00 -2.92
CA GLU A 77 16.39 9.82 -3.04
C GLU A 77 17.38 9.51 -1.92
N ASP A 78 16.86 9.04 -0.79
CA ASP A 78 17.69 8.71 0.36
C ASP A 78 18.37 7.35 0.16
N ALA A 79 17.62 6.39 -0.36
CA ALA A 79 18.15 5.06 -0.60
C ALA A 79 19.44 5.12 -1.43
N THR A 80 20.19 4.02 -1.43
CA THR A 80 21.44 3.96 -2.17
C THR A 80 22.46 4.96 -1.63
N GLU A 81 23.33 4.48 -0.75
CA GLU A 81 24.36 5.34 -0.16
C GLU A 81 25.50 4.51 0.40
N ASN A 82 26.72 4.88 0.05
CA ASN A 82 27.91 4.17 0.52
C ASN A 82 29.01 5.15 0.91
N LEU A 83 29.59 5.81 -0.09
CA LEU A 83 30.66 6.78 0.16
C LEU A 83 31.82 6.13 0.91
N TYR A 84 31.94 4.81 0.77
CA TYR A 84 33.01 4.07 1.43
C TYR A 84 33.44 2.87 0.59
N PHE A 85 34.60 2.32 0.92
CA PHE A 85 35.12 1.16 0.20
C PHE A 85 35.53 0.05 1.16
N GLN A 86 36.14 -0.99 0.62
CA GLN A 86 36.59 -2.12 1.43
C GLN A 86 37.81 -1.75 2.26
N SER A 87 37.64 -1.65 3.57
CA SER A 87 38.73 -1.31 4.46
C SER A 87 39.25 -2.54 5.20
N LEU A 88 40.15 -2.32 6.15
CA LEU A 88 40.72 -3.41 6.92
C LEU A 88 39.71 -3.96 7.92
N GLU A 89 39.31 -5.22 7.73
CA GLU A 89 38.35 -5.87 8.62
C GLU A 89 38.98 -7.06 9.33
N HIS A 90 38.51 -7.32 10.55
CA HIS A 90 39.03 -8.44 11.34
C HIS A 90 37.99 -9.56 11.42
N HIS A 91 38.48 -10.79 11.57
CA HIS A 91 37.60 -11.95 11.66
C HIS A 91 38.21 -13.02 12.58
N HIS A 92 37.39 -14.00 12.94
CA HIS A 92 37.85 -15.09 13.81
C HIS A 92 37.09 -16.38 13.52
N HIS A 93 37.74 -17.29 12.79
CA HIS A 93 37.12 -18.57 12.45
C HIS A 93 38.11 -19.71 12.62
N HIS A 94 37.60 -20.87 13.01
CA HIS A 94 38.44 -22.05 13.21
C HIS A 94 37.93 -23.22 12.39
N HIS A 95 38.72 -24.30 12.35
CA HIS A 95 38.34 -25.50 11.61
C HIS A 95 37.40 -26.37 12.41
N MET A 1 -78.06 22.44 22.80
CA MET A 1 -76.94 21.97 23.61
C MET A 1 -75.61 22.32 22.96
N LEU A 2 -75.52 22.08 21.65
CA LEU A 2 -74.30 22.36 20.90
C LEU A 2 -73.09 21.67 21.54
N VAL A 3 -72.98 20.37 21.32
CA VAL A 3 -71.87 19.60 21.87
C VAL A 3 -70.81 19.33 20.81
N LEU A 4 -69.55 19.53 21.18
CA LEU A 4 -68.43 19.31 20.26
C LEU A 4 -68.15 17.82 20.10
N ASP A 5 -67.86 17.41 18.88
CA ASP A 5 -67.55 16.01 18.60
C ASP A 5 -66.16 15.86 18.00
N PHE A 6 -65.59 14.67 18.14
CA PHE A 6 -64.26 14.40 17.62
C PHE A 6 -64.18 12.99 17.02
N ASN A 7 -63.50 12.88 15.88
CA ASN A 7 -63.36 11.59 15.21
C ASN A 7 -62.12 11.59 14.31
N ASN A 8 -61.92 10.49 13.59
CA ASN A 8 -60.79 10.36 12.68
C ASN A 8 -59.47 10.47 13.45
N ILE A 9 -59.01 9.36 14.00
CA ILE A 9 -57.77 9.33 14.75
C ILE A 9 -56.77 8.34 14.14
N ARG A 10 -55.79 8.88 13.42
CA ARG A 10 -54.78 8.05 12.78
C ARG A 10 -53.38 8.42 13.27
N SER A 11 -52.44 7.51 13.09
CA SER A 11 -51.06 7.73 13.53
C SER A 11 -50.16 6.59 13.08
N SER A 12 -48.88 6.89 12.89
CA SER A 12 -47.91 5.89 12.45
C SER A 12 -46.48 6.42 12.59
N ALA A 13 -45.53 5.50 12.73
CA ALA A 13 -44.13 5.88 12.87
C ALA A 13 -43.25 5.09 11.91
N ASP A 14 -41.93 5.23 12.06
CA ASP A 14 -40.99 4.53 11.20
C ASP A 14 -39.64 4.39 11.88
N LEU A 15 -39.15 3.16 12.00
CA LEU A 15 -37.86 2.91 12.62
C LEU A 15 -36.76 2.73 11.59
N HIS A 16 -35.81 3.66 11.58
CA HIS A 16 -34.71 3.60 10.63
C HIS A 16 -33.54 2.78 11.19
N GLY A 17 -32.61 2.42 10.33
CA GLY A 17 -31.46 1.64 10.75
C GLY A 17 -30.52 1.30 9.61
N ALA A 18 -29.25 1.11 9.92
CA ALA A 18 -28.25 0.79 8.92
C ALA A 18 -27.47 -0.48 9.30
N ARG A 19 -26.46 -0.80 8.50
CA ARG A 19 -25.65 -1.99 8.76
C ARG A 19 -24.17 -1.67 8.58
N LYS A 20 -23.31 -2.53 9.13
CA LYS A 20 -21.87 -2.35 9.03
C LYS A 20 -21.17 -3.69 8.88
N GLY A 21 -20.65 -3.95 7.69
CA GLY A 21 -19.95 -5.20 7.43
C GLY A 21 -18.44 -5.05 7.53
N SER A 22 -17.84 -4.41 6.54
CA SER A 22 -16.40 -4.21 6.52
C SER A 22 -16.06 -2.79 6.07
N GLN A 23 -14.79 -2.41 6.24
CA GLN A 23 -14.33 -1.09 5.85
C GLN A 23 -13.78 -1.10 4.43
N CYS A 24 -12.63 -1.75 4.25
CA CYS A 24 -11.99 -1.84 2.95
C CYS A 24 -11.33 -3.20 2.75
N LEU A 25 -11.26 -3.65 1.50
CA LEU A 25 -10.65 -4.94 1.19
C LEU A 25 -9.30 -4.75 0.50
N SER A 26 -9.14 -3.61 -0.17
CA SER A 26 -7.90 -3.30 -0.87
C SER A 26 -7.55 -1.83 -0.73
N ASP A 27 -6.35 -1.46 -1.19
CA ASP A 27 -5.90 -0.08 -1.13
C ASP A 27 -6.75 0.82 -2.02
N THR A 28 -7.24 0.25 -3.13
CA THR A 28 -8.05 0.99 -4.07
C THR A 28 -9.29 1.56 -3.39
N ASP A 29 -9.80 0.84 -2.40
CA ASP A 29 -10.99 1.27 -1.67
C ASP A 29 -10.69 2.52 -0.84
N CYS A 30 -9.43 2.69 -0.47
CA CYS A 30 -9.02 3.84 0.33
C CYS A 30 -8.83 5.07 -0.56
N ASN A 31 -8.79 6.25 0.06
CA ASN A 31 -8.62 7.49 -0.66
C ASN A 31 -7.25 7.54 -1.34
N THR A 32 -6.95 8.67 -1.97
CA THR A 32 -5.67 8.84 -2.66
C THR A 32 -4.51 8.84 -1.67
N ARG A 33 -3.36 8.33 -2.11
CA ARG A 33 -2.18 8.27 -1.27
C ARG A 33 -2.48 7.57 0.06
N LYS A 34 -3.40 6.61 0.01
CA LYS A 34 -3.79 5.87 1.20
C LYS A 34 -3.95 4.38 0.89
N PHE A 35 -3.67 3.54 1.88
CA PHE A 35 -3.79 2.09 1.70
C PHE A 35 -4.72 1.50 2.75
N CYS A 36 -5.15 0.26 2.52
CA CYS A 36 -6.05 -0.42 3.45
C CYS A 36 -5.30 -1.51 4.22
N LEU A 37 -4.92 -1.21 5.45
CA LEU A 37 -4.20 -2.17 6.28
C LEU A 37 -5.15 -3.19 6.88
N GLN A 38 -4.76 -4.46 6.82
CA GLN A 38 -5.58 -5.54 7.35
C GLN A 38 -4.78 -6.41 8.32
N PRO A 39 -4.77 -6.00 9.60
CA PRO A 39 -4.05 -6.73 10.65
C PRO A 39 -4.69 -8.08 10.97
N ARG A 40 -3.88 -9.01 11.46
CA ARG A 40 -4.37 -10.34 11.81
C ARG A 40 -5.01 -10.35 13.20
N ASP A 41 -4.54 -9.45 14.06
CA ASP A 41 -5.06 -9.34 15.41
C ASP A 41 -6.25 -8.39 15.47
N GLU A 42 -6.32 -7.48 14.50
CA GLU A 42 -7.40 -6.51 14.43
C GLU A 42 -8.17 -6.64 13.11
N LYS A 43 -9.16 -5.78 12.93
CA LYS A 43 -9.98 -5.79 11.71
C LYS A 43 -9.38 -4.86 10.66
N PRO A 44 -9.79 -5.09 9.40
CA PRO A 44 -9.31 -4.28 8.27
C PRO A 44 -9.86 -2.85 8.30
N PHE A 45 -8.98 -1.88 8.12
CA PHE A 45 -9.37 -0.48 8.13
C PHE A 45 -8.47 0.36 7.24
N CYS A 46 -8.88 1.59 6.96
CA CYS A 46 -8.10 2.48 6.10
C CYS A 46 -7.03 3.21 6.91
N ALA A 47 -5.79 3.11 6.45
CA ALA A 47 -4.68 3.76 7.13
C ALA A 47 -4.14 4.93 6.31
N THR A 48 -3.76 6.00 7.01
CA THR A 48 -3.23 7.19 6.34
C THR A 48 -1.81 6.96 5.85
N CYS A 49 -1.35 7.84 4.96
CA CYS A 49 -0.01 7.73 4.41
C CYS A 49 1.04 7.72 5.52
N ARG A 50 2.12 6.97 5.30
CA ARG A 50 3.19 6.88 6.28
C ARG A 50 4.31 7.86 5.96
N GLY A 51 5.07 8.23 6.98
CA GLY A 51 6.17 9.16 6.79
C GLY A 51 7.51 8.47 6.76
N LEU A 52 8.57 9.26 6.62
CA LEU A 52 9.93 8.72 6.56
C LEU A 52 10.35 8.18 7.93
N ARG A 53 9.77 8.75 8.98
CA ARG A 53 10.08 8.32 10.35
C ARG A 53 9.10 7.26 10.83
N ARG A 54 8.32 6.72 9.90
CA ARG A 54 7.34 5.69 10.23
C ARG A 54 7.87 4.30 9.89
N ARG A 55 7.67 3.35 10.80
CA ARG A 55 8.13 1.98 10.59
C ARG A 55 7.21 1.24 9.62
N CYS A 56 7.80 0.35 8.82
CA CYS A 56 7.03 -0.42 7.85
C CYS A 56 7.52 -1.86 7.80
N GLN A 57 6.71 -2.74 7.23
CA GLN A 57 7.06 -4.15 7.11
C GLN A 57 7.33 -4.53 5.66
N ARG A 58 6.67 -3.83 4.74
CA ARG A 58 6.84 -4.10 3.32
C ARG A 58 7.01 -2.79 2.54
N ASP A 59 7.43 -2.92 1.28
CA ASP A 59 7.64 -1.75 0.44
C ASP A 59 6.30 -1.19 -0.07
N ALA A 60 5.35 -2.09 -0.30
CA ALA A 60 4.03 -1.69 -0.78
C ALA A 60 3.19 -1.09 0.36
N MET A 61 3.51 -1.48 1.59
CA MET A 61 2.79 -0.99 2.75
C MET A 61 2.93 0.52 2.88
N CYS A 62 4.10 1.04 2.51
CA CYS A 62 4.36 2.47 2.60
C CYS A 62 3.90 3.17 1.32
N CYS A 63 3.74 4.49 1.40
CA CYS A 63 3.30 5.28 0.26
C CYS A 63 4.30 5.17 -0.89
N PRO A 64 3.84 5.50 -2.11
CA PRO A 64 4.67 5.45 -3.30
C PRO A 64 5.75 6.54 -3.31
N GLY A 65 6.88 6.24 -3.95
CA GLY A 65 7.96 7.20 -4.01
C GLY A 65 9.09 6.87 -3.04
N THR A 66 8.76 6.11 -2.00
CA THR A 66 9.74 5.73 -1.00
C THR A 66 9.91 4.21 -0.94
N LEU A 67 10.92 3.77 -0.20
CA LEU A 67 11.19 2.34 -0.06
C LEU A 67 11.33 1.96 1.41
N CYS A 68 10.81 0.78 1.76
CA CYS A 68 10.89 0.29 3.14
C CYS A 68 12.28 -0.24 3.45
N VAL A 69 13.08 0.57 4.12
CA VAL A 69 14.44 0.17 4.48
C VAL A 69 14.60 0.08 6.00
N ASN A 70 15.24 -0.99 6.44
CA ASN A 70 15.46 -1.21 7.88
C ASN A 70 14.14 -1.14 8.65
N ASP A 71 13.08 -1.66 8.03
CA ASP A 71 11.76 -1.65 8.66
C ASP A 71 11.26 -0.23 8.88
N VAL A 72 11.73 0.69 8.04
CA VAL A 72 11.34 2.09 8.15
C VAL A 72 11.29 2.76 6.77
N CYS A 73 10.27 3.57 6.55
CA CYS A 73 10.11 4.27 5.28
C CYS A 73 11.30 5.18 5.00
N THR A 74 12.11 4.80 4.01
CA THR A 74 13.29 5.59 3.64
C THR A 74 13.22 6.03 2.19
N THR A 75 13.64 7.26 1.94
CA THR A 75 13.62 7.81 0.59
C THR A 75 14.40 6.93 -0.38
N MET A 76 13.85 6.74 -1.58
CA MET A 76 14.50 5.92 -2.59
C MET A 76 15.86 6.51 -2.98
N GLU A 77 15.92 7.82 -3.07
CA GLU A 77 17.15 8.51 -3.45
C GLU A 77 18.26 8.22 -2.43
N ASP A 78 17.88 8.14 -1.16
CA ASP A 78 18.84 7.87 -0.10
C ASP A 78 19.31 6.41 -0.14
N ALA A 79 18.36 5.50 -0.37
CA ALA A 79 18.67 4.08 -0.44
C ALA A 79 19.53 3.76 -1.65
N THR A 80 20.86 3.80 -1.45
CA THR A 80 21.79 3.51 -2.54
C THR A 80 23.19 3.25 -1.99
N GLU A 81 23.72 4.22 -1.25
CA GLU A 81 25.06 4.09 -0.67
C GLU A 81 25.08 4.62 0.76
N ASN A 82 25.80 3.92 1.64
CA ASN A 82 25.91 4.32 3.04
C ASN A 82 26.95 5.41 3.21
N LEU A 83 26.53 6.54 3.77
CA LEU A 83 27.43 7.66 4.00
C LEU A 83 28.48 7.33 5.06
N TYR A 84 29.52 8.14 5.14
CA TYR A 84 30.59 7.93 6.11
C TYR A 84 31.44 9.19 6.27
N PHE A 85 32.42 9.12 7.16
CA PHE A 85 33.31 10.25 7.41
C PHE A 85 34.66 10.03 6.74
N GLN A 86 35.38 11.13 6.54
CA GLN A 86 36.70 11.06 5.91
C GLN A 86 37.49 12.34 6.15
N SER A 87 38.70 12.40 5.60
CA SER A 87 39.56 13.56 5.76
C SER A 87 39.86 13.81 7.23
N LEU A 88 40.95 13.23 7.72
CA LEU A 88 41.35 13.39 9.11
C LEU A 88 42.46 14.43 9.25
N GLU A 89 42.86 14.70 10.49
CA GLU A 89 43.91 15.67 10.74
C GLU A 89 45.10 15.02 11.46
N HIS A 90 46.11 15.82 11.76
CA HIS A 90 47.30 15.33 12.44
C HIS A 90 48.12 16.47 13.02
N HIS A 91 48.44 16.38 14.30
CA HIS A 91 49.21 17.42 14.99
C HIS A 91 49.81 16.89 16.28
N HIS A 92 50.66 17.69 16.91
CA HIS A 92 51.29 17.31 18.16
C HIS A 92 52.10 18.46 18.74
N HIS A 93 51.48 19.21 19.64
CA HIS A 93 52.15 20.35 20.27
C HIS A 93 51.63 20.57 21.69
N HIS A 94 52.44 21.23 22.51
CA HIS A 94 52.06 21.50 23.89
C HIS A 94 51.82 20.21 24.66
N HIS A 95 52.85 19.75 25.39
CA HIS A 95 52.75 18.52 26.16
C HIS A 95 51.58 18.60 27.14
N MET A 1 -26.26 31.18 3.24
CA MET A 1 -25.59 29.90 3.42
C MET A 1 -25.71 29.05 2.16
N LEU A 2 -25.40 29.65 1.02
CA LEU A 2 -25.46 28.93 -0.26
C LEU A 2 -24.11 28.94 -0.96
N VAL A 3 -23.25 28.01 -0.57
CA VAL A 3 -21.92 27.90 -1.16
C VAL A 3 -21.87 26.80 -2.21
N LEU A 4 -21.19 27.08 -3.32
CA LEU A 4 -21.06 26.11 -4.41
C LEU A 4 -20.38 24.84 -3.92
N ASP A 5 -20.87 23.69 -4.39
CA ASP A 5 -20.31 22.40 -4.01
C ASP A 5 -20.51 21.37 -5.12
N PHE A 6 -19.57 21.33 -6.07
CA PHE A 6 -19.65 20.40 -7.18
C PHE A 6 -19.83 18.97 -6.68
N ASN A 7 -20.68 18.21 -7.37
CA ASN A 7 -20.95 16.83 -6.98
C ASN A 7 -21.47 16.03 -8.17
N ASN A 8 -20.55 15.57 -9.02
CA ASN A 8 -20.91 14.80 -10.20
C ASN A 8 -20.18 13.45 -10.21
N ILE A 9 -20.93 12.38 -10.47
CA ILE A 9 -20.34 11.04 -10.51
C ILE A 9 -20.52 10.41 -11.89
N ARG A 10 -19.82 9.31 -12.12
CA ARG A 10 -19.90 8.62 -13.40
C ARG A 10 -19.74 7.11 -13.21
N SER A 11 -20.26 6.60 -12.09
CA SER A 11 -20.17 5.18 -11.79
C SER A 11 -21.27 4.78 -10.80
N SER A 12 -21.80 3.56 -10.98
CA SER A 12 -22.85 3.06 -10.11
C SER A 12 -22.66 1.57 -9.84
N ALA A 13 -22.02 1.26 -8.71
CA ALA A 13 -21.77 -0.12 -8.33
C ALA A 13 -23.06 -0.80 -7.84
N ASP A 14 -23.36 -1.97 -8.41
CA ASP A 14 -24.55 -2.71 -8.02
C ASP A 14 -24.28 -4.21 -8.02
N LEU A 15 -23.86 -4.73 -6.86
CA LEU A 15 -23.56 -6.15 -6.73
C LEU A 15 -24.55 -6.82 -5.79
N HIS A 16 -24.97 -8.04 -6.14
CA HIS A 16 -25.91 -8.79 -5.32
C HIS A 16 -25.18 -9.68 -4.32
N GLY A 17 -24.30 -9.08 -3.53
CA GLY A 17 -23.54 -9.83 -2.56
C GLY A 17 -24.06 -9.65 -1.14
N ALA A 18 -24.13 -8.40 -0.69
CA ALA A 18 -24.61 -8.10 0.65
C ALA A 18 -23.80 -8.84 1.71
N ARG A 19 -22.64 -8.30 2.05
CA ARG A 19 -21.78 -8.90 3.05
C ARG A 19 -21.16 -7.85 3.96
N LYS A 20 -21.30 -8.04 5.26
CA LYS A 20 -20.76 -7.09 6.24
C LYS A 20 -19.44 -7.59 6.80
N GLY A 21 -18.34 -7.14 6.21
CA GLY A 21 -17.02 -7.56 6.66
C GLY A 21 -15.91 -6.68 6.11
N SER A 22 -15.51 -6.95 4.87
CA SER A 22 -14.45 -6.17 4.23
C SER A 22 -14.86 -4.72 4.08
N GLN A 23 -14.09 -3.83 4.69
CA GLN A 23 -14.37 -2.40 4.62
C GLN A 23 -13.96 -1.83 3.27
N CYS A 24 -12.92 -2.41 2.68
CA CYS A 24 -12.43 -1.96 1.38
C CYS A 24 -11.82 -3.12 0.60
N LEU A 25 -12.06 -3.14 -0.71
CA LEU A 25 -11.53 -4.20 -1.57
C LEU A 25 -10.19 -3.78 -2.17
N SER A 26 -10.05 -2.49 -2.45
CA SER A 26 -8.83 -1.96 -3.04
C SER A 26 -8.36 -0.72 -2.29
N ASP A 27 -7.05 -0.51 -2.27
CA ASP A 27 -6.46 0.65 -1.59
C ASP A 27 -7.09 1.94 -2.09
N THR A 28 -7.45 1.97 -3.37
CA THR A 28 -8.07 3.14 -3.97
C THR A 28 -9.45 3.41 -3.39
N ASP A 29 -10.10 2.35 -2.94
CA ASP A 29 -11.43 2.46 -2.35
C ASP A 29 -11.37 3.19 -1.01
N CYS A 30 -10.24 3.08 -0.33
CA CYS A 30 -10.06 3.74 0.96
C CYS A 30 -10.41 5.22 0.89
N ASN A 31 -9.59 5.98 0.17
CA ASN A 31 -9.81 7.41 0.01
C ASN A 31 -9.35 7.89 -1.36
N THR A 32 -8.05 7.85 -1.58
CA THR A 32 -7.47 8.27 -2.85
C THR A 32 -5.95 8.10 -2.85
N ARG A 33 -5.33 8.40 -1.72
CA ARG A 33 -3.89 8.28 -1.58
C ARG A 33 -3.51 7.53 -0.32
N LYS A 34 -4.39 6.63 0.11
CA LYS A 34 -4.15 5.84 1.31
C LYS A 34 -4.12 4.34 0.97
N PHE A 35 -3.56 3.55 1.89
CA PHE A 35 -3.47 2.11 1.70
C PHE A 35 -4.39 1.37 2.66
N CYS A 36 -5.00 0.29 2.16
CA CYS A 36 -5.91 -0.51 2.98
C CYS A 36 -5.14 -1.46 3.88
N LEU A 37 -5.11 -1.16 5.18
CA LEU A 37 -4.41 -2.00 6.14
C LEU A 37 -5.34 -3.04 6.74
N GLN A 38 -5.10 -4.31 6.39
CA GLN A 38 -5.92 -5.41 6.88
C GLN A 38 -5.07 -6.44 7.60
N PRO A 39 -4.85 -6.22 8.92
CA PRO A 39 -4.05 -7.13 9.75
C PRO A 39 -4.74 -8.47 9.98
N ARG A 40 -3.94 -9.50 10.21
CA ARG A 40 -4.47 -10.84 10.44
C ARG A 40 -4.89 -11.01 11.90
N ASP A 41 -4.24 -10.27 12.79
CA ASP A 41 -4.55 -10.33 14.21
C ASP A 41 -5.64 -9.34 14.58
N GLU A 42 -5.79 -8.30 13.77
CA GLU A 42 -6.80 -7.27 14.00
C GLU A 42 -7.76 -7.17 12.83
N LYS A 43 -8.71 -6.25 12.93
CA LYS A 43 -9.70 -6.05 11.88
C LYS A 43 -9.19 -5.04 10.84
N PRO A 44 -9.80 -5.07 9.64
CA PRO A 44 -9.42 -4.17 8.54
C PRO A 44 -9.82 -2.72 8.83
N PHE A 45 -8.88 -1.81 8.60
CA PHE A 45 -9.12 -0.40 8.84
C PHE A 45 -8.28 0.46 7.89
N CYS A 46 -8.83 1.60 7.49
CA CYS A 46 -8.14 2.51 6.58
C CYS A 46 -7.00 3.22 7.31
N ALA A 47 -5.82 3.25 6.68
CA ALA A 47 -4.66 3.90 7.27
C ALA A 47 -4.18 5.06 6.40
N THR A 48 -3.40 5.96 7.00
CA THR A 48 -2.89 7.12 6.28
C THR A 48 -1.49 6.84 5.72
N CYS A 49 -1.12 7.60 4.69
CA CYS A 49 0.19 7.43 4.07
C CYS A 49 1.31 7.51 5.11
N ARG A 50 2.30 6.62 4.96
CA ARG A 50 3.42 6.58 5.89
C ARG A 50 4.53 7.54 5.44
N GLY A 51 5.10 8.26 6.41
CA GLY A 51 6.16 9.19 6.11
C GLY A 51 7.54 8.56 6.16
N LEU A 52 8.57 9.36 5.89
CA LEU A 52 9.94 8.86 5.91
C LEU A 52 10.39 8.56 7.33
N ARG A 53 9.79 9.24 8.30
CA ARG A 53 10.13 9.05 9.70
C ARG A 53 9.19 8.03 10.35
N ARG A 54 8.42 7.33 9.52
CA ARG A 54 7.49 6.33 10.02
C ARG A 54 8.03 4.92 9.80
N ARG A 55 7.84 4.06 10.78
CA ARG A 55 8.30 2.67 10.69
C ARG A 55 7.42 1.86 9.75
N CYS A 56 8.02 0.87 9.09
CA CYS A 56 7.29 0.03 8.16
C CYS A 56 7.90 -1.38 8.11
N GLN A 57 7.07 -2.37 7.84
CA GLN A 57 7.52 -3.75 7.76
C GLN A 57 7.52 -4.25 6.32
N ARG A 58 6.41 -4.02 5.63
CA ARG A 58 6.28 -4.44 4.24
C ARG A 58 6.40 -3.25 3.28
N ASP A 59 6.95 -3.49 2.10
CA ASP A 59 7.12 -2.44 1.10
C ASP A 59 5.77 -1.88 0.68
N ALA A 60 4.72 -2.69 0.77
CA ALA A 60 3.38 -2.27 0.40
C ALA A 60 2.75 -1.40 1.49
N MET A 61 3.13 -1.67 2.74
CA MET A 61 2.60 -0.93 3.87
C MET A 61 2.91 0.55 3.74
N CYS A 62 4.06 0.87 3.16
CA CYS A 62 4.47 2.25 2.97
C CYS A 62 3.91 2.81 1.66
N CYS A 63 4.12 4.11 1.44
CA CYS A 63 3.62 4.77 0.24
C CYS A 63 4.56 4.52 -0.94
N PRO A 64 4.04 4.72 -2.16
CA PRO A 64 4.82 4.52 -3.39
C PRO A 64 5.89 5.59 -3.57
N GLY A 65 7.03 5.19 -4.14
CA GLY A 65 8.12 6.11 -4.36
C GLY A 65 9.25 5.92 -3.37
N THR A 66 8.95 5.28 -2.25
CA THR A 66 9.95 5.03 -1.22
C THR A 66 10.16 3.54 -1.00
N LEU A 67 11.17 3.19 -0.21
CA LEU A 67 11.47 1.79 0.08
C LEU A 67 11.60 1.57 1.59
N CYS A 68 11.20 0.39 2.04
CA CYS A 68 11.27 0.05 3.47
C CYS A 68 12.68 -0.37 3.85
N VAL A 69 13.43 0.57 4.44
CA VAL A 69 14.79 0.30 4.86
C VAL A 69 14.93 0.40 6.37
N ASN A 70 15.64 -0.57 6.96
CA ASN A 70 15.85 -0.59 8.40
C ASN A 70 14.51 -0.53 9.15
N ASP A 71 13.50 -1.18 8.59
CA ASP A 71 12.17 -1.20 9.20
C ASP A 71 11.58 0.20 9.26
N VAL A 72 12.01 1.06 8.34
CA VAL A 72 11.53 2.43 8.29
C VAL A 72 11.45 2.94 6.86
N CYS A 73 10.43 3.73 6.56
CA CYS A 73 10.24 4.29 5.23
C CYS A 73 11.41 5.18 4.84
N THR A 74 12.18 4.74 3.85
CA THR A 74 13.32 5.51 3.38
C THR A 74 13.24 5.76 1.87
N THR A 75 13.43 7.01 1.48
CA THR A 75 13.37 7.38 0.08
C THR A 75 14.39 6.59 -0.75
N MET A 76 14.00 6.23 -1.96
CA MET A 76 14.87 5.47 -2.85
C MET A 76 16.21 6.19 -3.05
N GLU A 77 16.13 7.46 -3.43
CA GLU A 77 17.34 8.25 -3.66
C GLU A 77 18.16 8.38 -2.38
N ASP A 78 17.48 8.30 -1.24
CA ASP A 78 18.14 8.39 0.06
C ASP A 78 18.82 7.08 0.42
N ALA A 79 18.29 5.98 -0.11
CA ALA A 79 18.84 4.65 0.17
C ALA A 79 20.34 4.61 -0.13
N THR A 80 21.00 3.58 0.38
CA THR A 80 22.44 3.42 0.17
C THR A 80 22.78 3.37 -1.31
N GLU A 81 21.82 2.96 -2.12
CA GLU A 81 22.03 2.87 -3.56
C GLU A 81 20.69 2.94 -4.31
N ASN A 82 20.76 2.98 -5.64
CA ASN A 82 19.56 3.03 -6.46
C ASN A 82 19.70 2.14 -7.69
N LEU A 83 18.56 1.74 -8.25
CA LEU A 83 18.56 0.87 -9.43
C LEU A 83 18.17 1.67 -10.68
N TYR A 84 18.48 1.10 -11.84
CA TYR A 84 18.16 1.75 -13.11
C TYR A 84 18.19 0.74 -14.25
N PHE A 85 17.42 1.02 -15.30
CA PHE A 85 17.35 0.16 -16.46
C PHE A 85 17.85 0.87 -17.71
N GLN A 86 19.12 1.25 -17.70
CA GLN A 86 19.73 1.93 -18.83
C GLN A 86 21.20 1.56 -18.98
N SER A 87 21.80 1.95 -20.11
CA SER A 87 23.20 1.64 -20.37
C SER A 87 24.11 2.49 -19.50
N LEU A 88 25.30 1.97 -19.22
CA LEU A 88 26.27 2.69 -18.39
C LEU A 88 27.11 3.64 -19.23
N GLU A 89 27.79 4.57 -18.58
CA GLU A 89 28.63 5.55 -19.26
C GLU A 89 29.88 5.88 -18.44
N HIS A 90 30.80 6.61 -19.05
CA HIS A 90 32.04 6.99 -18.38
C HIS A 90 32.58 8.30 -18.95
N HIS A 91 33.76 8.70 -18.48
CA HIS A 91 34.39 9.93 -18.95
C HIS A 91 33.51 11.14 -18.65
N HIS A 92 33.65 11.68 -17.45
CA HIS A 92 32.86 12.85 -17.04
C HIS A 92 33.30 14.09 -17.80
N HIS A 93 32.43 15.09 -17.85
CA HIS A 93 32.72 16.34 -18.55
C HIS A 93 32.57 17.53 -17.62
N HIS A 94 33.64 18.32 -17.49
CA HIS A 94 33.61 19.50 -16.63
C HIS A 94 34.12 20.72 -17.38
N HIS A 95 35.40 20.70 -17.76
CA HIS A 95 36.00 21.81 -18.48
C HIS A 95 35.56 21.82 -19.94
N MET A 1 -53.36 1.85 -36.35
CA MET A 1 -52.73 1.06 -35.29
C MET A 1 -53.76 0.20 -34.56
N LEU A 2 -54.80 0.84 -34.04
CA LEU A 2 -55.85 0.13 -33.32
C LEU A 2 -55.27 -0.69 -32.18
N VAL A 3 -54.51 -0.03 -31.31
CA VAL A 3 -53.90 -0.71 -30.17
C VAL A 3 -54.69 -0.46 -28.89
N LEU A 4 -55.18 -1.53 -28.29
CA LEU A 4 -55.96 -1.43 -27.06
C LEU A 4 -55.07 -1.60 -25.83
N ASP A 5 -55.47 -0.98 -24.72
CA ASP A 5 -54.70 -1.07 -23.49
C ASP A 5 -55.49 -1.82 -22.42
N PHE A 6 -54.78 -2.62 -21.63
CA PHE A 6 -55.42 -3.39 -20.57
C PHE A 6 -55.05 -2.83 -19.20
N ASN A 7 -53.75 -2.65 -18.97
CA ASN A 7 -53.28 -2.12 -17.70
C ASN A 7 -51.76 -1.96 -17.72
N ASN A 8 -51.21 -1.43 -16.63
CA ASN A 8 -49.77 -1.21 -16.52
C ASN A 8 -49.32 -1.23 -15.07
N ILE A 9 -48.57 -2.26 -14.69
CA ILE A 9 -48.08 -2.40 -13.33
C ILE A 9 -47.25 -1.18 -12.92
N ARG A 10 -47.46 -0.71 -11.69
CA ARG A 10 -46.73 0.44 -11.19
C ARG A 10 -45.46 0.00 -10.45
N SER A 11 -44.48 0.90 -10.38
CA SER A 11 -43.22 0.61 -9.72
C SER A 11 -42.53 -0.59 -10.36
N SER A 12 -41.35 -0.94 -9.85
CA SER A 12 -40.58 -2.05 -10.39
C SER A 12 -39.38 -2.36 -9.48
N ALA A 13 -38.91 -3.60 -9.55
CA ALA A 13 -37.77 -4.03 -8.75
C ALA A 13 -38.06 -3.88 -7.25
N ASP A 14 -37.05 -4.12 -6.44
CA ASP A 14 -37.20 -4.03 -4.99
C ASP A 14 -35.83 -4.01 -4.30
N LEU A 15 -34.99 -4.98 -4.65
CA LEU A 15 -33.66 -5.07 -4.07
C LEU A 15 -32.59 -4.95 -5.14
N HIS A 16 -31.32 -5.01 -4.72
CA HIS A 16 -30.20 -4.91 -5.65
C HIS A 16 -28.89 -5.30 -4.97
N GLY A 17 -28.45 -4.47 -4.02
CA GLY A 17 -27.22 -4.75 -3.32
C GLY A 17 -26.58 -3.50 -2.73
N ALA A 18 -25.88 -3.66 -1.62
CA ALA A 18 -25.23 -2.53 -0.96
C ALA A 18 -23.71 -2.67 -1.01
N ARG A 19 -23.23 -3.90 -0.96
CA ARG A 19 -21.80 -4.17 -0.99
C ARG A 19 -21.51 -5.48 -1.70
N LYS A 20 -20.31 -5.58 -2.29
CA LYS A 20 -19.91 -6.79 -3.00
C LYS A 20 -18.41 -7.06 -2.81
N GLY A 21 -18.10 -7.95 -1.87
CA GLY A 21 -16.70 -8.28 -1.61
C GLY A 21 -16.45 -8.59 -0.15
N SER A 22 -15.26 -8.26 0.32
CA SER A 22 -14.89 -8.51 1.71
C SER A 22 -14.58 -7.20 2.43
N GLN A 23 -13.63 -6.44 1.90
CA GLN A 23 -13.23 -5.17 2.49
C GLN A 23 -12.92 -4.14 1.41
N CYS A 24 -11.86 -4.38 0.66
CA CYS A 24 -11.44 -3.48 -0.40
C CYS A 24 -10.85 -4.24 -1.58
N LEU A 25 -11.16 -3.79 -2.79
CA LEU A 25 -10.67 -4.44 -4.00
C LEU A 25 -9.21 -4.08 -4.26
N SER A 26 -8.80 -2.90 -3.78
CA SER A 26 -7.45 -2.43 -3.95
C SER A 26 -7.13 -1.27 -3.01
N ASP A 27 -5.86 -0.93 -2.89
CA ASP A 27 -5.43 0.16 -2.02
C ASP A 27 -6.09 1.48 -2.43
N THR A 28 -6.45 1.58 -3.71
CA THR A 28 -7.08 2.78 -4.23
C THR A 28 -8.54 2.85 -3.82
N ASP A 29 -9.13 1.69 -3.56
CA ASP A 29 -10.54 1.62 -3.16
C ASP A 29 -10.73 2.22 -1.77
N CYS A 30 -9.68 2.19 -0.96
CA CYS A 30 -9.74 2.73 0.40
C CYS A 30 -10.25 4.16 0.38
N ASN A 31 -9.71 4.97 -0.52
CA ASN A 31 -10.12 6.38 -0.64
C ASN A 31 -9.45 7.03 -1.83
N THR A 32 -8.15 7.31 -1.71
CA THR A 32 -7.40 7.95 -2.78
C THR A 32 -5.90 7.92 -2.48
N ARG A 33 -5.50 8.64 -1.45
CA ARG A 33 -4.09 8.70 -1.07
C ARG A 33 -3.82 7.81 0.14
N LYS A 34 -4.63 6.78 0.30
CA LYS A 34 -4.49 5.85 1.42
C LYS A 34 -4.43 4.41 0.92
N PHE A 35 -3.92 3.52 1.76
CA PHE A 35 -3.81 2.11 1.41
C PHE A 35 -4.70 1.25 2.31
N CYS A 36 -4.85 -0.01 1.96
CA CYS A 36 -5.66 -0.94 2.74
C CYS A 36 -4.83 -1.66 3.78
N LEU A 37 -5.03 -1.30 5.05
CA LEU A 37 -4.29 -1.92 6.14
C LEU A 37 -5.13 -2.99 6.83
N GLN A 38 -4.53 -4.16 7.05
CA GLN A 38 -5.21 -5.27 7.70
C GLN A 38 -4.29 -5.98 8.68
N PRO A 39 -4.26 -5.49 9.92
CA PRO A 39 -3.43 -6.06 10.98
C PRO A 39 -3.92 -7.44 11.43
N ARG A 40 -3.01 -8.26 11.94
CA ARG A 40 -3.36 -9.60 12.40
C ARG A 40 -3.90 -9.56 13.82
N ASP A 41 -3.47 -8.57 14.59
CA ASP A 41 -3.92 -8.40 15.97
C ASP A 41 -5.19 -7.56 16.04
N GLU A 42 -5.39 -6.74 15.02
CA GLU A 42 -6.57 -5.86 14.97
C GLU A 42 -7.39 -6.14 13.71
N LYS A 43 -8.50 -5.41 13.57
CA LYS A 43 -9.37 -5.58 12.42
C LYS A 43 -8.90 -4.73 11.24
N PRO A 44 -9.36 -5.08 10.03
CA PRO A 44 -8.99 -4.37 8.81
C PRO A 44 -9.62 -2.97 8.75
N PHE A 45 -8.83 -2.00 8.33
CA PHE A 45 -9.29 -0.61 8.23
C PHE A 45 -8.34 0.23 7.39
N CYS A 46 -8.86 1.33 6.84
CA CYS A 46 -8.06 2.22 6.02
C CYS A 46 -7.13 3.07 6.87
N ALA A 47 -5.83 2.96 6.62
CA ALA A 47 -4.84 3.72 7.37
C ALA A 47 -4.27 4.86 6.52
N THR A 48 -3.77 5.89 7.19
CA THR A 48 -3.19 7.04 6.50
C THR A 48 -1.83 6.70 5.92
N CYS A 49 -1.32 7.59 5.07
CA CYS A 49 -0.01 7.40 4.45
C CYS A 49 1.10 7.41 5.49
N ARG A 50 2.04 6.48 5.37
CA ARG A 50 3.15 6.38 6.31
C ARG A 50 4.28 7.33 5.90
N GLY A 51 4.96 7.90 6.89
CA GLY A 51 6.05 8.81 6.62
C GLY A 51 7.41 8.14 6.73
N LEU A 52 8.46 8.92 6.52
CA LEU A 52 9.82 8.40 6.59
C LEU A 52 10.16 7.93 8.01
N ARG A 53 9.49 8.53 9.00
CA ARG A 53 9.71 8.18 10.39
C ARG A 53 8.73 7.11 10.85
N ARG A 54 8.05 6.50 9.88
CA ARG A 54 7.08 5.45 10.19
C ARG A 54 7.60 4.08 9.75
N ARG A 55 7.28 3.06 10.53
CA ARG A 55 7.72 1.70 10.25
C ARG A 55 6.87 1.08 9.14
N CYS A 56 7.41 0.07 8.48
CA CYS A 56 6.70 -0.62 7.40
C CYS A 56 7.04 -2.11 7.39
N GLN A 57 6.13 -2.90 6.83
CA GLN A 57 6.32 -4.35 6.76
C GLN A 57 6.36 -4.82 5.31
N ARG A 58 5.60 -4.13 4.46
CA ARG A 58 5.54 -4.49 3.05
C ARG A 58 5.99 -3.31 2.17
N ASP A 59 6.50 -3.63 0.98
CA ASP A 59 6.97 -2.61 0.05
C ASP A 59 5.82 -1.72 -0.40
N ALA A 60 4.69 -2.34 -0.73
CA ALA A 60 3.51 -1.60 -1.19
C ALA A 60 2.82 -0.90 -0.03
N MET A 61 2.99 -1.45 1.18
CA MET A 61 2.38 -0.88 2.37
C MET A 61 2.73 0.60 2.51
N CYS A 62 3.98 0.93 2.20
CA CYS A 62 4.44 2.32 2.29
C CYS A 62 4.08 3.10 1.04
N CYS A 63 3.85 4.39 1.20
CA CYS A 63 3.49 5.25 0.07
C CYS A 63 4.54 5.17 -1.03
N PRO A 64 4.15 5.58 -2.25
CA PRO A 64 5.05 5.56 -3.41
C PRO A 64 6.15 6.62 -3.31
N GLY A 65 7.24 6.40 -4.04
CA GLY A 65 8.34 7.35 -4.01
C GLY A 65 9.40 6.97 -2.98
N THR A 66 9.01 6.14 -2.02
CA THR A 66 9.93 5.72 -0.97
C THR A 66 10.09 4.20 -0.97
N LEU A 67 11.06 3.72 -0.21
CA LEU A 67 11.31 2.28 -0.11
C LEU A 67 11.33 1.83 1.34
N CYS A 68 11.17 0.52 1.55
CA CYS A 68 11.17 -0.05 2.89
C CYS A 68 12.58 -0.45 3.32
N VAL A 69 13.23 0.41 4.10
CA VAL A 69 14.58 0.14 4.58
C VAL A 69 14.59 -0.11 6.08
N ASN A 70 15.18 -1.23 6.49
CA ASN A 70 15.26 -1.58 7.90
C ASN A 70 13.87 -1.55 8.54
N ASP A 71 12.89 -2.10 7.85
CA ASP A 71 11.52 -2.14 8.35
C ASP A 71 11.00 -0.73 8.63
N VAL A 72 11.55 0.25 7.90
CA VAL A 72 11.14 1.64 8.07
C VAL A 72 11.12 2.36 6.72
N CYS A 73 10.13 3.24 6.54
CA CYS A 73 10.00 4.00 5.31
C CYS A 73 11.19 4.94 5.12
N THR A 74 11.92 4.74 4.03
CA THR A 74 13.08 5.58 3.73
C THR A 74 13.15 5.91 2.25
N THR A 75 13.49 7.16 1.94
CA THR A 75 13.58 7.60 0.56
C THR A 75 14.60 6.78 -0.22
N MET A 76 14.21 6.32 -1.41
CA MET A 76 15.09 5.52 -2.25
C MET A 76 16.33 6.31 -2.65
N GLU A 77 16.19 7.63 -2.73
CA GLU A 77 17.29 8.50 -3.10
C GLU A 77 18.28 8.67 -1.96
N ASP A 78 17.76 8.62 -0.74
CA ASP A 78 18.59 8.76 0.45
C ASP A 78 19.26 7.42 0.81
N ALA A 79 18.56 6.32 0.54
CA ALA A 79 19.09 5.00 0.82
C ALA A 79 20.37 4.74 0.05
N THR A 80 21.41 4.30 0.74
CA THR A 80 22.69 4.02 0.11
C THR A 80 23.56 3.12 1.00
N GLU A 81 23.93 1.96 0.47
CA GLU A 81 24.75 1.02 1.22
C GLU A 81 26.01 1.69 1.75
N ASN A 82 26.59 1.12 2.80
CA ASN A 82 27.80 1.67 3.41
C ASN A 82 28.91 0.62 3.47
N LEU A 83 30.05 1.02 4.00
CA LEU A 83 31.19 0.11 4.12
C LEU A 83 30.89 -1.01 5.12
N TYR A 84 31.89 -1.84 5.38
CA TYR A 84 31.74 -2.94 6.33
C TYR A 84 33.05 -3.25 7.03
N PHE A 85 32.99 -3.44 8.34
CA PHE A 85 34.16 -3.75 9.14
C PHE A 85 34.44 -5.25 9.14
N GLN A 86 35.72 -5.61 9.33
CA GLN A 86 36.12 -7.01 9.36
C GLN A 86 35.90 -7.61 10.74
N SER A 87 35.78 -8.93 10.80
CA SER A 87 35.56 -9.63 12.05
C SER A 87 36.54 -10.79 12.21
N LEU A 88 36.83 -11.15 13.46
CA LEU A 88 37.75 -12.24 13.75
C LEU A 88 37.04 -13.59 13.66
N GLU A 89 37.71 -14.57 13.06
CA GLU A 89 37.14 -15.90 12.91
C GLU A 89 37.39 -16.74 14.17
N HIS A 90 36.72 -17.89 14.25
CA HIS A 90 36.86 -18.77 15.40
C HIS A 90 38.14 -19.60 15.30
N HIS A 91 38.32 -20.51 16.25
CA HIS A 91 39.51 -21.37 16.26
C HIS A 91 39.11 -22.84 16.33
N HIS A 92 37.93 -23.16 15.81
CA HIS A 92 37.43 -24.53 15.81
C HIS A 92 37.39 -25.09 17.23
N HIS A 93 37.03 -26.36 17.35
CA HIS A 93 36.94 -27.00 18.65
C HIS A 93 37.65 -28.36 18.64
N HIS A 94 37.64 -29.05 19.77
CA HIS A 94 38.28 -30.35 19.88
C HIS A 94 37.31 -31.46 19.47
N HIS A 95 36.16 -31.52 20.13
CA HIS A 95 35.15 -32.53 19.82
C HIS A 95 33.86 -31.89 19.36
N MET A 1 -59.04 -53.68 -8.39
CA MET A 1 -57.95 -53.68 -9.35
C MET A 1 -56.86 -52.70 -8.94
N LEU A 2 -55.61 -53.15 -8.97
CA LEU A 2 -54.49 -52.30 -8.60
C LEU A 2 -53.20 -52.78 -9.29
N VAL A 3 -52.88 -52.16 -10.42
CA VAL A 3 -51.69 -52.53 -11.17
C VAL A 3 -50.44 -51.92 -10.53
N LEU A 4 -49.35 -52.69 -10.51
CA LEU A 4 -48.09 -52.24 -9.93
C LEU A 4 -47.41 -51.23 -10.85
N ASP A 5 -47.03 -50.09 -10.29
CA ASP A 5 -46.36 -49.05 -11.06
C ASP A 5 -45.90 -47.91 -10.14
N PHE A 6 -44.62 -47.93 -9.79
CA PHE A 6 -44.04 -46.91 -8.93
C PHE A 6 -42.59 -46.65 -9.27
N ASN A 7 -41.75 -47.66 -9.06
CA ASN A 7 -40.33 -47.55 -9.34
C ASN A 7 -39.69 -46.42 -8.53
N ASN A 8 -38.43 -46.13 -8.81
CA ASN A 8 -37.71 -45.06 -8.12
C ASN A 8 -36.43 -44.70 -8.86
N ILE A 9 -36.08 -43.42 -8.82
CA ILE A 9 -34.88 -42.93 -9.49
C ILE A 9 -33.82 -42.51 -8.47
N ARG A 10 -32.56 -42.79 -8.78
CA ARG A 10 -31.46 -42.44 -7.90
C ARG A 10 -30.63 -41.30 -8.49
N SER A 11 -30.36 -40.29 -7.67
CA SER A 11 -29.59 -39.13 -8.10
C SER A 11 -29.27 -38.21 -6.93
N SER A 12 -28.01 -37.82 -6.82
CA SER A 12 -27.57 -36.95 -5.73
C SER A 12 -26.18 -36.39 -6.01
N ALA A 13 -26.03 -35.08 -5.84
CA ALA A 13 -24.75 -34.42 -6.07
C ALA A 13 -24.79 -32.96 -5.62
N ASP A 14 -23.70 -32.49 -5.04
CA ASP A 14 -23.61 -31.12 -4.58
C ASP A 14 -22.21 -30.81 -4.04
N LEU A 15 -21.72 -29.61 -4.33
CA LEU A 15 -20.39 -29.19 -3.88
C LEU A 15 -20.14 -27.73 -4.21
N HIS A 16 -19.96 -26.91 -3.16
CA HIS A 16 -19.71 -25.49 -3.33
C HIS A 16 -19.06 -24.90 -2.09
N GLY A 17 -18.72 -23.62 -2.15
CA GLY A 17 -18.10 -22.96 -1.03
C GLY A 17 -16.65 -22.63 -1.28
N ALA A 18 -16.31 -21.34 -1.20
CA ALA A 18 -14.94 -20.90 -1.43
C ALA A 18 -14.78 -19.41 -1.09
N ARG A 19 -13.62 -18.86 -1.42
CA ARG A 19 -13.35 -17.46 -1.16
C ARG A 19 -13.52 -17.14 0.33
N LYS A 20 -13.37 -15.86 0.67
CA LYS A 20 -13.52 -15.42 2.06
C LYS A 20 -14.12 -14.02 2.13
N GLY A 21 -14.53 -13.63 3.34
CA GLY A 21 -15.12 -12.31 3.52
C GLY A 21 -14.07 -11.23 3.70
N SER A 22 -13.61 -10.66 2.59
CA SER A 22 -12.60 -9.61 2.64
C SER A 22 -13.24 -8.23 2.51
N GLN A 23 -12.95 -7.36 3.46
CA GLN A 23 -13.50 -6.00 3.45
C GLN A 23 -13.08 -5.26 2.20
N CYS A 24 -11.80 -5.38 1.84
CA CYS A 24 -11.27 -4.71 0.66
C CYS A 24 -10.45 -5.68 -0.19
N LEU A 25 -10.52 -5.52 -1.50
CA LEU A 25 -9.78 -6.38 -2.42
C LEU A 25 -8.31 -5.98 -2.49
N SER A 26 -8.04 -4.69 -2.32
CA SER A 26 -6.68 -4.18 -2.36
C SER A 26 -6.62 -2.74 -1.86
N ASP A 27 -5.47 -2.11 -2.01
CA ASP A 27 -5.29 -0.73 -1.58
C ASP A 27 -6.11 0.22 -2.44
N THR A 28 -6.35 -0.17 -3.68
CA THR A 28 -7.13 0.65 -4.60
C THR A 28 -8.52 0.95 -4.04
N ASP A 29 -9.01 0.05 -3.21
CA ASP A 29 -10.33 0.22 -2.59
C ASP A 29 -10.32 1.37 -1.59
N CYS A 30 -9.14 1.65 -1.04
CA CYS A 30 -8.99 2.72 -0.07
C CYS A 30 -8.88 4.09 -0.76
N ASN A 31 -7.73 4.34 -1.37
CA ASN A 31 -7.50 5.60 -2.07
C ASN A 31 -6.14 5.59 -2.76
N THR A 32 -5.87 6.65 -3.51
CA THR A 32 -4.60 6.79 -4.22
C THR A 32 -3.45 7.06 -3.26
N ARG A 33 -3.77 7.66 -2.12
CA ARG A 33 -2.76 7.97 -1.12
C ARG A 33 -3.07 7.27 0.21
N LYS A 34 -3.69 6.10 0.12
CA LYS A 34 -4.04 5.33 1.30
C LYS A 34 -3.99 3.83 1.02
N PHE A 35 -3.61 3.05 2.02
CA PHE A 35 -3.52 1.61 1.88
C PHE A 35 -4.54 0.91 2.76
N CYS A 36 -4.72 -0.39 2.53
CA CYS A 36 -5.68 -1.18 3.32
C CYS A 36 -4.97 -1.92 4.45
N LEU A 37 -5.06 -1.37 5.66
CA LEU A 37 -4.43 -1.98 6.82
C LEU A 37 -5.35 -3.01 7.46
N GLN A 38 -4.97 -4.28 7.34
CA GLN A 38 -5.76 -5.37 7.91
C GLN A 38 -4.97 -6.12 8.97
N PRO A 39 -5.05 -5.64 10.22
CA PRO A 39 -4.34 -6.25 11.35
C PRO A 39 -4.92 -7.61 11.73
N ARG A 40 -4.08 -8.48 12.28
CA ARG A 40 -4.51 -9.80 12.69
C ARG A 40 -5.15 -9.77 14.08
N ASP A 41 -4.72 -8.81 14.89
CA ASP A 41 -5.25 -8.66 16.25
C ASP A 41 -6.49 -7.76 16.25
N GLU A 42 -6.59 -6.91 15.24
CA GLU A 42 -7.72 -5.99 15.12
C GLU A 42 -8.45 -6.20 13.80
N LYS A 43 -9.49 -5.38 13.58
CA LYS A 43 -10.28 -5.46 12.35
C LYS A 43 -9.65 -4.63 11.24
N PRO A 44 -10.02 -4.92 9.99
CA PRO A 44 -9.52 -4.19 8.82
C PRO A 44 -10.05 -2.77 8.75
N PHE A 45 -9.21 -1.86 8.24
CA PHE A 45 -9.59 -0.46 8.11
C PHE A 45 -8.63 0.28 7.18
N CYS A 46 -9.03 1.50 6.79
CA CYS A 46 -8.21 2.30 5.89
C CYS A 46 -7.20 3.13 6.70
N ALA A 47 -5.95 3.14 6.24
CA ALA A 47 -4.89 3.89 6.91
C ALA A 47 -4.33 4.98 5.99
N THR A 48 -3.71 5.98 6.59
CA THR A 48 -3.13 7.08 5.83
C THR A 48 -1.65 6.84 5.56
N CYS A 49 -1.07 7.69 4.72
CA CYS A 49 0.35 7.58 4.38
C CYS A 49 1.21 7.49 5.63
N ARG A 50 2.38 6.88 5.50
CA ARG A 50 3.30 6.73 6.63
C ARG A 50 4.39 7.81 6.59
N GLY A 51 5.28 7.77 7.57
CA GLY A 51 6.36 8.74 7.63
C GLY A 51 7.72 8.11 7.46
N LEU A 52 8.71 8.92 7.10
CA LEU A 52 10.07 8.43 6.91
C LEU A 52 10.62 7.82 8.19
N ARG A 53 10.09 8.27 9.32
CA ARG A 53 10.52 7.76 10.62
C ARG A 53 9.58 6.68 11.12
N ARG A 54 8.71 6.19 10.24
CA ARG A 54 7.76 5.15 10.60
C ARG A 54 8.18 3.80 10.03
N ARG A 55 7.89 2.74 10.77
CA ARG A 55 8.24 1.39 10.34
C ARG A 55 7.29 0.89 9.25
N CYS A 56 7.75 -0.06 8.44
CA CYS A 56 6.95 -0.62 7.37
C CYS A 56 7.29 -2.09 7.14
N GLN A 57 6.46 -2.76 6.34
CA GLN A 57 6.67 -4.18 6.05
C GLN A 57 6.67 -4.42 4.54
N ARG A 58 5.80 -3.72 3.84
CA ARG A 58 5.70 -3.86 2.38
C ARG A 58 6.09 -2.57 1.69
N ASP A 59 6.75 -2.70 0.54
CA ASP A 59 7.18 -1.53 -0.23
C ASP A 59 5.98 -0.69 -0.67
N ALA A 60 4.84 -1.36 -0.84
CA ALA A 60 3.61 -0.68 -1.25
C ALA A 60 2.95 0.03 -0.08
N MET A 61 2.97 -0.62 1.08
CA MET A 61 2.37 -0.06 2.28
C MET A 61 2.90 1.35 2.55
N CYS A 62 4.18 1.55 2.28
CA CYS A 62 4.82 2.85 2.50
C CYS A 62 4.20 3.91 1.59
N CYS A 63 4.73 5.12 1.66
CA CYS A 63 4.23 6.23 0.85
C CYS A 63 4.69 6.09 -0.59
N PRO A 64 3.99 6.78 -1.51
CA PRO A 64 4.31 6.75 -2.94
C PRO A 64 5.63 7.48 -3.26
N GLY A 65 6.58 6.74 -3.80
CA GLY A 65 7.87 7.32 -4.14
C GLY A 65 8.93 7.06 -3.09
N THR A 66 8.69 6.04 -2.26
CA THR A 66 9.63 5.68 -1.21
C THR A 66 9.84 4.17 -1.15
N LEU A 67 10.87 3.75 -0.42
CA LEU A 67 11.17 2.33 -0.29
C LEU A 67 11.22 1.92 1.18
N CYS A 68 11.13 0.62 1.43
CA CYS A 68 11.17 0.09 2.79
C CYS A 68 12.58 -0.38 3.16
N VAL A 69 13.31 0.47 3.85
CA VAL A 69 14.67 0.14 4.27
C VAL A 69 14.74 -0.13 5.76
N ASN A 70 15.35 -1.26 6.13
CA ASN A 70 15.48 -1.63 7.53
C ASN A 70 14.13 -1.60 8.23
N ASP A 71 13.09 -2.02 7.52
CA ASP A 71 11.73 -2.04 8.07
C ASP A 71 11.26 -0.62 8.41
N VAL A 72 11.74 0.35 7.64
CA VAL A 72 11.37 1.74 7.85
C VAL A 72 11.29 2.49 6.53
N CYS A 73 10.32 3.40 6.43
CA CYS A 73 10.13 4.18 5.22
C CYS A 73 11.32 5.10 4.97
N THR A 74 12.05 4.82 3.88
CA THR A 74 13.22 5.61 3.53
C THR A 74 13.11 6.15 2.12
N THR A 75 13.54 7.40 1.92
CA THR A 75 13.49 8.04 0.61
C THR A 75 14.36 7.30 -0.38
N MET A 76 13.96 7.34 -1.65
CA MET A 76 14.71 6.67 -2.72
C MET A 76 16.11 7.26 -2.84
N GLU A 77 16.23 8.57 -2.64
CA GLU A 77 17.51 9.24 -2.72
C GLU A 77 18.50 8.67 -1.70
N ASP A 78 18.00 8.37 -0.51
CA ASP A 78 18.83 7.81 0.56
C ASP A 78 19.15 6.35 0.29
N ALA A 79 18.11 5.55 0.06
CA ALA A 79 18.28 4.14 -0.22
C ALA A 79 19.17 3.90 -1.43
N THR A 80 19.35 2.64 -1.81
CA THR A 80 20.18 2.29 -2.96
C THR A 80 21.63 2.69 -2.72
N GLU A 81 22.39 1.78 -2.11
CA GLU A 81 23.80 2.02 -1.82
C GLU A 81 24.65 1.85 -3.08
N ASN A 82 25.60 2.76 -3.27
CA ASN A 82 26.48 2.70 -4.44
C ASN A 82 27.43 1.51 -4.35
N LEU A 83 27.01 0.38 -4.92
CA LEU A 83 27.83 -0.83 -4.90
C LEU A 83 28.05 -1.36 -6.31
N TYR A 84 27.97 -0.46 -7.29
CA TYR A 84 28.16 -0.83 -8.69
C TYR A 84 27.14 -1.89 -9.11
N PHE A 85 27.18 -2.26 -10.38
CA PHE A 85 26.26 -3.25 -10.92
C PHE A 85 26.72 -3.75 -12.29
N GLN A 86 26.07 -4.80 -12.79
CA GLN A 86 26.43 -5.36 -14.09
C GLN A 86 27.85 -5.90 -14.07
N SER A 87 28.02 -7.10 -13.52
CA SER A 87 29.33 -7.72 -13.44
C SER A 87 29.46 -8.84 -14.46
N LEU A 88 29.21 -8.52 -15.73
CA LEU A 88 29.29 -9.50 -16.80
C LEU A 88 30.51 -9.25 -17.67
N GLU A 89 31.28 -10.30 -17.92
CA GLU A 89 32.49 -10.19 -18.74
C GLU A 89 33.08 -11.57 -19.01
N HIS A 90 32.83 -12.09 -20.20
CA HIS A 90 33.35 -13.41 -20.59
C HIS A 90 33.17 -13.63 -22.09
N HIS A 91 34.27 -13.59 -22.83
CA HIS A 91 34.24 -13.80 -24.28
C HIS A 91 35.36 -14.72 -24.72
N HIS A 92 35.00 -15.83 -25.34
CA HIS A 92 35.99 -16.80 -25.82
C HIS A 92 35.50 -17.51 -27.08
N HIS A 93 36.39 -17.67 -28.06
CA HIS A 93 36.04 -18.32 -29.31
C HIS A 93 37.20 -19.20 -29.80
N HIS A 94 36.86 -20.24 -30.55
CA HIS A 94 37.86 -21.16 -31.08
C HIS A 94 38.68 -20.48 -32.18
N HIS A 95 38.01 -20.08 -33.26
CA HIS A 95 38.68 -19.42 -34.38
C HIS A 95 37.67 -18.86 -35.36
N MET A 1 -25.79 -36.00 -53.27
CA MET A 1 -26.18 -34.70 -52.72
C MET A 1 -26.22 -34.75 -51.20
N LEU A 2 -25.22 -34.13 -50.57
CA LEU A 2 -25.13 -34.11 -49.11
C LEU A 2 -24.67 -32.73 -48.62
N VAL A 3 -25.29 -31.69 -49.16
CA VAL A 3 -24.95 -30.32 -48.78
C VAL A 3 -25.47 -30.00 -47.39
N LEU A 4 -24.55 -29.86 -46.42
CA LEU A 4 -24.92 -29.55 -45.06
C LEU A 4 -25.49 -28.14 -44.95
N ASP A 5 -26.42 -27.95 -44.02
CA ASP A 5 -27.05 -26.66 -43.81
C ASP A 5 -26.30 -25.85 -42.74
N PHE A 6 -26.45 -26.26 -41.49
CA PHE A 6 -25.80 -25.59 -40.38
C PHE A 6 -25.71 -26.50 -39.16
N ASN A 7 -24.65 -26.32 -38.37
CA ASN A 7 -24.45 -27.13 -37.18
C ASN A 7 -23.83 -26.30 -36.05
N ASN A 8 -24.60 -25.35 -35.54
CA ASN A 8 -24.14 -24.49 -34.46
C ASN A 8 -25.19 -24.38 -33.36
N ILE A 9 -25.08 -25.24 -32.36
CA ILE A 9 -26.02 -25.23 -31.25
C ILE A 9 -25.29 -25.21 -29.90
N ARG A 10 -25.13 -24.02 -29.34
CA ARG A 10 -24.44 -23.87 -28.07
C ARG A 10 -25.21 -22.93 -27.15
N SER A 11 -25.13 -23.18 -25.85
CA SER A 11 -25.82 -22.37 -24.86
C SER A 11 -24.97 -22.17 -23.62
N SER A 12 -24.81 -20.91 -23.20
CA SER A 12 -24.01 -20.59 -22.02
C SER A 12 -24.36 -19.20 -21.50
N ALA A 13 -24.30 -19.04 -20.19
CA ALA A 13 -24.60 -17.75 -19.55
C ALA A 13 -24.07 -17.71 -18.12
N ASP A 14 -24.69 -18.50 -17.25
CA ASP A 14 -24.28 -18.55 -15.85
C ASP A 14 -24.49 -17.20 -15.17
N LEU A 15 -24.50 -17.20 -13.85
CA LEU A 15 -24.69 -15.98 -13.08
C LEU A 15 -24.46 -16.22 -11.59
N HIS A 16 -23.86 -15.23 -10.92
CA HIS A 16 -23.57 -15.34 -9.50
C HIS A 16 -23.32 -13.96 -8.89
N GLY A 17 -22.90 -13.95 -7.64
CA GLY A 17 -22.62 -12.69 -6.95
C GLY A 17 -21.37 -12.75 -6.12
N ALA A 18 -20.74 -11.59 -5.91
CA ALA A 18 -19.51 -11.51 -5.12
C ALA A 18 -19.69 -10.58 -3.93
N ARG A 19 -19.63 -11.15 -2.73
CA ARG A 19 -19.79 -10.36 -1.51
C ARG A 19 -18.84 -10.86 -0.42
N LYS A 20 -18.68 -10.07 0.63
CA LYS A 20 -17.81 -10.42 1.74
C LYS A 20 -17.93 -9.41 2.88
N GLY A 21 -17.90 -9.91 4.12
CA GLY A 21 -18.00 -9.04 5.27
C GLY A 21 -16.68 -8.36 5.60
N SER A 22 -16.33 -7.34 4.82
CA SER A 22 -15.09 -6.61 5.04
C SER A 22 -15.28 -5.13 4.76
N GLN A 23 -14.34 -4.31 5.25
CA GLN A 23 -14.40 -2.87 5.06
C GLN A 23 -13.92 -2.49 3.66
N CYS A 24 -12.86 -3.16 3.21
CA CYS A 24 -12.30 -2.90 1.89
C CYS A 24 -11.71 -4.15 1.28
N LEU A 25 -11.87 -4.30 -0.03
CA LEU A 25 -11.34 -5.47 -0.73
C LEU A 25 -9.84 -5.34 -0.97
N SER A 26 -9.38 -4.12 -1.18
CA SER A 26 -7.97 -3.85 -1.41
C SER A 26 -7.66 -2.37 -1.29
N ASP A 27 -6.38 -2.03 -1.39
CA ASP A 27 -5.94 -0.64 -1.29
C ASP A 27 -6.68 0.24 -2.31
N THR A 28 -7.11 -0.38 -3.40
CA THR A 28 -7.83 0.34 -4.45
C THR A 28 -9.06 1.04 -3.90
N ASP A 29 -9.62 0.47 -2.82
CA ASP A 29 -10.81 1.05 -2.20
C ASP A 29 -10.47 2.36 -1.50
N CYS A 30 -9.23 2.48 -1.04
CA CYS A 30 -8.78 3.69 -0.35
C CYS A 30 -8.07 4.63 -1.31
N ASN A 31 -7.84 5.86 -0.87
CA ASN A 31 -7.16 6.86 -1.68
C ASN A 31 -5.81 6.34 -2.17
N THR A 32 -5.27 6.96 -3.21
CA THR A 32 -3.99 6.57 -3.78
C THR A 32 -2.87 6.77 -2.76
N ARG A 33 -3.08 7.70 -1.83
CA ARG A 33 -2.08 7.98 -0.80
C ARG A 33 -2.43 7.28 0.50
N LYS A 34 -3.14 6.16 0.40
CA LYS A 34 -3.54 5.40 1.57
C LYS A 34 -3.66 3.91 1.23
N PHE A 35 -3.42 3.06 2.23
CA PHE A 35 -3.52 1.62 2.04
C PHE A 35 -4.59 1.01 2.94
N CYS A 36 -4.84 -0.27 2.77
CA CYS A 36 -5.84 -0.97 3.56
C CYS A 36 -5.18 -1.85 4.62
N LEU A 37 -5.10 -1.33 5.84
CA LEU A 37 -4.49 -2.05 6.95
C LEU A 37 -5.46 -3.07 7.52
N GLN A 38 -4.99 -4.32 7.65
CA GLN A 38 -5.81 -5.40 8.19
C GLN A 38 -5.11 -6.11 9.33
N PRO A 39 -5.29 -5.59 10.55
CA PRO A 39 -4.67 -6.16 11.76
C PRO A 39 -5.27 -7.51 12.14
N ARG A 40 -4.49 -8.34 12.81
CA ARG A 40 -4.94 -9.66 13.22
C ARG A 40 -5.73 -9.57 14.53
N ASP A 41 -5.37 -8.60 15.36
CA ASP A 41 -6.04 -8.41 16.65
C ASP A 41 -7.27 -7.52 16.49
N GLU A 42 -7.27 -6.70 15.44
CA GLU A 42 -8.38 -5.80 15.18
C GLU A 42 -9.00 -6.08 13.81
N LYS A 43 -10.03 -5.31 13.47
CA LYS A 43 -10.72 -5.47 12.19
C LYS A 43 -10.07 -4.60 11.12
N PRO A 44 -10.33 -4.95 9.85
CA PRO A 44 -9.80 -4.21 8.70
C PRO A 44 -10.42 -2.83 8.56
N PHE A 45 -9.58 -1.85 8.23
CA PHE A 45 -10.06 -0.47 8.06
C PHE A 45 -9.06 0.35 7.25
N CYS A 46 -9.51 1.50 6.74
CA CYS A 46 -8.66 2.37 5.96
C CYS A 46 -7.74 3.20 6.87
N ALA A 47 -6.44 3.04 6.68
CA ALA A 47 -5.46 3.77 7.47
C ALA A 47 -4.65 4.72 6.60
N THR A 48 -4.08 5.75 7.23
CA THR A 48 -3.27 6.73 6.50
C THR A 48 -1.91 6.15 6.13
N CYS A 49 -1.19 6.86 5.26
CA CYS A 49 0.13 6.43 4.83
C CYS A 49 1.14 6.54 5.96
N ARG A 50 2.25 5.82 5.83
CA ARG A 50 3.29 5.83 6.85
C ARG A 50 4.38 6.84 6.49
N GLY A 51 4.87 7.56 7.49
CA GLY A 51 5.91 8.55 7.27
C GLY A 51 7.28 7.93 7.11
N LEU A 52 8.28 8.75 6.80
CA LEU A 52 9.64 8.27 6.63
C LEU A 52 10.20 7.73 7.93
N ARG A 53 9.67 8.23 9.05
CA ARG A 53 10.11 7.79 10.37
C ARG A 53 9.25 6.64 10.89
N ARG A 54 8.44 6.08 10.00
CA ARG A 54 7.55 4.98 10.37
C ARG A 54 8.08 3.65 9.83
N ARG A 55 7.92 2.60 10.61
CA ARG A 55 8.37 1.27 10.21
C ARG A 55 7.51 0.71 9.08
N CYS A 56 8.08 -0.23 8.33
CA CYS A 56 7.37 -0.84 7.21
C CYS A 56 7.88 -2.26 6.95
N GLN A 57 7.01 -3.09 6.39
CA GLN A 57 7.39 -4.48 6.09
C GLN A 57 7.57 -4.68 4.59
N ARG A 58 6.90 -3.85 3.80
CA ARG A 58 6.99 -3.93 2.34
C ARG A 58 7.16 -2.54 1.74
N ASP A 59 7.65 -2.51 0.50
CA ASP A 59 7.86 -1.24 -0.20
C ASP A 59 6.55 -0.71 -0.78
N ALA A 60 5.62 -1.62 -1.04
CA ALA A 60 4.32 -1.25 -1.59
C ALA A 60 3.47 -0.52 -0.57
N MET A 61 3.45 -1.05 0.65
CA MET A 61 2.67 -0.45 1.73
C MET A 61 3.13 0.98 2.00
N CYS A 62 4.36 1.29 1.60
CA CYS A 62 4.92 2.62 1.80
C CYS A 62 4.53 3.55 0.65
N CYS A 63 4.33 4.82 0.98
CA CYS A 63 3.96 5.83 -0.02
C CYS A 63 4.91 5.79 -1.21
N PRO A 64 4.46 6.35 -2.34
CA PRO A 64 5.26 6.40 -3.57
C PRO A 64 6.44 7.36 -3.46
N GLY A 65 7.50 7.08 -4.21
CA GLY A 65 8.67 7.92 -4.17
C GLY A 65 9.70 7.45 -3.17
N THR A 66 9.26 6.64 -2.21
CA THR A 66 10.14 6.12 -1.19
C THR A 66 10.25 4.60 -1.27
N LEU A 67 11.14 4.02 -0.47
CA LEU A 67 11.35 2.58 -0.45
C LEU A 67 11.54 2.08 0.98
N CYS A 68 11.04 0.88 1.25
CA CYS A 68 11.16 0.28 2.57
C CYS A 68 12.59 -0.20 2.83
N VAL A 69 13.30 0.52 3.68
CA VAL A 69 14.68 0.17 4.01
C VAL A 69 14.87 0.04 5.51
N ASN A 70 15.57 -1.00 5.93
CA ASN A 70 15.83 -1.24 7.34
C ASN A 70 14.53 -1.29 8.13
N ASP A 71 13.48 -1.83 7.51
CA ASP A 71 12.18 -1.94 8.16
C ASP A 71 11.60 -0.56 8.44
N VAL A 72 12.01 0.43 7.66
CA VAL A 72 11.54 1.80 7.83
C VAL A 72 11.42 2.50 6.49
N CYS A 73 10.35 3.28 6.33
CA CYS A 73 10.12 4.02 5.10
C CYS A 73 11.26 5.00 4.83
N THR A 74 12.10 4.68 3.85
CA THR A 74 13.23 5.54 3.50
C THR A 74 13.17 5.95 2.04
N THR A 75 13.20 7.25 1.80
CA THR A 75 13.15 7.79 0.44
C THR A 75 14.21 7.14 -0.45
N MET A 76 13.89 6.98 -1.72
CA MET A 76 14.83 6.37 -2.68
C MET A 76 16.11 7.19 -2.77
N GLU A 77 15.98 8.51 -2.74
CA GLU A 77 17.13 9.40 -2.82
C GLU A 77 18.07 9.18 -1.63
N ASP A 78 17.48 8.85 -0.48
CA ASP A 78 18.26 8.62 0.73
C ASP A 78 18.86 7.23 0.73
N ALA A 79 18.14 6.27 0.17
CA ALA A 79 18.60 4.89 0.12
C ALA A 79 19.99 4.81 -0.49
N THR A 80 20.16 5.43 -1.66
CA THR A 80 21.45 5.43 -2.35
C THR A 80 21.84 6.84 -2.79
N GLU A 81 22.81 7.43 -2.11
CA GLU A 81 23.27 8.77 -2.44
C GLU A 81 24.39 8.72 -3.47
N ASN A 82 24.73 9.88 -4.01
CA ASN A 82 25.80 9.98 -5.01
C ASN A 82 27.12 9.46 -4.45
N LEU A 83 27.96 8.91 -5.32
CA LEU A 83 29.25 8.39 -4.91
C LEU A 83 30.39 9.30 -5.36
N TYR A 84 31.54 9.17 -4.71
CA TYR A 84 32.70 9.99 -5.05
C TYR A 84 33.95 9.44 -4.38
N PHE A 85 35.11 9.69 -5.01
CA PHE A 85 36.38 9.22 -4.48
C PHE A 85 37.34 10.38 -4.26
N GLN A 86 36.78 11.56 -3.99
CA GLN A 86 37.59 12.75 -3.76
C GLN A 86 38.43 13.08 -4.98
N SER A 87 39.30 14.08 -4.86
CA SER A 87 40.16 14.49 -5.95
C SER A 87 41.62 14.19 -5.64
N LEU A 88 42.19 13.22 -6.34
CA LEU A 88 43.58 12.83 -6.13
C LEU A 88 44.34 12.79 -7.46
N GLU A 89 45.67 12.85 -7.37
CA GLU A 89 46.50 12.82 -8.56
C GLU A 89 47.91 12.32 -8.23
N HIS A 90 48.55 11.69 -9.21
CA HIS A 90 49.91 11.18 -9.03
C HIS A 90 50.89 11.88 -9.95
N HIS A 91 52.16 11.92 -9.53
CA HIS A 91 53.20 12.56 -10.33
C HIS A 91 54.54 11.85 -10.14
N HIS A 92 55.35 11.84 -11.20
CA HIS A 92 56.65 11.19 -11.15
C HIS A 92 57.50 11.59 -12.36
N HIS A 93 58.79 11.80 -12.13
CA HIS A 93 59.71 12.18 -13.20
C HIS A 93 61.09 11.61 -12.96
N HIS A 94 61.79 12.18 -11.98
CA HIS A 94 63.14 11.73 -11.64
C HIS A 94 64.07 11.82 -12.86
N HIS A 95 65.31 11.39 -12.68
CA HIS A 95 66.29 11.43 -13.76
C HIS A 95 66.84 10.03 -14.05
N MET A 1 -42.49 -29.01 -55.39
CA MET A 1 -41.68 -27.99 -54.72
C MET A 1 -41.11 -28.53 -53.41
N LEU A 2 -42.00 -29.04 -52.55
CA LEU A 2 -41.58 -29.59 -51.27
C LEU A 2 -40.91 -28.51 -50.41
N VAL A 3 -41.67 -27.93 -49.50
CA VAL A 3 -41.15 -26.89 -48.61
C VAL A 3 -40.05 -27.44 -47.71
N LEU A 4 -39.04 -26.61 -47.46
CA LEU A 4 -37.92 -27.01 -46.61
C LEU A 4 -38.29 -26.89 -45.14
N ASP A 5 -37.91 -27.90 -44.35
CA ASP A 5 -38.20 -27.91 -42.93
C ASP A 5 -37.33 -26.89 -42.20
N PHE A 6 -37.47 -26.84 -40.87
CA PHE A 6 -36.71 -25.91 -40.06
C PHE A 6 -36.34 -26.54 -38.72
N ASN A 7 -35.56 -25.81 -37.92
CA ASN A 7 -35.13 -26.29 -36.61
C ASN A 7 -34.53 -25.17 -35.78
N ASN A 8 -34.32 -25.44 -34.50
CA ASN A 8 -33.75 -24.44 -33.59
C ASN A 8 -33.29 -25.09 -32.30
N ILE A 9 -32.34 -24.44 -31.62
CA ILE A 9 -31.81 -24.96 -30.37
C ILE A 9 -32.05 -23.97 -29.22
N ARG A 10 -31.88 -22.69 -29.53
CA ARG A 10 -32.07 -21.64 -28.53
C ARG A 10 -31.08 -21.80 -27.37
N SER A 11 -31.09 -20.84 -26.46
CA SER A 11 -30.19 -20.88 -25.31
C SER A 11 -30.68 -19.92 -24.22
N SER A 12 -30.49 -20.32 -22.96
CA SER A 12 -30.91 -19.50 -21.82
C SER A 12 -29.70 -18.95 -21.08
N ALA A 13 -29.95 -18.19 -20.01
CA ALA A 13 -28.89 -17.61 -19.22
C ALA A 13 -29.37 -17.31 -17.81
N ASP A 14 -28.50 -16.68 -17.02
CA ASP A 14 -28.84 -16.33 -15.64
C ASP A 14 -28.29 -14.95 -15.29
N LEU A 15 -29.01 -14.24 -14.42
CA LEU A 15 -28.60 -12.91 -13.99
C LEU A 15 -28.90 -12.69 -12.51
N HIS A 16 -28.73 -11.45 -12.06
CA HIS A 16 -28.99 -11.11 -10.67
C HIS A 16 -28.11 -11.94 -9.73
N GLY A 17 -26.93 -11.42 -9.42
CA GLY A 17 -26.02 -12.13 -8.54
C GLY A 17 -24.82 -11.29 -8.15
N ALA A 18 -24.77 -10.88 -6.88
CA ALA A 18 -23.66 -10.06 -6.39
C ALA A 18 -23.09 -10.64 -5.10
N ARG A 19 -21.79 -10.89 -5.10
CA ARG A 19 -21.12 -11.44 -3.93
C ARG A 19 -19.90 -10.60 -3.54
N LYS A 20 -19.86 -10.17 -2.29
CA LYS A 20 -18.76 -9.36 -1.79
C LYS A 20 -17.72 -10.22 -1.08
N GLY A 21 -16.75 -9.56 -0.46
CA GLY A 21 -15.71 -10.30 0.26
C GLY A 21 -14.93 -9.41 1.21
N SER A 22 -15.25 -9.50 2.50
CA SER A 22 -14.58 -8.70 3.51
C SER A 22 -14.77 -7.21 3.24
N GLN A 23 -14.08 -6.38 4.01
CA GLN A 23 -14.17 -4.93 3.86
C GLN A 23 -13.60 -4.50 2.52
N CYS A 24 -12.56 -5.19 2.07
CA CYS A 24 -11.92 -4.87 0.81
C CYS A 24 -11.15 -6.08 0.27
N LEU A 25 -11.19 -6.27 -1.05
CA LEU A 25 -10.51 -7.38 -1.69
C LEU A 25 -9.05 -7.03 -1.98
N SER A 26 -8.79 -5.74 -2.16
CA SER A 26 -7.44 -5.26 -2.45
C SER A 26 -7.28 -3.80 -2.05
N ASP A 27 -6.04 -3.38 -1.84
CA ASP A 27 -5.74 -2.00 -1.44
C ASP A 27 -6.36 -1.02 -2.44
N THR A 28 -6.51 -1.47 -3.69
CA THR A 28 -7.07 -0.62 -4.73
C THR A 28 -8.46 -0.12 -4.34
N ASP A 29 -9.13 -0.86 -3.48
CA ASP A 29 -10.47 -0.51 -3.02
C ASP A 29 -10.40 0.66 -2.04
N CYS A 30 -9.30 0.77 -1.32
CA CYS A 30 -9.11 1.84 -0.35
C CYS A 30 -9.02 3.20 -1.05
N ASN A 31 -8.58 3.19 -2.29
CA ASN A 31 -8.45 4.42 -3.07
C ASN A 31 -7.43 5.35 -2.43
N THR A 32 -7.00 6.36 -3.19
CA THR A 32 -6.03 7.33 -2.70
C THR A 32 -4.71 6.66 -2.36
N ARG A 33 -3.75 7.45 -1.91
CA ARG A 33 -2.42 6.93 -1.56
C ARG A 33 -2.45 6.26 -0.19
N LYS A 34 -3.25 5.20 -0.08
CA LYS A 34 -3.37 4.47 1.17
C LYS A 34 -3.59 2.98 0.92
N PHE A 35 -3.23 2.15 1.89
CA PHE A 35 -3.39 0.71 1.77
C PHE A 35 -4.57 0.22 2.61
N CYS A 36 -4.90 -1.05 2.45
CA CYS A 36 -6.02 -1.65 3.19
C CYS A 36 -5.52 -2.31 4.48
N LEU A 37 -5.56 -1.54 5.56
CA LEU A 37 -5.12 -2.05 6.85
C LEU A 37 -6.18 -2.95 7.48
N GLN A 38 -5.77 -4.14 7.90
CA GLN A 38 -6.68 -5.09 8.51
C GLN A 38 -6.07 -5.69 9.78
N PRO A 39 -6.28 -5.02 10.91
CA PRO A 39 -5.76 -5.46 12.21
C PRO A 39 -6.47 -6.71 12.71
N ARG A 40 -5.76 -7.52 13.50
CA ARG A 40 -6.31 -8.75 14.05
C ARG A 40 -7.13 -8.46 15.31
N ASP A 41 -6.72 -7.44 16.05
CA ASP A 41 -7.41 -7.06 17.28
C ASP A 41 -8.57 -6.11 16.98
N GLU A 42 -8.50 -5.42 15.85
CA GLU A 42 -9.55 -4.49 15.45
C GLU A 42 -10.13 -4.86 14.09
N LYS A 43 -11.06 -4.06 13.61
CA LYS A 43 -11.70 -4.31 12.33
C LYS A 43 -10.90 -3.68 11.19
N PRO A 44 -11.13 -4.15 9.96
CA PRO A 44 -10.45 -3.65 8.77
C PRO A 44 -10.88 -2.23 8.41
N PHE A 45 -9.92 -1.40 8.01
CA PHE A 45 -10.20 -0.03 7.63
C PHE A 45 -8.98 0.62 6.96
N CYS A 46 -9.21 1.76 6.32
CA CYS A 46 -8.13 2.47 5.64
C CYS A 46 -7.25 3.21 6.65
N ALA A 47 -5.94 3.24 6.38
CA ALA A 47 -5.00 3.90 7.26
C ALA A 47 -3.90 4.59 6.46
N THR A 48 -3.54 5.80 6.86
CA THR A 48 -2.50 6.57 6.19
C THR A 48 -1.23 5.74 6.02
N CYS A 49 -0.39 6.14 5.08
CA CYS A 49 0.87 5.44 4.82
C CYS A 49 1.87 5.68 5.95
N ARG A 50 2.67 4.66 6.25
CA ARG A 50 3.67 4.76 7.31
C ARG A 50 4.68 5.85 7.01
N GLY A 51 4.98 6.68 8.01
CA GLY A 51 5.93 7.76 7.82
C GLY A 51 7.32 7.25 7.48
N LEU A 52 8.30 8.15 7.52
CA LEU A 52 9.67 7.79 7.20
C LEU A 52 10.29 6.95 8.32
N ARG A 53 10.36 7.52 9.51
CA ARG A 53 10.93 6.81 10.65
C ARG A 53 10.19 5.50 10.91
N ARG A 54 8.94 5.44 10.47
CA ARG A 54 8.12 4.25 10.64
C ARG A 54 8.73 3.06 9.91
N ARG A 55 8.49 1.86 10.43
CA ARG A 55 9.01 0.64 9.82
C ARG A 55 8.12 0.17 8.68
N CYS A 56 8.72 -0.54 7.74
CA CYS A 56 7.97 -1.05 6.58
C CYS A 56 8.43 -2.47 6.23
N GLN A 57 7.52 -3.23 5.61
CA GLN A 57 7.82 -4.60 5.23
C GLN A 57 7.80 -4.75 3.71
N ARG A 58 7.04 -3.89 3.04
CA ARG A 58 6.93 -3.93 1.59
C ARG A 58 7.26 -2.57 0.98
N ASP A 59 7.66 -2.58 -0.29
CA ASP A 59 8.01 -1.36 -0.98
C ASP A 59 6.80 -0.42 -1.09
N ALA A 60 5.66 -0.99 -1.47
CA ALA A 60 4.43 -0.21 -1.61
C ALA A 60 3.90 0.21 -0.24
N MET A 61 4.16 -0.60 0.77
CA MET A 61 3.70 -0.32 2.13
C MET A 61 4.14 1.07 2.56
N CYS A 62 5.30 1.50 2.08
CA CYS A 62 5.84 2.81 2.43
C CYS A 62 5.07 3.91 1.70
N CYS A 63 5.13 5.12 2.26
CA CYS A 63 4.43 6.26 1.67
C CYS A 63 4.82 6.44 0.20
N PRO A 64 3.97 7.15 -0.55
CA PRO A 64 4.20 7.40 -1.98
C PRO A 64 5.38 8.34 -2.23
N GLY A 65 6.39 7.84 -2.93
CA GLY A 65 7.55 8.64 -3.22
C GLY A 65 8.77 8.23 -2.40
N THR A 66 8.57 7.29 -1.49
CA THR A 66 9.65 6.81 -0.64
C THR A 66 9.93 5.32 -0.90
N LEU A 67 10.98 4.81 -0.27
CA LEU A 67 11.35 3.41 -0.43
C LEU A 67 11.56 2.75 0.93
N CYS A 68 11.56 1.42 0.93
CA CYS A 68 11.76 0.66 2.16
C CYS A 68 13.20 0.17 2.28
N VAL A 69 13.87 0.62 3.34
CA VAL A 69 15.26 0.23 3.57
C VAL A 69 15.47 -0.25 5.01
N ASN A 70 16.01 -1.44 5.16
CA ASN A 70 16.26 -2.01 6.48
C ASN A 70 14.98 -2.04 7.31
N ASP A 71 13.88 -2.38 6.68
CA ASP A 71 12.59 -2.43 7.36
C ASP A 71 12.18 -1.06 7.86
N VAL A 72 12.71 -0.02 7.23
CA VAL A 72 12.40 1.35 7.62
C VAL A 72 12.17 2.23 6.40
N CYS A 73 11.14 3.06 6.46
CA CYS A 73 10.81 3.96 5.36
C CYS A 73 11.88 5.04 5.20
N THR A 74 12.16 5.40 3.95
CA THR A 74 13.17 6.42 3.65
C THR A 74 12.88 7.11 2.33
N THR A 75 13.49 8.27 2.13
CA THR A 75 13.30 9.03 0.90
C THR A 75 14.04 8.40 -0.26
N MET A 76 13.47 8.48 -1.46
CA MET A 76 14.08 7.91 -2.65
C MET A 76 15.49 8.46 -2.86
N GLU A 77 15.69 9.73 -2.46
CA GLU A 77 16.99 10.37 -2.61
C GLU A 77 18.02 9.72 -1.70
N ASP A 78 17.55 9.14 -0.60
CA ASP A 78 18.43 8.48 0.36
C ASP A 78 18.67 7.03 -0.03
N ALA A 79 17.60 6.31 -0.32
CA ALA A 79 17.69 4.90 -0.71
C ALA A 79 18.55 4.74 -1.96
N THR A 80 18.48 5.72 -2.86
CA THR A 80 19.25 5.67 -4.09
C THR A 80 19.34 7.05 -4.73
N GLU A 81 20.53 7.64 -4.70
CA GLU A 81 20.74 8.96 -5.27
C GLU A 81 20.66 8.91 -6.79
N ASN A 82 20.27 10.03 -7.40
CA ASN A 82 20.15 10.12 -8.84
C ASN A 82 21.25 11.01 -9.44
N LEU A 83 21.41 10.92 -10.75
CA LEU A 83 22.43 11.71 -11.43
C LEU A 83 22.22 11.67 -12.95
N TYR A 84 22.71 12.70 -13.63
CA TYR A 84 22.58 12.79 -15.09
C TYR A 84 23.50 11.80 -15.78
N PHE A 85 23.51 11.85 -17.11
CA PHE A 85 24.35 10.94 -17.90
C PHE A 85 25.64 11.65 -18.33
N GLN A 86 26.76 11.22 -17.76
CA GLN A 86 28.05 11.81 -18.10
C GLN A 86 28.95 10.80 -18.80
N SER A 87 28.88 10.78 -20.13
CA SER A 87 29.69 9.85 -20.92
C SER A 87 30.26 10.55 -22.15
N LEU A 88 31.49 10.20 -22.50
CA LEU A 88 32.15 10.78 -23.66
C LEU A 88 32.06 9.86 -24.87
N GLU A 89 31.16 10.20 -25.79
CA GLU A 89 30.97 9.40 -26.99
C GLU A 89 32.16 9.55 -27.95
N HIS A 90 32.40 8.53 -28.75
CA HIS A 90 33.50 8.55 -29.71
C HIS A 90 32.99 8.33 -31.14
N HIS A 91 33.90 8.40 -32.09
CA HIS A 91 33.55 8.21 -33.50
C HIS A 91 34.63 7.44 -34.23
N HIS A 92 34.29 6.91 -35.40
CA HIS A 92 35.24 6.15 -36.21
C HIS A 92 35.91 7.04 -37.25
N HIS A 93 37.23 6.98 -37.30
CA HIS A 93 38.00 7.78 -38.24
C HIS A 93 37.89 7.21 -39.66
N HIS A 94 38.67 7.77 -40.58
CA HIS A 94 38.66 7.31 -41.97
C HIS A 94 40.07 7.17 -42.51
N HIS A 95 40.28 6.15 -43.33
CA HIS A 95 41.61 5.90 -43.91
C HIS A 95 42.66 5.79 -42.83
N MET A 1 -51.21 -32.18 -43.50
CA MET A 1 -51.22 -31.80 -42.10
C MET A 1 -49.82 -31.41 -41.64
N LEU A 2 -49.41 -30.20 -41.98
CA LEU A 2 -48.09 -29.70 -41.61
C LEU A 2 -48.20 -28.54 -40.62
N VAL A 3 -48.42 -28.88 -39.35
CA VAL A 3 -48.55 -27.87 -38.31
C VAL A 3 -47.24 -27.10 -38.12
N LEU A 4 -47.35 -25.77 -38.05
CA LEU A 4 -46.17 -24.93 -37.87
C LEU A 4 -45.85 -24.75 -36.39
N ASP A 5 -44.63 -25.10 -36.01
CA ASP A 5 -44.19 -24.97 -34.62
C ASP A 5 -42.95 -24.09 -34.52
N PHE A 6 -42.89 -23.28 -33.46
CA PHE A 6 -41.76 -22.39 -33.24
C PHE A 6 -41.47 -22.23 -31.76
N ASN A 7 -42.48 -21.88 -30.99
CA ASN A 7 -42.33 -21.70 -29.55
C ASN A 7 -41.32 -20.60 -29.24
N ASN A 8 -41.23 -20.22 -27.97
CA ASN A 8 -40.30 -19.19 -27.55
C ASN A 8 -39.34 -19.72 -26.49
N ILE A 9 -38.43 -20.60 -26.90
CA ILE A 9 -37.46 -21.17 -25.99
C ILE A 9 -36.38 -20.15 -25.60
N ARG A 10 -35.65 -20.45 -24.54
CA ARG A 10 -34.60 -19.56 -24.07
C ARG A 10 -33.33 -20.34 -23.74
N SER A 11 -32.31 -19.64 -23.25
CA SER A 11 -31.04 -20.27 -22.91
C SER A 11 -30.10 -19.26 -22.26
N SER A 12 -28.86 -19.69 -22.01
CA SER A 12 -27.87 -18.83 -21.38
C SER A 12 -28.36 -18.34 -20.03
N ALA A 13 -27.60 -17.42 -19.42
CA ALA A 13 -27.95 -16.87 -18.12
C ALA A 13 -27.20 -15.56 -17.87
N ASP A 14 -27.52 -14.92 -16.75
CA ASP A 14 -26.89 -13.66 -16.39
C ASP A 14 -25.54 -13.90 -15.72
N LEU A 15 -25.53 -14.78 -14.73
CA LEU A 15 -24.30 -15.11 -14.00
C LEU A 15 -23.65 -13.85 -13.45
N HIS A 16 -24.40 -13.07 -12.68
CA HIS A 16 -23.90 -11.84 -12.09
C HIS A 16 -24.47 -11.62 -10.69
N GLY A 17 -23.58 -11.47 -9.72
CA GLY A 17 -24.03 -11.27 -8.35
C GLY A 17 -23.11 -11.93 -7.33
N ALA A 18 -21.99 -11.29 -7.04
CA ALA A 18 -21.03 -11.82 -6.09
C ALA A 18 -20.87 -10.88 -4.89
N ARG A 19 -21.08 -11.41 -3.70
CA ARG A 19 -20.97 -10.62 -2.48
C ARG A 19 -19.69 -10.99 -1.72
N LYS A 20 -18.97 -9.97 -1.24
CA LYS A 20 -17.74 -10.18 -0.50
C LYS A 20 -17.76 -9.42 0.83
N GLY A 21 -16.99 -9.92 1.80
CA GLY A 21 -16.94 -9.28 3.09
C GLY A 21 -15.69 -8.45 3.28
N SER A 22 -15.11 -8.00 2.18
CA SER A 22 -13.90 -7.19 2.22
C SER A 22 -14.20 -5.72 1.96
N GLN A 23 -13.89 -4.88 2.94
CA GLN A 23 -14.14 -3.45 2.81
C GLN A 23 -13.39 -2.87 1.61
N CYS A 24 -12.20 -3.39 1.36
CA CYS A 24 -11.39 -2.93 0.24
C CYS A 24 -10.61 -4.08 -0.38
N LEU A 25 -10.46 -4.05 -1.70
CA LEU A 25 -9.74 -5.09 -2.42
C LEU A 25 -8.25 -4.77 -2.48
N SER A 26 -7.92 -3.48 -2.48
CA SER A 26 -6.53 -3.05 -2.54
C SER A 26 -6.37 -1.67 -1.91
N ASP A 27 -5.15 -1.14 -1.96
CA ASP A 27 -4.87 0.17 -1.40
C ASP A 27 -5.50 1.29 -2.24
N THR A 28 -5.50 1.08 -3.56
CA THR A 28 -6.07 2.06 -4.47
C THR A 28 -7.52 2.37 -4.12
N ASP A 29 -8.19 1.41 -3.50
CA ASP A 29 -9.58 1.57 -3.10
C ASP A 29 -9.71 2.58 -1.97
N CYS A 30 -8.64 2.72 -1.18
CA CYS A 30 -8.63 3.66 -0.06
C CYS A 30 -8.60 5.10 -0.56
N ASN A 31 -7.51 5.45 -1.24
CA ASN A 31 -7.34 6.80 -1.76
C ASN A 31 -6.03 6.94 -2.54
N THR A 32 -5.75 8.14 -3.02
CA THR A 32 -4.54 8.39 -3.78
C THR A 32 -3.33 8.52 -2.86
N ARG A 33 -3.57 8.99 -1.64
CA ARG A 33 -2.51 9.17 -0.66
C ARG A 33 -2.76 8.32 0.58
N LYS A 34 -3.48 7.22 0.39
CA LYS A 34 -3.79 6.32 1.50
C LYS A 34 -3.74 4.86 1.05
N PHE A 35 -3.66 3.95 2.00
CA PHE A 35 -3.60 2.52 1.69
C PHE A 35 -4.45 1.72 2.68
N CYS A 36 -4.61 0.43 2.40
CA CYS A 36 -5.40 -0.45 3.25
C CYS A 36 -4.51 -1.30 4.14
N LEU A 37 -4.51 -0.99 5.44
CA LEU A 37 -3.69 -1.72 6.40
C LEU A 37 -4.45 -2.93 6.94
N GLN A 38 -3.79 -4.08 6.94
CA GLN A 38 -4.40 -5.32 7.43
C GLN A 38 -3.61 -5.88 8.60
N PRO A 39 -3.96 -5.42 9.82
CA PRO A 39 -3.29 -5.87 11.04
C PRO A 39 -3.62 -7.32 11.39
N ARG A 40 -2.69 -7.99 12.06
CA ARG A 40 -2.88 -9.38 12.44
C ARG A 40 -3.68 -9.48 13.74
N ASP A 41 -3.38 -8.58 14.68
CA ASP A 41 -4.07 -8.57 15.96
C ASP A 41 -5.44 -7.89 15.84
N GLU A 42 -5.59 -7.05 14.82
CA GLU A 42 -6.84 -6.33 14.59
C GLU A 42 -7.41 -6.68 13.24
N LYS A 43 -8.54 -6.05 12.89
CA LYS A 43 -9.20 -6.30 11.62
C LYS A 43 -8.67 -5.35 10.55
N PRO A 44 -8.89 -5.71 9.27
CA PRO A 44 -8.43 -4.90 8.14
C PRO A 44 -9.23 -3.60 8.00
N PHE A 45 -8.52 -2.49 7.84
CA PHE A 45 -9.15 -1.18 7.69
C PHE A 45 -8.30 -0.25 6.84
N CYS A 46 -8.82 0.94 6.58
CA CYS A 46 -8.11 1.93 5.78
C CYS A 46 -7.20 2.79 6.65
N ALA A 47 -5.95 2.95 6.22
CA ALA A 47 -4.98 3.75 6.96
C ALA A 47 -4.44 4.87 6.10
N THR A 48 -3.70 5.78 6.73
CA THR A 48 -3.12 6.92 6.03
C THR A 48 -1.64 6.68 5.71
N CYS A 49 -1.09 7.51 4.83
CA CYS A 49 0.32 7.38 4.45
C CYS A 49 1.22 7.41 5.68
N ARG A 50 2.39 6.81 5.55
CA ARG A 50 3.35 6.76 6.65
C ARG A 50 4.58 7.61 6.33
N GLY A 51 5.06 8.34 7.34
CA GLY A 51 6.22 9.19 7.16
C GLY A 51 7.50 8.40 7.00
N LEU A 52 8.61 9.09 6.82
CA LEU A 52 9.91 8.45 6.66
C LEU A 52 10.37 7.83 7.97
N ARG A 53 9.90 8.39 9.09
CA ARG A 53 10.27 7.89 10.41
C ARG A 53 9.33 6.77 10.85
N ARG A 54 8.15 6.72 10.25
CA ARG A 54 7.16 5.70 10.57
C ARG A 54 7.65 4.31 10.14
N ARG A 55 7.27 3.29 10.90
CA ARG A 55 7.66 1.93 10.59
C ARG A 55 6.74 1.31 9.54
N CYS A 56 7.26 0.36 8.79
CA CYS A 56 6.48 -0.32 7.76
C CYS A 56 6.81 -1.80 7.70
N GLN A 57 6.03 -2.55 6.93
CA GLN A 57 6.22 -3.99 6.80
C GLN A 57 6.28 -4.40 5.34
N ARG A 58 5.44 -3.78 4.52
CA ARG A 58 5.39 -4.08 3.09
C ARG A 58 5.79 -2.86 2.26
N ASP A 59 6.52 -3.09 1.18
CA ASP A 59 6.95 -2.01 0.30
C ASP A 59 5.75 -1.22 -0.22
N ALA A 60 4.66 -1.92 -0.49
CA ALA A 60 3.45 -1.28 -1.00
C ALA A 60 2.67 -0.62 0.12
N MET A 61 2.86 -1.11 1.35
CA MET A 61 2.18 -0.54 2.50
C MET A 61 2.67 0.87 2.80
N CYS A 62 3.90 1.16 2.39
CA CYS A 62 4.49 2.47 2.60
C CYS A 62 3.92 3.50 1.63
N CYS A 63 4.45 4.71 1.68
CA CYS A 63 4.00 5.78 0.79
C CYS A 63 4.45 5.54 -0.64
N PRO A 64 3.78 6.19 -1.60
CA PRO A 64 4.09 6.07 -3.02
C PRO A 64 5.42 6.73 -3.38
N GLY A 65 6.36 5.93 -3.87
CA GLY A 65 7.65 6.45 -4.25
C GLY A 65 8.72 6.14 -3.23
N THR A 66 8.34 5.44 -2.16
CA THR A 66 9.27 5.07 -1.10
C THR A 66 9.42 3.56 -1.01
N LEU A 67 10.39 3.12 -0.21
CA LEU A 67 10.64 1.69 -0.02
C LEU A 67 10.74 1.34 1.45
N CYS A 68 10.60 0.05 1.77
CA CYS A 68 10.68 -0.42 3.14
C CYS A 68 12.10 -0.84 3.49
N VAL A 69 12.74 -0.07 4.38
CA VAL A 69 14.11 -0.37 4.80
C VAL A 69 14.22 -0.38 6.32
N ASN A 70 14.73 -1.47 6.86
CA ASN A 70 14.89 -1.61 8.30
C ASN A 70 13.56 -1.42 9.02
N ASP A 71 12.49 -1.90 8.40
CA ASP A 71 11.15 -1.78 8.98
C ASP A 71 10.75 -0.31 9.11
N VAL A 72 11.35 0.54 8.28
CA VAL A 72 11.04 1.96 8.31
C VAL A 72 10.90 2.53 6.89
N CYS A 73 9.97 3.45 6.72
CA CYS A 73 9.74 4.07 5.42
C CYS A 73 10.95 4.89 4.97
N THR A 74 11.63 4.42 3.93
CA THR A 74 12.80 5.11 3.42
C THR A 74 12.59 5.54 1.96
N THR A 75 12.87 6.81 1.69
CA THR A 75 12.71 7.34 0.34
C THR A 75 13.52 6.54 -0.67
N MET A 76 13.16 6.67 -1.95
CA MET A 76 13.87 5.95 -3.01
C MET A 76 15.22 6.60 -3.30
N GLU A 77 15.27 7.92 -3.18
CA GLU A 77 16.51 8.66 -3.43
C GLU A 77 17.53 8.40 -2.32
N ASP A 78 17.03 8.20 -1.12
CA ASP A 78 17.90 7.95 0.04
C ASP A 78 18.41 6.52 0.03
N ALA A 79 17.49 5.56 -0.11
CA ALA A 79 17.86 4.15 -0.13
C ALA A 79 18.87 3.87 -1.25
N THR A 80 19.71 2.85 -1.03
CA THR A 80 20.71 2.48 -2.02
C THR A 80 21.63 3.65 -2.35
N GLU A 81 22.73 3.76 -1.61
CA GLU A 81 23.68 4.84 -1.81
C GLU A 81 24.27 4.78 -3.22
N ASN A 82 24.95 5.86 -3.61
CA ASN A 82 25.55 5.93 -4.94
C ASN A 82 27.05 6.20 -4.85
N LEU A 83 27.81 5.56 -5.73
CA LEU A 83 29.26 5.73 -5.73
C LEU A 83 29.72 6.36 -7.05
N TYR A 84 30.96 6.83 -7.06
CA TYR A 84 31.53 7.46 -8.25
C TYR A 84 33.01 7.12 -8.40
N PHE A 85 33.59 7.50 -9.54
CA PHE A 85 34.99 7.24 -9.80
C PHE A 85 35.70 8.50 -10.32
N GLN A 86 36.95 8.67 -9.93
CA GLN A 86 37.73 9.83 -10.36
C GLN A 86 38.79 9.43 -11.37
N SER A 87 39.20 10.38 -12.20
CA SER A 87 40.21 10.12 -13.21
C SER A 87 41.56 9.81 -12.58
N LEU A 88 42.40 9.08 -13.31
CA LEU A 88 43.72 8.71 -12.81
C LEU A 88 44.81 9.53 -13.48
N GLU A 89 45.99 9.54 -12.88
CA GLU A 89 47.12 10.30 -13.42
C GLU A 89 48.22 9.35 -13.90
N HIS A 90 49.25 9.92 -14.52
CA HIS A 90 50.37 9.14 -15.03
C HIS A 90 51.60 9.31 -14.14
N HIS A 91 52.66 8.57 -14.45
CA HIS A 91 53.90 8.65 -13.69
C HIS A 91 55.11 8.68 -14.61
N HIS A 92 56.12 9.44 -14.22
CA HIS A 92 57.34 9.56 -15.02
C HIS A 92 58.34 8.47 -14.64
N HIS A 93 58.84 7.75 -15.65
CA HIS A 93 59.80 6.68 -15.43
C HIS A 93 61.23 7.20 -15.60
N HIS A 94 61.98 7.22 -14.51
CA HIS A 94 63.36 7.69 -14.55
C HIS A 94 64.30 6.57 -14.98
N HIS A 95 65.16 6.87 -15.96
CA HIS A 95 66.11 5.89 -16.47
C HIS A 95 67.13 5.51 -15.40
N MET A 1 -62.25 -9.34 -27.75
CA MET A 1 -62.57 -10.27 -26.67
C MET A 1 -61.65 -10.07 -25.48
N LEU A 2 -62.19 -9.52 -24.40
CA LEU A 2 -61.42 -9.27 -23.18
C LEU A 2 -61.82 -10.24 -22.07
N VAL A 3 -60.92 -11.14 -21.71
CA VAL A 3 -61.19 -12.11 -20.66
C VAL A 3 -61.24 -11.44 -19.29
N LEU A 4 -62.09 -11.96 -18.41
CA LEU A 4 -62.23 -11.42 -17.07
C LEU A 4 -61.13 -11.94 -16.14
N ASP A 5 -60.62 -11.07 -15.29
CA ASP A 5 -59.57 -11.44 -14.35
C ASP A 5 -60.15 -12.19 -13.15
N PHE A 6 -59.30 -12.48 -12.18
CA PHE A 6 -59.73 -13.19 -10.98
C PHE A 6 -58.59 -13.27 -9.96
N ASN A 7 -58.43 -12.21 -9.17
CA ASN A 7 -57.38 -12.16 -8.16
C ASN A 7 -56.01 -12.49 -8.77
N ASN A 8 -55.40 -11.49 -9.39
CA ASN A 8 -54.09 -11.68 -10.01
C ASN A 8 -53.02 -10.89 -9.27
N ILE A 9 -51.77 -11.11 -9.64
CA ILE A 9 -50.65 -10.42 -9.01
C ILE A 9 -50.61 -10.69 -7.51
N ARG A 10 -49.95 -11.77 -7.11
CA ARG A 10 -49.84 -12.12 -5.71
C ARG A 10 -48.52 -12.84 -5.42
N SER A 11 -47.77 -12.32 -4.46
CA SER A 11 -46.49 -12.91 -4.10
C SER A 11 -45.87 -12.19 -2.90
N SER A 12 -44.80 -12.75 -2.37
CA SER A 12 -44.11 -12.16 -1.21
C SER A 12 -42.63 -11.98 -1.49
N ALA A 13 -41.97 -11.18 -0.67
CA ALA A 13 -40.54 -10.93 -0.83
C ALA A 13 -39.75 -11.49 0.35
N ASP A 14 -40.34 -11.40 1.54
CA ASP A 14 -39.69 -11.90 2.75
C ASP A 14 -38.37 -11.17 3.00
N LEU A 15 -37.75 -11.45 4.15
CA LEU A 15 -36.49 -10.82 4.51
C LEU A 15 -35.62 -11.77 5.32
N HIS A 16 -34.34 -11.44 5.44
CA HIS A 16 -33.40 -12.26 6.20
C HIS A 16 -33.10 -11.64 7.56
N GLY A 17 -32.67 -10.39 7.55
CA GLY A 17 -32.36 -9.71 8.79
C GLY A 17 -30.88 -9.75 9.12
N ALA A 18 -30.41 -10.89 9.61
CA ALA A 18 -29.01 -11.05 9.96
C ALA A 18 -28.14 -11.19 8.72
N ARG A 19 -27.12 -10.34 8.62
CA ARG A 19 -26.22 -10.36 7.48
C ARG A 19 -24.89 -9.70 7.82
N LYS A 20 -23.84 -10.08 7.10
CA LYS A 20 -22.51 -9.53 7.34
C LYS A 20 -21.71 -9.49 6.04
N GLY A 21 -20.52 -8.89 6.10
CA GLY A 21 -19.67 -8.81 4.93
C GLY A 21 -18.35 -8.10 5.22
N SER A 22 -17.48 -8.07 4.23
CA SER A 22 -16.17 -7.42 4.37
C SER A 22 -16.32 -5.91 4.37
N GLN A 23 -15.20 -5.21 4.53
CA GLN A 23 -15.20 -3.76 4.55
C GLN A 23 -14.63 -3.19 3.25
N CYS A 24 -13.62 -3.86 2.72
CA CYS A 24 -12.98 -3.43 1.47
C CYS A 24 -12.40 -4.62 0.72
N LEU A 25 -12.48 -4.57 -0.60
CA LEU A 25 -11.95 -5.65 -1.44
C LEU A 25 -10.50 -5.37 -1.85
N SER A 26 -10.17 -4.08 -1.98
CA SER A 26 -8.82 -3.69 -2.35
C SER A 26 -8.45 -2.36 -1.71
N ASP A 27 -7.15 -2.06 -1.68
CA ASP A 27 -6.66 -0.82 -1.10
C ASP A 27 -7.30 0.39 -1.78
N THR A 28 -7.64 0.24 -3.05
CA THR A 28 -8.25 1.32 -3.82
C THR A 28 -9.60 1.70 -3.24
N ASP A 29 -10.25 0.74 -2.58
CA ASP A 29 -11.56 0.97 -1.98
C ASP A 29 -11.46 1.92 -0.79
N CYS A 30 -10.29 1.92 -0.14
CA CYS A 30 -10.05 2.78 1.02
C CYS A 30 -10.14 4.25 0.62
N ASN A 31 -9.33 4.64 -0.35
CA ASN A 31 -9.31 6.03 -0.83
C ASN A 31 -8.46 6.16 -2.08
N THR A 32 -7.15 6.08 -1.92
CA THR A 32 -6.23 6.20 -3.05
C THR A 32 -4.79 5.90 -2.62
N ARG A 33 -4.22 6.78 -1.82
CA ARG A 33 -2.86 6.61 -1.33
C ARG A 33 -2.84 5.96 0.05
N LYS A 34 -3.75 5.01 0.26
CA LYS A 34 -3.85 4.31 1.53
C LYS A 34 -4.03 2.81 1.31
N PHE A 35 -3.66 2.02 2.32
CA PHE A 35 -3.79 0.57 2.23
C PHE A 35 -4.93 0.07 3.12
N CYS A 36 -5.50 -1.06 2.74
CA CYS A 36 -6.60 -1.64 3.51
C CYS A 36 -6.09 -2.38 4.74
N LEU A 37 -6.20 -1.73 5.90
CA LEU A 37 -5.74 -2.31 7.15
C LEU A 37 -6.86 -3.13 7.81
N GLN A 38 -6.66 -4.44 7.86
CA GLN A 38 -7.65 -5.34 8.47
C GLN A 38 -6.98 -6.31 9.43
N PRO A 39 -6.84 -5.88 10.70
CA PRO A 39 -6.22 -6.70 11.74
C PRO A 39 -7.08 -7.90 12.14
N ARG A 40 -6.45 -8.96 12.59
CA ARG A 40 -7.15 -10.17 13.00
C ARG A 40 -7.67 -10.04 14.43
N ASP A 41 -6.99 -9.22 15.23
CA ASP A 41 -7.38 -9.01 16.62
C ASP A 41 -8.35 -7.84 16.73
N GLU A 42 -8.32 -6.95 15.74
CA GLU A 42 -9.20 -5.78 15.74
C GLU A 42 -10.07 -5.76 14.48
N LYS A 43 -10.87 -4.72 14.34
CA LYS A 43 -11.75 -4.58 13.20
C LYS A 43 -11.04 -3.87 12.05
N PRO A 44 -11.57 -4.02 10.83
CA PRO A 44 -11.00 -3.40 9.63
C PRO A 44 -11.18 -1.88 9.62
N PHE A 45 -10.19 -1.17 9.12
CA PHE A 45 -10.24 0.28 9.06
C PHE A 45 -9.22 0.82 8.06
N CYS A 46 -9.32 2.11 7.77
CA CYS A 46 -8.41 2.75 6.82
C CYS A 46 -7.26 3.43 7.55
N ALA A 47 -6.03 3.05 7.20
CA ALA A 47 -4.85 3.63 7.82
C ALA A 47 -4.03 4.43 6.81
N THR A 48 -3.77 5.70 7.15
CA THR A 48 -3.01 6.58 6.27
C THR A 48 -1.69 5.92 5.86
N CYS A 49 -1.11 6.42 4.77
CA CYS A 49 0.15 5.89 4.26
C CYS A 49 1.24 5.95 5.33
N ARG A 50 2.40 5.40 5.02
CA ARG A 50 3.52 5.39 5.96
C ARG A 50 4.57 6.43 5.55
N GLY A 51 4.82 7.38 6.45
CA GLY A 51 5.80 8.41 6.16
C GLY A 51 7.23 7.89 6.21
N LEU A 52 8.20 8.80 6.09
CA LEU A 52 9.61 8.42 6.12
C LEU A 52 10.01 7.93 7.51
N ARG A 53 9.31 8.43 8.53
CA ARG A 53 9.60 8.05 9.91
C ARG A 53 8.75 6.84 10.32
N ARG A 54 8.12 6.20 9.35
CA ARG A 54 7.29 5.05 9.61
C ARG A 54 7.98 3.76 9.18
N ARG A 55 7.81 2.70 9.97
CA ARG A 55 8.42 1.41 9.68
C ARG A 55 7.69 0.70 8.55
N CYS A 56 8.44 -0.02 7.73
CA CYS A 56 7.86 -0.75 6.61
C CYS A 56 8.52 -2.11 6.44
N GLN A 57 7.90 -2.98 5.65
CA GLN A 57 8.44 -4.32 5.40
C GLN A 57 8.59 -4.57 3.90
N ARG A 58 7.64 -4.07 3.13
CA ARG A 58 7.66 -4.25 1.68
C ARG A 58 7.73 -2.91 0.97
N ASP A 59 8.48 -2.86 -0.13
CA ASP A 59 8.64 -1.65 -0.91
C ASP A 59 7.28 -1.09 -1.32
N ALA A 60 6.29 -1.97 -1.44
CA ALA A 60 4.95 -1.57 -1.82
C ALA A 60 4.16 -1.04 -0.62
N MET A 61 4.52 -1.52 0.56
CA MET A 61 3.85 -1.10 1.79
C MET A 61 4.07 0.39 2.04
N CYS A 62 5.21 0.90 1.60
CA CYS A 62 5.55 2.30 1.77
C CYS A 62 5.13 3.12 0.55
N CYS A 63 4.67 4.34 0.79
CA CYS A 63 4.24 5.23 -0.29
C CYS A 63 5.31 5.35 -1.35
N PRO A 64 4.91 5.78 -2.56
CA PRO A 64 5.84 5.95 -3.69
C PRO A 64 6.80 7.11 -3.49
N GLY A 65 7.92 7.08 -4.21
CA GLY A 65 8.90 8.14 -4.09
C GLY A 65 9.98 7.81 -3.07
N THR A 66 9.70 6.85 -2.20
CA THR A 66 10.65 6.46 -1.17
C THR A 66 11.09 5.00 -1.35
N LEU A 67 12.05 4.56 -0.55
CA LEU A 67 12.55 3.20 -0.63
C LEU A 67 12.57 2.55 0.74
N CYS A 68 12.08 1.31 0.82
CA CYS A 68 12.04 0.58 2.07
C CYS A 68 13.43 0.06 2.44
N VAL A 69 14.05 0.69 3.43
CA VAL A 69 15.38 0.28 3.88
C VAL A 69 15.43 0.14 5.39
N ASN A 70 16.15 -0.87 5.87
CA ASN A 70 16.28 -1.11 7.30
C ASN A 70 14.91 -1.32 7.93
N ASP A 71 13.99 -1.90 7.18
CA ASP A 71 12.65 -2.16 7.67
C ASP A 71 11.92 -0.85 7.99
N VAL A 72 12.34 0.22 7.33
CA VAL A 72 11.74 1.53 7.55
C VAL A 72 11.78 2.38 6.28
N CYS A 73 10.77 3.23 6.12
CA CYS A 73 10.69 4.10 4.94
C CYS A 73 11.90 5.03 4.87
N THR A 74 12.64 4.94 3.76
CA THR A 74 13.82 5.78 3.57
C THR A 74 13.86 6.35 2.16
N THR A 75 13.83 7.67 2.05
CA THR A 75 13.86 8.34 0.76
C THR A 75 15.04 7.86 -0.07
N MET A 76 14.87 7.89 -1.40
CA MET A 76 15.93 7.47 -2.31
C MET A 76 17.12 8.42 -2.26
N GLU A 77 16.83 9.70 -2.04
CA GLU A 77 17.88 10.72 -1.97
C GLU A 77 18.79 10.47 -0.77
N ASP A 78 18.24 9.85 0.27
CA ASP A 78 19.00 9.55 1.48
C ASP A 78 19.81 8.27 1.31
N ALA A 79 19.17 7.24 0.79
CA ALA A 79 19.83 5.96 0.58
C ALA A 79 21.13 6.12 -0.21
N THR A 80 21.91 5.06 -0.29
CA THR A 80 23.17 5.09 -1.01
C THR A 80 24.13 6.11 -0.40
N GLU A 81 24.13 6.19 0.93
CA GLU A 81 25.00 7.12 1.64
C GLU A 81 26.04 6.39 2.47
N ASN A 82 26.95 7.14 3.08
CA ASN A 82 28.00 6.55 3.92
C ASN A 82 28.12 7.31 5.24
N LEU A 83 28.32 8.61 5.16
CA LEU A 83 28.45 9.44 6.35
C LEU A 83 29.65 8.99 7.19
N TYR A 84 29.81 9.62 8.34
CA TYR A 84 30.91 9.30 9.24
C TYR A 84 32.26 9.59 8.59
N PHE A 85 32.89 10.67 9.00
CA PHE A 85 34.19 11.06 8.46
C PHE A 85 35.24 11.16 9.56
N GLN A 86 36.25 10.31 9.48
CA GLN A 86 37.32 10.29 10.48
C GLN A 86 38.38 11.32 10.14
N SER A 87 39.06 11.83 11.17
CA SER A 87 40.11 12.82 10.98
C SER A 87 41.48 12.24 11.30
N LEU A 88 41.62 10.93 11.14
CA LEU A 88 42.87 10.25 11.41
C LEU A 88 43.37 10.58 12.82
N GLU A 89 44.61 10.18 13.10
CA GLU A 89 45.21 10.42 14.41
C GLU A 89 46.64 10.91 14.27
N HIS A 90 47.16 11.54 15.33
CA HIS A 90 48.52 12.05 15.33
C HIS A 90 48.87 12.68 16.66
N HIS A 91 50.02 13.33 16.73
CA HIS A 91 50.47 13.99 17.96
C HIS A 91 50.70 12.96 19.07
N HIS A 92 51.44 13.35 20.09
CA HIS A 92 51.73 12.46 21.20
C HIS A 92 52.54 13.19 22.28
N HIS A 93 52.20 12.94 23.54
CA HIS A 93 52.90 13.57 24.65
C HIS A 93 53.06 12.58 25.81
N HIS A 94 54.07 12.84 26.64
CA HIS A 94 54.35 11.97 27.78
C HIS A 94 53.75 12.56 29.06
N HIS A 95 54.11 13.80 29.36
CA HIS A 95 53.60 14.48 30.55
C HIS A 95 53.91 13.67 31.80
N MET A 1 -32.17 35.61 -40.11
CA MET A 1 -32.36 34.55 -39.13
C MET A 1 -32.23 33.18 -39.78
N LEU A 2 -31.07 32.55 -39.58
CA LEU A 2 -30.82 31.23 -40.14
C LEU A 2 -29.86 30.43 -39.27
N VAL A 3 -29.87 30.72 -37.98
CA VAL A 3 -29.01 30.03 -37.03
C VAL A 3 -29.78 28.96 -36.26
N LEU A 4 -29.10 27.87 -35.95
CA LEU A 4 -29.71 26.76 -35.22
C LEU A 4 -30.25 27.23 -33.87
N ASP A 5 -31.44 26.79 -33.53
CA ASP A 5 -32.07 27.17 -32.25
C ASP A 5 -32.93 26.03 -31.73
N PHE A 6 -32.30 24.91 -31.38
CA PHE A 6 -33.01 23.76 -30.86
C PHE A 6 -32.13 22.97 -29.90
N ASN A 7 -30.99 22.51 -30.38
CA ASN A 7 -30.05 21.74 -29.57
C ASN A 7 -30.69 20.45 -29.10
N ASN A 8 -29.94 19.66 -28.34
CA ASN A 8 -30.44 18.39 -27.82
C ASN A 8 -29.53 17.86 -26.72
N ILE A 9 -30.03 16.90 -25.95
CA ILE A 9 -29.26 16.30 -24.87
C ILE A 9 -28.82 14.89 -25.22
N ARG A 10 -27.67 14.47 -24.69
CA ARG A 10 -27.16 13.13 -24.94
C ARG A 10 -26.66 12.48 -23.64
N SER A 11 -26.87 11.17 -23.53
CA SER A 11 -26.45 10.44 -22.34
C SER A 11 -26.99 11.10 -21.08
N SER A 12 -28.20 10.72 -20.69
CA SER A 12 -28.84 11.27 -19.50
C SER A 12 -29.37 10.15 -18.60
N ALA A 13 -28.63 9.06 -18.53
CA ALA A 13 -29.03 7.92 -17.71
C ALA A 13 -27.82 7.30 -16.99
N ASP A 14 -28.09 6.40 -16.07
CA ASP A 14 -27.03 5.73 -15.32
C ASP A 14 -27.54 4.45 -14.67
N LEU A 15 -26.63 3.52 -14.41
CA LEU A 15 -26.99 2.25 -13.79
C LEU A 15 -26.09 1.95 -12.60
N HIS A 16 -26.51 1.01 -11.76
CA HIS A 16 -25.75 0.63 -10.58
C HIS A 16 -26.19 -0.72 -10.05
N GLY A 17 -25.30 -1.41 -9.35
CA GLY A 17 -25.62 -2.70 -8.80
C GLY A 17 -25.19 -2.86 -7.35
N ALA A 18 -24.75 -4.06 -6.99
CA ALA A 18 -24.30 -4.32 -5.63
C ALA A 18 -22.80 -4.58 -5.59
N ARG A 19 -22.36 -5.64 -6.27
CA ARG A 19 -20.95 -5.99 -6.30
C ARG A 19 -20.39 -6.16 -4.89
N LYS A 20 -20.80 -7.24 -4.23
CA LYS A 20 -20.35 -7.53 -2.87
C LYS A 20 -19.44 -8.76 -2.84
N GLY A 21 -18.68 -8.90 -1.77
CA GLY A 21 -17.78 -10.03 -1.65
C GLY A 21 -16.46 -9.67 -0.99
N SER A 22 -15.93 -8.50 -1.36
CA SER A 22 -14.66 -8.05 -0.81
C SER A 22 -14.71 -6.54 -0.54
N GLN A 23 -14.19 -6.14 0.62
CA GLN A 23 -14.17 -4.74 1.00
C GLN A 23 -13.40 -3.90 -0.02
N CYS A 24 -12.14 -4.28 -0.26
CA CYS A 24 -11.30 -3.57 -1.21
C CYS A 24 -10.57 -4.56 -2.12
N LEU A 25 -10.38 -4.16 -3.38
CA LEU A 25 -9.70 -5.00 -4.35
C LEU A 25 -8.20 -4.67 -4.40
N SER A 26 -7.86 -3.44 -4.04
CA SER A 26 -6.46 -3.01 -4.03
C SER A 26 -6.25 -1.86 -3.05
N ASP A 27 -5.00 -1.59 -2.73
CA ASP A 27 -4.66 -0.51 -1.81
C ASP A 27 -5.13 0.83 -2.34
N THR A 28 -5.24 0.94 -3.65
CA THR A 28 -5.69 2.18 -4.28
C THR A 28 -7.18 2.41 -4.07
N ASP A 29 -7.91 1.31 -3.84
CA ASP A 29 -9.35 1.39 -3.62
C ASP A 29 -9.66 2.08 -2.29
N CYS A 30 -8.71 1.99 -1.36
CA CYS A 30 -8.88 2.60 -0.04
C CYS A 30 -9.27 4.07 -0.17
N ASN A 31 -8.36 4.87 -0.71
CA ASN A 31 -8.61 6.30 -0.89
C ASN A 31 -7.65 6.89 -1.91
N THR A 32 -6.40 7.07 -1.51
CA THR A 32 -5.39 7.63 -2.39
C THR A 32 -3.98 7.31 -1.90
N ARG A 33 -3.61 7.91 -0.76
CA ARG A 33 -2.29 7.68 -0.18
C ARG A 33 -2.38 6.78 1.04
N LYS A 34 -3.32 5.83 1.00
CA LYS A 34 -3.51 4.90 2.11
C LYS A 34 -3.81 3.49 1.59
N PHE A 35 -3.24 2.49 2.26
CA PHE A 35 -3.44 1.10 1.86
C PHE A 35 -4.49 0.43 2.73
N CYS A 36 -5.09 -0.64 2.23
CA CYS A 36 -6.11 -1.37 2.96
C CYS A 36 -5.49 -2.15 4.12
N LEU A 37 -5.57 -1.58 5.32
CA LEU A 37 -5.01 -2.21 6.51
C LEU A 37 -6.05 -3.13 7.16
N GLN A 38 -5.68 -4.39 7.35
CA GLN A 38 -6.57 -5.37 7.96
C GLN A 38 -5.87 -6.09 9.11
N PRO A 39 -5.95 -5.51 10.32
CA PRO A 39 -5.34 -6.08 11.52
C PRO A 39 -6.04 -7.36 11.98
N ARG A 40 -5.29 -8.23 12.63
CA ARG A 40 -5.85 -9.49 13.13
C ARG A 40 -6.58 -9.28 14.45
N ASP A 41 -6.18 -8.25 15.19
CA ASP A 41 -6.80 -7.94 16.48
C ASP A 41 -7.96 -6.97 16.30
N GLU A 42 -7.92 -6.20 15.21
CA GLU A 42 -8.97 -5.23 14.92
C GLU A 42 -9.65 -5.53 13.59
N LYS A 43 -10.60 -4.68 13.20
CA LYS A 43 -11.31 -4.85 11.95
C LYS A 43 -10.60 -4.15 10.81
N PRO A 44 -10.92 -4.55 9.57
CA PRO A 44 -10.32 -3.97 8.36
C PRO A 44 -10.78 -2.54 8.12
N PHE A 45 -9.83 -1.68 7.74
CA PHE A 45 -10.14 -0.28 7.48
C PHE A 45 -8.95 0.42 6.82
N CYS A 46 -9.14 1.69 6.46
CA CYS A 46 -8.09 2.47 5.83
C CYS A 46 -7.22 3.16 6.87
N ALA A 47 -5.90 2.93 6.77
CA ALA A 47 -4.96 3.52 7.71
C ALA A 47 -3.86 4.27 6.97
N THR A 48 -3.42 5.39 7.54
CA THR A 48 -2.38 6.21 6.93
C THR A 48 -1.15 5.36 6.59
N CYS A 49 -0.32 5.87 5.69
CA CYS A 49 0.89 5.16 5.28
C CYS A 49 2.07 5.54 6.18
N ARG A 50 2.90 4.54 6.51
CA ARG A 50 4.06 4.77 7.36
C ARG A 50 4.96 5.85 6.75
N GLY A 51 5.07 6.99 7.44
CA GLY A 51 5.89 8.07 6.95
C GLY A 51 7.36 7.69 6.88
N LEU A 52 8.20 8.65 6.52
CA LEU A 52 9.64 8.41 6.40
C LEU A 52 10.24 8.06 7.76
N ARG A 53 9.63 8.60 8.82
CA ARG A 53 10.11 8.34 10.18
C ARG A 53 9.35 7.18 10.81
N ARG A 54 8.62 6.44 9.99
CA ARG A 54 7.85 5.30 10.47
C ARG A 54 8.44 3.99 9.96
N ARG A 55 8.29 2.93 10.76
CA ARG A 55 8.83 1.62 10.41
C ARG A 55 7.99 0.99 9.30
N CYS A 56 8.58 0.02 8.61
CA CYS A 56 7.90 -0.68 7.53
C CYS A 56 8.46 -2.08 7.32
N GLN A 57 7.69 -2.93 6.67
CA GLN A 57 8.11 -4.31 6.42
C GLN A 57 8.26 -4.57 4.92
N ARG A 58 7.52 -3.81 4.12
CA ARG A 58 7.57 -3.95 2.67
C ARG A 58 7.58 -2.58 1.98
N ASP A 59 8.12 -2.55 0.76
CA ASP A 59 8.19 -1.30 0.00
C ASP A 59 6.85 -0.99 -0.65
N ALA A 60 6.06 -2.03 -0.90
CA ALA A 60 4.75 -1.86 -1.53
C ALA A 60 3.74 -1.32 -0.54
N MET A 61 3.98 -1.56 0.75
CA MET A 61 3.09 -1.09 1.80
C MET A 61 3.48 0.30 2.28
N CYS A 62 4.74 0.67 2.02
CA CYS A 62 5.25 1.97 2.42
C CYS A 62 4.49 3.09 1.72
N CYS A 63 4.68 4.32 2.19
CA CYS A 63 4.01 5.48 1.62
C CYS A 63 4.23 5.54 0.11
N PRO A 64 3.36 6.28 -0.59
CA PRO A 64 3.45 6.44 -2.04
C PRO A 64 4.66 7.27 -2.47
N GLY A 65 5.55 6.66 -3.25
CA GLY A 65 6.73 7.36 -3.71
C GLY A 65 7.90 7.19 -2.76
N THR A 66 8.03 6.01 -2.17
CA THR A 66 9.11 5.72 -1.24
C THR A 66 9.46 4.24 -1.23
N LEU A 67 10.53 3.89 -0.52
CA LEU A 67 10.96 2.51 -0.43
C LEU A 67 11.14 2.07 1.02
N CYS A 68 11.18 0.77 1.25
CA CYS A 68 11.35 0.23 2.58
C CYS A 68 12.79 -0.23 2.82
N VAL A 69 13.49 0.47 3.71
CA VAL A 69 14.88 0.13 4.02
C VAL A 69 15.13 0.18 5.52
N ASN A 70 15.91 -0.79 6.02
CA ASN A 70 16.22 -0.86 7.43
C ASN A 70 14.95 -0.84 8.28
N ASP A 71 13.91 -1.52 7.79
CA ASP A 71 12.64 -1.59 8.50
C ASP A 71 12.07 -0.19 8.71
N VAL A 72 12.44 0.74 7.84
CA VAL A 72 11.96 2.10 7.94
C VAL A 72 11.72 2.70 6.55
N CYS A 73 10.64 3.48 6.42
CA CYS A 73 10.31 4.10 5.15
C CYS A 73 11.32 5.20 4.80
N THR A 74 11.92 5.07 3.62
CA THR A 74 12.91 6.04 3.16
C THR A 74 12.58 6.53 1.75
N THR A 75 13.06 7.74 1.43
CA THR A 75 12.81 8.32 0.12
C THR A 75 13.66 7.64 -0.96
N MET A 76 13.26 7.80 -2.21
CA MET A 76 13.98 7.21 -3.33
C MET A 76 15.37 7.83 -3.48
N GLU A 77 15.48 9.10 -3.09
CA GLU A 77 16.75 9.80 -3.19
C GLU A 77 17.75 9.29 -2.15
N ASP A 78 17.23 8.91 -0.99
CA ASP A 78 18.07 8.39 0.10
C ASP A 78 18.60 7.00 -0.26
N ALA A 79 17.69 6.10 -0.64
CA ALA A 79 18.08 4.75 -1.00
C ALA A 79 18.86 4.72 -2.31
N THR A 80 18.56 5.66 -3.19
CA THR A 80 19.24 5.74 -4.48
C THR A 80 19.11 4.44 -5.25
N GLU A 81 18.02 4.32 -6.03
CA GLU A 81 17.79 3.12 -6.81
C GLU A 81 18.36 3.28 -8.23
N ASN A 82 19.59 2.82 -8.41
CA ASN A 82 20.25 2.90 -9.71
C ASN A 82 21.52 2.05 -9.73
N LEU A 83 22.35 2.20 -8.71
CA LEU A 83 23.59 1.43 -8.61
C LEU A 83 24.47 1.67 -9.84
N TYR A 84 25.61 1.01 -9.87
CA TYR A 84 26.55 1.15 -10.98
C TYR A 84 26.34 0.04 -12.01
N PHE A 85 26.98 0.17 -13.16
CA PHE A 85 26.87 -0.82 -14.22
C PHE A 85 28.21 -1.04 -14.91
N GLN A 86 28.28 -2.08 -15.73
CA GLN A 86 29.51 -2.41 -16.45
C GLN A 86 29.26 -3.46 -17.51
N SER A 87 28.74 -4.60 -17.10
CA SER A 87 28.45 -5.70 -18.02
C SER A 87 29.72 -6.16 -18.72
N LEU A 88 29.59 -7.21 -19.53
CA LEU A 88 30.72 -7.75 -20.27
C LEU A 88 30.44 -7.81 -21.76
N GLU A 89 31.49 -7.93 -22.56
CA GLU A 89 31.34 -8.00 -24.01
C GLU A 89 32.42 -8.89 -24.63
N HIS A 90 32.16 -9.37 -25.84
CA HIS A 90 33.11 -10.23 -26.53
C HIS A 90 33.76 -9.51 -27.71
N HIS A 91 34.95 -9.94 -28.08
CA HIS A 91 35.67 -9.33 -29.20
C HIS A 91 36.14 -10.38 -30.18
N HIS A 92 36.30 -9.97 -31.44
CA HIS A 92 36.75 -10.89 -32.49
C HIS A 92 37.41 -10.12 -33.63
N HIS A 93 38.67 -10.47 -33.92
CA HIS A 93 39.42 -9.81 -34.98
C HIS A 93 39.90 -10.83 -36.02
N HIS A 94 39.06 -11.12 -36.99
CA HIS A 94 39.42 -12.07 -38.04
C HIS A 94 39.73 -11.37 -39.35
N HIS A 95 40.46 -12.05 -40.23
CA HIS A 95 40.82 -11.48 -41.52
C HIS A 95 39.60 -10.95 -42.26
N MET A 1 -49.83 -43.07 -40.26
CA MET A 1 -49.04 -41.86 -40.36
C MET A 1 -48.56 -41.41 -38.98
N LEU A 2 -47.28 -41.05 -38.89
CA LEU A 2 -46.70 -40.62 -37.63
C LEU A 2 -47.02 -39.15 -37.36
N VAL A 3 -47.52 -38.86 -36.17
CA VAL A 3 -47.87 -37.50 -35.79
C VAL A 3 -46.84 -36.92 -34.83
N LEU A 4 -46.57 -35.62 -34.98
CA LEU A 4 -45.60 -34.94 -34.13
C LEU A 4 -46.27 -34.40 -32.87
N ASP A 5 -45.73 -34.77 -31.71
CA ASP A 5 -46.27 -34.32 -30.44
C ASP A 5 -45.16 -34.10 -29.42
N PHE A 6 -44.59 -32.90 -29.41
CA PHE A 6 -43.51 -32.56 -28.49
C PHE A 6 -43.98 -31.54 -27.47
N ASN A 7 -43.61 -31.76 -26.21
CA ASN A 7 -43.98 -30.85 -25.12
C ASN A 7 -43.20 -31.16 -23.86
N ASN A 8 -42.34 -30.23 -23.46
CA ASN A 8 -41.53 -30.41 -22.26
C ASN A 8 -40.80 -29.11 -21.91
N ILE A 9 -41.37 -28.35 -20.99
CA ILE A 9 -40.78 -27.09 -20.56
C ILE A 9 -40.79 -26.96 -19.05
N ARG A 10 -39.81 -26.24 -18.51
CA ARG A 10 -39.70 -26.05 -17.07
C ARG A 10 -39.42 -24.58 -16.74
N SER A 11 -38.36 -24.03 -17.32
CA SER A 11 -37.99 -22.65 -17.09
C SER A 11 -37.80 -22.39 -15.60
N SER A 12 -36.62 -22.71 -15.09
CA SER A 12 -36.31 -22.52 -13.68
C SER A 12 -34.85 -22.14 -13.48
N ALA A 13 -34.51 -21.69 -12.28
CA ALA A 13 -33.14 -21.31 -11.97
C ALA A 13 -32.98 -21.01 -10.48
N ASP A 14 -31.74 -20.96 -10.02
CA ASP A 14 -31.45 -20.68 -8.61
C ASP A 14 -30.00 -20.22 -8.44
N LEU A 15 -29.69 -19.06 -8.99
CA LEU A 15 -28.35 -18.50 -8.91
C LEU A 15 -28.33 -17.27 -8.01
N HIS A 16 -27.34 -17.19 -7.11
CA HIS A 16 -27.22 -16.07 -6.20
C HIS A 16 -25.82 -16.02 -5.59
N GLY A 17 -25.27 -14.82 -5.46
CA GLY A 17 -23.94 -14.66 -4.90
C GLY A 17 -23.78 -13.35 -4.15
N ALA A 18 -23.59 -13.44 -2.84
CA ALA A 18 -23.41 -12.24 -2.02
C ALA A 18 -22.74 -12.58 -0.69
N ARG A 19 -22.43 -11.56 0.09
CA ARG A 19 -21.78 -11.75 1.38
C ARG A 19 -21.74 -10.45 2.17
N LYS A 20 -21.07 -9.44 1.62
CA LYS A 20 -20.96 -8.14 2.27
C LYS A 20 -20.25 -8.26 3.61
N GLY A 21 -19.18 -9.05 3.64
CA GLY A 21 -18.42 -9.23 4.85
C GLY A 21 -17.03 -8.63 4.77
N SER A 22 -16.55 -8.40 3.56
CA SER A 22 -15.22 -7.83 3.35
C SER A 22 -15.33 -6.34 3.00
N GLN A 23 -14.40 -5.56 3.51
CA GLN A 23 -14.38 -4.12 3.26
C GLN A 23 -13.58 -3.80 2.00
N CYS A 24 -12.31 -4.20 2.00
CA CYS A 24 -11.44 -3.96 0.85
C CYS A 24 -10.56 -5.17 0.58
N LEU A 25 -10.32 -5.43 -0.70
CA LEU A 25 -9.49 -6.56 -1.10
C LEU A 25 -8.01 -6.18 -1.12
N SER A 26 -7.74 -4.90 -1.35
CA SER A 26 -6.37 -4.40 -1.41
C SER A 26 -6.34 -2.88 -1.21
N ASP A 27 -5.14 -2.34 -1.02
CA ASP A 27 -4.97 -0.91 -0.83
C ASP A 27 -5.63 -0.13 -1.96
N THR A 28 -5.64 -0.72 -3.15
CA THR A 28 -6.23 -0.08 -4.31
C THR A 28 -7.70 0.27 -4.06
N ASP A 29 -8.36 -0.54 -3.25
CA ASP A 29 -9.76 -0.31 -2.92
C ASP A 29 -9.92 0.93 -2.05
N CYS A 30 -8.89 1.25 -1.28
CA CYS A 30 -8.92 2.41 -0.40
C CYS A 30 -8.72 3.69 -1.20
N ASN A 31 -9.70 4.58 -1.13
CA ASN A 31 -9.63 5.86 -1.85
C ASN A 31 -8.42 6.67 -1.39
N THR A 32 -8.04 7.66 -2.19
CA THR A 32 -6.90 8.51 -1.87
C THR A 32 -5.63 7.69 -1.70
N ARG A 33 -4.52 8.37 -1.43
CA ARG A 33 -3.24 7.69 -1.24
C ARG A 33 -3.16 7.03 0.13
N LYS A 34 -4.02 6.03 0.34
CA LYS A 34 -4.05 5.31 1.61
C LYS A 34 -4.03 3.80 1.38
N PHE A 35 -3.56 3.06 2.39
CA PHE A 35 -3.50 1.61 2.30
C PHE A 35 -4.59 0.96 3.13
N CYS A 36 -4.71 -0.36 3.02
CA CYS A 36 -5.72 -1.10 3.76
C CYS A 36 -5.10 -1.83 4.95
N LEU A 37 -5.18 -1.21 6.12
CA LEU A 37 -4.63 -1.79 7.33
C LEU A 37 -5.57 -2.84 7.92
N GLN A 38 -5.16 -4.10 7.85
CA GLN A 38 -5.97 -5.20 8.37
C GLN A 38 -5.24 -5.92 9.50
N PRO A 39 -5.42 -5.43 10.73
CA PRO A 39 -4.78 -6.02 11.91
C PRO A 39 -5.37 -7.38 12.27
N ARG A 40 -4.56 -8.23 12.88
CA ARG A 40 -5.00 -9.57 13.27
C ARG A 40 -5.73 -9.52 14.61
N ASP A 41 -5.36 -8.57 15.45
CA ASP A 41 -5.99 -8.42 16.76
C ASP A 41 -7.23 -7.54 16.67
N GLU A 42 -7.27 -6.69 15.65
CA GLU A 42 -8.41 -5.78 15.45
C GLU A 42 -9.06 -6.02 14.09
N LYS A 43 -10.07 -5.22 13.78
CA LYS A 43 -10.79 -5.34 12.52
C LYS A 43 -10.11 -4.50 11.43
N PRO A 44 -10.40 -4.81 10.17
CA PRO A 44 -9.83 -4.11 9.02
C PRO A 44 -10.38 -2.69 8.89
N PHE A 45 -9.50 -1.74 8.56
CA PHE A 45 -9.90 -0.35 8.41
C PHE A 45 -8.89 0.41 7.56
N CYS A 46 -9.36 1.44 6.86
CA CYS A 46 -8.50 2.26 6.00
C CYS A 46 -7.69 3.24 6.84
N ALA A 47 -6.37 3.12 6.75
CA ALA A 47 -5.48 4.01 7.49
C ALA A 47 -4.67 4.90 6.55
N THR A 48 -4.33 6.10 7.02
CA THR A 48 -3.57 7.04 6.21
C THR A 48 -2.16 6.53 5.94
N CYS A 49 -1.47 7.16 5.00
CA CYS A 49 -0.11 6.77 4.65
C CYS A 49 0.82 6.88 5.85
N ARG A 50 2.01 6.31 5.72
CA ARG A 50 3.00 6.34 6.80
C ARG A 50 4.19 7.21 6.42
N GLY A 51 4.74 7.91 7.39
CA GLY A 51 5.88 8.77 7.13
C GLY A 51 7.14 7.98 6.80
N LEU A 52 8.29 8.63 6.92
CA LEU A 52 9.56 7.98 6.62
C LEU A 52 10.02 7.12 7.80
N ARG A 53 10.19 7.75 8.95
CA ARG A 53 10.63 7.06 10.15
C ARG A 53 9.70 5.88 10.47
N ARG A 54 8.46 5.98 10.00
CA ARG A 54 7.48 4.93 10.25
C ARG A 54 7.97 3.59 9.69
N ARG A 55 7.77 2.52 10.46
CA ARG A 55 8.20 1.19 10.06
C ARG A 55 7.36 0.69 8.89
N CYS A 56 7.93 -0.22 8.11
CA CYS A 56 7.24 -0.78 6.96
C CYS A 56 7.76 -2.18 6.62
N GLN A 57 6.96 -2.95 5.90
CA GLN A 57 7.35 -4.31 5.53
C GLN A 57 7.46 -4.43 4.01
N ARG A 58 6.74 -3.58 3.30
CA ARG A 58 6.77 -3.60 1.83
C ARG A 58 6.79 -2.18 1.28
N ASP A 59 7.12 -2.06 -0.01
CA ASP A 59 7.18 -0.76 -0.67
C ASP A 59 5.79 -0.29 -1.06
N ALA A 60 4.87 -1.24 -1.23
CA ALA A 60 3.50 -0.91 -1.61
C ALA A 60 2.79 -0.12 -0.51
N MET A 61 2.97 -0.56 0.73
CA MET A 61 2.35 0.11 1.87
C MET A 61 2.99 1.48 2.10
N CYS A 62 4.24 1.63 1.68
CA CYS A 62 4.95 2.88 1.85
C CYS A 62 4.59 3.86 0.74
N CYS A 63 4.41 5.13 1.13
CA CYS A 63 4.06 6.17 0.17
C CYS A 63 5.02 6.17 -1.02
N PRO A 64 4.59 6.78 -2.13
CA PRO A 64 5.39 6.87 -3.35
C PRO A 64 6.60 7.80 -3.18
N GLY A 65 7.63 7.57 -3.98
CA GLY A 65 8.82 8.39 -3.91
C GLY A 65 9.85 7.85 -2.92
N THR A 66 9.40 6.95 -2.05
CA THR A 66 10.29 6.36 -1.06
C THR A 66 10.43 4.86 -1.27
N LEU A 67 11.32 4.23 -0.51
CA LEU A 67 11.55 2.79 -0.61
C LEU A 67 11.65 2.16 0.77
N CYS A 68 10.96 1.03 0.94
CA CYS A 68 10.96 0.32 2.22
C CYS A 68 12.32 -0.34 2.47
N VAL A 69 13.06 0.21 3.43
CA VAL A 69 14.38 -0.32 3.77
C VAL A 69 14.57 -0.37 5.28
N ASN A 70 15.24 -1.43 5.74
CA ASN A 70 15.49 -1.59 7.17
C ASN A 70 14.18 -1.62 7.97
N ASP A 71 13.13 -2.12 7.34
CA ASP A 71 11.82 -2.21 7.97
C ASP A 71 11.27 -0.82 8.27
N VAL A 72 11.73 0.17 7.51
CA VAL A 72 11.29 1.55 7.70
C VAL A 72 11.28 2.31 6.37
N CYS A 73 10.31 3.19 6.21
CA CYS A 73 10.19 3.99 4.99
C CYS A 73 11.42 4.85 4.78
N THR A 74 12.27 4.46 3.83
CA THR A 74 13.49 5.21 3.54
C THR A 74 13.44 5.80 2.13
N THR A 75 13.49 7.13 2.05
CA THR A 75 13.46 7.82 0.78
C THR A 75 14.51 7.26 -0.18
N MET A 76 14.24 7.38 -1.48
CA MET A 76 15.15 6.88 -2.50
C MET A 76 16.46 7.67 -2.49
N GLU A 77 16.37 8.93 -2.05
CA GLU A 77 17.54 9.79 -1.99
C GLU A 77 18.58 9.23 -1.03
N ASP A 78 18.12 8.55 0.01
CA ASP A 78 19.01 7.97 1.01
C ASP A 78 19.35 6.53 0.66
N ALA A 79 18.41 5.85 -0.01
CA ALA A 79 18.62 4.47 -0.41
C ALA A 79 19.70 4.35 -1.48
N THR A 80 20.05 3.12 -1.83
CA THR A 80 21.08 2.87 -2.83
C THR A 80 22.43 3.38 -2.37
N GLU A 81 23.17 2.52 -1.65
CA GLU A 81 24.48 2.89 -1.14
C GLU A 81 25.44 1.71 -1.23
N ASN A 82 26.66 1.98 -1.68
CA ASN A 82 27.67 0.94 -1.80
C ASN A 82 28.78 1.13 -0.77
N LEU A 83 29.03 0.09 0.01
CA LEU A 83 30.07 0.13 1.04
C LEU A 83 31.45 0.22 0.41
N TYR A 84 32.48 0.26 1.26
CA TYR A 84 33.85 0.35 0.79
C TYR A 84 34.55 -1.02 0.85
N PHE A 85 35.73 -1.10 0.26
CA PHE A 85 36.49 -2.34 0.24
C PHE A 85 37.93 -2.10 0.68
N GLN A 86 38.62 -3.18 1.06
CA GLN A 86 40.00 -3.08 1.51
C GLN A 86 40.79 -4.32 1.09
N SER A 87 42.03 -4.10 0.65
CA SER A 87 42.89 -5.20 0.22
C SER A 87 44.35 -4.78 0.25
N LEU A 88 45.24 -5.75 0.07
CA LEU A 88 46.67 -5.49 0.07
C LEU A 88 47.26 -5.63 -1.33
N GLU A 89 48.26 -4.82 -1.64
CA GLU A 89 48.91 -4.86 -2.94
C GLU A 89 50.10 -5.81 -2.93
N HIS A 90 50.68 -6.04 -4.11
CA HIS A 90 51.83 -6.93 -4.22
C HIS A 90 53.04 -6.18 -4.78
N HIS A 91 54.19 -6.36 -4.14
CA HIS A 91 55.42 -5.71 -4.57
C HIS A 91 56.45 -6.72 -5.02
N HIS A 92 57.28 -6.34 -5.99
CA HIS A 92 58.32 -7.23 -6.50
C HIS A 92 59.44 -6.43 -7.15
N HIS A 93 60.37 -5.94 -6.33
CA HIS A 93 61.49 -5.16 -6.83
C HIS A 93 62.81 -5.90 -6.62
N HIS A 94 63.38 -6.40 -7.72
CA HIS A 94 64.64 -7.13 -7.65
C HIS A 94 65.83 -6.20 -7.89
N HIS A 95 65.62 -5.20 -8.73
CA HIS A 95 66.67 -4.23 -9.05
C HIS A 95 66.42 -2.90 -8.34
N MET A 1 -26.37 15.38 -53.83
CA MET A 1 -25.08 14.69 -53.87
C MET A 1 -25.19 13.40 -54.70
N LEU A 2 -24.05 12.87 -55.10
CA LEU A 2 -24.00 11.65 -55.91
C LEU A 2 -23.35 10.51 -55.13
N VAL A 3 -22.39 10.86 -54.28
CA VAL A 3 -21.69 9.86 -53.47
C VAL A 3 -22.61 9.26 -52.42
N LEU A 4 -22.48 7.95 -52.22
CA LEU A 4 -23.31 7.24 -51.25
C LEU A 4 -22.89 7.60 -49.82
N ASP A 5 -23.83 8.15 -49.06
CA ASP A 5 -23.56 8.53 -47.67
C ASP A 5 -24.54 7.86 -46.72
N PHE A 6 -24.08 7.58 -45.51
CA PHE A 6 -24.92 6.93 -44.50
C PHE A 6 -24.30 7.07 -43.11
N ASN A 7 -25.15 6.99 -42.09
CA ASN A 7 -24.68 7.10 -40.71
C ASN A 7 -25.63 6.37 -39.76
N ASN A 8 -25.08 5.85 -38.67
CA ASN A 8 -25.87 5.13 -37.69
C ASN A 8 -25.07 4.92 -36.39
N ILE A 9 -25.78 4.56 -35.32
CA ILE A 9 -25.14 4.33 -34.03
C ILE A 9 -25.68 3.07 -33.38
N ARG A 10 -25.16 2.77 -32.19
CA ARG A 10 -25.58 1.59 -31.45
C ARG A 10 -24.99 1.58 -30.04
N SER A 11 -25.84 1.38 -29.05
CA SER A 11 -25.41 1.36 -27.65
C SER A 11 -26.52 0.84 -26.74
N SER A 12 -26.13 0.09 -25.72
CA SER A 12 -27.10 -0.47 -24.77
C SER A 12 -26.43 -0.75 -23.42
N ALA A 13 -27.26 -1.01 -22.42
CA ALA A 13 -26.76 -1.31 -21.08
C ALA A 13 -26.02 -2.64 -21.05
N ASP A 14 -25.35 -2.92 -19.94
CA ASP A 14 -24.61 -4.17 -19.79
C ASP A 14 -25.12 -4.95 -18.58
N LEU A 15 -24.76 -4.49 -17.39
CA LEU A 15 -25.19 -5.15 -16.15
C LEU A 15 -24.88 -4.28 -14.93
N HIS A 16 -25.72 -4.38 -13.91
CA HIS A 16 -25.53 -3.61 -12.69
C HIS A 16 -25.53 -4.52 -11.46
N GLY A 17 -24.49 -4.40 -10.64
CA GLY A 17 -24.39 -5.21 -9.45
C GLY A 17 -23.12 -4.94 -8.67
N ALA A 18 -22.79 -5.84 -7.74
CA ALA A 18 -21.59 -5.69 -6.92
C ALA A 18 -20.82 -7.00 -6.86
N ARG A 19 -21.49 -8.07 -6.46
CA ARG A 19 -20.86 -9.38 -6.34
C ARG A 19 -19.68 -9.34 -5.37
N LYS A 20 -19.06 -10.49 -5.15
CA LYS A 20 -17.92 -10.59 -4.25
C LYS A 20 -18.33 -10.22 -2.82
N GLY A 21 -17.37 -10.28 -1.91
CA GLY A 21 -17.64 -9.95 -0.52
C GLY A 21 -16.38 -9.57 0.24
N SER A 22 -15.97 -8.31 0.13
CA SER A 22 -14.79 -7.83 0.81
C SER A 22 -14.89 -6.34 1.10
N GLN A 23 -13.98 -5.84 1.94
CA GLN A 23 -13.98 -4.43 2.30
C GLN A 23 -13.37 -3.57 1.19
N CYS A 24 -12.15 -3.90 0.80
CA CYS A 24 -11.45 -3.16 -0.25
C CYS A 24 -10.81 -4.13 -1.25
N LEU A 25 -10.88 -3.77 -2.53
CA LEU A 25 -10.30 -4.59 -3.58
C LEU A 25 -8.78 -4.49 -3.59
N SER A 26 -8.27 -3.32 -3.19
CA SER A 26 -6.84 -3.08 -3.15
C SER A 26 -6.51 -1.90 -2.25
N ASP A 27 -5.22 -1.67 -2.04
CA ASP A 27 -4.76 -0.57 -1.19
C ASP A 27 -5.10 0.78 -1.83
N THR A 28 -5.17 0.79 -3.16
CA THR A 28 -5.49 2.01 -3.88
C THR A 28 -6.99 2.22 -3.98
N ASP A 29 -7.75 1.34 -3.36
CA ASP A 29 -9.21 1.43 -3.38
C ASP A 29 -9.69 2.64 -2.59
N CYS A 30 -8.89 3.06 -1.61
CA CYS A 30 -9.23 4.21 -0.78
C CYS A 30 -9.15 5.51 -1.58
N ASN A 31 -9.77 6.56 -1.06
CA ASN A 31 -9.77 7.86 -1.73
C ASN A 31 -8.40 8.51 -1.66
N THR A 32 -7.90 8.70 -0.44
CA THR A 32 -6.59 9.31 -0.24
C THR A 32 -5.47 8.29 -0.40
N ARG A 33 -4.23 8.74 -0.24
CA ARG A 33 -3.07 7.86 -0.37
C ARG A 33 -2.91 7.01 0.88
N LYS A 34 -3.78 6.00 1.04
CA LYS A 34 -3.73 5.11 2.19
C LYS A 34 -3.75 3.66 1.75
N PHE A 35 -3.31 2.77 2.64
CA PHE A 35 -3.28 1.34 2.34
C PHE A 35 -4.37 0.61 3.10
N CYS A 36 -4.59 -0.65 2.74
CA CYS A 36 -5.61 -1.47 3.40
C CYS A 36 -5.01 -2.28 4.55
N LEU A 37 -5.24 -1.83 5.77
CA LEU A 37 -4.72 -2.51 6.95
C LEU A 37 -5.77 -3.45 7.54
N GLN A 38 -5.35 -4.67 7.88
CA GLN A 38 -6.24 -5.65 8.46
C GLN A 38 -5.62 -6.30 9.69
N PRO A 39 -5.82 -5.68 10.86
CA PRO A 39 -5.29 -6.19 12.12
C PRO A 39 -5.97 -7.47 12.58
N ARG A 40 -5.27 -8.27 13.37
CA ARG A 40 -5.82 -9.52 13.88
C ARG A 40 -6.70 -9.28 15.10
N ASP A 41 -6.33 -8.29 15.90
CA ASP A 41 -7.08 -7.96 17.11
C ASP A 41 -8.24 -7.03 16.77
N GLU A 42 -8.11 -6.30 15.66
CA GLU A 42 -9.15 -5.37 15.24
C GLU A 42 -9.71 -5.78 13.88
N LYS A 43 -10.67 -5.00 13.39
CA LYS A 43 -11.30 -5.27 12.10
C LYS A 43 -10.55 -4.57 10.97
N PRO A 44 -10.76 -5.05 9.74
CA PRO A 44 -10.11 -4.48 8.55
C PRO A 44 -10.63 -3.09 8.20
N PHE A 45 -9.72 -2.20 7.85
CA PHE A 45 -10.08 -0.82 7.51
C PHE A 45 -8.91 -0.10 6.84
N CYS A 46 -9.16 1.14 6.42
CA CYS A 46 -8.13 1.93 5.77
C CYS A 46 -7.34 2.74 6.80
N ALA A 47 -6.04 2.48 6.88
CA ALA A 47 -5.18 3.18 7.82
C ALA A 47 -4.28 4.18 7.10
N THR A 48 -4.03 5.31 7.75
CA THR A 48 -3.19 6.35 7.17
C THR A 48 -1.84 5.79 6.71
N CYS A 49 -1.31 6.35 5.64
CA CYS A 49 -0.02 5.90 5.11
C CYS A 49 1.08 6.05 6.14
N ARG A 50 2.27 5.56 5.81
CA ARG A 50 3.42 5.64 6.72
C ARG A 50 4.38 6.72 6.26
N GLY A 51 4.95 7.45 7.22
CA GLY A 51 5.88 8.51 6.89
C GLY A 51 7.31 8.00 6.78
N LEU A 52 8.25 8.92 6.64
CA LEU A 52 9.66 8.55 6.52
C LEU A 52 10.21 8.00 7.84
N ARG A 53 9.61 8.43 8.94
CA ARG A 53 10.02 7.97 10.27
C ARG A 53 9.19 6.78 10.72
N ARG A 54 8.43 6.21 9.78
CA ARG A 54 7.59 5.06 10.09
C ARG A 54 8.25 3.76 9.65
N ARG A 55 8.14 2.73 10.47
CA ARG A 55 8.72 1.43 10.16
C ARG A 55 7.82 0.64 9.21
N CYS A 56 8.43 -0.01 8.23
CA CYS A 56 7.68 -0.81 7.27
C CYS A 56 8.34 -2.18 7.06
N GLN A 57 7.58 -3.11 6.50
CA GLN A 57 8.09 -4.46 6.24
C GLN A 57 8.10 -4.75 4.75
N ARG A 58 7.14 -4.19 4.02
CA ARG A 58 7.05 -4.40 2.58
C ARG A 58 7.27 -3.10 1.83
N ASP A 59 7.44 -3.20 0.51
CA ASP A 59 7.66 -2.03 -0.33
C ASP A 59 6.35 -1.31 -0.60
N ALA A 60 5.34 -2.05 -1.06
CA ALA A 60 4.04 -1.48 -1.36
C ALA A 60 3.38 -0.93 -0.10
N MET A 61 3.74 -1.49 1.05
CA MET A 61 3.19 -1.04 2.32
C MET A 61 3.42 0.45 2.54
N CYS A 62 4.48 0.96 1.94
CA CYS A 62 4.81 2.38 2.05
C CYS A 62 4.28 3.17 0.87
N CYS A 63 3.89 4.41 1.12
CA CYS A 63 3.35 5.28 0.07
C CYS A 63 4.28 5.31 -1.14
N PRO A 64 3.74 5.72 -2.30
CA PRO A 64 4.51 5.82 -3.54
C PRO A 64 5.53 6.95 -3.51
N GLY A 65 6.69 6.70 -4.12
CA GLY A 65 7.73 7.70 -4.16
C GLY A 65 8.89 7.37 -3.25
N THR A 66 8.64 6.53 -2.25
CA THR A 66 9.66 6.13 -1.30
C THR A 66 9.89 4.62 -1.34
N LEU A 67 10.93 4.17 -0.65
CA LEU A 67 11.25 2.75 -0.61
C LEU A 67 11.50 2.28 0.83
N CYS A 68 11.11 1.04 1.12
CA CYS A 68 11.28 0.48 2.45
C CYS A 68 12.72 0.04 2.68
N VAL A 69 13.49 0.90 3.34
CA VAL A 69 14.89 0.60 3.61
C VAL A 69 15.11 0.35 5.11
N ASN A 70 15.86 -0.71 5.41
CA ASN A 70 16.14 -1.07 6.80
C ASN A 70 14.86 -1.23 7.59
N ASP A 71 13.84 -1.80 6.95
CA ASP A 71 12.54 -2.01 7.60
C ASP A 71 11.91 -0.68 7.99
N VAL A 72 12.26 0.38 7.26
CA VAL A 72 11.72 1.70 7.54
C VAL A 72 11.58 2.52 6.25
N CYS A 73 10.51 3.30 6.15
CA CYS A 73 10.27 4.12 4.97
C CYS A 73 11.40 5.11 4.76
N THR A 74 12.05 5.03 3.60
CA THR A 74 13.15 5.92 3.27
C THR A 74 13.02 6.45 1.85
N THR A 75 13.37 7.72 1.66
CA THR A 75 13.30 8.34 0.35
C THR A 75 14.28 7.71 -0.62
N MET A 76 13.94 7.73 -1.91
CA MET A 76 14.80 7.15 -2.94
C MET A 76 16.14 7.86 -2.99
N GLU A 77 16.16 9.12 -2.58
CA GLU A 77 17.39 9.91 -2.57
C GLU A 77 18.29 9.50 -1.41
N ASP A 78 17.68 9.00 -0.34
CA ASP A 78 18.43 8.57 0.84
C ASP A 78 19.03 7.19 0.62
N ALA A 79 18.27 6.32 -0.04
CA ALA A 79 18.73 4.96 -0.31
C ALA A 79 19.92 4.96 -1.27
N THR A 80 20.38 3.76 -1.63
CA THR A 80 21.51 3.63 -2.53
C THR A 80 21.05 3.30 -3.94
N GLU A 81 19.90 2.65 -4.05
CA GLU A 81 19.35 2.27 -5.34
C GLU A 81 18.66 3.47 -6.02
N ASN A 82 19.23 3.90 -7.14
CA ASN A 82 18.68 5.04 -7.87
C ASN A 82 18.49 4.69 -9.35
N LEU A 83 17.78 5.55 -10.06
CA LEU A 83 17.52 5.35 -11.48
C LEU A 83 18.34 6.31 -12.33
N TYR A 84 18.19 6.20 -13.65
CA TYR A 84 18.91 7.06 -14.57
C TYR A 84 18.23 7.10 -15.94
N PHE A 85 18.85 7.79 -16.88
CA PHE A 85 18.30 7.90 -18.24
C PHE A 85 19.34 7.51 -19.28
N GLN A 86 18.86 7.20 -20.49
CA GLN A 86 19.74 6.81 -21.57
C GLN A 86 20.14 8.01 -22.43
N SER A 87 21.35 7.97 -22.97
CA SER A 87 21.85 9.07 -23.80
C SER A 87 21.49 8.85 -25.26
N LEU A 88 21.41 9.94 -26.01
CA LEU A 88 21.06 9.88 -27.42
C LEU A 88 22.01 10.74 -28.26
N GLU A 89 22.26 10.31 -29.49
CA GLU A 89 23.15 11.05 -30.38
C GLU A 89 23.21 10.38 -31.75
N HIS A 90 23.50 11.18 -32.78
CA HIS A 90 23.58 10.67 -34.14
C HIS A 90 24.45 11.59 -35.01
N HIS A 91 24.00 12.84 -35.17
CA HIS A 91 24.73 13.81 -35.97
C HIS A 91 25.00 15.08 -35.17
N HIS A 92 26.20 15.63 -35.34
CA HIS A 92 26.59 16.85 -34.63
C HIS A 92 27.32 17.81 -35.56
N HIS A 93 26.70 18.12 -36.69
CA HIS A 93 27.29 19.03 -37.66
C HIS A 93 26.21 19.87 -38.36
N HIS A 94 26.64 20.91 -39.07
CA HIS A 94 25.72 21.78 -39.78
C HIS A 94 26.23 22.10 -41.18
N HIS A 95 25.34 22.60 -42.03
CA HIS A 95 25.71 22.95 -43.40
C HIS A 95 26.17 21.71 -44.16
N MET A 1 -36.42 -41.57 1.21
CA MET A 1 -37.65 -40.96 1.73
C MET A 1 -38.59 -42.03 2.27
N LEU A 2 -38.67 -42.14 3.59
CA LEU A 2 -39.53 -43.12 4.24
C LEU A 2 -40.31 -42.49 5.39
N VAL A 3 -39.62 -41.67 6.18
CA VAL A 3 -40.25 -41.00 7.31
C VAL A 3 -41.27 -39.96 6.84
N LEU A 4 -42.46 -40.01 7.44
CA LEU A 4 -43.52 -39.08 7.08
C LEU A 4 -43.31 -37.72 7.75
N ASP A 5 -43.46 -36.66 6.97
CA ASP A 5 -43.29 -35.30 7.49
C ASP A 5 -43.99 -34.28 6.60
N PHE A 6 -44.57 -33.26 7.22
CA PHE A 6 -45.27 -32.22 6.48
C PHE A 6 -45.68 -31.07 7.40
N ASN A 7 -44.91 -29.99 7.36
CA ASN A 7 -45.19 -28.83 8.20
C ASN A 7 -44.93 -27.54 7.42
N ASN A 8 -45.51 -26.44 7.90
CA ASN A 8 -45.35 -25.14 7.25
C ASN A 8 -43.88 -24.71 7.26
N ILE A 9 -43.52 -23.89 6.29
CA ILE A 9 -42.14 -23.40 6.18
C ILE A 9 -42.09 -21.88 6.36
N ARG A 10 -43.16 -21.20 5.97
CA ARG A 10 -43.23 -19.76 6.07
C ARG A 10 -42.05 -19.10 5.38
N SER A 11 -42.15 -18.94 4.06
CA SER A 11 -41.09 -18.34 3.27
C SER A 11 -40.87 -16.88 3.68
N SER A 12 -39.98 -16.20 2.97
CA SER A 12 -39.68 -14.80 3.25
C SER A 12 -38.76 -14.22 2.18
N ALA A 13 -39.31 -13.31 1.39
CA ALA A 13 -38.54 -12.66 0.32
C ALA A 13 -38.45 -11.15 0.55
N ASP A 14 -37.23 -10.63 0.49
CA ASP A 14 -37.00 -9.20 0.69
C ASP A 14 -35.59 -8.82 0.28
N LEU A 15 -34.61 -9.62 0.69
CA LEU A 15 -33.22 -9.36 0.37
C LEU A 15 -32.36 -10.60 0.62
N HIS A 16 -31.07 -10.48 0.33
CA HIS A 16 -30.14 -11.59 0.53
C HIS A 16 -28.91 -11.14 1.32
N GLY A 17 -28.21 -10.13 0.78
CA GLY A 17 -27.03 -9.62 1.45
C GLY A 17 -25.75 -10.09 0.79
N ALA A 18 -24.79 -9.18 0.64
CA ALA A 18 -23.52 -9.51 0.01
C ALA A 18 -22.36 -9.32 0.99
N ARG A 19 -22.48 -8.31 1.86
CA ARG A 19 -21.44 -8.02 2.84
C ARG A 19 -21.39 -9.11 3.91
N LYS A 20 -20.33 -9.08 4.71
CA LYS A 20 -20.16 -10.07 5.78
C LYS A 20 -19.37 -9.48 6.94
N GLY A 21 -18.12 -9.09 6.66
CA GLY A 21 -17.28 -8.52 7.69
C GLY A 21 -16.00 -7.92 7.13
N SER A 22 -16.15 -6.95 6.22
CA SER A 22 -14.99 -6.30 5.61
C SER A 22 -15.30 -4.84 5.30
N GLN A 23 -14.27 -4.00 5.36
CA GLN A 23 -14.43 -2.58 5.08
C GLN A 23 -13.95 -2.24 3.68
N CYS A 24 -12.88 -2.91 3.25
CA CYS A 24 -12.31 -2.68 1.92
C CYS A 24 -11.66 -3.96 1.39
N LEU A 25 -11.79 -4.17 0.08
CA LEU A 25 -11.21 -5.35 -0.56
C LEU A 25 -9.92 -4.99 -1.30
N SER A 26 -9.88 -3.80 -1.88
CA SER A 26 -8.71 -3.34 -2.61
C SER A 26 -8.15 -2.06 -2.00
N ASP A 27 -6.85 -1.87 -2.12
CA ASP A 27 -6.19 -0.69 -1.59
C ASP A 27 -6.73 0.58 -2.25
N THR A 28 -7.21 0.45 -3.48
CA THR A 28 -7.75 1.57 -4.23
C THR A 28 -9.22 1.80 -3.88
N ASP A 29 -9.73 1.02 -2.94
CA ASP A 29 -11.12 1.15 -2.52
C ASP A 29 -11.33 2.41 -1.70
N CYS A 30 -10.27 2.88 -1.05
CA CYS A 30 -10.35 4.08 -0.24
C CYS A 30 -10.44 5.33 -1.11
N ASN A 31 -10.89 6.43 -0.52
CA ASN A 31 -11.03 7.68 -1.24
C ASN A 31 -9.67 8.23 -1.66
N THR A 32 -8.90 8.71 -0.69
CA THR A 32 -7.58 9.25 -0.95
C THR A 32 -6.57 8.14 -1.22
N ARG A 33 -5.30 8.51 -1.35
CA ARG A 33 -4.24 7.56 -1.61
C ARG A 33 -3.83 6.84 -0.32
N LYS A 34 -4.67 5.91 0.13
CA LYS A 34 -4.40 5.16 1.35
C LYS A 34 -4.39 3.66 1.07
N PHE A 35 -3.84 2.90 2.01
CA PHE A 35 -3.77 1.44 1.86
C PHE A 35 -4.80 0.75 2.75
N CYS A 36 -5.01 -0.53 2.50
CA CYS A 36 -5.97 -1.32 3.27
C CYS A 36 -5.28 -2.06 4.40
N LEU A 37 -5.24 -1.44 5.57
CA LEU A 37 -4.59 -2.05 6.75
C LEU A 37 -5.49 -3.12 7.36
N GLN A 38 -5.09 -4.37 7.22
CA GLN A 38 -5.86 -5.49 7.77
C GLN A 38 -5.08 -6.22 8.85
N PRO A 39 -5.20 -5.74 10.10
CA PRO A 39 -4.51 -6.33 11.25
C PRO A 39 -5.06 -7.70 11.61
N ARG A 40 -4.20 -8.55 12.17
CA ARG A 40 -4.62 -9.89 12.57
C ARG A 40 -5.28 -9.87 13.94
N ASP A 41 -4.92 -8.89 14.76
CA ASP A 41 -5.50 -8.76 16.09
C ASP A 41 -6.75 -7.90 16.07
N GLU A 42 -6.87 -7.05 15.06
CA GLU A 42 -8.02 -6.17 14.92
C GLU A 42 -8.71 -6.40 13.57
N LYS A 43 -9.77 -5.62 13.33
CA LYS A 43 -10.52 -5.73 12.08
C LYS A 43 -9.88 -4.88 10.99
N PRO A 44 -10.22 -5.19 9.73
CA PRO A 44 -9.70 -4.46 8.56
C PRO A 44 -10.26 -3.05 8.46
N PHE A 45 -9.39 -2.09 8.17
CA PHE A 45 -9.80 -0.69 8.05
C PHE A 45 -8.82 0.07 7.16
N CYS A 46 -9.16 1.33 6.89
CA CYS A 46 -8.32 2.18 6.04
C CYS A 46 -7.44 3.08 6.90
N ALA A 47 -6.12 2.92 6.76
CA ALA A 47 -5.18 3.72 7.51
C ALA A 47 -4.42 4.68 6.60
N THR A 48 -3.96 5.79 7.16
CA THR A 48 -3.22 6.79 6.40
C THR A 48 -1.81 6.32 6.10
N CYS A 49 -1.18 6.96 5.11
CA CYS A 49 0.19 6.61 4.73
C CYS A 49 1.15 6.80 5.89
N ARG A 50 2.39 6.33 5.72
CA ARG A 50 3.40 6.45 6.76
C ARG A 50 4.45 7.50 6.38
N GLY A 51 5.29 7.85 7.35
CA GLY A 51 6.32 8.85 7.09
C GLY A 51 7.69 8.22 6.95
N LEU A 52 8.71 9.05 6.75
CA LEU A 52 10.08 8.58 6.60
C LEU A 52 10.62 8.05 7.92
N ARG A 53 10.07 8.53 9.03
CA ARG A 53 10.49 8.11 10.35
C ARG A 53 9.56 7.02 10.89
N ARG A 54 8.72 6.48 10.02
CA ARG A 54 7.79 5.44 10.42
C ARG A 54 8.27 4.06 9.97
N ARG A 55 8.10 3.06 10.82
CA ARG A 55 8.53 1.70 10.52
C ARG A 55 7.63 1.07 9.46
N CYS A 56 8.17 0.12 8.72
CA CYS A 56 7.41 -0.57 7.68
C CYS A 56 7.96 -1.97 7.42
N GLN A 57 7.10 -2.87 6.98
CA GLN A 57 7.50 -4.24 6.71
C GLN A 57 7.70 -4.46 5.21
N ARG A 58 7.02 -3.65 4.40
CA ARG A 58 7.13 -3.76 2.95
C ARG A 58 7.12 -2.38 2.30
N ASP A 59 7.60 -2.31 1.06
CA ASP A 59 7.64 -1.05 0.33
C ASP A 59 6.27 -0.70 -0.24
N ALA A 60 5.45 -1.72 -0.49
CA ALA A 60 4.12 -1.53 -1.03
C ALA A 60 3.27 -0.68 -0.10
N MET A 61 3.33 -0.97 1.19
CA MET A 61 2.56 -0.23 2.18
C MET A 61 3.08 1.20 2.31
N CYS A 62 4.35 1.39 1.99
CA CYS A 62 4.97 2.71 2.09
C CYS A 62 4.57 3.58 0.89
N CYS A 63 4.37 4.87 1.15
CA CYS A 63 3.97 5.80 0.10
C CYS A 63 4.91 5.71 -1.09
N PRO A 64 4.45 6.20 -2.25
CA PRO A 64 5.24 6.19 -3.49
C PRO A 64 6.42 7.16 -3.43
N GLY A 65 7.47 6.86 -4.19
CA GLY A 65 8.64 7.71 -4.21
C GLY A 65 9.68 7.29 -3.21
N THR A 66 9.27 6.52 -2.20
CA THR A 66 10.17 6.05 -1.16
C THR A 66 10.28 4.52 -1.17
N LEU A 67 11.20 3.99 -0.38
CA LEU A 67 11.41 2.55 -0.30
C LEU A 67 11.59 2.12 1.15
N CYS A 68 11.00 0.97 1.50
CA CYS A 68 11.10 0.44 2.84
C CYS A 68 12.50 -0.14 3.10
N VAL A 69 13.30 0.60 3.86
CA VAL A 69 14.66 0.17 4.18
C VAL A 69 14.86 0.11 5.69
N ASN A 70 15.55 -0.94 6.14
CA ASN A 70 15.83 -1.12 7.57
C ASN A 70 14.53 -1.12 8.37
N ASP A 71 13.47 -1.68 7.78
CA ASP A 71 12.18 -1.74 8.45
C ASP A 71 11.62 -0.35 8.70
N VAL A 72 12.04 0.61 7.87
CA VAL A 72 11.59 1.99 8.00
C VAL A 72 11.51 2.67 6.64
N CYS A 73 10.47 3.47 6.45
CA CYS A 73 10.28 4.19 5.19
C CYS A 73 11.46 5.11 4.90
N THR A 74 12.25 4.75 3.90
CA THR A 74 13.42 5.55 3.53
C THR A 74 13.36 5.94 2.06
N THR A 75 13.51 7.24 1.80
CA THR A 75 13.48 7.75 0.43
C THR A 75 14.46 7.00 -0.46
N MET A 76 14.04 6.75 -1.70
CA MET A 76 14.90 6.04 -2.65
C MET A 76 16.24 6.73 -2.80
N GLU A 77 16.24 8.05 -2.71
CA GLU A 77 17.46 8.84 -2.83
C GLU A 77 18.45 8.48 -1.73
N ASP A 78 17.91 8.09 -0.58
CA ASP A 78 18.75 7.72 0.56
C ASP A 78 19.27 6.30 0.43
N ALA A 79 18.45 5.42 -0.15
CA ALA A 79 18.83 4.03 -0.34
C ALA A 79 20.10 3.92 -1.19
N THR A 80 20.53 2.69 -1.43
CA THR A 80 21.73 2.45 -2.22
C THR A 80 22.92 3.21 -1.66
N GLU A 81 23.56 2.63 -0.65
CA GLU A 81 24.72 3.26 -0.03
C GLU A 81 25.62 2.21 0.63
N ASN A 82 26.92 2.38 0.49
CA ASN A 82 27.89 1.45 1.06
C ASN A 82 28.52 2.04 2.33
N LEU A 83 29.26 1.20 3.04
CA LEU A 83 29.92 1.64 4.27
C LEU A 83 31.33 2.15 3.98
N TYR A 84 31.99 2.65 5.02
CA TYR A 84 33.34 3.18 4.88
C TYR A 84 34.37 2.05 4.93
N PHE A 85 35.62 2.38 4.57
CA PHE A 85 36.69 1.39 4.57
C PHE A 85 38.05 2.07 4.65
N GLN A 86 39.10 1.27 4.79
CA GLN A 86 40.46 1.79 4.88
C GLN A 86 40.62 2.65 6.13
N SER A 87 41.18 2.07 7.18
CA SER A 87 41.39 2.78 8.42
C SER A 87 42.86 3.12 8.62
N LEU A 88 43.16 3.87 9.69
CA LEU A 88 44.53 4.27 9.99
C LEU A 88 45.07 3.51 11.19
N GLU A 89 46.38 3.29 11.21
CA GLU A 89 47.02 2.58 12.31
C GLU A 89 48.47 3.04 12.48
N HIS A 90 49.13 2.49 13.49
CA HIS A 90 50.53 2.84 13.77
C HIS A 90 51.24 1.72 14.51
N HIS A 91 52.52 1.91 14.79
CA HIS A 91 53.32 0.92 15.50
C HIS A 91 54.55 1.54 16.11
N HIS A 92 55.24 0.79 16.96
CA HIS A 92 56.46 1.26 17.61
C HIS A 92 57.49 0.15 17.73
N HIS A 93 58.67 0.50 18.22
CA HIS A 93 59.75 -0.47 18.39
C HIS A 93 60.55 -0.18 19.65
N HIS A 94 60.67 -1.18 20.51
CA HIS A 94 61.41 -1.03 21.76
C HIS A 94 62.88 -0.74 21.49
N HIS A 95 63.61 -0.36 22.54
CA HIS A 95 65.03 -0.05 22.40
C HIS A 95 65.88 -1.08 23.14
N MET A 1 9.84 -31.35 2.61
CA MET A 1 8.46 -31.22 3.06
C MET A 1 7.59 -30.62 1.96
N LEU A 2 6.76 -31.46 1.35
CA LEU A 2 5.87 -31.03 0.28
C LEU A 2 4.48 -31.63 0.44
N VAL A 3 3.83 -31.31 1.56
CA VAL A 3 2.49 -31.82 1.84
C VAL A 3 1.47 -31.23 0.87
N LEU A 4 0.50 -32.04 0.48
CA LEU A 4 -0.54 -31.59 -0.45
C LEU A 4 -1.26 -30.35 0.09
N ASP A 5 -1.28 -29.29 -0.70
CA ASP A 5 -1.93 -28.05 -0.30
C ASP A 5 -2.74 -27.47 -1.45
N PHE A 6 -4.07 -27.55 -1.32
CA PHE A 6 -4.97 -27.04 -2.35
C PHE A 6 -6.41 -27.05 -1.87
N ASN A 7 -6.79 -28.14 -1.19
CA ASN A 7 -8.15 -28.28 -0.67
C ASN A 7 -9.17 -28.27 -1.80
N ASN A 8 -10.43 -28.50 -1.46
CA ASN A 8 -11.50 -28.51 -2.45
C ASN A 8 -12.86 -28.56 -1.77
N ILE A 9 -13.45 -27.37 -1.57
CA ILE A 9 -14.75 -27.27 -0.93
C ILE A 9 -15.87 -27.25 -1.96
N ARG A 10 -15.57 -26.70 -3.14
CA ARG A 10 -16.55 -26.62 -4.22
C ARG A 10 -17.84 -25.96 -3.73
N SER A 11 -17.77 -24.67 -3.44
CA SER A 11 -18.93 -23.93 -2.96
C SER A 11 -18.68 -22.41 -3.05
N SER A 12 -18.73 -21.89 -4.27
CA SER A 12 -18.51 -20.47 -4.49
C SER A 12 -19.50 -19.92 -5.52
N ALA A 13 -20.70 -19.58 -5.05
CA ALA A 13 -21.73 -19.04 -5.93
C ALA A 13 -22.26 -17.72 -5.40
N ASP A 14 -22.55 -16.80 -6.32
CA ASP A 14 -23.06 -15.48 -5.94
C ASP A 14 -24.57 -15.53 -5.70
N LEU A 15 -24.99 -16.38 -4.77
CA LEU A 15 -26.40 -16.52 -4.44
C LEU A 15 -26.78 -15.68 -3.22
N HIS A 16 -25.89 -15.66 -2.24
CA HIS A 16 -26.12 -14.90 -1.02
C HIS A 16 -24.80 -14.43 -0.41
N GLY A 17 -24.88 -13.46 0.50
CA GLY A 17 -23.70 -12.94 1.15
C GLY A 17 -23.97 -11.70 1.97
N ALA A 18 -24.49 -11.90 3.18
CA ALA A 18 -24.80 -10.79 4.07
C ALA A 18 -23.53 -10.07 4.52
N ARG A 19 -22.50 -10.85 4.85
CA ARG A 19 -21.23 -10.28 5.30
C ARG A 19 -21.44 -9.39 6.51
N LYS A 20 -20.35 -8.77 6.98
CA LYS A 20 -20.41 -7.88 8.13
C LYS A 20 -20.15 -6.44 7.72
N GLY A 21 -19.10 -6.23 6.93
CA GLY A 21 -18.76 -4.89 6.49
C GLY A 21 -17.27 -4.71 6.26
N SER A 22 -16.81 -5.03 5.06
CA SER A 22 -15.40 -4.91 4.71
C SER A 22 -15.08 -3.50 4.25
N GLN A 23 -14.21 -2.82 5.00
CA GLN A 23 -13.81 -1.46 4.67
C GLN A 23 -13.13 -1.41 3.31
N CYS A 24 -12.01 -2.10 3.19
CA CYS A 24 -11.26 -2.13 1.94
C CYS A 24 -10.65 -3.51 1.71
N LEU A 25 -10.66 -3.95 0.45
CA LEU A 25 -10.11 -5.26 0.10
C LEU A 25 -8.68 -5.12 -0.42
N SER A 26 -8.42 -4.04 -1.14
CA SER A 26 -7.09 -3.79 -1.69
C SER A 26 -6.61 -2.38 -1.34
N ASP A 27 -5.39 -2.07 -1.75
CA ASP A 27 -4.82 -0.76 -1.48
C ASP A 27 -5.44 0.31 -2.38
N THR A 28 -5.90 -0.12 -3.56
CA THR A 28 -6.51 0.79 -4.52
C THR A 28 -8.00 0.95 -4.24
N ASP A 29 -8.47 0.32 -3.16
CA ASP A 29 -9.87 0.40 -2.79
C ASP A 29 -10.19 1.75 -2.13
N CYS A 30 -9.18 2.35 -1.53
CA CYS A 30 -9.34 3.65 -0.87
C CYS A 30 -9.27 4.79 -1.88
N ASN A 31 -8.16 4.83 -2.62
CA ASN A 31 -7.97 5.89 -3.62
C ASN A 31 -8.05 7.27 -2.98
N THR A 32 -7.76 7.33 -1.68
CA THR A 32 -7.80 8.60 -0.96
C THR A 32 -6.45 8.92 -0.34
N ARG A 33 -5.38 8.58 -1.07
CA ARG A 33 -4.02 8.84 -0.59
C ARG A 33 -3.73 8.06 0.68
N LYS A 34 -4.27 6.84 0.76
CA LYS A 34 -4.07 5.99 1.93
C LYS A 34 -4.05 4.51 1.52
N PHE A 35 -3.22 3.73 2.21
CA PHE A 35 -3.10 2.31 1.92
C PHE A 35 -4.03 1.50 2.82
N CYS A 36 -4.55 0.40 2.29
CA CYS A 36 -5.45 -0.46 3.04
C CYS A 36 -4.67 -1.44 3.92
N LEU A 37 -4.67 -1.19 5.23
CA LEU A 37 -3.95 -2.05 6.17
C LEU A 37 -4.88 -3.13 6.72
N GLN A 38 -4.35 -4.35 6.82
CA GLN A 38 -5.12 -5.48 7.33
C GLN A 38 -4.38 -6.18 8.45
N PRO A 39 -4.57 -5.71 9.69
CA PRO A 39 -3.93 -6.28 10.87
C PRO A 39 -4.47 -7.66 11.22
N ARG A 40 -3.62 -8.49 11.82
CA ARG A 40 -4.02 -9.84 12.20
C ARG A 40 -4.74 -9.83 13.54
N ASP A 41 -4.44 -8.84 14.37
CA ASP A 41 -5.06 -8.72 15.68
C ASP A 41 -6.33 -7.88 15.60
N GLU A 42 -6.42 -7.04 14.59
CA GLU A 42 -7.58 -6.17 14.39
C GLU A 42 -8.21 -6.41 13.03
N LYS A 43 -9.26 -5.65 12.73
CA LYS A 43 -9.95 -5.76 11.45
C LYS A 43 -9.29 -4.90 10.39
N PRO A 44 -9.57 -5.22 9.12
CA PRO A 44 -9.01 -4.48 7.98
C PRO A 44 -9.58 -3.07 7.85
N PHE A 45 -8.70 -2.10 7.63
CA PHE A 45 -9.12 -0.71 7.49
C PHE A 45 -8.06 0.11 6.78
N CYS A 46 -8.45 1.29 6.33
CA CYS A 46 -7.52 2.18 5.62
C CYS A 46 -6.67 2.98 6.62
N ALA A 47 -5.36 2.96 6.40
CA ALA A 47 -4.44 3.69 7.28
C ALA A 47 -3.80 4.86 6.54
N THR A 48 -3.47 5.92 7.28
CA THR A 48 -2.86 7.09 6.70
C THR A 48 -1.42 6.81 6.26
N CYS A 49 -0.86 7.72 5.48
CA CYS A 49 0.51 7.57 4.98
C CYS A 49 1.50 7.51 6.14
N ARG A 50 2.64 6.87 5.90
CA ARG A 50 3.67 6.74 6.93
C ARG A 50 4.85 7.65 6.62
N GLY A 51 5.30 8.41 7.61
CA GLY A 51 6.43 9.30 7.42
C GLY A 51 7.72 8.56 7.15
N LEU A 52 8.77 9.31 6.80
CA LEU A 52 10.06 8.71 6.50
C LEU A 52 10.66 8.07 7.74
N ARG A 53 10.26 8.56 8.91
CA ARG A 53 10.75 8.03 10.18
C ARG A 53 9.76 7.03 10.77
N ARG A 54 8.78 6.62 9.97
CA ARG A 54 7.77 5.68 10.42
C ARG A 54 8.14 4.25 10.01
N ARG A 55 7.94 3.31 10.92
CA ARG A 55 8.24 1.91 10.65
C ARG A 55 7.27 1.32 9.64
N CYS A 56 7.71 0.28 8.95
CA CYS A 56 6.88 -0.38 7.94
C CYS A 56 7.16 -1.88 7.88
N GLN A 57 6.24 -2.63 7.29
CA GLN A 57 6.39 -4.08 7.17
C GLN A 57 6.50 -4.50 5.71
N ARG A 58 5.91 -3.69 4.83
CA ARG A 58 5.94 -3.99 3.40
C ARG A 58 6.28 -2.73 2.59
N ASP A 59 6.62 -2.93 1.32
CA ASP A 59 6.96 -1.81 0.46
C ASP A 59 5.73 -0.96 0.14
N ALA A 60 4.67 -1.62 -0.32
CA ALA A 60 3.43 -0.92 -0.65
C ALA A 60 2.82 -0.27 0.57
N MET A 61 2.99 -0.91 1.72
CA MET A 61 2.46 -0.38 2.98
C MET A 61 2.96 1.03 3.23
N CYS A 62 4.13 1.35 2.69
CA CYS A 62 4.72 2.67 2.85
C CYS A 62 4.04 3.70 1.96
N CYS A 63 4.54 4.92 1.98
CA CYS A 63 3.99 6.00 1.16
C CYS A 63 4.29 5.78 -0.31
N PRO A 64 3.52 6.43 -1.18
CA PRO A 64 3.69 6.33 -2.64
C PRO A 64 4.97 7.00 -3.13
N GLY A 65 5.85 6.21 -3.72
CA GLY A 65 7.11 6.76 -4.22
C GLY A 65 8.25 6.55 -3.25
N THR A 66 8.08 5.60 -2.34
CA THR A 66 9.12 5.30 -1.35
C THR A 66 9.30 3.80 -1.18
N LEU A 67 10.31 3.42 -0.41
CA LEU A 67 10.60 2.01 -0.16
C LEU A 67 10.79 1.74 1.32
N CYS A 68 10.56 0.49 1.72
CA CYS A 68 10.70 0.10 3.12
C CYS A 68 12.09 -0.46 3.39
N VAL A 69 12.90 0.31 4.10
CA VAL A 69 14.26 -0.11 4.41
C VAL A 69 14.46 -0.20 5.93
N ASN A 70 15.05 -1.31 6.37
CA ASN A 70 15.30 -1.52 7.80
C ASN A 70 14.01 -1.37 8.60
N ASP A 71 12.92 -1.90 8.06
CA ASP A 71 11.63 -1.83 8.73
C ASP A 71 11.20 -0.38 8.93
N VAL A 72 11.70 0.51 8.07
CA VAL A 72 11.37 1.93 8.15
C VAL A 72 11.32 2.56 6.77
N CYS A 73 10.35 3.44 6.56
CA CYS A 73 10.19 4.12 5.27
C CYS A 73 11.46 4.86 4.90
N THR A 74 11.82 4.81 3.62
CA THR A 74 13.02 5.49 3.13
C THR A 74 12.82 6.00 1.70
N THR A 75 13.35 7.18 1.42
CA THR A 75 13.23 7.78 0.11
C THR A 75 14.04 6.99 -0.93
N MET A 76 13.55 6.98 -2.17
CA MET A 76 14.24 6.28 -3.24
C MET A 76 15.66 6.80 -3.42
N GLU A 77 15.89 8.05 -3.03
CA GLU A 77 17.19 8.67 -3.15
C GLU A 77 18.12 8.19 -2.04
N ASP A 78 17.55 7.93 -0.87
CA ASP A 78 18.32 7.46 0.28
C ASP A 78 18.70 6.00 0.12
N ALA A 79 17.81 5.23 -0.50
CA ALA A 79 18.06 3.80 -0.71
C ALA A 79 19.15 3.58 -1.76
N THR A 80 19.62 2.35 -1.87
CA THR A 80 20.66 2.01 -2.83
C THR A 80 21.95 2.78 -2.54
N GLU A 81 22.90 2.12 -1.89
CA GLU A 81 24.18 2.74 -1.55
C GLU A 81 25.34 1.89 -2.05
N ASN A 82 26.28 2.53 -2.74
CA ASN A 82 27.45 1.84 -3.27
C ASN A 82 28.62 1.93 -2.30
N LEU A 83 28.90 0.83 -1.62
CA LEU A 83 30.00 0.78 -0.65
C LEU A 83 31.35 0.69 -1.37
N TYR A 84 32.38 1.27 -0.76
CA TYR A 84 33.72 1.26 -1.34
C TYR A 84 33.71 1.91 -2.72
N PHE A 85 34.88 1.92 -3.36
CA PHE A 85 35.02 2.51 -4.69
C PHE A 85 35.92 1.65 -5.57
N GLN A 86 35.96 0.35 -5.29
CA GLN A 86 36.78 -0.58 -6.06
C GLN A 86 38.24 -0.11 -6.09
N SER A 87 39.05 -0.76 -6.92
CA SER A 87 40.45 -0.42 -7.03
C SER A 87 40.72 0.36 -8.32
N LEU A 88 41.51 1.43 -8.20
CA LEU A 88 41.85 2.26 -9.35
C LEU A 88 43.36 2.39 -9.50
N GLU A 89 43.82 2.60 -10.73
CA GLU A 89 45.23 2.74 -11.01
C GLU A 89 45.57 4.17 -11.43
N HIS A 90 44.60 4.84 -12.05
CA HIS A 90 44.78 6.22 -12.50
C HIS A 90 45.99 6.33 -13.42
N HIS A 91 46.33 7.56 -13.81
CA HIS A 91 47.46 7.81 -14.69
C HIS A 91 48.75 7.92 -13.88
N HIS A 92 49.87 8.03 -14.58
CA HIS A 92 51.18 8.15 -13.93
C HIS A 92 51.62 9.60 -13.86
N HIS A 93 52.52 9.89 -12.94
CA HIS A 93 53.04 11.25 -12.78
C HIS A 93 54.43 11.24 -12.17
N HIS A 94 55.15 12.35 -12.29
CA HIS A 94 56.49 12.47 -11.75
C HIS A 94 56.47 12.88 -10.29
N HIS A 95 56.69 11.91 -9.40
CA HIS A 95 56.68 12.18 -7.97
C HIS A 95 57.71 11.30 -7.26
N MET A 1 -38.83 59.78 -1.93
CA MET A 1 -39.69 58.62 -2.16
C MET A 1 -39.10 57.37 -1.55
N LEU A 2 -39.94 56.60 -0.85
CA LEU A 2 -39.49 55.37 -0.21
C LEU A 2 -39.97 54.15 -0.98
N VAL A 3 -39.17 53.09 -0.98
CA VAL A 3 -39.52 51.85 -1.66
C VAL A 3 -39.75 50.71 -0.68
N LEU A 4 -40.72 49.87 -0.98
CA LEU A 4 -41.05 48.74 -0.12
C LEU A 4 -39.96 47.67 -0.19
N ASP A 5 -39.68 47.05 0.95
CA ASP A 5 -38.66 46.00 1.02
C ASP A 5 -38.64 45.35 2.40
N PHE A 6 -38.48 44.03 2.42
CA PHE A 6 -38.46 43.29 3.67
C PHE A 6 -38.09 41.83 3.43
N ASN A 7 -37.43 41.22 4.41
CA ASN A 7 -37.03 39.82 4.30
C ASN A 7 -36.60 39.27 5.66
N ASN A 8 -37.08 38.09 6.00
CA ASN A 8 -36.75 37.45 7.26
C ASN A 8 -37.01 35.95 7.21
N ILE A 9 -36.44 35.29 6.20
CA ILE A 9 -36.62 33.86 6.04
C ILE A 9 -35.29 33.18 5.74
N ARG A 10 -34.98 32.13 6.50
CA ARG A 10 -33.74 31.38 6.31
C ARG A 10 -33.71 30.15 7.20
N SER A 11 -34.88 29.56 7.44
CA SER A 11 -34.98 28.38 8.29
C SER A 11 -34.55 27.13 7.53
N SER A 12 -34.08 26.13 8.25
CA SER A 12 -33.64 24.88 7.64
C SER A 12 -33.46 23.79 8.71
N ALA A 13 -33.61 22.55 8.29
CA ALA A 13 -33.47 21.41 9.20
C ALA A 13 -33.60 20.09 8.45
N ASP A 14 -32.74 19.14 8.79
CA ASP A 14 -32.74 17.83 8.15
C ASP A 14 -31.73 16.90 8.80
N LEU A 15 -31.75 15.63 8.39
CA LEU A 15 -30.81 14.65 8.93
C LEU A 15 -30.05 13.95 7.81
N HIS A 16 -29.23 12.97 8.18
CA HIS A 16 -28.44 12.22 7.21
C HIS A 16 -28.43 10.73 7.53
N GLY A 17 -27.72 10.37 8.59
CA GLY A 17 -27.66 8.98 9.00
C GLY A 17 -26.74 8.16 8.10
N ALA A 18 -26.33 6.99 8.57
CA ALA A 18 -25.47 6.11 7.81
C ALA A 18 -25.84 4.65 8.00
N ARG A 19 -25.74 3.87 6.94
CA ARG A 19 -26.07 2.45 6.99
C ARG A 19 -25.01 1.62 6.30
N LYS A 20 -24.14 0.98 7.09
CA LYS A 20 -23.08 0.15 6.55
C LYS A 20 -22.53 -0.79 7.61
N GLY A 21 -21.99 -1.93 7.18
CA GLY A 21 -21.44 -2.89 8.12
C GLY A 21 -19.93 -2.84 8.18
N SER A 22 -19.27 -3.27 7.10
CA SER A 22 -17.81 -3.27 7.03
C SER A 22 -17.29 -1.92 6.56
N GLN A 23 -15.97 -1.81 6.46
CA GLN A 23 -15.33 -0.57 6.03
C GLN A 23 -14.88 -0.67 4.57
N CYS A 24 -13.84 -1.46 4.34
CA CYS A 24 -13.31 -1.64 2.99
C CYS A 24 -12.97 -3.11 2.74
N LEU A 25 -13.22 -3.56 1.51
CA LEU A 25 -12.94 -4.94 1.14
C LEU A 25 -11.63 -5.04 0.35
N SER A 26 -11.26 -3.96 -0.32
CA SER A 26 -10.04 -3.92 -1.10
C SER A 26 -9.33 -2.57 -0.95
N ASP A 27 -8.10 -2.51 -1.46
CA ASP A 27 -7.32 -1.27 -1.37
C ASP A 27 -7.94 -0.17 -2.22
N THR A 28 -8.64 -0.57 -3.28
CA THR A 28 -9.28 0.39 -4.17
C THR A 28 -10.31 1.23 -3.42
N ASP A 29 -10.83 0.69 -2.32
CA ASP A 29 -11.82 1.40 -1.51
C ASP A 29 -11.19 2.61 -0.83
N CYS A 30 -9.90 2.50 -0.53
CA CYS A 30 -9.18 3.58 0.12
C CYS A 30 -8.49 4.48 -0.89
N ASN A 31 -7.97 5.62 -0.42
CA ASN A 31 -7.28 6.57 -1.29
C ASN A 31 -6.20 5.86 -2.12
N THR A 32 -5.64 6.59 -3.08
CA THR A 32 -4.60 6.05 -3.94
C THR A 32 -3.28 5.92 -3.19
N ARG A 33 -3.06 6.81 -2.23
CA ARG A 33 -1.83 6.81 -1.43
C ARG A 33 -2.08 6.16 -0.06
N LYS A 34 -3.07 5.29 0.01
CA LYS A 34 -3.40 4.61 1.25
C LYS A 34 -3.62 3.12 1.02
N PHE A 35 -3.55 2.34 2.09
CA PHE A 35 -3.73 0.89 2.01
C PHE A 35 -4.75 0.41 3.04
N CYS A 36 -5.53 -0.59 2.67
CA CYS A 36 -6.54 -1.14 3.57
C CYS A 36 -5.92 -2.18 4.50
N LEU A 37 -5.67 -1.77 5.75
CA LEU A 37 -5.09 -2.67 6.74
C LEU A 37 -6.17 -3.44 7.48
N GLN A 38 -5.95 -4.74 7.66
CA GLN A 38 -6.91 -5.58 8.36
C GLN A 38 -6.22 -6.41 9.43
N PRO A 39 -6.10 -5.84 10.64
CA PRO A 39 -5.46 -6.52 11.78
C PRO A 39 -6.29 -7.68 12.31
N ARG A 40 -5.63 -8.57 13.03
CA ARG A 40 -6.31 -9.74 13.60
C ARG A 40 -7.00 -9.38 14.91
N ASP A 41 -6.29 -8.68 15.78
CA ASP A 41 -6.82 -8.28 17.07
C ASP A 41 -7.81 -7.11 16.91
N GLU A 42 -7.65 -6.37 15.82
CA GLU A 42 -8.52 -5.23 15.56
C GLU A 42 -9.36 -5.47 14.30
N LYS A 43 -10.16 -4.47 13.94
CA LYS A 43 -11.01 -4.57 12.75
C LYS A 43 -10.41 -3.80 11.59
N PRO A 44 -10.80 -4.19 10.36
CA PRO A 44 -10.31 -3.55 9.14
C PRO A 44 -10.87 -2.13 8.96
N PHE A 45 -10.06 -1.25 8.39
CA PHE A 45 -10.47 0.14 8.17
C PHE A 45 -9.47 0.86 7.27
N CYS A 46 -9.86 2.04 6.79
CA CYS A 46 -9.00 2.84 5.93
C CYS A 46 -7.82 3.41 6.72
N ALA A 47 -6.63 2.88 6.45
CA ALA A 47 -5.43 3.35 7.12
C ALA A 47 -4.59 4.24 6.22
N THR A 48 -4.19 5.40 6.73
CA THR A 48 -3.40 6.34 5.97
C THR A 48 -2.00 5.80 5.73
N CYS A 49 -1.23 6.50 4.88
CA CYS A 49 0.13 6.09 4.56
C CYS A 49 1.03 6.21 5.80
N ARG A 50 2.27 5.76 5.65
CA ARG A 50 3.24 5.81 6.74
C ARG A 50 4.37 6.77 6.41
N GLY A 51 4.85 7.49 7.43
CA GLY A 51 5.93 8.44 7.23
C GLY A 51 7.26 7.75 7.00
N LEU A 52 8.34 8.52 6.99
CA LEU A 52 9.68 7.98 6.78
C LEU A 52 10.14 7.20 8.00
N ARG A 53 10.14 7.84 9.16
CA ARG A 53 10.56 7.21 10.40
C ARG A 53 9.77 5.92 10.65
N ARG A 54 8.56 5.87 10.10
CA ARG A 54 7.70 4.70 10.26
C ARG A 54 8.37 3.45 9.70
N ARG A 55 8.09 2.31 10.31
CA ARG A 55 8.68 1.04 9.88
C ARG A 55 7.85 0.44 8.74
N CYS A 56 8.51 -0.37 7.91
CA CYS A 56 7.84 -1.01 6.78
C CYS A 56 8.38 -2.42 6.56
N GLN A 57 7.57 -3.28 5.94
CA GLN A 57 7.97 -4.64 5.67
C GLN A 57 8.05 -4.90 4.17
N ARG A 58 7.24 -4.17 3.41
CA ARG A 58 7.22 -4.32 1.96
C ARG A 58 7.55 -3.01 1.27
N ASP A 59 7.94 -3.09 0.00
CA ASP A 59 8.29 -1.90 -0.77
C ASP A 59 7.05 -1.06 -1.07
N ALA A 60 6.03 -1.70 -1.64
CA ALA A 60 4.79 -1.02 -1.97
C ALA A 60 4.07 -0.54 -0.71
N MET A 61 4.31 -1.24 0.40
CA MET A 61 3.68 -0.88 1.67
C MET A 61 3.92 0.59 2.01
N CYS A 62 5.06 1.12 1.58
CA CYS A 62 5.42 2.50 1.83
C CYS A 62 4.93 3.40 0.69
N CYS A 63 4.71 4.67 1.00
CA CYS A 63 4.25 5.63 0.00
C CYS A 63 5.19 5.65 -1.21
N PRO A 64 4.69 6.17 -2.34
CA PRO A 64 5.46 6.26 -3.57
C PRO A 64 6.58 7.30 -3.49
N GLY A 65 7.67 7.04 -4.20
CA GLY A 65 8.80 7.96 -4.18
C GLY A 65 9.87 7.55 -3.19
N THR A 66 9.49 6.72 -2.22
CA THR A 66 10.42 6.26 -1.22
C THR A 66 10.60 4.73 -1.28
N LEU A 67 11.54 4.22 -0.49
CA LEU A 67 11.81 2.79 -0.46
C LEU A 67 11.92 2.29 0.97
N CYS A 68 11.80 0.97 1.14
CA CYS A 68 11.87 0.37 2.46
C CYS A 68 13.31 -0.05 2.79
N VAL A 69 13.98 0.73 3.62
CA VAL A 69 15.36 0.45 4.00
C VAL A 69 15.46 0.15 5.49
N ASN A 70 16.10 -0.96 5.83
CA ASN A 70 16.27 -1.35 7.22
C ASN A 70 14.92 -1.41 7.94
N ASP A 71 13.90 -1.89 7.23
CA ASP A 71 12.57 -2.00 7.81
C ASP A 71 12.02 -0.61 8.16
N VAL A 72 12.48 0.41 7.46
CA VAL A 72 12.04 1.78 7.69
C VAL A 72 11.89 2.54 6.39
N CYS A 73 10.85 3.37 6.31
CA CYS A 73 10.59 4.15 5.11
C CYS A 73 11.68 5.19 4.89
N THR A 74 12.53 4.94 3.89
CA THR A 74 13.62 5.86 3.58
C THR A 74 13.49 6.40 2.16
N THR A 75 13.67 7.72 2.03
CA THR A 75 13.56 8.38 0.73
C THR A 75 14.65 7.89 -0.23
N MET A 76 14.34 7.88 -1.51
CA MET A 76 15.29 7.44 -2.53
C MET A 76 16.54 8.32 -2.51
N GLU A 77 16.35 9.61 -2.30
CA GLU A 77 17.47 10.55 -2.26
C GLU A 77 18.35 10.30 -1.04
N ASP A 78 17.73 9.78 0.02
CA ASP A 78 18.46 9.50 1.26
C ASP A 78 19.18 8.16 1.17
N ALA A 79 18.51 7.17 0.56
CA ALA A 79 19.08 5.84 0.42
C ALA A 79 20.32 5.87 -0.48
N THR A 80 21.48 5.64 0.12
CA THR A 80 22.74 5.65 -0.61
C THR A 80 23.40 4.27 -0.58
N GLU A 81 23.13 3.52 0.49
CA GLU A 81 23.69 2.19 0.64
C GLU A 81 25.22 2.24 0.69
N ASN A 82 25.76 2.48 1.88
CA ASN A 82 27.20 2.56 2.06
C ASN A 82 27.79 3.70 1.23
N LEU A 83 29.11 3.79 1.22
CA LEU A 83 29.80 4.83 0.45
C LEU A 83 31.01 4.25 -0.28
N TYR A 84 31.58 5.05 -1.18
CA TYR A 84 32.73 4.62 -1.96
C TYR A 84 34.03 4.92 -1.22
N PHE A 85 35.02 4.05 -1.38
CA PHE A 85 36.31 4.22 -0.72
C PHE A 85 37.39 4.57 -1.74
N GLN A 86 37.98 5.75 -1.59
CA GLN A 86 39.04 6.20 -2.49
C GLN A 86 40.41 5.89 -1.93
N SER A 87 41.45 6.20 -2.70
CA SER A 87 42.83 5.96 -2.28
C SER A 87 43.68 7.21 -2.44
N LEU A 88 44.96 7.09 -2.12
CA LEU A 88 45.88 8.21 -2.23
C LEU A 88 47.31 7.73 -2.45
N GLU A 89 47.75 6.80 -1.60
CA GLU A 89 49.09 6.24 -1.71
C GLU A 89 49.05 4.74 -1.95
N HIS A 90 50.03 4.23 -2.69
CA HIS A 90 50.10 2.80 -2.99
C HIS A 90 51.49 2.26 -2.69
N HIS A 91 51.64 0.94 -2.81
CA HIS A 91 52.92 0.29 -2.54
C HIS A 91 53.17 -0.85 -3.53
N HIS A 92 54.30 -1.51 -3.38
CA HIS A 92 54.66 -2.62 -4.27
C HIS A 92 55.88 -3.37 -3.72
N HIS A 93 56.87 -2.63 -3.26
CA HIS A 93 58.09 -3.22 -2.72
C HIS A 93 58.65 -2.37 -1.59
N HIS A 94 59.70 -2.87 -0.93
CA HIS A 94 60.34 -2.16 0.16
C HIS A 94 61.41 -1.22 -0.35
N HIS A 95 61.09 0.07 -0.40
CA HIS A 95 62.04 1.08 -0.88
C HIS A 95 62.83 1.66 0.29
N MET A 1 20.44 16.18 9.65
CA MET A 1 20.40 17.63 9.47
C MET A 1 19.91 17.99 8.08
N LEU A 2 20.17 17.13 7.11
CA LEU A 2 19.76 17.36 5.73
C LEU A 2 19.63 16.04 4.97
N VAL A 3 18.41 15.52 4.91
CA VAL A 3 18.15 14.27 4.20
C VAL A 3 17.73 14.52 2.75
N LEU A 4 18.15 13.63 1.86
CA LEU A 4 17.81 13.76 0.44
C LEU A 4 16.33 13.51 0.21
N ASP A 5 15.69 14.45 -0.50
CA ASP A 5 14.27 14.34 -0.80
C ASP A 5 13.93 15.05 -2.10
N PHE A 6 12.66 15.03 -2.47
CA PHE A 6 12.20 15.68 -3.69
C PHE A 6 10.69 15.53 -3.86
N ASN A 7 10.20 14.30 -3.71
CA ASN A 7 8.77 14.03 -3.84
C ASN A 7 8.29 14.34 -5.25
N ASN A 8 8.36 13.35 -6.13
CA ASN A 8 7.93 13.52 -7.51
C ASN A 8 6.63 12.76 -7.78
N ILE A 9 5.72 13.41 -8.51
CA ILE A 9 4.44 12.80 -8.84
C ILE A 9 4.62 11.47 -9.57
N ARG A 10 3.67 10.56 -9.38
CA ARG A 10 3.72 9.26 -10.03
C ARG A 10 2.33 8.69 -10.23
N SER A 11 1.72 8.99 -11.38
CA SER A 11 0.38 8.51 -11.69
C SER A 11 0.00 8.85 -13.12
N SER A 12 -0.01 7.83 -13.97
CA SER A 12 -0.35 8.01 -15.38
C SER A 12 -1.44 7.03 -15.81
N ALA A 13 -2.29 6.65 -14.85
CA ALA A 13 -3.37 5.72 -15.13
C ALA A 13 -4.25 5.52 -13.90
N ASP A 14 -5.55 5.73 -14.06
CA ASP A 14 -6.50 5.58 -12.96
C ASP A 14 -7.72 4.78 -13.40
N LEU A 15 -8.09 3.78 -12.61
CA LEU A 15 -9.24 2.94 -12.91
C LEU A 15 -10.23 2.93 -11.76
N HIS A 16 -11.44 2.44 -12.03
CA HIS A 16 -12.48 2.38 -11.01
C HIS A 16 -13.35 1.14 -11.20
N GLY A 17 -13.90 0.64 -10.10
CA GLY A 17 -14.75 -0.54 -10.17
C GLY A 17 -14.08 -1.77 -9.58
N ALA A 18 -14.70 -2.35 -8.57
CA ALA A 18 -14.15 -3.54 -7.91
C ALA A 18 -15.24 -4.28 -7.13
N ARG A 19 -16.48 -4.14 -7.57
CA ARG A 19 -17.61 -4.78 -6.91
C ARG A 19 -17.73 -4.34 -5.46
N LYS A 20 -18.74 -4.83 -4.76
CA LYS A 20 -18.97 -4.48 -3.37
C LYS A 20 -18.67 -5.66 -2.45
N GLY A 21 -17.54 -5.60 -1.76
CA GLY A 21 -17.16 -6.67 -0.86
C GLY A 21 -16.21 -6.20 0.23
N SER A 22 -16.61 -6.40 1.48
CA SER A 22 -15.80 -5.99 2.62
C SER A 22 -15.43 -4.50 2.52
N GLN A 23 -14.56 -4.06 3.42
CA GLN A 23 -14.13 -2.66 3.43
C GLN A 23 -13.13 -2.40 2.31
N CYS A 24 -11.95 -3.01 2.41
CA CYS A 24 -10.90 -2.83 1.41
C CYS A 24 -9.99 -4.05 1.37
N LEU A 25 -9.57 -4.41 0.16
CA LEU A 25 -8.70 -5.57 -0.03
C LEU A 25 -7.24 -5.12 -0.21
N SER A 26 -7.06 -3.90 -0.71
CA SER A 26 -5.73 -3.35 -0.94
C SER A 26 -5.74 -1.84 -0.80
N ASP A 27 -4.58 -1.22 -1.05
CA ASP A 27 -4.46 0.23 -0.95
C ASP A 27 -5.28 0.92 -2.04
N THR A 28 -5.35 0.29 -3.21
CA THR A 28 -6.09 0.85 -4.33
C THR A 28 -7.56 1.08 -3.96
N ASP A 29 -8.03 0.34 -2.98
CA ASP A 29 -9.41 0.46 -2.52
C ASP A 29 -9.64 1.80 -1.83
N CYS A 30 -8.58 2.34 -1.25
CA CYS A 30 -8.65 3.62 -0.55
C CYS A 30 -8.09 4.74 -1.42
N ASN A 31 -8.98 5.62 -1.88
CA ASN A 31 -8.58 6.75 -2.72
C ASN A 31 -7.55 7.61 -2.01
N THR A 32 -7.09 8.66 -2.69
CA THR A 32 -6.10 9.57 -2.12
C THR A 32 -4.82 8.82 -1.77
N ARG A 33 -3.90 9.52 -1.11
CA ARG A 33 -2.63 8.92 -0.70
C ARG A 33 -2.79 8.11 0.57
N LYS A 34 -3.48 6.98 0.47
CA LYS A 34 -3.70 6.11 1.62
C LYS A 34 -3.75 4.65 1.19
N PHE A 35 -3.49 3.75 2.13
CA PHE A 35 -3.51 2.32 1.86
C PHE A 35 -4.47 1.60 2.80
N CYS A 36 -4.65 0.30 2.57
CA CYS A 36 -5.54 -0.50 3.39
C CYS A 36 -4.74 -1.48 4.27
N LEU A 37 -4.65 -1.17 5.55
CA LEU A 37 -3.92 -2.02 6.49
C LEU A 37 -4.83 -3.11 7.06
N GLN A 38 -4.42 -4.35 6.91
CA GLN A 38 -5.19 -5.49 7.41
C GLN A 38 -4.41 -6.23 8.49
N PRO A 39 -4.56 -5.79 9.74
CA PRO A 39 -3.88 -6.42 10.89
C PRO A 39 -4.43 -7.79 11.21
N ARG A 40 -3.65 -8.59 11.94
CA ARG A 40 -4.07 -9.94 12.30
C ARG A 40 -4.95 -9.91 13.55
N ASP A 41 -4.51 -9.16 14.56
CA ASP A 41 -5.25 -9.04 15.80
C ASP A 41 -6.48 -8.15 15.63
N GLU A 42 -6.43 -7.27 14.63
CA GLU A 42 -7.53 -6.36 14.36
C GLU A 42 -8.14 -6.64 13.00
N LYS A 43 -9.13 -5.84 12.62
CA LYS A 43 -9.81 -6.01 11.33
C LYS A 43 -9.30 -4.99 10.32
N PRO A 44 -9.45 -5.32 9.03
CA PRO A 44 -9.02 -4.44 7.93
C PRO A 44 -9.88 -3.19 7.81
N PHE A 45 -9.27 -2.08 7.44
CA PHE A 45 -9.97 -0.82 7.29
C PHE A 45 -9.10 0.23 6.62
N CYS A 46 -9.71 1.34 6.22
CA CYS A 46 -8.98 2.42 5.57
C CYS A 46 -8.08 3.15 6.55
N ALA A 47 -6.77 3.08 6.32
CA ALA A 47 -5.80 3.73 7.19
C ALA A 47 -5.06 4.84 6.45
N THR A 48 -4.32 5.65 7.20
CA THR A 48 -3.57 6.75 6.62
C THR A 48 -2.12 6.36 6.38
N CYS A 49 -1.44 7.10 5.50
CA CYS A 49 -0.05 6.82 5.18
C CYS A 49 0.87 7.22 6.34
N ARG A 50 2.14 6.88 6.23
CA ARG A 50 3.11 7.20 7.28
C ARG A 50 4.28 8.00 6.70
N GLY A 51 5.12 8.53 7.58
CA GLY A 51 6.27 9.31 7.15
C GLY A 51 7.45 8.44 6.75
N LEU A 52 8.64 9.02 6.75
CA LEU A 52 9.85 8.29 6.40
C LEU A 52 10.39 7.52 7.60
N ARG A 53 10.72 8.25 8.66
CA ARG A 53 11.26 7.65 9.87
C ARG A 53 10.33 6.55 10.39
N ARG A 54 9.04 6.68 10.07
CA ARG A 54 8.06 5.70 10.50
C ARG A 54 8.46 4.29 10.10
N ARG A 55 8.21 3.33 10.97
CA ARG A 55 8.55 1.94 10.70
C ARG A 55 7.54 1.31 9.74
N CYS A 56 8.01 0.36 8.94
CA CYS A 56 7.16 -0.33 7.97
C CYS A 56 7.61 -1.78 7.78
N GLN A 57 6.70 -2.60 7.26
CA GLN A 57 7.00 -4.00 7.02
C GLN A 57 7.03 -4.32 5.53
N ARG A 58 6.10 -3.73 4.79
CA ARG A 58 6.01 -3.96 3.36
C ARG A 58 5.96 -2.63 2.60
N ASP A 59 6.58 -2.58 1.43
CA ASP A 59 6.59 -1.38 0.61
C ASP A 59 5.18 -0.85 0.40
N ALA A 60 4.21 -1.76 0.39
CA ALA A 60 2.81 -1.38 0.20
C ALA A 60 2.33 -0.48 1.33
N MET A 61 2.73 -0.80 2.54
CA MET A 61 2.33 -0.02 3.72
C MET A 61 2.75 1.44 3.57
N CYS A 62 3.84 1.66 2.82
CA CYS A 62 4.35 3.01 2.60
C CYS A 62 3.76 3.61 1.32
N CYS A 63 3.47 4.91 1.37
CA CYS A 63 2.90 5.60 0.22
C CYS A 63 3.75 5.35 -1.03
N PRO A 64 3.14 5.59 -2.21
CA PRO A 64 3.82 5.40 -3.49
C PRO A 64 4.90 6.44 -3.74
N GLY A 65 6.14 5.98 -3.88
CA GLY A 65 7.25 6.88 -4.12
C GLY A 65 8.45 6.57 -3.25
N THR A 66 8.21 5.84 -2.15
CA THR A 66 9.28 5.47 -1.24
C THR A 66 9.48 3.96 -1.20
N LEU A 67 10.52 3.52 -0.50
CA LEU A 67 10.83 2.10 -0.38
C LEU A 67 11.02 1.70 1.08
N CYS A 68 10.57 0.50 1.42
CA CYS A 68 10.69 0.00 2.79
C CYS A 68 12.09 -0.57 3.03
N VAL A 69 12.90 0.19 3.77
CA VAL A 69 14.26 -0.23 4.09
C VAL A 69 14.57 -0.04 5.57
N ASN A 70 15.34 -0.97 6.13
CA ASN A 70 15.70 -0.90 7.54
C ASN A 70 14.47 -0.88 8.43
N ASP A 71 13.40 -1.54 7.98
CA ASP A 71 12.16 -1.60 8.73
C ASP A 71 11.55 -0.21 8.87
N VAL A 72 11.89 0.68 7.96
CA VAL A 72 11.38 2.04 7.98
C VAL A 72 11.23 2.61 6.57
N CYS A 73 10.34 3.59 6.42
CA CYS A 73 10.10 4.21 5.12
C CYS A 73 11.32 5.01 4.68
N THR A 74 12.04 4.47 3.70
CA THR A 74 13.23 5.14 3.17
C THR A 74 12.99 5.65 1.75
N THR A 75 13.47 6.87 1.48
CA THR A 75 13.31 7.47 0.17
C THR A 75 14.21 6.80 -0.86
N MET A 76 13.83 6.91 -2.13
CA MET A 76 14.60 6.30 -3.21
C MET A 76 16.02 6.87 -3.24
N GLU A 77 16.14 8.18 -3.04
CA GLU A 77 17.43 8.86 -3.04
C GLU A 77 18.29 8.37 -1.89
N ASP A 78 17.64 8.04 -0.77
CA ASP A 78 18.35 7.57 0.41
C ASP A 78 18.95 6.19 0.17
N ALA A 79 18.13 5.26 -0.29
CA ALA A 79 18.59 3.90 -0.56
C ALA A 79 19.72 3.90 -1.59
N THR A 80 20.57 2.88 -1.51
CA THR A 80 21.69 2.76 -2.43
C THR A 80 21.39 1.77 -3.54
N GLU A 81 20.83 2.25 -4.64
CA GLU A 81 20.50 1.41 -5.78
C GLU A 81 21.75 1.01 -6.55
N ASN A 82 21.55 0.25 -7.63
CA ASN A 82 22.67 -0.19 -8.46
C ASN A 82 23.30 0.98 -9.20
N LEU A 83 24.62 0.95 -9.31
CA LEU A 83 25.35 2.02 -10.00
C LEU A 83 25.86 1.53 -11.36
N TYR A 84 25.80 2.41 -12.35
CA TYR A 84 26.26 2.08 -13.69
C TYR A 84 27.76 2.33 -13.83
N PHE A 85 28.33 1.88 -14.95
CA PHE A 85 29.75 2.05 -15.21
C PHE A 85 29.98 2.96 -16.42
N GLN A 86 31.04 3.75 -16.36
CA GLN A 86 31.38 4.66 -17.44
C GLN A 86 30.28 5.71 -17.63
N SER A 87 30.42 6.83 -16.94
CA SER A 87 29.44 7.91 -17.03
C SER A 87 30.13 9.27 -17.02
N LEU A 88 31.23 9.37 -17.75
CA LEU A 88 31.98 10.62 -17.82
C LEU A 88 33.11 10.51 -18.84
N GLU A 89 33.52 11.65 -19.39
CA GLU A 89 34.59 11.68 -20.38
C GLU A 89 35.83 10.96 -19.86
N HIS A 90 36.78 10.69 -20.75
CA HIS A 90 38.02 10.01 -20.38
C HIS A 90 38.94 10.95 -19.62
N HIS A 91 39.37 12.02 -20.28
CA HIS A 91 40.26 12.99 -19.66
C HIS A 91 40.41 14.23 -20.54
N HIS A 92 40.93 15.31 -19.96
CA HIS A 92 41.12 16.55 -20.69
C HIS A 92 42.59 16.79 -20.98
N HIS A 93 42.87 17.64 -21.98
CA HIS A 93 44.24 17.96 -22.36
C HIS A 93 44.71 19.23 -21.67
N HIS A 94 46.00 19.54 -21.82
CA HIS A 94 46.58 20.73 -21.21
C HIS A 94 47.95 21.03 -21.82
N HIS A 95 47.97 21.25 -23.13
CA HIS A 95 49.22 21.54 -23.83
C HIS A 95 50.20 20.38 -23.72
N MET A 1 -18.45 -42.88 26.00
CA MET A 1 -18.91 -43.87 25.04
C MET A 1 -20.37 -43.63 24.66
N LEU A 2 -21.15 -43.14 25.61
CA LEU A 2 -22.57 -42.87 25.37
C LEU A 2 -22.78 -41.40 25.02
N VAL A 3 -23.54 -41.15 23.96
CA VAL A 3 -23.82 -39.80 23.52
C VAL A 3 -25.26 -39.41 23.82
N LEU A 4 -25.45 -38.17 24.25
CA LEU A 4 -26.79 -37.67 24.58
C LEU A 4 -27.63 -37.47 23.31
N ASP A 5 -28.71 -38.23 23.20
CA ASP A 5 -29.59 -38.14 22.04
C ASP A 5 -30.81 -37.27 22.36
N PHE A 6 -30.64 -35.96 22.25
CA PHE A 6 -31.71 -35.02 22.52
C PHE A 6 -32.05 -34.20 21.29
N ASN A 7 -33.31 -34.23 20.88
CA ASN A 7 -33.77 -33.49 19.71
C ASN A 7 -35.27 -33.22 19.78
N ASN A 8 -35.66 -32.00 19.43
CA ASN A 8 -37.07 -31.62 19.45
C ASN A 8 -37.63 -31.52 18.03
N ILE A 9 -38.94 -31.31 17.94
CA ILE A 9 -39.60 -31.20 16.64
C ILE A 9 -40.51 -29.98 16.59
N ARG A 10 -40.50 -29.27 15.48
CA ARG A 10 -41.34 -28.09 15.30
C ARG A 10 -42.06 -28.13 13.97
N SER A 11 -43.06 -27.27 13.81
CA SER A 11 -43.85 -27.21 12.59
C SER A 11 -43.40 -26.04 11.72
N SER A 12 -43.17 -26.32 10.44
CA SER A 12 -42.74 -25.29 9.50
C SER A 12 -41.45 -24.64 9.97
N ALA A 13 -40.96 -23.67 9.20
CA ALA A 13 -39.72 -22.97 9.53
C ALA A 13 -39.73 -21.55 8.97
N ASP A 14 -39.57 -21.43 7.66
CA ASP A 14 -39.55 -20.14 7.00
C ASP A 14 -38.52 -19.21 7.64
N LEU A 15 -37.25 -19.46 7.34
CA LEU A 15 -36.17 -18.65 7.89
C LEU A 15 -35.46 -17.87 6.78
N HIS A 16 -35.37 -16.55 6.96
CA HIS A 16 -34.73 -15.69 5.98
C HIS A 16 -34.59 -14.27 6.51
N GLY A 17 -33.35 -13.77 6.57
CA GLY A 17 -33.12 -12.43 7.06
C GLY A 17 -31.72 -12.25 7.59
N ALA A 18 -30.90 -11.51 6.87
CA ALA A 18 -29.51 -11.25 7.28
C ALA A 18 -28.83 -10.29 6.33
N ARG A 19 -27.81 -9.60 6.83
CA ARG A 19 -27.06 -8.63 6.03
C ARG A 19 -25.71 -8.32 6.66
N LYS A 20 -24.63 -8.67 5.97
CA LYS A 20 -23.29 -8.44 6.46
C LYS A 20 -22.50 -7.59 5.48
N GLY A 21 -21.24 -7.31 5.82
CA GLY A 21 -20.40 -6.51 4.95
C GLY A 21 -19.08 -6.13 5.61
N SER A 22 -18.13 -5.68 4.81
CA SER A 22 -16.82 -5.28 5.32
C SER A 22 -16.55 -3.80 5.04
N GLN A 23 -15.37 -3.34 5.45
CA GLN A 23 -14.99 -1.94 5.24
C GLN A 23 -14.43 -1.73 3.83
N CYS A 24 -13.28 -2.31 3.57
CA CYS A 24 -12.64 -2.19 2.26
C CYS A 24 -12.27 -3.56 1.69
N LEU A 25 -12.36 -3.69 0.38
CA LEU A 25 -12.03 -4.95 -0.29
C LEU A 25 -10.56 -5.03 -0.63
N SER A 26 -9.94 -3.86 -0.79
CA SER A 26 -8.51 -3.79 -1.12
C SER A 26 -7.92 -2.43 -0.74
N ASP A 27 -6.62 -2.29 -0.91
CA ASP A 27 -5.94 -1.05 -0.58
C ASP A 27 -6.31 0.05 -1.57
N THR A 28 -6.69 -0.35 -2.78
CA THR A 28 -7.08 0.60 -3.81
C THR A 28 -8.36 1.33 -3.44
N ASP A 29 -9.17 0.70 -2.60
CA ASP A 29 -10.43 1.29 -2.17
C ASP A 29 -10.18 2.50 -1.26
N CYS A 30 -9.03 2.50 -0.60
CA CYS A 30 -8.67 3.60 0.29
C CYS A 30 -8.40 4.89 -0.50
N ASN A 31 -8.52 6.02 0.17
CA ASN A 31 -8.29 7.31 -0.47
C ASN A 31 -6.92 7.36 -1.14
N THR A 32 -6.68 8.42 -1.90
CA THR A 32 -5.41 8.57 -2.60
C THR A 32 -4.24 8.66 -1.61
N ARG A 33 -3.08 8.17 -2.04
CA ARG A 33 -1.89 8.19 -1.18
C ARG A 33 -2.17 7.52 0.15
N LYS A 34 -3.11 6.57 0.16
CA LYS A 34 -3.47 5.85 1.37
C LYS A 34 -3.76 4.39 1.08
N PHE A 35 -3.42 3.51 2.01
CA PHE A 35 -3.66 2.09 1.85
C PHE A 35 -4.52 1.54 2.99
N CYS A 36 -5.18 0.41 2.73
CA CYS A 36 -6.05 -0.21 3.73
C CYS A 36 -5.27 -1.25 4.54
N LEU A 37 -4.88 -0.86 5.74
CA LEU A 37 -4.13 -1.77 6.62
C LEU A 37 -5.04 -2.87 7.17
N GLN A 38 -4.60 -4.12 7.00
CA GLN A 38 -5.37 -5.26 7.47
C GLN A 38 -4.59 -6.05 8.53
N PRO A 39 -4.73 -5.63 9.80
CA PRO A 39 -4.05 -6.29 10.92
C PRO A 39 -4.60 -7.68 11.21
N ARG A 40 -3.75 -8.53 11.78
CA ARG A 40 -4.15 -9.90 12.10
C ARG A 40 -4.88 -9.95 13.44
N ASP A 41 -4.32 -9.27 14.44
CA ASP A 41 -4.92 -9.24 15.77
C ASP A 41 -6.14 -8.33 15.79
N GLU A 42 -6.19 -7.39 14.85
CA GLU A 42 -7.31 -6.45 14.77
C GLU A 42 -8.04 -6.60 13.43
N LYS A 43 -9.08 -5.79 13.25
CA LYS A 43 -9.87 -5.83 12.02
C LYS A 43 -9.27 -4.90 10.97
N PRO A 44 -9.64 -5.14 9.70
CA PRO A 44 -9.16 -4.33 8.57
C PRO A 44 -9.73 -2.93 8.58
N PHE A 45 -8.88 -1.95 8.30
CA PHE A 45 -9.30 -0.55 8.27
C PHE A 45 -8.42 0.28 7.35
N CYS A 46 -8.85 1.50 7.05
CA CYS A 46 -8.09 2.39 6.18
C CYS A 46 -7.03 3.15 6.97
N ALA A 47 -5.84 3.26 6.40
CA ALA A 47 -4.74 3.97 7.06
C ALA A 47 -4.20 5.08 6.17
N THR A 48 -3.38 5.95 6.74
CA THR A 48 -2.80 7.06 6.00
C THR A 48 -1.36 6.75 5.60
N CYS A 49 -0.80 7.58 4.72
CA CYS A 49 0.56 7.40 4.25
C CYS A 49 1.53 7.28 5.43
N ARG A 50 2.64 6.59 5.21
CA ARG A 50 3.65 6.41 6.26
C ARG A 50 4.86 7.30 6.01
N GLY A 51 5.19 8.12 7.00
CA GLY A 51 6.33 9.01 6.88
C GLY A 51 7.64 8.26 6.80
N LEU A 52 8.74 9.00 6.64
CA LEU A 52 10.06 8.40 6.55
C LEU A 52 10.47 7.80 7.90
N ARG A 53 9.87 8.27 8.97
CA ARG A 53 10.17 7.79 10.30
C ARG A 53 9.19 6.68 10.72
N ARG A 54 8.09 6.57 9.98
CA ARG A 54 7.07 5.57 10.27
C ARG A 54 7.56 4.17 9.91
N ARG A 55 7.37 3.23 10.81
CA ARG A 55 7.79 1.84 10.58
C ARG A 55 6.94 1.19 9.51
N CYS A 56 7.50 0.19 8.84
CA CYS A 56 6.80 -0.52 7.78
C CYS A 56 7.36 -1.94 7.61
N GLN A 57 6.73 -2.71 6.74
CA GLN A 57 7.16 -4.09 6.49
C GLN A 57 7.39 -4.31 5.00
N ARG A 58 6.55 -3.70 4.17
CA ARG A 58 6.66 -3.84 2.73
C ARG A 58 6.82 -2.47 2.06
N ASP A 59 7.42 -2.46 0.88
CA ASP A 59 7.64 -1.22 0.14
C ASP A 59 6.37 -0.81 -0.59
N ALA A 60 5.51 -1.79 -0.88
CA ALA A 60 4.26 -1.52 -1.58
C ALA A 60 3.26 -0.80 -0.68
N MET A 61 3.32 -1.09 0.62
CA MET A 61 2.43 -0.47 1.59
C MET A 61 2.91 0.93 1.96
N CYS A 62 4.20 1.18 1.74
CA CYS A 62 4.78 2.48 2.05
C CYS A 62 4.19 3.57 1.14
N CYS A 63 4.68 4.79 1.32
CA CYS A 63 4.21 5.91 0.52
C CYS A 63 4.63 5.76 -0.95
N PRO A 64 3.93 6.48 -1.83
CA PRO A 64 4.20 6.44 -3.27
C PRO A 64 5.53 7.11 -3.63
N GLY A 65 6.44 6.32 -4.20
CA GLY A 65 7.74 6.85 -4.57
C GLY A 65 8.81 6.55 -3.54
N THR A 66 8.43 5.87 -2.47
CA THR A 66 9.36 5.52 -1.41
C THR A 66 9.53 4.01 -1.29
N LEU A 67 10.45 3.59 -0.45
CA LEU A 67 10.72 2.16 -0.24
C LEU A 67 10.74 1.82 1.24
N CYS A 68 10.61 0.54 1.55
CA CYS A 68 10.62 0.08 2.93
C CYS A 68 11.97 -0.56 3.28
N VAL A 69 12.72 0.10 4.15
CA VAL A 69 14.03 -0.39 4.57
C VAL A 69 14.20 -0.26 6.08
N ASN A 70 14.85 -1.26 6.68
CA ASN A 70 15.09 -1.25 8.12
C ASN A 70 13.78 -1.18 8.88
N ASP A 71 12.72 -1.75 8.31
CA ASP A 71 11.41 -1.76 8.93
C ASP A 71 10.87 -0.34 9.06
N VAL A 72 11.33 0.55 8.19
CA VAL A 72 10.89 1.94 8.19
C VAL A 72 10.91 2.54 6.79
N CYS A 73 9.94 3.39 6.50
CA CYS A 73 9.84 4.03 5.20
C CYS A 73 11.09 4.87 4.91
N THR A 74 11.50 4.88 3.65
CA THR A 74 12.68 5.64 3.23
C THR A 74 12.53 6.13 1.80
N THR A 75 13.18 7.26 1.50
CA THR A 75 13.13 7.84 0.17
C THR A 75 14.03 7.07 -0.80
N MET A 76 13.70 7.15 -2.09
CA MET A 76 14.49 6.47 -3.11
C MET A 76 15.93 6.94 -3.10
N GLU A 77 16.14 8.17 -2.64
CA GLU A 77 17.48 8.75 -2.58
C GLU A 77 18.17 8.41 -1.26
N ASP A 78 17.35 8.18 -0.23
CA ASP A 78 17.87 7.85 1.10
C ASP A 78 18.43 6.42 1.12
N ALA A 79 17.78 5.52 0.38
CA ALA A 79 18.22 4.14 0.32
C ALA A 79 19.64 4.03 -0.21
N THR A 80 20.11 2.80 -0.41
CA THR A 80 21.46 2.56 -0.90
C THR A 80 22.51 3.07 0.09
N GLU A 81 22.14 3.11 1.36
CA GLU A 81 23.05 3.56 2.41
C GLU A 81 23.57 4.97 2.10
N ASN A 82 22.79 5.73 1.34
CA ASN A 82 23.17 7.08 0.97
C ASN A 82 24.57 7.11 0.36
N LEU A 83 24.65 6.84 -0.95
CA LEU A 83 25.93 6.82 -1.65
C LEU A 83 26.62 8.17 -1.54
N TYR A 84 27.94 8.19 -1.75
CA TYR A 84 28.72 9.41 -1.67
C TYR A 84 30.00 9.29 -2.48
N PHE A 85 30.78 10.36 -2.50
CA PHE A 85 32.05 10.38 -3.24
C PHE A 85 33.22 10.64 -2.29
N GLN A 86 34.20 9.74 -2.31
CA GLN A 86 35.38 9.87 -1.47
C GLN A 86 36.08 11.20 -1.72
N SER A 87 37.07 11.50 -0.90
CA SER A 87 37.84 12.74 -1.03
C SER A 87 39.21 12.48 -1.64
N LEU A 88 39.93 13.55 -1.95
CA LEU A 88 41.26 13.43 -2.54
C LEU A 88 42.32 13.96 -1.59
N GLU A 89 43.34 13.15 -1.34
CA GLU A 89 44.42 13.54 -0.44
C GLU A 89 45.74 13.67 -1.20
N HIS A 90 46.45 14.75 -0.95
CA HIS A 90 47.73 15.00 -1.62
C HIS A 90 48.86 14.23 -0.93
N HIS A 91 50.01 14.16 -1.59
CA HIS A 91 51.16 13.46 -1.04
C HIS A 91 52.32 14.42 -0.79
N HIS A 92 52.79 15.06 -1.86
CA HIS A 92 53.90 16.00 -1.75
C HIS A 92 55.16 15.31 -1.27
N HIS A 93 56.30 15.97 -1.45
CA HIS A 93 57.58 15.42 -1.03
C HIS A 93 58.72 16.40 -1.31
N HIS A 94 59.70 16.43 -0.41
CA HIS A 94 60.84 17.33 -0.56
C HIS A 94 60.38 18.79 -0.56
N HIS A 95 61.34 19.70 -0.71
CA HIS A 95 61.05 21.13 -0.73
C HIS A 95 60.09 21.46 -1.87
N MET A 1 -63.50 -21.36 22.36
CA MET A 1 -63.25 -20.14 23.11
C MET A 1 -62.29 -19.23 22.35
N LEU A 2 -62.75 -18.03 22.01
CA LEU A 2 -61.92 -17.07 21.28
C LEU A 2 -62.54 -15.67 21.34
N VAL A 3 -61.70 -14.68 21.62
CA VAL A 3 -62.16 -13.30 21.70
C VAL A 3 -61.68 -12.48 20.50
N LEU A 4 -62.52 -11.57 20.05
CA LEU A 4 -62.18 -10.72 18.90
C LEU A 4 -61.26 -9.59 19.33
N ASP A 5 -60.19 -9.39 18.56
CA ASP A 5 -59.22 -8.34 18.85
C ASP A 5 -58.17 -8.25 17.74
N PHE A 6 -57.98 -7.03 17.23
CA PHE A 6 -57.01 -6.81 16.16
C PHE A 6 -56.60 -5.34 16.11
N ASN A 7 -57.59 -4.45 16.05
CA ASN A 7 -57.33 -3.02 16.00
C ASN A 7 -56.57 -2.65 14.73
N ASN A 8 -56.32 -1.36 14.55
CA ASN A 8 -55.60 -0.88 13.38
C ASN A 8 -54.71 0.31 13.73
N ILE A 9 -53.75 0.61 12.86
CA ILE A 9 -52.83 1.72 13.08
C ILE A 9 -52.64 2.54 11.82
N ARG A 10 -51.96 3.67 11.95
CA ARG A 10 -51.71 4.55 10.81
C ARG A 10 -50.30 5.13 10.87
N SER A 11 -49.59 5.07 9.75
CA SER A 11 -48.22 5.59 9.69
C SER A 11 -47.66 5.42 8.27
N SER A 12 -46.72 6.30 7.92
CA SER A 12 -46.09 6.25 6.60
C SER A 12 -45.03 7.35 6.46
N ALA A 13 -43.76 6.94 6.50
CA ALA A 13 -42.66 7.88 6.37
C ALA A 13 -41.40 7.19 5.87
N ASP A 14 -40.88 6.26 6.66
CA ASP A 14 -39.67 5.54 6.29
C ASP A 14 -38.53 6.48 5.99
N LEU A 15 -37.74 6.80 7.02
CA LEU A 15 -36.61 7.71 6.86
C LEU A 15 -35.51 7.37 7.87
N HIS A 16 -35.24 6.08 8.04
CA HIS A 16 -34.21 5.62 8.96
C HIS A 16 -33.81 4.19 8.66
N GLY A 17 -32.50 3.92 8.69
CA GLY A 17 -32.01 2.59 8.41
C GLY A 17 -30.61 2.60 7.82
N ALA A 18 -29.86 1.53 8.05
CA ALA A 18 -28.51 1.41 7.53
C ALA A 18 -28.05 -0.04 7.50
N ARG A 19 -26.99 -0.31 6.74
CA ARG A 19 -26.45 -1.66 6.63
C ARG A 19 -25.39 -1.92 7.69
N LYS A 20 -24.39 -1.05 7.73
CA LYS A 20 -23.30 -1.19 8.71
C LYS A 20 -22.59 -2.52 8.55
N GLY A 21 -21.50 -2.52 7.79
CA GLY A 21 -20.74 -3.74 7.58
C GLY A 21 -19.81 -3.64 6.39
N SER A 22 -18.88 -4.59 6.29
CA SER A 22 -17.92 -4.60 5.19
C SER A 22 -17.19 -3.27 5.09
N GLN A 23 -16.13 -3.11 5.89
CA GLN A 23 -15.35 -1.88 5.89
C GLN A 23 -14.73 -1.64 4.52
N CYS A 24 -13.88 -2.56 4.09
CA CYS A 24 -13.21 -2.44 2.80
C CYS A 24 -12.67 -3.78 2.34
N LEU A 25 -12.79 -4.06 1.04
CA LEU A 25 -12.30 -5.31 0.48
C LEU A 25 -10.85 -5.18 0.04
N SER A 26 -10.44 -3.96 -0.29
CA SER A 26 -9.07 -3.70 -0.73
C SER A 26 -8.71 -2.24 -0.54
N ASP A 27 -7.50 -1.88 -0.95
CA ASP A 27 -7.02 -0.51 -0.83
C ASP A 27 -7.80 0.43 -1.76
N THR A 28 -8.31 -0.14 -2.85
CA THR A 28 -9.08 0.64 -3.82
C THR A 28 -10.27 1.33 -3.17
N ASP A 29 -10.74 0.76 -2.07
CA ASP A 29 -11.87 1.32 -1.34
C ASP A 29 -11.51 2.65 -0.70
N CYS A 30 -10.24 2.80 -0.35
CA CYS A 30 -9.76 4.03 0.28
C CYS A 30 -9.62 5.14 -0.75
N ASN A 31 -9.09 6.29 -0.32
CA ASN A 31 -8.91 7.43 -1.20
C ASN A 31 -8.15 7.03 -2.45
N THR A 32 -6.85 6.82 -2.31
CA THR A 32 -6.00 6.42 -3.44
C THR A 32 -4.55 6.26 -3.01
N ARG A 33 -4.08 7.18 -2.17
CA ARG A 33 -2.70 7.13 -1.68
C ARG A 33 -2.64 6.50 -0.30
N LYS A 34 -3.51 5.53 -0.05
CA LYS A 34 -3.55 4.84 1.24
C LYS A 34 -3.98 3.39 1.06
N PHE A 35 -3.52 2.53 1.97
CA PHE A 35 -3.86 1.11 1.91
C PHE A 35 -4.78 0.72 3.07
N CYS A 36 -5.51 -0.37 2.89
CA CYS A 36 -6.43 -0.84 3.91
C CYS A 36 -5.76 -1.88 4.82
N LEU A 37 -5.19 -1.41 5.92
CA LEU A 37 -4.51 -2.29 6.86
C LEU A 37 -5.52 -3.10 7.67
N GLN A 38 -5.34 -4.41 7.68
CA GLN A 38 -6.24 -5.30 8.42
C GLN A 38 -5.48 -6.04 9.52
N PRO A 39 -5.40 -5.41 10.71
CA PRO A 39 -4.71 -5.99 11.86
C PRO A 39 -5.45 -7.19 12.44
N ARG A 40 -4.74 -8.01 13.21
CA ARG A 40 -5.33 -9.19 13.81
C ARG A 40 -6.05 -8.83 15.11
N ASP A 41 -5.38 -8.04 15.95
CA ASP A 41 -5.95 -7.62 17.22
C ASP A 41 -7.01 -6.55 17.02
N GLU A 42 -6.92 -5.84 15.90
CA GLU A 42 -7.88 -4.79 15.58
C GLU A 42 -8.69 -5.13 14.34
N LYS A 43 -9.55 -4.21 13.93
CA LYS A 43 -10.38 -4.43 12.75
C LYS A 43 -9.82 -3.67 11.55
N PRO A 44 -10.16 -4.13 10.34
CA PRO A 44 -9.70 -3.51 9.10
C PRO A 44 -10.35 -2.15 8.86
N PHE A 45 -9.57 -1.20 8.33
CA PHE A 45 -10.06 0.13 8.06
C PHE A 45 -9.06 0.92 7.22
N CYS A 46 -9.43 2.15 6.85
CA CYS A 46 -8.57 3.01 6.05
C CYS A 46 -7.42 3.55 6.90
N ALA A 47 -6.19 3.28 6.46
CA ALA A 47 -5.01 3.74 7.18
C ALA A 47 -4.09 4.54 6.25
N THR A 48 -3.71 5.74 6.68
CA THR A 48 -2.83 6.59 5.90
C THR A 48 -1.53 5.87 5.54
N CYS A 49 -0.86 6.36 4.50
CA CYS A 49 0.39 5.76 4.05
C CYS A 49 1.40 5.68 5.20
N ARG A 50 2.53 5.05 4.93
CA ARG A 50 3.57 4.89 5.93
C ARG A 50 4.67 5.94 5.75
N GLY A 51 4.74 6.88 6.68
CA GLY A 51 5.74 7.94 6.61
C GLY A 51 7.16 7.40 6.78
N LEU A 52 8.13 8.29 6.67
CA LEU A 52 9.53 7.90 6.82
C LEU A 52 9.79 7.27 8.19
N ARG A 53 8.94 7.61 9.15
CA ARG A 53 9.07 7.08 10.50
C ARG A 53 8.29 5.78 10.65
N ARG A 54 7.31 5.57 9.78
CA ARG A 54 6.49 4.37 9.82
C ARG A 54 7.28 3.15 9.36
N ARG A 55 7.13 2.05 10.08
CA ARG A 55 7.84 0.82 9.76
C ARG A 55 7.21 0.12 8.56
N CYS A 56 8.03 -0.59 7.79
CA CYS A 56 7.56 -1.29 6.61
C CYS A 56 8.46 -2.48 6.29
N GLN A 57 8.07 -3.27 5.29
CA GLN A 57 8.84 -4.43 4.88
C GLN A 57 9.01 -4.48 3.37
N ARG A 58 7.94 -4.15 2.65
CA ARG A 58 7.96 -4.14 1.19
C ARG A 58 7.73 -2.73 0.64
N ASP A 59 8.53 -2.35 -0.34
CA ASP A 59 8.42 -1.04 -0.96
C ASP A 59 7.00 -0.79 -1.45
N ALA A 60 6.34 -1.87 -1.88
CA ALA A 60 4.96 -1.77 -2.38
C ALA A 60 4.01 -1.31 -1.28
N MET A 61 4.39 -1.57 -0.03
CA MET A 61 3.57 -1.18 1.10
C MET A 61 3.71 0.31 1.41
N CYS A 62 4.86 0.87 1.03
CA CYS A 62 5.13 2.28 1.26
C CYS A 62 4.74 3.11 0.05
N CYS A 63 4.28 4.33 0.29
CA CYS A 63 3.86 5.23 -0.78
C CYS A 63 4.97 5.36 -1.83
N PRO A 64 4.59 5.82 -3.03
CA PRO A 64 5.53 6.00 -4.14
C PRO A 64 6.50 7.16 -3.89
N GLY A 65 7.77 6.92 -4.17
CA GLY A 65 8.77 7.95 -3.97
C GLY A 65 9.77 7.60 -2.88
N THR A 66 9.41 6.63 -2.05
CA THR A 66 10.27 6.19 -0.95
C THR A 66 10.73 4.76 -1.15
N LEU A 67 11.62 4.30 -0.27
CA LEU A 67 12.15 2.95 -0.35
C LEU A 67 12.18 2.30 1.03
N CYS A 68 11.70 1.06 1.11
CA CYS A 68 11.66 0.32 2.37
C CYS A 68 13.06 -0.16 2.75
N VAL A 69 13.67 0.52 3.72
CA VAL A 69 15.00 0.16 4.19
C VAL A 69 15.04 -0.01 5.70
N ASN A 70 15.80 -0.98 6.16
CA ASN A 70 15.92 -1.25 7.60
C ASN A 70 14.56 -1.55 8.21
N ASP A 71 13.68 -2.16 7.42
CA ASP A 71 12.34 -2.51 7.88
C ASP A 71 11.54 -1.25 8.20
N VAL A 72 11.91 -0.14 7.57
CA VAL A 72 11.22 1.13 7.79
C VAL A 72 11.24 1.99 6.53
N CYS A 73 10.20 2.80 6.37
CA CYS A 73 10.09 3.67 5.21
C CYS A 73 11.24 4.67 5.16
N THR A 74 12.09 4.55 4.15
CA THR A 74 13.23 5.44 4.00
C THR A 74 13.26 6.08 2.62
N THR A 75 13.21 7.41 2.58
CA THR A 75 13.22 8.13 1.33
C THR A 75 14.39 7.70 0.45
N MET A 76 14.16 7.67 -0.87
CA MET A 76 15.19 7.28 -1.81
C MET A 76 16.43 8.14 -1.66
N GLU A 77 16.24 9.45 -1.68
CA GLU A 77 17.35 10.39 -1.54
C GLU A 77 18.15 10.11 -0.27
N ASP A 78 17.44 9.70 0.78
CA ASP A 78 18.07 9.40 2.06
C ASP A 78 18.80 8.06 2.01
N ALA A 79 18.28 7.15 1.18
CA ALA A 79 18.88 5.83 1.04
C ALA A 79 19.95 5.83 -0.04
N THR A 80 21.11 6.40 0.28
CA THR A 80 22.22 6.47 -0.67
C THR A 80 23.43 7.12 -0.04
N GLU A 81 24.56 6.43 -0.09
CA GLU A 81 25.81 6.94 0.48
C GLU A 81 26.65 7.63 -0.59
N ASN A 82 27.31 8.73 -0.21
CA ASN A 82 28.14 9.47 -1.14
C ASN A 82 28.86 10.62 -0.43
N LEU A 83 30.17 10.51 -0.29
CA LEU A 83 30.97 11.54 0.37
C LEU A 83 30.94 12.84 -0.43
N TYR A 84 31.60 13.86 0.11
CA TYR A 84 31.66 15.16 -0.54
C TYR A 84 32.98 15.86 -0.25
N PHE A 85 33.39 16.74 -1.16
CA PHE A 85 34.64 17.48 -0.99
C PHE A 85 34.58 18.81 -1.73
N GLN A 86 35.23 19.82 -1.17
CA GLN A 86 35.25 21.15 -1.78
C GLN A 86 36.61 21.45 -2.38
N SER A 87 36.79 22.68 -2.85
CA SER A 87 38.05 23.10 -3.45
C SER A 87 38.58 24.36 -2.78
N LEU A 88 39.90 24.54 -2.83
CA LEU A 88 40.54 25.71 -2.22
C LEU A 88 40.85 26.76 -3.28
N GLU A 89 41.35 26.31 -4.42
CA GLU A 89 41.69 27.22 -5.51
C GLU A 89 42.80 28.19 -5.09
N HIS A 90 43.19 29.07 -6.01
CA HIS A 90 44.24 30.05 -5.73
C HIS A 90 43.81 31.44 -6.16
N HIS A 91 44.50 32.45 -5.67
CA HIS A 91 44.20 33.84 -6.00
C HIS A 91 45.31 34.45 -6.85
N HIS A 92 44.95 35.39 -7.71
CA HIS A 92 45.92 36.06 -8.57
C HIS A 92 46.35 37.40 -7.97
N HIS A 93 45.42 38.34 -7.90
CA HIS A 93 45.70 39.66 -7.35
C HIS A 93 44.41 40.44 -7.09
N HIS A 94 44.55 41.66 -6.63
CA HIS A 94 43.39 42.51 -6.34
C HIS A 94 43.56 43.90 -6.96
N HIS A 95 44.65 44.57 -6.58
CA HIS A 95 44.93 45.91 -7.09
C HIS A 95 46.01 45.86 -8.18
N MET A 1 -80.43 -7.34 8.49
CA MET A 1 -80.49 -8.53 7.64
C MET A 1 -79.15 -8.77 6.95
N LEU A 2 -78.43 -7.69 6.66
CA LEU A 2 -77.14 -7.79 6.00
C LEU A 2 -76.02 -7.27 6.90
N VAL A 3 -75.41 -8.16 7.66
CA VAL A 3 -74.33 -7.80 8.56
C VAL A 3 -73.10 -7.31 7.79
N LEU A 4 -72.43 -6.30 8.32
CA LEU A 4 -71.25 -5.74 7.68
C LEU A 4 -70.18 -6.82 7.50
N ASP A 5 -69.61 -6.88 6.30
CA ASP A 5 -68.58 -7.86 5.99
C ASP A 5 -67.26 -7.49 6.67
N PHE A 6 -66.75 -8.39 7.51
CA PHE A 6 -65.50 -8.16 8.21
C PHE A 6 -64.30 -8.58 7.37
N ASN A 7 -63.15 -7.95 7.62
CA ASN A 7 -61.95 -8.26 6.88
C ASN A 7 -60.79 -8.58 7.83
N ASN A 8 -59.65 -8.94 7.26
CA ASN A 8 -58.47 -9.28 8.06
C ASN A 8 -57.36 -8.25 7.85
N ILE A 9 -56.59 -8.01 8.90
CA ILE A 9 -55.49 -7.04 8.83
C ILE A 9 -54.14 -7.76 8.77
N ARG A 10 -53.55 -7.79 7.58
CA ARG A 10 -52.26 -8.45 7.39
C ARG A 10 -51.13 -7.60 7.96
N SER A 11 -50.10 -8.26 8.48
CA SER A 11 -48.96 -7.56 9.06
C SER A 11 -47.70 -8.42 9.01
N SER A 12 -46.66 -7.91 8.37
CA SER A 12 -45.41 -8.64 8.24
C SER A 12 -44.22 -7.69 8.28
N ALA A 13 -43.27 -7.97 9.18
CA ALA A 13 -42.09 -7.13 9.31
C ALA A 13 -40.92 -7.70 8.51
N ASP A 14 -40.24 -6.83 7.77
CA ASP A 14 -39.11 -7.23 6.95
C ASP A 14 -37.86 -7.44 7.81
N LEU A 15 -36.84 -8.06 7.24
CA LEU A 15 -35.60 -8.31 7.95
C LEU A 15 -34.41 -7.69 7.23
N HIS A 16 -33.45 -7.19 7.99
CA HIS A 16 -32.25 -6.56 7.43
C HIS A 16 -31.09 -7.56 7.39
N GLY A 17 -30.62 -7.96 8.56
CA GLY A 17 -29.52 -8.89 8.64
C GLY A 17 -28.24 -8.23 9.13
N ALA A 18 -27.11 -8.66 8.57
CA ALA A 18 -25.82 -8.10 8.95
C ALA A 18 -24.93 -7.87 7.74
N ARG A 19 -24.58 -8.96 7.06
CA ARG A 19 -23.74 -8.89 5.87
C ARG A 19 -22.42 -8.17 6.19
N LYS A 20 -21.45 -8.92 6.68
CA LYS A 20 -20.14 -8.36 7.02
C LYS A 20 -19.04 -8.95 6.14
N GLY A 21 -18.13 -8.11 5.68
CA GLY A 21 -17.04 -8.57 4.84
C GLY A 21 -15.87 -7.62 4.84
N SER A 22 -14.77 -8.04 4.22
CA SER A 22 -13.56 -7.22 4.16
C SER A 22 -13.88 -5.84 3.60
N GLN A 23 -13.24 -4.81 4.17
CA GLN A 23 -13.46 -3.44 3.73
C GLN A 23 -12.57 -3.11 2.54
N CYS A 24 -11.32 -3.55 2.59
CA CYS A 24 -10.37 -3.30 1.50
C CYS A 24 -9.39 -4.47 1.37
N LEU A 25 -8.97 -4.72 0.13
CA LEU A 25 -8.04 -5.80 -0.14
C LEU A 25 -6.59 -5.29 -0.18
N SER A 26 -6.44 -4.04 -0.58
CA SER A 26 -5.12 -3.42 -0.66
C SER A 26 -5.22 -1.91 -0.80
N ASP A 27 -4.08 -1.24 -0.87
CA ASP A 27 -4.05 0.21 -1.00
C ASP A 27 -4.84 0.67 -2.22
N THR A 28 -4.94 -0.20 -3.21
CA THR A 28 -5.68 0.11 -4.44
C THR A 28 -7.13 0.45 -4.13
N ASP A 29 -7.64 -0.10 -3.04
CA ASP A 29 -9.02 0.13 -2.63
C ASP A 29 -9.21 1.59 -2.20
N CYS A 30 -8.14 2.19 -1.68
CA CYS A 30 -8.19 3.58 -1.22
C CYS A 30 -7.74 4.53 -2.33
N ASN A 31 -8.69 5.32 -2.83
CA ASN A 31 -8.39 6.28 -3.89
C ASN A 31 -7.49 7.40 -3.37
N THR A 32 -7.68 7.76 -2.11
CA THR A 32 -6.89 8.82 -1.50
C THR A 32 -5.45 8.38 -1.26
N ARG A 33 -4.64 9.26 -0.70
CA ARG A 33 -3.24 8.95 -0.42
C ARG A 33 -3.11 8.10 0.84
N LYS A 34 -3.72 6.92 0.82
CA LYS A 34 -3.67 6.01 1.96
C LYS A 34 -3.67 4.56 1.51
N PHE A 35 -3.23 3.67 2.39
CA PHE A 35 -3.18 2.24 2.06
C PHE A 35 -4.18 1.47 2.91
N CYS A 36 -4.34 0.19 2.58
CA CYS A 36 -5.27 -0.67 3.30
C CYS A 36 -4.56 -1.43 4.43
N LEU A 37 -4.73 -0.96 5.65
CA LEU A 37 -4.10 -1.59 6.81
C LEU A 37 -4.94 -2.76 7.31
N GLN A 38 -4.30 -3.91 7.48
CA GLN A 38 -4.99 -5.11 7.96
C GLN A 38 -4.34 -5.62 9.24
N PRO A 39 -4.80 -5.11 10.39
CA PRO A 39 -4.28 -5.50 11.70
C PRO A 39 -4.68 -6.93 12.08
N ARG A 40 -3.84 -7.59 12.87
CA ARG A 40 -4.11 -8.95 13.30
C ARG A 40 -5.06 -8.97 14.50
N ASP A 41 -5.04 -7.89 15.27
CA ASP A 41 -5.89 -7.79 16.46
C ASP A 41 -7.23 -7.15 16.10
N GLU A 42 -7.25 -6.40 15.01
CA GLU A 42 -8.47 -5.74 14.56
C GLU A 42 -8.83 -6.15 13.13
N LYS A 43 -9.91 -5.58 12.61
CA LYS A 43 -10.36 -5.89 11.26
C LYS A 43 -9.65 -5.00 10.24
N PRO A 44 -9.65 -5.44 8.97
CA PRO A 44 -9.03 -4.70 7.87
C PRO A 44 -9.76 -3.41 7.54
N PHE A 45 -9.00 -2.35 7.29
CA PHE A 45 -9.59 -1.05 6.95
C PHE A 45 -8.53 -0.11 6.38
N CYS A 46 -8.98 1.04 5.90
CA CYS A 46 -8.08 2.03 5.32
C CYS A 46 -7.53 2.97 6.39
N ALA A 47 -6.22 2.93 6.58
CA ALA A 47 -5.57 3.77 7.57
C ALA A 47 -4.60 4.75 6.92
N THR A 48 -4.27 5.82 7.63
CA THR A 48 -3.35 6.83 7.11
C THR A 48 -2.04 6.20 6.65
N CYS A 49 -1.28 6.94 5.85
CA CYS A 49 0.00 6.45 5.34
C CYS A 49 1.08 6.57 6.41
N ARG A 50 2.26 6.06 6.09
CA ARG A 50 3.38 6.11 7.02
C ARG A 50 4.43 7.13 6.56
N GLY A 51 5.17 7.68 7.52
CA GLY A 51 6.19 8.65 7.19
C GLY A 51 7.56 8.03 7.05
N LEU A 52 8.56 8.87 6.77
CA LEU A 52 9.93 8.39 6.61
C LEU A 52 10.48 7.87 7.93
N ARG A 53 9.95 8.37 9.04
CA ARG A 53 10.38 7.95 10.36
C ARG A 53 9.48 6.85 10.91
N ARG A 54 8.65 6.29 10.04
CA ARG A 54 7.74 5.23 10.43
C ARG A 54 8.23 3.87 9.96
N ARG A 55 8.08 2.85 10.80
CA ARG A 55 8.51 1.50 10.47
C ARG A 55 7.52 0.82 9.54
N CYS A 56 8.02 -0.04 8.67
CA CYS A 56 7.17 -0.75 7.72
C CYS A 56 7.70 -2.16 7.46
N GLN A 57 6.95 -2.94 6.70
CA GLN A 57 7.35 -4.31 6.39
C GLN A 57 7.55 -4.49 4.88
N ARG A 58 6.74 -3.78 4.10
CA ARG A 58 6.83 -3.86 2.65
C ARG A 58 6.73 -2.47 2.02
N ASP A 59 6.91 -2.40 0.71
CA ASP A 59 6.84 -1.14 -0.01
C ASP A 59 5.40 -0.69 -0.19
N ALA A 60 4.50 -1.66 -0.36
CA ALA A 60 3.08 -1.37 -0.54
C ALA A 60 2.48 -0.74 0.71
N MET A 61 3.03 -1.09 1.87
CA MET A 61 2.54 -0.54 3.13
C MET A 61 2.80 0.96 3.21
N CYS A 62 3.81 1.42 2.49
CA CYS A 62 4.15 2.85 2.48
C CYS A 62 3.59 3.53 1.23
N CYS A 63 3.27 4.82 1.36
CA CYS A 63 2.72 5.58 0.26
C CYS A 63 3.62 5.48 -0.97
N PRO A 64 3.05 5.79 -2.15
CA PRO A 64 3.77 5.74 -3.42
C PRO A 64 4.83 6.84 -3.53
N GLY A 65 6.08 6.43 -3.68
CA GLY A 65 7.16 7.39 -3.79
C GLY A 65 8.36 7.03 -2.93
N THR A 66 8.12 6.22 -1.91
CA THR A 66 9.18 5.79 -1.01
C THR A 66 9.40 4.28 -1.08
N LEU A 67 10.44 3.82 -0.42
CA LEU A 67 10.77 2.39 -0.41
C LEU A 67 11.04 1.90 1.01
N CYS A 68 10.44 0.77 1.37
CA CYS A 68 10.62 0.20 2.70
C CYS A 68 12.03 -0.39 2.86
N VAL A 69 12.92 0.39 3.47
CA VAL A 69 14.29 -0.05 3.68
C VAL A 69 14.58 -0.25 5.17
N ASN A 70 15.30 -1.32 5.48
CA ASN A 70 15.64 -1.63 6.87
C ASN A 70 14.40 -1.68 7.74
N ASP A 71 13.30 -2.19 7.18
CA ASP A 71 12.05 -2.30 7.90
C ASP A 71 11.51 -0.93 8.28
N VAL A 72 11.89 0.09 7.50
CA VAL A 72 11.45 1.46 7.76
C VAL A 72 11.30 2.23 6.45
N CYS A 73 10.30 3.11 6.40
CA CYS A 73 10.05 3.92 5.22
C CYS A 73 11.25 4.81 4.91
N THR A 74 11.88 4.59 3.77
CA THR A 74 13.03 5.38 3.36
C THR A 74 12.86 5.92 1.94
N THR A 75 13.26 7.16 1.73
CA THR A 75 13.15 7.80 0.42
C THR A 75 14.08 7.12 -0.60
N MET A 76 13.67 7.13 -1.86
CA MET A 76 14.46 6.52 -2.92
C MET A 76 15.82 7.20 -3.03
N GLU A 77 15.87 8.48 -2.68
CA GLU A 77 17.11 9.24 -2.75
C GLU A 77 18.09 8.77 -1.68
N ASP A 78 17.57 8.38 -0.52
CA ASP A 78 18.39 7.92 0.58
C ASP A 78 18.85 6.48 0.34
N ALA A 79 18.00 5.69 -0.31
CA ALA A 79 18.33 4.30 -0.61
C ALA A 79 19.46 4.20 -1.62
N THR A 80 20.47 3.40 -1.28
CA THR A 80 21.62 3.22 -2.17
C THR A 80 22.34 4.54 -2.42
N GLU A 81 23.40 4.79 -1.64
CA GLU A 81 24.18 6.02 -1.77
C GLU A 81 25.63 5.70 -2.07
N ASN A 82 26.42 6.75 -2.31
CA ASN A 82 27.84 6.59 -2.61
C ASN A 82 28.67 6.60 -1.33
N LEU A 83 28.29 7.44 -0.38
CA LEU A 83 28.99 7.53 0.89
C LEU A 83 30.49 7.75 0.67
N TYR A 84 31.26 7.67 1.74
CA TYR A 84 32.71 7.85 1.66
C TYR A 84 33.05 9.26 1.15
N PHE A 85 34.34 9.58 1.17
CA PHE A 85 34.80 10.89 0.71
C PHE A 85 35.62 10.76 -0.56
N GLN A 86 35.67 11.84 -1.34
CA GLN A 86 36.43 11.84 -2.59
C GLN A 86 37.30 13.10 -2.69
N SER A 87 38.52 13.01 -2.16
CA SER A 87 39.44 14.13 -2.20
C SER A 87 40.87 13.67 -1.96
N LEU A 88 41.81 14.25 -2.70
CA LEU A 88 43.22 13.89 -2.56
C LEU A 88 44.05 15.09 -2.14
N GLU A 89 45.28 14.84 -1.72
CA GLU A 89 46.18 15.90 -1.28
C GLU A 89 47.20 16.22 -2.36
N HIS A 90 47.84 17.38 -2.24
CA HIS A 90 48.85 17.81 -3.21
C HIS A 90 50.05 18.43 -2.50
N HIS A 91 51.24 18.18 -3.03
CA HIS A 91 52.46 18.71 -2.47
C HIS A 91 52.95 19.93 -3.24
N HIS A 92 52.70 21.12 -2.69
CA HIS A 92 53.12 22.36 -3.34
C HIS A 92 53.08 23.52 -2.35
N HIS A 93 54.12 24.35 -2.38
CA HIS A 93 54.20 25.50 -1.48
C HIS A 93 55.26 26.49 -1.96
N HIS A 94 54.97 27.78 -1.85
CA HIS A 94 55.90 28.81 -2.27
C HIS A 94 55.84 30.02 -1.33
N HIS A 95 56.92 30.79 -1.28
CA HIS A 95 56.98 31.97 -0.43
C HIS A 95 57.15 33.23 -1.27
N MET A 1 -42.19 -49.48 34.88
CA MET A 1 -43.21 -48.44 34.85
C MET A 1 -42.87 -47.30 35.81
N LEU A 2 -42.58 -46.13 35.26
CA LEU A 2 -42.24 -44.97 36.07
C LEU A 2 -43.20 -43.82 35.81
N VAL A 3 -43.19 -42.82 36.70
CA VAL A 3 -44.06 -41.67 36.56
C VAL A 3 -43.26 -40.41 36.25
N LEU A 4 -43.71 -39.66 35.26
CA LEU A 4 -43.04 -38.43 34.85
C LEU A 4 -43.09 -37.39 35.97
N ASP A 5 -42.01 -36.64 36.12
CA ASP A 5 -41.93 -35.62 37.16
C ASP A 5 -42.15 -34.22 36.56
N PHE A 6 -41.16 -33.76 35.79
CA PHE A 6 -41.25 -32.44 35.16
C PHE A 6 -40.22 -32.32 34.03
N ASN A 7 -40.29 -31.22 33.30
CA ASN A 7 -39.38 -30.98 32.18
C ASN A 7 -39.29 -29.49 31.86
N ASN A 8 -38.21 -28.86 32.30
CA ASN A 8 -38.00 -27.43 32.06
C ASN A 8 -36.87 -27.21 31.07
N ILE A 9 -36.85 -26.02 30.47
CA ILE A 9 -35.82 -25.68 29.50
C ILE A 9 -35.56 -24.18 29.47
N ARG A 10 -34.29 -23.80 29.46
CA ARG A 10 -33.90 -22.39 29.43
C ARG A 10 -32.39 -22.24 29.28
N SER A 11 -31.93 -20.99 29.24
CA SER A 11 -30.51 -20.71 29.09
C SER A 11 -29.98 -21.22 27.76
N SER A 12 -28.68 -21.08 27.54
CA SER A 12 -28.06 -21.53 26.30
C SER A 12 -28.65 -20.79 25.10
N ALA A 13 -27.96 -19.75 24.65
CA ALA A 13 -28.41 -18.96 23.51
C ALA A 13 -27.23 -18.40 22.73
N ASP A 14 -27.52 -17.55 21.75
CA ASP A 14 -26.49 -16.94 20.93
C ASP A 14 -26.46 -15.43 21.10
N LEU A 15 -25.44 -14.79 20.54
CA LEU A 15 -25.30 -13.35 20.64
C LEU A 15 -24.88 -12.74 19.30
N HIS A 16 -25.26 -11.48 19.07
CA HIS A 16 -24.91 -10.81 17.83
C HIS A 16 -23.42 -10.44 17.81
N GLY A 17 -22.80 -10.60 16.66
CA GLY A 17 -21.39 -10.29 16.52
C GLY A 17 -21.16 -8.92 15.92
N ALA A 18 -21.15 -8.84 14.60
CA ALA A 18 -20.94 -7.57 13.90
C ALA A 18 -22.03 -7.34 12.85
N ARG A 19 -21.93 -6.21 12.16
CA ARG A 19 -22.90 -5.86 11.14
C ARG A 19 -22.31 -6.02 9.74
N LYS A 20 -21.21 -5.31 9.49
CA LYS A 20 -20.54 -5.37 8.19
C LYS A 20 -19.12 -4.84 8.29
N GLY A 21 -18.99 -3.53 8.45
CA GLY A 21 -17.68 -2.91 8.56
C GLY A 21 -16.90 -2.98 7.26
N SER A 22 -15.69 -3.52 7.32
CA SER A 22 -14.84 -3.63 6.14
C SER A 22 -14.66 -2.27 5.47
N GLN A 23 -13.68 -1.51 5.93
CA GLN A 23 -13.40 -0.20 5.37
C GLN A 23 -12.98 -0.30 3.91
N CYS A 24 -11.92 -1.06 3.66
CA CYS A 24 -11.41 -1.25 2.31
C CYS A 24 -11.00 -2.70 2.07
N LEU A 25 -11.25 -3.18 0.86
CA LEU A 25 -10.90 -4.55 0.50
C LEU A 25 -9.52 -4.62 -0.14
N SER A 26 -9.11 -3.53 -0.78
CA SER A 26 -7.81 -3.47 -1.44
C SER A 26 -7.34 -2.03 -1.55
N ASP A 27 -6.05 -1.86 -1.84
CA ASP A 27 -5.47 -0.54 -1.99
C ASP A 27 -6.20 0.28 -3.04
N THR A 28 -6.79 -0.41 -4.01
CA THR A 28 -7.52 0.25 -5.09
C THR A 28 -8.67 1.08 -4.53
N ASP A 29 -9.15 0.70 -3.35
CA ASP A 29 -10.25 1.41 -2.71
C ASP A 29 -9.81 2.81 -2.26
N CYS A 30 -8.53 2.95 -1.98
CA CYS A 30 -7.98 4.23 -1.55
C CYS A 30 -7.10 4.84 -2.64
N ASN A 31 -7.74 5.51 -3.60
CA ASN A 31 -7.02 6.14 -4.70
C ASN A 31 -5.96 7.09 -4.17
N THR A 32 -6.30 7.84 -3.12
CA THR A 32 -5.37 8.79 -2.53
C THR A 32 -4.06 8.12 -2.14
N ARG A 33 -3.09 8.92 -1.70
CA ARG A 33 -1.79 8.39 -1.30
C ARG A 33 -1.87 7.74 0.08
N LYS A 34 -2.52 6.59 0.14
CA LYS A 34 -2.66 5.86 1.40
C LYS A 34 -2.75 4.36 1.14
N PHE A 35 -2.27 3.57 2.10
CA PHE A 35 -2.28 2.12 1.99
C PHE A 35 -3.42 1.52 2.81
N CYS A 36 -3.73 0.26 2.55
CA CYS A 36 -4.80 -0.43 3.27
C CYS A 36 -4.22 -1.40 4.30
N LEU A 37 -4.12 -0.94 5.54
CA LEU A 37 -3.59 -1.77 6.62
C LEU A 37 -4.58 -2.86 7.01
N GLN A 38 -4.09 -4.08 7.14
CA GLN A 38 -4.93 -5.21 7.52
C GLN A 38 -4.41 -5.89 8.78
N PRO A 39 -4.85 -5.39 9.94
CA PRO A 39 -4.44 -5.93 11.24
C PRO A 39 -5.02 -7.31 11.50
N ARG A 40 -4.30 -8.12 12.29
CA ARG A 40 -4.74 -9.46 12.61
C ARG A 40 -5.73 -9.45 13.78
N ASP A 41 -5.59 -8.45 14.64
CA ASP A 41 -6.47 -8.32 15.80
C ASP A 41 -7.71 -7.50 15.46
N GLU A 42 -7.60 -6.68 14.43
CA GLU A 42 -8.72 -5.84 13.99
C GLU A 42 -9.06 -6.11 12.53
N LYS A 43 -10.04 -5.37 12.01
CA LYS A 43 -10.46 -5.53 10.62
C LYS A 43 -9.62 -4.66 9.70
N PRO A 44 -9.63 -5.00 8.40
CA PRO A 44 -8.87 -4.27 7.38
C PRO A 44 -9.44 -2.88 7.13
N PHE A 45 -8.57 -1.88 7.09
CA PHE A 45 -8.99 -0.50 6.86
C PHE A 45 -7.90 0.29 6.15
N CYS A 46 -8.17 1.56 5.87
CA CYS A 46 -7.21 2.42 5.19
C CYS A 46 -6.40 3.24 6.20
N ALA A 47 -5.09 3.23 6.05
CA ALA A 47 -4.21 3.97 6.94
C ALA A 47 -3.44 5.06 6.19
N THR A 48 -3.54 6.29 6.67
CA THR A 48 -2.86 7.41 6.04
C THR A 48 -1.37 7.12 5.87
N CYS A 49 -0.73 7.86 4.96
CA CYS A 49 0.69 7.68 4.70
C CYS A 49 1.51 7.95 5.96
N ARG A 50 2.54 7.14 6.17
CA ARG A 50 3.40 7.28 7.34
C ARG A 50 4.61 8.17 7.02
N GLY A 51 5.51 8.30 7.99
CA GLY A 51 6.69 9.13 7.80
C GLY A 51 7.90 8.32 7.41
N LEU A 52 9.05 8.98 7.31
CA LEU A 52 10.29 8.32 6.95
C LEU A 52 10.89 7.57 8.14
N ARG A 53 10.48 7.98 9.34
CA ARG A 53 10.97 7.35 10.56
C ARG A 53 10.12 6.14 10.93
N ARG A 54 8.88 6.12 10.46
CA ARG A 54 7.97 5.02 10.75
C ARG A 54 8.56 3.70 10.28
N ARG A 55 8.69 2.75 11.21
CA ARG A 55 9.23 1.43 10.89
C ARG A 55 8.27 0.65 10.01
N CYS A 56 8.83 -0.07 9.03
CA CYS A 56 8.01 -0.86 8.12
C CYS A 56 8.76 -2.14 7.72
N GLN A 57 8.01 -3.10 7.17
CA GLN A 57 8.60 -4.37 6.74
C GLN A 57 8.34 -4.61 5.26
N ARG A 58 7.18 -4.17 4.79
CA ARG A 58 6.82 -4.34 3.39
C ARG A 58 6.41 -3.01 2.76
N ASP A 59 6.80 -2.80 1.51
CA ASP A 59 6.48 -1.57 0.80
C ASP A 59 4.98 -1.32 0.79
N ALA A 60 4.21 -2.40 0.89
CA ALA A 60 2.76 -2.31 0.89
C ALA A 60 2.25 -1.64 2.16
N MET A 61 2.98 -1.81 3.26
CA MET A 61 2.61 -1.21 4.54
C MET A 61 2.77 0.30 4.49
N CYS A 62 3.74 0.77 3.69
CA CYS A 62 4.00 2.20 3.57
C CYS A 62 3.28 2.77 2.34
N CYS A 63 2.86 4.03 2.46
CA CYS A 63 2.17 4.70 1.37
C CYS A 63 2.94 4.57 0.05
N PRO A 64 2.22 4.68 -1.07
CA PRO A 64 2.83 4.58 -2.41
C PRO A 64 3.72 5.77 -2.74
N GLY A 65 5.00 5.49 -2.97
CA GLY A 65 5.93 6.55 -3.30
C GLY A 65 7.26 6.40 -2.58
N THR A 66 7.27 5.58 -1.53
CA THR A 66 8.47 5.35 -0.74
C THR A 66 8.92 3.90 -0.84
N LEU A 67 10.08 3.60 -0.27
CA LEU A 67 10.62 2.25 -0.29
C LEU A 67 10.99 1.79 1.12
N CYS A 68 10.58 0.57 1.47
CA CYS A 68 10.86 0.02 2.79
C CYS A 68 12.32 -0.47 2.87
N VAL A 69 13.15 0.32 3.55
CA VAL A 69 14.55 -0.02 3.70
C VAL A 69 14.98 0.03 5.16
N ASN A 70 15.83 -0.90 5.57
CA ASN A 70 16.31 -0.96 6.94
C ASN A 70 15.15 -1.11 7.92
N ASP A 71 14.10 -1.79 7.47
CA ASP A 71 12.92 -2.01 8.32
C ASP A 71 12.24 -0.68 8.63
N VAL A 72 12.44 0.31 7.78
CA VAL A 72 11.84 1.62 7.96
C VAL A 72 11.53 2.29 6.62
N CYS A 73 10.49 3.11 6.60
CA CYS A 73 10.09 3.81 5.39
C CYS A 73 11.18 4.77 4.94
N THR A 74 11.88 4.40 3.87
CA THR A 74 12.96 5.23 3.33
C THR A 74 12.56 5.83 1.99
N THR A 75 12.83 7.13 1.82
CA THR A 75 12.50 7.83 0.59
C THR A 75 13.32 7.30 -0.58
N MET A 76 12.69 7.14 -1.73
CA MET A 76 13.36 6.64 -2.92
C MET A 76 14.56 7.52 -3.28
N GLU A 77 14.37 8.83 -3.20
CA GLU A 77 15.44 9.77 -3.50
C GLU A 77 16.61 9.60 -2.55
N ASP A 78 16.31 9.16 -1.33
CA ASP A 78 17.35 8.96 -0.32
C ASP A 78 18.01 7.61 -0.49
N ALA A 79 17.23 6.59 -0.82
CA ALA A 79 17.74 5.25 -1.02
C ALA A 79 18.79 5.22 -2.13
N THR A 80 19.31 4.03 -2.42
CA THR A 80 20.32 3.87 -3.46
C THR A 80 21.61 4.60 -3.08
N GLU A 81 22.57 3.86 -2.53
CA GLU A 81 23.85 4.44 -2.13
C GLU A 81 23.65 5.49 -1.05
N ASN A 82 23.80 5.07 0.20
CA ASN A 82 23.64 5.98 1.34
C ASN A 82 24.35 5.44 2.58
N LEU A 83 25.66 5.58 2.60
CA LEU A 83 26.47 5.11 3.73
C LEU A 83 26.23 3.62 3.97
N TYR A 84 25.83 2.91 2.92
CA TYR A 84 25.57 1.48 3.02
C TYR A 84 26.83 0.73 3.42
N PHE A 85 26.65 -0.40 4.11
CA PHE A 85 27.77 -1.21 4.55
C PHE A 85 27.77 -2.57 3.87
N GLN A 86 28.93 -3.24 3.88
CA GLN A 86 29.05 -4.55 3.26
C GLN A 86 30.27 -5.29 3.80
N SER A 87 30.03 -6.28 4.66
CA SER A 87 31.10 -7.07 5.24
C SER A 87 30.62 -8.47 5.59
N LEU A 88 31.17 -9.46 4.91
CA LEU A 88 30.80 -10.85 5.15
C LEU A 88 31.89 -11.80 4.64
N GLU A 89 32.32 -12.71 5.52
CA GLU A 89 33.36 -13.67 5.16
C GLU A 89 32.74 -14.93 4.57
N HIS A 90 33.57 -15.76 3.95
CA HIS A 90 33.11 -17.01 3.35
C HIS A 90 33.61 -18.21 4.14
N HIS A 91 32.68 -18.94 4.75
CA HIS A 91 33.03 -20.11 5.54
C HIS A 91 31.77 -20.77 6.10
N HIS A 92 30.69 -20.75 5.32
CA HIS A 92 29.43 -21.35 5.75
C HIS A 92 29.39 -22.83 5.40
N HIS A 93 29.70 -23.67 6.39
CA HIS A 93 29.70 -25.12 6.19
C HIS A 93 28.35 -25.72 6.58
N HIS A 94 27.82 -25.28 7.71
CA HIS A 94 26.54 -25.78 8.20
C HIS A 94 26.57 -27.30 8.37
N HIS A 95 25.46 -27.86 8.82
CA HIS A 95 25.35 -29.30 9.04
C HIS A 95 26.42 -29.78 10.02
N MET A 1 -83.74 9.20 9.57
CA MET A 1 -83.92 7.96 8.81
C MET A 1 -82.61 7.55 8.15
N LEU A 2 -81.86 8.53 7.66
CA LEU A 2 -80.58 8.26 7.01
C LEU A 2 -79.43 8.36 8.00
N VAL A 3 -78.77 7.23 8.24
CA VAL A 3 -77.65 7.18 9.16
C VAL A 3 -76.32 7.07 8.42
N LEU A 4 -75.30 7.75 8.92
CA LEU A 4 -73.99 7.73 8.30
C LEU A 4 -73.21 6.49 8.72
N ASP A 5 -72.33 6.02 7.84
CA ASP A 5 -71.52 4.84 8.12
C ASP A 5 -70.32 4.76 7.17
N PHE A 6 -69.22 4.20 7.67
CA PHE A 6 -68.01 4.08 6.87
C PHE A 6 -66.94 3.29 7.63
N ASN A 7 -65.81 3.06 6.99
CA ASN A 7 -64.71 2.31 7.59
C ASN A 7 -63.52 2.23 6.64
N ASN A 8 -62.32 2.28 7.22
CA ASN A 8 -61.10 2.20 6.43
C ASN A 8 -59.87 2.17 7.33
N ILE A 9 -59.14 1.06 7.29
CA ILE A 9 -57.94 0.90 8.09
C ILE A 9 -56.83 0.21 7.31
N ARG A 10 -55.60 0.67 7.50
CA ARG A 10 -54.45 0.10 6.82
C ARG A 10 -53.23 0.06 7.72
N SER A 11 -52.43 -0.99 7.60
CA SER A 11 -51.23 -1.15 8.41
C SER A 11 -49.99 -1.26 7.53
N SER A 12 -48.91 -0.63 7.97
CA SER A 12 -47.66 -0.65 7.22
C SER A 12 -46.47 -0.33 8.13
N ALA A 13 -45.36 -1.05 7.93
CA ALA A 13 -44.17 -0.84 8.73
C ALA A 13 -43.00 -1.63 8.16
N ASP A 14 -41.80 -1.38 8.71
CA ASP A 14 -40.60 -2.07 8.25
C ASP A 14 -39.47 -1.91 9.27
N LEU A 15 -39.00 -0.68 9.43
CA LEU A 15 -37.92 -0.39 10.37
C LEU A 15 -36.72 -1.30 10.11
N HIS A 16 -36.39 -1.49 8.84
CA HIS A 16 -35.27 -2.33 8.46
C HIS A 16 -34.66 -1.87 7.14
N GLY A 17 -33.36 -2.10 6.97
CA GLY A 17 -32.69 -1.70 5.75
C GLY A 17 -31.40 -0.96 6.02
N ALA A 18 -30.27 -1.65 5.86
CA ALA A 18 -28.96 -1.05 6.09
C ALA A 18 -27.86 -1.87 5.43
N ARG A 19 -26.62 -1.38 5.53
CA ARG A 19 -25.49 -2.07 4.94
C ARG A 19 -24.41 -2.33 5.99
N LYS A 20 -23.76 -3.49 5.88
CA LYS A 20 -22.71 -3.86 6.82
C LYS A 20 -21.53 -4.50 6.10
N GLY A 21 -20.31 -4.17 6.53
CA GLY A 21 -19.13 -4.73 5.92
C GLY A 21 -17.85 -4.10 6.45
N SER A 22 -16.73 -4.39 5.80
CA SER A 22 -15.44 -3.86 6.21
C SER A 22 -15.27 -2.42 5.75
N GLN A 23 -14.25 -1.75 6.27
CA GLN A 23 -13.96 -0.36 5.91
C GLN A 23 -13.42 -0.27 4.49
N CYS A 24 -12.36 -1.02 4.21
CA CYS A 24 -11.75 -1.02 2.89
C CYS A 24 -11.36 -2.43 2.47
N LEU A 25 -11.31 -2.66 1.17
CA LEU A 25 -10.96 -3.98 0.64
C LEU A 25 -9.52 -3.99 0.12
N SER A 26 -9.03 -2.81 -0.28
CA SER A 26 -7.67 -2.69 -0.78
C SER A 26 -7.21 -1.24 -0.73
N ASP A 27 -5.93 -1.02 -1.03
CA ASP A 27 -5.36 0.33 -1.02
C ASP A 27 -6.13 1.25 -1.96
N THR A 28 -6.74 0.66 -2.99
CA THR A 28 -7.50 1.43 -3.97
C THR A 28 -8.81 1.92 -3.37
N ASP A 29 -9.30 1.22 -2.35
CA ASP A 29 -10.55 1.59 -1.70
C ASP A 29 -10.35 2.82 -0.81
N CYS A 30 -9.14 2.98 -0.30
CA CYS A 30 -8.82 4.12 0.56
C CYS A 30 -8.61 5.38 -0.26
N ASN A 31 -7.48 5.44 -0.97
CA ASN A 31 -7.15 6.59 -1.79
C ASN A 31 -5.84 6.37 -2.55
N THR A 32 -5.49 7.33 -3.40
CA THR A 32 -4.28 7.23 -4.19
C THR A 32 -3.03 7.42 -3.32
N ARG A 33 -3.21 8.13 -2.21
CA ARG A 33 -2.10 8.37 -1.29
C ARG A 33 -2.34 7.68 0.06
N LYS A 34 -3.10 6.58 0.01
CA LYS A 34 -3.40 5.82 1.23
C LYS A 34 -3.61 4.34 0.90
N PHE A 35 -3.27 3.49 1.85
CA PHE A 35 -3.42 2.05 1.68
C PHE A 35 -4.44 1.48 2.65
N CYS A 36 -4.80 0.21 2.45
CA CYS A 36 -5.77 -0.45 3.31
C CYS A 36 -5.08 -1.45 4.24
N LEU A 37 -5.06 -1.14 5.52
CA LEU A 37 -4.43 -2.01 6.52
C LEU A 37 -5.42 -3.05 7.03
N GLN A 38 -4.95 -4.29 7.15
CA GLN A 38 -5.78 -5.38 7.63
C GLN A 38 -5.01 -6.30 8.57
N PRO A 39 -5.01 -5.96 9.87
CA PRO A 39 -4.30 -6.75 10.88
C PRO A 39 -4.96 -8.09 11.14
N ARG A 40 -4.18 -9.04 11.63
CA ARG A 40 -4.68 -10.38 11.91
C ARG A 40 -5.36 -10.43 13.29
N ASP A 41 -4.75 -9.75 14.26
CA ASP A 41 -5.29 -9.70 15.61
C ASP A 41 -6.39 -8.66 15.73
N GLU A 42 -6.37 -7.68 14.84
CA GLU A 42 -7.38 -6.63 14.84
C GLU A 42 -8.26 -6.70 13.59
N LYS A 43 -9.18 -5.76 13.47
CA LYS A 43 -10.08 -5.71 12.32
C LYS A 43 -9.52 -4.82 11.22
N PRO A 44 -9.95 -5.08 9.96
CA PRO A 44 -9.50 -4.31 8.81
C PRO A 44 -10.06 -2.89 8.81
N PHE A 45 -9.21 -1.94 8.47
CA PHE A 45 -9.61 -0.53 8.42
C PHE A 45 -8.70 0.27 7.50
N CYS A 46 -9.14 1.48 7.15
CA CYS A 46 -8.37 2.35 6.29
C CYS A 46 -7.23 3.03 7.05
N ALA A 47 -6.07 3.12 6.41
CA ALA A 47 -4.91 3.74 7.03
C ALA A 47 -4.45 4.97 6.23
N THR A 48 -3.56 5.76 6.82
CA THR A 48 -3.05 6.95 6.18
C THR A 48 -1.67 6.70 5.58
N CYS A 49 -1.20 7.66 4.78
CA CYS A 49 0.11 7.54 4.15
C CYS A 49 1.21 7.34 5.19
N ARG A 50 2.23 6.58 4.82
CA ARG A 50 3.35 6.30 5.72
C ARG A 50 4.46 7.32 5.55
N GLY A 51 4.88 7.92 6.66
CA GLY A 51 5.95 8.92 6.60
C GLY A 51 7.32 8.29 6.61
N LEU A 52 8.34 9.11 6.42
CA LEU A 52 9.72 8.64 6.40
C LEU A 52 10.15 8.16 7.78
N ARG A 53 9.53 8.72 8.82
CA ARG A 53 9.85 8.35 10.20
C ARG A 53 8.89 7.27 10.70
N ARG A 54 8.14 6.67 9.78
CA ARG A 54 7.19 5.63 10.12
C ARG A 54 7.74 4.25 9.78
N ARG A 55 7.53 3.29 10.67
CA ARG A 55 8.02 1.93 10.46
C ARG A 55 7.13 1.20 9.45
N CYS A 56 7.73 0.26 8.73
CA CYS A 56 7.01 -0.51 7.72
C CYS A 56 7.48 -1.96 7.70
N GLN A 57 6.69 -2.82 7.08
CA GLN A 57 7.02 -4.24 6.99
C GLN A 57 7.25 -4.67 5.56
N ARG A 58 6.51 -4.04 4.64
CA ARG A 58 6.63 -4.36 3.22
C ARG A 58 6.93 -3.10 2.40
N ASP A 59 7.38 -3.29 1.18
CA ASP A 59 7.72 -2.18 0.29
C ASP A 59 6.46 -1.50 -0.23
N ALA A 60 5.45 -2.32 -0.56
CA ALA A 60 4.19 -1.80 -1.08
C ALA A 60 3.37 -1.16 0.04
N MET A 61 3.57 -1.62 1.26
CA MET A 61 2.85 -1.09 2.41
C MET A 61 3.10 0.41 2.57
N CYS A 62 4.29 0.85 2.19
CA CYS A 62 4.66 2.26 2.29
C CYS A 62 4.18 3.02 1.05
N CYS A 63 3.92 4.31 1.23
CA CYS A 63 3.46 5.16 0.14
C CYS A 63 4.42 5.10 -1.05
N PRO A 64 3.93 5.48 -2.24
CA PRO A 64 4.73 5.48 -3.46
C PRO A 64 5.82 6.55 -3.45
N GLY A 65 6.96 6.24 -4.07
CA GLY A 65 8.05 7.18 -4.12
C GLY A 65 9.17 6.83 -3.15
N THR A 66 8.84 6.04 -2.13
CA THR A 66 9.82 5.63 -1.14
C THR A 66 9.88 4.11 -1.02
N LEU A 67 10.88 3.61 -0.31
CA LEU A 67 11.05 2.18 -0.11
C LEU A 67 11.20 1.84 1.36
N CYS A 68 10.78 0.63 1.74
CA CYS A 68 10.88 0.19 3.12
C CYS A 68 12.28 -0.31 3.45
N VAL A 69 13.06 0.54 4.11
CA VAL A 69 14.43 0.20 4.48
C VAL A 69 14.58 0.12 6.00
N ASN A 70 15.22 -0.93 6.47
CA ASN A 70 15.44 -1.12 7.90
C ASN A 70 14.12 -1.06 8.66
N ASP A 71 13.07 -1.62 8.07
CA ASP A 71 11.75 -1.63 8.70
C ASP A 71 11.23 -0.20 8.88
N VAL A 72 11.69 0.70 8.02
CA VAL A 72 11.27 2.10 8.09
C VAL A 72 11.22 2.73 6.69
N CYS A 73 10.22 3.56 6.47
CA CYS A 73 10.05 4.22 5.18
C CYS A 73 11.21 5.16 4.90
N THR A 74 11.97 4.87 3.85
CA THR A 74 13.11 5.69 3.46
C THR A 74 13.01 6.15 2.01
N THR A 75 13.36 7.41 1.77
CA THR A 75 13.30 7.97 0.43
C THR A 75 14.26 7.26 -0.51
N MET A 76 13.82 7.02 -1.74
CA MET A 76 14.64 6.35 -2.73
C MET A 76 15.97 7.09 -2.94
N GLU A 77 15.94 8.39 -2.73
CA GLU A 77 17.13 9.22 -2.89
C GLU A 77 18.20 8.84 -1.87
N ASP A 78 17.77 8.52 -0.66
CA ASP A 78 18.69 8.14 0.41
C ASP A 78 19.18 6.70 0.21
N ALA A 79 18.27 5.84 -0.23
CA ALA A 79 18.60 4.44 -0.46
C ALA A 79 19.68 4.29 -1.54
N THR A 80 19.57 5.09 -2.59
CA THR A 80 20.52 5.06 -3.69
C THR A 80 21.23 6.40 -3.84
N GLU A 81 22.40 6.52 -3.23
CA GLU A 81 23.18 7.75 -3.30
C GLU A 81 23.78 7.94 -4.69
N ASN A 82 24.15 9.17 -5.01
CA ASN A 82 24.74 9.49 -6.30
C ASN A 82 26.25 9.56 -6.21
N LEU A 83 26.92 9.23 -7.31
CA LEU A 83 28.38 9.25 -7.36
C LEU A 83 28.87 10.05 -8.56
N TYR A 84 30.15 10.41 -8.55
CA TYR A 84 30.74 11.18 -9.63
C TYR A 84 31.81 10.35 -10.36
N PHE A 85 31.77 10.39 -11.68
CA PHE A 85 32.73 9.65 -12.50
C PHE A 85 34.00 10.47 -12.73
N GLN A 86 35.11 10.00 -12.17
CA GLN A 86 36.38 10.71 -12.31
C GLN A 86 37.52 9.70 -12.46
N SER A 87 38.69 10.21 -12.87
CA SER A 87 39.86 9.36 -13.05
C SER A 87 39.60 8.31 -14.14
N LEU A 88 40.12 8.57 -15.33
CA LEU A 88 39.96 7.65 -16.46
C LEU A 88 41.26 6.93 -16.77
N GLU A 89 41.17 5.88 -17.59
CA GLU A 89 42.35 5.11 -17.96
C GLU A 89 43.42 6.01 -18.55
N HIS A 90 44.68 5.77 -18.16
CA HIS A 90 45.81 6.56 -18.65
C HIS A 90 47.13 5.87 -18.30
N HIS A 91 48.19 6.26 -19.01
CA HIS A 91 49.50 5.71 -18.78
C HIS A 91 50.45 6.75 -18.20
N HIS A 92 51.48 6.28 -17.50
CA HIS A 92 52.46 7.18 -16.90
C HIS A 92 53.29 7.88 -17.96
N HIS A 93 53.01 9.16 -18.18
CA HIS A 93 53.74 9.95 -19.17
C HIS A 93 55.24 9.89 -18.93
N HIS A 94 56.02 9.79 -20.00
CA HIS A 94 57.47 9.73 -19.90
C HIS A 94 58.12 10.07 -21.23
N HIS A 95 59.43 10.26 -21.21
CA HIS A 95 60.18 10.60 -22.41
C HIS A 95 61.51 9.84 -22.46
N MET A 1 -57.31 -42.94 -23.10
CA MET A 1 -55.86 -42.96 -22.90
C MET A 1 -55.36 -41.61 -22.40
N LEU A 2 -55.36 -41.44 -21.08
CA LEU A 2 -54.90 -40.20 -20.46
C LEU A 2 -53.47 -40.33 -19.99
N VAL A 3 -52.57 -39.60 -20.65
CA VAL A 3 -51.15 -39.62 -20.30
C VAL A 3 -50.79 -38.45 -19.38
N LEU A 4 -50.41 -38.77 -18.15
CA LEU A 4 -50.05 -37.75 -17.17
C LEU A 4 -48.60 -37.31 -17.37
N ASP A 5 -48.30 -36.08 -16.96
CA ASP A 5 -46.95 -35.54 -17.09
C ASP A 5 -46.49 -34.91 -15.78
N PHE A 6 -45.40 -35.43 -15.23
CA PHE A 6 -44.87 -34.92 -13.98
C PHE A 6 -44.44 -33.46 -14.12
N ASN A 7 -44.87 -32.63 -13.17
CA ASN A 7 -44.54 -31.21 -13.19
C ASN A 7 -43.23 -30.95 -12.45
N ASN A 8 -42.92 -31.80 -11.47
CA ASN A 8 -41.71 -31.66 -10.69
C ASN A 8 -41.63 -30.27 -10.05
N ILE A 9 -42.26 -30.12 -8.90
CA ILE A 9 -42.26 -28.85 -8.19
C ILE A 9 -40.87 -28.53 -7.64
N ARG A 10 -40.44 -27.28 -7.85
CA ARG A 10 -39.13 -26.83 -7.38
C ARG A 10 -39.22 -26.30 -5.95
N SER A 11 -38.07 -26.24 -5.28
CA SER A 11 -38.02 -25.74 -3.91
C SER A 11 -37.00 -24.62 -3.78
N SER A 12 -37.45 -23.48 -3.27
CA SER A 12 -36.60 -22.32 -3.09
C SER A 12 -35.55 -22.58 -2.01
N ALA A 13 -34.46 -21.81 -2.05
CA ALA A 13 -33.40 -21.96 -1.07
C ALA A 13 -33.52 -20.92 0.04
N ASP A 14 -33.91 -19.71 -0.34
CA ASP A 14 -34.07 -18.62 0.62
C ASP A 14 -32.80 -18.43 1.44
N LEU A 15 -31.65 -18.55 0.78
CA LEU A 15 -30.36 -18.39 1.44
C LEU A 15 -29.91 -16.93 1.41
N HIS A 16 -29.94 -16.28 2.57
CA HIS A 16 -29.52 -14.89 2.68
C HIS A 16 -28.02 -14.74 2.42
N GLY A 17 -27.68 -13.93 1.41
CA GLY A 17 -26.28 -13.72 1.09
C GLY A 17 -25.55 -12.88 2.12
N ALA A 18 -24.91 -11.81 1.65
CA ALA A 18 -24.17 -10.92 2.55
C ALA A 18 -24.19 -9.49 2.02
N ARG A 19 -23.93 -8.54 2.91
CA ARG A 19 -23.92 -7.13 2.55
C ARG A 19 -23.15 -6.30 3.57
N LYS A 20 -22.37 -5.34 3.08
CA LYS A 20 -21.58 -4.48 3.95
C LYS A 20 -20.69 -5.31 4.88
N GLY A 21 -19.67 -5.92 4.29
CA GLY A 21 -18.75 -6.73 5.08
C GLY A 21 -17.36 -6.14 5.16
N SER A 22 -16.85 -6.00 6.38
CA SER A 22 -15.52 -5.43 6.59
C SER A 22 -15.45 -4.01 6.07
N GLN A 23 -14.26 -3.42 6.11
CA GLN A 23 -14.06 -2.06 5.64
C GLN A 23 -13.48 -2.04 4.23
N CYS A 24 -12.22 -2.45 4.12
CA CYS A 24 -11.54 -2.49 2.82
C CYS A 24 -10.87 -3.84 2.61
N LEU A 25 -10.81 -4.28 1.35
CA LEU A 25 -10.19 -5.55 1.01
C LEU A 25 -8.80 -5.33 0.43
N SER A 26 -8.57 -4.17 -0.16
CA SER A 26 -7.29 -3.84 -0.75
C SER A 26 -7.07 -2.33 -0.78
N ASP A 27 -5.81 -1.92 -0.96
CA ASP A 27 -5.47 -0.51 -1.01
C ASP A 27 -6.29 0.23 -2.07
N THR A 28 -6.72 -0.52 -3.09
CA THR A 28 -7.51 0.05 -4.17
C THR A 28 -8.90 0.45 -3.69
N ASP A 29 -9.36 -0.20 -2.62
CA ASP A 29 -10.67 0.08 -2.06
C ASP A 29 -10.59 1.16 -0.99
N CYS A 30 -9.43 1.80 -0.90
CA CYS A 30 -9.21 2.86 0.08
C CYS A 30 -9.12 4.22 -0.60
N ASN A 31 -8.71 4.22 -1.86
CA ASN A 31 -8.58 5.45 -2.62
C ASN A 31 -7.52 6.37 -2.01
N THR A 32 -7.17 7.42 -2.73
CA THR A 32 -6.16 8.37 -2.25
C THR A 32 -4.83 7.68 -2.00
N ARG A 33 -3.88 8.42 -1.43
CA ARG A 33 -2.56 7.88 -1.14
C ARG A 33 -2.55 7.18 0.21
N LYS A 34 -3.40 6.17 0.36
CA LYS A 34 -3.49 5.42 1.61
C LYS A 34 -3.48 3.92 1.35
N PHE A 35 -3.25 3.15 2.39
CA PHE A 35 -3.22 1.69 2.28
C PHE A 35 -4.36 1.05 3.07
N CYS A 36 -4.62 -0.23 2.79
CA CYS A 36 -5.68 -0.94 3.48
C CYS A 36 -5.12 -1.79 4.61
N LEU A 37 -5.12 -1.23 5.82
CA LEU A 37 -4.61 -1.92 6.99
C LEU A 37 -5.64 -2.92 7.52
N GLN A 38 -5.34 -4.21 7.39
CA GLN A 38 -6.23 -5.25 7.86
C GLN A 38 -5.51 -6.20 8.82
N PRO A 39 -5.51 -5.84 10.11
CA PRO A 39 -4.87 -6.65 11.15
C PRO A 39 -5.59 -7.97 11.41
N ARG A 40 -4.86 -8.94 11.94
CA ARG A 40 -5.44 -10.24 12.24
C ARG A 40 -6.17 -10.23 13.58
N ASP A 41 -5.52 -9.66 14.59
CA ASP A 41 -6.11 -9.59 15.93
C ASP A 41 -7.16 -8.49 15.99
N GLU A 42 -7.05 -7.51 15.09
CA GLU A 42 -7.99 -6.39 15.06
C GLU A 42 -8.83 -6.44 13.79
N LYS A 43 -9.69 -5.45 13.61
CA LYS A 43 -10.57 -5.38 12.45
C LYS A 43 -9.95 -4.48 11.37
N PRO A 44 -10.34 -4.72 10.12
CA PRO A 44 -9.86 -3.95 8.98
C PRO A 44 -10.37 -2.52 8.97
N PHE A 45 -9.51 -1.58 8.58
CA PHE A 45 -9.88 -0.16 8.54
C PHE A 45 -8.90 0.63 7.68
N CYS A 46 -9.41 1.63 6.99
CA CYS A 46 -8.58 2.48 6.13
C CYS A 46 -7.67 3.37 6.97
N ALA A 47 -6.36 3.16 6.82
CA ALA A 47 -5.38 3.95 7.56
C ALA A 47 -4.61 4.88 6.63
N THR A 48 -4.19 6.02 7.16
CA THR A 48 -3.44 7.00 6.37
C THR A 48 -2.10 6.44 5.94
N CYS A 49 -1.42 7.17 5.07
CA CYS A 49 -0.11 6.75 4.56
C CYS A 49 0.94 6.82 5.66
N ARG A 50 2.14 6.34 5.36
CA ARG A 50 3.23 6.35 6.33
C ARG A 50 4.30 7.36 5.92
N GLY A 51 4.95 7.97 6.92
CA GLY A 51 5.98 8.95 6.65
C GLY A 51 7.35 8.32 6.50
N LEU A 52 8.39 9.15 6.54
CA LEU A 52 9.76 8.66 6.41
C LEU A 52 10.19 7.87 7.63
N ARG A 53 10.17 8.51 8.80
CA ARG A 53 10.55 7.87 10.05
C ARG A 53 9.62 6.69 10.35
N ARG A 54 8.40 6.77 9.83
CA ARG A 54 7.42 5.70 10.05
C ARG A 54 8.00 4.34 9.68
N ARG A 55 7.58 3.31 10.40
CA ARG A 55 8.06 1.96 10.16
C ARG A 55 7.21 1.28 9.07
N CYS A 56 7.80 0.28 8.41
CA CYS A 56 7.11 -0.45 7.36
C CYS A 56 7.68 -1.86 7.21
N GLN A 57 6.92 -2.73 6.55
CA GLN A 57 7.35 -4.11 6.35
C GLN A 57 7.53 -4.41 4.87
N ARG A 58 6.81 -3.67 4.03
CA ARG A 58 6.88 -3.85 2.58
C ARG A 58 7.26 -2.55 1.89
N ASP A 59 7.62 -2.65 0.61
CA ASP A 59 8.00 -1.48 -0.17
C ASP A 59 6.77 -0.70 -0.62
N ALA A 60 5.71 -1.41 -0.96
CA ALA A 60 4.47 -0.79 -1.40
C ALA A 60 3.69 -0.24 -0.22
N MET A 61 3.91 -0.82 0.96
CA MET A 61 3.21 -0.39 2.17
C MET A 61 3.43 1.10 2.42
N CYS A 62 4.54 1.62 1.91
CA CYS A 62 4.87 3.03 2.08
C CYS A 62 4.43 3.84 0.87
N CYS A 63 4.18 5.13 1.08
CA CYS A 63 3.76 6.01 0.01
C CYS A 63 4.71 5.92 -1.18
N PRO A 64 4.23 6.36 -2.36
CA PRO A 64 5.01 6.33 -3.60
C PRO A 64 6.15 7.34 -3.58
N GLY A 65 7.31 6.94 -4.09
CA GLY A 65 8.46 7.82 -4.11
C GLY A 65 9.52 7.43 -3.11
N THR A 66 9.14 6.65 -2.11
CA THR A 66 10.07 6.20 -1.08
C THR A 66 10.21 4.68 -1.09
N LEU A 67 11.15 4.18 -0.30
CA LEU A 67 11.39 2.73 -0.22
C LEU A 67 11.42 2.27 1.23
N CYS A 68 11.19 0.97 1.43
CA CYS A 68 11.19 0.39 2.77
C CYS A 68 12.52 -0.29 3.07
N VAL A 69 13.32 0.34 3.94
CA VAL A 69 14.61 -0.21 4.31
C VAL A 69 14.72 -0.39 5.81
N ASN A 70 15.30 -1.50 6.23
CA ASN A 70 15.46 -1.80 7.65
C ASN A 70 14.13 -1.72 8.38
N ASP A 71 13.06 -2.15 7.71
CA ASP A 71 11.73 -2.13 8.30
C ASP A 71 11.29 -0.70 8.59
N VAL A 72 11.84 0.25 7.84
CA VAL A 72 11.51 1.65 8.02
C VAL A 72 11.50 2.39 6.69
N CYS A 73 10.60 3.36 6.56
CA CYS A 73 10.48 4.14 5.33
C CYS A 73 11.72 5.02 5.13
N THR A 74 12.11 5.20 3.87
CA THR A 74 13.27 6.01 3.54
C THR A 74 13.13 6.64 2.16
N THR A 75 13.91 7.69 1.91
CA THR A 75 13.87 8.38 0.62
C THR A 75 14.49 7.52 -0.48
N MET A 76 14.18 7.85 -1.72
CA MET A 76 14.71 7.12 -2.87
C MET A 76 16.20 7.39 -3.05
N GLU A 77 16.61 8.62 -2.73
CA GLU A 77 18.01 9.01 -2.85
C GLU A 77 18.86 8.34 -1.78
N ASP A 78 18.26 8.09 -0.62
CA ASP A 78 18.97 7.46 0.49
C ASP A 78 19.09 5.96 0.26
N ALA A 79 17.97 5.31 -0.02
CA ALA A 79 17.95 3.87 -0.25
C ALA A 79 18.83 3.50 -1.45
N THR A 80 18.58 4.15 -2.58
CA THR A 80 19.34 3.89 -3.79
C THR A 80 20.59 4.77 -3.86
N GLU A 81 21.65 4.35 -3.19
CA GLU A 81 22.90 5.10 -3.17
C GLU A 81 24.10 4.16 -3.09
N ASN A 82 25.26 4.67 -3.49
CA ASN A 82 26.49 3.87 -3.47
C ASN A 82 27.06 3.80 -2.05
N LEU A 83 27.55 2.62 -1.68
CA LEU A 83 28.13 2.42 -0.36
C LEU A 83 29.45 1.66 -0.45
N TYR A 84 30.16 1.60 0.67
CA TYR A 84 31.45 0.90 0.71
C TYR A 84 31.41 -0.25 1.71
N PHE A 85 32.42 -1.11 1.65
CA PHE A 85 32.51 -2.25 2.55
C PHE A 85 33.72 -2.13 3.47
N GLN A 86 34.91 -2.27 2.90
CA GLN A 86 36.15 -2.18 3.66
C GLN A 86 37.33 -1.82 2.76
N SER A 87 38.50 -1.70 3.37
CA SER A 87 39.71 -1.34 2.62
C SER A 87 40.67 -2.52 2.54
N LEU A 88 41.82 -2.31 1.92
CA LEU A 88 42.82 -3.35 1.77
C LEU A 88 44.19 -2.86 2.26
N GLU A 89 44.94 -3.75 2.90
CA GLU A 89 46.26 -3.41 3.41
C GLU A 89 47.25 -4.55 3.16
N HIS A 90 48.53 -4.23 3.23
CA HIS A 90 49.59 -5.22 3.01
C HIS A 90 50.91 -4.74 3.60
N HIS A 91 51.77 -5.70 3.94
CA HIS A 91 53.07 -5.39 4.51
C HIS A 91 54.18 -5.61 3.49
N HIS A 92 55.30 -4.89 3.66
CA HIS A 92 56.43 -5.03 2.76
C HIS A 92 57.72 -5.23 3.53
N HIS A 93 58.02 -4.29 4.43
CA HIS A 93 59.23 -4.36 5.24
C HIS A 93 59.04 -5.33 6.41
N HIS A 94 59.23 -6.61 6.15
CA HIS A 94 59.09 -7.64 7.17
C HIS A 94 60.04 -7.38 8.34
N HIS A 95 61.15 -6.71 8.05
CA HIS A 95 62.14 -6.39 9.07
C HIS A 95 62.21 -4.89 9.31
N MET A 1 -35.83 -44.21 -2.53
CA MET A 1 -36.50 -43.97 -1.26
C MET A 1 -36.89 -42.50 -1.12
N LEU A 2 -37.94 -42.11 -1.84
CA LEU A 2 -38.42 -40.73 -1.79
C LEU A 2 -39.69 -40.61 -0.96
N VAL A 3 -39.78 -39.54 -0.18
CA VAL A 3 -40.95 -39.31 0.66
C VAL A 3 -41.71 -38.06 0.23
N LEU A 4 -43.03 -38.13 0.25
CA LEU A 4 -43.87 -37.01 -0.15
C LEU A 4 -44.19 -36.13 1.06
N ASP A 5 -44.32 -34.83 0.82
CA ASP A 5 -44.63 -33.88 1.88
C ASP A 5 -45.39 -32.68 1.33
N PHE A 6 -45.90 -31.85 2.23
CA PHE A 6 -46.66 -30.66 1.84
C PHE A 6 -45.99 -29.40 2.36
N ASN A 7 -46.45 -28.25 1.87
CA ASN A 7 -45.89 -26.96 2.29
C ASN A 7 -47.00 -25.97 2.63
N ASN A 8 -46.74 -25.12 3.61
CA ASN A 8 -47.72 -24.12 4.03
C ASN A 8 -47.14 -22.71 3.93
N ILE A 9 -47.96 -21.77 3.48
CA ILE A 9 -47.52 -20.39 3.34
C ILE A 9 -47.29 -19.74 4.70
N ARG A 10 -46.49 -18.69 4.72
CA ARG A 10 -46.19 -17.98 5.96
C ARG A 10 -46.11 -16.47 5.73
N SER A 11 -45.99 -15.71 6.81
CA SER A 11 -45.92 -14.26 6.73
C SER A 11 -44.52 -13.81 6.30
N SER A 12 -44.41 -12.55 5.91
CA SER A 12 -43.13 -12.00 5.48
C SER A 12 -42.55 -11.06 6.54
N ALA A 13 -41.24 -11.09 6.70
CA ALA A 13 -40.56 -10.25 7.68
C ALA A 13 -39.24 -9.71 7.13
N ASP A 14 -38.55 -8.92 7.93
CA ASP A 14 -37.28 -8.33 7.52
C ASP A 14 -36.13 -8.95 8.31
N LEU A 15 -34.97 -9.05 7.67
CA LEU A 15 -33.78 -9.63 8.30
C LEU A 15 -32.60 -8.68 8.19
N HIS A 16 -32.16 -8.15 9.34
CA HIS A 16 -31.03 -7.24 9.38
C HIS A 16 -29.84 -7.87 10.09
N GLY A 17 -28.87 -8.34 9.30
CA GLY A 17 -27.69 -8.97 9.87
C GLY A 17 -26.59 -7.97 10.15
N ALA A 18 -25.34 -8.40 9.96
CA ALA A 18 -24.19 -7.53 10.20
C ALA A 18 -24.32 -6.22 9.43
N ARG A 19 -23.53 -5.24 9.81
CA ARG A 19 -23.56 -3.93 9.16
C ARG A 19 -22.90 -4.00 7.78
N LYS A 20 -21.59 -4.25 7.76
CA LYS A 20 -20.86 -4.35 6.51
C LYS A 20 -20.01 -5.61 6.47
N GLY A 21 -19.79 -6.14 5.27
CA GLY A 21 -18.99 -7.34 5.12
C GLY A 21 -17.53 -7.04 4.86
N SER A 22 -17.21 -6.67 3.64
CA SER A 22 -15.83 -6.35 3.27
C SER A 22 -15.66 -4.87 3.00
N GLN A 23 -14.82 -4.22 3.80
CA GLN A 23 -14.57 -2.79 3.66
C GLN A 23 -13.81 -2.50 2.36
N CYS A 24 -12.63 -3.09 2.21
CA CYS A 24 -11.82 -2.90 1.03
C CYS A 24 -11.11 -4.19 0.64
N LEU A 25 -10.83 -4.34 -0.66
CA LEU A 25 -10.16 -5.54 -1.16
C LEU A 25 -8.71 -5.23 -1.51
N SER A 26 -8.43 -3.97 -1.81
CA SER A 26 -7.08 -3.54 -2.17
C SER A 26 -6.84 -2.09 -1.76
N ASP A 27 -5.62 -1.62 -1.96
CA ASP A 27 -5.26 -0.26 -1.61
C ASP A 27 -5.96 0.74 -2.53
N THR A 28 -6.30 0.29 -3.73
CA THR A 28 -6.97 1.15 -4.71
C THR A 28 -8.45 1.33 -4.35
N ASP A 29 -8.99 0.36 -3.62
CA ASP A 29 -10.39 0.41 -3.21
C ASP A 29 -10.63 1.54 -2.21
N CYS A 30 -9.57 1.91 -1.48
CA CYS A 30 -9.67 2.97 -0.48
C CYS A 30 -9.70 4.33 -1.15
N ASN A 31 -8.57 4.73 -1.73
CA ASN A 31 -8.47 6.02 -2.41
C ASN A 31 -7.35 6.00 -3.44
N THR A 32 -6.11 6.05 -2.97
CA THR A 32 -4.96 6.04 -3.86
C THR A 32 -3.65 6.14 -3.07
N ARG A 33 -3.69 6.86 -1.96
CA ARG A 33 -2.52 7.02 -1.11
C ARG A 33 -2.71 6.33 0.24
N LYS A 34 -3.44 5.22 0.21
CA LYS A 34 -3.69 4.45 1.43
C LYS A 34 -3.81 2.96 1.12
N PHE A 35 -3.36 2.13 2.06
CA PHE A 35 -3.41 0.68 1.88
C PHE A 35 -4.56 0.08 2.69
N CYS A 36 -5.04 -1.08 2.23
CA CYS A 36 -6.15 -1.76 2.90
C CYS A 36 -5.62 -2.70 3.98
N LEU A 37 -5.63 -2.25 5.22
CA LEU A 37 -5.15 -3.06 6.34
C LEU A 37 -6.32 -3.74 7.04
N GLN A 38 -6.20 -5.06 7.22
CA GLN A 38 -7.26 -5.83 7.87
C GLN A 38 -6.67 -6.69 8.98
N PRO A 39 -6.57 -6.13 10.19
CA PRO A 39 -6.03 -6.82 11.36
C PRO A 39 -6.95 -7.93 11.86
N ARG A 40 -6.40 -8.86 12.62
CA ARG A 40 -7.17 -9.98 13.16
C ARG A 40 -7.89 -9.56 14.43
N ASP A 41 -7.17 -8.90 15.33
CA ASP A 41 -7.73 -8.45 16.59
C ASP A 41 -8.62 -7.22 16.39
N GLU A 42 -8.37 -6.50 15.30
CA GLU A 42 -9.14 -5.31 14.99
C GLU A 42 -9.95 -5.49 13.71
N LYS A 43 -10.66 -4.44 13.31
CA LYS A 43 -11.46 -4.49 12.10
C LYS A 43 -10.77 -3.78 10.95
N PRO A 44 -11.12 -4.15 9.71
CA PRO A 44 -10.54 -3.57 8.50
C PRO A 44 -10.98 -2.12 8.30
N PHE A 45 -10.04 -1.27 7.89
CA PHE A 45 -10.33 0.14 7.67
C PHE A 45 -9.28 0.77 6.77
N CYS A 46 -9.44 2.06 6.48
CA CYS A 46 -8.50 2.78 5.64
C CYS A 46 -7.29 3.25 6.44
N ALA A 47 -6.14 2.65 6.15
CA ALA A 47 -4.91 3.01 6.85
C ALA A 47 -4.01 3.87 5.97
N THR A 48 -3.32 4.83 6.59
CA THR A 48 -2.42 5.72 5.87
C THR A 48 -0.97 5.27 6.00
N CYS A 49 -0.12 5.83 5.14
CA CYS A 49 1.31 5.48 5.16
C CYS A 49 1.98 6.00 6.43
N ARG A 50 3.24 5.66 6.61
CA ARG A 50 4.00 6.09 7.78
C ARG A 50 4.99 7.18 7.41
N GLY A 51 5.84 7.56 8.37
CA GLY A 51 6.81 8.60 8.13
C GLY A 51 8.17 8.05 7.70
N LEU A 52 9.12 8.93 7.47
CA LEU A 52 10.46 8.52 7.04
C LEU A 52 11.23 7.90 8.21
N ARG A 53 10.87 8.28 9.43
CA ARG A 53 11.52 7.77 10.62
C ARG A 53 10.79 6.53 11.14
N ARG A 54 9.65 6.22 10.55
CA ARG A 54 8.86 5.07 10.96
C ARG A 54 9.39 3.79 10.32
N ARG A 55 9.22 2.68 11.02
CA ARG A 55 9.68 1.38 10.52
C ARG A 55 8.70 0.80 9.51
N CYS A 56 9.20 -0.05 8.62
CA CYS A 56 8.37 -0.68 7.61
C CYS A 56 8.85 -2.10 7.31
N GLN A 57 7.94 -2.91 6.76
CA GLN A 57 8.27 -4.29 6.44
C GLN A 57 8.18 -4.54 4.94
N ARG A 58 7.37 -3.74 4.26
CA ARG A 58 7.20 -3.86 2.82
C ARG A 58 7.33 -2.51 2.14
N ASP A 59 7.31 -2.52 0.80
CA ASP A 59 7.42 -1.28 0.03
C ASP A 59 6.09 -0.55 -0.04
N ALA A 60 5.04 -1.28 -0.45
CA ALA A 60 3.71 -0.70 -0.55
C ALA A 60 3.20 -0.25 0.80
N MET A 61 3.73 -0.85 1.86
CA MET A 61 3.33 -0.51 3.22
C MET A 61 3.46 0.99 3.46
N CYS A 62 4.38 1.63 2.74
CA CYS A 62 4.62 3.06 2.89
C CYS A 62 3.98 3.83 1.72
N CYS A 63 4.01 5.15 1.82
CA CYS A 63 3.44 6.00 0.78
C CYS A 63 4.17 5.82 -0.54
N PRO A 64 3.53 6.21 -1.65
CA PRO A 64 4.10 6.11 -2.99
C PRO A 64 5.25 7.07 -3.21
N GLY A 65 6.44 6.52 -3.48
CA GLY A 65 7.60 7.35 -3.72
C GLY A 65 8.67 7.15 -2.65
N THR A 66 8.58 6.05 -1.92
CA THR A 66 9.54 5.75 -0.87
C THR A 66 9.98 4.30 -0.93
N LEU A 67 11.13 4.01 -0.32
CA LEU A 67 11.67 2.66 -0.31
C LEU A 67 11.97 2.20 1.13
N CYS A 68 11.66 0.94 1.40
CA CYS A 68 11.89 0.38 2.73
C CYS A 68 13.34 -0.04 2.90
N VAL A 69 14.13 0.82 3.55
CA VAL A 69 15.54 0.54 3.77
C VAL A 69 15.85 0.40 5.26
N ASN A 70 16.57 -0.64 5.62
CA ASN A 70 16.94 -0.88 7.01
C ASN A 70 15.68 -0.97 7.89
N ASP A 71 14.62 -1.54 7.34
CA ASP A 71 13.36 -1.68 8.07
C ASP A 71 12.78 -0.30 8.41
N VAL A 72 13.13 0.70 7.61
CA VAL A 72 12.64 2.05 7.83
C VAL A 72 12.29 2.73 6.50
N CYS A 73 11.23 3.54 6.53
CA CYS A 73 10.80 4.25 5.33
C CYS A 73 11.84 5.29 4.90
N THR A 74 12.55 4.98 3.82
CA THR A 74 13.57 5.88 3.30
C THR A 74 13.21 6.38 1.91
N THR A 75 13.17 7.70 1.75
CA THR A 75 12.83 8.31 0.47
C THR A 75 13.69 7.73 -0.65
N MET A 76 13.10 7.61 -1.84
CA MET A 76 13.81 7.07 -3.00
C MET A 76 15.05 7.91 -3.31
N GLU A 77 14.92 9.23 -3.18
CA GLU A 77 16.03 10.14 -3.44
C GLU A 77 17.22 9.83 -2.54
N ASP A 78 16.93 9.27 -1.37
CA ASP A 78 17.97 8.93 -0.41
C ASP A 78 18.49 7.51 -0.66
N ALA A 79 17.61 6.63 -1.11
CA ALA A 79 17.99 5.25 -1.39
C ALA A 79 18.73 5.14 -2.71
N THR A 80 19.24 3.95 -2.99
CA THR A 80 19.98 3.71 -4.23
C THR A 80 21.21 4.61 -4.32
N GLU A 81 22.22 4.28 -3.53
CA GLU A 81 23.46 5.06 -3.52
C GLU A 81 23.18 6.52 -3.17
N ASN A 82 24.24 7.32 -3.09
CA ASN A 82 24.11 8.73 -2.75
C ASN A 82 24.14 9.59 -4.01
N LEU A 83 24.13 10.91 -3.82
CA LEU A 83 24.16 11.84 -4.94
C LEU A 83 25.59 12.26 -5.26
N TYR A 84 25.83 12.58 -6.53
CA TYR A 84 27.16 13.00 -6.97
C TYR A 84 27.46 14.42 -6.52
N PHE A 85 28.74 14.75 -6.41
CA PHE A 85 29.17 16.07 -5.99
C PHE A 85 30.56 16.40 -6.52
N GLN A 86 30.78 17.67 -6.85
CA GLN A 86 32.07 18.11 -7.38
C GLN A 86 32.57 19.34 -6.63
N SER A 87 33.77 19.24 -6.07
CA SER A 87 34.36 20.34 -5.32
C SER A 87 35.52 20.96 -6.10
N LEU A 88 35.25 22.07 -6.76
CA LEU A 88 36.27 22.76 -7.55
C LEU A 88 36.87 23.93 -6.75
N GLU A 89 38.03 24.41 -7.21
CA GLU A 89 38.70 25.51 -6.54
C GLU A 89 39.56 26.30 -7.52
N HIS A 90 39.45 27.62 -7.47
CA HIS A 90 40.22 28.48 -8.37
C HIS A 90 41.31 29.22 -7.59
N HIS A 91 42.43 29.48 -8.26
CA HIS A 91 43.55 30.18 -7.64
C HIS A 91 43.80 31.52 -8.32
N HIS A 92 44.83 32.22 -7.86
CA HIS A 92 45.17 33.52 -8.43
C HIS A 92 46.55 33.98 -7.96
N HIS A 93 47.09 35.01 -8.60
CA HIS A 93 48.40 35.53 -8.24
C HIS A 93 48.37 37.06 -8.15
N HIS A 94 47.80 37.69 -9.17
CA HIS A 94 47.71 39.15 -9.20
C HIS A 94 49.10 39.78 -9.18
N HIS A 95 49.14 41.10 -9.40
CA HIS A 95 50.40 41.83 -9.42
C HIS A 95 50.49 42.78 -8.23
N MET A 1 13.63 14.98 -15.31
CA MET A 1 12.48 14.56 -16.10
C MET A 1 12.42 13.04 -16.21
N LEU A 2 12.08 12.39 -15.10
CA LEU A 2 11.99 10.94 -15.07
C LEU A 2 10.67 10.49 -14.44
N VAL A 3 10.27 11.18 -13.38
CA VAL A 3 9.03 10.86 -12.68
C VAL A 3 7.83 11.01 -13.59
N LEU A 4 7.07 9.93 -13.76
CA LEU A 4 5.89 9.95 -14.60
C LEU A 4 4.68 10.52 -13.86
N ASP A 5 3.75 11.11 -14.61
CA ASP A 5 2.56 11.69 -14.02
C ASP A 5 1.30 10.99 -14.53
N PHE A 6 0.15 11.49 -14.13
CA PHE A 6 -1.13 10.90 -14.53
C PHE A 6 -1.21 9.43 -14.13
N ASN A 7 -1.12 9.19 -12.82
CA ASN A 7 -1.18 7.82 -12.30
C ASN A 7 -2.62 7.34 -12.19
N ASN A 8 -3.53 8.27 -11.87
CA ASN A 8 -4.94 7.94 -11.74
C ASN A 8 -5.69 8.25 -13.02
N ILE A 9 -6.43 7.27 -13.54
CA ILE A 9 -7.20 7.45 -14.76
C ILE A 9 -8.68 7.62 -14.46
N ARG A 10 -9.48 7.76 -15.51
CA ARG A 10 -10.92 7.94 -15.36
C ARG A 10 -11.62 6.58 -15.21
N SER A 11 -11.48 5.98 -14.03
CA SER A 11 -12.10 4.69 -13.77
C SER A 11 -13.62 4.78 -13.84
N SER A 12 -14.26 3.64 -14.12
CA SER A 12 -15.71 3.60 -14.23
C SER A 12 -16.23 2.20 -13.92
N ALA A 13 -17.40 2.14 -13.27
CA ALA A 13 -18.01 0.87 -12.92
C ALA A 13 -19.49 1.02 -12.66
N ASP A 14 -19.84 1.90 -11.72
CA ASP A 14 -21.23 2.13 -11.37
C ASP A 14 -21.92 0.85 -10.95
N LEU A 15 -21.47 0.28 -9.84
CA LEU A 15 -22.05 -0.97 -9.33
C LEU A 15 -22.77 -0.73 -8.00
N HIS A 16 -23.82 -1.50 -7.76
CA HIS A 16 -24.60 -1.38 -6.54
C HIS A 16 -24.33 -2.57 -5.60
N GLY A 17 -23.12 -2.63 -5.06
CA GLY A 17 -22.77 -3.72 -4.17
C GLY A 17 -21.48 -3.45 -3.41
N ALA A 18 -20.44 -4.22 -3.72
CA ALA A 18 -19.15 -4.07 -3.06
C ALA A 18 -19.27 -4.29 -1.56
N ARG A 19 -19.98 -5.34 -1.17
CA ARG A 19 -20.17 -5.66 0.23
C ARG A 19 -20.65 -7.10 0.41
N LYS A 20 -19.71 -8.04 0.33
CA LYS A 20 -20.03 -9.45 0.48
C LYS A 20 -18.77 -10.28 0.63
N GLY A 21 -17.82 -10.09 -0.29
CA GLY A 21 -16.57 -10.83 -0.22
C GLY A 21 -15.53 -10.14 0.63
N SER A 22 -14.63 -9.40 -0.01
CA SER A 22 -13.58 -8.69 0.70
C SER A 22 -13.89 -7.19 0.81
N GLN A 23 -13.39 -6.56 1.86
CA GLN A 23 -13.62 -5.14 2.08
C GLN A 23 -13.18 -4.33 0.86
N CYS A 24 -12.00 -4.66 0.33
CA CYS A 24 -11.46 -3.96 -0.83
C CYS A 24 -10.78 -4.93 -1.78
N LEU A 25 -10.96 -4.72 -3.08
CA LEU A 25 -10.35 -5.57 -4.09
C LEU A 25 -8.87 -5.26 -4.25
N SER A 26 -8.50 -4.02 -3.95
CA SER A 26 -7.12 -3.59 -4.07
C SER A 26 -6.79 -2.51 -3.05
N ASP A 27 -5.53 -2.09 -3.01
CA ASP A 27 -5.09 -1.06 -2.07
C ASP A 27 -5.52 0.33 -2.57
N THR A 28 -5.67 0.46 -3.89
CA THR A 28 -6.07 1.72 -4.48
C THR A 28 -7.59 1.89 -4.47
N ASP A 29 -8.27 0.93 -3.87
CA ASP A 29 -9.74 0.97 -3.79
C ASP A 29 -10.19 1.60 -2.48
N CYS A 30 -9.25 2.19 -1.76
CA CYS A 30 -9.56 2.84 -0.49
C CYS A 30 -10.08 4.25 -0.70
N ASN A 31 -9.36 5.03 -1.50
CA ASN A 31 -9.76 6.41 -1.79
C ASN A 31 -8.89 7.00 -2.90
N THR A 32 -7.64 7.30 -2.58
CA THR A 32 -6.71 7.87 -3.54
C THR A 32 -5.27 7.68 -3.10
N ARG A 33 -4.88 8.39 -2.05
CA ARG A 33 -3.52 8.30 -1.52
C ARG A 33 -3.48 7.49 -0.23
N LYS A 34 -4.19 6.37 -0.22
CA LYS A 34 -4.24 5.50 0.95
C LYS A 34 -4.34 4.03 0.54
N PHE A 35 -3.90 3.15 1.43
CA PHE A 35 -3.95 1.72 1.16
C PHE A 35 -4.92 1.01 2.11
N CYS A 36 -5.06 -0.29 1.94
CA CYS A 36 -5.97 -1.09 2.78
C CYS A 36 -5.21 -1.73 3.94
N LEU A 37 -5.18 -1.05 5.08
CA LEU A 37 -4.48 -1.56 6.26
C LEU A 37 -5.33 -2.61 6.97
N GLN A 38 -4.79 -3.82 7.06
CA GLN A 38 -5.50 -4.92 7.72
C GLN A 38 -4.69 -5.46 8.89
N PRO A 39 -4.87 -4.85 10.07
CA PRO A 39 -4.16 -5.25 11.29
C PRO A 39 -4.63 -6.61 11.81
N ARG A 40 -3.74 -7.30 12.52
CA ARG A 40 -4.07 -8.62 13.06
C ARG A 40 -4.81 -8.48 14.39
N ASP A 41 -4.59 -7.37 15.08
CA ASP A 41 -5.24 -7.12 16.36
C ASP A 41 -6.57 -6.39 16.15
N GLU A 42 -6.68 -5.69 15.03
CA GLU A 42 -7.90 -4.94 14.73
C GLU A 42 -8.49 -5.39 13.40
N LYS A 43 -9.58 -4.75 13.00
CA LYS A 43 -10.26 -5.09 11.75
C LYS A 43 -9.67 -4.29 10.58
N PRO A 44 -9.90 -4.78 9.35
CA PRO A 44 -9.42 -4.13 8.14
C PRO A 44 -10.13 -2.81 7.86
N PHE A 45 -9.36 -1.81 7.45
CA PHE A 45 -9.93 -0.49 7.15
C PHE A 45 -8.88 0.41 6.48
N CYS A 46 -9.33 1.57 6.02
CA CYS A 46 -8.43 2.52 5.37
C CYS A 46 -7.61 3.30 6.39
N ALA A 47 -6.30 3.33 6.18
CA ALA A 47 -5.41 4.05 7.09
C ALA A 47 -4.23 4.64 6.33
N THR A 48 -3.93 5.90 6.61
CA THR A 48 -2.82 6.59 5.95
C THR A 48 -1.53 5.80 6.09
N CYS A 49 -0.54 6.14 5.27
CA CYS A 49 0.75 5.45 5.30
C CYS A 49 1.56 5.90 6.51
N ARG A 50 2.49 5.04 6.93
CA ARG A 50 3.34 5.34 8.08
C ARG A 50 4.38 6.40 7.73
N GLY A 51 4.80 7.17 8.74
CA GLY A 51 5.78 8.21 8.51
C GLY A 51 7.08 7.67 7.93
N LEU A 52 7.99 8.57 7.58
CA LEU A 52 9.28 8.18 7.01
C LEU A 52 10.08 7.33 7.99
N ARG A 53 10.32 7.88 9.17
CA ARG A 53 11.08 7.18 10.20
C ARG A 53 10.32 5.95 10.68
N ARG A 54 9.00 5.97 10.53
CA ARG A 54 8.16 4.86 10.95
C ARG A 54 8.68 3.54 10.38
N ARG A 55 8.51 2.47 11.14
CA ARG A 55 8.96 1.15 10.71
C ARG A 55 8.05 0.59 9.63
N CYS A 56 8.56 -0.38 8.87
CA CYS A 56 7.79 -1.00 7.80
C CYS A 56 8.29 -2.41 7.51
N GLN A 57 7.44 -3.22 6.88
CA GLN A 57 7.81 -4.59 6.55
C GLN A 57 7.89 -4.79 5.04
N ARG A 58 7.17 -3.94 4.30
CA ARG A 58 7.16 -4.03 2.84
C ARG A 58 7.36 -2.65 2.22
N ASP A 59 7.81 -2.63 0.97
CA ASP A 59 8.03 -1.37 0.26
C ASP A 59 6.73 -0.81 -0.28
N ALA A 60 5.74 -1.68 -0.48
CA ALA A 60 4.44 -1.27 -0.98
C ALA A 60 3.61 -0.61 0.11
N MET A 61 3.60 -1.23 1.29
CA MET A 61 2.84 -0.70 2.42
C MET A 61 3.33 0.68 2.81
N CYS A 62 4.58 1.00 2.44
CA CYS A 62 5.17 2.29 2.76
C CYS A 62 4.49 3.40 1.97
N CYS A 63 4.72 4.64 2.39
CA CYS A 63 4.13 5.80 1.73
C CYS A 63 4.39 5.76 0.23
N PRO A 64 3.57 6.51 -0.53
CA PRO A 64 3.70 6.57 -1.99
C PRO A 64 4.95 7.32 -2.43
N GLY A 65 5.82 6.62 -3.15
CA GLY A 65 7.05 7.24 -3.62
C GLY A 65 8.22 6.98 -2.70
N THR A 66 8.08 6.00 -1.81
CA THR A 66 9.14 5.66 -0.87
C THR A 66 9.42 4.15 -0.88
N LEU A 67 10.47 3.75 -0.19
CA LEU A 67 10.86 2.35 -0.12
C LEU A 67 11.06 1.90 1.32
N CYS A 68 11.05 0.59 1.54
CA CYS A 68 11.23 0.04 2.88
C CYS A 68 12.65 -0.49 3.05
N VAL A 69 13.44 0.22 3.85
CA VAL A 69 14.82 -0.19 4.10
C VAL A 69 15.11 -0.25 5.60
N ASN A 70 15.82 -1.30 6.02
CA ASN A 70 16.17 -1.48 7.42
C ASN A 70 14.91 -1.46 8.30
N ASP A 71 13.85 -2.07 7.79
CA ASP A 71 12.58 -2.13 8.52
C ASP A 71 12.05 -0.73 8.82
N VAL A 72 12.45 0.23 7.98
CA VAL A 72 12.02 1.62 8.16
C VAL A 72 11.81 2.29 6.82
N CYS A 73 10.77 3.12 6.73
CA CYS A 73 10.45 3.83 5.50
C CYS A 73 11.57 4.79 5.13
N THR A 74 11.79 4.96 3.83
CA THR A 74 12.84 5.85 3.34
C THR A 74 12.48 6.43 1.97
N THR A 75 12.86 7.68 1.74
CA THR A 75 12.57 8.35 0.48
C THR A 75 13.20 7.60 -0.69
N MET A 76 12.72 7.88 -1.89
CA MET A 76 13.23 7.23 -3.10
C MET A 76 14.67 7.67 -3.37
N GLU A 77 15.02 8.87 -2.90
CA GLU A 77 16.36 9.40 -3.09
C GLU A 77 17.36 8.70 -2.19
N ASP A 78 16.91 8.33 -0.99
CA ASP A 78 17.77 7.66 -0.03
C ASP A 78 18.04 6.21 -0.46
N ALA A 79 16.97 5.49 -0.80
CA ALA A 79 17.09 4.11 -1.22
C ALA A 79 17.54 4.02 -2.68
N THR A 80 18.56 3.18 -2.93
CA THR A 80 19.08 3.01 -4.28
C THR A 80 19.41 1.55 -4.56
N GLU A 81 20.49 1.06 -3.96
CA GLU A 81 20.90 -0.32 -4.14
C GLU A 81 22.08 -0.66 -3.23
N ASN A 82 21.87 -0.57 -1.93
CA ASN A 82 22.92 -0.87 -0.96
C ASN A 82 24.13 0.03 -1.18
N LEU A 83 23.87 1.27 -1.57
CA LEU A 83 24.94 2.23 -1.82
C LEU A 83 25.72 2.52 -0.54
N TYR A 84 26.93 3.05 -0.70
CA TYR A 84 27.77 3.38 0.45
C TYR A 84 28.72 4.53 0.12
N PHE A 85 29.17 5.24 1.15
CA PHE A 85 30.08 6.35 0.97
C PHE A 85 31.40 6.10 1.70
N GLN A 86 32.48 6.68 1.17
CA GLN A 86 33.80 6.52 1.76
C GLN A 86 34.46 7.87 1.99
N SER A 87 35.06 8.05 3.17
CA SER A 87 35.73 9.29 3.52
C SER A 87 37.19 9.27 3.07
N LEU A 88 37.48 9.98 1.98
CA LEU A 88 38.84 10.03 1.46
C LEU A 88 39.40 11.45 1.56
N GLU A 89 40.66 11.62 1.16
CA GLU A 89 41.31 12.92 1.21
C GLU A 89 42.23 13.11 0.01
N HIS A 90 42.51 14.37 -0.33
CA HIS A 90 43.38 14.69 -1.45
C HIS A 90 44.60 15.49 -0.99
N HIS A 91 45.68 15.40 -1.74
CA HIS A 91 46.91 16.11 -1.41
C HIS A 91 47.00 17.42 -2.18
N HIS A 92 46.30 18.44 -1.68
CA HIS A 92 46.30 19.75 -2.31
C HIS A 92 45.81 20.83 -1.35
N HIS A 93 46.46 20.92 -0.20
CA HIS A 93 46.10 21.90 0.82
C HIS A 93 47.31 22.74 1.21
N HIS A 94 48.39 22.07 1.60
CA HIS A 94 49.61 22.76 2.00
C HIS A 94 50.85 21.95 1.60
N HIS A 95 50.80 20.65 1.83
CA HIS A 95 51.91 19.77 1.48
C HIS A 95 51.68 19.10 0.13
N MET A 1 -36.69 25.85 18.46
CA MET A 1 -35.93 26.64 17.50
C MET A 1 -34.91 25.77 16.77
N LEU A 2 -35.24 25.37 15.55
CA LEU A 2 -34.35 24.53 14.75
C LEU A 2 -34.53 24.83 13.26
N VAL A 3 -33.41 24.83 12.54
CA VAL A 3 -33.43 25.10 11.10
C VAL A 3 -33.77 23.83 10.31
N LEU A 4 -34.56 23.98 9.27
CA LEU A 4 -34.96 22.85 8.43
C LEU A 4 -33.75 22.29 7.67
N ASP A 5 -33.69 20.97 7.55
CA ASP A 5 -32.60 20.32 6.84
C ASP A 5 -33.04 18.96 6.30
N PHE A 6 -33.54 18.95 5.07
CA PHE A 6 -33.99 17.73 4.44
C PHE A 6 -34.29 17.95 2.95
N ASN A 7 -33.77 17.07 2.10
CA ASN A 7 -33.98 17.18 0.67
C ASN A 7 -34.77 15.99 0.15
N ASN A 8 -35.34 16.13 -1.04
CA ASN A 8 -36.12 15.07 -1.65
C ASN A 8 -35.86 14.99 -3.16
N ILE A 9 -35.10 13.98 -3.57
CA ILE A 9 -34.78 13.80 -4.98
C ILE A 9 -35.56 12.65 -5.58
N ARG A 10 -36.22 12.90 -6.71
CA ARG A 10 -37.01 11.88 -7.38
C ARG A 10 -36.15 11.09 -8.36
N SER A 11 -36.45 9.80 -8.49
CA SER A 11 -35.71 8.93 -9.39
C SER A 11 -34.21 9.01 -9.10
N SER A 12 -33.81 8.44 -7.96
CA SER A 12 -32.40 8.46 -7.56
C SER A 12 -31.93 7.04 -7.21
N ALA A 13 -32.77 6.32 -6.46
CA ALA A 13 -32.44 4.96 -6.05
C ALA A 13 -33.00 3.94 -7.04
N ASP A 14 -32.24 2.88 -7.29
CA ASP A 14 -32.67 1.84 -8.21
C ASP A 14 -32.22 0.46 -7.72
N LEU A 15 -33.02 -0.13 -6.84
CA LEU A 15 -32.71 -1.44 -6.29
C LEU A 15 -31.37 -1.44 -5.59
N HIS A 16 -31.37 -0.96 -4.35
CA HIS A 16 -30.14 -0.90 -3.55
C HIS A 16 -30.21 -1.86 -2.37
N GLY A 17 -29.09 -2.52 -2.09
CA GLY A 17 -29.05 -3.47 -0.99
C GLY A 17 -27.91 -4.47 -1.11
N ALA A 18 -26.68 -3.96 -1.04
CA ALA A 18 -25.50 -4.81 -1.15
C ALA A 18 -25.05 -5.31 0.22
N ARG A 19 -24.14 -6.27 0.23
CA ARG A 19 -23.63 -6.84 1.48
C ARG A 19 -22.47 -7.78 1.21
N LYS A 20 -21.39 -7.23 0.65
CA LYS A 20 -20.20 -8.03 0.34
C LYS A 20 -19.53 -8.53 1.62
N GLY A 21 -19.11 -7.60 2.47
CA GLY A 21 -18.46 -7.97 3.71
C GLY A 21 -16.96 -7.83 3.64
N SER A 22 -16.49 -6.71 3.11
CA SER A 22 -15.06 -6.46 2.99
C SER A 22 -14.79 -5.00 2.64
N GLN A 23 -14.26 -4.26 3.62
CA GLN A 23 -13.96 -2.84 3.42
C GLN A 23 -13.00 -2.66 2.25
N CYS A 24 -11.92 -3.43 2.24
CA CYS A 24 -10.92 -3.34 1.19
C CYS A 24 -10.09 -4.63 1.12
N LEU A 25 -9.61 -4.95 -0.07
CA LEU A 25 -8.80 -6.15 -0.27
C LEU A 25 -7.33 -5.78 -0.45
N SER A 26 -7.07 -4.59 -0.97
CA SER A 26 -5.71 -4.12 -1.18
C SER A 26 -5.65 -2.59 -1.21
N ASP A 27 -4.45 -2.05 -1.22
CA ASP A 27 -4.25 -0.60 -1.24
C ASP A 27 -4.98 0.02 -2.42
N THR A 28 -5.17 -0.75 -3.48
CA THR A 28 -5.86 -0.27 -4.67
C THR A 28 -7.32 0.01 -4.38
N ASP A 29 -7.87 -0.65 -3.37
CA ASP A 29 -9.26 -0.47 -2.99
C ASP A 29 -9.47 0.91 -2.36
N CYS A 30 -8.43 1.44 -1.74
CA CYS A 30 -8.50 2.75 -1.09
C CYS A 30 -8.21 3.86 -2.10
N ASN A 31 -9.22 4.66 -2.41
CA ASN A 31 -9.08 5.75 -3.36
C ASN A 31 -7.94 6.68 -2.94
N THR A 32 -8.02 7.18 -1.71
CA THR A 32 -7.00 8.09 -1.19
C THR A 32 -5.61 7.46 -1.27
N ARG A 33 -4.60 8.24 -0.90
CA ARG A 33 -3.22 7.75 -0.94
C ARG A 33 -2.90 6.95 0.32
N LYS A 34 -3.69 5.91 0.57
CA LYS A 34 -3.48 5.06 1.74
C LYS A 34 -3.59 3.59 1.37
N PHE A 35 -3.06 2.73 2.22
CA PHE A 35 -3.10 1.29 1.99
C PHE A 35 -4.17 0.62 2.85
N CYS A 36 -4.58 -0.57 2.45
CA CYS A 36 -5.60 -1.33 3.18
C CYS A 36 -4.99 -2.03 4.39
N LEU A 37 -5.37 -1.57 5.58
CA LEU A 37 -4.86 -2.16 6.82
C LEU A 37 -5.91 -3.08 7.45
N GLN A 38 -5.52 -4.33 7.69
CA GLN A 38 -6.43 -5.30 8.30
C GLN A 38 -5.80 -5.91 9.55
N PRO A 39 -6.02 -5.26 10.70
CA PRO A 39 -5.48 -5.72 11.98
C PRO A 39 -6.17 -6.99 12.48
N ARG A 40 -5.46 -7.78 13.27
CA ARG A 40 -6.00 -9.02 13.80
C ARG A 40 -6.84 -8.75 15.05
N ASP A 41 -6.53 -7.67 15.75
CA ASP A 41 -7.25 -7.30 16.96
C ASP A 41 -8.42 -6.38 16.64
N GLU A 42 -8.33 -5.70 15.51
CA GLU A 42 -9.39 -4.78 15.09
C GLU A 42 -9.95 -5.19 13.72
N LYS A 43 -10.89 -4.40 13.23
CA LYS A 43 -11.51 -4.67 11.93
C LYS A 43 -10.72 -4.03 10.80
N PRO A 44 -10.92 -4.52 9.57
CA PRO A 44 -10.25 -4.00 8.38
C PRO A 44 -10.71 -2.60 8.01
N PHE A 45 -9.76 -1.74 7.64
CA PHE A 45 -10.07 -0.37 7.26
C PHE A 45 -8.85 0.32 6.66
N CYS A 46 -9.05 1.54 6.16
CA CYS A 46 -7.97 2.30 5.55
C CYS A 46 -7.19 3.07 6.61
N ALA A 47 -5.87 2.91 6.58
CA ALA A 47 -5.01 3.60 7.54
C ALA A 47 -3.88 4.35 6.83
N THR A 48 -3.51 5.51 7.37
CA THR A 48 -2.46 6.32 6.79
C THR A 48 -1.17 5.53 6.62
N CYS A 49 -0.48 5.75 5.51
CA CYS A 49 0.77 5.06 5.22
C CYS A 49 1.80 5.31 6.33
N ARG A 50 2.94 4.64 6.23
CA ARG A 50 4.00 4.79 7.22
C ARG A 50 4.90 5.98 6.86
N GLY A 51 5.08 6.88 7.82
CA GLY A 51 5.92 8.05 7.59
C GLY A 51 7.38 7.69 7.45
N LEU A 52 8.21 8.69 7.22
CA LEU A 52 9.65 8.49 7.08
C LEU A 52 10.25 7.93 8.36
N ARG A 53 9.62 8.23 9.48
CA ARG A 53 10.09 7.77 10.79
C ARG A 53 9.33 6.52 11.23
N ARG A 54 8.57 5.93 10.30
CA ARG A 54 7.79 4.74 10.60
C ARG A 54 8.41 3.51 9.93
N ARG A 55 8.33 2.38 10.62
CA ARG A 55 8.88 1.13 10.11
C ARG A 55 8.00 0.57 8.99
N CYS A 56 8.57 -0.34 8.20
CA CYS A 56 7.84 -0.95 7.09
C CYS A 56 8.42 -2.32 6.76
N GLN A 57 7.60 -3.17 6.15
CA GLN A 57 8.03 -4.51 5.78
C GLN A 57 7.99 -4.69 4.26
N ARG A 58 7.11 -3.94 3.60
CA ARG A 58 6.97 -4.02 2.16
C ARG A 58 7.30 -2.68 1.50
N ASP A 59 7.38 -2.66 0.18
CA ASP A 59 7.68 -1.45 -0.56
C ASP A 59 6.44 -0.57 -0.70
N ALA A 60 5.39 -1.13 -1.27
CA ALA A 60 4.14 -0.41 -1.46
C ALA A 60 3.48 -0.09 -0.12
N MET A 61 3.77 -0.91 0.88
CA MET A 61 3.20 -0.73 2.21
C MET A 61 3.54 0.64 2.76
N CYS A 62 4.62 1.23 2.24
CA CYS A 62 5.06 2.55 2.70
C CYS A 62 4.27 3.66 1.99
N CYS A 63 4.65 4.89 2.25
CA CYS A 63 3.97 6.04 1.65
C CYS A 63 4.33 6.16 0.16
N PRO A 64 3.48 6.85 -0.59
CA PRO A 64 3.68 7.06 -2.03
C PRO A 64 4.85 7.99 -2.33
N GLY A 65 5.86 7.47 -3.03
CA GLY A 65 7.03 8.27 -3.36
C GLY A 65 8.24 7.90 -2.53
N THR A 66 8.06 6.95 -1.61
CA THR A 66 9.15 6.52 -0.75
C THR A 66 9.48 5.05 -0.99
N LEU A 67 10.55 4.57 -0.36
CA LEU A 67 10.96 3.18 -0.51
C LEU A 67 11.25 2.55 0.86
N CYS A 68 11.04 1.25 0.95
CA CYS A 68 11.27 0.52 2.20
C CYS A 68 12.74 0.11 2.31
N VAL A 69 13.49 0.82 3.14
CA VAL A 69 14.90 0.52 3.34
C VAL A 69 15.21 0.28 4.81
N ASN A 70 16.02 -0.74 5.09
CA ASN A 70 16.38 -1.08 6.46
C ASN A 70 15.14 -1.36 7.30
N ASP A 71 14.12 -1.92 6.67
CA ASP A 71 12.88 -2.25 7.36
C ASP A 71 12.19 -0.99 7.87
N VAL A 72 12.49 0.14 7.22
CA VAL A 72 11.90 1.41 7.60
C VAL A 72 11.72 2.32 6.39
N CYS A 73 10.69 3.17 6.45
CA CYS A 73 10.42 4.09 5.35
C CYS A 73 11.56 5.08 5.16
N THR A 74 12.04 5.19 3.93
CA THR A 74 13.15 6.09 3.62
C THR A 74 13.00 6.67 2.21
N THR A 75 13.40 7.93 2.04
CA THR A 75 13.31 8.59 0.76
C THR A 75 13.98 7.77 -0.33
N MET A 76 13.51 7.93 -1.57
CA MET A 76 14.07 7.19 -2.70
C MET A 76 15.46 7.71 -3.06
N GLU A 77 15.69 8.99 -2.79
CA GLU A 77 16.98 9.61 -3.07
C GLU A 77 18.10 8.92 -2.31
N ASP A 78 17.83 8.57 -1.05
CA ASP A 78 18.81 7.90 -0.22
C ASP A 78 18.78 6.39 -0.44
N ALA A 79 17.61 5.87 -0.77
CA ALA A 79 17.44 4.44 -1.01
C ALA A 79 18.13 4.02 -2.30
N THR A 80 19.40 3.62 -2.19
CA THR A 80 20.17 3.19 -3.35
C THR A 80 21.33 2.30 -2.94
N GLU A 81 22.17 2.80 -2.04
CA GLU A 81 23.32 2.04 -1.56
C GLU A 81 23.63 2.40 -0.10
N ASN A 82 24.44 1.56 0.53
CA ASN A 82 24.82 1.78 1.93
C ASN A 82 26.32 1.61 2.11
N LEU A 83 26.92 2.50 2.91
CA LEU A 83 28.35 2.45 3.17
C LEU A 83 29.15 2.64 1.89
N TYR A 84 30.47 2.71 2.02
CA TYR A 84 31.35 2.89 0.87
C TYR A 84 31.63 1.56 0.18
N PHE A 85 31.76 1.60 -1.14
CA PHE A 85 32.03 0.40 -1.93
C PHE A 85 33.42 0.46 -2.56
N GLN A 86 33.90 1.69 -2.79
CA GLN A 86 35.20 1.89 -3.41
C GLN A 86 36.09 2.75 -2.51
N SER A 87 37.33 2.95 -2.94
CA SER A 87 38.28 3.75 -2.18
C SER A 87 38.77 4.94 -3.01
N LEU A 88 37.93 5.42 -3.91
CA LEU A 88 38.28 6.55 -4.77
C LEU A 88 39.54 6.25 -5.56
N GLU A 89 39.42 5.40 -6.59
CA GLU A 89 40.56 5.04 -7.42
C GLU A 89 41.63 4.34 -6.60
N HIS A 90 42.55 3.67 -7.29
CA HIS A 90 43.64 2.96 -6.63
C HIS A 90 43.09 1.87 -5.72
N HIS A 91 42.88 0.68 -6.27
CA HIS A 91 42.36 -0.44 -5.50
C HIS A 91 43.29 -1.64 -5.58
N HIS A 92 43.52 -2.12 -6.81
CA HIS A 92 44.40 -3.26 -7.03
C HIS A 92 45.06 -3.19 -8.40
N HIS A 93 45.25 -1.96 -8.90
CA HIS A 93 45.86 -1.75 -10.20
C HIS A 93 46.71 -0.49 -10.20
N HIS A 94 47.93 -0.60 -9.68
CA HIS A 94 48.84 0.53 -9.61
C HIS A 94 49.95 0.40 -10.66
N HIS A 95 50.38 -0.82 -10.91
CA HIS A 95 51.43 -1.08 -11.90
C HIS A 95 50.86 -1.79 -13.13
N MET A 1 -49.43 -34.76 -20.62
CA MET A 1 -49.95 -33.40 -20.67
C MET A 1 -49.51 -32.69 -21.95
N LEU A 2 -49.33 -33.46 -23.02
CA LEU A 2 -48.91 -32.91 -24.30
C LEU A 2 -49.87 -31.83 -24.77
N VAL A 3 -51.15 -31.98 -24.42
CA VAL A 3 -52.17 -31.03 -24.80
C VAL A 3 -52.27 -29.89 -23.79
N LEU A 4 -51.97 -28.67 -24.25
CA LEU A 4 -52.02 -27.50 -23.38
C LEU A 4 -53.43 -27.29 -22.83
N ASP A 5 -53.52 -27.08 -21.52
CA ASP A 5 -54.81 -26.86 -20.87
C ASP A 5 -54.76 -25.66 -19.95
N PHE A 6 -54.32 -24.52 -20.49
CA PHE A 6 -54.22 -23.29 -19.71
C PHE A 6 -53.30 -23.48 -18.52
N ASN A 7 -51.99 -23.43 -18.76
CA ASN A 7 -51.00 -23.60 -17.70
C ASN A 7 -49.90 -22.55 -17.82
N ASN A 8 -49.72 -21.78 -16.76
CA ASN A 8 -48.69 -20.74 -16.74
C ASN A 8 -47.68 -20.99 -15.61
N ILE A 9 -46.46 -20.49 -15.81
CA ILE A 9 -45.41 -20.66 -14.82
C ILE A 9 -44.17 -19.85 -15.19
N ARG A 10 -43.58 -19.20 -14.19
CA ARG A 10 -42.38 -18.39 -14.42
C ARG A 10 -41.81 -17.89 -13.10
N SER A 11 -40.49 -17.79 -13.03
CA SER A 11 -39.81 -17.33 -11.82
C SER A 11 -38.46 -16.72 -12.15
N SER A 12 -38.06 -15.71 -11.38
CA SER A 12 -36.78 -15.05 -11.59
C SER A 12 -36.02 -14.90 -10.27
N ALA A 13 -35.43 -16.00 -9.81
CA ALA A 13 -34.67 -15.99 -8.56
C ALA A 13 -33.69 -17.16 -8.51
N ASP A 14 -32.42 -16.87 -8.68
CA ASP A 14 -31.39 -17.91 -8.66
C ASP A 14 -30.05 -17.33 -8.20
N LEU A 15 -29.69 -16.18 -8.77
CA LEU A 15 -28.43 -15.52 -8.42
C LEU A 15 -28.49 -14.91 -7.03
N HIS A 16 -27.39 -14.35 -6.58
CA HIS A 16 -27.31 -13.73 -5.27
C HIS A 16 -26.16 -12.73 -5.18
N GLY A 17 -26.48 -11.50 -4.81
CA GLY A 17 -25.46 -10.47 -4.70
C GLY A 17 -25.86 -9.34 -3.76
N ALA A 18 -25.56 -9.52 -2.47
CA ALA A 18 -25.90 -8.51 -1.48
C ALA A 18 -25.10 -8.74 -0.19
N ARG A 19 -24.91 -7.67 0.57
CA ARG A 19 -24.16 -7.74 1.82
C ARG A 19 -22.73 -8.18 1.58
N LYS A 20 -21.83 -7.21 1.42
CA LYS A 20 -20.42 -7.50 1.18
C LYS A 20 -19.66 -7.62 2.49
N GLY A 21 -19.35 -8.85 2.88
CA GLY A 21 -18.62 -9.06 4.12
C GLY A 21 -17.31 -8.29 4.17
N SER A 22 -16.57 -8.31 3.05
CA SER A 22 -15.30 -7.61 2.97
C SER A 22 -15.50 -6.15 2.60
N GLN A 23 -14.67 -5.28 3.15
CA GLN A 23 -14.75 -3.85 2.88
C GLN A 23 -13.77 -3.45 1.78
N CYS A 24 -12.50 -3.77 1.97
CA CYS A 24 -11.47 -3.44 1.00
C CYS A 24 -10.60 -4.66 0.69
N LEU A 25 -10.15 -4.76 -0.55
CA LEU A 25 -9.30 -5.88 -0.97
C LEU A 25 -7.83 -5.50 -0.89
N SER A 26 -7.53 -4.23 -1.14
CA SER A 26 -6.15 -3.74 -1.10
C SER A 26 -6.12 -2.23 -0.96
N ASP A 27 -4.92 -1.67 -0.88
CA ASP A 27 -4.74 -0.22 -0.74
C ASP A 27 -5.43 0.51 -1.90
N THR A 28 -5.55 -0.16 -3.04
CA THR A 28 -6.18 0.43 -4.20
C THR A 28 -7.60 0.88 -3.89
N ASP A 29 -8.22 0.23 -2.91
CA ASP A 29 -9.59 0.56 -2.51
C ASP A 29 -9.62 1.90 -1.76
N CYS A 30 -8.51 2.25 -1.13
CA CYS A 30 -8.42 3.49 -0.38
C CYS A 30 -7.88 4.62 -1.26
N ASN A 31 -7.71 5.80 -0.67
CA ASN A 31 -7.20 6.95 -1.40
C ASN A 31 -5.86 6.64 -2.06
N THR A 32 -5.39 7.55 -2.89
CA THR A 32 -4.12 7.36 -3.59
C THR A 32 -2.95 7.42 -2.61
N ARG A 33 -3.07 8.27 -1.60
CA ARG A 33 -2.01 8.42 -0.60
C ARG A 33 -2.40 7.71 0.70
N LYS A 34 -3.16 6.63 0.58
CA LYS A 34 -3.60 5.86 1.74
C LYS A 34 -3.69 4.38 1.41
N PHE A 35 -3.47 3.54 2.43
CA PHE A 35 -3.53 2.10 2.23
C PHE A 35 -4.50 1.47 3.22
N CYS A 36 -4.92 0.24 2.93
CA CYS A 36 -5.86 -0.48 3.79
C CYS A 36 -5.12 -1.40 4.76
N LEU A 37 -4.98 -0.95 6.01
CA LEU A 37 -4.29 -1.73 7.03
C LEU A 37 -5.15 -2.88 7.51
N GLN A 38 -4.65 -4.11 7.35
CA GLN A 38 -5.38 -5.28 7.78
C GLN A 38 -4.73 -5.92 9.01
N PRO A 39 -5.13 -5.46 10.19
CA PRO A 39 -4.60 -5.97 11.46
C PRO A 39 -5.04 -7.40 11.75
N ARG A 40 -4.21 -8.15 12.47
CA ARG A 40 -4.52 -9.52 12.81
C ARG A 40 -5.42 -9.58 14.05
N ASP A 41 -5.30 -8.59 14.90
CA ASP A 41 -6.10 -8.53 16.13
C ASP A 41 -7.43 -7.81 15.88
N GLU A 42 -7.45 -6.98 14.84
CA GLU A 42 -8.66 -6.23 14.49
C GLU A 42 -9.09 -6.53 13.06
N LYS A 43 -10.16 -5.88 12.61
CA LYS A 43 -10.67 -6.07 11.27
C LYS A 43 -10.01 -5.11 10.29
N PRO A 44 -10.08 -5.44 8.99
CA PRO A 44 -9.49 -4.61 7.93
C PRO A 44 -10.22 -3.30 7.73
N PHE A 45 -9.48 -2.20 7.71
CA PHE A 45 -10.07 -0.88 7.54
C PHE A 45 -9.10 0.05 6.81
N CYS A 46 -9.56 1.27 6.53
CA CYS A 46 -8.74 2.25 5.84
C CYS A 46 -7.96 3.11 6.83
N ALA A 47 -6.64 3.10 6.73
CA ALA A 47 -5.79 3.88 7.61
C ALA A 47 -4.96 4.89 6.84
N THR A 48 -4.29 5.79 7.55
CA THR A 48 -3.45 6.80 6.92
C THR A 48 -2.11 6.22 6.50
N CYS A 49 -1.35 7.01 5.73
CA CYS A 49 -0.05 6.57 5.24
C CYS A 49 1.03 6.85 6.29
N ARG A 50 2.20 6.24 6.10
CA ARG A 50 3.31 6.42 7.03
C ARG A 50 4.33 7.42 6.46
N GLY A 51 5.19 7.93 7.33
CA GLY A 51 6.20 8.87 6.91
C GLY A 51 7.58 8.25 6.80
N LEU A 52 8.59 9.09 6.60
CA LEU A 52 9.96 8.61 6.48
C LEU A 52 10.49 8.11 7.81
N ARG A 53 9.93 8.64 8.90
CA ARG A 53 10.35 8.25 10.24
C ARG A 53 9.45 7.13 10.78
N ARG A 54 8.65 6.55 9.90
CA ARG A 54 7.75 5.47 10.29
C ARG A 54 8.26 4.12 9.79
N ARG A 55 8.01 3.07 10.57
CA ARG A 55 8.46 1.73 10.21
C ARG A 55 7.54 1.12 9.15
N CYS A 56 8.05 0.13 8.43
CA CYS A 56 7.27 -0.53 7.39
C CYS A 56 7.67 -2.01 7.26
N GLN A 57 6.73 -2.83 6.82
CA GLN A 57 6.99 -4.26 6.65
C GLN A 57 6.94 -4.65 5.18
N ARG A 58 6.15 -3.92 4.40
CA ARG A 58 6.01 -4.19 2.97
C ARG A 58 6.24 -2.93 2.15
N ASP A 59 6.84 -3.10 0.98
CA ASP A 59 7.12 -1.98 0.09
C ASP A 59 5.82 -1.26 -0.30
N ALA A 60 4.72 -2.00 -0.30
CA ALA A 60 3.42 -1.43 -0.66
C ALA A 60 2.80 -0.71 0.53
N MET A 61 3.10 -1.20 1.73
CA MET A 61 2.56 -0.60 2.95
C MET A 61 2.92 0.88 3.04
N CYS A 62 4.07 1.25 2.47
CA CYS A 62 4.51 2.63 2.48
C CYS A 62 4.04 3.37 1.23
N CYS A 63 3.71 4.65 1.39
CA CYS A 63 3.25 5.47 0.28
C CYS A 63 4.20 5.39 -0.89
N PRO A 64 3.71 5.75 -2.09
CA PRO A 64 4.52 5.74 -3.31
C PRO A 64 5.59 6.82 -3.32
N GLY A 65 6.73 6.52 -3.94
CA GLY A 65 7.81 7.48 -4.02
C GLY A 65 8.94 7.12 -3.08
N THR A 66 8.65 6.30 -2.08
CA THR A 66 9.67 5.89 -1.11
C THR A 66 9.88 4.38 -1.14
N LEU A 67 10.90 3.93 -0.42
CA LEU A 67 11.22 2.50 -0.37
C LEU A 67 11.33 2.02 1.07
N CYS A 68 11.24 0.70 1.26
CA CYS A 68 11.34 0.12 2.59
C CYS A 68 12.77 -0.32 2.90
N VAL A 69 13.50 0.53 3.63
CA VAL A 69 14.88 0.24 3.99
C VAL A 69 15.01 0.01 5.48
N ASN A 70 15.64 -1.10 5.86
CA ASN A 70 15.84 -1.44 7.26
C ASN A 70 14.51 -1.44 8.01
N ASP A 71 13.46 -1.93 7.35
CA ASP A 71 12.14 -1.98 7.96
C ASP A 71 11.63 -0.58 8.28
N VAL A 72 12.11 0.40 7.53
CA VAL A 72 11.70 1.79 7.74
C VAL A 72 11.54 2.52 6.42
N CYS A 73 10.53 3.39 6.34
CA CYS A 73 10.27 4.15 5.13
C CYS A 73 11.41 5.12 4.84
N THR A 74 12.19 4.81 3.81
CA THR A 74 13.32 5.67 3.42
C THR A 74 13.20 6.12 1.98
N THR A 75 13.38 7.42 1.75
CA THR A 75 13.28 7.98 0.41
C THR A 75 14.23 7.27 -0.55
N MET A 76 13.73 6.92 -1.73
CA MET A 76 14.53 6.24 -2.73
C MET A 76 15.81 7.02 -3.02
N GLU A 77 15.74 8.34 -2.91
CA GLU A 77 16.89 9.19 -3.16
C GLU A 77 18.00 8.91 -2.15
N ASP A 78 17.61 8.57 -0.93
CA ASP A 78 18.56 8.28 0.13
C ASP A 78 19.12 6.86 -0.01
N ALA A 79 18.30 5.96 -0.55
CA ALA A 79 18.70 4.58 -0.74
C ALA A 79 19.78 4.46 -1.82
N THR A 80 20.84 3.71 -1.52
CA THR A 80 21.93 3.53 -2.45
C THR A 80 22.63 4.86 -2.75
N GLU A 81 23.35 5.37 -1.77
CA GLU A 81 24.07 6.63 -1.93
C GLU A 81 25.15 6.50 -3.00
N ASN A 82 24.96 7.22 -4.10
CA ASN A 82 25.92 7.20 -5.20
C ASN A 82 26.66 8.53 -5.32
N LEU A 83 27.92 8.47 -5.73
CA LEU A 83 28.74 9.67 -5.89
C LEU A 83 30.09 9.32 -6.49
N TYR A 84 30.64 10.26 -7.25
CA TYR A 84 31.94 10.06 -7.89
C TYR A 84 32.82 11.30 -7.73
N PHE A 85 34.13 11.12 -7.92
CA PHE A 85 35.08 12.22 -7.80
C PHE A 85 36.15 12.13 -8.88
N GLN A 86 37.03 13.12 -8.90
CA GLN A 86 38.12 13.15 -9.89
C GLN A 86 37.56 13.17 -11.31
N SER A 87 36.46 13.88 -11.50
CA SER A 87 35.83 13.97 -12.81
C SER A 87 36.77 14.62 -13.82
N LEU A 88 36.96 13.96 -14.95
CA LEU A 88 37.83 14.46 -16.00
C LEU A 88 37.25 15.71 -16.64
N GLU A 89 38.05 16.36 -17.49
CA GLU A 89 37.62 17.59 -18.15
C GLU A 89 38.54 17.93 -19.31
N HIS A 90 38.76 16.96 -20.20
CA HIS A 90 39.63 17.16 -21.35
C HIS A 90 38.93 18.01 -22.42
N HIS A 91 39.59 19.09 -22.83
CA HIS A 91 39.04 19.98 -23.85
C HIS A 91 40.08 20.99 -24.31
N HIS A 92 40.26 21.09 -25.62
CA HIS A 92 41.23 22.02 -26.20
C HIS A 92 40.56 23.36 -26.52
N HIS A 93 41.35 24.28 -27.07
CA HIS A 93 40.85 25.60 -27.44
C HIS A 93 40.82 25.78 -28.96
N HIS A 94 41.86 25.28 -29.62
CA HIS A 94 41.96 25.39 -31.07
C HIS A 94 42.02 24.01 -31.71
N HIS A 95 41.68 23.94 -32.99
CA HIS A 95 41.70 22.68 -33.73
C HIS A 95 43.13 22.29 -34.11
N MET A 1 22.36 24.14 -23.22
CA MET A 1 21.71 25.37 -22.78
C MET A 1 21.80 25.53 -21.27
N LEU A 2 21.73 26.77 -20.80
CA LEU A 2 21.81 27.06 -19.38
C LEU A 2 20.44 26.90 -18.72
N VAL A 3 19.40 27.32 -19.42
CA VAL A 3 18.03 27.21 -18.90
C VAL A 3 17.34 25.98 -19.43
N LEU A 4 16.48 25.37 -18.61
CA LEU A 4 15.75 24.18 -19.00
C LEU A 4 14.72 24.50 -20.08
N ASP A 5 14.82 23.81 -21.21
CA ASP A 5 13.90 24.02 -22.32
C ASP A 5 12.55 23.38 -22.03
N PHE A 6 12.57 22.31 -21.24
CA PHE A 6 11.34 21.60 -20.88
C PHE A 6 10.67 22.23 -19.67
N ASN A 7 9.36 22.04 -19.54
CA ASN A 7 8.61 22.59 -18.43
C ASN A 7 7.84 21.50 -17.70
N ASN A 8 7.78 21.61 -16.37
CA ASN A 8 7.08 20.64 -15.56
C ASN A 8 5.56 20.85 -15.64
N ILE A 9 4.88 19.91 -16.30
CA ILE A 9 3.43 20.00 -16.45
C ILE A 9 2.72 19.17 -15.39
N ARG A 10 1.48 19.53 -15.08
CA ARG A 10 0.70 18.81 -14.08
C ARG A 10 -0.12 17.71 -14.72
N SER A 11 -0.58 16.77 -13.91
CA SER A 11 -1.37 15.64 -14.41
C SER A 11 -2.65 15.48 -13.58
N SER A 12 -3.74 15.15 -14.28
CA SER A 12 -5.02 14.97 -13.61
C SER A 12 -5.29 13.49 -13.33
N ALA A 13 -6.30 13.21 -12.53
CA ALA A 13 -6.67 11.84 -12.18
C ALA A 13 -8.18 11.69 -12.03
N ASP A 14 -8.82 11.23 -13.10
CA ASP A 14 -10.28 11.04 -13.08
C ASP A 14 -10.65 9.78 -12.30
N LEU A 15 -11.49 9.95 -11.29
CA LEU A 15 -11.93 8.82 -10.47
C LEU A 15 -13.30 8.32 -10.91
N HIS A 16 -13.70 7.17 -10.38
CA HIS A 16 -15.00 6.59 -10.72
C HIS A 16 -15.34 5.44 -9.77
N GLY A 17 -16.62 5.33 -9.42
CA GLY A 17 -17.05 4.28 -8.53
C GLY A 17 -16.67 4.56 -7.09
N ALA A 18 -15.81 3.70 -6.52
CA ALA A 18 -15.37 3.87 -5.14
C ALA A 18 -16.56 3.86 -4.18
N ARG A 19 -17.56 3.04 -4.50
CA ARG A 19 -18.75 2.94 -3.66
C ARG A 19 -19.00 1.50 -3.25
N LYS A 20 -18.64 1.17 -2.00
CA LYS A 20 -18.83 -0.17 -1.47
C LYS A 20 -19.07 -0.14 0.03
N GLY A 21 -19.26 -1.31 0.62
CA GLY A 21 -19.50 -1.40 2.06
C GLY A 21 -18.23 -1.21 2.86
N SER A 22 -17.35 -2.21 2.81
CA SER A 22 -16.09 -2.15 3.55
C SER A 22 -15.28 -0.92 3.15
N GLN A 23 -14.45 -0.44 4.08
CA GLN A 23 -13.62 0.73 3.83
C GLN A 23 -12.77 0.52 2.58
N CYS A 24 -12.00 -0.56 2.57
CA CYS A 24 -11.13 -0.88 1.44
C CYS A 24 -10.78 -2.36 1.42
N LEU A 25 -10.62 -2.90 0.22
CA LEU A 25 -10.28 -4.32 0.06
C LEU A 25 -8.79 -4.49 -0.22
N SER A 26 -8.17 -3.46 -0.80
CA SER A 26 -6.75 -3.49 -1.12
C SER A 26 -6.15 -2.10 -1.08
N ASP A 27 -4.84 -2.02 -1.30
CA ASP A 27 -4.14 -0.74 -1.29
C ASP A 27 -4.61 0.14 -2.45
N THR A 28 -5.08 -0.50 -3.52
CA THR A 28 -5.55 0.22 -4.70
C THR A 28 -6.90 0.90 -4.42
N ASP A 29 -7.64 0.35 -3.47
CA ASP A 29 -8.95 0.90 -3.12
C ASP A 29 -8.80 2.25 -2.43
N CYS A 30 -7.65 2.45 -1.78
CA CYS A 30 -7.38 3.71 -1.08
C CYS A 30 -6.56 4.64 -1.95
N ASN A 31 -7.24 5.44 -2.76
CA ASN A 31 -6.56 6.39 -3.65
C ASN A 31 -5.83 7.46 -2.84
N THR A 32 -6.42 7.84 -1.71
CA THR A 32 -5.83 8.86 -0.85
C THR A 32 -4.43 8.46 -0.40
N ARG A 33 -3.82 9.30 0.42
CA ARG A 33 -2.48 9.03 0.93
C ARG A 33 -2.53 8.09 2.13
N LYS A 34 -3.11 6.91 1.93
CA LYS A 34 -3.23 5.92 2.99
C LYS A 34 -3.29 4.51 2.42
N PHE A 35 -2.75 3.55 3.15
CA PHE A 35 -2.75 2.16 2.71
C PHE A 35 -3.79 1.34 3.48
N CYS A 36 -4.36 0.34 2.81
CA CYS A 36 -5.37 -0.51 3.42
C CYS A 36 -4.73 -1.48 4.41
N LEU A 37 -4.94 -1.22 5.70
CA LEU A 37 -4.38 -2.08 6.75
C LEU A 37 -5.40 -3.12 7.19
N GLN A 38 -5.00 -4.39 7.11
CA GLN A 38 -5.88 -5.48 7.51
C GLN A 38 -5.40 -6.13 8.79
N PRO A 39 -5.84 -5.60 9.94
CA PRO A 39 -5.47 -6.11 11.25
C PRO A 39 -6.08 -7.48 11.55
N ARG A 40 -5.39 -8.27 12.35
CA ARG A 40 -5.86 -9.60 12.70
C ARG A 40 -6.85 -9.54 13.86
N ASP A 41 -6.71 -8.50 14.69
CA ASP A 41 -7.60 -8.33 15.84
C ASP A 41 -8.82 -7.49 15.45
N GLU A 42 -8.68 -6.70 14.40
CA GLU A 42 -9.77 -5.85 13.95
C GLU A 42 -10.12 -6.15 12.48
N LYS A 43 -11.07 -5.41 11.94
CA LYS A 43 -11.49 -5.60 10.55
C LYS A 43 -10.62 -4.78 9.61
N PRO A 44 -10.62 -5.15 8.32
CA PRO A 44 -9.84 -4.46 7.29
C PRO A 44 -10.37 -3.06 6.99
N PHE A 45 -9.50 -2.07 7.06
CA PHE A 45 -9.89 -0.69 6.79
C PHE A 45 -8.67 0.14 6.35
N CYS A 46 -8.93 1.39 5.98
CA CYS A 46 -7.87 2.28 5.53
C CYS A 46 -7.25 3.02 6.71
N ALA A 47 -5.97 2.77 6.96
CA ALA A 47 -5.26 3.41 8.06
C ALA A 47 -4.26 4.44 7.54
N THR A 48 -3.81 5.32 8.43
CA THR A 48 -2.86 6.36 8.06
C THR A 48 -1.58 5.75 7.49
N CYS A 49 -0.89 6.51 6.64
CA CYS A 49 0.34 6.05 6.02
C CYS A 49 1.54 6.27 6.96
N ARG A 50 2.67 5.69 6.60
CA ARG A 50 3.89 5.82 7.41
C ARG A 50 4.83 6.87 6.81
N GLY A 51 5.37 7.73 7.67
CA GLY A 51 6.28 8.76 7.21
C GLY A 51 7.67 8.22 6.94
N LEU A 52 8.59 9.11 6.58
CA LEU A 52 9.96 8.73 6.30
C LEU A 52 10.68 8.29 7.58
N ARG A 53 10.23 8.81 8.71
CA ARG A 53 10.82 8.48 10.00
C ARG A 53 10.04 7.36 10.68
N ARG A 54 9.16 6.72 9.93
CA ARG A 54 8.35 5.62 10.46
C ARG A 54 8.91 4.27 10.03
N ARG A 55 8.77 3.28 10.90
CA ARG A 55 9.26 1.94 10.62
C ARG A 55 8.24 1.15 9.79
N CYS A 56 8.74 0.35 8.86
CA CYS A 56 7.87 -0.46 8.00
C CYS A 56 8.40 -1.89 7.88
N GLN A 57 7.49 -2.81 7.60
CA GLN A 57 7.86 -4.22 7.46
C GLN A 57 7.84 -4.65 5.99
N ARG A 58 6.93 -4.07 5.23
CA ARG A 58 6.81 -4.39 3.81
C ARG A 58 7.00 -3.15 2.95
N ASP A 59 7.30 -3.36 1.67
CA ASP A 59 7.52 -2.26 0.74
C ASP A 59 6.18 -1.62 0.34
N ALA A 60 5.16 -2.45 0.16
CA ALA A 60 3.84 -1.98 -0.21
C ALA A 60 3.16 -1.26 0.95
N MET A 61 3.53 -1.64 2.16
CA MET A 61 2.96 -1.03 3.36
C MET A 61 3.16 0.49 3.35
N CYS A 62 4.28 0.92 2.79
CA CYS A 62 4.59 2.34 2.73
C CYS A 62 3.88 3.00 1.54
N CYS A 63 3.63 4.30 1.66
CA CYS A 63 2.95 5.05 0.60
C CYS A 63 3.72 4.96 -0.71
N PRO A 64 3.03 5.24 -1.82
CA PRO A 64 3.64 5.21 -3.15
C PRO A 64 4.64 6.34 -3.37
N GLY A 65 5.89 5.98 -3.66
CA GLY A 65 6.92 6.97 -3.88
C GLY A 65 8.17 6.69 -3.08
N THR A 66 8.03 5.95 -1.99
CA THR A 66 9.16 5.62 -1.13
C THR A 66 9.39 4.11 -1.10
N LEU A 67 10.48 3.70 -0.46
CA LEU A 67 10.81 2.29 -0.34
C LEU A 67 11.18 1.92 1.09
N CYS A 68 10.82 0.71 1.50
CA CYS A 68 11.10 0.24 2.85
C CYS A 68 12.56 -0.18 2.98
N VAL A 69 13.37 0.71 3.57
CA VAL A 69 14.79 0.44 3.76
C VAL A 69 15.14 0.35 5.24
N ASN A 70 15.86 -0.71 5.61
CA ASN A 70 16.25 -0.91 7.00
C ASN A 70 15.04 -0.87 7.93
N ASP A 71 13.94 -1.45 7.48
CA ASP A 71 12.71 -1.48 8.26
C ASP A 71 12.19 -0.06 8.51
N VAL A 72 12.53 0.85 7.61
CA VAL A 72 12.10 2.24 7.73
C VAL A 72 11.78 2.84 6.37
N CYS A 73 10.73 3.64 6.31
CA CYS A 73 10.31 4.28 5.07
C CYS A 73 11.37 5.27 4.59
N THR A 74 12.04 4.92 3.48
CA THR A 74 13.07 5.78 2.93
C THR A 74 12.74 6.18 1.49
N THR A 75 12.79 7.49 1.22
CA THR A 75 12.48 8.00 -0.11
C THR A 75 13.37 7.35 -1.16
N MET A 76 12.92 7.38 -2.41
CA MET A 76 13.67 6.80 -3.51
C MET A 76 14.95 7.59 -3.78
N GLU A 77 14.89 8.90 -3.60
CA GLU A 77 16.04 9.76 -3.81
C GLU A 77 17.21 9.33 -2.92
N ASP A 78 16.90 8.93 -1.70
CA ASP A 78 17.91 8.50 -0.75
C ASP A 78 18.49 7.15 -1.15
N ALA A 79 17.60 6.18 -1.33
CA ALA A 79 18.02 4.83 -1.71
C ALA A 79 18.74 4.83 -3.06
N THR A 80 19.42 3.74 -3.37
CA THR A 80 20.16 3.62 -4.62
C THR A 80 21.25 4.69 -4.71
N GLU A 81 22.42 4.38 -4.17
CA GLU A 81 23.53 5.32 -4.20
C GLU A 81 24.29 5.23 -5.53
N ASN A 82 23.81 6.00 -6.52
CA ASN A 82 24.43 6.01 -7.83
C ASN A 82 23.82 7.09 -8.71
N LEU A 83 24.62 8.10 -9.05
CA LEU A 83 24.16 9.19 -9.89
C LEU A 83 23.96 8.74 -11.33
N TYR A 84 23.22 9.53 -12.10
CA TYR A 84 22.95 9.20 -13.50
C TYR A 84 23.89 9.97 -14.43
N PHE A 85 24.52 9.25 -15.35
CA PHE A 85 25.44 9.86 -16.30
C PHE A 85 25.18 9.35 -17.71
N GLN A 86 25.04 10.27 -18.66
CA GLN A 86 24.79 9.91 -20.05
C GLN A 86 25.68 10.71 -20.99
N SER A 87 25.45 10.56 -22.29
CA SER A 87 26.24 11.27 -23.29
C SER A 87 25.54 12.56 -23.71
N LEU A 88 26.23 13.37 -24.50
CA LEU A 88 25.68 14.64 -24.97
C LEU A 88 26.54 15.22 -26.09
N GLU A 89 26.16 14.92 -27.34
CA GLU A 89 26.90 15.42 -28.50
C GLU A 89 26.57 16.88 -28.77
N HIS A 90 27.22 17.45 -29.77
CA HIS A 90 26.99 18.85 -30.13
C HIS A 90 26.31 18.95 -31.50
N HIS A 91 27.00 18.48 -32.53
CA HIS A 91 26.45 18.52 -33.89
C HIS A 91 26.12 19.95 -34.29
N HIS A 92 27.14 20.75 -34.52
CA HIS A 92 26.96 22.14 -34.92
C HIS A 92 27.34 22.35 -36.38
N HIS A 93 26.34 22.51 -37.24
CA HIS A 93 26.57 22.71 -38.67
C HIS A 93 25.49 23.60 -39.27
N HIS A 94 25.84 24.31 -40.34
CA HIS A 94 24.91 25.20 -41.01
C HIS A 94 24.61 24.71 -42.43
N HIS A 95 23.62 25.33 -43.07
CA HIS A 95 23.23 24.95 -44.42
C HIS A 95 23.72 25.98 -45.43
N MET A 1 -22.60 -43.59 -6.86
CA MET A 1 -21.21 -43.15 -7.00
C MET A 1 -20.90 -42.82 -8.45
N LEU A 2 -21.72 -41.97 -9.06
CA LEU A 2 -21.53 -41.57 -10.46
C LEU A 2 -21.22 -40.08 -10.54
N VAL A 3 -21.77 -39.30 -9.62
CA VAL A 3 -21.54 -37.86 -9.60
C VAL A 3 -20.30 -37.51 -8.78
N LEU A 4 -19.58 -36.50 -9.22
CA LEU A 4 -18.37 -36.06 -8.53
C LEU A 4 -18.70 -34.99 -7.49
N ASP A 5 -17.94 -34.98 -6.40
CA ASP A 5 -18.15 -34.01 -5.33
C ASP A 5 -19.53 -34.18 -4.70
N PHE A 6 -19.57 -34.80 -3.54
CA PHE A 6 -20.83 -35.03 -2.84
C PHE A 6 -21.56 -33.71 -2.60
N ASN A 7 -22.87 -33.80 -2.37
CA ASN A 7 -23.69 -32.62 -2.13
C ASN A 7 -23.25 -31.90 -0.85
N ASN A 8 -23.87 -30.76 -0.59
CA ASN A 8 -23.54 -29.98 0.60
C ASN A 8 -24.49 -28.78 0.74
N ILE A 9 -24.46 -28.16 1.91
CA ILE A 9 -25.31 -27.00 2.17
C ILE A 9 -24.68 -25.72 1.63
N ARG A 10 -25.44 -24.63 1.69
CA ARG A 10 -24.96 -23.34 1.20
C ARG A 10 -25.89 -22.21 1.65
N SER A 11 -27.18 -22.42 1.50
CA SER A 11 -28.17 -21.43 1.89
C SER A 11 -27.93 -20.11 1.15
N SER A 12 -28.36 -20.06 -0.11
CA SER A 12 -28.19 -18.86 -0.93
C SER A 12 -29.42 -18.61 -1.78
N ALA A 13 -29.76 -17.33 -1.97
CA ALA A 13 -30.91 -16.95 -2.76
C ALA A 13 -30.69 -17.25 -4.23
N ASP A 14 -31.71 -16.99 -5.05
CA ASP A 14 -31.62 -17.23 -6.48
C ASP A 14 -31.47 -15.92 -7.24
N LEU A 15 -32.36 -14.97 -6.96
CA LEU A 15 -32.32 -13.67 -7.61
C LEU A 15 -31.02 -12.94 -7.31
N HIS A 16 -30.62 -12.04 -8.21
CA HIS A 16 -29.40 -11.28 -8.04
C HIS A 16 -29.67 -9.99 -7.26
N GLY A 17 -28.63 -9.17 -7.11
CA GLY A 17 -28.78 -7.92 -6.39
C GLY A 17 -28.29 -8.01 -4.96
N ALA A 18 -27.03 -8.43 -4.80
CA ALA A 18 -26.44 -8.56 -3.47
C ALA A 18 -24.96 -8.17 -3.49
N ARG A 19 -24.43 -7.85 -2.32
CA ARG A 19 -23.03 -7.46 -2.20
C ARG A 19 -22.35 -8.20 -1.05
N LYS A 20 -21.08 -8.51 -1.24
CA LYS A 20 -20.31 -9.24 -0.22
C LYS A 20 -18.82 -8.96 -0.38
N GLY A 21 -18.01 -9.65 0.42
CA GLY A 21 -16.57 -9.47 0.36
C GLY A 21 -16.07 -8.43 1.33
N SER A 22 -15.06 -7.68 0.93
CA SER A 22 -14.49 -6.64 1.78
C SER A 22 -14.86 -5.24 1.28
N GLN A 23 -14.67 -4.25 2.14
CA GLN A 23 -14.98 -2.87 1.78
C GLN A 23 -14.08 -2.38 0.65
N CYS A 24 -12.87 -2.90 0.60
CA CYS A 24 -11.90 -2.51 -0.43
C CYS A 24 -11.29 -3.74 -1.09
N LEU A 25 -11.11 -3.67 -2.40
CA LEU A 25 -10.52 -4.78 -3.16
C LEU A 25 -9.01 -4.64 -3.25
N SER A 26 -8.54 -3.39 -3.23
CA SER A 26 -7.10 -3.12 -3.32
C SER A 26 -6.73 -1.91 -2.46
N ASP A 27 -5.43 -1.66 -2.35
CA ASP A 27 -4.94 -0.53 -1.55
C ASP A 27 -5.30 0.80 -2.20
N THR A 28 -5.47 0.77 -3.51
CA THR A 28 -5.83 1.98 -4.26
C THR A 28 -7.30 2.32 -4.09
N ASP A 29 -8.11 1.31 -3.79
CA ASP A 29 -9.54 1.51 -3.60
C ASP A 29 -9.82 2.29 -2.31
N CYS A 30 -8.90 2.17 -1.35
CA CYS A 30 -9.05 2.86 -0.07
C CYS A 30 -9.30 4.34 -0.28
N ASN A 31 -8.38 5.00 -1.00
CA ASN A 31 -8.50 6.42 -1.27
C ASN A 31 -7.72 6.80 -2.52
N THR A 32 -6.40 6.85 -2.39
CA THR A 32 -5.54 7.20 -3.51
C THR A 32 -4.07 7.20 -3.10
N ARG A 33 -3.81 7.57 -1.86
CA ARG A 33 -2.45 7.61 -1.33
C ARG A 33 -2.35 6.86 -0.01
N LYS A 34 -3.21 5.87 0.18
CA LYS A 34 -3.22 5.08 1.39
C LYS A 34 -3.42 3.60 1.08
N PHE A 35 -3.10 2.75 2.05
CA PHE A 35 -3.23 1.31 1.88
C PHE A 35 -4.25 0.74 2.86
N CYS A 36 -4.98 -0.28 2.43
CA CYS A 36 -5.98 -0.92 3.27
C CYS A 36 -5.33 -1.80 4.33
N LEU A 37 -5.22 -1.27 5.55
CA LEU A 37 -4.62 -2.00 6.65
C LEU A 37 -5.62 -2.98 7.27
N GLN A 38 -5.20 -4.22 7.44
CA GLN A 38 -6.05 -5.24 8.03
C GLN A 38 -5.33 -6.00 9.14
N PRO A 39 -5.40 -5.46 10.37
CA PRO A 39 -4.76 -6.07 11.53
C PRO A 39 -5.42 -7.38 11.96
N ARG A 40 -4.66 -8.23 12.64
CA ARG A 40 -5.18 -9.52 13.09
C ARG A 40 -5.94 -9.35 14.41
N ASP A 41 -5.56 -8.36 15.20
CA ASP A 41 -6.20 -8.09 16.47
C ASP A 41 -7.36 -7.12 16.31
N GLU A 42 -7.32 -6.33 15.24
CA GLU A 42 -8.37 -5.36 14.98
C GLU A 42 -9.07 -5.66 13.66
N LYS A 43 -10.03 -4.81 13.29
CA LYS A 43 -10.77 -4.99 12.05
C LYS A 43 -10.13 -4.19 10.91
N PRO A 44 -10.38 -4.64 9.67
CA PRO A 44 -9.83 -3.98 8.48
C PRO A 44 -10.48 -2.63 8.21
N PHE A 45 -9.66 -1.65 7.82
CA PHE A 45 -10.16 -0.31 7.54
C PHE A 45 -9.08 0.54 6.88
N CYS A 46 -9.46 1.73 6.44
CA CYS A 46 -8.52 2.65 5.79
C CYS A 46 -7.59 3.30 6.81
N ALA A 47 -6.29 3.24 6.54
CA ALA A 47 -5.29 3.82 7.42
C ALA A 47 -4.20 4.53 6.63
N THR A 48 -3.70 5.63 7.18
CA THR A 48 -2.64 6.40 6.53
C THR A 48 -1.43 5.53 6.22
N CYS A 49 -0.55 6.03 5.37
CA CYS A 49 0.66 5.30 5.01
C CYS A 49 1.81 5.64 5.96
N ARG A 50 2.64 4.64 6.26
CA ARG A 50 3.77 4.83 7.15
C ARG A 50 4.71 5.91 6.61
N GLY A 51 4.80 7.01 7.35
CA GLY A 51 5.66 8.11 6.93
C GLY A 51 7.12 7.70 6.88
N LEU A 52 7.97 8.63 6.47
CA LEU A 52 9.40 8.37 6.35
C LEU A 52 9.99 8.03 7.72
N ARG A 53 9.33 8.47 8.78
CA ARG A 53 9.79 8.22 10.14
C ARG A 53 9.04 7.04 10.75
N ARG A 54 8.33 6.29 9.91
CA ARG A 54 7.56 5.13 10.35
C ARG A 54 8.18 3.84 9.84
N ARG A 55 8.10 2.79 10.65
CA ARG A 55 8.66 1.49 10.29
C ARG A 55 7.79 0.81 9.24
N CYS A 56 8.41 -0.06 8.43
CA CYS A 56 7.70 -0.77 7.39
C CYS A 56 8.41 -2.08 7.05
N GLN A 57 7.66 -3.04 6.54
CA GLN A 57 8.23 -4.34 6.16
C GLN A 57 8.10 -4.58 4.66
N ARG A 58 7.11 -3.93 4.05
CA ARG A 58 6.88 -4.08 2.61
C ARG A 58 6.80 -2.71 1.93
N ASP A 59 7.43 -2.60 0.77
CA ASP A 59 7.43 -1.35 0.02
C ASP A 59 6.02 -0.98 -0.43
N ALA A 60 5.13 -1.98 -0.45
CA ALA A 60 3.75 -1.76 -0.86
C ALA A 60 2.98 -0.98 0.19
N MET A 61 3.15 -1.35 1.46
CA MET A 61 2.48 -0.68 2.56
C MET A 61 3.08 0.70 2.81
N CYS A 62 4.32 0.88 2.38
CA CYS A 62 5.02 2.15 2.55
C CYS A 62 4.31 3.27 1.78
N CYS A 63 4.58 4.51 2.18
CA CYS A 63 3.96 5.67 1.53
C CYS A 63 4.31 5.70 0.05
N PRO A 64 3.50 6.43 -0.73
CA PRO A 64 3.70 6.57 -2.17
C PRO A 64 4.93 7.40 -2.51
N GLY A 65 5.89 6.79 -3.20
CA GLY A 65 7.10 7.49 -3.57
C GLY A 65 8.22 7.30 -2.57
N THR A 66 8.34 6.08 -2.05
CA THR A 66 9.37 5.76 -1.06
C THR A 66 9.76 4.30 -1.13
N LEU A 67 10.82 3.93 -0.42
CA LEU A 67 11.30 2.56 -0.39
C LEU A 67 11.51 2.07 1.04
N CYS A 68 11.22 0.80 1.29
CA CYS A 68 11.38 0.23 2.62
C CYS A 68 12.84 -0.16 2.86
N VAL A 69 13.56 0.71 3.57
CA VAL A 69 14.97 0.46 3.87
C VAL A 69 15.18 0.27 5.37
N ASN A 70 16.00 -0.71 5.74
CA ASN A 70 16.28 -0.98 7.14
C ASN A 70 15.00 -1.19 7.92
N ASP A 71 14.01 -1.83 7.28
CA ASP A 71 12.74 -2.10 7.93
C ASP A 71 12.02 -0.80 8.28
N VAL A 72 12.33 0.26 7.54
CA VAL A 72 11.72 1.56 7.77
C VAL A 72 11.50 2.29 6.46
N CYS A 73 10.42 3.08 6.40
CA CYS A 73 10.09 3.84 5.20
C CYS A 73 11.13 4.92 4.94
N THR A 74 11.96 4.71 3.92
CA THR A 74 13.00 5.66 3.57
C THR A 74 12.92 6.06 2.10
N THR A 75 12.94 7.37 1.84
CA THR A 75 12.86 7.88 0.48
C THR A 75 13.89 7.22 -0.42
N MET A 76 13.60 7.15 -1.71
CA MET A 76 14.52 6.55 -2.67
C MET A 76 15.70 7.47 -2.96
N GLU A 77 15.45 8.77 -2.91
CA GLU A 77 16.50 9.75 -3.16
C GLU A 77 17.72 9.49 -2.29
N ASP A 78 17.48 9.11 -1.04
CA ASP A 78 18.57 8.81 -0.11
C ASP A 78 18.99 7.35 -0.20
N ALA A 79 18.01 6.44 -0.09
CA ALA A 79 18.28 5.02 -0.17
C ALA A 79 19.01 4.67 -1.46
N THR A 80 19.76 3.56 -1.42
CA THR A 80 20.52 3.12 -2.59
C THR A 80 20.58 1.59 -2.65
N GLU A 81 21.34 1.00 -1.74
CA GLU A 81 21.49 -0.46 -1.70
C GLU A 81 21.93 -1.00 -3.06
N ASN A 82 22.86 -0.30 -3.69
CA ASN A 82 23.37 -0.71 -5.00
C ASN A 82 24.84 -1.09 -4.91
N LEU A 83 25.15 -2.00 -4.00
CA LEU A 83 26.53 -2.46 -3.81
C LEU A 83 27.42 -1.32 -3.32
N TYR A 84 28.49 -1.67 -2.62
CA TYR A 84 29.42 -0.68 -2.10
C TYR A 84 30.50 -0.36 -3.12
N PHE A 85 30.71 0.94 -3.35
CA PHE A 85 31.71 1.39 -4.31
C PHE A 85 32.97 1.89 -3.59
N GLN A 86 34.07 1.17 -3.75
CA GLN A 86 35.32 1.54 -3.12
C GLN A 86 36.50 1.36 -4.08
N SER A 87 37.70 1.67 -3.61
CA SER A 87 38.90 1.54 -4.43
C SER A 87 40.14 1.40 -3.55
N LEU A 88 40.47 0.16 -3.21
CA LEU A 88 41.64 -0.11 -2.38
C LEU A 88 42.86 -0.42 -3.23
N GLU A 89 44.04 -0.16 -2.69
CA GLU A 89 45.29 -0.40 -3.41
C GLU A 89 46.34 -1.01 -2.48
N HIS A 90 46.89 -2.15 -2.89
CA HIS A 90 47.90 -2.83 -2.09
C HIS A 90 49.28 -2.24 -2.35
N HIS A 91 50.29 -2.79 -1.68
CA HIS A 91 51.66 -2.31 -1.84
C HIS A 91 52.61 -3.46 -2.13
N HIS A 92 53.29 -3.40 -3.26
CA HIS A 92 54.23 -4.45 -3.66
C HIS A 92 55.16 -3.97 -4.76
N HIS A 93 56.46 -4.07 -4.53
CA HIS A 93 57.45 -3.63 -5.51
C HIS A 93 58.81 -4.26 -5.21
N HIS A 94 59.73 -4.15 -6.17
CA HIS A 94 61.07 -4.71 -6.01
C HIS A 94 62.09 -3.60 -5.82
N HIS A 95 62.62 -3.48 -4.61
CA HIS A 95 63.61 -2.46 -4.29
C HIS A 95 63.04 -1.06 -4.55
N MET A 1 -53.06 45.29 1.78
CA MET A 1 -51.87 45.48 0.95
C MET A 1 -51.90 44.55 -0.25
N LEU A 2 -50.99 44.78 -1.20
CA LEU A 2 -50.92 43.96 -2.41
C LEU A 2 -50.04 42.74 -2.19
N VAL A 3 -50.32 41.67 -2.94
CA VAL A 3 -49.55 40.44 -2.83
C VAL A 3 -48.65 40.24 -4.04
N LEU A 4 -47.38 39.93 -3.80
CA LEU A 4 -46.42 39.71 -4.86
C LEU A 4 -46.41 38.25 -5.30
N ASP A 5 -46.12 38.01 -6.58
CA ASP A 5 -46.08 36.65 -7.11
C ASP A 5 -44.84 35.91 -6.60
N PHE A 6 -45.01 34.63 -6.29
CA PHE A 6 -43.92 33.81 -5.79
C PHE A 6 -43.95 32.41 -6.41
N ASN A 7 -42.78 31.82 -6.60
CA ASN A 7 -42.68 30.50 -7.19
C ASN A 7 -42.14 29.49 -6.17
N ASN A 8 -42.30 28.21 -6.47
CA ASN A 8 -41.83 27.15 -5.58
C ASN A 8 -40.75 26.32 -6.26
N ILE A 9 -40.17 25.39 -5.50
CA ILE A 9 -39.12 24.53 -6.02
C ILE A 9 -39.19 23.13 -5.42
N ARG A 10 -39.17 22.12 -6.29
CA ARG A 10 -39.24 20.74 -5.84
C ARG A 10 -38.20 20.46 -4.77
N SER A 11 -38.54 19.56 -3.84
CA SER A 11 -37.63 19.20 -2.75
C SER A 11 -38.17 18.01 -1.96
N SER A 12 -37.43 16.91 -2.01
CA SER A 12 -37.84 15.69 -1.31
C SER A 12 -36.62 14.82 -0.99
N ALA A 13 -36.46 14.46 0.27
CA ALA A 13 -35.35 13.63 0.70
C ALA A 13 -35.84 12.31 1.28
N ASP A 14 -35.19 11.22 0.90
CA ASP A 14 -35.55 9.90 1.39
C ASP A 14 -34.34 8.97 1.45
N LEU A 15 -33.84 8.72 2.66
CA LEU A 15 -32.69 7.86 2.84
C LEU A 15 -32.73 7.17 4.21
N HIS A 16 -32.47 5.87 4.22
CA HIS A 16 -32.48 5.11 5.47
C HIS A 16 -31.68 3.81 5.31
N GLY A 17 -30.57 3.73 6.02
CA GLY A 17 -29.74 2.54 5.95
C GLY A 17 -28.56 2.59 6.90
N ALA A 18 -28.25 1.46 7.53
CA ALA A 18 -27.14 1.38 8.47
C ALA A 18 -26.92 -0.05 8.95
N ARG A 19 -25.67 -0.40 9.21
CA ARG A 19 -25.33 -1.75 9.67
C ARG A 19 -23.84 -1.84 9.99
N LYS A 20 -23.41 -3.03 10.41
CA LYS A 20 -22.02 -3.26 10.76
C LYS A 20 -21.42 -4.38 9.91
N GLY A 21 -20.25 -4.13 9.33
CA GLY A 21 -19.60 -5.13 8.50
C GLY A 21 -18.09 -4.94 8.45
N SER A 22 -17.61 -4.32 7.37
CA SER A 22 -16.19 -4.08 7.19
C SER A 22 -15.94 -2.68 6.64
N GLN A 23 -14.88 -2.04 7.14
CA GLN A 23 -14.53 -0.70 6.71
C GLN A 23 -14.25 -0.67 5.21
N CYS A 24 -13.31 -1.50 4.76
CA CYS A 24 -12.95 -1.57 3.35
C CYS A 24 -12.68 -3.01 2.93
N LEU A 25 -13.11 -3.35 1.71
CA LEU A 25 -12.91 -4.70 1.19
C LEU A 25 -11.55 -4.84 0.54
N SER A 26 -11.01 -3.72 0.06
CA SER A 26 -9.70 -3.71 -0.59
C SER A 26 -9.13 -2.30 -0.64
N ASP A 27 -7.81 -2.21 -0.83
CA ASP A 27 -7.14 -0.92 -0.90
C ASP A 27 -7.77 -0.03 -1.97
N THR A 28 -8.37 -0.66 -2.97
CA THR A 28 -9.01 0.07 -4.06
C THR A 28 -10.20 0.88 -3.55
N ASP A 29 -10.78 0.44 -2.44
CA ASP A 29 -11.92 1.12 -1.85
C ASP A 29 -11.51 2.47 -1.28
N CYS A 30 -10.25 2.58 -0.88
CA CYS A 30 -9.74 3.82 -0.32
C CYS A 30 -8.97 4.62 -1.37
N ASN A 31 -8.52 5.81 -0.99
CA ASN A 31 -7.77 6.67 -1.90
C ASN A 31 -6.60 5.91 -2.51
N THR A 32 -6.04 6.46 -3.60
CA THR A 32 -4.92 5.84 -4.27
C THR A 32 -3.66 5.90 -3.41
N ARG A 33 -3.60 6.88 -2.52
CA ARG A 33 -2.45 7.04 -1.63
C ARG A 33 -2.76 6.50 -0.24
N LYS A 34 -3.66 5.53 -0.18
CA LYS A 34 -4.04 4.92 1.09
C LYS A 34 -4.09 3.40 0.97
N PHE A 35 -3.86 2.72 2.09
CA PHE A 35 -3.88 1.26 2.11
C PHE A 35 -4.90 0.75 3.14
N CYS A 36 -5.32 -0.50 2.96
CA CYS A 36 -6.29 -1.11 3.87
C CYS A 36 -5.59 -2.00 4.89
N LEU A 37 -5.30 -1.42 6.05
CA LEU A 37 -4.62 -2.15 7.13
C LEU A 37 -5.57 -3.15 7.78
N GLN A 38 -5.32 -4.44 7.53
CA GLN A 38 -6.16 -5.49 8.09
C GLN A 38 -5.40 -6.26 9.18
N PRO A 39 -5.50 -5.77 10.42
CA PRO A 39 -4.84 -6.39 11.57
C PRO A 39 -5.46 -7.72 11.95
N ARG A 40 -4.65 -8.62 12.50
CA ARG A 40 -5.12 -9.94 12.90
C ARG A 40 -5.76 -9.89 14.29
N ASP A 41 -5.33 -8.92 15.10
CA ASP A 41 -5.86 -8.77 16.44
C ASP A 41 -7.06 -7.83 16.44
N GLU A 42 -7.14 -6.97 15.43
CA GLU A 42 -8.24 -6.02 15.32
C GLU A 42 -8.98 -6.19 14.00
N LYS A 43 -9.97 -5.34 13.76
CA LYS A 43 -10.75 -5.40 12.53
C LYS A 43 -10.08 -4.60 11.42
N PRO A 44 -10.46 -4.89 10.17
CA PRO A 44 -9.90 -4.20 9.00
C PRO A 44 -10.35 -2.75 8.91
N PHE A 45 -9.40 -1.85 8.70
CA PHE A 45 -9.70 -0.43 8.60
C PHE A 45 -8.73 0.26 7.63
N CYS A 46 -9.02 1.52 7.32
CA CYS A 46 -8.19 2.29 6.41
C CYS A 46 -7.23 3.19 7.18
N ALA A 47 -5.95 2.88 7.09
CA ALA A 47 -4.92 3.67 7.79
C ALA A 47 -4.17 4.56 6.81
N THR A 48 -4.09 5.84 7.14
CA THR A 48 -3.39 6.81 6.29
C THR A 48 -1.99 6.33 5.96
N CYS A 49 -1.41 6.89 4.89
CA CYS A 49 -0.07 6.52 4.47
C CYS A 49 0.94 6.70 5.60
N ARG A 50 2.09 6.05 5.48
CA ARG A 50 3.13 6.15 6.50
C ARG A 50 4.20 7.16 6.09
N GLY A 51 4.87 7.75 7.08
CA GLY A 51 5.90 8.72 6.80
C GLY A 51 7.29 8.10 6.78
N LEU A 52 8.29 8.93 6.52
CA LEU A 52 9.67 8.46 6.47
C LEU A 52 10.14 7.97 7.84
N ARG A 53 9.52 8.49 8.89
CA ARG A 53 9.86 8.11 10.26
C ARG A 53 8.97 6.98 10.74
N ARG A 54 8.25 6.36 9.82
CA ARG A 54 7.35 5.26 10.15
C ARG A 54 7.92 3.93 9.66
N ARG A 55 7.61 2.86 10.40
CA ARG A 55 8.10 1.54 10.04
C ARG A 55 7.29 0.96 8.88
N CYS A 56 7.95 0.10 8.08
CA CYS A 56 7.30 -0.51 6.93
C CYS A 56 7.78 -1.95 6.74
N GLN A 57 7.02 -2.73 5.98
CA GLN A 57 7.38 -4.12 5.71
C GLN A 57 7.66 -4.34 4.24
N ARG A 58 7.05 -3.50 3.40
CA ARG A 58 7.23 -3.61 1.95
C ARG A 58 7.42 -2.23 1.33
N ASP A 59 7.91 -2.20 0.10
CA ASP A 59 8.14 -0.96 -0.61
C ASP A 59 6.83 -0.43 -1.21
N ALA A 60 5.90 -1.34 -1.47
CA ALA A 60 4.62 -0.97 -2.04
C ALA A 60 3.72 -0.31 -1.00
N MET A 61 3.67 -0.90 0.19
CA MET A 61 2.86 -0.38 1.27
C MET A 61 3.31 1.03 1.67
N CYS A 62 4.56 1.33 1.37
CA CYS A 62 5.13 2.64 1.70
C CYS A 62 4.76 3.67 0.64
N CYS A 63 4.62 4.93 1.05
CA CYS A 63 4.26 6.00 0.14
C CYS A 63 5.20 6.03 -1.06
N PRO A 64 4.76 6.68 -2.15
CA PRO A 64 5.54 6.79 -3.38
C PRO A 64 6.77 7.70 -3.21
N GLY A 65 7.75 7.52 -4.09
CA GLY A 65 8.96 8.33 -4.02
C GLY A 65 9.86 7.92 -2.87
N THR A 66 9.68 6.71 -2.37
CA THR A 66 10.47 6.21 -1.26
C THR A 66 10.61 4.69 -1.32
N LEU A 67 11.46 4.15 -0.47
CA LEU A 67 11.70 2.71 -0.42
C LEU A 67 11.68 2.20 1.02
N CYS A 68 11.44 0.90 1.18
CA CYS A 68 11.40 0.29 2.49
C CYS A 68 12.76 -0.33 2.85
N VAL A 69 13.43 0.28 3.83
CA VAL A 69 14.74 -0.20 4.26
C VAL A 69 14.82 -0.25 5.79
N ASN A 70 15.42 -1.32 6.30
CA ASN A 70 15.57 -1.49 7.74
C ASN A 70 14.21 -1.42 8.44
N ASP A 71 13.17 -1.88 7.76
CA ASP A 71 11.83 -1.88 8.32
C ASP A 71 11.35 -0.44 8.55
N VAL A 72 11.90 0.49 7.77
CA VAL A 72 11.53 1.90 7.89
C VAL A 72 11.45 2.56 6.53
N CYS A 73 10.47 3.45 6.36
CA CYS A 73 10.29 4.16 5.10
C CYS A 73 11.42 5.16 4.88
N THR A 74 12.28 4.88 3.91
CA THR A 74 13.39 5.76 3.59
C THR A 74 13.24 6.37 2.20
N THR A 75 14.07 7.35 1.90
CA THR A 75 14.03 8.02 0.60
C THR A 75 14.96 7.34 -0.39
N MET A 76 14.73 7.58 -1.68
CA MET A 76 15.55 6.99 -2.73
C MET A 76 16.98 7.52 -2.68
N GLU A 77 17.14 8.72 -2.14
CA GLU A 77 18.45 9.34 -2.02
C GLU A 77 19.23 8.73 -0.86
N ASP A 78 18.53 8.31 0.17
CA ASP A 78 19.16 7.70 1.34
C ASP A 78 19.54 6.25 1.06
N ALA A 79 18.65 5.53 0.41
CA ALA A 79 18.89 4.12 0.07
C ALA A 79 20.12 3.99 -0.83
N THR A 80 20.48 2.74 -1.13
CA THR A 80 21.63 2.47 -1.98
C THR A 80 22.91 3.05 -1.37
N GLU A 81 23.42 2.38 -0.34
CA GLU A 81 24.64 2.84 0.31
C GLU A 81 25.79 2.99 -0.69
N ASN A 82 26.13 4.23 -1.00
CA ASN A 82 27.21 4.51 -1.95
C ASN A 82 28.51 4.82 -1.21
N LEU A 83 28.70 4.17 -0.07
CA LEU A 83 29.91 4.37 0.73
C LEU A 83 30.10 5.85 1.06
N TYR A 84 31.20 6.16 1.73
CA TYR A 84 31.50 7.53 2.11
C TYR A 84 32.96 7.67 2.55
N PHE A 85 33.73 8.42 1.77
CA PHE A 85 35.14 8.64 2.07
C PHE A 85 35.33 9.86 2.95
N GLN A 86 36.47 9.94 3.62
CA GLN A 86 36.77 11.07 4.49
C GLN A 86 38.13 11.69 4.14
N SER A 87 38.38 12.88 4.68
CA SER A 87 39.64 13.58 4.42
C SER A 87 40.27 14.06 5.73
N LEU A 88 41.52 14.47 5.65
CA LEU A 88 42.24 14.97 6.82
C LEU A 88 43.04 16.22 6.49
N GLU A 89 42.54 17.37 6.92
CA GLU A 89 43.21 18.64 6.68
C GLU A 89 44.61 18.66 7.30
N HIS A 90 45.39 19.67 6.96
CA HIS A 90 46.74 19.81 7.48
C HIS A 90 47.17 21.27 7.52
N HIS A 91 48.01 21.61 8.49
CA HIS A 91 48.50 22.97 8.64
C HIS A 91 50.02 23.03 8.50
N HIS A 92 50.57 22.12 7.70
CA HIS A 92 52.01 22.07 7.49
C HIS A 92 52.76 21.93 8.81
N HIS A 93 54.09 21.97 8.74
CA HIS A 93 54.91 21.85 9.93
C HIS A 93 55.40 23.22 10.41
N HIS A 94 56.20 23.22 11.46
CA HIS A 94 56.74 24.46 12.02
C HIS A 94 58.18 24.28 12.47
N HIS A 95 58.82 25.39 12.84
CA HIS A 95 60.21 25.35 13.29
C HIS A 95 60.33 24.62 14.62
N MET A 1 -39.00 38.05 -23.44
CA MET A 1 -40.30 38.57 -23.86
C MET A 1 -41.22 37.44 -24.32
N LEU A 2 -41.22 36.35 -23.57
CA LEU A 2 -42.06 35.19 -23.90
C LEU A 2 -43.03 34.89 -22.76
N VAL A 3 -44.25 34.48 -23.12
CA VAL A 3 -45.27 34.16 -22.14
C VAL A 3 -45.00 32.79 -21.51
N LEU A 4 -45.34 32.65 -20.23
CA LEU A 4 -45.14 31.40 -19.53
C LEU A 4 -46.13 30.34 -20.00
N ASP A 5 -45.60 29.17 -20.35
CA ASP A 5 -46.43 28.07 -20.83
C ASP A 5 -45.76 26.72 -20.56
N PHE A 6 -45.10 26.61 -19.41
CA PHE A 6 -44.42 25.38 -19.03
C PHE A 6 -44.93 24.86 -17.70
N ASN A 7 -45.20 23.56 -17.64
CA ASN A 7 -45.70 22.93 -16.42
C ASN A 7 -44.54 22.46 -15.54
N ASN A 8 -43.61 21.72 -16.13
CA ASN A 8 -42.46 21.22 -15.40
C ASN A 8 -42.90 20.33 -14.24
N ILE A 9 -43.27 19.09 -14.55
CA ILE A 9 -43.72 18.15 -13.53
C ILE A 9 -43.30 16.73 -13.88
N ARG A 10 -42.84 15.99 -12.87
CA ARG A 10 -42.42 14.61 -13.08
C ARG A 10 -42.44 13.82 -11.77
N SER A 11 -42.62 12.51 -11.87
CA SER A 11 -42.66 11.65 -10.69
C SER A 11 -42.09 10.27 -10.99
N SER A 12 -41.18 9.82 -10.14
CA SER A 12 -40.55 8.52 -10.31
C SER A 12 -40.20 7.89 -8.96
N ALA A 13 -39.80 6.63 -8.98
CA ALA A 13 -39.44 5.92 -7.77
C ALA A 13 -37.92 5.77 -7.65
N ASP A 14 -37.41 5.92 -6.44
CA ASP A 14 -35.97 5.80 -6.20
C ASP A 14 -35.68 4.62 -5.29
N LEU A 15 -34.49 4.04 -5.44
CA LEU A 15 -34.08 2.90 -4.63
C LEU A 15 -32.56 2.88 -4.45
N HIS A 16 -32.12 2.83 -3.19
CA HIS A 16 -30.69 2.79 -2.89
C HIS A 16 -30.33 1.51 -2.15
N GLY A 17 -29.25 0.87 -2.59
CA GLY A 17 -28.82 -0.36 -1.95
C GLY A 17 -27.81 -1.12 -2.79
N ALA A 18 -28.18 -2.33 -3.22
CA ALA A 18 -27.30 -3.16 -4.04
C ALA A 18 -25.95 -3.36 -3.36
N ARG A 19 -25.96 -3.42 -2.03
CA ARG A 19 -24.72 -3.60 -1.27
C ARG A 19 -24.61 -5.04 -0.77
N LYS A 20 -23.41 -5.40 -0.31
CA LYS A 20 -23.17 -6.74 0.20
C LYS A 20 -22.42 -6.69 1.52
N GLY A 21 -21.21 -6.14 1.50
CA GLY A 21 -20.41 -6.04 2.71
C GLY A 21 -18.93 -5.96 2.42
N SER A 22 -18.48 -4.81 1.93
CA SER A 22 -17.07 -4.61 1.60
C SER A 22 -16.65 -3.16 1.85
N GLN A 23 -15.44 -2.99 2.35
CA GLN A 23 -14.92 -1.65 2.63
C GLN A 23 -13.97 -1.18 1.53
N CYS A 24 -13.08 -2.08 1.11
CA CYS A 24 -12.12 -1.77 0.06
C CYS A 24 -11.59 -3.04 -0.59
N LEU A 25 -11.40 -2.99 -1.91
CA LEU A 25 -10.90 -4.14 -2.65
C LEU A 25 -9.39 -4.05 -2.84
N SER A 26 -8.88 -2.82 -2.92
CA SER A 26 -7.46 -2.60 -3.11
C SER A 26 -6.95 -1.50 -2.17
N ASP A 27 -5.64 -1.41 -2.05
CA ASP A 27 -5.02 -0.41 -1.17
C ASP A 27 -5.33 1.00 -1.67
N THR A 28 -5.56 1.13 -2.98
CA THR A 28 -5.88 2.42 -3.57
C THR A 28 -7.37 2.72 -3.49
N ASP A 29 -8.12 1.84 -2.83
CA ASP A 29 -9.55 2.01 -2.69
C ASP A 29 -9.88 2.67 -1.36
N CYS A 30 -8.85 3.17 -0.68
CA CYS A 30 -9.03 3.83 0.62
C CYS A 30 -9.26 5.33 0.43
N ASN A 31 -8.23 6.02 -0.04
CA ASN A 31 -8.32 7.47 -0.26
C ASN A 31 -7.52 7.87 -1.49
N THR A 32 -6.19 7.88 -1.36
CA THR A 32 -5.32 8.26 -2.46
C THR A 32 -3.90 7.74 -2.22
N ARG A 33 -3.23 8.29 -1.21
CA ARG A 33 -1.87 7.88 -0.89
C ARG A 33 -1.83 7.10 0.42
N LYS A 34 -2.65 6.05 0.50
CA LYS A 34 -2.71 5.21 1.69
C LYS A 34 -3.01 3.77 1.33
N PHE A 35 -2.94 2.89 2.32
CA PHE A 35 -3.20 1.47 2.10
C PHE A 35 -4.23 0.94 3.11
N CYS A 36 -5.10 0.06 2.64
CA CYS A 36 -6.13 -0.52 3.49
C CYS A 36 -5.54 -1.57 4.43
N LEU A 37 -5.28 -1.17 5.67
CA LEU A 37 -4.72 -2.08 6.66
C LEU A 37 -5.77 -3.04 7.20
N GLN A 38 -5.56 -4.33 6.99
CA GLN A 38 -6.50 -5.34 7.47
C GLN A 38 -5.82 -6.31 8.43
N PRO A 39 -5.81 -5.96 9.72
CA PRO A 39 -5.20 -6.78 10.76
C PRO A 39 -5.97 -8.08 11.02
N ARG A 40 -5.31 -9.06 11.61
CA ARG A 40 -5.94 -10.33 11.92
C ARG A 40 -6.73 -10.26 13.23
N ASP A 41 -6.10 -9.69 14.25
CA ASP A 41 -6.74 -9.56 15.55
C ASP A 41 -7.78 -8.44 15.54
N GLU A 42 -7.62 -7.50 14.61
CA GLU A 42 -8.54 -6.37 14.49
C GLU A 42 -9.29 -6.43 13.17
N LYS A 43 -10.13 -5.42 12.92
CA LYS A 43 -10.91 -5.35 11.69
C LYS A 43 -10.25 -4.40 10.69
N PRO A 44 -10.55 -4.61 9.40
CA PRO A 44 -10.00 -3.79 8.33
C PRO A 44 -10.58 -2.37 8.33
N PHE A 45 -9.76 -1.41 7.90
CA PHE A 45 -10.19 -0.01 7.85
C PHE A 45 -9.18 0.84 7.10
N CYS A 46 -9.47 2.14 6.98
CA CYS A 46 -8.59 3.06 6.28
C CYS A 46 -7.48 3.55 7.20
N ALA A 47 -6.24 3.41 6.76
CA ALA A 47 -5.09 3.84 7.54
C ALA A 47 -4.03 4.48 6.64
N THR A 48 -3.58 5.68 7.03
CA THR A 48 -2.57 6.39 6.26
C THR A 48 -1.30 5.56 6.09
N CYS A 49 -0.50 5.90 5.09
CA CYS A 49 0.74 5.18 4.82
C CYS A 49 1.86 5.65 5.75
N ARG A 50 2.65 4.71 6.25
CA ARG A 50 3.75 5.03 7.15
C ARG A 50 4.64 6.11 6.53
N GLY A 51 4.76 7.24 7.22
CA GLY A 51 5.58 8.33 6.74
C GLY A 51 7.04 7.94 6.59
N LEU A 52 7.87 8.90 6.25
CA LEU A 52 9.30 8.65 6.07
C LEU A 52 9.98 8.38 7.41
N ARG A 53 9.39 8.90 8.47
CA ARG A 53 9.94 8.70 9.82
C ARG A 53 9.20 7.57 10.54
N ARG A 54 8.42 6.80 9.79
CA ARG A 54 7.68 5.68 10.35
C ARG A 54 8.30 4.35 9.95
N ARG A 55 8.22 3.38 10.85
CA ARG A 55 8.78 2.06 10.59
C ARG A 55 7.95 1.32 9.55
N CYS A 56 8.57 0.32 8.91
CA CYS A 56 7.89 -0.46 7.89
C CYS A 56 8.50 -1.86 7.79
N GLN A 57 7.74 -2.79 7.21
CA GLN A 57 8.21 -4.16 7.05
C GLN A 57 8.32 -4.52 5.58
N ARG A 58 7.54 -3.85 4.74
CA ARG A 58 7.54 -4.12 3.30
C ARG A 58 7.53 -2.81 2.52
N ASP A 59 8.05 -2.85 1.30
CA ASP A 59 8.11 -1.68 0.44
C ASP A 59 6.75 -1.43 -0.23
N ALA A 60 5.98 -2.49 -0.39
CA ALA A 60 4.67 -2.40 -1.00
C ALA A 60 3.66 -1.71 -0.07
N MET A 61 3.89 -1.86 1.23
CA MET A 61 3.01 -1.26 2.22
C MET A 61 3.42 0.19 2.52
N CYS A 62 4.67 0.51 2.22
CA CYS A 62 5.19 1.85 2.45
C CYS A 62 4.44 2.88 1.60
N CYS A 63 4.59 4.15 1.95
CA CYS A 63 3.94 5.23 1.22
C CYS A 63 4.20 5.12 -0.27
N PRO A 64 3.34 5.77 -1.07
CA PRO A 64 3.46 5.76 -2.53
C PRO A 64 4.67 6.56 -3.02
N GLY A 65 5.59 5.88 -3.70
CA GLY A 65 6.78 6.53 -4.21
C GLY A 65 7.93 6.47 -3.24
N THR A 66 7.91 5.47 -2.35
CA THR A 66 8.97 5.31 -1.36
C THR A 66 9.37 3.84 -1.23
N LEU A 67 10.41 3.58 -0.46
CA LEU A 67 10.89 2.22 -0.24
C LEU A 67 11.13 1.94 1.24
N CYS A 68 11.22 0.67 1.59
CA CYS A 68 11.43 0.27 2.98
C CYS A 68 12.91 -0.04 3.23
N VAL A 69 13.56 0.81 4.02
CA VAL A 69 14.96 0.63 4.35
C VAL A 69 15.20 0.74 5.84
N ASN A 70 16.03 -0.16 6.38
CA ASN A 70 16.35 -0.17 7.80
C ASN A 70 15.06 -0.21 8.64
N ASP A 71 14.08 -0.96 8.17
CA ASP A 71 12.81 -1.08 8.88
C ASP A 71 12.12 0.28 9.00
N VAL A 72 12.46 1.19 8.08
CA VAL A 72 11.87 2.52 8.09
C VAL A 72 11.64 3.03 6.66
N CYS A 73 10.50 3.67 6.44
CA CYS A 73 10.16 4.20 5.13
C CYS A 73 11.18 5.26 4.69
N THR A 74 11.99 4.92 3.70
CA THR A 74 13.01 5.84 3.19
C THR A 74 12.77 6.15 1.72
N THR A 75 13.06 7.39 1.33
CA THR A 75 12.88 7.82 -0.05
C THR A 75 13.84 7.09 -0.98
N MET A 76 13.42 6.92 -2.23
CA MET A 76 14.25 6.24 -3.22
C MET A 76 15.52 7.03 -3.50
N GLU A 77 15.39 8.36 -3.57
CA GLU A 77 16.54 9.21 -3.83
C GLU A 77 17.55 9.14 -2.68
N ASP A 78 17.06 8.84 -1.49
CA ASP A 78 17.92 8.73 -0.31
C ASP A 78 18.58 7.36 -0.24
N ALA A 79 17.83 6.33 -0.62
CA ALA A 79 18.35 4.97 -0.60
C ALA A 79 19.62 4.85 -1.43
N THR A 80 20.60 4.14 -0.89
CA THR A 80 21.88 3.96 -1.58
C THR A 80 22.16 2.47 -1.81
N GLU A 81 22.31 1.73 -0.72
CA GLU A 81 22.58 0.29 -0.80
C GLU A 81 23.80 0.02 -1.69
N ASN A 82 24.95 0.53 -1.26
CA ASN A 82 26.18 0.34 -2.01
C ASN A 82 26.63 -1.11 -1.99
N LEU A 83 27.51 -1.48 -2.90
CA LEU A 83 28.02 -2.84 -2.98
C LEU A 83 29.20 -3.04 -2.04
N TYR A 84 29.72 -4.27 -2.00
CA TYR A 84 30.85 -4.59 -1.14
C TYR A 84 31.48 -5.92 -1.55
N PHE A 85 32.67 -6.20 -1.01
CA PHE A 85 33.37 -7.44 -1.32
C PHE A 85 33.82 -8.13 -0.03
N GLN A 86 33.85 -9.46 -0.06
CA GLN A 86 34.25 -10.24 1.10
C GLN A 86 35.11 -11.43 0.68
N SER A 87 35.46 -12.27 1.65
CA SER A 87 36.28 -13.45 1.37
C SER A 87 37.64 -13.05 0.82
N LEU A 88 38.52 -14.03 0.64
CA LEU A 88 39.86 -13.78 0.12
C LEU A 88 40.62 -15.09 -0.07
N GLU A 89 40.98 -15.39 -1.32
CA GLU A 89 41.72 -16.62 -1.62
C GLU A 89 43.20 -16.45 -1.28
N HIS A 90 43.93 -17.57 -1.27
CA HIS A 90 45.35 -17.55 -0.96
C HIS A 90 45.59 -17.05 0.46
N HIS A 91 45.84 -17.97 1.38
CA HIS A 91 46.10 -17.62 2.77
C HIS A 91 46.70 -18.79 3.53
N HIS A 92 47.72 -18.51 4.32
CA HIS A 92 48.38 -19.55 5.10
C HIS A 92 48.87 -18.99 6.44
N HIS A 93 49.08 -19.89 7.41
CA HIS A 93 49.53 -19.48 8.73
C HIS A 93 50.46 -20.54 9.32
N HIS A 94 51.43 -20.09 10.12
CA HIS A 94 52.39 -21.00 10.75
C HIS A 94 52.84 -20.46 12.10
N HIS A 95 52.44 -21.13 13.17
CA HIS A 95 52.80 -20.72 14.52
C HIS A 95 52.65 -21.87 15.50
N MET A 1 -27.48 51.35 -34.40
CA MET A 1 -27.75 50.81 -33.07
C MET A 1 -28.85 49.75 -33.13
N LEU A 2 -28.60 48.60 -32.51
CA LEU A 2 -29.57 47.52 -32.49
C LEU A 2 -29.32 46.58 -31.31
N VAL A 3 -30.35 45.85 -30.91
CA VAL A 3 -30.24 44.92 -29.80
C VAL A 3 -30.40 43.48 -30.26
N LEU A 4 -29.64 42.57 -29.66
CA LEU A 4 -29.69 41.16 -30.01
C LEU A 4 -30.78 40.44 -29.22
N ASP A 5 -31.46 39.51 -29.88
CA ASP A 5 -32.54 38.75 -29.23
C ASP A 5 -32.14 37.28 -29.10
N PHE A 6 -32.15 36.56 -30.22
CA PHE A 6 -31.79 35.15 -30.22
C PHE A 6 -32.66 34.37 -29.23
N ASN A 7 -32.35 33.09 -29.07
CA ASN A 7 -33.10 32.23 -28.15
C ASN A 7 -32.40 30.89 -27.97
N ASN A 8 -32.82 30.15 -26.95
CA ASN A 8 -32.23 28.84 -26.66
C ASN A 8 -33.00 28.14 -25.54
N ILE A 9 -33.28 26.86 -25.75
CA ILE A 9 -34.01 26.07 -24.76
C ILE A 9 -33.30 24.75 -24.48
N ARG A 10 -32.93 24.53 -23.22
CA ARG A 10 -32.24 23.30 -22.83
C ARG A 10 -32.46 23.01 -21.34
N SER A 11 -31.97 21.85 -20.90
CA SER A 11 -32.11 21.45 -19.51
C SER A 11 -31.17 20.31 -19.17
N SER A 12 -31.12 19.32 -20.06
CA SER A 12 -30.26 18.16 -19.86
C SER A 12 -30.67 17.39 -18.60
N ALA A 13 -30.03 16.24 -18.38
CA ALA A 13 -30.33 15.41 -17.22
C ALA A 13 -29.06 14.76 -16.68
N ASP A 14 -29.22 13.96 -15.63
CA ASP A 14 -28.09 13.28 -15.01
C ASP A 14 -28.56 12.20 -14.06
N LEU A 15 -27.63 11.38 -13.58
CA LEU A 15 -27.96 10.30 -12.66
C LEU A 15 -26.87 10.14 -11.59
N HIS A 16 -27.23 9.53 -10.47
CA HIS A 16 -26.29 9.32 -9.38
C HIS A 16 -25.80 7.87 -9.36
N GLY A 17 -26.73 6.94 -9.14
CA GLY A 17 -26.37 5.53 -9.10
C GLY A 17 -26.18 5.03 -7.68
N ALA A 18 -25.67 3.81 -7.56
CA ALA A 18 -25.44 3.21 -6.25
C ALA A 18 -24.73 1.86 -6.38
N ARG A 19 -23.93 1.51 -5.38
CA ARG A 19 -23.20 0.26 -5.38
C ARG A 19 -22.72 -0.10 -3.98
N LYS A 20 -22.15 -1.29 -3.84
CA LYS A 20 -21.65 -1.75 -2.55
C LYS A 20 -20.83 -3.03 -2.71
N GLY A 21 -20.26 -3.50 -1.61
CA GLY A 21 -19.46 -4.71 -1.65
C GLY A 21 -18.49 -4.81 -0.48
N SER A 22 -17.45 -5.62 -0.64
CA SER A 22 -16.46 -5.81 0.41
C SER A 22 -15.78 -4.49 0.75
N GLN A 23 -14.95 -4.51 1.79
CA GLN A 23 -14.24 -3.31 2.21
C GLN A 23 -13.43 -2.71 1.06
N CYS A 24 -12.37 -3.41 0.67
CA CYS A 24 -11.51 -2.95 -0.41
C CYS A 24 -10.83 -4.13 -1.11
N LEU A 25 -10.66 -4.01 -2.42
CA LEU A 25 -10.01 -5.07 -3.20
C LEU A 25 -8.49 -4.93 -3.14
N SER A 26 -8.02 -3.70 -3.03
CA SER A 26 -6.59 -3.44 -2.97
C SER A 26 -6.28 -2.23 -2.09
N ASP A 27 -5.00 -1.96 -1.87
CA ASP A 27 -4.58 -0.83 -1.04
C ASP A 27 -4.88 0.49 -1.74
N THR A 28 -4.90 0.46 -3.07
CA THR A 28 -5.18 1.65 -3.86
C THR A 28 -6.68 1.87 -4.03
N ASP A 29 -7.47 1.01 -3.39
CA ASP A 29 -8.93 1.12 -3.47
C ASP A 29 -9.43 2.35 -2.74
N CYS A 30 -8.66 2.80 -1.74
CA CYS A 30 -9.03 3.96 -0.96
C CYS A 30 -8.94 5.23 -1.80
N ASN A 31 -9.70 6.25 -1.40
CA ASN A 31 -9.69 7.52 -2.13
C ASN A 31 -8.33 8.21 -2.02
N THR A 32 -7.90 8.47 -0.80
CA THR A 32 -6.61 9.12 -0.56
C THR A 32 -5.47 8.11 -0.55
N ARG A 33 -4.26 8.58 -0.31
CA ARG A 33 -3.10 7.71 -0.27
C ARG A 33 -3.04 6.93 1.03
N LYS A 34 -3.90 5.92 1.14
CA LYS A 34 -3.94 5.08 2.34
C LYS A 34 -3.91 3.60 1.97
N PHE A 35 -3.41 2.78 2.89
CA PHE A 35 -3.32 1.34 2.66
C PHE A 35 -4.41 0.61 3.42
N CYS A 36 -4.83 -0.54 2.88
CA CYS A 36 -5.88 -1.34 3.50
C CYS A 36 -5.30 -2.24 4.60
N LEU A 37 -5.35 -1.75 5.83
CA LEU A 37 -4.83 -2.50 6.98
C LEU A 37 -5.87 -3.49 7.49
N GLN A 38 -5.47 -4.76 7.60
CA GLN A 38 -6.36 -5.81 8.08
C GLN A 38 -5.80 -6.48 9.32
N PRO A 39 -6.11 -5.90 10.49
CA PRO A 39 -5.65 -6.43 11.78
C PRO A 39 -6.31 -7.75 12.14
N ARG A 40 -5.57 -8.60 12.85
CA ARG A 40 -6.09 -9.90 13.26
C ARG A 40 -6.93 -9.79 14.52
N ASP A 41 -6.64 -8.77 15.33
CA ASP A 41 -7.37 -8.54 16.57
C ASP A 41 -8.57 -7.62 16.33
N GLU A 42 -8.49 -6.83 15.28
CA GLU A 42 -9.56 -5.90 14.94
C GLU A 42 -10.10 -6.16 13.53
N LYS A 43 -11.07 -5.37 13.11
CA LYS A 43 -11.67 -5.51 11.80
C LYS A 43 -10.86 -4.77 10.74
N PRO A 44 -10.95 -5.24 9.48
CA PRO A 44 -10.22 -4.63 8.36
C PRO A 44 -10.77 -3.26 7.99
N PHE A 45 -9.87 -2.34 7.67
CA PHE A 45 -10.27 -0.99 7.30
C PHE A 45 -9.09 -0.22 6.71
N CYS A 46 -9.35 1.01 6.27
CA CYS A 46 -8.31 1.85 5.69
C CYS A 46 -7.62 2.70 6.76
N ALA A 47 -6.33 2.47 6.93
CA ALA A 47 -5.55 3.21 7.93
C ALA A 47 -4.68 4.27 7.25
N THR A 48 -4.42 5.37 7.98
CA THR A 48 -3.60 6.44 7.45
C THR A 48 -2.27 5.92 6.93
N CYS A 49 -1.62 6.70 6.08
CA CYS A 49 -0.34 6.32 5.51
C CYS A 49 0.79 6.52 6.51
N ARG A 50 1.99 6.10 6.14
CA ARG A 50 3.16 6.23 7.00
C ARG A 50 4.12 7.29 6.47
N GLY A 51 5.01 7.76 7.35
CA GLY A 51 5.96 8.78 6.95
C GLY A 51 7.36 8.22 6.74
N LEU A 52 8.31 9.09 6.47
CA LEU A 52 9.70 8.68 6.27
C LEU A 52 10.33 8.20 7.58
N ARG A 53 9.82 8.73 8.69
CA ARG A 53 10.33 8.35 10.01
C ARG A 53 9.53 7.20 10.59
N ARG A 54 8.71 6.56 9.76
CA ARG A 54 7.89 5.44 10.20
C ARG A 54 8.52 4.11 9.76
N ARG A 55 8.47 3.13 10.65
CA ARG A 55 9.03 1.81 10.37
C ARG A 55 8.13 1.04 9.40
N CYS A 56 8.74 0.35 8.46
CA CYS A 56 7.99 -0.43 7.48
C CYS A 56 8.66 -1.80 7.24
N GLN A 57 7.97 -2.67 6.51
CA GLN A 57 8.49 -3.99 6.22
C GLN A 57 8.51 -4.24 4.71
N ARG A 58 7.46 -3.78 4.03
CA ARG A 58 7.36 -3.96 2.59
C ARG A 58 7.46 -2.61 1.86
N ASP A 59 7.62 -2.68 0.54
CA ASP A 59 7.74 -1.47 -0.27
C ASP A 59 6.38 -0.81 -0.46
N ALA A 60 5.32 -1.62 -0.42
CA ALA A 60 3.97 -1.11 -0.59
C ALA A 60 3.43 -0.53 0.71
N MET A 61 3.96 -1.00 1.83
CA MET A 61 3.54 -0.53 3.15
C MET A 61 3.65 0.98 3.24
N CYS A 62 4.70 1.53 2.64
CA CYS A 62 4.92 2.98 2.65
C CYS A 62 4.24 3.65 1.46
N CYS A 63 3.86 4.90 1.63
CA CYS A 63 3.19 5.66 0.58
C CYS A 63 4.00 5.60 -0.72
N PRO A 64 3.33 5.89 -1.84
CA PRO A 64 3.96 5.89 -3.16
C PRO A 64 4.95 7.02 -3.34
N GLY A 65 6.22 6.68 -3.58
CA GLY A 65 7.24 7.68 -3.77
C GLY A 65 8.50 7.39 -2.97
N THR A 66 8.36 6.55 -1.95
CA THR A 66 9.48 6.19 -1.10
C THR A 66 9.79 4.70 -1.21
N LEU A 67 10.90 4.28 -0.58
CA LEU A 67 11.30 2.88 -0.60
C LEU A 67 11.53 2.37 0.81
N CYS A 68 11.11 1.14 1.06
CA CYS A 68 11.27 0.51 2.37
C CYS A 68 12.69 -0.02 2.55
N VAL A 69 13.49 0.71 3.34
CA VAL A 69 14.87 0.30 3.59
C VAL A 69 15.16 0.26 5.09
N ASN A 70 15.91 -0.76 5.50
CA ASN A 70 16.26 -0.92 6.92
C ASN A 70 15.01 -1.02 7.77
N ASP A 71 13.96 -1.61 7.22
CA ASP A 71 12.70 -1.77 7.93
C ASP A 71 12.08 -0.41 8.26
N VAL A 72 12.43 0.60 7.47
CA VAL A 72 11.91 1.95 7.69
C VAL A 72 11.78 2.70 6.37
N CYS A 73 10.80 3.60 6.29
CA CYS A 73 10.57 4.38 5.09
C CYS A 73 11.79 5.24 4.76
N THR A 74 12.34 5.03 3.56
CA THR A 74 13.51 5.79 3.12
C THR A 74 13.37 6.20 1.67
N THR A 75 13.71 7.46 1.38
CA THR A 75 13.63 7.98 0.02
C THR A 75 14.58 7.24 -0.92
N MET A 76 14.13 6.99 -2.13
CA MET A 76 14.93 6.28 -3.12
C MET A 76 16.27 6.99 -3.33
N GLU A 77 16.27 8.31 -3.15
CA GLU A 77 17.49 9.10 -3.32
C GLU A 77 18.54 8.69 -2.30
N ASP A 78 18.09 8.39 -1.09
CA ASP A 78 19.00 8.00 -0.01
C ASP A 78 19.37 6.53 -0.14
N ALA A 79 18.50 5.75 -0.76
CA ALA A 79 18.75 4.32 -0.94
C ALA A 79 19.70 4.07 -2.11
N THR A 80 20.94 4.50 -1.95
CA THR A 80 21.95 4.33 -2.98
C THR A 80 21.46 4.86 -4.33
N GLU A 81 21.64 6.16 -4.55
CA GLU A 81 21.22 6.78 -5.79
C GLU A 81 21.88 8.14 -5.98
N ASN A 82 22.86 8.19 -6.88
CA ASN A 82 23.58 9.44 -7.14
C ASN A 82 24.07 9.47 -8.58
N LEU A 83 23.15 9.40 -9.53
CA LEU A 83 23.49 9.43 -10.95
C LEU A 83 23.97 10.81 -11.37
N TYR A 84 24.81 10.86 -12.40
CA TYR A 84 25.34 12.11 -12.89
C TYR A 84 25.78 11.99 -14.35
N PHE A 85 25.39 12.96 -15.17
CA PHE A 85 25.74 12.97 -16.58
C PHE A 85 25.77 14.39 -17.14
N GLN A 86 26.77 14.67 -17.95
CA GLN A 86 26.91 15.99 -18.55
C GLN A 86 27.55 15.90 -19.94
N SER A 87 26.97 16.64 -20.89
CA SER A 87 27.48 16.63 -22.26
C SER A 87 27.64 18.05 -22.79
N LEU A 88 28.49 18.21 -23.79
CA LEU A 88 28.73 19.52 -24.39
C LEU A 88 29.42 19.39 -25.75
N GLU A 89 29.52 20.50 -26.47
CA GLU A 89 30.15 20.50 -27.78
C GLU A 89 30.37 21.93 -28.27
N HIS A 90 31.20 22.07 -29.30
CA HIS A 90 31.49 23.38 -29.87
C HIS A 90 32.43 23.26 -31.07
N HIS A 91 32.20 24.09 -32.08
CA HIS A 91 33.01 24.07 -33.29
C HIS A 91 33.14 25.47 -33.89
N HIS A 92 34.15 25.67 -34.72
CA HIS A 92 34.39 26.96 -35.34
C HIS A 92 35.16 26.80 -36.65
N HIS A 93 35.32 27.90 -37.38
CA HIS A 93 36.05 27.88 -38.65
C HIS A 93 36.61 29.25 -38.98
N HIS A 94 37.75 29.28 -39.66
CA HIS A 94 38.39 30.53 -40.03
C HIS A 94 39.31 30.33 -41.23
N HIS A 95 39.77 31.44 -41.81
CA HIS A 95 40.67 31.39 -42.96
C HIS A 95 42.12 31.36 -42.51
N MET A 1 -10.77 32.11 -24.05
CA MET A 1 -11.76 31.06 -23.96
C MET A 1 -13.13 31.62 -23.56
N LEU A 2 -14.00 31.81 -24.55
CA LEU A 2 -15.33 32.34 -24.31
C LEU A 2 -16.34 31.72 -25.26
N VAL A 3 -16.68 30.46 -25.02
CA VAL A 3 -17.64 29.75 -25.85
C VAL A 3 -18.97 29.56 -25.12
N LEU A 4 -20.04 30.03 -25.73
CA LEU A 4 -21.37 29.90 -25.13
C LEU A 4 -22.05 28.61 -25.58
N ASP A 5 -22.92 28.08 -24.73
CA ASP A 5 -23.64 26.85 -25.04
C ASP A 5 -24.99 26.81 -24.33
N PHE A 6 -25.80 25.80 -24.64
CA PHE A 6 -27.11 25.65 -24.03
C PHE A 6 -27.76 24.34 -24.45
N ASN A 7 -28.45 23.70 -23.52
CA ASN A 7 -29.11 22.44 -23.80
C ASN A 7 -30.00 22.02 -22.63
N ASN A 8 -30.55 20.80 -22.71
CA ASN A 8 -31.42 20.29 -21.66
C ASN A 8 -31.62 18.79 -21.80
N ILE A 9 -31.86 18.12 -20.69
CA ILE A 9 -32.07 16.67 -20.69
C ILE A 9 -32.49 16.17 -19.31
N ARG A 10 -33.36 15.17 -19.30
CA ARG A 10 -33.85 14.60 -18.04
C ARG A 10 -33.90 13.08 -18.13
N SER A 11 -32.76 12.44 -17.87
CA SER A 11 -32.67 10.99 -17.92
C SER A 11 -32.97 10.38 -16.56
N SER A 12 -32.85 9.06 -16.46
CA SER A 12 -33.11 8.35 -15.21
C SER A 12 -32.20 7.15 -15.07
N ALA A 13 -31.02 7.37 -14.50
CA ALA A 13 -30.05 6.30 -14.30
C ALA A 13 -30.38 5.49 -13.05
N ASP A 14 -30.32 6.14 -11.90
CA ASP A 14 -30.60 5.48 -10.62
C ASP A 14 -29.66 4.31 -10.39
N LEU A 15 -29.86 3.60 -9.29
CA LEU A 15 -29.02 2.45 -8.96
C LEU A 15 -29.66 1.61 -7.85
N HIS A 16 -29.61 0.29 -8.01
CA HIS A 16 -30.19 -0.62 -7.04
C HIS A 16 -29.13 -1.58 -6.50
N GLY A 17 -28.28 -1.08 -5.61
CA GLY A 17 -27.22 -1.90 -5.03
C GLY A 17 -26.24 -1.09 -4.21
N ALA A 18 -26.04 -1.50 -2.96
CA ALA A 18 -25.12 -0.82 -2.07
C ALA A 18 -24.73 -1.70 -0.89
N ARG A 19 -23.99 -1.12 0.06
CA ARG A 19 -23.56 -1.87 1.23
C ARG A 19 -22.97 -0.93 2.28
N LYS A 20 -23.05 -1.32 3.55
CA LYS A 20 -22.53 -0.51 4.64
C LYS A 20 -21.90 -1.40 5.71
N GLY A 21 -20.94 -2.23 5.30
CA GLY A 21 -20.28 -3.10 6.24
C GLY A 21 -18.76 -3.09 6.08
N SER A 22 -18.05 -3.23 7.20
CA SER A 22 -16.59 -3.22 7.18
C SER A 22 -16.07 -1.88 6.66
N GLN A 23 -14.75 -1.78 6.56
CA GLN A 23 -14.12 -0.55 6.08
C GLN A 23 -13.46 -0.77 4.72
N CYS A 24 -12.53 -1.71 4.67
CA CYS A 24 -11.81 -2.02 3.44
C CYS A 24 -11.34 -3.47 3.42
N LEU A 25 -11.44 -4.10 2.26
CA LEU A 25 -11.02 -5.50 2.12
C LEU A 25 -9.62 -5.58 1.51
N SER A 26 -9.25 -4.56 0.75
CA SER A 26 -7.93 -4.53 0.11
C SER A 26 -7.45 -3.09 -0.05
N ASP A 27 -6.19 -2.95 -0.46
CA ASP A 27 -5.61 -1.62 -0.66
C ASP A 27 -6.37 -0.85 -1.73
N THR A 28 -6.96 -1.58 -2.68
CA THR A 28 -7.71 -0.96 -3.76
C THR A 28 -8.99 -0.31 -3.24
N ASP A 29 -9.49 -0.82 -2.11
CA ASP A 29 -10.70 -0.29 -1.52
C ASP A 29 -10.47 1.11 -0.96
N CYS A 30 -9.23 1.38 -0.55
CA CYS A 30 -8.87 2.68 0.00
C CYS A 30 -8.42 3.63 -1.10
N ASN A 31 -8.08 4.86 -0.70
CA ASN A 31 -7.62 5.87 -1.66
C ASN A 31 -6.33 5.43 -2.34
N THR A 32 -5.99 6.08 -3.45
CA THR A 32 -4.78 5.76 -4.19
C THR A 32 -3.54 6.06 -3.37
N ARG A 33 -3.64 7.06 -2.50
CA ARG A 33 -2.52 7.45 -1.66
C ARG A 33 -2.69 6.92 -0.24
N LYS A 34 -3.41 5.82 -0.11
CA LYS A 34 -3.66 5.20 1.19
C LYS A 34 -3.69 3.67 1.07
N PHE A 35 -3.37 3.00 2.18
CA PHE A 35 -3.37 1.54 2.20
C PHE A 35 -4.47 1.00 3.11
N CYS A 36 -4.89 -0.23 2.84
CA CYS A 36 -5.94 -0.86 3.64
C CYS A 36 -5.33 -1.73 4.75
N LEU A 37 -5.17 -1.14 5.92
CA LEU A 37 -4.61 -1.85 7.07
C LEU A 37 -5.61 -2.87 7.63
N GLN A 38 -5.22 -4.13 7.63
CA GLN A 38 -6.08 -5.19 8.14
C GLN A 38 -5.32 -6.10 9.10
N PRO A 39 -5.31 -5.71 10.39
CA PRO A 39 -4.62 -6.48 11.44
C PRO A 39 -5.31 -7.80 11.74
N ARG A 40 -4.54 -8.78 12.20
CA ARG A 40 -5.08 -10.10 12.53
C ARG A 40 -5.69 -10.10 13.92
N ASP A 41 -5.18 -9.22 14.79
CA ASP A 41 -5.69 -9.13 16.15
C ASP A 41 -6.83 -8.12 16.25
N GLU A 42 -6.87 -7.20 15.29
CA GLU A 42 -7.92 -6.17 15.28
C GLU A 42 -8.71 -6.24 13.97
N LYS A 43 -9.68 -5.34 13.83
CA LYS A 43 -10.51 -5.29 12.63
C LYS A 43 -9.86 -4.43 11.56
N PRO A 44 -10.30 -4.62 10.30
CA PRO A 44 -9.78 -3.87 9.16
C PRO A 44 -10.20 -2.40 9.19
N PHE A 45 -9.27 -1.51 8.85
CA PHE A 45 -9.55 -0.09 8.84
C PHE A 45 -8.60 0.64 7.89
N CYS A 46 -9.13 1.66 7.19
CA CYS A 46 -8.33 2.43 6.25
C CYS A 46 -7.39 3.38 6.99
N ALA A 47 -6.09 3.18 6.79
CA ALA A 47 -5.08 4.01 7.43
C ALA A 47 -4.48 5.01 6.43
N THR A 48 -3.88 6.07 6.96
CA THR A 48 -3.27 7.09 6.13
C THR A 48 -1.82 6.74 5.79
N CYS A 49 -1.25 7.49 4.85
CA CYS A 49 0.13 7.26 4.43
C CYS A 49 1.09 7.41 5.60
N ARG A 50 2.10 6.55 5.66
CA ARG A 50 3.08 6.59 6.74
C ARG A 50 4.19 7.59 6.42
N GLY A 51 4.96 7.96 7.43
CA GLY A 51 6.05 8.90 7.24
C GLY A 51 7.40 8.22 7.14
N LEU A 52 8.44 9.01 6.94
CA LEU A 52 9.79 8.48 6.84
C LEU A 52 10.26 7.90 8.17
N ARG A 53 9.70 8.41 9.25
CA ARG A 53 10.05 7.94 10.59
C ARG A 53 9.12 6.82 11.03
N ARG A 54 8.35 6.28 10.09
CA ARG A 54 7.42 5.21 10.39
C ARG A 54 7.93 3.88 9.82
N ARG A 55 7.46 2.77 10.40
CA ARG A 55 7.87 1.45 9.96
C ARG A 55 6.99 0.96 8.82
N CYS A 56 7.55 0.10 7.97
CA CYS A 56 6.81 -0.44 6.83
C CYS A 56 7.16 -1.90 6.60
N GLN A 57 6.29 -2.60 5.90
CA GLN A 57 6.50 -4.03 5.61
C GLN A 57 6.78 -4.25 4.13
N ARG A 58 6.24 -3.36 3.30
CA ARG A 58 6.43 -3.45 1.85
C ARG A 58 6.86 -2.12 1.27
N ASP A 59 7.33 -2.15 0.03
CA ASP A 59 7.78 -0.93 -0.65
C ASP A 59 6.59 -0.13 -1.17
N ALA A 60 5.53 -0.84 -1.56
CA ALA A 60 4.33 -0.19 -2.08
C ALA A 60 3.48 0.37 -0.95
N MET A 61 3.60 -0.23 0.23
CA MET A 61 2.85 0.22 1.40
C MET A 61 3.09 1.69 1.67
N CYS A 62 4.34 2.12 1.52
CA CYS A 62 4.70 3.52 1.76
C CYS A 62 4.34 4.38 0.55
N CYS A 63 4.19 5.68 0.80
CA CYS A 63 3.85 6.62 -0.26
C CYS A 63 4.80 6.48 -1.45
N PRO A 64 4.36 6.96 -2.62
CA PRO A 64 5.16 6.90 -3.85
C PRO A 64 6.37 7.82 -3.80
N GLY A 65 7.53 7.28 -4.18
CA GLY A 65 8.75 8.07 -4.17
C GLY A 65 9.64 7.74 -2.99
N THR A 66 9.44 6.55 -2.42
CA THR A 66 10.24 6.12 -1.29
C THR A 66 10.48 4.61 -1.33
N LEU A 67 11.31 4.12 -0.42
CA LEU A 67 11.63 2.70 -0.35
C LEU A 67 11.55 2.19 1.08
N CYS A 68 11.26 0.89 1.24
CA CYS A 68 11.16 0.28 2.55
C CYS A 68 12.45 -0.44 2.91
N VAL A 69 13.24 0.16 3.80
CA VAL A 69 14.50 -0.43 4.23
C VAL A 69 14.51 -0.65 5.74
N ASN A 70 14.96 -1.83 6.16
CA ASN A 70 15.02 -2.17 7.58
C ASN A 70 13.67 -1.98 8.24
N ASP A 71 12.60 -2.29 7.51
CA ASP A 71 11.24 -2.16 8.03
C ASP A 71 10.93 -0.70 8.35
N VAL A 72 11.59 0.21 7.65
CA VAL A 72 11.39 1.64 7.86
C VAL A 72 11.29 2.39 6.53
N CYS A 73 10.41 3.37 6.48
CA CYS A 73 10.22 4.16 5.27
C CYS A 73 11.38 5.13 5.06
N THR A 74 12.22 4.84 4.07
CA THR A 74 13.37 5.68 3.76
C THR A 74 13.23 6.33 2.40
N THR A 75 14.00 7.38 2.16
CA THR A 75 13.97 8.10 0.89
C THR A 75 14.87 7.44 -0.14
N MET A 76 14.46 7.50 -1.40
CA MET A 76 15.24 6.89 -2.49
C MET A 76 16.67 7.41 -2.47
N GLU A 77 16.84 8.69 -2.12
CA GLU A 77 18.16 9.30 -2.08
C GLU A 77 19.05 8.59 -1.06
N ASP A 78 18.42 7.99 -0.05
CA ASP A 78 19.16 7.27 0.99
C ASP A 78 19.41 5.83 0.58
N ALA A 79 18.34 5.14 0.18
CA ALA A 79 18.44 3.75 -0.24
C ALA A 79 19.22 3.62 -1.55
N THR A 80 20.31 2.88 -1.52
CA THR A 80 21.14 2.67 -2.70
C THR A 80 21.84 1.32 -2.66
N GLU A 81 21.26 0.34 -3.35
CA GLU A 81 21.82 -1.00 -3.40
C GLU A 81 21.91 -1.50 -4.84
N ASN A 82 22.81 -2.46 -5.06
CA ASN A 82 22.99 -3.03 -6.39
C ASN A 82 23.63 -4.42 -6.31
N LEU A 83 23.70 -5.10 -7.45
CA LEU A 83 24.29 -6.43 -7.50
C LEU A 83 25.20 -6.58 -8.71
N TYR A 84 26.30 -7.30 -8.55
CA TYR A 84 27.25 -7.51 -9.63
C TYR A 84 27.45 -9.00 -9.89
N PHE A 85 27.47 -9.37 -11.16
CA PHE A 85 27.65 -10.77 -11.56
C PHE A 85 29.14 -11.14 -11.54
N GLN A 86 29.51 -12.02 -10.63
CA GLN A 86 30.90 -12.46 -10.51
C GLN A 86 31.38 -13.10 -11.82
N SER A 87 32.70 -13.11 -12.02
CA SER A 87 33.28 -13.68 -13.22
C SER A 87 33.40 -15.19 -13.11
N LEU A 88 33.84 -15.83 -14.19
CA LEU A 88 34.00 -17.27 -14.22
C LEU A 88 35.37 -17.68 -13.69
N GLU A 89 35.38 -18.54 -12.67
CA GLU A 89 36.62 -19.00 -12.07
C GLU A 89 36.60 -20.51 -11.86
N HIS A 90 37.74 -21.08 -11.50
CA HIS A 90 37.85 -22.52 -11.27
C HIS A 90 39.21 -22.88 -10.70
N HIS A 91 39.22 -23.79 -9.73
CA HIS A 91 40.48 -24.21 -9.10
C HIS A 91 40.28 -25.53 -8.36
N HIS A 92 41.36 -26.05 -7.78
CA HIS A 92 41.31 -27.30 -7.04
C HIS A 92 42.48 -27.41 -6.07
N HIS A 93 42.35 -28.29 -5.08
CA HIS A 93 43.40 -28.49 -4.09
C HIS A 93 43.07 -29.66 -3.17
N HIS A 94 44.06 -30.10 -2.42
CA HIS A 94 43.87 -31.23 -1.49
C HIS A 94 44.08 -30.77 -0.05
N HIS A 95 44.10 -31.74 0.87
CA HIS A 95 44.29 -31.45 2.29
C HIS A 95 45.67 -30.84 2.54
N MET A 1 2.55 -32.87 0.12
CA MET A 1 3.01 -31.53 0.50
C MET A 1 1.84 -30.66 0.94
N LEU A 2 1.03 -31.20 1.85
CA LEU A 2 -0.13 -30.47 2.36
C LEU A 2 0.12 -29.95 3.76
N VAL A 3 -0.03 -28.64 3.95
CA VAL A 3 0.18 -28.02 5.26
C VAL A 3 -1.11 -27.98 6.05
N LEU A 4 -1.03 -28.40 7.32
CA LEU A 4 -2.20 -28.40 8.20
C LEU A 4 -2.33 -27.07 8.94
N ASP A 5 -3.52 -26.50 8.90
CA ASP A 5 -3.79 -25.23 9.57
C ASP A 5 -4.30 -25.46 10.98
N PHE A 6 -4.72 -24.39 11.64
CA PHE A 6 -5.23 -24.47 13.00
C PHE A 6 -5.76 -23.12 13.47
N ASN A 7 -6.70 -23.15 14.41
CA ASN A 7 -7.30 -21.93 14.93
C ASN A 7 -7.30 -21.94 16.46
N ASN A 8 -7.68 -23.07 17.03
CA ASN A 8 -7.73 -23.22 18.48
C ASN A 8 -8.72 -22.22 19.10
N ILE A 9 -9.93 -22.70 19.37
CA ILE A 9 -10.97 -21.86 19.95
C ILE A 9 -10.64 -21.52 21.40
N ARG A 10 -10.65 -20.23 21.72
CA ARG A 10 -10.35 -19.76 23.07
C ARG A 10 -11.58 -19.90 23.96
N SER A 11 -11.47 -19.42 25.20
CA SER A 11 -12.56 -19.49 26.16
C SER A 11 -13.53 -18.32 25.97
N SER A 12 -14.80 -18.64 25.83
CA SER A 12 -15.83 -17.62 25.64
C SER A 12 -15.48 -16.72 24.46
N ALA A 13 -15.94 -17.09 23.27
CA ALA A 13 -15.68 -16.30 22.07
C ALA A 13 -16.59 -16.75 20.92
N ASP A 14 -17.76 -16.13 20.84
CA ASP A 14 -18.72 -16.47 19.78
C ASP A 14 -18.93 -15.28 18.84
N LEU A 15 -19.46 -14.19 19.38
CA LEU A 15 -19.70 -12.99 18.59
C LEU A 15 -20.72 -13.26 17.49
N HIS A 16 -21.66 -14.15 17.76
CA HIS A 16 -22.70 -14.50 16.80
C HIS A 16 -22.08 -15.09 15.53
N GLY A 17 -22.92 -15.40 14.56
CA GLY A 17 -22.44 -15.97 13.31
C GLY A 17 -22.45 -14.98 12.18
N ALA A 18 -21.26 -14.54 11.76
CA ALA A 18 -21.14 -13.57 10.68
C ALA A 18 -19.77 -13.65 10.02
N ARG A 19 -19.76 -13.75 8.70
CA ARG A 19 -18.51 -13.85 7.95
C ARG A 19 -18.13 -12.49 7.35
N LYS A 20 -19.03 -11.95 6.53
CA LYS A 20 -18.79 -10.66 5.89
C LYS A 20 -17.54 -10.70 5.02
N GLY A 21 -17.13 -9.53 4.52
CA GLY A 21 -15.94 -9.47 3.69
C GLY A 21 -15.04 -8.31 4.07
N SER A 22 -14.76 -7.43 3.10
CA SER A 22 -13.89 -6.29 3.34
C SER A 22 -14.40 -5.07 2.58
N GLN A 23 -14.30 -3.90 3.20
CA GLN A 23 -14.74 -2.66 2.59
C GLN A 23 -13.89 -2.30 1.38
N CYS A 24 -12.64 -2.78 1.40
CA CYS A 24 -11.71 -2.51 0.30
C CYS A 24 -11.12 -3.81 -0.25
N LEU A 25 -10.71 -3.78 -1.51
CA LEU A 25 -10.14 -4.96 -2.14
C LEU A 25 -8.64 -4.77 -2.37
N SER A 26 -8.22 -3.52 -2.51
CA SER A 26 -6.81 -3.20 -2.73
C SER A 26 -6.48 -1.81 -2.22
N ASP A 27 -5.20 -1.46 -2.27
CA ASP A 27 -4.74 -0.15 -1.82
C ASP A 27 -5.36 0.97 -2.65
N THR A 28 -5.71 0.64 -3.90
CA THR A 28 -6.30 1.61 -4.80
C THR A 28 -7.75 1.91 -4.42
N ASP A 29 -8.39 0.95 -3.76
CA ASP A 29 -9.78 1.10 -3.33
C ASP A 29 -9.89 2.16 -2.24
N CYS A 30 -8.82 2.33 -1.47
CA CYS A 30 -8.80 3.31 -0.39
C CYS A 30 -9.18 4.70 -0.91
N ASN A 31 -8.33 5.27 -1.74
CA ASN A 31 -8.57 6.58 -2.31
C ASN A 31 -7.57 6.90 -3.42
N THR A 32 -6.33 7.19 -3.04
CA THR A 32 -5.29 7.51 -4.00
C THR A 32 -3.89 7.31 -3.39
N ARG A 33 -3.55 8.17 -2.43
CA ARG A 33 -2.26 8.08 -1.78
C ARG A 33 -2.38 7.39 -0.42
N LYS A 34 -3.31 6.45 -0.33
CA LYS A 34 -3.52 5.71 0.91
C LYS A 34 -3.56 4.21 0.64
N PHE A 35 -3.26 3.42 1.67
CA PHE A 35 -3.26 1.97 1.55
C PHE A 35 -4.22 1.34 2.55
N CYS A 36 -4.63 0.11 2.28
CA CYS A 36 -5.55 -0.61 3.15
C CYS A 36 -4.79 -1.61 4.04
N LEU A 37 -4.74 -1.33 5.33
CA LEU A 37 -4.06 -2.20 6.28
C LEU A 37 -5.03 -3.15 6.95
N GLN A 38 -4.75 -4.44 6.85
CA GLN A 38 -5.62 -5.46 7.45
C GLN A 38 -4.94 -6.10 8.66
N PRO A 39 -5.12 -5.49 9.84
CA PRO A 39 -4.54 -5.99 11.08
C PRO A 39 -5.17 -7.29 11.55
N ARG A 40 -4.40 -8.10 12.28
CA ARG A 40 -4.90 -9.37 12.79
C ARG A 40 -5.70 -9.18 14.08
N ASP A 41 -5.17 -8.36 14.97
CA ASP A 41 -5.83 -8.09 16.24
C ASP A 41 -7.00 -7.13 16.05
N GLU A 42 -6.95 -6.35 14.98
CA GLU A 42 -8.00 -5.40 14.68
C GLU A 42 -8.68 -5.71 13.35
N LYS A 43 -9.64 -4.88 12.96
CA LYS A 43 -10.36 -5.08 11.71
C LYS A 43 -9.69 -4.32 10.57
N PRO A 44 -10.01 -4.73 9.33
CA PRO A 44 -9.45 -4.09 8.13
C PRO A 44 -9.99 -2.67 7.91
N PHE A 45 -9.09 -1.72 7.76
CA PHE A 45 -9.48 -0.33 7.55
C PHE A 45 -8.48 0.38 6.64
N CYS A 46 -8.81 1.61 6.23
CA CYS A 46 -7.96 2.40 5.36
C CYS A 46 -6.94 3.19 6.18
N ALA A 47 -5.66 2.99 5.88
CA ALA A 47 -4.59 3.68 6.58
C ALA A 47 -4.01 4.81 5.72
N THR A 48 -3.36 5.77 6.36
CA THR A 48 -2.77 6.90 5.66
C THR A 48 -1.26 6.70 5.50
N CYS A 49 -0.64 7.58 4.71
CA CYS A 49 0.80 7.52 4.48
C CYS A 49 1.57 7.81 5.76
N ARG A 50 2.61 7.02 6.02
CA ARG A 50 3.43 7.18 7.21
C ARG A 50 4.62 8.09 6.91
N GLY A 51 5.50 8.26 7.91
CA GLY A 51 6.67 9.09 7.73
C GLY A 51 7.90 8.29 7.35
N LEU A 52 9.06 8.91 7.48
CA LEU A 52 10.33 8.25 7.15
C LEU A 52 10.86 7.47 8.35
N ARG A 53 10.46 7.88 9.54
CA ARG A 53 10.92 7.22 10.76
C ARG A 53 10.07 5.97 11.04
N ARG A 54 8.84 5.98 10.54
CA ARG A 54 7.93 4.84 10.74
C ARG A 54 8.55 3.55 10.22
N ARG A 55 8.51 2.51 11.04
CA ARG A 55 9.06 1.22 10.66
C ARG A 55 8.10 0.45 9.77
N CYS A 56 8.63 -0.17 8.72
CA CYS A 56 7.81 -0.93 7.79
C CYS A 56 8.44 -2.30 7.53
N GLN A 57 7.61 -3.22 7.03
CA GLN A 57 8.08 -4.58 6.73
C GLN A 57 8.01 -4.87 5.23
N ARG A 58 7.11 -4.17 4.54
CA ARG A 58 6.93 -4.36 3.11
C ARG A 58 6.59 -3.04 2.44
N ASP A 59 6.97 -2.90 1.17
CA ASP A 59 6.71 -1.69 0.41
C ASP A 59 5.22 -1.38 0.40
N ALA A 60 4.40 -2.40 0.56
CA ALA A 60 2.95 -2.24 0.58
C ALA A 60 2.48 -1.55 1.87
N MET A 61 3.20 -1.83 2.96
CA MET A 61 2.87 -1.25 4.25
C MET A 61 3.04 0.26 4.23
N CYS A 62 4.02 0.73 3.46
CA CYS A 62 4.30 2.16 3.35
C CYS A 62 3.62 2.75 2.11
N CYS A 63 3.16 3.98 2.23
CA CYS A 63 2.50 4.67 1.12
C CYS A 63 3.35 4.60 -0.14
N PRO A 64 2.69 4.73 -1.30
CA PRO A 64 3.37 4.69 -2.60
C PRO A 64 4.23 5.92 -2.85
N GLY A 65 5.53 5.71 -3.02
CA GLY A 65 6.44 6.81 -3.25
C GLY A 65 7.76 6.66 -2.52
N THR A 66 7.76 5.80 -1.50
CA THR A 66 8.96 5.57 -0.72
C THR A 66 9.42 4.12 -0.84
N LEU A 67 10.58 3.82 -0.28
CA LEU A 67 11.14 2.47 -0.34
C LEU A 67 11.39 1.93 1.07
N CYS A 68 10.97 0.68 1.31
CA CYS A 68 11.16 0.05 2.61
C CYS A 68 12.60 -0.41 2.79
N VAL A 69 13.39 0.40 3.49
CA VAL A 69 14.78 0.07 3.74
C VAL A 69 15.04 -0.15 5.23
N ASN A 70 15.81 -1.19 5.54
CA ASN A 70 16.13 -1.51 6.93
C ASN A 70 14.86 -1.61 7.77
N ASP A 71 13.79 -2.12 7.17
CA ASP A 71 12.52 -2.27 7.85
C ASP A 71 11.97 -0.91 8.28
N VAL A 72 12.24 0.11 7.48
CA VAL A 72 11.77 1.46 7.77
C VAL A 72 11.50 2.23 6.48
N CYS A 73 10.49 3.10 6.52
CA CYS A 73 10.13 3.90 5.35
C CYS A 73 11.27 4.85 4.98
N THR A 74 11.96 4.55 3.90
CA THR A 74 13.06 5.37 3.43
C THR A 74 12.77 5.97 2.06
N THR A 75 12.84 7.29 1.97
CA THR A 75 12.58 7.99 0.72
C THR A 75 13.41 7.41 -0.42
N MET A 76 12.90 7.52 -1.65
CA MET A 76 13.60 7.00 -2.82
C MET A 76 14.81 7.87 -3.14
N GLU A 77 14.68 9.17 -2.92
CA GLU A 77 15.77 10.10 -3.19
C GLU A 77 16.94 9.88 -2.24
N ASP A 78 16.62 9.44 -1.02
CA ASP A 78 17.65 9.18 -0.02
C ASP A 78 18.33 7.84 -0.27
N ALA A 79 17.52 6.80 -0.48
CA ALA A 79 18.05 5.47 -0.73
C ALA A 79 19.02 5.48 -1.91
N THR A 80 20.00 4.59 -1.87
CA THR A 80 21.00 4.49 -2.93
C THR A 80 20.93 3.14 -3.62
N GLU A 81 21.26 2.08 -2.89
CA GLU A 81 21.24 0.73 -3.43
C GLU A 81 20.19 -0.12 -2.73
N ASN A 82 19.51 -0.97 -3.50
CA ASN A 82 18.48 -1.85 -2.95
C ASN A 82 19.08 -3.16 -2.48
N LEU A 83 19.75 -3.87 -3.38
CA LEU A 83 20.37 -5.15 -3.06
C LEU A 83 21.82 -4.95 -2.62
N TYR A 84 22.33 -5.90 -1.85
CA TYR A 84 23.70 -5.83 -1.35
C TYR A 84 24.37 -7.21 -1.43
N PHE A 85 25.62 -7.23 -1.88
CA PHE A 85 26.37 -8.47 -1.99
C PHE A 85 27.41 -8.58 -0.89
N GLN A 86 27.29 -9.62 -0.07
CA GLN A 86 28.22 -9.84 1.02
C GLN A 86 28.13 -11.27 1.54
N SER A 87 28.30 -12.23 0.64
CA SER A 87 28.23 -13.64 1.00
C SER A 87 29.54 -14.35 0.65
N LEU A 88 29.78 -15.49 1.29
CA LEU A 88 30.98 -16.27 1.04
C LEU A 88 30.64 -17.73 0.76
N GLU A 89 31.57 -18.44 0.13
CA GLU A 89 31.36 -19.85 -0.20
C GLU A 89 32.70 -20.56 -0.39
N HIS A 90 32.74 -21.83 -0.02
CA HIS A 90 33.96 -22.63 -0.16
C HIS A 90 33.63 -24.11 -0.21
N HIS A 91 34.50 -24.89 -0.87
CA HIS A 91 34.30 -26.33 -1.00
C HIS A 91 35.58 -27.02 -1.43
N HIS A 92 36.52 -27.16 -0.49
CA HIS A 92 37.80 -27.80 -0.77
C HIS A 92 38.11 -28.87 0.26
N HIS A 93 39.33 -29.39 0.22
CA HIS A 93 39.76 -30.42 1.15
C HIS A 93 38.90 -31.68 1.01
N HIS A 94 39.36 -32.60 0.17
CA HIS A 94 38.63 -33.85 -0.05
C HIS A 94 39.33 -35.02 0.62
N HIS A 95 40.58 -35.28 0.23
CA HIS A 95 41.36 -36.36 0.80
C HIS A 95 42.80 -35.93 1.04
N MET A 1 -51.60 5.15 -49.82
CA MET A 1 -50.63 4.07 -49.83
C MET A 1 -49.72 4.16 -48.61
N LEU A 2 -50.27 3.91 -47.43
CA LEU A 2 -49.51 3.96 -46.19
C LEU A 2 -49.95 2.85 -45.23
N VAL A 3 -49.91 1.62 -45.70
CA VAL A 3 -50.30 0.47 -44.88
C VAL A 3 -49.28 0.21 -43.78
N LEU A 4 -49.75 0.19 -42.54
CA LEU A 4 -48.89 -0.05 -41.39
C LEU A 4 -48.65 -1.54 -41.20
N ASP A 5 -47.46 -1.89 -40.72
CA ASP A 5 -47.11 -3.28 -40.48
C ASP A 5 -46.59 -3.48 -39.06
N PHE A 6 -46.42 -4.73 -38.66
CA PHE A 6 -45.93 -5.05 -37.33
C PHE A 6 -46.88 -4.50 -36.26
N ASN A 7 -46.61 -4.84 -35.00
CA ASN A 7 -47.43 -4.40 -33.89
C ASN A 7 -46.75 -4.68 -32.56
N ASN A 8 -47.38 -4.26 -31.47
CA ASN A 8 -46.85 -4.46 -30.13
C ASN A 8 -45.51 -3.73 -29.96
N ILE A 9 -45.58 -2.43 -29.74
CA ILE A 9 -44.38 -1.62 -29.55
C ILE A 9 -43.99 -1.54 -28.09
N ARG A 10 -42.89 -0.83 -27.81
CA ARG A 10 -42.41 -0.67 -26.44
C ARG A 10 -42.05 -2.03 -25.83
N SER A 11 -41.56 -2.00 -24.59
CA SER A 11 -41.18 -3.23 -23.89
C SER A 11 -40.92 -2.95 -22.42
N SER A 12 -40.48 -3.98 -21.71
CA SER A 12 -40.20 -3.85 -20.28
C SER A 12 -38.70 -3.90 -20.02
N ALA A 13 -38.33 -3.98 -18.75
CA ALA A 13 -36.93 -4.05 -18.36
C ALA A 13 -36.69 -5.12 -17.30
N ASP A 14 -37.22 -4.90 -16.11
CA ASP A 14 -37.06 -5.86 -15.02
C ASP A 14 -35.59 -6.02 -14.65
N LEU A 15 -35.34 -6.77 -13.57
CA LEU A 15 -33.98 -7.01 -13.12
C LEU A 15 -33.29 -5.71 -12.77
N HIS A 16 -31.99 -5.79 -12.45
CA HIS A 16 -31.21 -4.60 -12.11
C HIS A 16 -29.73 -4.92 -12.12
N GLY A 17 -29.32 -5.86 -11.26
CA GLY A 17 -27.92 -6.23 -11.18
C GLY A 17 -27.61 -7.01 -9.92
N ALA A 18 -26.40 -6.80 -9.39
CA ALA A 18 -25.97 -7.49 -8.17
C ALA A 18 -24.75 -6.82 -7.56
N ARG A 19 -24.82 -6.56 -6.26
CA ARG A 19 -23.72 -5.91 -5.55
C ARG A 19 -23.29 -6.74 -4.34
N LYS A 20 -21.99 -6.86 -4.14
CA LYS A 20 -21.45 -7.63 -3.02
C LYS A 20 -21.46 -6.80 -1.75
N GLY A 21 -21.03 -7.41 -0.65
CA GLY A 21 -21.00 -6.71 0.62
C GLY A 21 -19.66 -6.83 1.32
N SER A 22 -18.67 -6.09 0.83
CA SER A 22 -17.34 -6.12 1.41
C SER A 22 -16.81 -4.70 1.65
N GLN A 23 -15.61 -4.61 2.21
CA GLN A 23 -14.99 -3.31 2.48
C GLN A 23 -14.13 -2.86 1.31
N CYS A 24 -13.13 -3.66 0.97
CA CYS A 24 -12.23 -3.34 -0.12
C CYS A 24 -11.69 -4.61 -0.78
N LEU A 25 -11.50 -4.56 -2.09
CA LEU A 25 -10.99 -5.71 -2.83
C LEU A 25 -9.47 -5.63 -2.97
N SER A 26 -8.95 -4.41 -2.99
CA SER A 26 -7.51 -4.20 -3.13
C SER A 26 -7.08 -2.94 -2.38
N ASP A 27 -5.76 -2.74 -2.29
CA ASP A 27 -5.22 -1.57 -1.61
C ASP A 27 -5.54 -0.29 -2.38
N THR A 28 -5.71 -0.43 -3.69
CA THR A 28 -6.02 0.73 -4.54
C THR A 28 -7.52 1.01 -4.56
N ASP A 29 -8.27 0.24 -3.77
CA ASP A 29 -9.72 0.42 -3.69
C ASP A 29 -10.07 1.74 -3.04
N CYS A 30 -9.20 2.22 -2.15
CA CYS A 30 -9.42 3.48 -1.45
C CYS A 30 -9.15 4.67 -2.37
N ASN A 31 -10.01 5.68 -2.29
CA ASN A 31 -9.86 6.87 -3.11
C ASN A 31 -8.51 7.54 -2.87
N THR A 32 -8.15 7.70 -1.61
CA THR A 32 -6.88 8.32 -1.24
C THR A 32 -5.70 7.42 -1.59
N ARG A 33 -4.51 7.87 -1.27
CA ARG A 33 -3.30 7.11 -1.54
C ARG A 33 -2.89 6.28 -0.33
N LYS A 34 -3.84 5.54 0.23
CA LYS A 34 -3.58 4.71 1.39
C LYS A 34 -3.87 3.24 1.08
N PHE A 35 -3.41 2.35 1.97
CA PHE A 35 -3.63 0.92 1.80
C PHE A 35 -4.72 0.42 2.73
N CYS A 36 -5.21 -0.79 2.45
CA CYS A 36 -6.27 -1.39 3.26
C CYS A 36 -5.67 -2.21 4.41
N LEU A 37 -5.53 -1.58 5.57
CA LEU A 37 -4.99 -2.26 6.74
C LEU A 37 -6.05 -3.09 7.45
N GLN A 38 -5.78 -4.39 7.59
CA GLN A 38 -6.72 -5.29 8.25
C GLN A 38 -6.09 -5.90 9.50
N PRO A 39 -6.23 -5.20 10.64
CA PRO A 39 -5.69 -5.65 11.92
C PRO A 39 -6.43 -6.87 12.47
N ARG A 40 -5.73 -7.67 13.27
CA ARG A 40 -6.33 -8.87 13.85
C ARG A 40 -7.11 -8.53 15.12
N ASP A 41 -6.67 -7.47 15.80
CA ASP A 41 -7.33 -7.04 17.03
C ASP A 41 -8.46 -6.06 16.72
N GLU A 42 -8.38 -5.41 15.58
CA GLU A 42 -9.40 -4.45 15.16
C GLU A 42 -10.03 -4.84 13.83
N LYS A 43 -10.97 -4.03 13.36
CA LYS A 43 -11.63 -4.30 12.09
C LYS A 43 -10.87 -3.68 10.92
N PRO A 44 -11.06 -4.24 9.72
CA PRO A 44 -10.38 -3.77 8.51
C PRO A 44 -10.92 -2.40 8.06
N PHE A 45 -10.00 -1.53 7.65
CA PHE A 45 -10.37 -0.19 7.20
C PHE A 45 -9.19 0.50 6.53
N CYS A 46 -9.43 1.73 6.06
CA CYS A 46 -8.38 2.50 5.40
C CYS A 46 -7.52 3.24 6.43
N ALA A 47 -6.23 2.92 6.44
CA ALA A 47 -5.29 3.56 7.36
C ALA A 47 -4.18 4.28 6.61
N THR A 48 -3.82 5.47 7.10
CA THR A 48 -2.77 6.26 6.47
C THR A 48 -1.41 5.61 6.65
N CYS A 49 -0.59 5.66 5.60
CA CYS A 49 0.75 5.07 5.64
C CYS A 49 1.56 5.67 6.78
N ARG A 50 2.59 4.93 7.20
CA ARG A 50 3.46 5.39 8.28
C ARG A 50 4.39 6.50 7.81
N GLY A 51 5.13 7.09 8.75
CA GLY A 51 6.05 8.15 8.41
C GLY A 51 7.35 7.63 7.84
N LEU A 52 8.24 8.54 7.44
CA LEU A 52 9.53 8.16 6.88
C LEU A 52 10.44 7.58 7.94
N ARG A 53 10.23 7.97 9.19
CA ARG A 53 11.03 7.48 10.30
C ARG A 53 10.40 6.25 10.93
N ARG A 54 9.40 5.68 10.25
CA ARG A 54 8.70 4.51 10.74
C ARG A 54 9.23 3.24 10.06
N ARG A 55 9.08 2.11 10.74
CA ARG A 55 9.54 0.83 10.21
C ARG A 55 8.55 0.28 9.18
N CYS A 56 9.05 -0.54 8.27
CA CYS A 56 8.20 -1.14 7.24
C CYS A 56 8.67 -2.54 6.89
N GLN A 57 7.80 -3.32 6.26
CA GLN A 57 8.13 -4.69 5.87
C GLN A 57 8.23 -4.81 4.35
N ARG A 58 7.53 -3.93 3.65
CA ARG A 58 7.54 -3.94 2.19
C ARG A 58 7.83 -2.55 1.63
N ASP A 59 8.10 -2.49 0.33
CA ASP A 59 8.39 -1.23 -0.32
C ASP A 59 7.12 -0.40 -0.53
N ALA A 60 6.08 -1.06 -1.05
CA ALA A 60 4.81 -0.40 -1.29
C ALA A 60 4.01 -0.23 0.01
N MET A 61 4.30 -1.09 0.98
CA MET A 61 3.62 -1.04 2.26
C MET A 61 3.70 0.36 2.87
N CYS A 62 4.77 1.08 2.54
CA CYS A 62 4.97 2.43 3.05
C CYS A 62 4.28 3.46 2.16
N CYS A 63 4.49 4.74 2.46
CA CYS A 63 3.89 5.81 1.68
C CYS A 63 4.35 5.76 0.22
N PRO A 64 3.55 6.35 -0.67
CA PRO A 64 3.85 6.37 -2.11
C PRO A 64 5.04 7.27 -2.42
N GLY A 65 6.08 6.67 -2.99
CA GLY A 65 7.27 7.43 -3.35
C GLY A 65 8.42 7.19 -2.38
N THR A 66 8.34 6.09 -1.64
CA THR A 66 9.38 5.75 -0.67
C THR A 66 9.82 4.31 -0.82
N LEU A 67 10.99 3.99 -0.30
CA LEU A 67 11.53 2.63 -0.38
C LEU A 67 11.85 2.09 1.02
N CYS A 68 11.57 0.81 1.23
CA CYS A 68 11.83 0.17 2.51
C CYS A 68 13.30 -0.23 2.63
N VAL A 69 14.08 0.59 3.31
CA VAL A 69 15.50 0.33 3.49
C VAL A 69 15.79 -0.10 4.93
N ASN A 70 16.43 -1.24 5.08
CA ASN A 70 16.78 -1.75 6.42
C ASN A 70 15.53 -1.86 7.29
N ASP A 71 14.43 -2.32 6.69
CA ASP A 71 13.18 -2.46 7.42
C ASP A 71 12.67 -1.12 7.91
N VAL A 72 13.11 -0.05 7.25
CA VAL A 72 12.69 1.30 7.62
C VAL A 72 12.40 2.14 6.39
N CYS A 73 11.32 2.91 6.44
CA CYS A 73 10.92 3.76 5.33
C CYS A 73 12.02 4.75 4.98
N THR A 74 12.31 4.89 3.69
CA THR A 74 13.34 5.80 3.22
C THR A 74 13.06 6.26 1.80
N THR A 75 12.76 7.56 1.66
CA THR A 75 12.48 8.13 0.35
C THR A 75 13.56 7.80 -0.66
N MET A 76 13.16 7.57 -1.91
CA MET A 76 14.10 7.23 -2.97
C MET A 76 15.16 8.32 -3.12
N GLU A 77 14.75 9.57 -2.90
CA GLU A 77 15.67 10.70 -3.01
C GLU A 77 16.89 10.50 -2.14
N ASP A 78 16.68 9.89 -0.97
CA ASP A 78 17.77 9.63 -0.04
C ASP A 78 18.36 8.23 -0.24
N ALA A 79 17.50 7.30 -0.67
CA ALA A 79 17.92 5.93 -0.89
C ALA A 79 18.78 5.82 -2.16
N THR A 80 19.20 4.61 -2.47
CA THR A 80 20.04 4.37 -3.65
C THR A 80 21.31 5.20 -3.60
N GLU A 81 22.22 4.84 -2.71
CA GLU A 81 23.48 5.56 -2.57
C GLU A 81 24.52 5.04 -3.56
N ASN A 82 24.45 5.53 -4.79
CA ASN A 82 25.38 5.12 -5.84
C ASN A 82 26.50 6.13 -6.01
N LEU A 83 27.43 5.85 -6.91
CA LEU A 83 28.55 6.74 -7.17
C LEU A 83 28.27 7.62 -8.38
N TYR A 84 29.18 8.56 -8.66
CA TYR A 84 29.03 9.47 -9.78
C TYR A 84 30.24 9.39 -10.70
N PHE A 85 30.78 8.18 -10.88
CA PHE A 85 31.94 7.98 -11.73
C PHE A 85 33.08 8.91 -11.34
N GLN A 86 34.13 8.93 -12.16
CA GLN A 86 35.29 9.78 -11.90
C GLN A 86 35.21 11.06 -12.71
N SER A 87 35.37 10.93 -14.03
CA SER A 87 35.32 12.08 -14.92
C SER A 87 35.46 11.64 -16.38
N LEU A 88 36.49 10.86 -16.66
CA LEU A 88 36.73 10.36 -18.02
C LEU A 88 37.56 9.09 -17.99
N GLU A 89 37.91 8.59 -19.18
CA GLU A 89 38.71 7.38 -19.29
C GLU A 89 39.71 7.49 -20.44
N HIS A 90 40.98 7.24 -20.13
CA HIS A 90 42.03 7.31 -21.14
C HIS A 90 42.10 6.01 -21.94
N HIS A 91 43.04 5.96 -22.88
CA HIS A 91 43.22 4.77 -23.71
C HIS A 91 44.54 4.82 -24.46
N HIS A 92 44.99 3.67 -24.95
CA HIS A 92 46.25 3.59 -25.69
C HIS A 92 46.00 3.17 -27.13
N HIS A 93 47.09 2.91 -27.86
CA HIS A 93 46.99 2.50 -29.25
C HIS A 93 47.88 1.29 -29.53
N HIS A 94 47.30 0.10 -29.45
CA HIS A 94 48.04 -1.14 -29.70
C HIS A 94 48.38 -1.28 -31.18
N HIS A 95 49.26 -2.23 -31.48
CA HIS A 95 49.68 -2.47 -32.85
C HIS A 95 49.85 -3.97 -33.12
N MET A 1 -0.45 -21.90 -11.57
CA MET A 1 0.87 -21.68 -11.01
C MET A 1 1.38 -20.27 -11.31
N LEU A 2 0.59 -19.28 -10.93
CA LEU A 2 0.95 -17.88 -11.17
C LEU A 2 1.15 -17.62 -12.65
N VAL A 3 0.40 -18.33 -13.49
CA VAL A 3 0.49 -18.17 -14.93
C VAL A 3 -0.46 -17.08 -15.42
N LEU A 4 0.00 -16.30 -16.40
CA LEU A 4 -0.80 -15.22 -16.96
C LEU A 4 -2.13 -15.75 -17.50
N ASP A 5 -3.18 -14.94 -17.37
CA ASP A 5 -4.50 -15.33 -17.85
C ASP A 5 -5.49 -14.17 -17.72
N PHE A 6 -5.07 -13.00 -18.21
CA PHE A 6 -5.91 -11.81 -18.15
C PHE A 6 -5.74 -10.95 -19.40
N ASN A 7 -6.84 -10.40 -19.90
CA ASN A 7 -6.80 -9.56 -21.08
C ASN A 7 -8.02 -8.66 -21.15
N ASN A 8 -7.97 -7.66 -22.03
CA ASN A 8 -9.08 -6.72 -22.19
C ASN A 8 -9.92 -7.07 -23.42
N ILE A 9 -10.89 -7.96 -23.23
CA ILE A 9 -11.76 -8.38 -24.32
C ILE A 9 -13.21 -7.99 -24.05
N ARG A 10 -13.68 -6.96 -24.76
CA ARG A 10 -15.05 -6.49 -24.60
C ARG A 10 -15.98 -7.16 -25.61
N SER A 11 -17.28 -6.95 -25.43
CA SER A 11 -18.28 -7.54 -26.32
C SER A 11 -19.65 -6.91 -26.10
N SER A 12 -20.66 -7.47 -26.74
CA SER A 12 -22.02 -6.97 -26.62
C SER A 12 -22.47 -6.97 -25.15
N ALA A 13 -22.62 -8.16 -24.59
CA ALA A 13 -23.04 -8.30 -23.21
C ALA A 13 -21.83 -8.31 -22.26
N ASP A 14 -21.96 -7.63 -21.13
CA ASP A 14 -20.89 -7.57 -20.15
C ASP A 14 -21.44 -7.76 -18.73
N LEU A 15 -20.88 -8.73 -18.03
CA LEU A 15 -21.32 -9.02 -16.66
C LEU A 15 -21.05 -7.83 -15.74
N HIS A 16 -22.11 -7.14 -15.35
CA HIS A 16 -22.00 -5.99 -14.47
C HIS A 16 -23.20 -5.89 -13.54
N GLY A 17 -23.26 -6.78 -12.56
CA GLY A 17 -24.37 -6.76 -11.61
C GLY A 17 -24.06 -7.56 -10.35
N ALA A 18 -23.06 -7.10 -9.60
CA ALA A 18 -22.66 -7.77 -8.37
C ALA A 18 -22.30 -6.75 -7.29
N ARG A 19 -22.73 -7.01 -6.07
CA ARG A 19 -22.46 -6.13 -4.95
C ARG A 19 -22.11 -6.91 -3.69
N LYS A 20 -21.01 -7.66 -3.76
CA LYS A 20 -20.56 -8.46 -2.63
C LYS A 20 -19.32 -7.86 -1.98
N GLY A 21 -19.50 -7.23 -0.82
CA GLY A 21 -18.39 -6.62 -0.12
C GLY A 21 -18.72 -6.28 1.32
N SER A 22 -17.70 -5.97 2.10
CA SER A 22 -17.89 -5.64 3.51
C SER A 22 -17.36 -4.23 3.81
N GLN A 23 -16.07 -4.03 3.56
CA GLN A 23 -15.44 -2.74 3.80
C GLN A 23 -14.61 -2.30 2.60
N CYS A 24 -13.57 -3.07 2.29
CA CYS A 24 -12.69 -2.76 1.17
C CYS A 24 -12.18 -4.04 0.52
N LEU A 25 -11.97 -3.99 -0.80
CA LEU A 25 -11.48 -5.14 -1.54
C LEU A 25 -9.95 -5.12 -1.63
N SER A 26 -9.38 -3.94 -1.58
CA SER A 26 -7.93 -3.78 -1.65
C SER A 26 -7.51 -2.37 -1.25
N ASP A 27 -6.21 -2.10 -1.31
CA ASP A 27 -5.68 -0.79 -0.96
C ASP A 27 -6.22 0.29 -1.90
N THR A 28 -6.59 -0.11 -3.11
CA THR A 28 -7.12 0.82 -4.09
C THR A 28 -8.56 1.19 -3.78
N ASP A 29 -9.24 0.31 -3.07
CA ASP A 29 -10.64 0.54 -2.70
C ASP A 29 -10.75 1.69 -1.68
N CYS A 30 -9.69 1.87 -0.90
CA CYS A 30 -9.66 2.93 0.11
C CYS A 30 -10.01 4.27 -0.50
N ASN A 31 -9.09 4.82 -1.28
CA ASN A 31 -9.30 6.12 -1.92
C ASN A 31 -8.37 6.28 -3.12
N THR A 32 -7.09 6.52 -2.85
CA THR A 32 -6.11 6.70 -3.90
C THR A 32 -4.70 6.73 -3.35
N ARG A 33 -4.53 7.38 -2.20
CA ARG A 33 -3.23 7.48 -1.55
C ARG A 33 -3.26 6.87 -0.15
N LYS A 34 -3.95 5.74 -0.03
CA LYS A 34 -4.05 5.05 1.26
C LYS A 34 -4.22 3.55 1.05
N PHE A 35 -3.85 2.77 2.07
CA PHE A 35 -3.96 1.32 2.00
C PHE A 35 -4.86 0.79 3.11
N CYS A 36 -5.55 -0.31 2.83
CA CYS A 36 -6.46 -0.92 3.79
C CYS A 36 -5.70 -1.82 4.76
N LEU A 37 -5.42 -1.30 5.95
CA LEU A 37 -4.70 -2.05 6.97
C LEU A 37 -5.61 -3.07 7.64
N GLN A 38 -5.25 -4.34 7.51
CA GLN A 38 -6.03 -5.42 8.11
C GLN A 38 -5.30 -6.04 9.29
N PRO A 39 -5.52 -5.47 10.49
CA PRO A 39 -4.88 -5.95 11.72
C PRO A 39 -5.43 -7.30 12.16
N ARG A 40 -4.60 -8.07 12.86
CA ARG A 40 -5.00 -9.39 13.34
C ARG A 40 -5.76 -9.27 14.66
N ASP A 41 -5.34 -8.33 15.49
CA ASP A 41 -5.99 -8.11 16.79
C ASP A 41 -7.24 -7.26 16.64
N GLU A 42 -7.28 -6.47 15.57
CA GLU A 42 -8.41 -5.59 15.32
C GLU A 42 -9.07 -5.93 13.98
N LYS A 43 -10.10 -5.16 13.62
CA LYS A 43 -10.81 -5.37 12.37
C LYS A 43 -10.19 -4.58 11.23
N PRO A 44 -10.39 -5.05 9.99
CA PRO A 44 -9.85 -4.39 8.80
C PRO A 44 -10.54 -3.06 8.51
N PHE A 45 -9.74 -2.03 8.28
CA PHE A 45 -10.27 -0.70 7.99
C PHE A 45 -9.31 0.10 7.11
N CYS A 46 -9.70 1.33 6.79
CA CYS A 46 -8.87 2.19 5.96
C CYS A 46 -7.99 3.08 6.81
N ALA A 47 -6.67 2.96 6.65
CA ALA A 47 -5.73 3.77 7.41
C ALA A 47 -4.96 4.73 6.50
N THR A 48 -4.35 5.74 7.10
CA THR A 48 -3.59 6.73 6.35
C THR A 48 -2.22 6.19 5.96
N CYS A 49 -1.52 6.93 5.11
CA CYS A 49 -0.19 6.53 4.67
C CYS A 49 0.83 6.66 5.80
N ARG A 50 2.05 6.21 5.53
CA ARG A 50 3.12 6.27 6.53
C ARG A 50 4.16 7.31 6.16
N GLY A 51 4.97 7.71 7.14
CA GLY A 51 6.00 8.70 6.88
C GLY A 51 7.37 8.08 6.69
N LEU A 52 8.41 8.89 6.84
CA LEU A 52 9.77 8.41 6.67
C LEU A 52 10.21 7.56 7.86
N ARG A 53 10.15 8.16 9.04
CA ARG A 53 10.54 7.46 10.27
C ARG A 53 9.65 6.25 10.51
N ARG A 54 8.43 6.31 9.98
CA ARG A 54 7.48 5.21 10.14
C ARG A 54 8.10 3.88 9.71
N ARG A 55 7.85 2.84 10.48
CA ARG A 55 8.38 1.51 10.18
C ARG A 55 7.53 0.81 9.13
N CYS A 56 8.18 -0.01 8.31
CA CYS A 56 7.48 -0.75 7.26
C CYS A 56 8.15 -2.09 7.00
N GLN A 57 7.55 -2.89 6.13
CA GLN A 57 8.08 -4.21 5.80
C GLN A 57 8.24 -4.37 4.29
N ARG A 58 7.28 -3.82 3.54
CA ARG A 58 7.31 -3.92 2.09
C ARG A 58 7.51 -2.53 1.47
N ASP A 59 7.82 -2.51 0.17
CA ASP A 59 8.04 -1.26 -0.54
C ASP A 59 6.72 -0.54 -0.80
N ALA A 60 5.81 -1.24 -1.48
CA ALA A 60 4.49 -0.67 -1.79
C ALA A 60 3.76 -0.24 -0.53
N MET A 61 4.10 -0.87 0.59
CA MET A 61 3.47 -0.55 1.87
C MET A 61 3.67 0.92 2.22
N CYS A 62 4.73 1.51 1.69
CA CYS A 62 5.03 2.91 1.95
C CYS A 62 4.55 3.80 0.80
N CYS A 63 4.28 5.06 1.11
CA CYS A 63 3.80 6.00 0.10
C CYS A 63 4.73 6.02 -1.11
N PRO A 64 4.23 6.52 -2.24
CA PRO A 64 5.00 6.60 -3.48
C PRO A 64 6.11 7.64 -3.41
N GLY A 65 7.30 7.27 -3.87
CA GLY A 65 8.43 8.18 -3.85
C GLY A 65 9.50 7.74 -2.87
N THR A 66 9.13 6.88 -1.93
CA THR A 66 10.07 6.40 -0.92
C THR A 66 10.28 4.90 -1.05
N LEU A 67 11.20 4.37 -0.27
CA LEU A 67 11.50 2.93 -0.30
C LEU A 67 11.52 2.36 1.12
N CYS A 68 11.33 1.05 1.21
CA CYS A 68 11.33 0.37 2.51
C CYS A 68 12.66 -0.32 2.77
N VAL A 69 13.48 0.29 3.62
CA VAL A 69 14.79 -0.26 3.95
C VAL A 69 14.95 -0.42 5.46
N ASN A 70 15.61 -1.50 5.87
CA ASN A 70 15.83 -1.77 7.29
C ASN A 70 14.51 -1.86 8.04
N ASP A 71 13.48 -2.34 7.35
CA ASP A 71 12.16 -2.48 7.96
C ASP A 71 11.58 -1.12 8.32
N VAL A 72 12.05 -0.09 7.63
CA VAL A 72 11.58 1.27 7.89
C VAL A 72 11.59 2.11 6.61
N CYS A 73 10.68 3.06 6.51
CA CYS A 73 10.58 3.93 5.35
C CYS A 73 11.82 4.82 5.24
N THR A 74 12.24 5.09 4.00
CA THR A 74 13.42 5.92 3.76
C THR A 74 13.29 6.66 2.43
N THR A 75 14.04 7.75 2.29
CA THR A 75 14.01 8.54 1.07
C THR A 75 14.63 7.78 -0.09
N MET A 76 14.31 8.20 -1.31
CA MET A 76 14.83 7.56 -2.51
C MET A 76 16.32 7.85 -2.69
N GLU A 77 16.76 8.99 -2.16
CA GLU A 77 18.16 9.39 -2.27
C GLU A 77 19.03 8.55 -1.34
N ASP A 78 18.47 8.17 -0.19
CA ASP A 78 19.19 7.36 0.78
C ASP A 78 19.21 5.89 0.37
N ALA A 79 18.05 5.38 -0.04
CA ALA A 79 17.93 3.99 -0.46
C ALA A 79 18.73 3.74 -1.74
N THR A 80 19.02 2.47 -2.01
CA THR A 80 19.77 2.09 -3.20
C THR A 80 21.17 2.69 -3.17
N GLU A 81 21.79 2.68 -1.99
CA GLU A 81 23.13 3.22 -1.83
C GLU A 81 24.19 2.17 -2.21
N ASN A 82 24.96 2.47 -3.25
CA ASN A 82 25.99 1.55 -3.71
C ASN A 82 27.29 1.76 -2.93
N LEU A 83 28.21 0.81 -3.06
CA LEU A 83 29.49 0.90 -2.36
C LEU A 83 30.28 2.11 -2.83
N TYR A 84 31.38 2.40 -2.14
CA TYR A 84 32.23 3.53 -2.48
C TYR A 84 31.41 4.82 -2.55
N PHE A 85 32.05 5.90 -3.02
CA PHE A 85 31.39 7.19 -3.13
C PHE A 85 31.44 7.69 -4.57
N GLN A 86 30.44 8.47 -4.96
CA GLN A 86 30.36 9.02 -6.30
C GLN A 86 30.75 10.50 -6.32
N SER A 87 31.92 10.79 -5.78
CA SER A 87 32.40 12.17 -5.72
C SER A 87 33.63 12.35 -6.62
N LEU A 88 33.66 13.48 -7.33
CA LEU A 88 34.77 13.78 -8.23
C LEU A 88 35.94 14.39 -7.47
N GLU A 89 37.12 14.39 -8.08
CA GLU A 89 38.31 14.96 -7.46
C GLU A 89 38.93 16.02 -8.35
N HIS A 90 39.62 16.97 -7.73
CA HIS A 90 40.27 18.06 -8.47
C HIS A 90 41.24 18.82 -7.57
N HIS A 91 42.02 19.71 -8.17
CA HIS A 91 42.98 20.51 -7.43
C HIS A 91 42.30 21.65 -6.69
N HIS A 92 43.10 22.51 -6.07
CA HIS A 92 42.56 23.65 -5.33
C HIS A 92 43.55 24.81 -5.32
N HIS A 93 43.06 26.00 -4.98
CA HIS A 93 43.91 27.19 -4.94
C HIS A 93 44.09 27.67 -3.51
N HIS A 94 45.06 28.57 -3.31
CA HIS A 94 45.35 29.12 -1.99
C HIS A 94 45.91 30.53 -2.10
N HIS A 95 46.09 31.17 -0.94
CA HIS A 95 46.62 32.53 -0.91
C HIS A 95 48.12 32.51 -0.61
N MET A 1 -77.12 -15.97 -15.50
CA MET A 1 -75.93 -16.52 -14.87
C MET A 1 -75.66 -15.86 -13.52
N LEU A 2 -74.83 -16.51 -12.71
CA LEU A 2 -74.50 -15.98 -11.40
C LEU A 2 -72.99 -15.81 -11.24
N VAL A 3 -72.41 -15.04 -12.14
CA VAL A 3 -70.96 -14.78 -12.11
C VAL A 3 -70.64 -13.56 -11.25
N LEU A 4 -69.86 -13.78 -10.20
CA LEU A 4 -69.47 -12.70 -9.30
C LEU A 4 -68.15 -12.08 -9.73
N ASP A 5 -67.98 -10.80 -9.44
CA ASP A 5 -66.75 -10.08 -9.79
C ASP A 5 -65.82 -9.97 -8.59
N PHE A 6 -65.20 -11.08 -8.22
CA PHE A 6 -64.28 -11.11 -7.09
C PHE A 6 -62.84 -10.99 -7.55
N ASN A 7 -61.95 -10.66 -6.62
CA ASN A 7 -60.53 -10.52 -6.93
C ASN A 7 -59.67 -11.34 -5.97
N ASN A 8 -58.43 -11.58 -6.35
CA ASN A 8 -57.50 -12.35 -5.53
C ASN A 8 -56.50 -11.44 -4.83
N ILE A 9 -55.97 -11.91 -3.70
CA ILE A 9 -54.99 -11.14 -2.95
C ILE A 9 -53.64 -11.84 -2.90
N ARG A 10 -52.57 -11.06 -2.80
CA ARG A 10 -51.22 -11.61 -2.74
C ARG A 10 -50.77 -11.79 -1.30
N SER A 11 -50.91 -10.73 -0.51
CA SER A 11 -50.50 -10.77 0.90
C SER A 11 -49.03 -11.12 1.03
N SER A 12 -48.20 -10.57 0.14
CA SER A 12 -46.78 -10.83 0.16
C SER A 12 -45.99 -9.60 -0.30
N ALA A 13 -44.73 -9.53 0.11
CA ALA A 13 -43.87 -8.41 -0.25
C ALA A 13 -42.43 -8.87 -0.46
N ASP A 14 -41.58 -7.96 -0.94
CA ASP A 14 -40.18 -8.27 -1.18
C ASP A 14 -39.38 -8.18 0.11
N LEU A 15 -38.36 -9.01 0.23
CA LEU A 15 -37.50 -9.02 1.42
C LEU A 15 -36.09 -8.55 1.08
N HIS A 16 -35.26 -8.39 2.11
CA HIS A 16 -33.89 -7.95 1.93
C HIS A 16 -32.91 -9.00 2.43
N GLY A 17 -31.62 -8.69 2.34
CA GLY A 17 -30.61 -9.62 2.79
C GLY A 17 -29.21 -9.04 2.71
N ALA A 18 -28.80 -8.35 3.76
CA ALA A 18 -27.47 -7.74 3.80
C ALA A 18 -26.39 -8.79 3.99
N ARG A 19 -25.41 -8.80 3.09
CA ARG A 19 -24.32 -9.76 3.16
C ARG A 19 -23.13 -9.18 3.92
N LYS A 20 -22.90 -9.66 5.13
CA LYS A 20 -21.80 -9.19 5.95
C LYS A 20 -20.54 -9.99 5.68
N GLY A 21 -19.46 -9.30 5.33
CA GLY A 21 -18.20 -9.96 5.05
C GLY A 21 -17.00 -9.16 5.51
N SER A 22 -16.36 -8.47 4.57
CA SER A 22 -15.19 -7.66 4.88
C SER A 22 -15.37 -6.24 4.38
N GLN A 23 -14.34 -5.41 4.57
CA GLN A 23 -14.39 -4.02 4.13
C GLN A 23 -13.68 -3.84 2.80
N CYS A 24 -12.38 -4.12 2.77
CA CYS A 24 -11.59 -3.99 1.56
C CYS A 24 -10.85 -5.29 1.24
N LEU A 25 -10.75 -5.62 -0.04
CA LEU A 25 -10.06 -6.84 -0.46
C LEU A 25 -8.60 -6.55 -0.79
N SER A 26 -8.31 -5.30 -1.14
CA SER A 26 -6.94 -4.90 -1.48
C SER A 26 -6.76 -3.40 -1.27
N ASP A 27 -5.51 -2.99 -1.05
CA ASP A 27 -5.19 -1.59 -0.84
C ASP A 27 -5.70 -0.74 -2.00
N THR A 28 -5.81 -1.35 -3.18
CA THR A 28 -6.28 -0.64 -4.36
C THR A 28 -7.75 -0.26 -4.23
N ASP A 29 -8.48 -1.00 -3.40
CA ASP A 29 -9.90 -0.73 -3.17
C ASP A 29 -10.09 0.58 -2.43
N CYS A 30 -9.10 0.95 -1.62
CA CYS A 30 -9.17 2.19 -0.85
C CYS A 30 -9.46 3.38 -1.77
N ASN A 31 -9.87 4.49 -1.15
CA ASN A 31 -10.18 5.70 -1.91
C ASN A 31 -8.99 6.65 -1.94
N THR A 32 -7.79 6.09 -1.77
CA THR A 32 -6.57 6.89 -1.77
C THR A 32 -5.33 6.00 -1.78
N ARG A 33 -4.16 6.62 -1.84
CA ARG A 33 -2.91 5.88 -1.87
C ARG A 33 -2.54 5.37 -0.47
N LYS A 34 -3.41 4.55 0.10
CA LYS A 34 -3.19 3.99 1.42
C LYS A 34 -3.19 2.47 1.38
N PHE A 35 -2.81 1.86 2.50
CA PHE A 35 -2.76 0.40 2.60
C PHE A 35 -3.97 -0.14 3.36
N CYS A 36 -4.39 -1.34 3.01
CA CYS A 36 -5.52 -1.97 3.67
C CYS A 36 -5.13 -2.58 5.01
N LEU A 37 -5.35 -1.83 6.08
CA LEU A 37 -5.01 -2.29 7.42
C LEU A 37 -6.13 -3.15 8.01
N GLN A 38 -5.87 -4.45 8.12
CA GLN A 38 -6.86 -5.37 8.66
C GLN A 38 -6.36 -6.00 9.95
N PRO A 39 -6.63 -5.33 11.09
CA PRO A 39 -6.21 -5.81 12.41
C PRO A 39 -6.99 -7.05 12.84
N ARG A 40 -6.32 -7.92 13.58
CA ARG A 40 -6.95 -9.15 14.07
C ARG A 40 -7.75 -8.89 15.34
N ASP A 41 -7.39 -7.82 16.05
CA ASP A 41 -8.09 -7.47 17.28
C ASP A 41 -9.20 -6.46 16.99
N GLU A 42 -9.07 -5.73 15.89
CA GLU A 42 -10.06 -4.73 15.52
C GLU A 42 -10.63 -5.02 14.13
N LYS A 43 -11.50 -4.14 13.66
CA LYS A 43 -12.12 -4.30 12.34
C LYS A 43 -11.21 -3.74 11.25
N PRO A 44 -11.38 -4.25 10.02
CA PRO A 44 -10.58 -3.83 8.87
C PRO A 44 -10.92 -2.40 8.43
N PHE A 45 -9.90 -1.56 8.32
CA PHE A 45 -10.10 -0.17 7.91
C PHE A 45 -8.96 0.29 7.00
N CYS A 46 -9.04 1.54 6.55
CA CYS A 46 -8.03 2.10 5.67
C CYS A 46 -7.14 3.08 6.42
N ALA A 47 -5.88 2.71 6.62
CA ALA A 47 -4.93 3.57 7.32
C ALA A 47 -3.94 4.20 6.35
N THR A 48 -3.75 5.50 6.48
CA THR A 48 -2.83 6.24 5.61
C THR A 48 -1.41 5.68 5.73
N CYS A 49 -0.53 6.14 4.85
CA CYS A 49 0.86 5.70 4.85
C CYS A 49 1.57 6.12 6.14
N ARG A 50 2.80 5.66 6.31
CA ARG A 50 3.58 5.99 7.50
C ARG A 50 4.69 6.98 7.16
N GLY A 51 5.48 7.34 8.17
CA GLY A 51 6.57 8.28 7.96
C GLY A 51 7.83 7.61 7.48
N LEU A 52 8.96 8.29 7.64
CA LEU A 52 10.25 7.74 7.22
C LEU A 52 10.82 6.81 8.28
N ARG A 53 11.03 7.34 9.48
CA ARG A 53 11.57 6.56 10.58
C ARG A 53 10.72 5.32 10.84
N ARG A 54 9.44 5.40 10.47
CA ARG A 54 8.52 4.29 10.67
C ARG A 54 9.00 3.04 9.93
N ARG A 55 8.71 1.87 10.49
CA ARG A 55 9.12 0.61 9.88
C ARG A 55 8.19 0.23 8.73
N CYS A 56 8.70 -0.57 7.80
CA CYS A 56 7.91 -1.01 6.66
C CYS A 56 8.33 -2.41 6.21
N GLN A 57 7.41 -3.12 5.56
CA GLN A 57 7.68 -4.46 5.09
C GLN A 57 7.67 -4.51 3.57
N ARG A 58 6.93 -3.60 2.95
CA ARG A 58 6.84 -3.53 1.50
C ARG A 58 7.05 -2.11 1.00
N ASP A 59 7.15 -1.96 -0.32
CA ASP A 59 7.35 -0.65 -0.93
C ASP A 59 6.03 0.13 -1.01
N ALA A 60 4.92 -0.61 -1.07
CA ALA A 60 3.61 0.00 -1.15
C ALA A 60 3.15 0.50 0.23
N MET A 61 3.60 -0.18 1.27
CA MET A 61 3.24 0.18 2.64
C MET A 61 3.53 1.65 2.91
N CYS A 62 4.52 2.18 2.21
CA CYS A 62 4.90 3.59 2.37
C CYS A 62 4.32 4.44 1.24
N CYS A 63 4.06 5.71 1.54
CA CYS A 63 3.50 6.63 0.57
C CYS A 63 4.32 6.63 -0.72
N PRO A 64 3.70 7.10 -1.81
CA PRO A 64 4.37 7.16 -3.12
C PRO A 64 5.48 8.21 -3.17
N GLY A 65 6.70 7.76 -3.42
CA GLY A 65 7.82 8.66 -3.49
C GLY A 65 9.01 8.19 -2.66
N THR A 66 8.74 7.28 -1.73
CA THR A 66 9.79 6.75 -0.86
C THR A 66 9.97 5.26 -1.09
N LEU A 67 11.00 4.69 -0.45
CA LEU A 67 11.28 3.26 -0.58
C LEU A 67 11.47 2.62 0.79
N CYS A 68 11.38 1.29 0.84
CA CYS A 68 11.54 0.56 2.08
C CYS A 68 12.94 -0.04 2.18
N VAL A 69 13.74 0.50 3.11
CA VAL A 69 15.11 0.02 3.30
C VAL A 69 15.35 -0.36 4.77
N ASN A 70 15.97 -1.51 4.98
CA ASN A 70 16.26 -1.98 6.33
C ASN A 70 14.99 -2.02 7.17
N ASP A 71 13.88 -2.39 6.55
CA ASP A 71 12.60 -2.47 7.25
C ASP A 71 12.18 -1.10 7.75
N VAL A 72 12.65 -0.05 7.09
CA VAL A 72 12.31 1.31 7.48
C VAL A 72 12.14 2.20 6.26
N CYS A 73 11.12 3.07 6.29
CA CYS A 73 10.84 3.97 5.18
C CYS A 73 11.99 4.95 4.99
N THR A 74 12.26 5.28 3.72
CA THR A 74 13.33 6.21 3.40
C THR A 74 13.05 6.94 2.09
N THR A 75 13.64 8.12 1.94
CA THR A 75 13.45 8.92 0.73
C THR A 75 14.25 8.36 -0.44
N MET A 76 13.86 8.74 -1.65
CA MET A 76 14.54 8.27 -2.85
C MET A 76 15.96 8.83 -2.92
N GLU A 77 16.17 9.99 -2.30
CA GLU A 77 17.47 10.64 -2.29
C GLU A 77 18.41 9.95 -1.29
N ASP A 78 17.82 9.37 -0.26
CA ASP A 78 18.60 8.69 0.77
C ASP A 78 19.06 7.32 0.29
N ALA A 79 18.11 6.53 -0.22
CA ALA A 79 18.42 5.19 -0.72
C ALA A 79 19.34 5.26 -1.92
N THR A 80 20.45 4.52 -1.86
CA THR A 80 21.42 4.50 -2.95
C THR A 80 22.04 5.87 -3.16
N GLU A 81 23.20 6.10 -2.54
CA GLU A 81 23.89 7.38 -2.67
C GLU A 81 25.41 7.18 -2.65
N ASN A 82 26.05 7.51 -3.77
CA ASN A 82 27.51 7.36 -3.88
C ASN A 82 28.19 8.73 -3.88
N LEU A 83 29.51 8.72 -3.96
CA LEU A 83 30.29 9.95 -3.97
C LEU A 83 31.49 9.84 -4.91
N TYR A 84 32.15 10.95 -5.16
CA TYR A 84 33.31 10.98 -6.04
C TYR A 84 34.39 11.91 -5.50
N PHE A 85 35.58 11.83 -6.08
CA PHE A 85 36.70 12.67 -5.66
C PHE A 85 37.57 13.05 -6.85
N GLN A 86 38.62 13.82 -6.59
CA GLN A 86 39.53 14.26 -7.64
C GLN A 86 40.95 14.41 -7.10
N SER A 87 41.94 14.24 -7.98
CA SER A 87 43.33 14.35 -7.59
C SER A 87 43.97 15.59 -8.22
N LEU A 88 44.80 16.27 -7.44
CA LEU A 88 45.48 17.48 -7.93
C LEU A 88 46.96 17.21 -8.16
N GLU A 89 47.55 16.36 -7.31
CA GLU A 89 48.96 16.01 -7.43
C GLU A 89 49.83 17.27 -7.37
N HIS A 90 51.13 17.09 -7.58
CA HIS A 90 52.07 18.21 -7.56
C HIS A 90 52.21 18.83 -8.94
N HIS A 91 52.89 19.97 -9.01
CA HIS A 91 53.09 20.67 -10.27
C HIS A 91 54.57 20.92 -10.51
N HIS A 92 54.89 21.53 -11.66
CA HIS A 92 56.27 21.83 -12.01
C HIS A 92 57.10 20.56 -12.12
N HIS A 93 57.27 20.07 -13.35
CA HIS A 93 58.03 18.85 -13.58
C HIS A 93 59.53 19.10 -13.39
N HIS A 94 60.33 18.05 -13.51
CA HIS A 94 61.77 18.16 -13.36
C HIS A 94 62.41 18.79 -14.59
N HIS A 95 62.08 18.25 -15.76
CA HIS A 95 62.63 18.76 -17.01
C HIS A 95 64.15 18.77 -16.98
N MET A 1 -54.76 19.08 -38.82
CA MET A 1 -54.09 17.81 -38.58
C MET A 1 -54.38 16.80 -39.68
N LEU A 2 -53.47 16.69 -40.64
CA LEU A 2 -53.62 15.77 -41.76
C LEU A 2 -52.85 14.48 -41.51
N VAL A 3 -51.62 14.62 -41.00
CA VAL A 3 -50.78 13.46 -40.73
C VAL A 3 -50.62 13.26 -39.22
N LEU A 4 -50.56 11.99 -38.81
CA LEU A 4 -50.41 11.66 -37.39
C LEU A 4 -48.93 11.61 -37.01
N ASP A 5 -48.64 12.01 -35.77
CA ASP A 5 -47.26 12.01 -35.28
C ASP A 5 -47.22 11.56 -33.82
N PHE A 6 -46.83 10.30 -33.60
CA PHE A 6 -46.75 9.75 -32.26
C PHE A 6 -46.08 8.38 -32.27
N ASN A 7 -44.82 8.34 -31.86
CA ASN A 7 -44.07 7.08 -31.82
C ASN A 7 -42.92 7.16 -30.82
N ASN A 8 -42.32 6.01 -30.52
CA ASN A 8 -41.21 5.95 -29.57
C ASN A 8 -41.62 6.56 -28.24
N ILE A 9 -42.31 5.77 -27.41
CA ILE A 9 -42.74 6.23 -26.10
C ILE A 9 -42.09 5.42 -24.99
N ARG A 10 -41.81 6.06 -23.87
CA ARG A 10 -41.20 5.40 -22.73
C ARG A 10 -39.84 4.79 -23.12
N SER A 11 -39.15 4.24 -22.14
CA SER A 11 -37.85 3.62 -22.37
C SER A 11 -37.63 2.45 -21.43
N SER A 12 -37.18 1.32 -22.00
CA SER A 12 -36.93 0.12 -21.21
C SER A 12 -35.50 0.11 -20.68
N ALA A 13 -35.30 0.73 -19.53
CA ALA A 13 -33.98 0.79 -18.91
C ALA A 13 -33.95 0.00 -17.60
N ASP A 14 -32.92 -0.82 -17.45
CA ASP A 14 -32.77 -1.64 -16.24
C ASP A 14 -31.40 -2.32 -16.21
N LEU A 15 -30.97 -2.70 -15.02
CA LEU A 15 -29.67 -3.36 -14.86
C LEU A 15 -29.51 -3.87 -13.42
N HIS A 16 -29.02 -5.10 -13.30
CA HIS A 16 -28.81 -5.71 -11.99
C HIS A 16 -27.50 -6.48 -11.95
N GLY A 17 -26.70 -6.25 -10.92
CA GLY A 17 -25.43 -6.92 -10.78
C GLY A 17 -25.59 -8.40 -10.46
N ALA A 18 -24.97 -8.84 -9.37
CA ALA A 18 -25.04 -10.24 -8.96
C ALA A 18 -24.64 -10.39 -7.49
N ARG A 19 -23.36 -10.18 -7.21
CA ARG A 19 -22.85 -10.30 -5.85
C ARG A 19 -21.84 -9.20 -5.54
N LYS A 20 -21.45 -9.09 -4.29
CA LYS A 20 -20.50 -8.07 -3.86
C LYS A 20 -20.01 -8.35 -2.43
N GLY A 21 -19.17 -9.38 -2.29
CA GLY A 21 -18.65 -9.72 -0.98
C GLY A 21 -17.30 -9.08 -0.71
N SER A 22 -16.57 -9.64 0.25
CA SER A 22 -15.26 -9.12 0.61
C SER A 22 -15.36 -7.67 1.10
N GLN A 23 -14.24 -7.13 1.57
CA GLN A 23 -14.22 -5.76 2.08
C GLN A 23 -13.45 -4.84 1.13
N CYS A 24 -12.39 -5.38 0.53
CA CYS A 24 -11.56 -4.61 -0.40
C CYS A 24 -10.68 -5.53 -1.23
N LEU A 25 -10.48 -5.18 -2.50
CA LEU A 25 -9.65 -5.97 -3.39
C LEU A 25 -8.18 -5.57 -3.28
N SER A 26 -7.95 -4.31 -2.91
CA SER A 26 -6.60 -3.80 -2.77
C SER A 26 -6.61 -2.34 -2.32
N ASP A 27 -5.43 -1.75 -2.20
CA ASP A 27 -5.30 -0.36 -1.78
C ASP A 27 -6.09 0.56 -2.71
N THR A 28 -6.30 0.11 -3.94
CA THR A 28 -7.05 0.89 -4.92
C THR A 28 -8.43 1.24 -4.41
N ASP A 29 -8.94 0.44 -3.48
CA ASP A 29 -10.26 0.67 -2.89
C ASP A 29 -10.27 1.93 -2.04
N CYS A 30 -9.10 2.30 -1.52
CA CYS A 30 -8.96 3.49 -0.69
C CYS A 30 -8.52 4.69 -1.52
N ASN A 31 -8.95 4.73 -2.78
CA ASN A 31 -8.60 5.82 -3.68
C ASN A 31 -7.12 5.77 -4.04
N THR A 32 -6.27 6.18 -3.09
CA THR A 32 -4.83 6.18 -3.31
C THR A 32 -4.09 6.66 -2.07
N ARG A 33 -2.77 6.50 -2.07
CA ARG A 33 -1.94 6.91 -0.95
C ARG A 33 -2.46 6.30 0.35
N LYS A 34 -3.09 5.13 0.25
CA LYS A 34 -3.63 4.44 1.42
C LYS A 34 -3.69 2.94 1.19
N PHE A 35 -3.36 2.17 2.21
CA PHE A 35 -3.38 0.71 2.12
C PHE A 35 -4.56 0.14 2.91
N CYS A 36 -5.09 -0.97 2.43
CA CYS A 36 -6.22 -1.63 3.08
C CYS A 36 -5.75 -2.41 4.31
N LEU A 37 -5.79 -1.76 5.46
CA LEU A 37 -5.37 -2.40 6.70
C LEU A 37 -6.46 -3.31 7.24
N GLN A 38 -6.18 -4.61 7.28
CA GLN A 38 -7.14 -5.60 7.77
C GLN A 38 -6.53 -6.46 8.87
N PRO A 39 -6.62 -5.98 10.11
CA PRO A 39 -6.07 -6.71 11.27
C PRO A 39 -6.86 -7.97 11.60
N ARG A 40 -6.17 -8.95 12.17
CA ARG A 40 -6.81 -10.22 12.53
C ARG A 40 -7.53 -10.10 13.87
N ASP A 41 -6.90 -9.44 14.82
CA ASP A 41 -7.48 -9.26 16.14
C ASP A 41 -8.53 -8.15 16.13
N GLU A 42 -8.42 -7.25 15.17
CA GLU A 42 -9.37 -6.15 15.05
C GLU A 42 -10.10 -6.20 13.71
N LYS A 43 -10.96 -5.22 13.48
CA LYS A 43 -11.73 -5.15 12.24
C LYS A 43 -10.96 -4.40 11.16
N PRO A 44 -11.36 -4.60 9.89
CA PRO A 44 -10.72 -3.96 8.75
C PRO A 44 -11.01 -2.46 8.69
N PHE A 45 -10.02 -1.68 8.29
CA PHE A 45 -10.17 -0.23 8.20
C PHE A 45 -9.10 0.37 7.30
N CYS A 46 -9.38 1.55 6.75
CA CYS A 46 -8.45 2.22 5.87
C CYS A 46 -7.47 3.08 6.67
N ALA A 47 -6.19 2.74 6.59
CA ALA A 47 -5.16 3.48 7.30
C ALA A 47 -4.25 4.22 6.34
N THR A 48 -3.65 5.31 6.81
CA THR A 48 -2.74 6.10 5.98
C THR A 48 -1.31 5.61 6.10
N CYS A 49 -0.43 6.15 5.27
CA CYS A 49 0.97 5.77 5.27
C CYS A 49 1.71 6.42 6.43
N ARG A 50 2.95 5.99 6.66
CA ARG A 50 3.76 6.55 7.75
C ARG A 50 4.86 7.44 7.19
N GLY A 51 5.52 8.17 8.10
CA GLY A 51 6.59 9.06 7.69
C GLY A 51 7.83 8.31 7.24
N LEU A 52 8.96 9.01 7.19
CA LEU A 52 10.22 8.40 6.79
C LEU A 52 10.87 7.68 7.95
N ARG A 53 11.11 8.40 9.04
CA ARG A 53 11.73 7.82 10.23
C ARG A 53 10.94 6.59 10.71
N ARG A 54 9.65 6.57 10.41
CA ARG A 54 8.79 5.47 10.80
C ARG A 54 9.30 4.14 10.22
N ARG A 55 9.12 3.06 10.97
CA ARG A 55 9.56 1.75 10.55
C ARG A 55 8.56 1.14 9.56
N CYS A 56 9.04 0.25 8.70
CA CYS A 56 8.19 -0.41 7.72
C CYS A 56 8.59 -1.87 7.54
N GLN A 57 7.68 -2.67 7.02
CA GLN A 57 7.93 -4.10 6.80
C GLN A 57 7.88 -4.43 5.31
N ARG A 58 7.14 -3.63 4.55
CA ARG A 58 7.01 -3.85 3.12
C ARG A 58 7.14 -2.53 2.36
N ASP A 59 7.22 -2.63 1.03
CA ASP A 59 7.35 -1.45 0.19
C ASP A 59 6.02 -0.68 0.13
N ALA A 60 4.95 -1.38 -0.21
CA ALA A 60 3.64 -0.77 -0.30
C ALA A 60 3.18 -0.23 1.05
N MET A 61 3.71 -0.82 2.12
CA MET A 61 3.37 -0.39 3.47
C MET A 61 3.56 1.12 3.64
N CYS A 62 4.50 1.67 2.89
CA CYS A 62 4.79 3.09 2.95
C CYS A 62 4.25 3.82 1.72
N CYS A 63 4.02 5.12 1.86
CA CYS A 63 3.50 5.93 0.77
C CYS A 63 4.35 5.75 -0.49
N PRO A 64 3.76 6.10 -1.65
CA PRO A 64 4.44 5.98 -2.94
C PRO A 64 5.58 7.00 -3.09
N GLY A 65 6.60 6.61 -3.85
CA GLY A 65 7.74 7.49 -4.06
C GLY A 65 8.92 7.14 -3.17
N THR A 66 8.65 6.40 -2.10
CA THR A 66 9.69 6.00 -1.16
C THR A 66 9.86 4.48 -1.14
N LEU A 67 10.88 4.02 -0.43
CA LEU A 67 11.15 2.59 -0.33
C LEU A 67 11.44 2.20 1.11
N CYS A 68 11.35 0.90 1.40
CA CYS A 68 11.60 0.39 2.74
C CYS A 68 13.06 -0.05 2.88
N VAL A 69 13.86 0.77 3.56
CA VAL A 69 15.26 0.47 3.77
C VAL A 69 15.58 0.33 5.25
N ASN A 70 16.27 -0.76 5.60
CA ASN A 70 16.64 -1.01 6.99
C ASN A 70 15.40 -1.00 7.89
N ASP A 71 14.30 -1.51 7.38
CA ASP A 71 13.05 -1.55 8.14
C ASP A 71 12.56 -0.14 8.46
N VAL A 72 12.93 0.82 7.61
CA VAL A 72 12.54 2.20 7.81
C VAL A 72 12.20 2.87 6.48
N CYS A 73 11.17 3.71 6.48
CA CYS A 73 10.74 4.41 5.28
C CYS A 73 11.82 5.39 4.81
N THR A 74 12.51 5.02 3.73
CA THR A 74 13.56 5.87 3.18
C THR A 74 13.22 6.33 1.76
N THR A 75 13.36 7.62 1.52
CA THR A 75 13.07 8.19 0.20
C THR A 75 13.98 7.60 -0.87
N MET A 76 13.49 7.57 -2.10
CA MET A 76 14.26 7.03 -3.21
C MET A 76 15.54 7.84 -3.44
N GLU A 77 15.41 9.16 -3.31
CA GLU A 77 16.56 10.04 -3.50
C GLU A 77 17.73 9.63 -2.62
N ASP A 78 17.42 9.08 -1.45
CA ASP A 78 18.44 8.64 -0.52
C ASP A 78 18.86 7.21 -0.81
N ALA A 79 17.88 6.33 -0.97
CA ALA A 79 18.15 4.92 -1.26
C ALA A 79 18.46 4.72 -2.73
N THR A 80 19.74 4.85 -3.08
CA THR A 80 20.17 4.69 -4.46
C THR A 80 21.60 4.15 -4.52
N GLU A 81 22.55 4.98 -4.12
CA GLU A 81 23.97 4.60 -4.13
C GLU A 81 24.74 5.35 -3.06
N ASN A 82 25.96 4.90 -2.79
CA ASN A 82 26.82 5.54 -1.80
C ASN A 82 27.64 6.66 -2.42
N LEU A 83 28.02 7.64 -1.60
CA LEU A 83 28.81 8.76 -2.08
C LEU A 83 30.26 8.63 -1.63
N TYR A 84 31.18 9.00 -2.51
CA TYR A 84 32.61 8.94 -2.21
C TYR A 84 33.38 10.03 -2.93
N PHE A 85 34.70 10.03 -2.77
CA PHE A 85 35.55 11.03 -3.39
C PHE A 85 36.54 10.37 -4.36
N GLN A 86 36.74 11.01 -5.51
CA GLN A 86 37.66 10.49 -6.52
C GLN A 86 39.08 11.02 -6.28
N SER A 87 40.03 10.10 -6.19
CA SER A 87 41.42 10.46 -5.97
C SER A 87 42.03 11.11 -7.21
N LEU A 88 43.29 11.48 -7.12
CA LEU A 88 43.99 12.11 -8.24
C LEU A 88 44.75 11.08 -9.06
N GLU A 89 44.96 11.38 -10.34
CA GLU A 89 45.67 10.47 -11.23
C GLU A 89 46.66 11.24 -12.11
N HIS A 90 47.85 10.69 -12.26
CA HIS A 90 48.89 11.32 -13.08
C HIS A 90 48.98 10.65 -14.45
N HIS A 91 49.79 11.22 -15.33
CA HIS A 91 49.97 10.69 -16.67
C HIS A 91 51.40 10.92 -17.17
N HIS A 92 51.69 10.43 -18.36
CA HIS A 92 53.02 10.58 -18.95
C HIS A 92 53.12 11.88 -19.72
N HIS A 93 54.35 12.37 -19.89
CA HIS A 93 54.59 13.61 -20.61
C HIS A 93 55.62 13.42 -21.72
N HIS A 94 55.44 14.14 -22.83
CA HIS A 94 56.35 14.03 -23.95
C HIS A 94 57.51 15.02 -23.81
N HIS A 95 58.72 14.55 -24.09
CA HIS A 95 59.92 15.38 -23.99
C HIS A 95 60.10 15.89 -22.56
N MET A 1 13.29 -19.88 -43.64
CA MET A 1 13.02 -21.19 -43.08
C MET A 1 11.66 -21.24 -42.39
N LEU A 2 11.28 -20.12 -41.79
CA LEU A 2 10.00 -20.02 -41.09
C LEU A 2 9.42 -18.61 -41.20
N VAL A 3 8.14 -18.48 -40.92
CA VAL A 3 7.47 -17.18 -40.97
C VAL A 3 7.09 -16.70 -39.58
N LEU A 4 7.35 -15.43 -39.31
CA LEU A 4 7.02 -14.84 -38.01
C LEU A 4 5.52 -14.81 -37.79
N ASP A 5 5.09 -15.34 -36.65
CA ASP A 5 3.67 -15.36 -36.31
C ASP A 5 3.48 -15.53 -34.80
N PHE A 6 3.37 -14.40 -34.10
CA PHE A 6 3.18 -14.41 -32.66
C PHE A 6 1.74 -14.09 -32.29
N ASN A 7 1.34 -14.45 -31.07
CA ASN A 7 -0.01 -14.19 -30.60
C ASN A 7 -0.05 -14.11 -29.07
N ASN A 8 -0.89 -13.22 -28.56
CA ASN A 8 -1.02 -13.04 -27.11
C ASN A 8 -2.18 -12.11 -26.79
N ILE A 9 -2.71 -12.23 -25.58
CA ILE A 9 -3.83 -11.40 -25.14
C ILE A 9 -3.45 -9.92 -25.18
N ARG A 10 -4.36 -9.10 -25.68
CA ARG A 10 -4.12 -7.67 -25.78
C ARG A 10 -5.44 -6.90 -25.91
N SER A 11 -5.51 -5.74 -25.26
CA SER A 11 -6.72 -4.92 -25.31
C SER A 11 -7.91 -5.67 -24.70
N SER A 12 -8.15 -5.44 -23.42
CA SER A 12 -9.26 -6.09 -22.72
C SER A 12 -9.84 -5.17 -21.65
N ALA A 13 -8.97 -4.52 -20.90
CA ALA A 13 -9.41 -3.61 -19.84
C ALA A 13 -10.20 -4.35 -18.78
N ASP A 14 -9.57 -5.32 -18.13
CA ASP A 14 -10.22 -6.10 -17.09
C ASP A 14 -9.82 -5.61 -15.70
N LEU A 15 -10.79 -5.54 -14.79
CA LEU A 15 -10.53 -5.08 -13.43
C LEU A 15 -11.67 -5.48 -12.49
N HIS A 16 -12.90 -5.26 -12.95
CA HIS A 16 -14.08 -5.60 -12.16
C HIS A 16 -14.12 -4.78 -10.88
N GLY A 17 -15.19 -4.96 -10.11
CA GLY A 17 -15.34 -4.22 -8.86
C GLY A 17 -16.01 -5.04 -7.78
N ALA A 18 -15.58 -4.84 -6.53
CA ALA A 18 -16.16 -5.57 -5.41
C ALA A 18 -16.07 -4.75 -4.12
N ARG A 19 -17.21 -4.28 -3.65
CA ARG A 19 -17.26 -3.48 -2.43
C ARG A 19 -18.14 -4.16 -1.37
N LYS A 20 -17.55 -4.43 -0.22
CA LYS A 20 -18.27 -5.07 0.87
C LYS A 20 -17.42 -5.10 2.14
N GLY A 21 -17.93 -5.76 3.18
CA GLY A 21 -17.20 -5.85 4.44
C GLY A 21 -17.56 -4.72 5.39
N SER A 22 -16.54 -4.07 5.93
CA SER A 22 -16.75 -2.97 6.87
C SER A 22 -16.28 -1.64 6.27
N GLN A 23 -15.04 -1.61 5.81
CA GLN A 23 -14.47 -0.41 5.22
C GLN A 23 -13.82 -0.72 3.87
N CYS A 24 -12.80 -1.57 3.90
CA CYS A 24 -12.09 -1.95 2.68
C CYS A 24 -11.66 -3.41 2.74
N LEU A 25 -11.72 -4.10 1.60
CA LEU A 25 -11.34 -5.50 1.52
C LEU A 25 -9.99 -5.66 0.83
N SER A 26 -9.65 -4.69 -0.03
CA SER A 26 -8.38 -4.72 -0.75
C SER A 26 -7.85 -3.31 -0.98
N ASP A 27 -6.57 -3.22 -1.31
CA ASP A 27 -5.94 -1.92 -1.56
C ASP A 27 -6.69 -1.14 -2.63
N THR A 28 -7.38 -1.86 -3.50
CA THR A 28 -8.14 -1.24 -4.58
C THR A 28 -9.21 -0.30 -4.03
N ASP A 29 -9.80 -0.67 -2.90
CA ASP A 29 -10.81 0.14 -2.26
C ASP A 29 -10.20 1.35 -1.55
N CYS A 30 -8.97 1.17 -1.09
CA CYS A 30 -8.25 2.24 -0.39
C CYS A 30 -8.03 3.44 -1.30
N ASN A 31 -7.36 4.46 -0.78
CA ASN A 31 -7.07 5.66 -1.56
C ASN A 31 -5.68 5.59 -2.19
N THR A 32 -5.17 4.37 -2.34
CA THR A 32 -3.87 4.16 -2.93
C THR A 32 -2.75 4.57 -1.97
N ARG A 33 -2.65 5.87 -1.73
CA ARG A 33 -1.64 6.41 -0.83
C ARG A 33 -1.72 5.73 0.54
N LYS A 34 -2.91 5.25 0.89
CA LYS A 34 -3.13 4.58 2.17
C LYS A 34 -3.44 3.10 1.96
N PHE A 35 -2.88 2.26 2.83
CA PHE A 35 -3.09 0.82 2.74
C PHE A 35 -4.26 0.40 3.63
N CYS A 36 -4.88 -0.72 3.27
CA CYS A 36 -6.01 -1.24 4.04
C CYS A 36 -5.54 -2.17 5.14
N LEU A 37 -5.40 -1.63 6.35
CA LEU A 37 -4.95 -2.41 7.50
C LEU A 37 -6.10 -3.23 8.08
N GLN A 38 -5.92 -4.55 8.11
CA GLN A 38 -6.94 -5.45 8.63
C GLN A 38 -6.48 -6.13 9.92
N PRO A 39 -6.71 -5.45 11.06
CA PRO A 39 -6.31 -5.97 12.37
C PRO A 39 -7.13 -7.18 12.79
N ARG A 40 -6.53 -8.04 13.61
CA ARG A 40 -7.21 -9.24 14.08
C ARG A 40 -8.08 -8.93 15.30
N ASP A 41 -7.71 -7.88 16.03
CA ASP A 41 -8.45 -7.47 17.21
C ASP A 41 -9.54 -6.46 16.85
N GLU A 42 -9.35 -5.77 15.73
CA GLU A 42 -10.30 -4.77 15.28
C GLU A 42 -10.78 -5.08 13.86
N LYS A 43 -11.63 -4.20 13.34
CA LYS A 43 -12.16 -4.38 11.99
C LYS A 43 -11.23 -3.76 10.94
N PRO A 44 -11.39 -4.19 9.68
CA PRO A 44 -10.57 -3.69 8.58
C PRO A 44 -10.89 -2.24 8.22
N PHE A 45 -9.86 -1.50 7.84
CA PHE A 45 -10.03 -0.09 7.48
C PHE A 45 -8.80 0.44 6.76
N CYS A 46 -8.95 1.58 6.09
CA CYS A 46 -7.84 2.19 5.38
C CYS A 46 -7.02 3.09 6.30
N ALA A 47 -5.80 2.66 6.60
CA ALA A 47 -4.91 3.43 7.47
C ALA A 47 -3.84 4.15 6.67
N THR A 48 -3.43 5.32 7.16
CA THR A 48 -2.42 6.12 6.48
C THR A 48 -1.18 5.29 6.20
N CYS A 49 -0.25 5.86 5.42
CA CYS A 49 0.98 5.16 5.08
C CYS A 49 2.03 5.34 6.17
N ARG A 50 3.16 4.66 6.03
CA ARG A 50 4.24 4.73 7.00
C ARG A 50 5.19 5.89 6.68
N GLY A 51 5.35 6.80 7.63
CA GLY A 51 6.24 7.93 7.43
C GLY A 51 7.69 7.52 7.33
N LEU A 52 8.56 8.49 7.03
CA LEU A 52 9.99 8.22 6.91
C LEU A 52 10.55 7.66 8.21
N ARG A 53 9.91 7.99 9.32
CA ARG A 53 10.34 7.52 10.63
C ARG A 53 9.53 6.30 11.08
N ARG A 54 8.79 5.72 10.14
CA ARG A 54 7.97 4.56 10.42
C ARG A 54 8.55 3.31 9.78
N ARG A 55 8.55 2.21 10.52
CA ARG A 55 9.09 0.94 10.02
C ARG A 55 8.18 0.37 8.93
N CYS A 56 8.79 -0.37 8.01
CA CYS A 56 8.05 -0.97 6.90
C CYS A 56 8.73 -2.25 6.43
N GLN A 57 8.09 -2.95 5.50
CA GLN A 57 8.63 -4.19 4.96
C GLN A 57 8.56 -4.20 3.44
N ARG A 58 7.46 -3.71 2.89
CA ARG A 58 7.27 -3.67 1.45
C ARG A 58 7.11 -2.23 0.97
N ASP A 59 7.76 -1.91 -0.14
CA ASP A 59 7.70 -0.56 -0.71
C ASP A 59 6.26 -0.17 -1.03
N ALA A 60 5.42 -1.18 -1.28
CA ALA A 60 4.02 -0.95 -1.59
C ALA A 60 3.27 -0.42 -0.37
N MET A 61 3.77 -0.74 0.81
CA MET A 61 3.14 -0.29 2.05
C MET A 61 3.45 1.18 2.33
N CYS A 62 4.58 1.64 1.80
CA CYS A 62 5.00 3.03 1.98
C CYS A 62 4.35 3.94 0.94
N CYS A 63 4.11 5.18 1.32
CA CYS A 63 3.50 6.15 0.41
C CYS A 63 4.32 6.30 -0.86
N PRO A 64 3.69 6.82 -1.91
CA PRO A 64 4.35 7.02 -3.21
C PRO A 64 5.39 8.13 -3.17
N GLY A 65 6.64 7.77 -3.44
CA GLY A 65 7.72 8.73 -3.43
C GLY A 65 8.89 8.29 -2.58
N THR A 66 8.64 7.33 -1.70
CA THR A 66 9.69 6.81 -0.82
C THR A 66 9.98 5.34 -1.11
N LEU A 67 11.00 4.81 -0.45
CA LEU A 67 11.39 3.42 -0.65
C LEU A 67 11.63 2.73 0.69
N CYS A 68 11.30 1.44 0.77
CA CYS A 68 11.49 0.67 1.99
C CYS A 68 12.93 0.18 2.11
N VAL A 69 13.70 0.82 3.00
CA VAL A 69 15.09 0.44 3.20
C VAL A 69 15.38 0.23 4.68
N ASN A 70 16.21 -0.76 4.98
CA ASN A 70 16.56 -1.07 6.36
C ASN A 70 15.32 -1.38 7.19
N ASP A 71 14.32 -1.96 6.55
CA ASP A 71 13.07 -2.30 7.23
C ASP A 71 12.36 -1.05 7.73
N VAL A 72 12.63 0.08 7.07
CA VAL A 72 12.02 1.35 7.44
C VAL A 72 11.82 2.24 6.22
N CYS A 73 10.78 3.06 6.26
CA CYS A 73 10.49 3.98 5.16
C CYS A 73 11.60 5.01 5.00
N THR A 74 12.37 4.89 3.92
CA THR A 74 13.46 5.81 3.64
C THR A 74 13.31 6.45 2.27
N THR A 75 13.70 7.72 2.17
CA THR A 75 13.61 8.46 0.92
C THR A 75 14.53 7.85 -0.14
N MET A 76 14.20 8.09 -1.40
CA MET A 76 15.00 7.56 -2.51
C MET A 76 16.30 8.35 -2.66
N GLU A 77 16.25 9.65 -2.38
CA GLU A 77 17.42 10.50 -2.48
C GLU A 77 18.49 10.07 -1.48
N ASP A 78 18.06 9.57 -0.33
CA ASP A 78 18.97 9.12 0.71
C ASP A 78 19.50 7.73 0.40
N ALA A 79 18.67 6.91 -0.22
CA ALA A 79 19.06 5.55 -0.57
C ALA A 79 19.96 5.54 -1.80
N THR A 80 20.25 4.33 -2.30
CA THR A 80 21.11 4.19 -3.46
C THR A 80 20.37 3.52 -4.62
N GLU A 81 19.73 4.33 -5.45
CA GLU A 81 18.98 3.80 -6.59
C GLU A 81 18.80 4.88 -7.65
N ASN A 82 18.58 4.45 -8.89
CA ASN A 82 18.38 5.38 -10.00
C ASN A 82 19.61 6.26 -10.20
N LEU A 83 20.61 5.72 -10.89
CA LEU A 83 21.84 6.46 -11.15
C LEU A 83 22.05 6.68 -12.64
N TYR A 84 22.98 7.57 -12.98
CA TYR A 84 23.27 7.86 -14.39
C TYR A 84 24.77 7.97 -14.61
N PHE A 85 25.17 8.04 -15.88
CA PHE A 85 26.58 8.15 -16.23
C PHE A 85 26.82 9.39 -17.09
N GLN A 86 27.91 10.10 -16.78
CA GLN A 86 28.26 11.32 -17.52
C GLN A 86 29.74 11.34 -17.84
N SER A 87 30.15 12.33 -18.65
CA SER A 87 31.55 12.45 -19.04
C SER A 87 32.02 13.90 -18.89
N LEU A 88 33.30 14.13 -19.18
CA LEU A 88 33.87 15.46 -19.08
C LEU A 88 34.16 16.05 -20.46
N GLU A 89 34.25 17.37 -20.53
CA GLU A 89 34.51 18.05 -21.79
C GLU A 89 35.95 18.57 -21.84
N HIS A 90 36.63 18.27 -22.94
CA HIS A 90 38.02 18.69 -23.11
C HIS A 90 38.09 20.01 -23.87
N HIS A 91 37.62 21.08 -23.25
CA HIS A 91 37.62 22.40 -23.86
C HIS A 91 38.95 23.11 -23.62
N HIS A 92 39.35 23.95 -24.57
CA HIS A 92 40.60 24.70 -24.45
C HIS A 92 40.41 26.15 -24.89
N HIS A 93 41.28 27.02 -24.39
CA HIS A 93 41.22 28.44 -24.73
C HIS A 93 42.01 28.74 -26.01
N HIS A 94 41.35 28.60 -27.14
CA HIS A 94 41.98 28.85 -28.43
C HIS A 94 41.41 30.11 -29.08
N HIS A 95 42.12 30.61 -30.10
CA HIS A 95 41.68 31.82 -30.80
C HIS A 95 41.92 31.69 -32.29
N MET A 1 -26.46 -21.17 32.99
CA MET A 1 -26.57 -21.58 34.38
C MET A 1 -25.30 -22.26 34.85
N LEU A 2 -24.30 -21.47 35.21
CA LEU A 2 -23.02 -22.00 35.68
C LEU A 2 -22.20 -20.92 36.37
N VAL A 3 -21.22 -21.33 37.18
CA VAL A 3 -20.37 -20.40 37.88
C VAL A 3 -19.56 -19.56 36.91
N LEU A 4 -19.47 -18.26 37.19
CA LEU A 4 -18.72 -17.33 36.34
C LEU A 4 -17.22 -17.63 36.40
N ASP A 5 -16.54 -17.41 35.29
CA ASP A 5 -15.10 -17.64 35.22
C ASP A 5 -14.32 -16.34 35.39
N PHE A 6 -13.91 -16.07 36.63
CA PHE A 6 -13.15 -14.86 36.93
C PHE A 6 -11.91 -15.18 37.74
N ASN A 7 -10.74 -14.95 37.13
CA ASN A 7 -9.47 -15.21 37.77
C ASN A 7 -8.34 -14.44 37.11
N ASN A 8 -8.25 -14.56 35.78
CA ASN A 8 -7.22 -13.88 35.02
C ASN A 8 -7.75 -13.42 33.66
N ILE A 9 -7.28 -12.27 33.20
CA ILE A 9 -7.70 -11.73 31.92
C ILE A 9 -6.85 -12.27 30.78
N ARG A 10 -7.35 -13.30 30.11
CA ARG A 10 -6.63 -13.91 28.99
C ARG A 10 -7.60 -14.46 27.95
N SER A 11 -7.08 -14.74 26.76
CA SER A 11 -7.91 -15.27 25.68
C SER A 11 -7.27 -16.52 25.07
N SER A 12 -7.96 -17.11 24.10
CA SER A 12 -7.48 -18.32 23.45
C SER A 12 -7.82 -18.31 21.96
N ALA A 13 -9.10 -18.10 21.66
CA ALA A 13 -9.56 -18.07 20.28
C ALA A 13 -9.23 -19.37 19.56
N ASP A 14 -9.66 -20.48 20.14
CA ASP A 14 -9.42 -21.79 19.56
C ASP A 14 -10.72 -22.45 19.13
N LEU A 15 -11.79 -22.17 19.87
CA LEU A 15 -13.10 -22.74 19.56
C LEU A 15 -13.74 -22.03 18.37
N HIS A 16 -13.80 -20.70 18.44
CA HIS A 16 -14.38 -19.90 17.36
C HIS A 16 -13.43 -18.78 16.95
N GLY A 17 -13.36 -18.53 15.65
CA GLY A 17 -12.49 -17.48 15.14
C GLY A 17 -13.06 -16.79 13.92
N ALA A 18 -14.30 -16.32 14.04
CA ALA A 18 -14.96 -15.63 12.94
C ALA A 18 -15.83 -14.49 13.45
N ARG A 19 -15.82 -13.37 12.74
CA ARG A 19 -16.61 -12.20 13.11
C ARG A 19 -17.69 -11.91 12.08
N LYS A 20 -18.46 -10.85 12.32
CA LYS A 20 -19.53 -10.47 11.40
C LYS A 20 -19.37 -9.02 10.96
N GLY A 21 -18.76 -8.83 9.79
CA GLY A 21 -18.55 -7.49 9.27
C GLY A 21 -17.20 -7.35 8.57
N SER A 22 -17.12 -6.37 7.67
CA SER A 22 -15.89 -6.13 6.92
C SER A 22 -15.82 -4.68 6.44
N GLN A 23 -14.76 -3.98 6.84
CA GLN A 23 -14.58 -2.59 6.45
C GLN A 23 -14.13 -2.49 4.99
N CYS A 24 -13.00 -3.13 4.69
CA CYS A 24 -12.46 -3.10 3.33
C CYS A 24 -11.62 -4.35 3.07
N LEU A 25 -11.67 -4.84 1.83
CA LEU A 25 -10.92 -6.02 1.44
C LEU A 25 -9.65 -5.64 0.68
N SER A 26 -9.70 -4.49 0.02
CA SER A 26 -8.55 -4.00 -0.75
C SER A 26 -8.44 -2.48 -0.66
N ASP A 27 -7.24 -1.98 -0.85
CA ASP A 27 -6.99 -0.54 -0.79
C ASP A 27 -7.90 0.20 -1.78
N THR A 28 -8.22 -0.45 -2.88
CA THR A 28 -9.07 0.14 -3.91
C THR A 28 -10.41 0.57 -3.32
N ASP A 29 -10.81 -0.08 -2.24
CA ASP A 29 -12.08 0.22 -1.58
C ASP A 29 -12.02 1.60 -0.92
N CYS A 30 -10.82 2.02 -0.53
CA CYS A 30 -10.64 3.32 0.11
C CYS A 30 -10.94 4.45 -0.86
N ASN A 31 -10.75 4.19 -2.15
CA ASN A 31 -11.00 5.19 -3.18
C ASN A 31 -10.09 6.40 -3.00
N THR A 32 -8.95 6.18 -2.35
CA THR A 32 -7.98 7.25 -2.11
C THR A 32 -6.55 6.71 -2.07
N ARG A 33 -5.60 7.62 -1.93
CA ARG A 33 -4.19 7.23 -1.88
C ARG A 33 -3.82 6.68 -0.50
N LYS A 34 -4.44 5.56 -0.13
CA LYS A 34 -4.17 4.94 1.16
C LYS A 34 -4.27 3.42 1.05
N PHE A 35 -3.70 2.73 2.03
CA PHE A 35 -3.72 1.26 2.05
C PHE A 35 -4.73 0.75 3.07
N CYS A 36 -5.17 -0.49 2.89
CA CYS A 36 -6.13 -1.10 3.79
C CYS A 36 -5.42 -1.90 4.88
N LEU A 37 -5.29 -1.31 6.07
CA LEU A 37 -4.64 -1.97 7.19
C LEU A 37 -5.58 -2.94 7.88
N GLN A 38 -5.32 -4.23 7.73
CA GLN A 38 -6.17 -5.25 8.35
C GLN A 38 -5.39 -6.00 9.44
N PRO A 39 -5.43 -5.46 10.66
CA PRO A 39 -4.74 -6.06 11.81
C PRO A 39 -5.39 -7.37 12.26
N ARG A 40 -4.58 -8.27 12.82
CA ARG A 40 -5.07 -9.56 13.29
C ARG A 40 -5.68 -9.43 14.68
N ASP A 41 -5.15 -8.51 15.48
CA ASP A 41 -5.64 -8.29 16.83
C ASP A 41 -6.82 -7.31 16.83
N GLU A 42 -6.89 -6.50 15.80
CA GLU A 42 -7.97 -5.52 15.68
C GLU A 42 -8.75 -5.72 14.39
N LYS A 43 -9.74 -4.86 14.16
CA LYS A 43 -10.57 -4.95 12.96
C LYS A 43 -9.93 -4.19 11.80
N PRO A 44 -10.36 -4.52 10.57
CA PRO A 44 -9.85 -3.90 9.35
C PRO A 44 -10.28 -2.44 9.22
N PHE A 45 -9.36 -1.58 8.83
CA PHE A 45 -9.64 -0.15 8.67
C PHE A 45 -8.68 0.48 7.67
N CYS A 46 -9.15 1.55 7.01
CA CYS A 46 -8.34 2.26 6.03
C CYS A 46 -7.37 3.21 6.71
N ALA A 47 -6.07 2.96 6.54
CA ALA A 47 -5.05 3.81 7.15
C ALA A 47 -4.28 4.57 6.07
N THR A 48 -4.01 5.85 6.35
CA THR A 48 -3.28 6.69 5.41
C THR A 48 -1.87 6.17 5.17
N CYS A 49 -1.17 6.76 4.21
CA CYS A 49 0.20 6.34 3.88
C CYS A 49 1.10 6.43 5.12
N ARG A 50 2.32 5.96 4.97
CA ARG A 50 3.28 5.99 6.07
C ARG A 50 4.35 7.05 5.83
N GLY A 51 5.02 7.47 6.90
CA GLY A 51 6.06 8.47 6.79
C GLY A 51 7.45 7.87 6.81
N LEU A 52 8.47 8.73 6.82
CA LEU A 52 9.85 8.29 6.83
C LEU A 52 10.21 7.66 8.18
N ARG A 53 9.51 8.10 9.23
CA ARG A 53 9.74 7.59 10.57
C ARG A 53 8.82 6.42 10.89
N ARG A 54 8.15 5.91 9.85
CA ARG A 54 7.23 4.80 10.03
C ARG A 54 7.81 3.51 9.47
N ARG A 55 7.44 2.38 10.07
CA ARG A 55 7.93 1.08 9.64
C ARG A 55 7.18 0.59 8.41
N CYS A 56 7.79 -0.33 7.67
CA CYS A 56 7.17 -0.88 6.47
C CYS A 56 7.66 -2.31 6.21
N GLN A 57 6.80 -3.12 5.63
CA GLN A 57 7.14 -4.50 5.32
C GLN A 57 7.24 -4.72 3.82
N ARG A 58 6.47 -3.95 3.06
CA ARG A 58 6.48 -4.06 1.60
C ARG A 58 6.80 -2.71 0.96
N ASP A 59 7.47 -2.77 -0.19
CA ASP A 59 7.84 -1.56 -0.91
C ASP A 59 6.60 -0.83 -1.42
N ALA A 60 5.53 -1.59 -1.65
CA ALA A 60 4.29 -1.01 -2.14
C ALA A 60 3.48 -0.39 -1.01
N MET A 61 3.68 -0.91 0.20
CA MET A 61 2.96 -0.41 1.37
C MET A 61 3.28 1.06 1.61
N CYS A 62 4.51 1.45 1.32
CA CYS A 62 4.94 2.84 1.51
C CYS A 62 4.64 3.67 0.27
N CYS A 63 4.33 4.94 0.48
CA CYS A 63 4.01 5.86 -0.62
C CYS A 63 5.14 5.88 -1.65
N PRO A 64 4.82 6.33 -2.86
CA PRO A 64 5.79 6.42 -3.95
C PRO A 64 6.84 7.51 -3.72
N GLY A 65 8.06 7.25 -4.16
CA GLY A 65 9.13 8.21 -3.98
C GLY A 65 10.16 7.76 -2.97
N THR A 66 9.75 6.86 -2.08
CA THR A 66 10.64 6.36 -1.04
C THR A 66 10.85 4.85 -1.19
N LEU A 67 11.78 4.31 -0.40
CA LEU A 67 12.07 2.88 -0.45
C LEU A 67 12.04 2.28 0.95
N CYS A 68 11.80 0.96 1.02
CA CYS A 68 11.74 0.27 2.30
C CYS A 68 13.14 -0.19 2.72
N VAL A 69 13.71 0.52 3.69
CA VAL A 69 15.04 0.17 4.18
C VAL A 69 14.99 -0.22 5.66
N ASN A 70 15.57 -1.38 5.97
CA ASN A 70 15.58 -1.88 7.34
C ASN A 70 14.17 -1.93 7.92
N ASP A 71 13.21 -2.32 7.10
CA ASP A 71 11.82 -2.42 7.53
C ASP A 71 11.28 -1.04 7.92
N VAL A 72 11.87 0.00 7.34
CA VAL A 72 11.45 1.37 7.62
C VAL A 72 11.45 2.22 6.35
N CYS A 73 10.49 3.13 6.26
CA CYS A 73 10.38 4.00 5.10
C CYS A 73 11.54 5.00 5.05
N THR A 74 12.43 4.83 4.09
CA THR A 74 13.58 5.70 3.94
C THR A 74 13.65 6.30 2.54
N THR A 75 14.12 7.54 2.45
CA THR A 75 14.23 8.22 1.17
C THR A 75 15.33 7.62 0.31
N MET A 76 15.13 7.63 -1.00
CA MET A 76 16.11 7.08 -1.93
C MET A 76 17.46 7.78 -1.78
N GLU A 77 17.41 9.10 -1.61
CA GLU A 77 18.63 9.89 -1.46
C GLU A 77 19.40 9.48 -0.20
N ASP A 78 18.65 9.10 0.84
CA ASP A 78 19.26 8.67 2.09
C ASP A 78 19.90 7.30 1.95
N ALA A 79 19.32 6.48 1.08
CA ALA A 79 19.83 5.13 0.86
C ALA A 79 20.96 5.13 -0.16
N THR A 80 21.61 3.98 -0.32
CA THR A 80 22.71 3.85 -1.26
C THR A 80 23.96 4.57 -0.76
N GLU A 81 23.89 5.91 -0.73
CA GLU A 81 25.01 6.72 -0.26
C GLU A 81 25.03 6.78 1.27
N ASN A 82 26.13 7.32 1.81
CA ASN A 82 26.28 7.45 3.25
C ASN A 82 27.26 8.56 3.60
N LEU A 83 27.08 9.15 4.77
CA LEU A 83 27.96 10.23 5.23
C LEU A 83 29.15 9.67 6.01
N TYR A 84 30.24 10.43 6.02
CA TYR A 84 31.45 10.02 6.72
C TYR A 84 31.22 9.99 8.23
N PHE A 85 32.01 9.18 8.93
CA PHE A 85 31.89 9.06 10.38
C PHE A 85 33.17 8.48 10.98
N GLN A 86 33.19 8.38 12.31
CA GLN A 86 34.35 7.84 13.00
C GLN A 86 35.61 8.61 12.65
N SER A 87 35.65 9.89 13.03
CA SER A 87 36.80 10.75 12.75
C SER A 87 37.71 10.85 13.98
N LEU A 88 38.97 10.48 13.79
CA LEU A 88 39.94 10.54 14.88
C LEU A 88 40.62 11.90 14.93
N GLU A 89 41.57 12.05 15.85
CA GLU A 89 42.30 13.31 16.01
C GLU A 89 43.66 13.06 16.65
N HIS A 90 44.48 14.11 16.68
CA HIS A 90 45.81 14.02 17.26
C HIS A 90 45.91 14.86 18.54
N HIS A 91 46.88 14.54 19.38
CA HIS A 91 47.08 15.26 20.63
C HIS A 91 48.56 15.41 20.95
N HIS A 92 49.24 14.27 21.11
CA HIS A 92 50.67 14.28 21.42
C HIS A 92 50.95 15.04 22.70
N HIS A 93 52.22 15.14 23.07
CA HIS A 93 52.63 15.86 24.27
C HIS A 93 54.12 16.19 24.23
N HIS A 94 54.66 16.32 23.03
CA HIS A 94 56.07 16.65 22.86
C HIS A 94 56.95 15.61 23.57
N HIS A 95 56.99 14.40 23.02
CA HIS A 95 57.79 13.33 23.60
C HIS A 95 58.18 12.31 22.54
N MET A 1 -63.00 13.25 -41.53
CA MET A 1 -63.23 14.20 -40.46
C MET A 1 -63.18 13.50 -39.10
N LEU A 2 -62.80 14.25 -38.07
CA LEU A 2 -62.71 13.71 -36.72
C LEU A 2 -61.79 12.48 -36.69
N VAL A 3 -60.49 12.73 -36.75
CA VAL A 3 -59.51 11.66 -36.71
C VAL A 3 -59.35 11.09 -35.31
N LEU A 4 -59.16 9.78 -35.24
CA LEU A 4 -59.01 9.10 -33.95
C LEU A 4 -57.53 9.02 -33.56
N ASP A 5 -57.27 9.06 -32.26
CA ASP A 5 -55.91 8.98 -31.74
C ASP A 5 -55.83 8.07 -30.52
N PHE A 6 -54.80 7.24 -30.47
CA PHE A 6 -54.62 6.32 -29.35
C PHE A 6 -53.28 6.56 -28.68
N ASN A 7 -53.10 5.94 -27.51
CA ASN A 7 -51.86 6.10 -26.74
C ASN A 7 -51.76 5.04 -25.64
N ASN A 8 -50.55 4.56 -25.40
CA ASN A 8 -50.32 3.55 -24.37
C ASN A 8 -48.83 3.33 -24.14
N ILE A 9 -48.44 3.25 -22.88
CA ILE A 9 -47.03 3.04 -22.52
C ILE A 9 -46.89 1.93 -21.49
N ARG A 10 -47.57 2.10 -20.35
CA ARG A 10 -47.50 1.12 -19.28
C ARG A 10 -46.07 0.82 -18.88
N SER A 11 -45.56 1.57 -17.91
CA SER A 11 -44.19 1.40 -17.44
C SER A 11 -44.16 1.10 -15.94
N SER A 12 -42.99 0.75 -15.44
CA SER A 12 -42.83 0.44 -14.03
C SER A 12 -41.74 1.32 -13.39
N ALA A 13 -40.51 1.15 -13.88
CA ALA A 13 -39.38 1.93 -13.36
C ALA A 13 -39.16 1.65 -11.88
N ASP A 14 -38.18 2.32 -11.29
CA ASP A 14 -37.86 2.16 -9.88
C ASP A 14 -37.58 0.69 -9.56
N LEU A 15 -36.31 0.31 -9.64
CA LEU A 15 -35.90 -1.06 -9.36
C LEU A 15 -34.38 -1.17 -9.28
N HIS A 16 -33.87 -1.32 -8.06
CA HIS A 16 -32.44 -1.44 -7.84
C HIS A 16 -32.13 -1.79 -6.40
N GLY A 17 -30.85 -1.99 -6.09
CA GLY A 17 -30.45 -2.33 -4.73
C GLY A 17 -29.17 -3.15 -4.69
N ALA A 18 -28.40 -2.97 -3.64
CA ALA A 18 -27.14 -3.70 -3.48
C ALA A 18 -26.58 -3.53 -2.07
N ARG A 19 -25.69 -4.44 -1.68
CA ARG A 19 -25.08 -4.39 -0.35
C ARG A 19 -23.57 -4.18 -0.46
N LYS A 20 -22.97 -3.75 0.64
CA LYS A 20 -21.52 -3.52 0.68
C LYS A 20 -20.78 -4.77 1.13
N GLY A 21 -19.94 -5.30 0.24
CA GLY A 21 -19.17 -6.49 0.57
C GLY A 21 -18.12 -6.24 1.63
N SER A 22 -16.85 -6.44 1.27
CA SER A 22 -15.74 -6.23 2.19
C SER A 22 -15.61 -4.75 2.55
N GLN A 23 -14.53 -4.42 3.26
CA GLN A 23 -14.29 -3.04 3.66
C GLN A 23 -13.73 -2.22 2.51
N CYS A 24 -12.61 -2.66 1.96
CA CYS A 24 -11.97 -1.97 0.85
C CYS A 24 -11.56 -2.95 -0.25
N LEU A 25 -11.75 -2.55 -1.50
CA LEU A 25 -11.41 -3.40 -2.63
C LEU A 25 -9.93 -3.24 -3.01
N SER A 26 -9.37 -2.09 -2.68
CA SER A 26 -7.97 -1.81 -2.98
C SER A 26 -7.52 -0.51 -2.31
N ASP A 27 -6.23 -0.22 -2.42
CA ASP A 27 -5.66 0.99 -1.82
C ASP A 27 -6.41 2.23 -2.30
N THR A 28 -6.88 2.20 -3.55
CA THR A 28 -7.61 3.32 -4.13
C THR A 28 -8.97 3.48 -3.47
N ASP A 29 -9.48 2.40 -2.90
CA ASP A 29 -10.77 2.42 -2.23
C ASP A 29 -10.72 3.27 -0.97
N CYS A 30 -9.52 3.40 -0.40
CA CYS A 30 -9.33 4.18 0.82
C CYS A 30 -9.32 5.68 0.51
N ASN A 31 -10.42 6.17 -0.06
CA ASN A 31 -10.53 7.57 -0.41
C ASN A 31 -9.61 7.93 -1.57
N THR A 32 -8.32 8.04 -1.27
CA THR A 32 -7.33 8.38 -2.29
C THR A 32 -5.93 8.47 -1.69
N ARG A 33 -4.94 7.93 -2.41
CA ARG A 33 -3.56 7.96 -1.94
C ARG A 33 -3.46 7.39 -0.53
N LYS A 34 -4.02 6.21 -0.32
CA LYS A 34 -3.98 5.56 0.98
C LYS A 34 -3.88 4.04 0.83
N PHE A 35 -3.19 3.41 1.76
CA PHE A 35 -3.02 1.95 1.74
C PHE A 35 -3.94 1.28 2.75
N CYS A 36 -4.62 0.23 2.32
CA CYS A 36 -5.52 -0.51 3.20
C CYS A 36 -4.77 -1.55 4.03
N LEU A 37 -4.48 -1.20 5.27
CA LEU A 37 -3.76 -2.10 6.17
C LEU A 37 -4.69 -3.19 6.70
N GLN A 38 -4.16 -4.41 6.78
CA GLN A 38 -4.94 -5.54 7.28
C GLN A 38 -4.13 -6.37 8.27
N PRO A 39 -4.19 -5.98 9.56
CA PRO A 39 -3.46 -6.67 10.62
C PRO A 39 -4.04 -8.06 10.91
N ARG A 40 -3.20 -8.95 11.42
CA ARG A 40 -3.62 -10.31 11.74
C ARG A 40 -4.29 -10.37 13.11
N ASP A 41 -3.66 -9.73 14.10
CA ASP A 41 -4.18 -9.70 15.45
C ASP A 41 -5.40 -8.79 15.55
N GLU A 42 -5.50 -7.84 14.61
CA GLU A 42 -6.62 -6.91 14.59
C GLU A 42 -7.40 -7.03 13.29
N LYS A 43 -8.42 -6.19 13.14
CA LYS A 43 -9.25 -6.20 11.94
C LYS A 43 -8.75 -5.19 10.91
N PRO A 44 -9.15 -5.37 9.66
CA PRO A 44 -8.76 -4.47 8.56
C PRO A 44 -9.40 -3.10 8.67
N PHE A 45 -8.72 -2.09 8.14
CA PHE A 45 -9.22 -0.72 8.19
C PHE A 45 -8.38 0.19 7.30
N CYS A 46 -8.83 1.43 7.14
CA CYS A 46 -8.12 2.41 6.32
C CYS A 46 -6.91 2.95 7.05
N ALA A 47 -5.85 3.23 6.29
CA ALA A 47 -4.61 3.76 6.86
C ALA A 47 -4.12 4.97 6.08
N THR A 48 -3.63 5.98 6.80
CA THR A 48 -3.13 7.19 6.17
C THR A 48 -1.70 7.00 5.68
N CYS A 49 -1.29 7.85 4.74
CA CYS A 49 0.06 7.77 4.18
C CYS A 49 1.11 7.76 5.28
N ARG A 50 2.13 6.94 5.10
CA ARG A 50 3.22 6.83 6.08
C ARG A 50 4.40 7.69 5.68
N GLY A 51 4.89 8.49 6.61
CA GLY A 51 6.03 9.36 6.34
C GLY A 51 7.35 8.61 6.42
N LEU A 52 8.44 9.34 6.25
CA LEU A 52 9.78 8.75 6.30
C LEU A 52 10.13 8.33 7.73
N ARG A 53 9.51 9.00 8.70
CA ARG A 53 9.76 8.69 10.11
C ARG A 53 8.77 7.66 10.62
N ARG A 54 8.04 7.03 9.70
CA ARG A 54 7.05 6.03 10.06
C ARG A 54 7.57 4.62 9.78
N ARG A 55 7.32 3.71 10.71
CA ARG A 55 7.77 2.32 10.56
C ARG A 55 6.89 1.57 9.56
N CYS A 56 7.47 0.55 8.94
CA CYS A 56 6.74 -0.25 7.96
C CYS A 56 7.24 -1.69 7.96
N GLN A 57 6.39 -2.61 7.50
CA GLN A 57 6.75 -4.02 7.44
C GLN A 57 6.92 -4.49 5.99
N ARG A 58 6.09 -3.96 5.11
CA ARG A 58 6.15 -4.33 3.70
C ARG A 58 6.53 -3.13 2.84
N ASP A 59 7.15 -3.39 1.70
CA ASP A 59 7.56 -2.32 0.79
C ASP A 59 6.35 -1.61 0.20
N ALA A 60 5.28 -2.36 -0.05
CA ALA A 60 4.06 -1.79 -0.60
C ALA A 60 3.23 -1.12 0.48
N MET A 61 3.38 -1.57 1.72
CA MET A 61 2.65 -1.02 2.85
C MET A 61 2.86 0.50 2.94
N CYS A 62 4.01 0.95 2.46
CA CYS A 62 4.33 2.38 2.50
C CYS A 62 3.88 3.07 1.21
N CYS A 63 3.66 4.37 1.29
CA CYS A 63 3.22 5.15 0.13
C CYS A 63 4.20 4.98 -1.03
N PRO A 64 3.73 5.29 -2.25
CA PRO A 64 4.55 5.19 -3.46
C PRO A 64 5.65 6.24 -3.50
N GLY A 65 6.77 5.88 -4.12
CA GLY A 65 7.89 6.80 -4.22
C GLY A 65 8.99 6.50 -3.22
N THR A 66 8.64 5.78 -2.17
CA THR A 66 9.61 5.42 -1.13
C THR A 66 9.75 3.91 -1.01
N LEU A 67 10.73 3.47 -0.23
CA LEU A 67 10.97 2.05 -0.03
C LEU A 67 11.10 1.72 1.46
N CYS A 68 10.56 0.57 1.87
CA CYS A 68 10.62 0.15 3.25
C CYS A 68 12.00 -0.42 3.59
N VAL A 69 12.81 0.39 4.26
CA VAL A 69 14.17 -0.03 4.64
C VAL A 69 14.32 -0.04 6.16
N ASN A 70 14.95 -1.09 6.66
CA ASN A 70 15.17 -1.24 8.10
C ASN A 70 13.85 -1.14 8.86
N ASP A 71 12.79 -1.69 8.28
CA ASP A 71 11.48 -1.65 8.91
C ASP A 71 10.98 -0.22 9.08
N VAL A 72 11.47 0.67 8.21
CA VAL A 72 11.08 2.08 8.26
C VAL A 72 11.03 2.68 6.86
N CYS A 73 10.05 3.54 6.62
CA CYS A 73 9.90 4.19 5.33
C CYS A 73 11.10 5.05 5.01
N THR A 74 11.90 4.61 4.04
CA THR A 74 13.09 5.34 3.64
C THR A 74 13.04 5.71 2.16
N THR A 75 13.30 6.98 1.85
CA THR A 75 13.29 7.45 0.48
C THR A 75 14.28 6.68 -0.39
N MET A 76 13.83 6.27 -1.57
CA MET A 76 14.68 5.52 -2.48
C MET A 76 15.96 6.29 -2.79
N GLU A 77 15.87 7.62 -2.73
CA GLU A 77 17.02 8.47 -3.00
C GLU A 77 18.15 8.21 -2.02
N ASP A 78 17.78 8.03 -0.75
CA ASP A 78 18.76 7.75 0.30
C ASP A 78 19.11 6.27 0.36
N ALA A 79 18.11 5.43 0.12
CA ALA A 79 18.33 3.98 0.14
C ALA A 79 19.25 3.54 -1.00
N THR A 80 20.26 2.75 -0.65
CA THR A 80 21.21 2.26 -1.65
C THR A 80 21.83 3.41 -2.43
N GLU A 81 22.67 4.19 -1.77
CA GLU A 81 23.32 5.33 -2.41
C GLU A 81 24.50 4.88 -3.26
N ASN A 82 24.81 5.64 -4.30
CA ASN A 82 25.90 5.31 -5.20
C ASN A 82 26.86 6.50 -5.35
N LEU A 83 28.03 6.24 -5.92
CA LEU A 83 29.02 7.28 -6.13
C LEU A 83 28.68 8.14 -7.34
N TYR A 84 29.26 9.34 -7.41
CA TYR A 84 29.00 10.24 -8.52
C TYR A 84 30.26 10.45 -9.35
N PHE A 85 30.16 11.29 -10.38
CA PHE A 85 31.29 11.58 -11.26
C PHE A 85 32.00 12.85 -10.83
N GLN A 86 31.88 13.19 -9.56
CA GLN A 86 32.52 14.39 -9.03
C GLN A 86 32.04 15.64 -9.76
N SER A 87 30.79 15.61 -10.20
CA SER A 87 30.19 16.73 -10.92
C SER A 87 31.06 17.11 -12.13
N LEU A 88 30.94 16.32 -13.19
CA LEU A 88 31.71 16.58 -14.41
C LEU A 88 31.21 17.83 -15.12
N GLU A 89 32.15 18.63 -15.61
CA GLU A 89 31.81 19.86 -16.32
C GLU A 89 33.02 20.43 -17.04
N HIS A 90 32.77 21.16 -18.13
CA HIS A 90 33.84 21.77 -18.90
C HIS A 90 33.28 22.68 -19.99
N HIS A 91 33.63 23.97 -19.92
CA HIS A 91 33.16 24.94 -20.89
C HIS A 91 34.15 26.08 -21.04
N HIS A 92 33.83 27.03 -21.92
CA HIS A 92 34.71 28.17 -22.16
C HIS A 92 36.11 27.72 -22.53
N HIS A 93 36.34 27.48 -23.82
CA HIS A 93 37.64 27.05 -24.29
C HIS A 93 38.08 27.84 -25.52
N HIS A 94 37.88 29.16 -25.47
CA HIS A 94 38.23 30.03 -26.58
C HIS A 94 39.53 30.78 -26.28
N HIS A 95 40.32 31.02 -27.32
CA HIS A 95 41.60 31.72 -27.17
C HIS A 95 41.65 32.96 -28.06
N MET A 1 -65.41 -38.35 5.93
CA MET A 1 -65.18 -37.27 6.88
C MET A 1 -64.13 -36.30 6.36
N LEU A 2 -63.11 -36.84 5.72
CA LEU A 2 -62.03 -36.03 5.18
C LEU A 2 -61.78 -36.34 3.70
N VAL A 3 -62.30 -35.47 2.83
CA VAL A 3 -62.14 -35.65 1.39
C VAL A 3 -60.77 -35.17 0.92
N LEU A 4 -60.09 -36.02 0.16
CA LEU A 4 -58.76 -35.67 -0.36
C LEU A 4 -58.87 -34.68 -1.51
N ASP A 5 -58.25 -33.53 -1.34
CA ASP A 5 -58.27 -32.49 -2.37
C ASP A 5 -56.87 -32.23 -2.91
N PHE A 6 -56.01 -31.66 -2.07
CA PHE A 6 -54.64 -31.36 -2.45
C PHE A 6 -53.68 -31.59 -1.29
N ASN A 7 -52.39 -31.67 -1.60
CA ASN A 7 -51.37 -31.89 -0.58
C ASN A 7 -50.22 -30.90 -0.76
N ASN A 8 -49.47 -30.68 0.32
CA ASN A 8 -48.33 -29.76 0.29
C ASN A 8 -48.78 -28.35 -0.06
N ILE A 9 -47.83 -27.42 -0.05
CA ILE A 9 -48.13 -26.03 -0.36
C ILE A 9 -47.47 -25.60 -1.67
N ARG A 10 -48.23 -24.91 -2.52
CA ARG A 10 -47.72 -24.45 -3.80
C ARG A 10 -47.96 -22.95 -3.97
N SER A 11 -47.51 -22.41 -5.10
CA SER A 11 -47.67 -21.00 -5.39
C SER A 11 -47.01 -20.14 -4.30
N SER A 12 -45.74 -19.82 -4.49
CA SER A 12 -45.00 -19.01 -3.52
C SER A 12 -43.94 -18.16 -4.22
N ALA A 13 -43.92 -16.87 -3.92
CA ALA A 13 -42.96 -15.96 -4.51
C ALA A 13 -42.41 -15.00 -3.46
N ASP A 14 -41.22 -14.45 -3.74
CA ASP A 14 -40.58 -13.51 -2.83
C ASP A 14 -39.47 -12.74 -3.52
N LEU A 15 -38.83 -11.83 -2.79
CA LEU A 15 -37.74 -11.04 -3.35
C LEU A 15 -36.39 -11.52 -2.85
N HIS A 16 -35.46 -11.73 -3.78
CA HIS A 16 -34.12 -12.19 -3.44
C HIS A 16 -33.09 -11.09 -3.68
N GLY A 17 -31.93 -11.23 -3.05
CA GLY A 17 -30.88 -10.26 -3.19
C GLY A 17 -29.49 -10.86 -3.09
N ALA A 18 -28.71 -10.39 -2.11
CA ALA A 18 -27.36 -10.90 -1.91
C ALA A 18 -26.73 -10.30 -0.66
N ARG A 19 -25.61 -10.85 -0.23
CA ARG A 19 -24.91 -10.37 0.94
C ARG A 19 -23.39 -10.42 0.75
N LYS A 20 -22.87 -9.49 -0.04
CA LYS A 20 -21.44 -9.44 -0.31
C LYS A 20 -20.96 -7.99 -0.40
N GLY A 21 -19.94 -7.65 0.39
CA GLY A 21 -19.41 -6.31 0.38
C GLY A 21 -18.13 -6.19 1.18
N SER A 22 -18.13 -6.75 2.39
CA SER A 22 -16.96 -6.70 3.26
C SER A 22 -16.51 -5.25 3.49
N GLN A 23 -15.36 -5.09 4.13
CA GLN A 23 -14.83 -3.77 4.41
C GLN A 23 -14.16 -3.18 3.17
N CYS A 24 -13.12 -3.84 2.69
CA CYS A 24 -12.40 -3.38 1.51
C CYS A 24 -11.65 -4.53 0.85
N LEU A 25 -11.62 -4.52 -0.48
CA LEU A 25 -10.94 -5.56 -1.24
C LEU A 25 -9.50 -5.17 -1.54
N SER A 26 -9.26 -3.87 -1.66
CA SER A 26 -7.92 -3.36 -1.95
C SER A 26 -7.80 -1.89 -1.55
N ASP A 27 -6.60 -1.34 -1.68
CA ASP A 27 -6.35 0.06 -1.34
C ASP A 27 -7.22 0.99 -2.19
N THR A 28 -7.53 0.55 -3.40
CA THR A 28 -8.34 1.34 -4.31
C THR A 28 -9.68 1.70 -3.68
N ASP A 29 -10.12 0.87 -2.74
CA ASP A 29 -11.39 1.11 -2.05
C ASP A 29 -11.29 2.32 -1.13
N CYS A 30 -10.08 2.59 -0.65
CA CYS A 30 -9.86 3.73 0.24
C CYS A 30 -10.03 5.05 -0.50
N ASN A 31 -9.76 6.16 0.20
CA ASN A 31 -9.90 7.48 -0.39
C ASN A 31 -9.13 7.57 -1.71
N THR A 32 -7.81 7.61 -1.61
CA THR A 32 -6.96 7.69 -2.79
C THR A 32 -5.53 7.23 -2.48
N ARG A 33 -4.81 8.05 -1.71
CA ARG A 33 -3.44 7.73 -1.35
C ARG A 33 -3.38 7.09 0.04
N LYS A 34 -4.19 6.04 0.22
CA LYS A 34 -4.24 5.33 1.50
C LYS A 34 -4.36 3.84 1.28
N PHE A 35 -3.56 3.06 2.01
CA PHE A 35 -3.58 1.61 1.89
C PHE A 35 -4.52 1.00 2.94
N CYS A 36 -5.21 -0.07 2.55
CA CYS A 36 -6.14 -0.75 3.45
C CYS A 36 -5.41 -1.77 4.30
N LEU A 37 -5.15 -1.42 5.55
CA LEU A 37 -4.46 -2.30 6.48
C LEU A 37 -5.43 -3.30 7.11
N GLN A 38 -5.06 -4.58 7.07
CA GLN A 38 -5.91 -5.63 7.65
C GLN A 38 -5.18 -6.36 8.77
N PRO A 39 -5.30 -5.83 9.99
CA PRO A 39 -4.66 -6.41 11.18
C PRO A 39 -5.30 -7.74 11.58
N ARG A 40 -4.50 -8.61 12.19
CA ARG A 40 -4.98 -9.92 12.62
C ARG A 40 -5.67 -9.82 13.98
N ASP A 41 -5.27 -8.83 14.77
CA ASP A 41 -5.85 -8.62 16.09
C ASP A 41 -7.06 -7.69 16.01
N GLU A 42 -7.11 -6.88 14.97
CA GLU A 42 -8.21 -5.94 14.78
C GLU A 42 -8.90 -6.17 13.43
N LYS A 43 -9.90 -5.34 13.14
CA LYS A 43 -10.64 -5.46 11.89
C LYS A 43 -9.96 -4.65 10.78
N PRO A 44 -10.29 -4.98 9.53
CA PRO A 44 -9.73 -4.30 8.36
C PRO A 44 -10.24 -2.87 8.23
N PHE A 45 -9.35 -1.98 7.77
CA PHE A 45 -9.71 -0.58 7.59
C PHE A 45 -8.67 0.14 6.75
N CYS A 46 -8.92 1.42 6.47
CA CYS A 46 -8.00 2.23 5.68
C CYS A 46 -7.03 3.00 6.57
N ALA A 47 -5.74 2.84 6.31
CA ALA A 47 -4.72 3.50 7.09
C ALA A 47 -4.10 4.67 6.31
N THR A 48 -3.64 5.68 7.04
CA THR A 48 -3.03 6.85 6.41
C THR A 48 -1.60 6.56 5.97
N CYS A 49 -1.08 7.39 5.08
CA CYS A 49 0.28 7.22 4.57
C CYS A 49 1.30 7.30 5.71
N ARG A 50 2.32 6.46 5.65
CA ARG A 50 3.36 6.43 6.68
C ARG A 50 4.51 7.37 6.30
N GLY A 51 5.08 8.02 7.31
CA GLY A 51 6.18 8.93 7.06
C GLY A 51 7.51 8.21 6.90
N LEU A 52 8.58 8.98 6.75
CA LEU A 52 9.91 8.40 6.58
C LEU A 52 10.43 7.82 7.90
N ARG A 53 9.89 8.32 9.00
CA ARG A 53 10.29 7.85 10.33
C ARG A 53 9.38 6.73 10.80
N ARG A 54 8.57 6.20 9.89
CA ARG A 54 7.64 5.13 10.22
C ARG A 54 8.22 3.77 9.85
N ARG A 55 8.25 2.86 10.83
CA ARG A 55 8.79 1.52 10.59
C ARG A 55 7.92 0.76 9.59
N CYS A 56 8.57 0.15 8.60
CA CYS A 56 7.86 -0.61 7.58
C CYS A 56 8.63 -1.88 7.22
N GLN A 57 7.91 -2.91 6.79
CA GLN A 57 8.52 -4.17 6.41
C GLN A 57 8.37 -4.42 4.91
N ARG A 58 7.33 -3.84 4.32
CA ARG A 58 7.05 -4.01 2.90
C ARG A 58 6.83 -2.65 2.23
N ASP A 59 7.53 -2.43 1.12
CA ASP A 59 7.40 -1.17 0.38
C ASP A 59 5.96 -0.92 -0.02
N ALA A 60 5.18 -2.00 -0.12
CA ALA A 60 3.78 -1.90 -0.50
C ALA A 60 3.01 -0.99 0.47
N MET A 61 3.25 -1.19 1.76
CA MET A 61 2.59 -0.40 2.79
C MET A 61 3.10 1.04 2.78
N CYS A 62 4.26 1.25 2.18
CA CYS A 62 4.86 2.57 2.10
C CYS A 62 4.43 3.29 0.82
N CYS A 63 4.09 4.57 0.95
CA CYS A 63 3.66 5.37 -0.19
C CYS A 63 4.66 5.28 -1.33
N PRO A 64 4.20 5.62 -2.55
CA PRO A 64 5.05 5.59 -3.74
C PRO A 64 6.12 6.67 -3.73
N GLY A 65 7.29 6.34 -4.26
CA GLY A 65 8.39 7.29 -4.29
C GLY A 65 9.47 6.99 -3.28
N THR A 66 9.13 6.18 -2.28
CA THR A 66 10.08 5.80 -1.24
C THR A 66 10.35 4.30 -1.26
N LEU A 67 11.31 3.87 -0.44
CA LEU A 67 11.67 2.47 -0.36
C LEU A 67 11.82 2.02 1.08
N CYS A 68 11.34 0.82 1.39
CA CYS A 68 11.42 0.27 2.74
C CYS A 68 12.82 -0.24 3.04
N VAL A 69 13.57 0.53 3.82
CA VAL A 69 14.94 0.17 4.18
C VAL A 69 15.14 0.25 5.69
N ASN A 70 15.93 -0.68 6.23
CA ASN A 70 16.21 -0.71 7.66
C ASN A 70 14.92 -0.83 8.47
N ASP A 71 13.93 -1.51 7.90
CA ASP A 71 12.65 -1.70 8.56
C ASP A 71 11.93 -0.37 8.76
N VAL A 72 12.27 0.60 7.91
CA VAL A 72 11.66 1.93 7.99
C VAL A 72 11.55 2.56 6.61
N CYS A 73 10.52 3.39 6.42
CA CYS A 73 10.30 4.07 5.15
C CYS A 73 11.44 5.03 4.84
N THR A 74 12.30 4.65 3.90
CA THR A 74 13.43 5.49 3.52
C THR A 74 13.29 5.99 2.09
N THR A 75 13.38 7.30 1.91
CA THR A 75 13.26 7.90 0.58
C THR A 75 14.21 7.23 -0.41
N MET A 76 13.82 7.22 -1.68
CA MET A 76 14.64 6.62 -2.73
C MET A 76 16.02 7.28 -2.78
N GLU A 77 16.05 8.59 -2.54
CA GLU A 77 17.31 9.33 -2.56
C GLU A 77 18.22 8.90 -1.42
N ASP A 78 17.62 8.41 -0.33
CA ASP A 78 18.37 7.97 0.83
C ASP A 78 18.74 6.49 0.70
N ALA A 79 17.85 5.71 0.10
CA ALA A 79 18.07 4.28 -0.08
C ALA A 79 19.37 4.03 -0.84
N THR A 80 20.40 3.62 -0.12
CA THR A 80 21.70 3.34 -0.72
C THR A 80 22.44 2.25 0.04
N GLU A 81 22.49 2.39 1.37
CA GLU A 81 23.18 1.42 2.21
C GLU A 81 24.62 1.21 1.75
N ASN A 82 25.25 2.29 1.32
CA ASN A 82 26.64 2.22 0.85
C ASN A 82 27.58 2.93 1.81
N LEU A 83 28.30 2.14 2.60
CA LEU A 83 29.24 2.69 3.58
C LEU A 83 30.61 2.02 3.45
N TYR A 84 30.87 1.44 2.29
CA TYR A 84 32.14 0.77 2.05
C TYR A 84 32.34 -0.39 3.01
N PHE A 85 33.40 -1.16 2.80
CA PHE A 85 33.71 -2.30 3.66
C PHE A 85 35.19 -2.33 4.02
N GLN A 86 35.62 -1.37 4.83
CA GLN A 86 37.02 -1.29 5.23
C GLN A 86 37.42 -2.51 6.06
N SER A 87 38.35 -3.29 5.54
CA SER A 87 38.82 -4.49 6.22
C SER A 87 40.17 -4.95 5.66
N LEU A 88 41.05 -3.99 5.42
CA LEU A 88 42.37 -4.28 4.88
C LEU A 88 43.43 -3.38 5.52
N GLU A 89 44.68 -3.85 5.50
CA GLU A 89 45.78 -3.08 6.08
C GLU A 89 45.89 -1.71 5.41
N HIS A 90 46.35 -0.72 6.17
CA HIS A 90 46.50 0.64 5.65
C HIS A 90 47.77 0.75 4.81
N HIS A 91 48.85 0.13 5.28
CA HIS A 91 50.13 0.17 4.58
C HIS A 91 49.97 -0.34 3.16
N HIS A 92 49.96 0.58 2.20
CA HIS A 92 49.82 0.22 0.79
C HIS A 92 51.11 0.52 0.02
N HIS A 93 51.56 -0.46 -0.77
CA HIS A 93 52.77 -0.30 -1.56
C HIS A 93 54.00 -0.28 -0.66
N HIS A 94 54.22 0.85 0.01
CA HIS A 94 55.36 1.00 0.91
C HIS A 94 56.67 0.80 0.15
N HIS A 95 56.84 1.55 -0.93
CA HIS A 95 58.06 1.46 -1.74
C HIS A 95 59.30 1.68 -0.88
N MET A 1 25.81 -10.60 -33.62
CA MET A 1 25.65 -11.57 -34.70
C MET A 1 24.73 -12.70 -34.27
N LEU A 2 23.70 -12.37 -33.49
CA LEU A 2 22.75 -13.37 -33.01
C LEU A 2 21.49 -13.36 -33.87
N VAL A 3 20.61 -14.33 -33.62
CA VAL A 3 19.36 -14.44 -34.36
C VAL A 3 18.24 -13.66 -33.69
N LEU A 4 17.49 -12.91 -34.49
CA LEU A 4 16.39 -12.12 -33.97
C LEU A 4 15.09 -12.94 -33.93
N ASP A 5 14.24 -12.64 -32.96
CA ASP A 5 12.97 -13.35 -32.81
C ASP A 5 13.20 -14.83 -32.60
N PHE A 6 13.19 -15.26 -31.34
CA PHE A 6 13.40 -16.66 -31.00
C PHE A 6 12.96 -16.95 -29.57
N ASN A 7 11.72 -16.59 -29.26
CA ASN A 7 11.18 -16.81 -27.92
C ASN A 7 9.73 -17.30 -27.99
N ASN A 8 8.92 -16.59 -28.76
CA ASN A 8 7.51 -16.95 -28.92
C ASN A 8 6.77 -16.84 -27.58
N ILE A 9 6.64 -15.61 -27.10
CA ILE A 9 5.95 -15.36 -25.84
C ILE A 9 5.71 -13.87 -25.63
N ARG A 10 4.50 -13.52 -25.20
CA ARG A 10 4.14 -12.13 -24.96
C ARG A 10 3.15 -12.01 -23.80
N SER A 11 1.97 -12.58 -23.99
CA SER A 11 0.93 -12.53 -22.96
C SER A 11 0.33 -13.91 -22.73
N SER A 12 -0.67 -13.98 -21.85
CA SER A 12 -1.33 -15.25 -21.55
C SER A 12 -0.34 -16.23 -20.92
N ALA A 13 -0.38 -16.34 -19.60
CA ALA A 13 0.50 -17.25 -18.88
C ALA A 13 -0.17 -17.79 -17.62
N ASP A 14 -1.47 -18.05 -17.72
CA ASP A 14 -2.23 -18.57 -16.59
C ASP A 14 -2.24 -17.56 -15.43
N LEU A 15 -3.34 -16.83 -15.30
CA LEU A 15 -3.48 -15.84 -14.24
C LEU A 15 -4.77 -16.04 -13.46
N HIS A 16 -4.71 -15.85 -12.16
CA HIS A 16 -5.88 -16.01 -11.29
C HIS A 16 -6.02 -14.82 -10.35
N GLY A 17 -7.24 -14.61 -9.86
CA GLY A 17 -7.50 -13.51 -8.95
C GLY A 17 -7.49 -13.94 -7.50
N ALA A 18 -7.67 -12.98 -6.60
CA ALA A 18 -7.69 -13.28 -5.16
C ALA A 18 -8.92 -12.67 -4.49
N ARG A 19 -9.45 -13.38 -3.51
CA ARG A 19 -10.64 -12.90 -2.79
C ARG A 19 -10.55 -13.26 -1.31
N LYS A 20 -11.34 -12.57 -0.49
CA LYS A 20 -11.35 -12.82 0.95
C LYS A 20 -12.42 -11.98 1.64
N GLY A 21 -12.83 -12.41 2.82
CA GLY A 21 -13.84 -11.68 3.57
C GLY A 21 -13.28 -10.50 4.32
N SER A 22 -13.21 -9.35 3.65
CA SER A 22 -12.67 -8.14 4.27
C SER A 22 -13.46 -6.91 3.82
N GLN A 23 -13.06 -5.75 4.32
CA GLN A 23 -13.72 -4.50 3.98
C GLN A 23 -13.16 -3.92 2.68
N CYS A 24 -11.91 -4.24 2.39
CA CYS A 24 -11.25 -3.76 1.18
C CYS A 24 -10.48 -4.88 0.50
N LEU A 25 -10.49 -4.88 -0.83
CA LEU A 25 -9.80 -5.89 -1.61
C LEU A 25 -8.34 -5.51 -1.82
N SER A 26 -8.07 -4.21 -1.86
CA SER A 26 -6.71 -3.71 -2.04
C SER A 26 -6.63 -2.22 -1.72
N ASP A 27 -5.47 -1.63 -1.98
CA ASP A 27 -5.26 -0.21 -1.73
C ASP A 27 -6.16 0.64 -2.61
N THR A 28 -6.52 0.11 -3.78
CA THR A 28 -7.37 0.82 -4.71
C THR A 28 -8.71 1.18 -4.07
N ASP A 29 -9.10 0.40 -3.06
CA ASP A 29 -10.36 0.63 -2.36
C ASP A 29 -10.31 1.93 -1.56
N CYS A 30 -9.11 2.29 -1.12
CA CYS A 30 -8.92 3.52 -0.35
C CYS A 30 -8.63 4.71 -1.26
N ASN A 31 -9.17 5.87 -0.90
CA ASN A 31 -8.98 7.08 -1.69
C ASN A 31 -7.71 7.82 -1.25
N THR A 32 -7.31 8.81 -2.03
CA THR A 32 -6.11 9.59 -1.73
C THR A 32 -4.88 8.70 -1.65
N ARG A 33 -3.74 9.30 -1.31
CA ARG A 33 -2.49 8.56 -1.20
C ARG A 33 -2.43 7.78 0.11
N LYS A 34 -3.26 6.75 0.21
CA LYS A 34 -3.30 5.92 1.42
C LYS A 34 -3.38 4.44 1.06
N PHE A 35 -3.15 3.58 2.04
CA PHE A 35 -3.19 2.14 1.83
C PHE A 35 -4.20 1.49 2.76
N CYS A 36 -4.43 0.19 2.55
CA CYS A 36 -5.38 -0.56 3.37
C CYS A 36 -4.64 -1.56 4.26
N LEU A 37 -4.63 -1.30 5.55
CA LEU A 37 -3.97 -2.18 6.51
C LEU A 37 -4.93 -3.23 7.04
N GLN A 38 -4.48 -4.48 7.10
CA GLN A 38 -5.30 -5.58 7.59
C GLN A 38 -4.58 -6.35 8.69
N PRO A 39 -4.74 -5.90 9.93
CA PRO A 39 -4.11 -6.53 11.10
C PRO A 39 -4.72 -7.89 11.41
N ARG A 40 -3.97 -8.72 12.14
CA ARG A 40 -4.44 -10.04 12.51
C ARG A 40 -5.33 -9.98 13.75
N ASP A 41 -4.87 -9.24 14.75
CA ASP A 41 -5.62 -9.11 16.01
C ASP A 41 -6.80 -8.15 15.82
N GLU A 42 -6.69 -7.27 14.83
CA GLU A 42 -7.75 -6.31 14.55
C GLU A 42 -8.39 -6.57 13.19
N LYS A 43 -9.33 -5.72 12.81
CA LYS A 43 -10.03 -5.86 11.54
C LYS A 43 -9.44 -4.92 10.49
N PRO A 44 -9.61 -5.27 9.21
CA PRO A 44 -9.11 -4.47 8.09
C PRO A 44 -9.86 -3.16 7.93
N PHE A 45 -9.14 -2.08 7.64
CA PHE A 45 -9.74 -0.77 7.46
C PHE A 45 -8.81 0.16 6.68
N CYS A 46 -9.27 1.38 6.45
CA CYS A 46 -8.48 2.36 5.72
C CYS A 46 -7.51 3.09 6.65
N ALA A 47 -6.23 2.96 6.37
CA ALA A 47 -5.20 3.60 7.19
C ALA A 47 -4.63 4.82 6.47
N THR A 48 -3.76 5.55 7.17
CA THR A 48 -3.15 6.76 6.61
C THR A 48 -1.74 6.46 6.09
N CYS A 49 -1.15 7.42 5.40
CA CYS A 49 0.18 7.28 4.85
C CYS A 49 1.22 7.19 5.97
N ARG A 50 2.33 6.52 5.68
CA ARG A 50 3.40 6.35 6.66
C ARG A 50 4.60 7.25 6.32
N GLY A 51 4.88 8.21 7.20
CA GLY A 51 6.00 9.11 6.97
C GLY A 51 7.32 8.38 6.86
N LEU A 52 8.39 9.14 6.63
CA LEU A 52 9.72 8.55 6.51
C LEU A 52 10.13 7.85 7.80
N ARG A 53 10.18 8.61 8.89
CA ARG A 53 10.56 8.05 10.19
C ARG A 53 9.66 6.88 10.57
N ARG A 54 8.44 6.87 10.02
CA ARG A 54 7.49 5.81 10.30
C ARG A 54 8.05 4.45 9.88
N ARG A 55 7.73 3.43 10.67
CA ARG A 55 8.20 2.08 10.39
C ARG A 55 7.27 1.35 9.43
N CYS A 56 7.79 0.33 8.76
CA CYS A 56 7.00 -0.44 7.80
C CYS A 56 7.51 -1.88 7.71
N GLN A 57 6.69 -2.75 7.12
CA GLN A 57 7.05 -4.15 6.98
C GLN A 57 7.16 -4.53 5.51
N ARG A 58 6.43 -3.81 4.66
CA ARG A 58 6.44 -4.08 3.23
C ARG A 58 6.71 -2.81 2.44
N ASP A 59 6.84 -2.94 1.12
CA ASP A 59 7.10 -1.80 0.26
C ASP A 59 5.83 -0.98 0.04
N ALA A 60 4.69 -1.66 0.01
CA ALA A 60 3.41 -1.01 -0.19
C ALA A 60 2.97 -0.25 1.06
N MET A 61 3.34 -0.79 2.22
CA MET A 61 2.98 -0.17 3.49
C MET A 61 3.54 1.25 3.58
N CYS A 62 4.62 1.50 2.86
CA CYS A 62 5.25 2.82 2.85
C CYS A 62 4.53 3.77 1.89
N CYS A 63 4.71 5.07 2.10
CA CYS A 63 4.09 6.07 1.25
C CYS A 63 4.51 5.90 -0.21
N PRO A 64 3.71 6.46 -1.12
CA PRO A 64 3.99 6.39 -2.56
C PRO A 64 5.21 7.22 -2.97
N GLY A 65 6.21 6.54 -3.53
CA GLY A 65 7.41 7.22 -3.95
C GLY A 65 8.63 6.82 -3.14
N THR A 66 8.38 6.19 -1.99
CA THR A 66 9.46 5.76 -1.11
C THR A 66 9.48 4.24 -0.98
N LEU A 67 10.51 3.73 -0.31
CA LEU A 67 10.64 2.29 -0.11
C LEU A 67 10.83 1.96 1.36
N CYS A 68 10.62 0.69 1.71
CA CYS A 68 10.76 0.24 3.09
C CYS A 68 12.17 -0.31 3.34
N VAL A 69 13.03 0.51 3.92
CA VAL A 69 14.40 0.11 4.21
C VAL A 69 14.60 -0.11 5.71
N ASN A 70 15.15 -1.27 6.07
CA ASN A 70 15.41 -1.59 7.46
C ASN A 70 14.13 -1.45 8.29
N ASP A 71 13.01 -1.88 7.71
CA ASP A 71 11.72 -1.80 8.39
C ASP A 71 11.33 -0.35 8.68
N VAL A 72 11.85 0.56 7.86
CA VAL A 72 11.56 1.98 8.02
C VAL A 72 11.44 2.67 6.68
N CYS A 73 10.48 3.58 6.57
CA CYS A 73 10.26 4.32 5.33
C CYS A 73 11.48 5.17 4.97
N THR A 74 12.09 4.87 3.83
CA THR A 74 13.27 5.61 3.39
C THR A 74 13.09 6.10 1.95
N THR A 75 13.64 7.28 1.67
CA THR A 75 13.55 7.86 0.34
C THR A 75 14.20 6.98 -0.71
N MET A 76 13.58 6.87 -1.88
CA MET A 76 14.11 6.05 -2.96
C MET A 76 15.49 6.56 -3.39
N GLU A 77 15.73 7.85 -3.20
CA GLU A 77 17.00 8.45 -3.58
C GLU A 77 18.08 8.12 -2.55
N ASP A 78 17.67 7.92 -1.30
CA ASP A 78 18.61 7.59 -0.23
C ASP A 78 19.08 6.16 -0.35
N ALA A 79 18.14 5.24 -0.59
CA ALA A 79 18.45 3.82 -0.72
C ALA A 79 19.45 3.59 -1.85
N THR A 80 20.46 2.77 -1.59
CA THR A 80 21.47 2.46 -2.59
C THR A 80 22.39 3.66 -2.82
N GLU A 81 21.85 4.71 -3.42
CA GLU A 81 22.63 5.91 -3.69
C GLU A 81 23.76 5.61 -4.67
N ASN A 82 23.54 4.63 -5.54
CA ASN A 82 24.55 4.24 -6.52
C ASN A 82 24.80 5.38 -7.51
N LEU A 83 26.03 5.45 -8.03
CA LEU A 83 26.40 6.48 -8.99
C LEU A 83 25.92 6.12 -10.39
N TYR A 84 25.59 7.16 -11.17
CA TYR A 84 25.12 6.95 -12.53
C TYR A 84 26.20 6.30 -13.39
N PHE A 85 25.81 5.85 -14.58
CA PHE A 85 26.74 5.22 -15.50
C PHE A 85 26.37 5.51 -16.95
N GLN A 86 27.36 5.52 -17.82
CA GLN A 86 27.14 5.79 -19.24
C GLN A 86 27.71 4.68 -20.11
N SER A 87 27.33 4.66 -21.38
CA SER A 87 27.82 3.66 -22.32
C SER A 87 27.55 4.08 -23.76
N LEU A 88 28.30 3.48 -24.69
CA LEU A 88 28.15 3.79 -26.10
C LEU A 88 27.96 2.52 -26.92
N GLU A 89 27.58 2.69 -28.19
CA GLU A 89 27.37 1.55 -29.08
C GLU A 89 27.57 1.95 -30.53
N HIS A 90 27.87 0.98 -31.38
CA HIS A 90 28.09 1.23 -32.80
C HIS A 90 28.36 -0.07 -33.54
N HIS A 91 27.68 -0.24 -34.67
CA HIS A 91 27.83 -1.44 -35.49
C HIS A 91 28.74 -1.18 -36.68
N HIS A 92 29.05 -2.23 -37.43
CA HIS A 92 29.92 -2.11 -38.60
C HIS A 92 29.96 -3.42 -39.38
N HIS A 93 29.01 -3.59 -40.29
CA HIS A 93 28.95 -4.81 -41.10
C HIS A 93 29.16 -4.49 -42.58
N HIS A 94 30.24 -5.00 -43.15
CA HIS A 94 30.55 -4.77 -44.55
C HIS A 94 31.10 -6.04 -45.21
N HIS A 95 30.92 -6.13 -46.52
CA HIS A 95 31.40 -7.29 -47.27
C HIS A 95 32.90 -7.21 -47.49
N MET A 1 -50.56 32.97 8.87
CA MET A 1 -50.37 34.24 8.19
C MET A 1 -48.92 34.40 7.74
N LEU A 2 -47.99 34.07 8.63
CA LEU A 2 -46.56 34.17 8.32
C LEU A 2 -46.21 33.36 7.08
N VAL A 3 -44.97 33.48 6.63
CA VAL A 3 -44.50 32.75 5.45
C VAL A 3 -43.99 31.38 5.84
N LEU A 4 -44.39 30.37 5.08
CA LEU A 4 -43.97 28.99 5.33
C LEU A 4 -42.46 28.84 5.17
N ASP A 5 -41.81 28.24 6.15
CA ASP A 5 -40.36 28.03 6.11
C ASP A 5 -40.03 26.65 5.56
N PHE A 6 -39.41 26.62 4.38
CA PHE A 6 -39.03 25.37 3.75
C PHE A 6 -40.27 24.53 3.41
N ASN A 7 -40.04 23.40 2.78
CA ASN A 7 -41.14 22.51 2.40
C ASN A 7 -40.72 21.04 2.54
N ASN A 8 -41.51 20.29 3.31
CA ASN A 8 -41.22 18.88 3.53
C ASN A 8 -41.25 18.10 2.22
N ILE A 9 -40.17 17.37 1.94
CA ILE A 9 -40.07 16.59 0.72
C ILE A 9 -39.91 15.10 1.03
N ARG A 10 -39.25 14.80 2.15
CA ARG A 10 -39.03 13.42 2.56
C ARG A 10 -39.83 13.08 3.80
N SER A 11 -41.14 12.92 3.62
CA SER A 11 -42.03 12.60 4.74
C SER A 11 -42.33 11.11 4.78
N SER A 12 -42.51 10.51 3.61
CA SER A 12 -42.81 9.09 3.51
C SER A 12 -41.72 8.35 2.73
N ALA A 13 -40.58 8.13 3.39
CA ALA A 13 -39.46 7.45 2.77
C ALA A 13 -38.37 7.14 3.78
N ASP A 14 -38.69 6.28 4.74
CA ASP A 14 -37.72 5.90 5.78
C ASP A 14 -37.57 4.38 5.84
N LEU A 15 -36.45 3.89 5.32
CA LEU A 15 -36.17 2.46 5.32
C LEU A 15 -34.68 2.19 5.07
N HIS A 16 -33.84 2.98 5.72
CA HIS A 16 -32.39 2.82 5.58
C HIS A 16 -31.74 2.46 6.92
N GLY A 17 -31.38 1.19 7.07
CA GLY A 17 -30.77 0.74 8.30
C GLY A 17 -29.54 -0.11 8.05
N ALA A 18 -28.60 0.41 7.28
CA ALA A 18 -27.37 -0.31 6.97
C ALA A 18 -26.23 0.13 7.89
N ARG A 19 -25.86 -0.75 8.82
CA ARG A 19 -24.79 -0.46 9.76
C ARG A 19 -23.61 -1.40 9.53
N LYS A 20 -22.44 -0.99 10.04
CA LYS A 20 -21.23 -1.79 9.90
C LYS A 20 -20.87 -1.97 8.43
N GLY A 21 -19.74 -2.62 8.17
CA GLY A 21 -19.30 -2.84 6.81
C GLY A 21 -17.79 -2.77 6.66
N SER A 22 -17.30 -3.15 5.49
CA SER A 22 -15.87 -3.12 5.23
C SER A 22 -15.42 -1.74 4.76
N GLN A 23 -14.17 -1.39 5.05
CA GLN A 23 -13.63 -0.10 4.66
C GLN A 23 -12.84 -0.21 3.37
N CYS A 24 -11.80 -1.04 3.38
CA CYS A 24 -10.95 -1.24 2.20
C CYS A 24 -10.32 -2.63 2.21
N LEU A 25 -10.24 -3.25 1.04
CA LEU A 25 -9.65 -4.57 0.92
C LEU A 25 -8.21 -4.48 0.43
N SER A 26 -7.89 -3.42 -0.29
CA SER A 26 -6.54 -3.21 -0.81
C SER A 26 -6.13 -1.74 -0.70
N ASP A 27 -4.84 -1.49 -0.89
CA ASP A 27 -4.32 -0.12 -0.81
C ASP A 27 -5.02 0.78 -1.83
N THR A 28 -5.47 0.18 -2.93
CA THR A 28 -6.15 0.93 -3.99
C THR A 28 -7.63 1.10 -3.67
N ASP A 29 -8.17 0.16 -2.90
CA ASP A 29 -9.58 0.21 -2.53
C ASP A 29 -9.86 1.39 -1.59
N CYS A 30 -8.84 1.80 -0.85
CA CYS A 30 -8.97 2.92 0.09
C CYS A 30 -9.24 4.22 -0.65
N ASN A 31 -8.23 4.69 -1.39
CA ASN A 31 -8.35 5.93 -2.15
C ASN A 31 -7.40 5.93 -3.33
N THR A 32 -7.45 7.00 -4.12
CA THR A 32 -6.61 7.13 -5.30
C THR A 32 -5.14 7.24 -4.90
N ARG A 33 -4.88 7.78 -3.71
CA ARG A 33 -3.53 7.94 -3.22
C ARG A 33 -3.47 7.71 -1.71
N LYS A 34 -3.84 6.51 -1.29
CA LYS A 34 -3.83 6.16 0.13
C LYS A 34 -3.46 4.69 0.33
N PHE A 35 -3.14 4.34 1.57
CA PHE A 35 -2.76 2.97 1.89
C PHE A 35 -3.79 2.32 2.81
N CYS A 36 -4.02 1.02 2.61
CA CYS A 36 -4.99 0.28 3.42
C CYS A 36 -4.27 -0.71 4.34
N LEU A 37 -4.66 -0.72 5.61
CA LEU A 37 -4.06 -1.63 6.58
C LEU A 37 -5.07 -2.67 7.04
N GLN A 38 -4.79 -3.94 6.76
CA GLN A 38 -5.67 -5.03 7.14
C GLN A 38 -5.05 -5.85 8.28
N PRO A 39 -5.34 -5.44 9.52
CA PRO A 39 -4.83 -6.12 10.72
C PRO A 39 -5.46 -7.50 10.92
N ARG A 40 -4.68 -8.43 11.47
CA ARG A 40 -5.16 -9.78 11.70
C ARG A 40 -5.93 -9.86 13.02
N ASP A 41 -5.64 -8.93 13.92
CA ASP A 41 -6.30 -8.90 15.22
C ASP A 41 -7.52 -7.98 15.18
N GLU A 42 -7.52 -7.04 14.24
CA GLU A 42 -8.63 -6.11 14.11
C GLU A 42 -9.20 -6.14 12.69
N LYS A 43 -10.18 -5.28 12.44
CA LYS A 43 -10.81 -5.21 11.12
C LYS A 43 -10.01 -4.32 10.18
N PRO A 44 -10.23 -4.49 8.87
CA PRO A 44 -9.53 -3.70 7.84
C PRO A 44 -9.97 -2.25 7.83
N PHE A 45 -9.00 -1.34 7.86
CA PHE A 45 -9.29 0.09 7.85
C PHE A 45 -8.27 0.85 7.01
N CYS A 46 -8.61 2.08 6.65
CA CYS A 46 -7.72 2.92 5.85
C CYS A 46 -6.59 3.48 6.69
N ALA A 47 -5.36 3.31 6.21
CA ALA A 47 -4.19 3.81 6.92
C ALA A 47 -3.43 4.83 6.09
N THR A 48 -3.50 6.10 6.50
CA THR A 48 -2.82 7.17 5.79
C THR A 48 -1.31 6.93 5.73
N CYS A 49 -0.66 7.57 4.78
CA CYS A 49 0.79 7.43 4.61
C CYS A 49 1.51 7.70 5.93
N ARG A 50 2.49 6.86 6.26
CA ARG A 50 3.26 7.01 7.48
C ARG A 50 4.44 7.96 7.28
N GLY A 51 5.26 8.09 8.31
CA GLY A 51 6.42 8.96 8.22
C GLY A 51 7.67 8.22 7.82
N LEU A 52 8.73 8.97 7.52
CA LEU A 52 10.00 8.38 7.12
C LEU A 52 10.68 7.70 8.30
N ARG A 53 10.35 8.13 9.50
CA ARG A 53 10.93 7.56 10.71
C ARG A 53 10.07 6.41 11.24
N ARG A 54 9.13 5.96 10.41
CA ARG A 54 8.25 4.87 10.79
C ARG A 54 8.73 3.55 10.20
N ARG A 55 8.83 2.53 11.05
CA ARG A 55 9.27 1.21 10.62
C ARG A 55 8.26 0.58 9.67
N CYS A 56 8.75 -0.30 8.80
CA CYS A 56 7.89 -0.99 7.85
C CYS A 56 8.36 -2.41 7.62
N GLN A 57 7.40 -3.34 7.51
CA GLN A 57 7.71 -4.75 7.30
C GLN A 57 7.78 -5.06 5.81
N ARG A 58 6.75 -4.65 5.07
CA ARG A 58 6.70 -4.90 3.64
C ARG A 58 6.71 -3.59 2.86
N ASP A 59 7.02 -3.68 1.57
CA ASP A 59 7.07 -2.49 0.72
C ASP A 59 5.68 -1.89 0.54
N ALA A 60 4.66 -2.73 0.66
CA ALA A 60 3.27 -2.28 0.53
C ALA A 60 2.80 -1.58 1.78
N MET A 61 3.33 -1.99 2.93
CA MET A 61 2.95 -1.39 4.21
C MET A 61 3.11 0.12 4.17
N CYS A 62 4.19 0.59 3.54
CA CYS A 62 4.46 2.01 3.43
C CYS A 62 3.75 2.61 2.22
N CYS A 63 3.28 3.84 2.37
CA CYS A 63 2.58 4.53 1.28
C CYS A 63 3.40 4.48 -0.01
N PRO A 64 2.71 4.61 -1.15
CA PRO A 64 3.34 4.58 -2.47
C PRO A 64 4.19 5.83 -2.73
N GLY A 65 5.45 5.63 -3.10
CA GLY A 65 6.33 6.74 -3.37
C GLY A 65 7.65 6.63 -2.63
N THR A 66 7.68 5.81 -1.58
CA THR A 66 8.88 5.62 -0.80
C THR A 66 9.37 4.18 -0.88
N LEU A 67 10.55 3.92 -0.33
CA LEU A 67 11.13 2.58 -0.35
C LEU A 67 11.42 2.10 1.07
N CYS A 68 11.14 0.82 1.33
CA CYS A 68 11.37 0.24 2.64
C CYS A 68 12.84 -0.12 2.82
N VAL A 69 13.57 0.76 3.50
CA VAL A 69 14.99 0.55 3.75
C VAL A 69 15.26 0.33 5.24
N ASN A 70 16.05 -0.70 5.54
CA ASN A 70 16.38 -1.02 6.93
C ASN A 70 15.11 -1.13 7.78
N ASP A 71 14.06 -1.67 7.18
CA ASP A 71 12.79 -1.84 7.88
C ASP A 71 12.20 -0.48 8.29
N VAL A 72 12.45 0.53 7.47
CA VAL A 72 11.96 1.87 7.74
C VAL A 72 11.64 2.61 6.44
N CYS A 73 10.59 3.42 6.48
CA CYS A 73 10.17 4.18 5.31
C CYS A 73 11.24 5.19 4.92
N THR A 74 11.95 4.91 3.82
CA THR A 74 13.00 5.79 3.34
C THR A 74 12.71 6.26 1.92
N THR A 75 12.84 7.56 1.68
CA THR A 75 12.60 8.13 0.37
C THR A 75 13.45 7.45 -0.70
N MET A 76 12.96 7.47 -1.93
CA MET A 76 13.68 6.84 -3.04
C MET A 76 15.01 7.55 -3.29
N GLU A 77 14.97 8.87 -3.38
CA GLU A 77 16.17 9.66 -3.62
C GLU A 77 17.24 9.34 -2.57
N ASP A 78 16.81 9.08 -1.35
CA ASP A 78 17.73 8.76 -0.26
C ASP A 78 18.16 7.30 -0.32
N ALA A 79 17.23 6.43 -0.72
CA ALA A 79 17.52 5.01 -0.82
C ALA A 79 18.77 4.75 -1.66
N THR A 80 19.86 4.40 -1.00
CA THR A 80 21.12 4.14 -1.69
C THR A 80 21.77 2.86 -1.16
N GLU A 81 21.24 1.71 -1.57
CA GLU A 81 21.77 0.42 -1.15
C GLU A 81 22.52 -0.26 -2.29
N ASN A 82 23.10 -1.42 -1.99
CA ASN A 82 23.85 -2.18 -2.99
C ASN A 82 24.99 -1.33 -3.56
N LEU A 83 25.72 -1.91 -4.51
CA LEU A 83 26.84 -1.22 -5.13
C LEU A 83 26.99 -1.62 -6.59
N TYR A 84 28.03 -1.13 -7.24
CA TYR A 84 28.28 -1.43 -8.65
C TYR A 84 29.73 -1.88 -8.85
N PHE A 85 30.08 -2.15 -10.11
CA PHE A 85 31.43 -2.58 -10.45
C PHE A 85 31.79 -2.19 -11.88
N GLN A 86 33.05 -1.88 -12.10
CA GLN A 86 33.53 -1.47 -13.42
C GLN A 86 34.54 -2.48 -13.96
N SER A 87 35.01 -2.24 -15.18
CA SER A 87 35.98 -3.12 -15.81
C SER A 87 35.43 -4.54 -15.91
N LEU A 88 36.30 -5.47 -16.30
CA LEU A 88 35.91 -6.88 -16.44
C LEU A 88 37.12 -7.74 -16.77
N GLU A 89 36.86 -9.03 -17.00
CA GLU A 89 37.93 -9.98 -17.33
C GLU A 89 37.48 -10.95 -18.41
N HIS A 90 38.45 -11.57 -19.08
CA HIS A 90 38.15 -12.53 -20.14
C HIS A 90 39.45 -13.13 -20.69
N HIS A 91 39.29 -14.09 -21.61
CA HIS A 91 40.45 -14.75 -22.22
C HIS A 91 41.37 -15.33 -21.15
N HIS A 92 40.81 -16.18 -20.30
CA HIS A 92 41.58 -16.80 -19.22
C HIS A 92 41.00 -18.17 -18.86
N HIS A 93 41.36 -19.18 -19.64
CA HIS A 93 40.87 -20.54 -19.39
C HIS A 93 41.90 -21.57 -19.84
N HIS A 94 42.43 -21.41 -21.05
CA HIS A 94 43.42 -22.33 -21.59
C HIS A 94 44.80 -22.02 -21.02
N HIS A 95 45.75 -22.92 -21.29
CA HIS A 95 47.12 -22.75 -20.80
C HIS A 95 48.04 -22.25 -21.90
N MET A 1 -45.41 -7.32 -54.00
CA MET A 1 -45.38 -8.40 -53.01
C MET A 1 -44.05 -8.44 -52.29
N LEU A 2 -43.89 -9.41 -51.40
CA LEU A 2 -42.65 -9.57 -50.65
C LEU A 2 -42.34 -8.29 -49.86
N VAL A 3 -42.84 -8.23 -48.62
CA VAL A 3 -42.61 -7.08 -47.77
C VAL A 3 -41.65 -7.42 -46.63
N LEU A 4 -40.65 -6.56 -46.43
CA LEU A 4 -39.67 -6.76 -45.37
C LEU A 4 -40.14 -6.15 -44.07
N ASP A 5 -39.65 -6.69 -42.95
CA ASP A 5 -40.02 -6.19 -41.63
C ASP A 5 -38.80 -6.18 -40.70
N PHE A 6 -38.11 -7.31 -40.64
CA PHE A 6 -36.94 -7.43 -39.78
C PHE A 6 -37.30 -7.20 -38.32
N ASN A 7 -36.32 -7.35 -37.44
CA ASN A 7 -36.53 -7.15 -36.01
C ASN A 7 -35.21 -7.09 -35.25
N ASN A 8 -35.18 -6.34 -34.16
CA ASN A 8 -33.98 -6.20 -33.36
C ASN A 8 -34.25 -6.60 -31.91
N ILE A 9 -33.18 -6.69 -31.12
CA ILE A 9 -33.30 -7.05 -29.71
C ILE A 9 -32.51 -6.10 -28.83
N ARG A 10 -32.90 -6.02 -27.56
CA ARG A 10 -32.23 -5.15 -26.61
C ARG A 10 -32.34 -5.69 -25.19
N SER A 11 -31.28 -5.50 -24.40
CA SER A 11 -31.25 -5.98 -23.03
C SER A 11 -30.28 -5.16 -22.19
N SER A 12 -30.40 -5.29 -20.87
CA SER A 12 -29.54 -4.56 -19.94
C SER A 12 -29.40 -5.31 -18.62
N ALA A 13 -28.50 -4.82 -17.77
CA ALA A 13 -28.27 -5.45 -16.48
C ALA A 13 -27.27 -4.64 -15.65
N ASP A 14 -27.54 -4.50 -14.35
CA ASP A 14 -26.67 -3.75 -13.46
C ASP A 14 -27.12 -3.92 -12.00
N LEU A 15 -26.52 -4.89 -11.32
CA LEU A 15 -26.86 -5.15 -9.93
C LEU A 15 -25.74 -4.67 -9.00
N HIS A 16 -26.10 -3.91 -7.98
CA HIS A 16 -25.13 -3.39 -7.02
C HIS A 16 -25.81 -2.58 -5.93
N GLY A 17 -25.40 -2.80 -4.69
CA GLY A 17 -25.98 -2.08 -3.57
C GLY A 17 -25.54 -2.62 -2.23
N ALA A 18 -24.43 -2.10 -1.73
CA ALA A 18 -23.89 -2.54 -0.44
C ALA A 18 -22.78 -1.62 0.04
N ARG A 19 -22.97 -1.04 1.22
CA ARG A 19 -21.98 -0.13 1.79
C ARG A 19 -22.18 0.01 3.29
N LYS A 20 -21.73 -0.99 4.05
CA LYS A 20 -21.85 -0.97 5.50
C LYS A 20 -20.94 -2.02 6.13
N GLY A 21 -20.32 -1.65 7.26
CA GLY A 21 -19.43 -2.56 7.94
C GLY A 21 -18.09 -1.95 8.25
N SER A 22 -17.02 -2.68 7.96
CA SER A 22 -15.67 -2.19 8.22
C SER A 22 -15.37 -0.95 7.39
N GLN A 23 -14.16 -0.42 7.54
CA GLN A 23 -13.76 0.77 6.81
C GLN A 23 -13.56 0.46 5.33
N CYS A 24 -12.57 -0.39 5.04
CA CYS A 24 -12.28 -0.77 3.67
C CYS A 24 -12.08 -2.28 3.55
N LEU A 25 -12.59 -2.86 2.48
CA LEU A 25 -12.47 -4.29 2.25
C LEU A 25 -11.25 -4.60 1.37
N SER A 26 -10.84 -3.63 0.57
CA SER A 26 -9.70 -3.80 -0.32
C SER A 26 -9.16 -2.45 -0.78
N ASP A 27 -8.25 -2.49 -1.74
CA ASP A 27 -7.66 -1.27 -2.28
C ASP A 27 -8.73 -0.38 -2.92
N THR A 28 -9.86 -0.98 -3.26
CA THR A 28 -10.96 -0.26 -3.89
C THR A 28 -11.32 0.99 -3.08
N ASP A 29 -11.23 0.88 -1.76
CA ASP A 29 -11.56 1.99 -0.88
C ASP A 29 -10.35 2.92 -0.72
N CYS A 30 -9.16 2.34 -0.82
CA CYS A 30 -7.92 3.12 -0.69
C CYS A 30 -6.87 2.64 -1.69
N ASN A 31 -6.80 3.33 -2.82
CA ASN A 31 -5.83 2.98 -3.86
C ASN A 31 -5.01 4.19 -4.28
N THR A 32 -4.90 5.16 -3.37
CA THR A 32 -4.14 6.37 -3.64
C THR A 32 -3.65 7.02 -2.35
N ARG A 33 -2.33 7.03 -2.17
CA ARG A 33 -1.73 7.62 -0.97
C ARG A 33 -2.32 6.99 0.29
N LYS A 34 -2.82 5.76 0.16
CA LYS A 34 -3.42 5.05 1.29
C LYS A 34 -3.32 3.54 1.08
N PHE A 35 -3.47 2.79 2.18
CA PHE A 35 -3.40 1.34 2.11
C PHE A 35 -4.46 0.71 3.03
N CYS A 36 -5.14 -0.31 2.53
CA CYS A 36 -6.17 -1.00 3.29
C CYS A 36 -5.55 -2.00 4.26
N LEU A 37 -5.31 -1.56 5.49
CA LEU A 37 -4.72 -2.41 6.52
C LEU A 37 -5.75 -3.38 7.06
N GLN A 38 -5.32 -4.62 7.31
CA GLN A 38 -6.20 -5.65 7.84
C GLN A 38 -5.52 -6.43 8.95
N PRO A 39 -5.65 -5.92 10.19
CA PRO A 39 -5.05 -6.56 11.38
C PRO A 39 -5.74 -7.87 11.73
N ARG A 40 -4.98 -8.79 12.31
CA ARG A 40 -5.51 -10.09 12.71
C ARG A 40 -6.20 -10.01 14.07
N ASP A 41 -5.74 -9.06 14.89
CA ASP A 41 -6.31 -8.87 16.22
C ASP A 41 -7.48 -7.90 16.18
N GLU A 42 -7.49 -7.04 15.17
CA GLU A 42 -8.56 -6.04 15.02
C GLU A 42 -9.25 -6.20 13.66
N LYS A 43 -10.21 -5.31 13.40
CA LYS A 43 -10.95 -5.34 12.15
C LYS A 43 -10.20 -4.58 11.06
N PRO A 44 -10.55 -4.86 9.79
CA PRO A 44 -9.92 -4.20 8.64
C PRO A 44 -10.31 -2.73 8.52
N PHE A 45 -9.31 -1.88 8.29
CA PHE A 45 -9.56 -0.44 8.15
C PHE A 45 -8.42 0.22 7.37
N CYS A 46 -8.77 1.26 6.62
CA CYS A 46 -7.78 1.99 5.82
C CYS A 46 -6.90 2.85 6.71
N ALA A 47 -5.60 2.59 6.68
CA ALA A 47 -4.64 3.35 7.48
C ALA A 47 -3.88 4.35 6.62
N THR A 48 -3.96 5.63 7.00
CA THR A 48 -3.27 6.68 6.26
C THR A 48 -1.79 6.34 6.06
N CYS A 49 -1.22 6.88 4.99
CA CYS A 49 0.19 6.64 4.69
C CYS A 49 1.07 6.94 5.89
N ARG A 50 2.34 6.56 5.81
CA ARG A 50 3.29 6.79 6.89
C ARG A 50 4.50 7.58 6.40
N GLY A 51 5.16 8.28 7.33
CA GLY A 51 6.32 9.06 6.97
C GLY A 51 7.55 8.20 6.74
N LEU A 52 8.66 8.85 6.40
CA LEU A 52 9.91 8.14 6.15
C LEU A 52 10.40 7.42 7.41
N ARG A 53 10.67 8.20 8.46
CA ARG A 53 11.15 7.65 9.72
C ARG A 53 10.24 6.51 10.18
N ARG A 54 8.97 6.59 9.81
CA ARG A 54 7.99 5.57 10.19
C ARG A 54 8.43 4.20 9.71
N ARG A 55 8.20 3.18 10.53
CA ARG A 55 8.56 1.81 10.19
C ARG A 55 7.68 1.28 9.06
N CYS A 56 8.16 0.23 8.39
CA CYS A 56 7.42 -0.36 7.29
C CYS A 56 7.82 -1.83 7.11
N GLN A 57 6.83 -2.67 6.79
CA GLN A 57 7.08 -4.08 6.59
C GLN A 57 6.85 -4.48 5.13
N ARG A 58 6.12 -3.64 4.41
CA ARG A 58 5.84 -3.90 2.99
C ARG A 58 6.30 -2.74 2.12
N ASP A 59 6.56 -3.03 0.85
CA ASP A 59 7.02 -2.01 -0.09
C ASP A 59 5.84 -1.18 -0.60
N ALA A 60 4.67 -1.80 -0.63
CA ALA A 60 3.47 -1.12 -1.11
C ALA A 60 2.85 -0.26 -0.01
N MET A 61 2.79 -0.80 1.20
CA MET A 61 2.23 -0.08 2.34
C MET A 61 2.88 1.29 2.48
N CYS A 62 4.13 1.40 2.04
CA CYS A 62 4.86 2.66 2.12
C CYS A 62 4.52 3.56 0.94
N CYS A 63 4.32 4.84 1.23
CA CYS A 63 3.99 5.82 0.19
C CYS A 63 5.00 5.75 -0.96
N PRO A 64 4.58 6.23 -2.14
CA PRO A 64 5.43 6.23 -3.34
C PRO A 64 6.58 7.23 -3.23
N GLY A 65 7.61 7.01 -4.03
CA GLY A 65 8.77 7.89 -4.01
C GLY A 65 9.72 7.58 -2.88
N THR A 66 9.59 6.38 -2.31
CA THR A 66 10.44 5.96 -1.20
C THR A 66 10.74 4.47 -1.28
N LEU A 67 11.75 4.04 -0.54
CA LEU A 67 12.15 2.63 -0.52
C LEU A 67 12.26 2.12 0.92
N CYS A 68 11.62 0.99 1.20
CA CYS A 68 11.66 0.40 2.52
C CYS A 68 13.05 -0.13 2.85
N VAL A 69 13.67 0.43 3.88
CA VAL A 69 15.01 0.02 4.29
C VAL A 69 15.12 -0.03 5.81
N ASN A 70 15.74 -1.09 6.32
CA ASN A 70 15.92 -1.25 7.76
C ASN A 70 14.58 -1.19 8.48
N ASP A 71 13.55 -1.74 7.85
CA ASP A 71 12.21 -1.75 8.43
C ASP A 71 11.68 -0.33 8.60
N VAL A 72 12.17 0.59 7.76
CA VAL A 72 11.75 1.99 7.82
C VAL A 72 11.70 2.60 6.43
N CYS A 73 10.71 3.46 6.21
CA CYS A 73 10.56 4.13 4.91
C CYS A 73 11.73 5.06 4.63
N THR A 74 12.62 4.65 3.73
CA THR A 74 13.79 5.46 3.38
C THR A 74 13.69 5.95 1.94
N THR A 75 13.57 7.26 1.77
CA THR A 75 13.48 7.85 0.45
C THR A 75 14.62 7.38 -0.45
N MET A 76 14.43 7.54 -1.75
CA MET A 76 15.44 7.12 -2.73
C MET A 76 16.69 7.98 -2.61
N GLU A 77 16.49 9.28 -2.44
CA GLU A 77 17.61 10.21 -2.31
C GLU A 77 18.57 9.78 -1.22
N ASP A 78 18.01 9.24 -0.13
CA ASP A 78 18.82 8.77 0.99
C ASP A 78 19.32 7.35 0.75
N ALA A 79 18.43 6.48 0.31
CA ALA A 79 18.78 5.09 0.03
C ALA A 79 19.77 4.99 -1.12
N THR A 80 20.83 4.22 -0.92
CA THR A 80 21.86 4.04 -1.94
C THR A 80 22.15 2.56 -2.17
N GLU A 81 21.65 2.04 -3.29
CA GLU A 81 21.86 0.63 -3.63
C GLU A 81 22.01 0.46 -5.14
N ASN A 82 22.26 -0.78 -5.57
CA ASN A 82 22.43 -1.07 -6.99
C ASN A 82 21.71 -2.37 -7.35
N LEU A 83 21.51 -2.57 -8.65
CA LEU A 83 20.84 -3.77 -9.15
C LEU A 83 21.79 -4.95 -9.19
N TYR A 84 21.23 -6.15 -9.31
CA TYR A 84 22.02 -7.37 -9.37
C TYR A 84 22.21 -7.83 -10.81
N PHE A 85 22.97 -8.91 -10.99
CA PHE A 85 23.23 -9.45 -12.31
C PHE A 85 23.46 -10.96 -12.25
N GLN A 86 23.15 -11.66 -13.33
CA GLN A 86 23.32 -13.10 -13.39
C GLN A 86 24.16 -13.50 -14.61
N SER A 87 25.09 -14.43 -14.40
CA SER A 87 25.95 -14.89 -15.46
C SER A 87 26.33 -16.37 -15.27
N LEU A 88 27.26 -16.84 -16.08
CA LEU A 88 27.70 -18.23 -16.00
C LEU A 88 28.62 -18.44 -14.78
N GLU A 89 28.15 -19.25 -13.84
CA GLU A 89 28.91 -19.52 -12.63
C GLU A 89 28.28 -20.66 -11.83
N HIS A 90 28.88 -20.98 -10.69
CA HIS A 90 28.37 -22.04 -9.83
C HIS A 90 28.42 -23.39 -10.54
N HIS A 91 29.44 -24.18 -10.25
CA HIS A 91 29.61 -25.49 -10.86
C HIS A 91 29.08 -26.59 -9.95
N HIS A 92 29.33 -27.83 -10.33
CA HIS A 92 28.87 -28.97 -9.54
C HIS A 92 29.55 -29.00 -8.17
N HIS A 93 28.95 -29.73 -7.24
CA HIS A 93 29.49 -29.84 -5.89
C HIS A 93 29.23 -31.23 -5.30
N HIS A 94 29.78 -31.48 -4.12
CA HIS A 94 29.60 -32.76 -3.46
C HIS A 94 30.01 -33.91 -4.38
N HIS A 95 31.05 -33.67 -5.17
CA HIS A 95 31.54 -34.69 -6.10
C HIS A 95 33.04 -34.49 -6.38
N MET A 1 -32.34 -47.44 -37.24
CA MET A 1 -33.11 -48.24 -36.29
C MET A 1 -33.72 -47.36 -35.20
N LEU A 2 -34.54 -47.97 -34.36
CA LEU A 2 -35.18 -47.24 -33.26
C LEU A 2 -35.03 -48.00 -31.94
N VAL A 3 -33.80 -48.13 -31.48
CA VAL A 3 -33.52 -48.82 -30.22
C VAL A 3 -33.99 -48.00 -29.03
N LEU A 4 -34.55 -48.69 -28.05
CA LEU A 4 -35.05 -48.02 -26.84
C LEU A 4 -33.92 -47.83 -25.83
N ASP A 5 -33.97 -46.72 -25.09
CA ASP A 5 -32.96 -46.43 -24.08
C ASP A 5 -33.61 -46.05 -22.76
N PHE A 6 -33.17 -46.71 -21.69
CA PHE A 6 -33.71 -46.45 -20.35
C PHE A 6 -33.52 -44.98 -19.97
N ASN A 7 -34.52 -44.42 -19.29
CA ASN A 7 -34.45 -43.02 -18.86
C ASN A 7 -33.41 -42.85 -17.76
N ASN A 8 -32.80 -41.66 -17.73
CA ASN A 8 -31.79 -41.35 -16.72
C ASN A 8 -32.01 -39.98 -16.11
N ILE A 9 -31.75 -39.86 -14.81
CA ILE A 9 -31.93 -38.59 -14.11
C ILE A 9 -30.84 -38.39 -13.06
N ARG A 10 -30.80 -37.20 -12.48
CA ARG A 10 -29.82 -36.88 -11.46
C ARG A 10 -30.23 -35.64 -10.67
N SER A 11 -30.29 -35.78 -9.35
CA SER A 11 -30.68 -34.68 -8.48
C SER A 11 -29.55 -33.65 -8.37
N SER A 12 -29.80 -32.58 -7.60
CA SER A 12 -28.82 -31.53 -7.42
C SER A 12 -29.14 -30.69 -6.19
N ALA A 13 -28.64 -31.12 -5.04
CA ALA A 13 -28.86 -30.42 -3.79
C ALA A 13 -28.22 -29.03 -3.82
N ASP A 14 -29.03 -28.01 -3.56
CA ASP A 14 -28.54 -26.64 -3.55
C ASP A 14 -27.77 -26.34 -2.27
N LEU A 15 -26.57 -26.90 -2.16
CA LEU A 15 -25.73 -26.70 -0.99
C LEU A 15 -24.44 -25.98 -1.36
N HIS A 16 -24.41 -24.66 -1.17
CA HIS A 16 -23.24 -23.87 -1.48
C HIS A 16 -23.16 -22.63 -0.59
N GLY A 17 -22.02 -21.96 -0.60
CA GLY A 17 -21.84 -20.77 0.22
C GLY A 17 -20.98 -21.03 1.44
N ALA A 18 -19.71 -20.64 1.35
CA ALA A 18 -18.77 -20.83 2.45
C ALA A 18 -18.83 -19.66 3.42
N ARG A 19 -18.43 -18.48 2.95
CA ARG A 19 -18.43 -17.28 3.77
C ARG A 19 -18.92 -16.08 2.98
N LYS A 20 -19.07 -14.94 3.67
CA LYS A 20 -19.52 -13.72 3.02
C LYS A 20 -19.01 -12.50 3.77
N GLY A 21 -18.65 -11.46 3.02
CA GLY A 21 -18.15 -10.24 3.63
C GLY A 21 -16.89 -9.73 2.95
N SER A 22 -16.94 -8.48 2.49
CA SER A 22 -15.80 -7.87 1.81
C SER A 22 -15.71 -6.38 2.12
N GLN A 23 -14.66 -6.00 2.84
CA GLN A 23 -14.46 -4.60 3.21
C GLN A 23 -13.88 -3.81 2.04
N CYS A 24 -12.79 -4.32 1.46
CA CYS A 24 -12.14 -3.67 0.34
C CYS A 24 -11.57 -4.70 -0.63
N LEU A 25 -11.67 -4.39 -1.93
CA LEU A 25 -11.17 -5.29 -2.96
C LEU A 25 -9.66 -5.14 -3.12
N SER A 26 -9.15 -3.94 -2.82
CA SER A 26 -7.72 -3.67 -2.94
C SER A 26 -7.35 -2.42 -2.16
N ASP A 27 -6.04 -2.17 -2.03
CA ASP A 27 -5.55 -1.01 -1.30
C ASP A 27 -6.03 0.29 -1.96
N THR A 28 -6.28 0.21 -3.26
CA THR A 28 -6.75 1.38 -4.01
C THR A 28 -8.18 1.76 -3.62
N ASP A 29 -8.93 0.78 -3.14
CA ASP A 29 -10.31 1.00 -2.73
C ASP A 29 -10.37 1.87 -1.47
N CYS A 30 -9.31 1.81 -0.68
CA CYS A 30 -9.23 2.59 0.56
C CYS A 30 -9.47 4.07 0.29
N ASN A 31 -8.74 4.61 -0.70
CA ASN A 31 -8.87 6.02 -1.06
C ASN A 31 -8.06 6.32 -2.32
N THR A 32 -6.74 6.31 -2.19
CA THR A 32 -5.86 6.59 -3.32
C THR A 32 -4.45 6.07 -3.05
N ARG A 33 -3.78 6.69 -2.08
CA ARG A 33 -2.42 6.29 -1.73
C ARG A 33 -2.37 5.73 -0.31
N LYS A 34 -3.26 4.79 -0.02
CA LYS A 34 -3.31 4.17 1.30
C LYS A 34 -3.48 2.66 1.18
N PHE A 35 -3.10 1.95 2.24
CA PHE A 35 -3.21 0.49 2.25
C PHE A 35 -4.38 0.04 3.12
N CYS A 36 -4.95 -1.11 2.79
CA CYS A 36 -6.08 -1.65 3.53
C CYS A 36 -5.61 -2.41 4.76
N LEU A 37 -5.64 -1.75 5.91
CA LEU A 37 -5.21 -2.36 7.16
C LEU A 37 -6.31 -3.25 7.74
N GLN A 38 -6.07 -4.56 7.73
CA GLN A 38 -7.05 -5.52 8.24
C GLN A 38 -6.40 -6.45 9.27
N PRO A 39 -6.40 -6.01 10.54
CA PRO A 39 -5.81 -6.79 11.63
C PRO A 39 -6.63 -8.04 11.96
N ARG A 40 -5.95 -9.08 12.45
CA ARG A 40 -6.62 -10.32 12.80
C ARG A 40 -7.22 -10.24 14.20
N ASP A 41 -6.63 -9.42 15.04
CA ASP A 41 -7.11 -9.25 16.41
C ASP A 41 -8.16 -8.14 16.48
N GLU A 42 -8.11 -7.24 15.52
CA GLU A 42 -9.06 -6.12 15.48
C GLU A 42 -9.84 -6.12 14.16
N LYS A 43 -10.71 -5.12 13.99
CA LYS A 43 -11.51 -5.00 12.79
C LYS A 43 -10.74 -4.25 11.70
N PRO A 44 -11.18 -4.41 10.44
CA PRO A 44 -10.56 -3.75 9.29
C PRO A 44 -10.79 -2.25 9.28
N PHE A 45 -9.77 -1.49 8.91
CA PHE A 45 -9.87 -0.04 8.86
C PHE A 45 -8.82 0.55 7.91
N CYS A 46 -9.13 1.71 7.35
CA CYS A 46 -8.21 2.37 6.43
C CYS A 46 -7.12 3.14 7.19
N ALA A 47 -5.88 2.96 6.75
CA ALA A 47 -4.75 3.63 7.39
C ALA A 47 -3.86 4.31 6.35
N THR A 48 -3.19 5.39 6.77
CA THR A 48 -2.31 6.13 5.87
C THR A 48 -0.95 5.45 5.76
N CYS A 49 -0.16 5.89 4.78
CA CYS A 49 1.16 5.33 4.56
C CYS A 49 2.08 5.60 5.75
N ARG A 50 3.27 5.04 5.71
CA ARG A 50 4.25 5.22 6.79
C ARG A 50 5.23 6.33 6.44
N GLY A 51 5.29 7.36 7.29
CA GLY A 51 6.20 8.47 7.07
C GLY A 51 7.64 8.04 7.05
N LEU A 52 8.53 8.97 6.74
CA LEU A 52 9.97 8.68 6.69
C LEU A 52 10.47 8.20 8.04
N ARG A 53 9.82 8.65 9.11
CA ARG A 53 10.20 8.27 10.47
C ARG A 53 9.34 7.13 10.97
N ARG A 54 8.58 6.51 10.06
CA ARG A 54 7.71 5.40 10.42
C ARG A 54 8.27 4.07 9.90
N ARG A 55 7.98 3.00 10.62
CA ARG A 55 8.45 1.67 10.23
C ARG A 55 7.62 1.11 9.08
N CYS A 56 8.21 0.19 8.33
CA CYS A 56 7.53 -0.43 7.20
C CYS A 56 8.04 -1.84 6.96
N GLN A 57 7.27 -2.63 6.21
CA GLN A 57 7.66 -4.00 5.90
C GLN A 57 7.88 -4.18 4.40
N ARG A 58 7.22 -3.35 3.60
CA ARG A 58 7.35 -3.42 2.16
C ARG A 58 7.49 -2.02 1.56
N ASP A 59 7.98 -1.96 0.31
CA ASP A 59 8.17 -0.69 -0.37
C ASP A 59 6.85 -0.19 -0.95
N ALA A 60 5.94 -1.12 -1.23
CA ALA A 60 4.64 -0.77 -1.79
C ALA A 60 3.73 -0.16 -0.73
N MET A 61 3.71 -0.76 0.46
CA MET A 61 2.88 -0.26 1.56
C MET A 61 3.27 1.17 1.91
N CYS A 62 4.48 1.56 1.55
CA CYS A 62 4.97 2.90 1.83
C CYS A 62 4.52 3.89 0.76
N CYS A 63 4.36 5.15 1.15
CA CYS A 63 3.93 6.19 0.22
C CYS A 63 4.82 6.20 -1.03
N PRO A 64 4.31 6.82 -2.11
CA PRO A 64 5.04 6.91 -3.37
C PRO A 64 6.23 7.86 -3.29
N GLY A 65 7.27 7.57 -4.07
CA GLY A 65 8.45 8.41 -4.06
C GLY A 65 9.50 7.93 -3.07
N THR A 66 9.07 7.12 -2.10
CA THR A 66 9.97 6.60 -1.09
C THR A 66 10.07 5.08 -1.18
N LEU A 67 10.98 4.51 -0.41
CA LEU A 67 11.17 3.06 -0.39
C LEU A 67 11.32 2.54 1.03
N CYS A 68 11.15 1.24 1.21
CA CYS A 68 11.27 0.61 2.52
C CYS A 68 12.68 0.08 2.74
N VAL A 69 13.37 0.63 3.74
CA VAL A 69 14.72 0.22 4.07
C VAL A 69 14.92 0.12 5.57
N ASN A 70 15.57 -0.96 6.02
CA ASN A 70 15.83 -1.17 7.43
C ASN A 70 14.53 -1.14 8.23
N ASP A 71 13.45 -1.63 7.63
CA ASP A 71 12.15 -1.65 8.29
C ASP A 71 11.66 -0.25 8.57
N VAL A 72 12.13 0.72 7.77
CA VAL A 72 11.74 2.11 7.94
C VAL A 72 11.63 2.80 6.58
N CYS A 73 10.60 3.64 6.43
CA CYS A 73 10.38 4.37 5.20
C CYS A 73 11.47 5.41 4.97
N THR A 74 12.12 5.34 3.82
CA THR A 74 13.19 6.28 3.48
C THR A 74 12.99 6.86 2.08
N THR A 75 13.69 7.95 1.80
CA THR A 75 13.59 8.61 0.50
C THR A 75 14.32 7.81 -0.58
N MET A 76 13.84 7.92 -1.81
CA MET A 76 14.46 7.22 -2.93
C MET A 76 15.93 7.58 -3.07
N GLU A 77 16.26 8.82 -2.71
CA GLU A 77 17.64 9.29 -2.81
C GLU A 77 18.50 8.64 -1.73
N ASP A 78 17.88 8.25 -0.63
CA ASP A 78 18.59 7.62 0.47
C ASP A 78 18.96 6.18 0.12
N ALA A 79 18.01 5.44 -0.43
CA ALA A 79 18.23 4.06 -0.82
C ALA A 79 19.27 3.95 -1.92
N THR A 80 19.81 2.75 -2.11
CA THR A 80 20.82 2.52 -3.13
C THR A 80 22.07 3.35 -2.86
N GLU A 81 22.89 2.89 -1.93
CA GLU A 81 24.12 3.59 -1.57
C GLU A 81 25.32 2.66 -1.68
N ASN A 82 26.49 3.16 -1.28
CA ASN A 82 27.71 2.37 -1.33
C ASN A 82 27.75 1.34 -0.21
N LEU A 83 27.26 0.14 -0.51
CA LEU A 83 27.24 -0.94 0.48
C LEU A 83 28.62 -1.56 0.65
N TYR A 84 28.75 -2.45 1.61
CA TYR A 84 30.01 -3.12 1.89
C TYR A 84 31.08 -2.10 2.31
N PHE A 85 31.29 -1.98 3.62
CA PHE A 85 32.28 -1.05 4.15
C PHE A 85 33.70 -1.57 3.92
N GLN A 86 34.69 -0.76 4.29
CA GLN A 86 36.08 -1.13 4.12
C GLN A 86 36.40 -1.38 2.66
N SER A 87 37.68 -1.64 2.37
CA SER A 87 38.12 -1.90 1.00
C SER A 87 39.33 -2.82 0.99
N LEU A 88 40.42 -2.37 1.61
CA LEU A 88 41.65 -3.15 1.67
C LEU A 88 41.44 -4.44 2.45
N GLU A 89 42.44 -5.31 2.45
CA GLU A 89 42.36 -6.58 3.16
C GLU A 89 43.76 -7.14 3.41
N HIS A 90 43.94 -7.76 4.58
CA HIS A 90 45.23 -8.34 4.95
C HIS A 90 45.09 -9.84 5.18
N HIS A 91 45.54 -10.63 4.20
CA HIS A 91 45.47 -12.08 4.30
C HIS A 91 46.82 -12.71 3.98
N HIS A 92 47.35 -13.48 4.92
CA HIS A 92 48.64 -14.14 4.74
C HIS A 92 48.45 -15.65 4.60
N HIS A 93 47.77 -16.26 5.56
CA HIS A 93 47.53 -17.70 5.53
C HIS A 93 48.84 -18.47 5.57
N HIS A 94 49.84 -17.91 6.25
CA HIS A 94 51.14 -18.54 6.36
C HIS A 94 51.86 -18.10 7.63
N HIS A 95 52.06 -16.79 7.76
CA HIS A 95 52.74 -16.22 8.92
C HIS A 95 54.18 -16.73 9.01
N MET A 1 -72.09 -31.98 -11.08
CA MET A 1 -72.53 -31.26 -12.27
C MET A 1 -71.44 -30.32 -12.77
N LEU A 2 -71.41 -30.10 -14.08
CA LEU A 2 -70.42 -29.21 -14.68
C LEU A 2 -69.00 -29.76 -14.48
N VAL A 3 -68.05 -29.22 -15.22
CA VAL A 3 -66.66 -29.64 -15.11
C VAL A 3 -65.96 -28.95 -13.95
N LEU A 4 -65.05 -29.67 -13.31
CA LEU A 4 -64.31 -29.12 -12.17
C LEU A 4 -63.19 -28.21 -12.65
N ASP A 5 -62.83 -27.23 -11.81
CA ASP A 5 -61.77 -26.29 -12.15
C ASP A 5 -61.01 -25.86 -10.90
N PHE A 6 -59.70 -25.67 -11.05
CA PHE A 6 -58.86 -25.27 -9.93
C PHE A 6 -57.85 -24.20 -10.37
N ASN A 7 -57.45 -23.36 -9.42
CA ASN A 7 -56.49 -22.29 -9.71
C ASN A 7 -55.76 -21.86 -8.44
N ASN A 8 -54.47 -21.61 -8.56
CA ASN A 8 -53.65 -21.20 -7.42
C ASN A 8 -52.51 -20.29 -7.88
N ILE A 9 -52.00 -19.48 -6.95
CA ILE A 9 -50.91 -18.57 -7.25
C ILE A 9 -50.33 -17.95 -5.98
N ARG A 10 -49.01 -17.88 -5.90
CA ARG A 10 -48.34 -17.31 -4.74
C ARG A 10 -47.11 -16.52 -5.15
N SER A 11 -47.01 -15.29 -4.66
CA SER A 11 -45.87 -14.43 -4.99
C SER A 11 -45.60 -13.45 -3.86
N SER A 12 -44.64 -12.55 -4.08
CA SER A 12 -44.28 -11.55 -3.08
C SER A 12 -43.87 -12.22 -1.78
N ALA A 13 -42.60 -12.59 -1.68
CA ALA A 13 -42.08 -13.24 -0.48
C ALA A 13 -41.10 -12.33 0.25
N ASP A 14 -40.69 -12.76 1.45
CA ASP A 14 -39.75 -11.98 2.25
C ASP A 14 -38.31 -12.31 1.87
N LEU A 15 -37.46 -11.28 1.85
CA LEU A 15 -36.05 -11.46 1.50
C LEU A 15 -35.16 -10.72 2.49
N HIS A 16 -34.07 -11.38 2.89
CA HIS A 16 -33.12 -10.80 3.83
C HIS A 16 -31.76 -11.44 3.71
N GLY A 17 -30.81 -10.99 4.52
CA GLY A 17 -29.47 -11.54 4.49
C GLY A 17 -28.72 -11.33 5.79
N ALA A 18 -27.48 -10.84 5.69
CA ALA A 18 -26.66 -10.58 6.86
C ALA A 18 -25.85 -9.30 6.70
N ARG A 19 -25.10 -9.22 5.61
CA ARG A 19 -24.27 -8.05 5.33
C ARG A 19 -23.34 -7.75 6.51
N LYS A 20 -22.65 -6.62 6.44
CA LYS A 20 -21.73 -6.22 7.48
C LYS A 20 -21.17 -4.82 7.22
N GLY A 21 -20.43 -4.69 6.13
CA GLY A 21 -19.86 -3.39 5.79
C GLY A 21 -18.38 -3.31 6.13
N SER A 22 -17.54 -3.31 5.10
CA SER A 22 -16.10 -3.24 5.29
C SER A 22 -15.60 -1.81 5.09
N GLN A 23 -14.27 -1.64 5.11
CA GLN A 23 -13.67 -0.33 4.93
C GLN A 23 -12.92 -0.26 3.60
N CYS A 24 -12.11 -1.28 3.33
CA CYS A 24 -11.34 -1.33 2.09
C CYS A 24 -10.81 -2.74 1.84
N LEU A 25 -10.58 -3.07 0.58
CA LEU A 25 -10.07 -4.38 0.21
C LEU A 25 -8.59 -4.31 -0.14
N SER A 26 -8.14 -3.14 -0.58
CA SER A 26 -6.75 -2.94 -0.95
C SER A 26 -6.37 -1.46 -0.86
N ASP A 27 -5.09 -1.17 -1.09
CA ASP A 27 -4.60 0.21 -1.04
C ASP A 27 -5.35 1.09 -2.03
N THR A 28 -5.54 0.58 -3.25
CA THR A 28 -6.24 1.32 -4.30
C THR A 28 -7.65 1.69 -3.85
N ASP A 29 -8.19 0.91 -2.91
CA ASP A 29 -9.54 1.16 -2.40
C ASP A 29 -9.58 2.45 -1.58
N CYS A 30 -8.44 2.80 -0.96
CA CYS A 30 -8.36 4.00 -0.15
C CYS A 30 -7.52 5.06 -0.86
N ASN A 31 -7.86 5.35 -2.11
CA ASN A 31 -7.14 6.34 -2.90
C ASN A 31 -5.69 5.92 -3.11
N THR A 32 -4.89 6.84 -3.63
CA THR A 32 -3.48 6.57 -3.89
C THR A 32 -2.61 7.04 -2.73
N ARG A 33 -3.05 8.08 -2.04
CA ARG A 33 -2.30 8.62 -0.91
C ARG A 33 -2.51 7.76 0.33
N LYS A 34 -3.63 7.05 0.38
CA LYS A 34 -3.94 6.19 1.51
C LYS A 34 -3.97 4.73 1.09
N PHE A 35 -3.65 3.83 2.02
CA PHE A 35 -3.64 2.40 1.74
C PHE A 35 -4.54 1.65 2.71
N CYS A 36 -4.71 0.36 2.48
CA CYS A 36 -5.54 -0.48 3.34
C CYS A 36 -4.69 -1.44 4.17
N LEU A 37 -4.78 -1.33 5.48
CA LEU A 37 -4.02 -2.19 6.37
C LEU A 37 -4.91 -3.28 6.97
N GLN A 38 -4.48 -4.53 6.85
CA GLN A 38 -5.24 -5.65 7.39
C GLN A 38 -4.49 -6.33 8.51
N PRO A 39 -4.67 -5.84 9.74
CA PRO A 39 -4.02 -6.39 10.93
C PRO A 39 -4.55 -7.77 11.30
N ARG A 40 -3.67 -8.60 11.88
CA ARG A 40 -4.05 -9.95 12.27
C ARG A 40 -4.74 -9.94 13.64
N ASP A 41 -4.42 -8.94 14.45
CA ASP A 41 -4.99 -8.81 15.79
C ASP A 41 -6.27 -7.97 15.74
N GLU A 42 -6.40 -7.13 14.72
CA GLU A 42 -7.57 -6.29 14.57
C GLU A 42 -8.24 -6.50 13.22
N LYS A 43 -9.29 -5.75 12.95
CA LYS A 43 -10.01 -5.86 11.69
C LYS A 43 -9.37 -5.01 10.60
N PRO A 44 -9.68 -5.33 9.34
CA PRO A 44 -9.13 -4.61 8.19
C PRO A 44 -9.69 -3.19 8.08
N PHE A 45 -8.79 -2.21 7.99
CA PHE A 45 -9.19 -0.81 7.88
C PHE A 45 -8.18 -0.02 7.05
N CYS A 46 -8.45 1.26 6.87
CA CYS A 46 -7.56 2.13 6.10
C CYS A 46 -6.63 2.91 7.02
N ALA A 47 -5.34 2.90 6.69
CA ALA A 47 -4.35 3.62 7.48
C ALA A 47 -3.78 4.81 6.72
N THR A 48 -3.72 5.96 7.39
CA THR A 48 -3.21 7.17 6.77
C THR A 48 -1.81 6.94 6.19
N CYS A 49 -1.38 7.84 5.32
CA CYS A 49 -0.06 7.74 4.70
C CYS A 49 1.03 7.68 5.75
N ARG A 50 2.06 6.87 5.49
CA ARG A 50 3.17 6.72 6.42
C ARG A 50 4.35 7.58 6.00
N GLY A 51 4.90 8.33 6.97
CA GLY A 51 6.02 9.20 6.68
C GLY A 51 7.32 8.43 6.55
N LEU A 52 8.44 9.16 6.46
CA LEU A 52 9.75 8.55 6.33
C LEU A 52 10.20 7.96 7.67
N ARG A 53 9.69 8.51 8.76
CA ARG A 53 10.04 8.03 10.09
C ARG A 53 9.05 6.99 10.59
N ARG A 54 8.21 6.50 9.68
CA ARG A 54 7.21 5.51 10.02
C ARG A 54 7.71 4.10 9.72
N ARG A 55 7.67 3.23 10.73
CA ARG A 55 8.13 1.86 10.59
C ARG A 55 7.20 1.07 9.68
N CYS A 56 7.76 0.44 8.65
CA CYS A 56 6.97 -0.35 7.71
C CYS A 56 7.51 -1.78 7.62
N GLN A 57 6.65 -2.70 7.19
CA GLN A 57 7.03 -4.09 7.07
C GLN A 57 7.12 -4.51 5.60
N ARG A 58 6.19 -4.00 4.80
CA ARG A 58 6.16 -4.30 3.37
C ARG A 58 6.38 -3.05 2.53
N ASP A 59 6.59 -3.24 1.23
CA ASP A 59 6.81 -2.12 0.33
C ASP A 59 5.50 -1.40 0.01
N ALA A 60 4.45 -2.17 -0.19
CA ALA A 60 3.13 -1.61 -0.50
C ALA A 60 2.48 -1.03 0.75
N MET A 61 2.83 -1.58 1.90
CA MET A 61 2.27 -1.11 3.16
C MET A 61 2.52 0.38 3.34
N CYS A 62 3.59 0.88 2.74
CA CYS A 62 3.94 2.29 2.83
C CYS A 62 3.34 3.07 1.67
N CYS A 63 3.69 4.36 1.57
CA CYS A 63 3.19 5.21 0.51
C CYS A 63 4.12 5.17 -0.70
N PRO A 64 3.59 5.58 -1.86
CA PRO A 64 4.35 5.59 -3.12
C PRO A 64 5.43 6.67 -3.12
N GLY A 65 6.51 6.42 -3.87
CA GLY A 65 7.60 7.38 -3.96
C GLY A 65 8.76 7.00 -3.07
N THR A 66 8.49 6.18 -2.04
CA THR A 66 9.53 5.75 -1.12
C THR A 66 9.67 4.24 -1.12
N LEU A 67 10.70 3.74 -0.45
CA LEU A 67 10.95 2.31 -0.37
C LEU A 67 11.07 1.84 1.08
N CYS A 68 10.49 0.69 1.38
CA CYS A 68 10.53 0.14 2.72
C CYS A 68 11.91 -0.46 3.03
N VAL A 69 12.71 0.28 3.78
CA VAL A 69 14.05 -0.17 4.15
C VAL A 69 14.28 -0.06 5.65
N ASN A 70 14.99 -1.05 6.20
CA ASN A 70 15.28 -1.06 7.64
C ASN A 70 13.99 -1.04 8.45
N ASP A 71 12.95 -1.65 7.91
CA ASP A 71 11.66 -1.69 8.59
C ASP A 71 11.07 -0.30 8.75
N VAL A 72 11.48 0.61 7.88
CA VAL A 72 11.00 1.99 7.93
C VAL A 72 10.94 2.59 6.52
N CYS A 73 9.98 3.51 6.32
CA CYS A 73 9.82 4.16 5.03
C CYS A 73 11.03 5.02 4.70
N THR A 74 11.85 4.55 3.75
CA THR A 74 13.04 5.28 3.34
C THR A 74 12.97 5.66 1.87
N THR A 75 13.06 6.96 1.59
CA THR A 75 13.01 7.46 0.23
C THR A 75 13.99 6.71 -0.67
N MET A 76 13.73 6.72 -1.96
CA MET A 76 14.60 6.04 -2.93
C MET A 76 15.80 6.92 -3.28
N GLU A 77 15.85 8.10 -2.68
CA GLU A 77 16.95 9.03 -2.94
C GLU A 77 18.12 8.76 -1.99
N ASP A 78 17.80 8.41 -0.75
CA ASP A 78 18.82 8.13 0.25
C ASP A 78 19.23 6.66 0.21
N ALA A 79 18.27 5.79 -0.09
CA ALA A 79 18.53 4.36 -0.15
C ALA A 79 19.52 4.03 -1.26
N THR A 80 20.75 3.72 -0.88
CA THR A 80 21.79 3.38 -1.85
C THR A 80 22.04 1.89 -1.90
N GLU A 81 22.52 1.33 -0.79
CA GLU A 81 22.80 -0.10 -0.71
C GLU A 81 21.59 -0.86 -0.18
N ASN A 82 21.68 -2.18 -0.20
CA ASN A 82 20.59 -3.03 0.28
C ASN A 82 21.11 -4.40 0.72
N LEU A 83 20.98 -4.69 2.01
CA LEU A 83 21.43 -5.95 2.57
C LEU A 83 22.94 -6.12 2.38
N TYR A 84 23.49 -7.17 2.97
CA TYR A 84 24.92 -7.44 2.86
C TYR A 84 25.17 -8.78 2.18
N PHE A 85 26.39 -8.99 1.73
CA PHE A 85 26.77 -10.23 1.05
C PHE A 85 28.05 -10.81 1.64
N GLN A 86 28.14 -12.14 1.63
CA GLN A 86 29.32 -12.82 2.17
C GLN A 86 29.35 -14.28 1.72
N SER A 87 30.53 -14.74 1.34
CA SER A 87 30.70 -16.12 0.87
C SER A 87 32.18 -16.48 0.76
N LEU A 88 32.72 -17.08 1.81
CA LEU A 88 34.13 -17.48 1.83
C LEU A 88 34.28 -18.95 2.21
N GLU A 89 34.74 -19.75 1.26
CA GLU A 89 34.93 -21.18 1.50
C GLU A 89 36.19 -21.68 0.80
N HIS A 90 37.26 -21.84 1.57
CA HIS A 90 38.53 -22.31 1.02
C HIS A 90 39.11 -23.43 1.89
N HIS A 91 40.09 -24.14 1.34
CA HIS A 91 40.73 -25.23 2.07
C HIS A 91 39.72 -26.30 2.45
N HIS A 92 39.51 -27.27 1.57
CA HIS A 92 38.56 -28.34 1.81
C HIS A 92 39.09 -29.67 1.23
N HIS A 93 39.08 -30.71 2.06
CA HIS A 93 39.54 -32.02 1.63
C HIS A 93 38.64 -33.13 2.18
N HIS A 94 38.95 -34.36 1.82
CA HIS A 94 38.16 -35.51 2.26
C HIS A 94 39.02 -36.76 2.36
N HIS A 95 40.25 -36.59 2.85
CA HIS A 95 41.18 -37.71 2.99
C HIS A 95 41.30 -38.48 1.67
N MET A 1 -11.79 -22.92 7.60
CA MET A 1 -13.07 -23.36 7.09
C MET A 1 -13.81 -22.21 6.40
N LEU A 2 -14.90 -22.53 5.72
CA LEU A 2 -15.69 -21.53 5.02
C LEU A 2 -14.83 -20.74 4.03
N VAL A 3 -14.79 -21.22 2.79
CA VAL A 3 -14.00 -20.57 1.75
C VAL A 3 -14.90 -19.92 0.71
N LEU A 4 -14.49 -18.76 0.20
CA LEU A 4 -15.26 -18.03 -0.80
C LEU A 4 -14.80 -18.41 -2.21
N ASP A 5 -15.75 -18.53 -3.13
CA ASP A 5 -15.44 -18.87 -4.51
C ASP A 5 -16.68 -18.73 -5.40
N PHE A 6 -17.32 -17.56 -5.31
CA PHE A 6 -18.51 -17.30 -6.11
C PHE A 6 -18.45 -15.91 -6.73
N ASN A 7 -18.01 -15.84 -7.97
CA ASN A 7 -17.90 -14.57 -8.68
C ASN A 7 -18.80 -14.56 -9.92
N ASN A 8 -19.70 -13.58 -9.98
CA ASN A 8 -20.61 -13.46 -11.10
C ASN A 8 -21.42 -12.16 -11.01
N ILE A 9 -21.93 -11.69 -12.13
CA ILE A 9 -22.72 -10.47 -12.17
C ILE A 9 -24.21 -10.79 -12.32
N ARG A 10 -24.56 -11.46 -13.41
CA ARG A 10 -25.94 -11.83 -13.67
C ARG A 10 -26.85 -10.59 -13.64
N SER A 11 -26.42 -9.54 -14.32
CA SER A 11 -27.19 -8.30 -14.37
C SER A 11 -27.44 -7.76 -12.96
N SER A 12 -28.20 -6.67 -12.88
CA SER A 12 -28.52 -6.06 -11.60
C SER A 12 -29.97 -6.27 -11.24
N ALA A 13 -30.25 -6.34 -9.94
CA ALA A 13 -31.62 -6.54 -9.46
C ALA A 13 -32.33 -5.21 -9.26
N ASP A 14 -33.60 -5.27 -8.88
CA ASP A 14 -34.40 -4.07 -8.65
C ASP A 14 -34.01 -3.41 -7.33
N LEU A 15 -34.79 -2.42 -6.92
CA LEU A 15 -34.52 -1.70 -5.68
C LEU A 15 -34.46 -2.67 -4.50
N HIS A 16 -33.50 -2.43 -3.60
CA HIS A 16 -33.33 -3.27 -2.43
C HIS A 16 -32.29 -2.68 -1.48
N GLY A 17 -32.41 -3.01 -0.20
CA GLY A 17 -31.47 -2.50 0.78
C GLY A 17 -30.22 -3.34 0.88
N ALA A 18 -29.23 -2.84 1.61
CA ALA A 18 -27.96 -3.55 1.79
C ALA A 18 -27.42 -3.40 3.20
N ARG A 19 -26.36 -4.12 3.51
CA ARG A 19 -25.75 -4.05 4.84
C ARG A 19 -24.25 -3.76 4.74
N LYS A 20 -23.81 -2.73 5.45
CA LYS A 20 -22.41 -2.34 5.44
C LYS A 20 -21.54 -3.42 6.09
N GLY A 21 -20.24 -3.16 6.16
CA GLY A 21 -19.33 -4.12 6.75
C GLY A 21 -17.90 -3.61 6.81
N SER A 22 -17.11 -3.93 5.79
CA SER A 22 -15.73 -3.49 5.73
C SER A 22 -15.60 -2.19 4.96
N GLN A 23 -14.47 -1.50 5.16
CA GLN A 23 -14.22 -0.23 4.48
C GLN A 23 -13.51 -0.45 3.16
N CYS A 24 -12.37 -1.11 3.21
CA CYS A 24 -11.59 -1.40 2.01
C CYS A 24 -10.94 -2.78 2.08
N LEU A 25 -10.56 -3.32 0.93
CA LEU A 25 -9.93 -4.63 0.86
C LEU A 25 -8.49 -4.52 0.37
N SER A 26 -8.20 -3.44 -0.37
CA SER A 26 -6.87 -3.22 -0.89
C SER A 26 -6.46 -1.75 -0.75
N ASP A 27 -5.22 -1.45 -1.14
CA ASP A 27 -4.72 -0.08 -1.05
C ASP A 27 -5.25 0.77 -2.19
N THR A 28 -5.61 0.12 -3.30
CA THR A 28 -6.13 0.81 -4.47
C THR A 28 -7.57 1.26 -4.24
N ASP A 29 -8.24 0.61 -3.30
CA ASP A 29 -9.63 0.94 -2.98
C ASP A 29 -9.72 2.32 -2.33
N CYS A 30 -8.62 2.75 -1.70
CA CYS A 30 -8.57 4.05 -1.04
C CYS A 30 -8.05 5.12 -1.99
N ASN A 31 -7.39 4.69 -3.06
CA ASN A 31 -6.84 5.62 -4.04
C ASN A 31 -5.78 6.51 -3.41
N THR A 32 -5.20 7.39 -4.22
CA THR A 32 -4.16 8.30 -3.75
C THR A 32 -3.05 7.54 -3.03
N ARG A 33 -2.15 8.29 -2.39
CA ARG A 33 -1.04 7.69 -1.66
C ARG A 33 -1.50 7.13 -0.32
N LYS A 34 -2.44 6.19 -0.36
CA LYS A 34 -2.97 5.58 0.85
C LYS A 34 -3.14 4.08 0.67
N PHE A 35 -3.32 3.37 1.78
CA PHE A 35 -3.49 1.92 1.74
C PHE A 35 -4.56 1.47 2.74
N CYS A 36 -4.80 0.17 2.81
CA CYS A 36 -5.80 -0.39 3.72
C CYS A 36 -5.12 -1.19 4.82
N LEU A 37 -5.31 -0.73 6.06
CA LEU A 37 -4.72 -1.41 7.21
C LEU A 37 -5.70 -2.41 7.82
N GLN A 38 -5.27 -3.66 7.95
CA GLN A 38 -6.11 -4.70 8.52
C GLN A 38 -5.56 -5.19 9.85
N PRO A 39 -5.93 -4.52 10.94
CA PRO A 39 -5.48 -4.87 12.29
C PRO A 39 -6.07 -6.18 12.77
N ARG A 40 -5.31 -6.91 13.59
CA ARG A 40 -5.76 -8.19 14.14
C ARG A 40 -6.64 -7.98 15.36
N ASP A 41 -6.43 -6.87 16.05
CA ASP A 41 -7.20 -6.55 17.25
C ASP A 41 -8.45 -5.75 16.89
N GLU A 42 -8.40 -5.07 15.75
CA GLU A 42 -9.53 -4.26 15.30
C GLU A 42 -9.99 -4.69 13.91
N LYS A 43 -10.98 -3.99 13.37
CA LYS A 43 -11.52 -4.31 12.06
C LYS A 43 -10.71 -3.61 10.97
N PRO A 44 -10.82 -4.11 9.73
CA PRO A 44 -10.11 -3.56 8.58
C PRO A 44 -10.63 -2.18 8.18
N PHE A 45 -9.72 -1.28 7.83
CA PHE A 45 -10.10 0.07 7.43
C PHE A 45 -8.90 0.82 6.84
N CYS A 46 -9.18 1.82 6.02
CA CYS A 46 -8.13 2.61 5.40
C CYS A 46 -7.41 3.49 6.42
N ALA A 47 -6.09 3.47 6.39
CA ALA A 47 -5.30 4.26 7.32
C ALA A 47 -4.01 4.75 6.66
N THR A 48 -3.45 5.84 7.19
CA THR A 48 -2.22 6.42 6.66
C THR A 48 -1.14 5.36 6.52
N CYS A 49 -0.39 5.41 5.42
CA CYS A 49 0.68 4.47 5.17
C CYS A 49 1.81 4.63 6.19
N ARG A 50 2.66 3.61 6.30
CA ARG A 50 3.78 3.65 7.23
C ARG A 50 4.60 4.91 7.05
N GLY A 51 4.63 5.75 8.07
CA GLY A 51 5.38 6.99 8.00
C GLY A 51 6.85 6.75 7.68
N LEU A 52 7.61 7.84 7.61
CA LEU A 52 9.03 7.76 7.29
C LEU A 52 9.81 7.14 8.45
N ARG A 53 9.22 7.18 9.64
CA ARG A 53 9.85 6.63 10.83
C ARG A 53 9.32 5.23 11.14
N ARG A 54 8.30 4.81 10.39
CA ARG A 54 7.71 3.49 10.57
C ARG A 54 8.51 2.43 9.84
N ARG A 55 8.64 1.26 10.47
CA ARG A 55 9.38 0.16 9.87
C ARG A 55 8.59 -0.48 8.73
N CYS A 56 9.30 -1.18 7.84
CA CYS A 56 8.67 -1.84 6.72
C CYS A 56 9.50 -3.02 6.23
N GLN A 57 8.83 -4.07 5.76
CA GLN A 57 9.50 -5.26 5.28
C GLN A 57 9.24 -5.47 3.79
N ARG A 58 8.10 -4.95 3.31
CA ARG A 58 7.74 -5.08 1.91
C ARG A 58 7.49 -3.71 1.29
N ASP A 59 8.04 -3.51 0.09
CA ASP A 59 7.88 -2.25 -0.61
C ASP A 59 6.40 -1.91 -0.80
N ALA A 60 5.56 -2.95 -0.82
CA ALA A 60 4.13 -2.76 -0.99
C ALA A 60 3.48 -2.21 0.28
N MET A 61 3.96 -2.70 1.43
CA MET A 61 3.42 -2.25 2.71
C MET A 61 3.49 -0.73 2.83
N CYS A 62 4.45 -0.12 2.13
CA CYS A 62 4.61 1.32 2.16
C CYS A 62 3.98 1.97 0.93
N CYS A 63 3.23 3.04 1.16
CA CYS A 63 2.56 3.75 0.07
C CYS A 63 3.54 4.07 -1.05
N PRO A 64 3.01 4.27 -2.27
CA PRO A 64 3.82 4.58 -3.45
C PRO A 64 4.43 5.98 -3.38
N GLY A 65 5.75 6.04 -3.42
CA GLY A 65 6.44 7.32 -3.37
C GLY A 65 7.68 7.27 -2.51
N THR A 66 7.80 6.23 -1.69
CA THR A 66 8.96 6.07 -0.82
C THR A 66 9.67 4.76 -1.09
N LEU A 67 10.81 4.56 -0.43
CA LEU A 67 11.60 3.34 -0.61
C LEU A 67 11.89 2.69 0.74
N CYS A 68 11.73 1.37 0.80
CA CYS A 68 11.98 0.63 2.04
C CYS A 68 13.48 0.42 2.25
N VAL A 69 14.07 1.28 3.08
CA VAL A 69 15.50 1.19 3.37
C VAL A 69 15.74 0.73 4.80
N ASN A 70 16.67 -0.21 4.97
CA ASN A 70 16.99 -0.74 6.29
C ASN A 70 15.74 -1.21 7.01
N ASP A 71 14.81 -1.80 6.25
CA ASP A 71 13.56 -2.30 6.82
C ASP A 71 12.74 -1.15 7.40
N VAL A 72 12.84 0.02 6.79
CA VAL A 72 12.10 1.20 7.24
C VAL A 72 11.73 2.10 6.07
N CYS A 73 10.55 2.71 6.16
CA CYS A 73 10.07 3.60 5.11
C CYS A 73 10.94 4.84 5.00
N THR A 74 11.77 4.90 3.96
CA THR A 74 12.65 6.04 3.74
C THR A 74 12.44 6.66 2.37
N THR A 75 12.35 7.98 2.32
CA THR A 75 12.13 8.69 1.07
C THR A 75 13.17 8.27 0.02
N MET A 76 12.81 8.43 -1.25
CA MET A 76 13.70 8.06 -2.34
C MET A 76 14.88 9.03 -2.41
N GLU A 77 14.61 10.31 -2.19
CA GLU A 77 15.65 11.32 -2.24
C GLU A 77 16.61 11.18 -1.07
N ASP A 78 16.12 10.61 0.03
CA ASP A 78 16.92 10.41 1.23
C ASP A 78 17.87 9.23 1.04
N ALA A 79 17.40 8.20 0.35
CA ALA A 79 18.21 7.00 0.11
C ALA A 79 19.52 7.37 -0.59
N THR A 80 20.62 6.89 -0.02
CA THR A 80 21.94 7.17 -0.59
C THR A 80 22.55 5.90 -1.19
N GLU A 81 22.35 5.71 -2.49
CA GLU A 81 22.88 4.54 -3.17
C GLU A 81 24.34 4.78 -3.60
N ASN A 82 24.59 5.91 -4.23
CA ASN A 82 25.93 6.26 -4.68
C ASN A 82 26.43 5.26 -5.72
N LEU A 83 26.34 5.65 -6.99
CA LEU A 83 26.78 4.78 -8.09
C LEU A 83 27.52 5.59 -9.14
N TYR A 84 28.58 5.00 -9.69
CA TYR A 84 29.37 5.66 -10.72
C TYR A 84 29.43 4.82 -11.99
N PHE A 85 29.22 5.47 -13.13
CA PHE A 85 29.24 4.78 -14.41
C PHE A 85 29.77 5.69 -15.51
N GLN A 86 31.09 5.81 -15.59
CA GLN A 86 31.73 6.66 -16.60
C GLN A 86 32.36 5.82 -17.71
N SER A 87 32.36 6.35 -18.92
CA SER A 87 32.93 5.65 -20.06
C SER A 87 34.01 6.48 -20.74
N LEU A 88 34.87 5.81 -21.50
CA LEU A 88 35.96 6.51 -22.20
C LEU A 88 36.17 5.90 -23.59
N GLU A 89 36.51 6.75 -24.55
CA GLU A 89 36.75 6.31 -25.92
C GLU A 89 37.71 7.25 -26.64
N HIS A 90 38.13 6.85 -27.83
CA HIS A 90 39.05 7.66 -28.63
C HIS A 90 38.75 7.52 -30.12
N HIS A 91 39.58 8.15 -30.95
CA HIS A 91 39.39 8.11 -32.39
C HIS A 91 40.74 8.18 -33.11
N HIS A 92 40.94 7.27 -34.06
CA HIS A 92 42.18 7.23 -34.82
C HIS A 92 42.04 6.32 -36.04
N HIS A 93 42.75 6.67 -37.12
CA HIS A 93 42.69 5.88 -38.34
C HIS A 93 43.77 6.33 -39.32
N HIS A 94 44.42 5.37 -39.98
CA HIS A 94 45.47 5.68 -40.94
C HIS A 94 45.03 5.33 -42.36
N HIS A 95 44.91 6.34 -43.21
CA HIS A 95 44.49 6.15 -44.59
C HIS A 95 45.42 5.17 -45.30
N MET A 1 -69.76 -13.08 30.36
CA MET A 1 -69.20 -13.71 29.17
C MET A 1 -67.68 -13.78 29.27
N LEU A 2 -67.20 -14.54 30.25
CA LEU A 2 -65.76 -14.70 30.46
C LEU A 2 -65.26 -15.98 29.81
N VAL A 3 -65.21 -16.00 28.49
CA VAL A 3 -64.75 -17.17 27.75
C VAL A 3 -63.42 -16.90 27.08
N LEU A 4 -62.37 -17.53 27.59
CA LEU A 4 -61.03 -17.37 27.04
C LEU A 4 -60.91 -18.03 25.67
N ASP A 5 -60.01 -17.52 24.84
CA ASP A 5 -59.79 -18.08 23.51
C ASP A 5 -58.68 -17.32 22.78
N PHE A 6 -57.75 -18.07 22.21
CA PHE A 6 -56.64 -17.47 21.47
C PHE A 6 -56.20 -18.37 20.32
N ASN A 7 -55.67 -19.53 20.64
CA ASN A 7 -55.21 -20.48 19.63
C ASN A 7 -54.20 -19.82 18.69
N ASN A 8 -52.94 -19.78 19.12
CA ASN A 8 -51.87 -19.19 18.32
C ASN A 8 -50.64 -20.09 18.30
N ILE A 9 -50.14 -20.36 17.09
CA ILE A 9 -48.97 -21.20 16.93
C ILE A 9 -47.94 -20.55 16.02
N ARG A 10 -46.66 -20.69 16.35
CA ARG A 10 -45.59 -20.11 15.56
C ARG A 10 -44.29 -20.89 15.78
N SER A 11 -43.55 -21.10 14.69
CA SER A 11 -42.29 -21.82 14.76
C SER A 11 -41.34 -21.36 13.66
N SER A 12 -40.08 -21.77 13.76
CA SER A 12 -39.07 -21.39 12.77
C SER A 12 -38.80 -22.54 11.81
N ALA A 13 -38.62 -22.21 10.53
CA ALA A 13 -38.36 -23.21 9.51
C ALA A 13 -36.86 -23.43 9.32
N ASP A 14 -36.18 -22.41 8.80
CA ASP A 14 -34.75 -22.48 8.58
C ASP A 14 -34.16 -21.10 8.32
N LEU A 15 -32.86 -20.95 8.56
CA LEU A 15 -32.18 -19.68 8.36
C LEU A 15 -30.91 -19.87 7.53
N HIS A 16 -31.04 -19.74 6.21
CA HIS A 16 -29.90 -19.89 5.31
C HIS A 16 -28.77 -18.96 5.71
N GLY A 17 -27.70 -19.54 6.24
CA GLY A 17 -26.55 -18.75 6.66
C GLY A 17 -25.53 -18.58 5.55
N ALA A 18 -25.37 -17.34 5.08
CA ALA A 18 -24.43 -17.04 4.02
C ALA A 18 -23.24 -16.24 4.54
N ARG A 19 -22.03 -16.68 4.20
CA ARG A 19 -20.82 -16.01 4.65
C ARG A 19 -20.20 -15.21 3.50
N LYS A 20 -19.86 -13.95 3.78
CA LYS A 20 -19.26 -13.08 2.78
C LYS A 20 -18.06 -12.34 3.36
N GLY A 21 -17.04 -12.13 2.53
CA GLY A 21 -15.86 -11.42 2.98
C GLY A 21 -15.29 -10.50 1.92
N SER A 22 -14.94 -9.29 2.32
CA SER A 22 -14.39 -8.30 1.39
C SER A 22 -13.81 -7.11 2.15
N GLN A 23 -12.75 -6.53 1.60
CA GLN A 23 -12.10 -5.38 2.22
C GLN A 23 -11.63 -4.38 1.15
N CYS A 24 -10.55 -4.73 0.47
CA CYS A 24 -10.00 -3.86 -0.57
C CYS A 24 -9.19 -4.66 -1.57
N LEU A 25 -9.26 -4.28 -2.84
CA LEU A 25 -8.53 -4.97 -3.90
C LEU A 25 -7.05 -4.62 -3.86
N SER A 26 -6.76 -3.40 -3.41
CA SER A 26 -5.38 -2.93 -3.32
C SER A 26 -5.28 -1.67 -2.48
N ASP A 27 -4.06 -1.22 -2.23
CA ASP A 27 -3.83 -0.02 -1.43
C ASP A 27 -4.38 1.22 -2.12
N THR A 28 -4.45 1.16 -3.45
CA THR A 28 -4.95 2.27 -4.25
C THR A 28 -6.47 2.23 -4.35
N ASP A 29 -7.07 1.26 -3.67
CA ASP A 29 -8.53 1.12 -3.69
C ASP A 29 -9.20 2.29 -2.96
N CYS A 30 -8.48 2.88 -2.02
CA CYS A 30 -9.01 4.01 -1.26
C CYS A 30 -8.87 5.31 -2.05
N ASN A 31 -9.99 6.02 -2.19
CA ASN A 31 -10.00 7.28 -2.92
C ASN A 31 -8.92 8.22 -2.41
N THR A 32 -8.90 8.45 -1.09
CA THR A 32 -7.92 9.33 -0.48
C THR A 32 -6.51 8.73 -0.57
N ARG A 33 -5.51 9.53 -0.21
CA ARG A 33 -4.13 9.08 -0.26
C ARG A 33 -3.80 8.21 0.95
N LYS A 34 -4.52 7.11 1.09
CA LYS A 34 -4.30 6.18 2.20
C LYS A 34 -4.19 4.75 1.70
N PHE A 35 -3.46 3.92 2.44
CA PHE A 35 -3.27 2.52 2.07
C PHE A 35 -4.22 1.62 2.87
N CYS A 36 -4.15 0.32 2.60
CA CYS A 36 -4.99 -0.65 3.30
C CYS A 36 -4.21 -1.36 4.40
N LEU A 37 -4.59 -1.10 5.65
CA LEU A 37 -3.94 -1.72 6.79
C LEU A 37 -4.72 -2.93 7.29
N GLN A 38 -4.09 -4.10 7.24
CA GLN A 38 -4.73 -5.33 7.69
C GLN A 38 -4.12 -5.82 8.99
N PRO A 39 -4.67 -5.34 10.12
CA PRO A 39 -4.19 -5.71 11.46
C PRO A 39 -4.52 -7.16 11.81
N ARG A 40 -3.65 -7.78 12.60
CA ARG A 40 -3.86 -9.17 13.01
C ARG A 40 -4.80 -9.25 14.20
N ASP A 41 -4.84 -8.20 15.00
CA ASP A 41 -5.71 -8.15 16.18
C ASP A 41 -7.07 -7.57 15.82
N GLU A 42 -7.11 -6.79 14.74
CA GLU A 42 -8.36 -6.16 14.30
C GLU A 42 -8.70 -6.57 12.87
N LYS A 43 -9.79 -6.03 12.34
CA LYS A 43 -10.21 -6.33 10.99
C LYS A 43 -9.54 -5.41 9.98
N PRO A 44 -9.42 -5.88 8.73
CA PRO A 44 -8.79 -5.12 7.65
C PRO A 44 -9.63 -3.91 7.23
N PHE A 45 -8.97 -2.77 7.06
CA PHE A 45 -9.66 -1.54 6.66
C PHE A 45 -8.66 -0.48 6.21
N CYS A 46 -9.18 0.67 5.81
CA CYS A 46 -8.33 1.77 5.34
C CYS A 46 -7.83 2.60 6.52
N ALA A 47 -6.52 2.85 6.56
CA ALA A 47 -5.92 3.62 7.62
C ALA A 47 -4.95 4.67 7.06
N THR A 48 -4.67 5.69 7.86
CA THR A 48 -3.76 6.75 7.44
C THR A 48 -2.44 6.18 6.92
N CYS A 49 -1.70 7.00 6.18
CA CYS A 49 -0.42 6.57 5.62
C CYS A 49 0.71 6.83 6.60
N ARG A 50 1.91 6.38 6.25
CA ARG A 50 3.08 6.56 7.10
C ARG A 50 4.07 7.53 6.46
N GLY A 51 5.00 8.04 7.27
CA GLY A 51 6.00 8.96 6.76
C GLY A 51 7.33 8.29 6.49
N LEU A 52 8.39 9.08 6.44
CA LEU A 52 9.73 8.56 6.19
C LEU A 52 10.29 7.88 7.44
N ARG A 53 10.38 8.63 8.52
CA ARG A 53 10.91 8.11 9.78
C ARG A 53 10.03 6.96 10.28
N ARG A 54 8.76 6.96 9.89
CA ARG A 54 7.84 5.92 10.30
C ARG A 54 8.39 4.54 9.97
N ARG A 55 8.21 3.59 10.89
CA ARG A 55 8.69 2.23 10.70
C ARG A 55 7.71 1.42 9.85
N CYS A 56 8.24 0.47 9.08
CA CYS A 56 7.42 -0.37 8.23
C CYS A 56 8.03 -1.76 8.07
N GLN A 57 7.32 -2.64 7.39
CA GLN A 57 7.80 -4.00 7.16
C GLN A 57 7.72 -4.36 5.68
N ARG A 58 6.65 -3.93 5.03
CA ARG A 58 6.46 -4.22 3.60
C ARG A 58 6.73 -2.97 2.76
N ASP A 59 6.90 -3.17 1.47
CA ASP A 59 7.15 -2.07 0.55
C ASP A 59 5.87 -1.27 0.29
N ALA A 60 4.82 -1.98 -0.11
CA ALA A 60 3.54 -1.33 -0.39
C ALA A 60 2.95 -0.70 0.87
N MET A 61 3.35 -1.22 2.02
CA MET A 61 2.87 -0.70 3.30
C MET A 61 3.09 0.80 3.40
N CYS A 62 4.13 1.29 2.72
CA CYS A 62 4.45 2.71 2.73
C CYS A 62 3.79 3.42 1.55
N CYS A 63 3.53 4.71 1.71
CA CYS A 63 2.91 5.51 0.67
C CYS A 63 3.66 5.36 -0.65
N PRO A 64 2.99 5.70 -1.76
CA PRO A 64 3.58 5.62 -3.10
C PRO A 64 4.67 6.66 -3.32
N GLY A 65 5.88 6.20 -3.59
CA GLY A 65 6.99 7.10 -3.81
C GLY A 65 8.21 6.76 -2.97
N THR A 66 7.98 6.05 -1.87
CA THR A 66 9.06 5.65 -0.98
C THR A 66 9.21 4.14 -0.94
N LEU A 67 10.26 3.68 -0.25
CA LEU A 67 10.53 2.24 -0.13
C LEU A 67 10.71 1.84 1.32
N CYS A 68 10.53 0.56 1.60
CA CYS A 68 10.68 0.04 2.96
C CYS A 68 12.02 -0.65 3.14
N VAL A 69 12.95 0.04 3.80
CA VAL A 69 14.27 -0.50 4.04
C VAL A 69 14.62 -0.48 5.52
N ASN A 70 15.32 -1.51 5.98
CA ASN A 70 15.71 -1.62 7.38
C ASN A 70 14.48 -1.58 8.30
N ASP A 71 13.38 -2.12 7.81
CA ASP A 71 12.14 -2.15 8.58
C ASP A 71 11.62 -0.74 8.84
N VAL A 72 12.01 0.19 7.97
CA VAL A 72 11.59 1.58 8.11
C VAL A 72 11.46 2.26 6.74
N CYS A 73 10.54 3.21 6.65
CA CYS A 73 10.32 3.93 5.39
C CYS A 73 11.54 4.76 5.03
N THR A 74 11.81 4.87 3.73
CA THR A 74 12.95 5.63 3.24
C THR A 74 12.67 6.20 1.85
N THR A 75 13.41 7.25 1.49
CA THR A 75 13.24 7.89 0.20
C THR A 75 13.93 7.10 -0.90
N MET A 76 13.47 7.28 -2.14
CA MET A 76 14.05 6.58 -3.27
C MET A 76 15.50 7.00 -3.49
N GLU A 77 15.78 8.28 -3.31
CA GLU A 77 17.13 8.81 -3.48
C GLU A 77 18.08 8.19 -2.47
N ASP A 78 17.56 7.85 -1.29
CA ASP A 78 18.36 7.25 -0.24
C ASP A 78 18.71 5.81 -0.57
N ALA A 79 17.68 5.01 -0.89
CA ALA A 79 17.88 3.62 -1.23
C ALA A 79 18.76 3.46 -2.46
N THR A 80 18.93 2.22 -2.91
CA THR A 80 19.76 1.94 -4.08
C THR A 80 21.17 2.49 -3.90
N GLU A 81 21.94 1.86 -3.02
CA GLU A 81 23.31 2.29 -2.76
C GLU A 81 24.03 1.30 -1.86
N ASN A 82 24.19 0.08 -2.34
CA ASN A 82 24.86 -0.97 -1.59
C ASN A 82 25.07 -2.23 -2.44
N LEU A 83 25.75 -3.21 -1.87
CA LEU A 83 26.01 -4.45 -2.59
C LEU A 83 25.83 -5.66 -1.67
N TYR A 84 25.88 -6.85 -2.25
CA TYR A 84 25.72 -8.08 -1.49
C TYR A 84 27.00 -8.91 -1.50
N PHE A 85 27.01 -9.97 -0.70
CA PHE A 85 28.18 -10.84 -0.61
C PHE A 85 27.76 -12.31 -0.53
N GLN A 86 28.73 -13.21 -0.69
CA GLN A 86 28.45 -14.63 -0.64
C GLN A 86 29.58 -15.38 0.07
N SER A 87 29.21 -16.41 0.83
CA SER A 87 30.19 -17.20 1.57
C SER A 87 30.35 -18.59 0.96
N LEU A 88 31.59 -19.01 0.78
CA LEU A 88 31.88 -20.32 0.21
C LEU A 88 32.37 -21.29 1.27
N GLU A 89 31.48 -22.17 1.72
CA GLU A 89 31.82 -23.15 2.75
C GLU A 89 32.09 -24.52 2.11
N HIS A 90 32.64 -25.44 2.91
CA HIS A 90 32.94 -26.78 2.43
C HIS A 90 32.29 -27.83 3.33
N HIS A 91 32.25 -29.08 2.84
CA HIS A 91 31.66 -30.18 3.59
C HIS A 91 32.72 -31.15 4.06
N HIS A 92 32.32 -32.14 4.84
CA HIS A 92 33.24 -33.14 5.36
C HIS A 92 32.85 -34.54 4.90
N HIS A 93 33.61 -35.54 5.33
CA HIS A 93 33.34 -36.92 4.95
C HIS A 93 33.30 -37.82 6.19
N HIS A 94 32.94 -39.09 5.99
CA HIS A 94 32.85 -40.04 7.08
C HIS A 94 34.10 -40.93 7.12
N HIS A 95 34.35 -41.63 6.02
CA HIS A 95 35.51 -42.52 5.92
C HIS A 95 36.33 -42.20 4.68
N MET A 1 -21.38 -4.30 -52.36
CA MET A 1 -21.09 -5.65 -51.91
C MET A 1 -21.60 -5.89 -50.50
N LEU A 2 -22.92 -5.94 -50.36
CA LEU A 2 -23.53 -6.16 -49.06
C LEU A 2 -24.60 -7.25 -49.13
N VAL A 3 -24.34 -8.37 -48.46
CA VAL A 3 -25.27 -9.49 -48.45
C VAL A 3 -26.33 -9.31 -47.38
N LEU A 4 -27.59 -9.45 -47.76
CA LEU A 4 -28.70 -9.32 -46.82
C LEU A 4 -28.85 -10.56 -45.97
N ASP A 5 -28.67 -10.41 -44.65
CA ASP A 5 -28.80 -11.53 -43.73
C ASP A 5 -28.76 -11.04 -42.29
N PHE A 6 -27.61 -10.53 -41.87
CA PHE A 6 -27.44 -10.03 -40.50
C PHE A 6 -27.44 -11.18 -39.50
N ASN A 7 -28.59 -11.80 -39.32
CA ASN A 7 -28.71 -12.91 -38.38
C ASN A 7 -28.42 -12.47 -36.95
N ASN A 8 -28.81 -13.29 -35.99
CA ASN A 8 -28.58 -12.98 -34.58
C ASN A 8 -28.19 -14.23 -33.80
N ILE A 9 -27.14 -14.13 -32.99
CA ILE A 9 -26.68 -15.25 -32.19
C ILE A 9 -26.73 -14.93 -30.71
N ARG A 10 -27.83 -14.32 -30.27
CA ARG A 10 -28.01 -13.96 -28.87
C ARG A 10 -26.95 -12.95 -28.44
N SER A 11 -27.16 -12.34 -27.28
CA SER A 11 -26.23 -11.36 -26.75
C SER A 11 -26.48 -11.10 -25.27
N SER A 12 -26.29 -12.14 -24.46
CA SER A 12 -26.51 -12.03 -23.01
C SER A 12 -25.40 -12.74 -22.25
N ALA A 13 -24.69 -11.99 -21.41
CA ALA A 13 -23.60 -12.55 -20.62
C ALA A 13 -23.34 -11.71 -19.38
N ASP A 14 -24.33 -11.64 -18.50
CA ASP A 14 -24.22 -10.87 -17.27
C ASP A 14 -24.11 -11.79 -16.06
N LEU A 15 -25.17 -12.57 -15.82
CA LEU A 15 -25.20 -13.50 -14.70
C LEU A 15 -25.11 -12.75 -13.38
N HIS A 16 -25.27 -13.48 -12.27
CA HIS A 16 -25.21 -12.88 -10.94
C HIS A 16 -24.54 -13.83 -9.96
N GLY A 17 -24.54 -13.44 -8.68
CA GLY A 17 -23.92 -14.27 -7.66
C GLY A 17 -22.58 -13.73 -7.21
N ALA A 18 -22.60 -12.91 -6.16
CA ALA A 18 -21.37 -12.32 -5.63
C ALA A 18 -21.47 -12.12 -4.12
N ARG A 19 -20.48 -12.63 -3.40
CA ARG A 19 -20.46 -12.51 -1.95
C ARG A 19 -20.09 -11.09 -1.52
N LYS A 20 -20.84 -10.55 -0.58
CA LYS A 20 -20.60 -9.19 -0.08
C LYS A 20 -20.27 -9.21 1.40
N GLY A 21 -19.18 -9.88 1.76
CA GLY A 21 -18.78 -9.96 3.16
C GLY A 21 -17.55 -9.14 3.44
N SER A 22 -16.66 -9.03 2.45
CA SER A 22 -15.43 -8.27 2.62
C SER A 22 -15.62 -6.83 2.14
N GLN A 23 -15.29 -5.88 3.02
CA GLN A 23 -15.42 -4.47 2.69
C GLN A 23 -14.56 -4.11 1.48
N CYS A 24 -13.28 -4.45 1.55
CA CYS A 24 -12.35 -4.17 0.46
C CYS A 24 -11.56 -5.41 0.08
N LEU A 25 -11.25 -5.54 -1.21
CA LEU A 25 -10.50 -6.68 -1.72
C LEU A 25 -9.02 -6.35 -1.82
N SER A 26 -8.72 -5.08 -2.07
CA SER A 26 -7.33 -4.64 -2.20
C SER A 26 -7.19 -3.17 -1.81
N ASP A 27 -5.95 -2.70 -1.74
CA ASP A 27 -5.69 -1.31 -1.38
C ASP A 27 -6.33 -0.35 -2.37
N THR A 28 -6.50 -0.81 -3.61
CA THR A 28 -7.10 0.01 -4.66
C THR A 28 -8.52 0.44 -4.27
N ASP A 29 -9.15 -0.35 -3.42
CA ASP A 29 -10.51 -0.05 -2.97
C ASP A 29 -10.51 1.13 -2.01
N CYS A 30 -9.41 1.31 -1.28
CA CYS A 30 -9.29 2.39 -0.33
C CYS A 30 -9.09 3.73 -1.03
N ASN A 31 -9.03 4.80 -0.26
CA ASN A 31 -8.83 6.13 -0.83
C ASN A 31 -7.48 6.25 -1.52
N THR A 32 -7.25 7.38 -2.18
CA THR A 32 -5.99 7.61 -2.88
C THR A 32 -4.84 7.78 -1.90
N ARG A 33 -3.68 7.21 -2.26
CA ARG A 33 -2.50 7.29 -1.42
C ARG A 33 -2.75 6.61 -0.07
N LYS A 34 -3.65 5.64 -0.06
CA LYS A 34 -3.99 4.91 1.15
C LYS A 34 -4.29 3.44 0.85
N PHE A 35 -3.81 2.55 1.69
CA PHE A 35 -4.04 1.12 1.52
C PHE A 35 -5.09 0.61 2.50
N CYS A 36 -5.53 -0.63 2.30
CA CYS A 36 -6.53 -1.24 3.17
C CYS A 36 -5.86 -2.07 4.26
N LEU A 37 -6.03 -1.62 5.51
CA LEU A 37 -5.45 -2.31 6.65
C LEU A 37 -6.48 -3.19 7.35
N GLN A 38 -6.08 -4.41 7.69
CA GLN A 38 -6.97 -5.34 8.36
C GLN A 38 -6.29 -6.01 9.55
N PRO A 39 -6.37 -5.35 10.72
CA PRO A 39 -5.76 -5.85 11.95
C PRO A 39 -6.46 -7.09 12.49
N ARG A 40 -5.70 -7.97 13.14
CA ARG A 40 -6.26 -9.19 13.69
C ARG A 40 -6.89 -8.93 15.06
N ASP A 41 -6.39 -7.91 15.75
CA ASP A 41 -6.91 -7.55 17.06
C ASP A 41 -8.05 -6.54 16.95
N GLU A 42 -8.07 -5.81 15.84
CA GLU A 42 -9.11 -4.82 15.62
C GLU A 42 -9.87 -5.10 14.32
N LYS A 43 -10.82 -4.23 13.99
CA LYS A 43 -11.61 -4.38 12.77
C LYS A 43 -10.89 -3.77 11.58
N PRO A 44 -11.19 -4.28 10.37
CA PRO A 44 -10.60 -3.79 9.13
C PRO A 44 -11.07 -2.39 8.76
N PHE A 45 -10.14 -1.53 8.38
CA PHE A 45 -10.48 -0.16 8.00
C PHE A 45 -9.42 0.42 7.07
N CYS A 46 -9.64 1.65 6.62
CA CYS A 46 -8.70 2.32 5.73
C CYS A 46 -7.63 3.08 6.53
N ALA A 47 -6.37 2.88 6.15
CA ALA A 47 -5.26 3.54 6.82
C ALA A 47 -4.34 4.22 5.82
N THR A 48 -3.58 5.20 6.29
CA THR A 48 -2.66 5.93 5.44
C THR A 48 -1.25 5.39 5.56
N CYS A 49 -0.37 5.82 4.65
CA CYS A 49 1.02 5.37 4.66
C CYS A 49 1.71 5.75 5.96
N ARG A 50 2.94 5.29 6.13
CA ARG A 50 3.71 5.58 7.33
C ARG A 50 4.84 6.57 7.03
N GLY A 51 5.32 7.24 8.08
CA GLY A 51 6.40 8.20 7.91
C GLY A 51 7.71 7.54 7.53
N LEU A 52 8.79 8.33 7.54
CA LEU A 52 10.10 7.81 7.20
C LEU A 52 10.66 6.93 8.31
N ARG A 53 10.80 7.51 9.50
CA ARG A 53 11.31 6.78 10.65
C ARG A 53 10.47 5.54 10.93
N ARG A 54 9.21 5.57 10.50
CA ARG A 54 8.30 4.45 10.69
C ARG A 54 8.84 3.18 10.05
N ARG A 55 8.69 2.05 10.74
CA ARG A 55 9.17 0.78 10.23
C ARG A 55 8.23 0.23 9.16
N CYS A 56 8.75 -0.66 8.32
CA CYS A 56 7.96 -1.25 7.25
C CYS A 56 8.52 -2.61 6.85
N GLN A 57 7.72 -3.39 6.13
CA GLN A 57 8.13 -4.72 5.69
C GLN A 57 8.20 -4.79 4.17
N ARG A 58 7.41 -3.95 3.51
CA ARG A 58 7.38 -3.92 2.05
C ARG A 58 7.54 -2.50 1.54
N ASP A 59 7.62 -2.35 0.21
CA ASP A 59 7.78 -1.05 -0.41
C ASP A 59 6.44 -0.32 -0.49
N ALA A 60 5.46 -0.97 -1.07
CA ALA A 60 4.13 -0.39 -1.22
C ALA A 60 3.58 0.07 0.13
N MET A 61 4.04 -0.58 1.20
CA MET A 61 3.60 -0.23 2.55
C MET A 61 3.84 1.24 2.84
N CYS A 62 4.81 1.82 2.15
CA CYS A 62 5.15 3.23 2.34
C CYS A 62 4.57 4.08 1.21
N CYS A 63 4.36 5.36 1.50
CA CYS A 63 3.80 6.28 0.51
C CYS A 63 4.60 6.22 -0.79
N PRO A 64 3.97 6.69 -1.89
CA PRO A 64 4.61 6.70 -3.22
C PRO A 64 5.75 7.71 -3.30
N GLY A 65 6.95 7.21 -3.58
CA GLY A 65 8.11 8.08 -3.68
C GLY A 65 9.25 7.63 -2.80
N THR A 66 8.95 6.81 -1.80
CA THR A 66 9.97 6.31 -0.89
C THR A 66 10.11 4.79 -1.00
N LEU A 67 11.10 4.24 -0.31
CA LEU A 67 11.35 2.81 -0.33
C LEU A 67 11.59 2.27 1.07
N CYS A 68 11.40 0.96 1.25
CA CYS A 68 11.61 0.33 2.55
C CYS A 68 13.05 -0.13 2.70
N VAL A 69 13.85 0.68 3.39
CA VAL A 69 15.26 0.36 3.61
C VAL A 69 15.51 0.00 5.07
N ASN A 70 16.28 -1.08 5.28
CA ASN A 70 16.59 -1.53 6.63
C ASN A 70 15.31 -1.75 7.44
N ASP A 71 14.28 -2.26 6.79
CA ASP A 71 13.01 -2.52 7.46
C ASP A 71 12.38 -1.21 7.95
N VAL A 72 12.73 -0.11 7.31
CA VAL A 72 12.21 1.20 7.69
C VAL A 72 12.05 2.10 6.47
N CYS A 73 11.00 2.91 6.47
CA CYS A 73 10.72 3.82 5.37
C CYS A 73 11.91 4.77 5.15
N THR A 74 12.22 5.03 3.88
CA THR A 74 13.31 5.93 3.54
C THR A 74 13.08 6.58 2.18
N THR A 75 13.32 7.89 2.11
CA THR A 75 13.14 8.65 0.88
C THR A 75 14.10 8.17 -0.20
N MET A 76 13.61 8.09 -1.44
CA MET A 76 14.43 7.65 -2.56
C MET A 76 15.69 8.48 -2.67
N GLU A 77 15.56 9.79 -2.46
CA GLU A 77 16.70 10.69 -2.54
C GLU A 77 17.82 10.23 -1.62
N ASP A 78 17.46 9.64 -0.49
CA ASP A 78 18.43 9.16 0.48
C ASP A 78 18.94 7.77 0.08
N ALA A 79 18.04 6.94 -0.43
CA ALA A 79 18.40 5.59 -0.84
C ALA A 79 19.20 5.61 -2.13
N THR A 80 20.42 5.08 -2.07
CA THR A 80 21.30 5.04 -3.24
C THR A 80 21.40 3.62 -3.79
N GLU A 81 21.29 2.63 -2.91
CA GLU A 81 21.37 1.24 -3.32
C GLU A 81 22.75 0.92 -3.92
N ASN A 82 22.92 -0.32 -4.35
CA ASN A 82 24.19 -0.75 -4.95
C ASN A 82 24.33 -0.22 -6.37
N LEU A 83 25.17 0.79 -6.54
CA LEU A 83 25.39 1.39 -7.85
C LEU A 83 26.89 1.49 -8.15
N TYR A 84 27.21 1.96 -9.36
CA TYR A 84 28.60 2.12 -9.76
C TYR A 84 28.71 3.01 -11.00
N PHE A 85 29.91 3.54 -11.24
CA PHE A 85 30.14 4.41 -12.38
C PHE A 85 31.23 3.83 -13.29
N GLN A 86 31.25 4.27 -14.54
CA GLN A 86 32.23 3.80 -15.51
C GLN A 86 33.03 4.97 -16.09
N SER A 87 34.35 4.91 -15.94
CA SER A 87 35.22 5.95 -16.44
C SER A 87 35.40 5.84 -17.95
N LEU A 88 35.32 6.98 -18.63
CA LEU A 88 35.46 7.01 -20.08
C LEU A 88 36.86 6.59 -20.50
N GLU A 89 37.06 6.43 -21.80
CA GLU A 89 38.36 6.02 -22.34
C GLU A 89 38.60 6.61 -23.72
N HIS A 90 39.87 6.74 -24.10
CA HIS A 90 40.22 7.29 -25.40
C HIS A 90 41.66 6.95 -25.76
N HIS A 91 41.92 6.73 -27.05
CA HIS A 91 43.25 6.40 -27.53
C HIS A 91 44.25 7.49 -27.13
N HIS A 92 45.54 7.15 -27.18
CA HIS A 92 46.59 8.09 -26.84
C HIS A 92 47.64 8.17 -27.94
N HIS A 93 48.56 9.12 -27.82
CA HIS A 93 49.62 9.29 -28.81
C HIS A 93 50.72 10.21 -28.27
N HIS A 94 51.06 10.02 -27.00
CA HIS A 94 52.10 10.82 -26.37
C HIS A 94 52.59 10.16 -25.09
N HIS A 95 52.52 8.83 -25.05
CA HIS A 95 52.95 8.07 -23.88
C HIS A 95 54.39 7.61 -24.03
N MET A 1 -32.19 18.22 -9.14
CA MET A 1 -33.57 18.43 -8.73
C MET A 1 -34.22 17.11 -8.30
N LEU A 2 -33.77 16.59 -7.17
CA LEU A 2 -34.30 15.33 -6.64
C LEU A 2 -35.77 15.48 -6.29
N VAL A 3 -36.65 14.93 -7.14
CA VAL A 3 -38.08 14.99 -6.91
C VAL A 3 -38.47 14.22 -5.66
N LEU A 4 -39.38 14.80 -4.87
CA LEU A 4 -39.83 14.16 -3.64
C LEU A 4 -40.86 13.07 -3.94
N ASP A 5 -40.54 11.84 -3.56
CA ASP A 5 -41.43 10.72 -3.79
C ASP A 5 -41.91 10.13 -2.47
N PHE A 6 -42.58 8.98 -2.55
CA PHE A 6 -43.09 8.32 -1.35
C PHE A 6 -42.92 6.80 -1.45
N ASN A 7 -43.20 6.11 -0.35
CA ASN A 7 -43.08 4.66 -0.32
C ASN A 7 -44.16 3.99 -1.16
N ASN A 8 -45.41 4.38 -0.93
CA ASN A 8 -46.53 3.83 -1.67
C ASN A 8 -46.65 2.33 -1.43
N ILE A 9 -47.52 1.95 -0.49
CA ILE A 9 -47.73 0.55 -0.17
C ILE A 9 -46.42 -0.12 0.26
N ARG A 10 -46.17 -0.14 1.56
CA ARG A 10 -44.96 -0.74 2.10
C ARG A 10 -45.04 -2.26 2.04
N SER A 11 -44.08 -2.87 1.35
CA SER A 11 -44.04 -4.31 1.21
C SER A 11 -43.38 -4.96 2.42
N SER A 12 -43.13 -6.26 2.33
CA SER A 12 -42.49 -7.01 3.42
C SER A 12 -41.12 -7.52 3.00
N ALA A 13 -40.10 -6.68 3.17
CA ALA A 13 -38.73 -7.04 2.82
C ALA A 13 -38.34 -8.38 3.47
N ASP A 14 -38.27 -8.38 4.80
CA ASP A 14 -37.91 -9.59 5.53
C ASP A 14 -36.49 -10.03 5.17
N LEU A 15 -36.00 -11.05 5.88
CA LEU A 15 -34.67 -11.58 5.63
C LEU A 15 -33.61 -10.50 5.87
N HIS A 16 -33.61 -9.93 7.07
CA HIS A 16 -32.65 -8.89 7.42
C HIS A 16 -31.43 -9.50 8.10
N GLY A 17 -30.42 -9.84 7.31
CA GLY A 17 -29.21 -10.42 7.85
C GLY A 17 -28.05 -9.45 7.85
N ALA A 18 -27.14 -9.63 8.81
CA ALA A 18 -25.97 -8.76 8.92
C ALA A 18 -24.88 -9.41 9.76
N ARG A 19 -24.18 -10.37 9.16
CA ARG A 19 -23.10 -11.07 9.85
C ARG A 19 -21.93 -11.34 8.91
N LYS A 20 -20.72 -11.22 9.44
CA LYS A 20 -19.51 -11.44 8.65
C LYS A 20 -19.42 -10.44 7.50
N GLY A 21 -18.79 -9.30 7.77
CA GLY A 21 -18.65 -8.27 6.75
C GLY A 21 -17.33 -7.53 6.85
N SER A 22 -16.67 -7.33 5.72
CA SER A 22 -15.39 -6.63 5.70
C SER A 22 -15.58 -5.16 5.33
N GLN A 23 -14.49 -4.41 5.32
CA GLN A 23 -14.53 -2.99 5.00
C GLN A 23 -13.95 -2.73 3.61
N CYS A 24 -12.67 -3.03 3.44
CA CYS A 24 -12.00 -2.82 2.16
C CYS A 24 -11.30 -4.11 1.71
N LEU A 25 -11.21 -4.29 0.40
CA LEU A 25 -10.57 -5.47 -0.17
C LEU A 25 -9.22 -5.12 -0.78
N SER A 26 -9.08 -3.86 -1.20
CA SER A 26 -7.83 -3.40 -1.81
C SER A 26 -7.54 -1.96 -1.40
N ASP A 27 -6.27 -1.59 -1.45
CA ASP A 27 -5.85 -0.23 -1.09
C ASP A 27 -6.59 0.81 -1.91
N THR A 28 -7.03 0.41 -3.10
CA THR A 28 -7.77 1.30 -3.98
C THR A 28 -9.21 1.50 -3.52
N ASP A 29 -9.71 0.52 -2.78
CA ASP A 29 -11.08 0.58 -2.27
C ASP A 29 -11.21 1.67 -1.21
N CYS A 30 -10.10 1.98 -0.54
CA CYS A 30 -10.10 3.00 0.50
C CYS A 30 -10.29 4.39 -0.10
N ASN A 31 -9.25 4.90 -0.75
CA ASN A 31 -9.30 6.21 -1.37
C ASN A 31 -8.35 6.30 -2.56
N THR A 32 -7.05 6.34 -2.28
CA THR A 32 -6.04 6.42 -3.32
C THR A 32 -4.64 6.37 -2.73
N ARG A 33 -4.36 7.27 -1.80
CA ARG A 33 -3.06 7.33 -1.15
C ARG A 33 -3.09 6.67 0.22
N LYS A 34 -3.84 5.58 0.32
CA LYS A 34 -3.96 4.85 1.59
C LYS A 34 -4.00 3.35 1.35
N PHE A 35 -3.52 2.59 2.33
CA PHE A 35 -3.50 1.14 2.21
C PHE A 35 -4.62 0.51 3.04
N CYS A 36 -5.15 -0.60 2.56
CA CYS A 36 -6.23 -1.30 3.25
C CYS A 36 -5.69 -2.17 4.38
N LEU A 37 -5.64 -1.59 5.58
CA LEU A 37 -5.14 -2.32 6.75
C LEU A 37 -6.23 -3.20 7.36
N GLN A 38 -6.07 -4.51 7.22
CA GLN A 38 -7.03 -5.46 7.74
C GLN A 38 -6.36 -6.46 8.69
N PRO A 39 -6.27 -6.09 9.97
CA PRO A 39 -5.65 -6.93 11.00
C PRO A 39 -6.49 -8.17 11.31
N ARG A 40 -5.85 -9.19 11.85
CA ARG A 40 -6.53 -10.44 12.19
C ARG A 40 -7.19 -10.32 13.57
N ASP A 41 -6.45 -9.80 14.54
CA ASP A 41 -6.97 -9.63 15.89
C ASP A 41 -7.91 -8.44 15.97
N GLU A 42 -7.75 -7.50 15.04
CA GLU A 42 -8.58 -6.30 15.02
C GLU A 42 -9.47 -6.30 13.77
N LYS A 43 -10.25 -5.23 13.62
CA LYS A 43 -11.15 -5.09 12.49
C LYS A 43 -10.50 -4.27 11.38
N PRO A 44 -10.96 -4.48 10.13
CA PRO A 44 -10.45 -3.77 8.96
C PRO A 44 -10.85 -2.30 8.96
N PHE A 45 -9.91 -1.44 8.56
CA PHE A 45 -10.16 -0.01 8.50
C PHE A 45 -9.17 0.69 7.59
N CYS A 46 -9.52 1.89 7.15
CA CYS A 46 -8.66 2.66 6.25
C CYS A 46 -7.58 3.40 7.05
N ALA A 47 -6.33 3.03 6.80
CA ALA A 47 -5.20 3.66 7.49
C ALA A 47 -4.44 4.59 6.56
N THR A 48 -4.03 5.74 7.10
CA THR A 48 -3.29 6.73 6.32
C THR A 48 -1.90 6.20 5.94
N CYS A 49 -1.21 6.94 5.08
CA CYS A 49 0.12 6.56 4.63
C CYS A 49 1.14 6.76 5.75
N ARG A 50 2.38 6.33 5.50
CA ARG A 50 3.45 6.48 6.48
C ARG A 50 4.49 7.49 6.01
N GLY A 51 5.31 7.95 6.94
CA GLY A 51 6.34 8.93 6.61
C GLY A 51 7.70 8.30 6.41
N LEU A 52 8.74 9.12 6.39
CA LEU A 52 10.10 8.64 6.21
C LEU A 52 10.58 7.87 7.44
N ARG A 53 10.63 8.56 8.58
CA ARG A 53 11.07 7.95 9.82
C ARG A 53 10.18 6.78 10.19
N ARG A 54 8.93 6.81 9.73
CA ARG A 54 7.98 5.74 10.02
C ARG A 54 8.56 4.39 9.66
N ARG A 55 8.21 3.37 10.43
CA ARG A 55 8.69 2.01 10.20
C ARG A 55 7.84 1.30 9.16
N CYS A 56 8.42 0.29 8.52
CA CYS A 56 7.71 -0.48 7.49
C CYS A 56 8.26 -1.90 7.40
N GLN A 57 7.45 -2.81 6.88
CA GLN A 57 7.85 -4.20 6.73
C GLN A 57 7.92 -4.60 5.26
N ARG A 58 7.15 -3.91 4.43
CA ARG A 58 7.13 -4.19 3.00
C ARG A 58 7.43 -2.94 2.19
N ASP A 59 7.54 -3.09 0.88
CA ASP A 59 7.83 -1.97 0.00
C ASP A 59 6.57 -1.15 -0.28
N ALA A 60 5.51 -1.83 -0.72
CA ALA A 60 4.24 -1.17 -1.01
C ALA A 60 3.64 -0.55 0.25
N MET A 61 3.99 -1.12 1.41
CA MET A 61 3.47 -0.62 2.68
C MET A 61 3.77 0.86 2.84
N CYS A 62 4.82 1.33 2.19
CA CYS A 62 5.21 2.73 2.26
C CYS A 62 4.74 3.49 1.03
N CYS A 63 4.49 4.79 1.19
CA CYS A 63 4.03 5.63 0.09
C CYS A 63 4.94 5.48 -1.12
N PRO A 64 4.42 5.87 -2.30
CA PRO A 64 5.17 5.78 -3.56
C PRO A 64 6.31 6.79 -3.62
N GLY A 65 7.44 6.36 -4.17
CA GLY A 65 8.59 7.24 -4.29
C GLY A 65 9.68 6.91 -3.29
N THR A 66 9.30 6.18 -2.23
CA THR A 66 10.26 5.79 -1.20
C THR A 66 10.42 4.28 -1.15
N LEU A 67 11.38 3.81 -0.35
CA LEU A 67 11.64 2.39 -0.21
C LEU A 67 11.74 1.99 1.26
N CYS A 68 11.61 0.70 1.54
CA CYS A 68 11.69 0.20 2.90
C CYS A 68 13.12 -0.27 3.22
N VAL A 69 13.88 0.60 3.88
CA VAL A 69 15.25 0.26 4.25
C VAL A 69 15.37 0.02 5.75
N ASN A 70 16.02 -1.07 6.13
CA ASN A 70 16.21 -1.41 7.53
C ASN A 70 14.87 -1.42 8.27
N ASP A 71 13.85 -1.97 7.63
CA ASP A 71 12.52 -2.04 8.23
C ASP A 71 11.98 -0.65 8.52
N VAL A 72 12.46 0.34 7.78
CA VAL A 72 12.03 1.72 7.97
C VAL A 72 11.99 2.46 6.64
N CYS A 73 10.96 3.29 6.46
CA CYS A 73 10.80 4.06 5.23
C CYS A 73 12.03 4.92 4.97
N THR A 74 12.38 5.08 3.70
CA THR A 74 13.53 5.88 3.31
C THR A 74 13.35 6.47 1.91
N THR A 75 13.85 7.69 1.72
CA THR A 75 13.74 8.36 0.43
C THR A 75 14.69 7.75 -0.59
N MET A 76 14.21 7.61 -1.82
CA MET A 76 15.02 7.04 -2.89
C MET A 76 16.25 7.90 -3.15
N GLU A 77 16.15 9.18 -2.84
CA GLU A 77 17.26 10.11 -3.04
C GLU A 77 18.35 9.89 -2.00
N ASP A 78 17.96 9.38 -0.84
CA ASP A 78 18.91 9.12 0.24
C ASP A 78 19.49 7.72 0.12
N ALA A 79 18.62 6.73 0.03
CA ALA A 79 19.04 5.33 -0.09
C ALA A 79 20.02 5.16 -1.24
N THR A 80 21.02 4.31 -1.03
CA THR A 80 22.03 4.05 -2.05
C THR A 80 22.83 5.32 -2.37
N GLU A 81 24.02 5.42 -1.78
CA GLU A 81 24.88 6.57 -1.99
C GLU A 81 26.21 6.15 -2.59
N ASN A 82 27.04 7.14 -2.94
CA ASN A 82 28.36 6.86 -3.51
C ASN A 82 28.21 6.11 -4.83
N LEU A 83 28.26 6.84 -5.93
CA LEU A 83 28.14 6.24 -7.26
C LEU A 83 29.41 5.47 -7.62
N TYR A 84 29.46 4.96 -8.85
CA TYR A 84 30.61 4.22 -9.33
C TYR A 84 31.61 5.13 -10.02
N PHE A 85 32.30 5.96 -9.24
CA PHE A 85 33.27 6.88 -9.77
C PHE A 85 32.65 7.78 -10.85
N GLN A 86 33.48 8.59 -11.49
CA GLN A 86 33.02 9.50 -12.54
C GLN A 86 34.18 10.27 -13.15
N SER A 87 34.75 9.73 -14.22
CA SER A 87 35.86 10.37 -14.90
C SER A 87 35.40 11.57 -15.71
N LEU A 88 34.62 11.29 -16.75
CA LEU A 88 34.10 12.35 -17.62
C LEU A 88 35.20 12.90 -18.53
N GLU A 89 36.24 13.45 -17.92
CA GLU A 89 37.35 14.02 -18.67
C GLU A 89 38.57 14.22 -17.77
N HIS A 90 39.58 14.90 -18.30
CA HIS A 90 40.80 15.17 -17.54
C HIS A 90 41.68 16.16 -18.28
N HIS A 91 42.32 17.06 -17.53
CA HIS A 91 43.19 18.07 -18.10
C HIS A 91 44.45 17.43 -18.68
N HIS A 92 45.17 18.18 -19.51
CA HIS A 92 46.39 17.69 -20.14
C HIS A 92 47.29 18.85 -20.57
N HIS A 93 48.45 18.51 -21.11
CA HIS A 93 49.40 19.52 -21.57
C HIS A 93 50.63 18.87 -22.20
N HIS A 94 51.32 19.61 -23.05
CA HIS A 94 52.51 19.10 -23.72
C HIS A 94 53.23 20.22 -24.47
N HIS A 95 54.55 20.13 -24.53
CA HIS A 95 55.36 21.13 -25.22
C HIS A 95 55.06 21.13 -26.72
N MET A 1 -78.63 -11.76 -31.65
CA MET A 1 -77.86 -10.81 -30.85
C MET A 1 -77.68 -11.32 -29.43
N LEU A 2 -76.72 -12.22 -29.24
CA LEU A 2 -76.44 -12.79 -27.93
C LEU A 2 -74.99 -12.54 -27.53
N VAL A 3 -74.81 -11.98 -26.33
CA VAL A 3 -73.48 -11.68 -25.82
C VAL A 3 -73.17 -12.52 -24.58
N LEU A 4 -72.00 -13.17 -24.59
CA LEU A 4 -71.60 -14.00 -23.46
C LEU A 4 -70.77 -13.19 -22.46
N ASP A 5 -70.79 -13.63 -21.21
CA ASP A 5 -70.04 -12.95 -20.16
C ASP A 5 -68.80 -13.74 -19.77
N PHE A 6 -67.72 -13.03 -19.44
CA PHE A 6 -66.47 -13.67 -19.05
C PHE A 6 -65.72 -12.82 -18.03
N ASN A 7 -64.74 -13.43 -17.37
CA ASN A 7 -63.94 -12.72 -16.38
C ASN A 7 -62.47 -13.10 -16.48
N ASN A 8 -61.60 -12.24 -15.97
CA ASN A 8 -60.16 -12.49 -16.02
C ASN A 8 -59.45 -11.70 -14.92
N ILE A 9 -58.25 -12.17 -14.55
CA ILE A 9 -57.47 -11.51 -13.51
C ILE A 9 -55.98 -11.57 -13.83
N ARG A 10 -55.18 -10.89 -13.02
CA ARG A 10 -53.73 -10.87 -13.22
C ARG A 10 -53.01 -10.71 -11.89
N SER A 11 -51.94 -11.49 -11.72
CA SER A 11 -51.16 -11.45 -10.49
C SER A 11 -49.70 -11.15 -10.79
N SER A 12 -49.06 -10.42 -9.87
CA SER A 12 -47.65 -10.05 -10.04
C SER A 12 -47.04 -9.60 -8.71
N ALA A 13 -45.75 -9.80 -8.56
CA ALA A 13 -45.05 -9.41 -7.35
C ALA A 13 -43.54 -9.64 -7.48
N ASP A 14 -42.79 -9.21 -6.47
CA ASP A 14 -41.34 -9.36 -6.47
C ASP A 14 -40.73 -8.85 -5.18
N LEU A 15 -39.47 -9.19 -4.94
CA LEU A 15 -38.78 -8.76 -3.74
C LEU A 15 -37.31 -9.19 -3.76
N HIS A 16 -36.50 -8.59 -2.90
CA HIS A 16 -35.08 -8.92 -2.82
C HIS A 16 -34.43 -8.25 -1.61
N GLY A 17 -33.13 -8.46 -1.45
CA GLY A 17 -32.41 -7.87 -0.34
C GLY A 17 -31.02 -8.43 -0.19
N ALA A 18 -30.70 -8.94 1.00
CA ALA A 18 -29.40 -9.51 1.28
C ALA A 18 -28.30 -8.46 1.12
N ARG A 19 -27.09 -8.79 1.56
CA ARG A 19 -25.96 -7.87 1.48
C ARG A 19 -24.66 -8.59 1.83
N LYS A 20 -23.57 -7.82 1.88
CA LYS A 20 -22.26 -8.38 2.20
C LYS A 20 -21.71 -7.78 3.49
N GLY A 21 -20.91 -8.56 4.21
CA GLY A 21 -20.34 -8.10 5.46
C GLY A 21 -18.84 -7.91 5.36
N SER A 22 -18.41 -6.81 4.75
CA SER A 22 -16.99 -6.51 4.60
C SER A 22 -16.76 -5.01 4.51
N GLN A 23 -15.68 -4.54 5.14
CA GLN A 23 -15.34 -3.13 5.13
C GLN A 23 -14.71 -2.72 3.80
N CYS A 24 -13.64 -3.41 3.43
CA CYS A 24 -12.94 -3.11 2.18
C CYS A 24 -12.39 -4.39 1.56
N LEU A 25 -12.40 -4.44 0.23
CA LEU A 25 -11.90 -5.60 -0.49
C LEU A 25 -10.45 -5.39 -0.95
N SER A 26 -10.09 -4.13 -1.16
CA SER A 26 -8.74 -3.79 -1.59
C SER A 26 -8.45 -2.31 -1.35
N ASP A 27 -7.19 -1.93 -1.50
CA ASP A 27 -6.78 -0.55 -1.30
C ASP A 27 -7.58 0.40 -2.20
N THR A 28 -8.03 -0.13 -3.34
CA THR A 28 -8.81 0.68 -4.28
C THR A 28 -10.10 1.17 -3.64
N ASP A 29 -10.58 0.44 -2.63
CA ASP A 29 -11.80 0.80 -1.94
C ASP A 29 -11.61 2.07 -1.11
N CYS A 30 -10.36 2.31 -0.70
CA CYS A 30 -10.04 3.49 0.10
C CYS A 30 -9.72 4.68 -0.79
N ASN A 31 -9.24 4.39 -2.00
CA ASN A 31 -8.88 5.44 -2.94
C ASN A 31 -7.78 6.33 -2.39
N THR A 32 -7.33 7.28 -3.20
CA THR A 32 -6.27 8.20 -2.79
C THR A 32 -5.03 7.44 -2.33
N ARG A 33 -4.06 8.17 -1.79
CA ARG A 33 -2.82 7.56 -1.33
C ARG A 33 -3.01 6.92 0.05
N LYS A 34 -3.94 5.97 0.13
CA LYS A 34 -4.23 5.29 1.38
C LYS A 34 -4.48 3.80 1.14
N PHE A 35 -3.94 2.96 2.01
CA PHE A 35 -4.12 1.52 1.90
C PHE A 35 -5.09 1.00 2.95
N CYS A 36 -5.59 -0.21 2.74
CA CYS A 36 -6.53 -0.82 3.67
C CYS A 36 -5.86 -1.96 4.46
N LEU A 37 -5.35 -1.63 5.64
CA LEU A 37 -4.70 -2.62 6.49
C LEU A 37 -5.72 -3.43 7.27
N GLN A 38 -5.52 -4.74 7.31
CA GLN A 38 -6.42 -5.63 8.03
C GLN A 38 -5.66 -6.48 9.04
N PRO A 39 -5.48 -5.95 10.26
CA PRO A 39 -4.77 -6.65 11.34
C PRO A 39 -5.55 -7.84 11.87
N ARG A 40 -4.85 -8.76 12.53
CA ARG A 40 -5.48 -9.95 13.09
C ARG A 40 -6.09 -9.65 14.46
N ASP A 41 -5.33 -8.97 15.30
CA ASP A 41 -5.80 -8.61 16.64
C ASP A 41 -6.80 -7.46 16.58
N GLU A 42 -6.73 -6.67 15.50
CA GLU A 42 -7.63 -5.54 15.33
C GLU A 42 -8.53 -5.75 14.11
N LYS A 43 -9.36 -4.75 13.82
CA LYS A 43 -10.28 -4.82 12.70
C LYS A 43 -9.76 -4.00 11.52
N PRO A 44 -10.20 -4.35 10.31
CA PRO A 44 -9.80 -3.66 9.08
C PRO A 44 -10.38 -2.25 8.99
N PHE A 45 -9.60 -1.34 8.44
CA PHE A 45 -10.03 0.04 8.28
C PHE A 45 -9.07 0.83 7.39
N CYS A 46 -9.50 2.01 6.97
CA CYS A 46 -8.68 2.85 6.11
C CYS A 46 -7.48 3.41 6.88
N ALA A 47 -6.29 2.93 6.54
CA ALA A 47 -5.07 3.39 7.20
C ALA A 47 -4.28 4.34 6.30
N THR A 48 -3.73 5.39 6.90
CA THR A 48 -2.97 6.37 6.16
C THR A 48 -1.61 5.82 5.75
N CYS A 49 -0.91 6.54 4.88
CA CYS A 49 0.41 6.12 4.41
C CYS A 49 1.42 6.16 5.53
N ARG A 50 2.63 5.68 5.26
CA ARG A 50 3.70 5.66 6.25
C ARG A 50 4.80 6.65 5.88
N GLY A 51 5.24 7.44 6.87
CA GLY A 51 6.28 8.41 6.62
C GLY A 51 7.67 7.82 6.73
N LEU A 52 8.69 8.65 6.57
CA LEU A 52 10.07 8.20 6.65
C LEU A 52 10.40 7.72 8.07
N ARG A 53 9.67 8.23 9.05
CA ARG A 53 9.88 7.85 10.44
C ARG A 53 8.92 6.73 10.85
N ARG A 54 8.28 6.12 9.86
CA ARG A 54 7.34 5.04 10.11
C ARG A 54 7.93 3.70 9.68
N ARG A 55 7.74 2.69 10.52
CA ARG A 55 8.26 1.35 10.24
C ARG A 55 7.43 0.67 9.15
N CYS A 56 8.06 -0.23 8.41
CA CYS A 56 7.39 -0.95 7.34
C CYS A 56 8.05 -2.31 7.09
N GLN A 57 7.36 -3.17 6.36
CA GLN A 57 7.88 -4.50 6.05
C GLN A 57 8.17 -4.64 4.56
N ARG A 58 7.47 -3.86 3.75
CA ARG A 58 7.66 -3.89 2.31
C ARG A 58 7.60 -2.49 1.71
N ASP A 59 8.12 -2.34 0.50
CA ASP A 59 8.14 -1.05 -0.17
C ASP A 59 6.78 -0.75 -0.79
N ALA A 60 6.04 -1.80 -1.11
CA ALA A 60 4.72 -1.64 -1.71
C ALA A 60 3.78 -0.87 -0.80
N MET A 61 3.78 -1.24 0.48
CA MET A 61 2.93 -0.58 1.47
C MET A 61 3.36 0.87 1.68
N CYS A 62 4.64 1.15 1.40
CA CYS A 62 5.18 2.50 1.56
C CYS A 62 4.77 3.39 0.39
N CYS A 63 4.51 4.66 0.68
CA CYS A 63 4.12 5.61 -0.35
C CYS A 63 5.10 5.59 -1.51
N PRO A 64 4.66 6.10 -2.68
CA PRO A 64 5.49 6.16 -3.88
C PRO A 64 6.63 7.17 -3.76
N GLY A 65 7.76 6.85 -4.38
CA GLY A 65 8.90 7.75 -4.32
C GLY A 65 9.89 7.36 -3.24
N THR A 66 9.43 6.59 -2.27
CA THR A 66 10.27 6.14 -1.17
C THR A 66 10.45 4.62 -1.18
N LEU A 67 11.32 4.13 -0.31
CA LEU A 67 11.58 2.70 -0.22
C LEU A 67 11.61 2.24 1.24
N CYS A 68 11.39 0.95 1.46
CA CYS A 68 11.39 0.39 2.80
C CYS A 68 12.77 -0.17 3.16
N VAL A 69 13.55 0.62 3.88
CA VAL A 69 14.89 0.20 4.28
C VAL A 69 14.98 0.04 5.79
N ASN A 70 15.67 -1.01 6.23
CA ASN A 70 15.82 -1.28 7.66
C ASN A 70 14.48 -1.37 8.35
N ASP A 71 13.50 -1.94 7.65
CA ASP A 71 12.15 -2.10 8.20
C ASP A 71 11.52 -0.75 8.47
N VAL A 72 11.96 0.27 7.74
CA VAL A 72 11.44 1.63 7.90
C VAL A 72 11.46 2.39 6.58
N CYS A 73 10.43 3.21 6.37
CA CYS A 73 10.33 3.99 5.14
C CYS A 73 11.46 5.02 5.06
N THR A 74 11.95 5.24 3.85
CA THR A 74 13.04 6.19 3.64
C THR A 74 12.98 6.79 2.23
N THR A 75 13.60 7.96 2.05
CA THR A 75 13.62 8.62 0.76
C THR A 75 14.56 7.94 -0.21
N MET A 76 14.33 8.13 -1.50
CA MET A 76 15.17 7.53 -2.53
C MET A 76 16.60 8.04 -2.43
N GLU A 77 16.75 9.28 -1.96
CA GLU A 77 18.07 9.88 -1.82
C GLU A 77 18.87 9.19 -0.71
N ASP A 78 18.15 8.63 0.25
CA ASP A 78 18.79 7.93 1.37
C ASP A 78 19.08 6.48 1.02
N ALA A 79 18.10 5.82 0.40
CA ALA A 79 18.24 4.42 0.01
C ALA A 79 19.18 4.29 -1.19
N THR A 80 20.18 3.42 -1.04
CA THR A 80 21.15 3.20 -2.11
C THR A 80 21.93 4.47 -2.42
N GLU A 81 23.14 4.55 -1.89
CA GLU A 81 23.99 5.71 -2.11
C GLU A 81 25.26 5.34 -2.88
N ASN A 82 25.46 5.97 -4.02
CA ASN A 82 26.63 5.69 -4.85
C ASN A 82 27.64 6.83 -4.76
N LEU A 83 28.67 6.76 -5.59
CA LEU A 83 29.72 7.78 -5.60
C LEU A 83 30.43 7.83 -4.25
N TYR A 84 31.49 8.64 -4.18
CA TYR A 84 32.26 8.78 -2.96
C TYR A 84 33.15 10.03 -3.00
N PHE A 85 33.91 10.24 -1.94
CA PHE A 85 34.79 11.40 -1.86
C PHE A 85 36.22 11.01 -2.24
N GLN A 86 36.95 11.96 -2.81
CA GLN A 86 38.33 11.72 -3.22
C GLN A 86 39.31 12.36 -2.24
N SER A 87 40.60 12.22 -2.53
CA SER A 87 41.64 12.77 -1.66
C SER A 87 42.26 14.02 -2.28
N LEU A 88 43.30 14.53 -1.66
CA LEU A 88 43.99 15.72 -2.14
C LEU A 88 45.18 15.35 -3.02
N GLU A 89 45.79 14.21 -2.72
CA GLU A 89 46.94 13.74 -3.49
C GLU A 89 48.09 14.73 -3.40
N HIS A 90 49.15 14.48 -4.17
CA HIS A 90 50.32 15.34 -4.17
C HIS A 90 50.72 15.72 -5.60
N HIS A 91 51.76 16.54 -5.72
CA HIS A 91 52.23 16.97 -7.03
C HIS A 91 53.73 16.71 -7.17
N HIS A 92 54.21 16.67 -8.41
CA HIS A 92 55.62 16.43 -8.69
C HIS A 92 55.90 16.49 -10.18
N HIS A 93 57.16 16.23 -10.55
CA HIS A 93 57.55 16.25 -11.95
C HIS A 93 57.36 17.65 -12.55
N HIS A 94 57.89 17.85 -13.75
CA HIS A 94 57.76 19.13 -14.43
C HIS A 94 56.75 19.06 -15.56
N HIS A 95 57.08 18.28 -16.59
CA HIS A 95 56.21 18.12 -17.75
C HIS A 95 56.38 16.74 -18.38
N MET A 1 -71.10 -27.38 -13.13
CA MET A 1 -70.86 -27.97 -11.81
C MET A 1 -69.37 -27.95 -11.47
N LEU A 2 -68.96 -26.95 -10.70
CA LEU A 2 -67.57 -26.81 -10.30
C LEU A 2 -67.45 -26.09 -8.95
N VAL A 3 -67.35 -26.87 -7.88
CA VAL A 3 -67.23 -26.31 -6.54
C VAL A 3 -65.80 -25.88 -6.25
N LEU A 4 -65.65 -24.69 -5.68
CA LEU A 4 -64.34 -24.17 -5.34
C LEU A 4 -63.78 -24.82 -4.08
N ASP A 5 -62.46 -24.86 -3.97
CA ASP A 5 -61.81 -25.45 -2.80
C ASP A 5 -60.38 -24.93 -2.66
N PHE A 6 -60.25 -23.61 -2.54
CA PHE A 6 -58.95 -22.99 -2.39
C PHE A 6 -58.86 -22.21 -1.08
N ASN A 7 -57.90 -22.57 -0.24
CA ASN A 7 -57.71 -21.90 1.04
C ASN A 7 -56.50 -22.47 1.78
N ASN A 8 -55.32 -22.29 1.19
CA ASN A 8 -54.09 -22.79 1.79
C ASN A 8 -52.92 -21.85 1.48
N ILE A 9 -52.29 -21.34 2.53
CA ILE A 9 -51.16 -20.43 2.37
C ILE A 9 -49.90 -21.02 3.00
N ARG A 10 -48.75 -20.44 2.66
CA ARG A 10 -47.48 -20.90 3.18
C ARG A 10 -46.60 -19.72 3.60
N SER A 11 -47.15 -18.86 4.47
CA SER A 11 -46.42 -17.69 4.95
C SER A 11 -45.19 -18.11 5.75
N SER A 12 -44.01 -17.80 5.21
CA SER A 12 -42.76 -18.15 5.87
C SER A 12 -42.16 -16.94 6.56
N ALA A 13 -41.28 -17.18 7.53
CA ALA A 13 -40.64 -16.11 8.27
C ALA A 13 -39.31 -16.57 8.86
N ASP A 14 -38.21 -16.26 8.16
CA ASP A 14 -36.88 -16.64 8.61
C ASP A 14 -35.80 -15.85 7.88
N LEU A 15 -35.35 -14.77 8.51
CA LEU A 15 -34.31 -13.92 7.91
C LEU A 15 -33.15 -13.72 8.88
N HIS A 16 -31.97 -14.15 8.46
CA HIS A 16 -30.77 -14.02 9.28
C HIS A 16 -29.55 -13.70 8.43
N GLY A 17 -28.45 -13.37 9.08
CA GLY A 17 -27.22 -13.04 8.36
C GLY A 17 -26.99 -11.54 8.26
N ALA A 18 -27.03 -11.03 7.05
CA ALA A 18 -26.82 -9.60 6.81
C ALA A 18 -25.50 -9.13 7.41
N ARG A 19 -24.49 -9.99 7.36
CA ARG A 19 -23.18 -9.67 7.90
C ARG A 19 -22.18 -9.41 6.77
N LYS A 20 -21.20 -8.55 7.04
CA LYS A 20 -20.18 -8.21 6.05
C LYS A 20 -18.94 -7.65 6.73
N GLY A 21 -17.92 -8.49 6.88
CA GLY A 21 -16.68 -8.06 7.50
C GLY A 21 -15.59 -7.79 6.50
N SER A 22 -15.73 -6.68 5.78
CA SER A 22 -14.73 -6.31 4.77
C SER A 22 -14.91 -4.84 4.35
N GLN A 23 -13.84 -4.07 4.49
CA GLN A 23 -13.87 -2.65 4.14
C GLN A 23 -13.09 -2.39 2.86
N CYS A 24 -11.82 -2.79 2.86
CA CYS A 24 -10.96 -2.60 1.70
C CYS A 24 -10.02 -3.79 1.52
N LEU A 25 -9.66 -4.07 0.27
CA LEU A 25 -8.75 -5.18 -0.03
C LEU A 25 -7.33 -4.67 -0.28
N SER A 26 -7.23 -3.44 -0.76
CA SER A 26 -5.92 -2.85 -1.03
C SER A 26 -5.99 -1.33 -0.94
N ASP A 27 -4.84 -0.68 -1.13
CA ASP A 27 -4.77 0.78 -1.08
C ASP A 27 -5.63 1.40 -2.18
N THR A 28 -5.76 0.70 -3.29
CA THR A 28 -6.54 1.19 -4.43
C THR A 28 -7.98 1.46 -4.01
N ASP A 29 -8.44 0.77 -2.97
CA ASP A 29 -9.80 0.94 -2.48
C ASP A 29 -9.93 2.24 -1.69
N CYS A 30 -8.83 2.69 -1.09
CA CYS A 30 -8.82 3.91 -0.31
C CYS A 30 -9.04 5.13 -1.20
N ASN A 31 -8.99 6.31 -0.61
CA ASN A 31 -9.19 7.56 -1.35
C ASN A 31 -7.90 7.98 -2.05
N THR A 32 -6.92 8.43 -1.27
CA THR A 32 -5.64 8.87 -1.81
C THR A 32 -4.65 9.18 -0.71
N ARG A 33 -3.36 9.12 -1.03
CA ARG A 33 -2.31 9.40 -0.06
C ARG A 33 -2.46 8.51 1.17
N LYS A 34 -3.06 7.35 0.98
CA LYS A 34 -3.26 6.40 2.07
C LYS A 34 -3.35 4.97 1.55
N PHE A 35 -3.31 4.01 2.47
CA PHE A 35 -3.38 2.60 2.10
C PHE A 35 -4.41 1.87 2.96
N CYS A 36 -4.56 0.57 2.71
CA CYS A 36 -5.51 -0.24 3.46
C CYS A 36 -4.78 -1.21 4.39
N LEU A 37 -4.72 -0.85 5.66
CA LEU A 37 -4.05 -1.69 6.66
C LEU A 37 -4.92 -2.89 7.03
N GLN A 38 -4.29 -4.04 7.18
CA GLN A 38 -5.00 -5.26 7.54
C GLN A 38 -4.32 -5.96 8.72
N PRO A 39 -4.72 -5.57 9.94
CA PRO A 39 -4.17 -6.14 11.17
C PRO A 39 -4.60 -7.59 11.39
N ARG A 40 -3.77 -8.36 12.09
CA ARG A 40 -4.08 -9.75 12.37
C ARG A 40 -5.02 -9.88 13.56
N ASP A 41 -4.97 -8.90 14.45
CA ASP A 41 -5.81 -8.90 15.65
C ASP A 41 -7.13 -8.19 15.37
N GLU A 42 -7.13 -7.31 14.38
CA GLU A 42 -8.33 -6.55 14.02
C GLU A 42 -8.72 -6.82 12.57
N LYS A 43 -9.79 -6.16 12.12
CA LYS A 43 -10.26 -6.32 10.76
C LYS A 43 -9.58 -5.33 9.82
N PRO A 44 -9.62 -5.63 8.51
CA PRO A 44 -9.01 -4.78 7.49
C PRO A 44 -9.75 -3.46 7.32
N PHE A 45 -9.00 -2.35 7.30
CA PHE A 45 -9.60 -1.03 7.16
C PHE A 45 -8.61 -0.07 6.51
N CYS A 46 -9.07 1.14 6.22
CA CYS A 46 -8.22 2.16 5.61
C CYS A 46 -7.59 3.06 6.66
N ALA A 47 -6.28 3.01 6.76
CA ALA A 47 -5.55 3.82 7.73
C ALA A 47 -4.68 4.86 7.04
N THR A 48 -4.06 5.74 7.83
CA THR A 48 -3.20 6.78 7.28
C THR A 48 -1.85 6.22 6.87
N CYS A 49 -1.31 6.74 5.76
CA CYS A 49 -0.02 6.29 5.26
C CYS A 49 1.08 6.53 6.28
N ARG A 50 2.24 5.92 6.06
CA ARG A 50 3.37 6.07 6.96
C ARG A 50 4.37 7.09 6.41
N GLY A 51 4.96 7.88 7.30
CA GLY A 51 5.92 8.89 6.89
C GLY A 51 7.34 8.34 6.83
N LEU A 52 8.29 9.20 6.48
CA LEU A 52 9.69 8.81 6.38
C LEU A 52 10.24 8.43 7.76
N ARG A 53 9.66 9.02 8.81
CA ARG A 53 10.10 8.75 10.17
C ARG A 53 9.27 7.64 10.80
N ARG A 54 8.49 6.95 9.97
CA ARG A 54 7.64 5.87 10.46
C ARG A 54 8.23 4.51 10.09
N ARG A 55 7.91 3.50 10.89
CA ARG A 55 8.41 2.15 10.66
C ARG A 55 7.48 1.38 9.73
N CYS A 56 8.06 0.53 8.89
CA CYS A 56 7.28 -0.27 7.96
C CYS A 56 7.75 -1.73 7.96
N GLN A 57 6.99 -2.59 7.28
CA GLN A 57 7.32 -4.00 7.20
C GLN A 57 7.58 -4.44 5.76
N ARG A 58 6.87 -3.80 4.83
CA ARG A 58 7.02 -4.12 3.41
C ARG A 58 7.22 -2.86 2.59
N ASP A 59 7.62 -3.03 1.34
CA ASP A 59 7.85 -1.90 0.44
C ASP A 59 6.52 -1.31 -0.04
N ALA A 60 5.51 -2.16 -0.15
CA ALA A 60 4.20 -1.71 -0.60
C ALA A 60 3.42 -1.07 0.55
N MET A 61 3.71 -1.49 1.77
CA MET A 61 3.02 -0.96 2.95
C MET A 61 3.11 0.57 2.97
N CYS A 62 4.26 1.10 2.57
CA CYS A 62 4.46 2.54 2.54
C CYS A 62 3.86 3.15 1.28
N CYS A 63 3.56 4.45 1.35
CA CYS A 63 2.98 5.16 0.22
C CYS A 63 3.88 5.03 -1.02
N PRO A 64 3.29 5.28 -2.20
CA PRO A 64 4.01 5.19 -3.47
C PRO A 64 5.03 6.31 -3.63
N GLY A 65 6.30 5.93 -3.80
CA GLY A 65 7.35 6.93 -3.96
C GLY A 65 8.53 6.68 -3.04
N THR A 66 8.29 5.90 -1.99
CA THR A 66 9.35 5.59 -1.02
C THR A 66 9.56 4.08 -0.92
N LEU A 67 10.60 3.68 -0.20
CA LEU A 67 10.92 2.27 -0.02
C LEU A 67 11.02 1.92 1.47
N CYS A 68 10.93 0.64 1.77
CA CYS A 68 11.01 0.16 3.15
C CYS A 68 12.39 -0.42 3.45
N VAL A 69 13.20 0.35 4.17
CA VAL A 69 14.54 -0.09 4.53
C VAL A 69 14.75 -0.09 6.05
N ASN A 70 15.31 -1.18 6.57
CA ASN A 70 15.55 -1.30 8.00
C ASN A 70 14.26 -1.10 8.78
N ASP A 71 13.16 -1.58 8.24
CA ASP A 71 11.86 -1.46 8.89
C ASP A 71 11.47 0.01 9.05
N VAL A 72 11.98 0.85 8.16
CA VAL A 72 11.69 2.28 8.19
C VAL A 72 11.48 2.83 6.78
N CYS A 73 10.50 3.73 6.65
CA CYS A 73 10.20 4.32 5.35
C CYS A 73 11.28 5.33 4.96
N THR A 74 11.99 5.04 3.88
CA THR A 74 13.05 5.90 3.39
C THR A 74 12.78 6.36 1.96
N THR A 75 13.41 7.47 1.56
CA THR A 75 13.24 8.00 0.22
C THR A 75 13.89 7.10 -0.81
N MET A 76 13.27 7.01 -1.99
CA MET A 76 13.80 6.18 -3.07
C MET A 76 15.22 6.60 -3.44
N GLU A 77 15.43 7.91 -3.56
CA GLU A 77 16.74 8.43 -3.90
C GLU A 77 17.81 7.92 -2.95
N ASP A 78 17.40 7.63 -1.72
CA ASP A 78 18.31 7.14 -0.70
C ASP A 78 18.46 5.62 -0.80
N ALA A 79 17.35 4.93 -1.07
CA ALA A 79 17.36 3.49 -1.19
C ALA A 79 17.91 3.05 -2.54
N THR A 80 19.18 2.63 -2.56
CA THR A 80 19.83 2.19 -3.78
C THR A 80 20.89 1.13 -3.49
N GLU A 81 20.59 -0.12 -3.88
CA GLU A 81 21.51 -1.22 -3.66
C GLU A 81 22.65 -1.18 -4.66
N ASN A 82 23.79 -0.64 -4.24
CA ASN A 82 24.95 -0.54 -5.10
C ASN A 82 25.65 -1.90 -5.25
N LEU A 83 26.41 -2.06 -6.31
CA LEU A 83 27.13 -3.31 -6.57
C LEU A 83 28.62 -3.15 -6.25
N TYR A 84 29.27 -4.28 -5.96
CA TYR A 84 30.69 -4.27 -5.65
C TYR A 84 31.52 -4.72 -6.84
N PHE A 85 32.80 -4.35 -6.84
CA PHE A 85 33.71 -4.71 -7.92
C PHE A 85 34.83 -5.61 -7.42
N GLN A 86 34.83 -6.86 -7.88
CA GLN A 86 35.84 -7.82 -7.48
C GLN A 86 36.46 -8.50 -8.69
N SER A 87 37.61 -9.14 -8.49
CA SER A 87 38.31 -9.84 -9.57
C SER A 87 38.77 -11.21 -9.12
N LEU A 88 38.52 -12.21 -9.96
CA LEU A 88 38.91 -13.58 -9.66
C LEU A 88 39.07 -14.40 -10.93
N GLU A 89 40.24 -15.00 -11.10
CA GLU A 89 40.53 -15.80 -12.28
C GLU A 89 41.21 -17.12 -11.89
N HIS A 90 42.28 -17.01 -11.14
CA HIS A 90 43.02 -18.19 -10.69
C HIS A 90 43.51 -19.01 -11.88
N HIS A 91 44.22 -20.09 -11.60
CA HIS A 91 44.74 -20.96 -12.65
C HIS A 91 45.04 -22.35 -12.11
N HIS A 92 45.50 -23.24 -12.98
CA HIS A 92 45.82 -24.61 -12.60
C HIS A 92 47.04 -25.12 -13.36
N HIS A 93 47.90 -25.87 -12.67
CA HIS A 93 49.09 -26.42 -13.29
C HIS A 93 49.09 -27.94 -13.23
N HIS A 94 47.96 -28.54 -13.58
CA HIS A 94 47.82 -29.99 -13.56
C HIS A 94 47.73 -30.55 -14.98
N HIS A 95 46.62 -30.26 -15.66
CA HIS A 95 46.41 -30.73 -17.02
C HIS A 95 47.08 -29.79 -18.02
N MET A 1 -40.70 -1.50 -52.96
CA MET A 1 -40.95 -0.08 -52.76
C MET A 1 -41.41 0.19 -51.33
N LEU A 2 -42.19 -0.74 -50.79
CA LEU A 2 -42.71 -0.61 -49.43
C LEU A 2 -42.33 -1.81 -48.58
N VAL A 3 -41.45 -1.59 -47.61
CA VAL A 3 -41.01 -2.67 -46.73
C VAL A 3 -41.79 -2.65 -45.41
N LEU A 4 -42.35 -3.79 -45.05
CA LEU A 4 -43.12 -3.91 -43.82
C LEU A 4 -42.20 -4.09 -42.62
N ASP A 5 -42.61 -3.55 -41.47
CA ASP A 5 -41.83 -3.66 -40.25
C ASP A 5 -42.68 -3.37 -39.02
N PHE A 6 -42.37 -4.04 -37.91
CA PHE A 6 -43.11 -3.84 -36.67
C PHE A 6 -42.39 -4.48 -35.49
N ASN A 7 -42.48 -3.85 -34.34
CA ASN A 7 -41.82 -4.35 -33.13
C ASN A 7 -42.75 -4.25 -31.93
N ASN A 8 -42.57 -5.17 -30.98
CA ASN A 8 -43.40 -5.19 -29.77
C ASN A 8 -42.75 -6.03 -28.69
N ILE A 9 -41.63 -5.57 -28.17
CA ILE A 9 -40.92 -6.28 -27.12
C ILE A 9 -40.68 -5.39 -25.91
N ARG A 10 -41.06 -5.89 -24.73
CA ARG A 10 -40.90 -5.15 -23.49
C ARG A 10 -40.15 -5.98 -22.45
N SER A 11 -38.85 -5.74 -22.33
CA SER A 11 -38.03 -6.48 -21.36
C SER A 11 -37.82 -5.66 -20.10
N SER A 12 -37.16 -6.26 -19.12
CA SER A 12 -36.89 -5.59 -17.85
C SER A 12 -35.77 -6.29 -17.08
N ALA A 13 -35.39 -5.72 -15.95
CA ALA A 13 -34.34 -6.30 -15.12
C ALA A 13 -34.23 -5.58 -13.79
N ASP A 14 -33.98 -6.33 -12.73
CA ASP A 14 -33.86 -5.76 -11.39
C ASP A 14 -33.12 -6.71 -10.45
N LEU A 15 -31.90 -6.34 -10.09
CA LEU A 15 -31.09 -7.17 -9.19
C LEU A 15 -30.11 -6.31 -8.40
N HIS A 16 -30.16 -6.43 -7.08
CA HIS A 16 -29.28 -5.67 -6.20
C HIS A 16 -28.76 -6.54 -5.06
N GLY A 17 -27.45 -6.80 -5.07
CA GLY A 17 -26.86 -7.63 -4.04
C GLY A 17 -25.40 -7.28 -3.79
N ALA A 18 -25.16 -6.36 -2.85
CA ALA A 18 -23.80 -5.94 -2.53
C ALA A 18 -23.70 -5.48 -1.09
N ARG A 19 -23.93 -6.40 -0.15
CA ARG A 19 -23.87 -6.08 1.28
C ARG A 19 -22.96 -7.05 2.01
N LYS A 20 -22.75 -6.80 3.30
CA LYS A 20 -21.91 -7.65 4.12
C LYS A 20 -20.54 -7.83 3.47
N GLY A 21 -19.62 -6.92 3.76
CA GLY A 21 -18.28 -7.00 3.20
C GLY A 21 -17.24 -6.38 4.11
N SER A 22 -16.07 -6.08 3.55
CA SER A 22 -14.98 -5.48 4.32
C SER A 22 -14.97 -3.97 4.16
N GLN A 23 -13.93 -3.34 4.71
CA GLN A 23 -13.79 -1.88 4.63
C GLN A 23 -13.24 -1.46 3.27
N CYS A 24 -12.47 -2.36 2.64
CA CYS A 24 -11.88 -2.07 1.35
C CYS A 24 -11.50 -3.37 0.63
N LEU A 25 -11.71 -3.40 -0.67
CA LEU A 25 -11.39 -4.58 -1.48
C LEU A 25 -9.91 -4.60 -1.83
N SER A 26 -9.30 -3.43 -1.88
CA SER A 26 -7.88 -3.32 -2.21
C SER A 26 -7.33 -1.97 -1.76
N ASP A 27 -6.02 -1.78 -1.95
CA ASP A 27 -5.37 -0.54 -1.57
C ASP A 27 -5.85 0.62 -2.44
N THR A 28 -6.25 0.30 -3.66
CA THR A 28 -6.74 1.32 -4.59
C THR A 28 -8.12 1.83 -4.18
N ASP A 29 -8.86 0.99 -3.46
CA ASP A 29 -10.20 1.36 -3.00
C ASP A 29 -10.14 2.47 -1.96
N CYS A 30 -9.01 2.55 -1.26
CA CYS A 30 -8.82 3.57 -0.23
C CYS A 30 -8.32 4.87 -0.84
N ASN A 31 -9.25 5.75 -1.20
CA ASN A 31 -8.89 7.03 -1.80
C ASN A 31 -8.32 6.84 -3.20
N THR A 32 -7.07 6.39 -3.27
CA THR A 32 -6.41 6.16 -4.55
C THR A 32 -4.98 5.64 -4.34
N ARG A 33 -4.28 6.23 -3.38
CA ARG A 33 -2.91 5.83 -3.08
C ARG A 33 -2.71 5.68 -1.58
N LYS A 34 -3.64 5.00 -0.91
CA LYS A 34 -3.55 4.78 0.52
C LYS A 34 -3.35 3.30 0.84
N PHE A 35 -2.91 3.02 2.07
CA PHE A 35 -2.68 1.65 2.50
C PHE A 35 -3.85 1.12 3.31
N CYS A 36 -4.19 -0.15 3.11
CA CYS A 36 -5.30 -0.76 3.82
C CYS A 36 -4.79 -1.80 4.82
N LEU A 37 -5.18 -1.64 6.09
CA LEU A 37 -4.76 -2.56 7.14
C LEU A 37 -5.87 -3.54 7.48
N GLN A 38 -5.50 -4.80 7.69
CA GLN A 38 -6.48 -5.83 8.02
C GLN A 38 -5.96 -6.72 9.16
N PRO A 39 -6.22 -6.30 10.40
CA PRO A 39 -5.79 -7.04 11.59
C PRO A 39 -6.56 -8.36 11.76
N ARG A 40 -5.89 -9.35 12.34
CA ARG A 40 -6.51 -10.65 12.56
C ARG A 40 -7.33 -10.64 13.85
N ASP A 41 -6.95 -9.79 14.79
CA ASP A 41 -7.66 -9.69 16.06
C ASP A 41 -8.78 -8.65 15.99
N GLU A 42 -8.63 -7.71 15.05
CA GLU A 42 -9.62 -6.65 14.87
C GLU A 42 -10.19 -6.68 13.46
N LYS A 43 -11.08 -5.73 13.18
CA LYS A 43 -11.71 -5.64 11.86
C LYS A 43 -10.83 -4.85 10.90
N PRO A 44 -11.00 -5.11 9.59
CA PRO A 44 -10.23 -4.43 8.54
C PRO A 44 -10.61 -2.97 8.39
N PHE A 45 -9.61 -2.11 8.26
CA PHE A 45 -9.85 -0.68 8.10
C PHE A 45 -8.71 -0.02 7.33
N CYS A 46 -8.95 1.21 6.86
CA CYS A 46 -7.95 1.95 6.12
C CYS A 46 -6.85 2.47 7.02
N ALA A 47 -5.62 2.47 6.52
CA ALA A 47 -4.48 2.94 7.30
C ALA A 47 -3.57 3.83 6.45
N THR A 48 -3.57 5.12 6.76
CA THR A 48 -2.77 6.10 6.04
C THR A 48 -1.28 5.78 6.17
N CYS A 49 -0.52 6.05 5.13
CA CYS A 49 0.92 5.79 5.13
C CYS A 49 1.59 6.48 6.31
N ARG A 50 2.88 6.24 6.48
CA ARG A 50 3.64 6.84 7.57
C ARG A 50 4.78 7.70 7.03
N GLY A 51 5.48 8.37 7.93
CA GLY A 51 6.59 9.23 7.53
C GLY A 51 7.80 8.43 7.10
N LEU A 52 8.93 9.12 6.92
CA LEU A 52 10.17 8.47 6.50
C LEU A 52 10.82 7.75 7.68
N ARG A 53 11.15 8.50 8.72
CA ARG A 53 11.78 7.93 9.91
C ARG A 53 10.93 6.80 10.48
N ARG A 54 9.63 6.84 10.20
CA ARG A 54 8.71 5.83 10.71
C ARG A 54 9.12 4.44 10.21
N ARG A 55 9.08 3.46 11.11
CA ARG A 55 9.45 2.09 10.77
C ARG A 55 8.43 1.47 9.82
N CYS A 56 8.87 0.50 9.03
CA CYS A 56 7.99 -0.17 8.08
C CYS A 56 8.51 -1.58 7.77
N GLN A 57 7.64 -2.40 7.21
CA GLN A 57 8.00 -3.77 6.86
C GLN A 57 7.93 -4.00 5.35
N ARG A 58 7.11 -3.20 4.69
CA ARG A 58 6.96 -3.31 3.24
C ARG A 58 6.90 -1.92 2.59
N ASP A 59 7.15 -1.88 1.28
CA ASP A 59 7.13 -0.62 0.55
C ASP A 59 5.71 -0.20 0.21
N ALA A 60 4.81 -1.18 0.17
CA ALA A 60 3.41 -0.91 -0.14
C ALA A 60 2.75 -0.07 0.95
N MET A 61 3.01 -0.44 2.20
CA MET A 61 2.45 0.29 3.34
C MET A 61 2.96 1.73 3.38
N CYS A 62 4.12 1.94 2.78
CA CYS A 62 4.73 3.28 2.75
C CYS A 62 4.21 4.08 1.57
N CYS A 63 4.01 5.37 1.79
CA CYS A 63 3.51 6.25 0.74
C CYS A 63 4.35 6.11 -0.54
N PRO A 64 3.77 6.55 -1.67
CA PRO A 64 4.44 6.48 -2.97
C PRO A 64 5.61 7.46 -3.07
N GLY A 65 6.68 7.04 -3.76
CA GLY A 65 7.85 7.89 -3.91
C GLY A 65 9.00 7.45 -3.03
N THR A 66 8.69 6.66 -2.01
CA THR A 66 9.72 6.17 -1.09
C THR A 66 9.85 4.65 -1.16
N LEU A 67 10.83 4.12 -0.47
CA LEU A 67 11.06 2.67 -0.45
C LEU A 67 11.38 2.19 0.96
N CYS A 68 10.73 1.09 1.36
CA CYS A 68 10.94 0.53 2.69
C CYS A 68 12.32 -0.13 2.79
N VAL A 69 13.21 0.49 3.55
CA VAL A 69 14.56 -0.03 3.72
C VAL A 69 14.99 0.04 5.18
N ASN A 70 15.72 -0.97 5.63
CA ASN A 70 16.21 -1.01 7.01
C ASN A 70 15.04 -0.95 7.99
N ASP A 71 13.91 -1.51 7.59
CA ASP A 71 12.71 -1.53 8.43
C ASP A 71 12.21 -0.12 8.69
N VAL A 72 12.53 0.79 7.78
CA VAL A 72 12.11 2.19 7.90
C VAL A 72 11.89 2.82 6.54
N CYS A 73 10.87 3.68 6.45
CA CYS A 73 10.56 4.36 5.19
C CYS A 73 11.75 5.20 4.71
N THR A 74 12.42 4.72 3.68
CA THR A 74 13.58 5.42 3.12
C THR A 74 13.30 5.88 1.71
N THR A 75 13.32 7.20 1.49
CA THR A 75 13.07 7.77 0.18
C THR A 75 13.97 7.13 -0.87
N MET A 76 13.42 6.94 -2.07
CA MET A 76 14.16 6.33 -3.17
C MET A 76 15.45 7.11 -3.44
N GLU A 77 15.38 8.43 -3.29
CA GLU A 77 16.55 9.28 -3.52
C GLU A 77 17.67 8.95 -2.55
N ASP A 78 17.29 8.54 -1.34
CA ASP A 78 18.27 8.19 -0.31
C ASP A 78 18.88 6.83 -0.58
N ALA A 79 18.03 5.86 -0.94
CA ALA A 79 18.49 4.51 -1.23
C ALA A 79 19.49 4.51 -2.38
N THR A 80 20.54 3.72 -2.23
CA THR A 80 21.57 3.62 -3.26
C THR A 80 21.97 2.18 -3.51
N GLU A 81 22.62 1.56 -2.52
CA GLU A 81 23.06 0.18 -2.63
C GLU A 81 23.62 -0.33 -1.31
N ASN A 82 22.81 -1.06 -0.57
CA ASN A 82 23.22 -1.60 0.72
C ASN A 82 23.77 -0.49 1.62
N LEU A 83 22.98 0.55 1.82
CA LEU A 83 23.39 1.67 2.66
C LEU A 83 24.70 2.26 2.18
N TYR A 84 25.23 3.23 2.92
CA TYR A 84 26.48 3.87 2.57
C TYR A 84 27.64 3.33 3.40
N PHE A 85 28.76 3.05 2.74
CA PHE A 85 29.94 2.52 3.43
C PHE A 85 31.05 3.56 3.48
N GLN A 86 31.23 4.18 4.64
CA GLN A 86 32.26 5.19 4.82
C GLN A 86 33.32 4.72 5.81
N SER A 87 34.43 4.22 5.28
CA SER A 87 35.53 3.73 6.11
C SER A 87 36.84 3.78 5.36
N LEU A 88 37.90 3.29 5.99
CA LEU A 88 39.23 3.29 5.38
C LEU A 88 39.94 1.96 5.64
N GLU A 89 40.13 1.18 4.59
CA GLU A 89 40.80 -0.11 4.70
C GLU A 89 42.32 0.06 4.66
N HIS A 90 43.02 -0.73 5.48
CA HIS A 90 44.47 -0.67 5.53
C HIS A 90 45.09 -1.72 4.61
N HIS A 91 46.41 -1.67 4.46
CA HIS A 91 47.13 -2.60 3.61
C HIS A 91 48.35 -3.15 4.32
N HIS A 92 48.49 -4.47 4.33
CA HIS A 92 49.63 -5.13 4.98
C HIS A 92 50.93 -4.77 4.27
N HIS A 93 51.80 -4.05 4.98
CA HIS A 93 53.09 -3.64 4.41
C HIS A 93 54.17 -4.66 4.75
N HIS A 94 54.11 -5.21 5.96
CA HIS A 94 55.09 -6.19 6.41
C HIS A 94 56.48 -5.59 6.45
N HIS A 95 57.46 -6.38 6.89
CA HIS A 95 58.84 -5.93 6.98
C HIS A 95 59.54 -6.05 5.63
N MET A 1 -58.63 14.50 44.79
CA MET A 1 -57.42 15.29 44.66
C MET A 1 -57.43 16.11 43.37
N LEU A 2 -57.82 15.46 42.28
CA LEU A 2 -57.88 16.13 40.98
C LEU A 2 -56.49 16.61 40.56
N VAL A 3 -55.84 15.84 39.69
CA VAL A 3 -54.52 16.19 39.20
C VAL A 3 -54.58 16.74 37.78
N LEU A 4 -53.74 17.72 37.49
CA LEU A 4 -53.69 18.33 36.17
C LEU A 4 -52.68 17.62 35.28
N ASP A 5 -53.16 17.14 34.13
CA ASP A 5 -52.29 16.44 33.17
C ASP A 5 -51.72 17.42 32.15
N PHE A 6 -50.64 17.00 31.49
CA PHE A 6 -50.00 17.83 30.48
C PHE A 6 -49.62 17.01 29.25
N ASN A 7 -50.53 16.13 28.83
CA ASN A 7 -50.29 15.28 27.68
C ASN A 7 -49.09 14.37 27.91
N ASN A 8 -48.84 13.48 26.96
CA ASN A 8 -47.72 12.55 27.05
C ASN A 8 -47.53 11.79 25.74
N ILE A 9 -46.35 11.22 25.56
CA ILE A 9 -46.03 10.47 24.36
C ILE A 9 -45.17 9.25 24.67
N ARG A 10 -45.29 8.21 23.85
CA ARG A 10 -44.52 6.99 24.04
C ARG A 10 -44.67 6.06 22.84
N SER A 11 -43.92 4.96 22.86
CA SER A 11 -43.97 3.98 21.78
C SER A 11 -43.60 4.64 20.44
N SER A 12 -43.78 3.88 19.36
CA SER A 12 -43.45 4.39 18.03
C SER A 12 -42.03 4.92 17.98
N ALA A 13 -41.07 4.01 17.84
CA ALA A 13 -39.66 4.39 17.79
C ALA A 13 -38.86 3.42 16.91
N ASP A 14 -37.93 3.96 16.14
CA ASP A 14 -37.10 3.14 15.25
C ASP A 14 -35.90 3.93 14.75
N LEU A 15 -34.71 3.39 14.95
CA LEU A 15 -33.48 4.05 14.52
C LEU A 15 -32.36 3.03 14.34
N HIS A 16 -32.73 1.81 13.98
CA HIS A 16 -31.75 0.75 13.77
C HIS A 16 -31.95 0.08 12.41
N GLY A 17 -30.85 -0.25 11.75
CA GLY A 17 -30.93 -0.89 10.45
C GLY A 17 -29.69 -1.71 10.13
N ALA A 18 -29.85 -3.03 10.11
CA ALA A 18 -28.74 -3.93 9.82
C ALA A 18 -27.62 -3.76 10.83
N ARG A 19 -26.63 -4.65 10.76
CA ARG A 19 -25.49 -4.60 11.67
C ARG A 19 -24.32 -5.41 11.14
N LYS A 20 -23.87 -5.08 9.94
CA LYS A 20 -22.76 -5.79 9.31
C LYS A 20 -22.26 -5.03 8.09
N GLY A 21 -20.96 -5.13 7.83
CA GLY A 21 -20.37 -4.45 6.70
C GLY A 21 -18.93 -4.02 6.95
N SER A 22 -18.11 -4.06 5.91
CA SER A 22 -16.70 -3.69 6.03
C SER A 22 -16.42 -2.40 5.28
N GLN A 23 -15.21 -1.88 5.44
CA GLN A 23 -14.82 -0.63 4.77
C GLN A 23 -14.09 -0.94 3.46
N CYS A 24 -12.96 -1.62 3.55
CA CYS A 24 -12.18 -1.97 2.39
C CYS A 24 -11.82 -3.45 2.38
N LEU A 25 -11.73 -4.03 1.19
CA LEU A 25 -11.41 -5.45 1.05
C LEU A 25 -9.95 -5.64 0.63
N SER A 26 -9.39 -4.63 -0.04
CA SER A 26 -8.01 -4.68 -0.50
C SER A 26 -7.40 -3.29 -0.50
N ASP A 27 -6.07 -3.23 -0.69
CA ASP A 27 -5.35 -1.96 -0.71
C ASP A 27 -5.90 -1.06 -1.81
N THR A 28 -6.39 -1.66 -2.89
CA THR A 28 -6.93 -0.91 -4.02
C THR A 28 -8.29 -0.30 -3.66
N ASP A 29 -8.98 -0.92 -2.71
CA ASP A 29 -10.28 -0.44 -2.28
C ASP A 29 -10.15 0.89 -1.55
N CYS A 30 -9.01 1.11 -0.91
CA CYS A 30 -8.76 2.34 -0.18
C CYS A 30 -8.93 3.56 -1.08
N ASN A 31 -7.96 3.76 -1.97
CA ASN A 31 -7.99 4.89 -2.89
C ASN A 31 -6.97 4.70 -4.01
N THR A 32 -5.69 4.70 -3.65
CA THR A 32 -4.62 4.54 -4.62
C THR A 32 -3.25 4.58 -3.94
N ARG A 33 -3.10 5.48 -2.98
CA ARG A 33 -1.84 5.62 -2.26
C ARG A 33 -2.01 5.25 -0.79
N LYS A 34 -2.93 4.32 -0.53
CA LYS A 34 -3.18 3.87 0.84
C LYS A 34 -3.43 2.36 0.88
N PHE A 35 -3.16 1.75 2.04
CA PHE A 35 -3.35 0.32 2.20
C PHE A 35 -4.49 0.04 3.17
N CYS A 36 -5.18 -1.07 2.94
CA CYS A 36 -6.30 -1.46 3.80
C CYS A 36 -5.82 -2.27 5.00
N LEU A 37 -5.56 -1.59 6.10
CA LEU A 37 -5.08 -2.25 7.31
C LEU A 37 -6.18 -3.12 7.92
N GLN A 38 -5.86 -4.38 8.17
CA GLN A 38 -6.82 -5.30 8.76
C GLN A 38 -6.26 -5.93 10.04
N PRO A 39 -6.48 -5.25 11.17
CA PRO A 39 -6.02 -5.72 12.48
C PRO A 39 -6.77 -6.95 12.95
N ARG A 40 -6.09 -7.79 13.74
CA ARG A 40 -6.70 -9.01 14.26
C ARG A 40 -7.52 -8.72 15.52
N ASP A 41 -7.15 -7.66 16.22
CA ASP A 41 -7.84 -7.26 17.44
C ASP A 41 -8.98 -6.30 17.13
N GLU A 42 -8.87 -5.61 16.00
CA GLU A 42 -9.89 -4.64 15.59
C GLU A 42 -10.44 -4.99 14.21
N LYS A 43 -11.34 -4.16 13.71
CA LYS A 43 -11.95 -4.37 12.41
C LYS A 43 -11.10 -3.75 11.30
N PRO A 44 -11.31 -4.19 10.06
CA PRO A 44 -10.58 -3.69 8.89
C PRO A 44 -10.97 -2.25 8.54
N PHE A 45 -10.01 -1.50 8.01
CA PHE A 45 -10.26 -0.11 7.62
C PHE A 45 -9.10 0.44 6.82
N CYS A 46 -9.23 1.69 6.39
CA CYS A 46 -8.18 2.34 5.60
C CYS A 46 -7.29 3.20 6.48
N ALA A 47 -5.99 2.93 6.43
CA ALA A 47 -5.02 3.69 7.23
C ALA A 47 -3.98 4.35 6.34
N THR A 48 -3.88 5.67 6.45
CA THR A 48 -2.91 6.42 5.65
C THR A 48 -1.51 5.84 5.79
N CYS A 49 -0.65 6.16 4.83
CA CYS A 49 0.72 5.67 4.83
C CYS A 49 1.43 6.03 6.15
N ARG A 50 2.64 5.53 6.31
CA ARG A 50 3.42 5.80 7.52
C ARG A 50 4.55 6.79 7.23
N GLY A 51 5.19 7.27 8.30
CA GLY A 51 6.28 8.21 8.14
C GLY A 51 7.54 7.57 7.59
N LEU A 52 8.67 8.22 7.81
CA LEU A 52 9.94 7.70 7.33
C LEU A 52 10.54 6.71 8.33
N ARG A 53 10.77 7.17 9.55
CA ARG A 53 11.33 6.33 10.59
C ARG A 53 10.47 5.08 10.81
N ARG A 54 9.20 5.18 10.47
CA ARG A 54 8.27 4.06 10.61
C ARG A 54 8.80 2.82 9.90
N ARG A 55 8.56 1.66 10.49
CA ARG A 55 9.01 0.40 9.91
C ARG A 55 8.07 -0.04 8.78
N CYS A 56 8.63 -0.74 7.79
CA CYS A 56 7.84 -1.23 6.67
C CYS A 56 8.37 -2.58 6.18
N GLN A 57 7.51 -3.31 5.48
CA GLN A 57 7.89 -4.63 4.95
C GLN A 57 7.86 -4.63 3.42
N ARG A 58 7.04 -3.75 2.86
CA ARG A 58 6.92 -3.65 1.40
C ARG A 58 7.15 -2.22 0.93
N ASP A 59 7.26 -2.05 -0.38
CA ASP A 59 7.49 -0.74 -0.96
C ASP A 59 6.19 0.06 -1.04
N ALA A 60 5.15 -0.56 -1.62
CA ALA A 60 3.86 0.08 -1.75
C ALA A 60 3.26 0.41 -0.39
N MET A 61 3.67 -0.34 0.63
CA MET A 61 3.18 -0.13 1.99
C MET A 61 3.41 1.32 2.42
N CYS A 62 4.41 1.96 1.84
CA CYS A 62 4.74 3.34 2.18
C CYS A 62 4.27 4.29 1.09
N CYS A 63 4.01 5.54 1.45
CA CYS A 63 3.55 6.54 0.51
C CYS A 63 4.48 6.61 -0.70
N PRO A 64 3.98 7.18 -1.81
CA PRO A 64 4.74 7.32 -3.04
C PRO A 64 5.87 8.33 -2.93
N GLY A 65 7.02 8.00 -3.49
CA GLY A 65 8.17 8.90 -3.43
C GLY A 65 9.30 8.34 -2.58
N THR A 66 8.97 7.37 -1.72
CA THR A 66 9.96 6.76 -0.85
C THR A 66 10.14 5.28 -1.18
N LEU A 67 11.12 4.65 -0.53
CA LEU A 67 11.39 3.23 -0.75
C LEU A 67 11.62 2.51 0.57
N CYS A 68 11.10 1.29 0.67
CA CYS A 68 11.25 0.49 1.89
C CYS A 68 12.67 -0.06 2.01
N VAL A 69 13.46 0.55 2.87
CA VAL A 69 14.84 0.13 3.08
C VAL A 69 15.15 -0.03 4.56
N ASN A 70 15.95 -1.04 4.89
CA ASN A 70 16.32 -1.30 6.28
C ASN A 70 15.08 -1.53 7.15
N ASP A 71 14.05 -2.11 6.54
CA ASP A 71 12.81 -2.38 7.25
C ASP A 71 12.15 -1.09 7.71
N VAL A 72 12.46 0.01 7.04
CA VAL A 72 11.89 1.31 7.38
C VAL A 72 11.72 2.17 6.14
N CYS A 73 10.79 3.12 6.21
CA CYS A 73 10.53 4.02 5.10
C CYS A 73 11.69 4.99 4.89
N THR A 74 12.46 4.74 3.83
CA THR A 74 13.61 5.59 3.52
C THR A 74 13.35 6.42 2.26
N THR A 75 13.86 7.65 2.27
CA THR A 75 13.69 8.54 1.12
C THR A 75 14.55 8.11 -0.05
N MET A 76 14.15 8.51 -1.25
CA MET A 76 14.90 8.16 -2.46
C MET A 76 16.21 8.93 -2.54
N GLU A 77 16.23 10.10 -1.92
CA GLU A 77 17.43 10.94 -1.91
C GLU A 77 18.54 10.30 -1.09
N ASP A 78 18.17 9.67 0.01
CA ASP A 78 19.13 9.02 0.89
C ASP A 78 19.55 7.66 0.33
N ALA A 79 18.57 6.96 -0.25
CA ALA A 79 18.84 5.64 -0.84
C ALA A 79 19.66 5.76 -2.11
N THR A 80 20.98 5.89 -1.96
CA THR A 80 21.87 6.02 -3.10
C THR A 80 23.30 5.67 -2.71
N GLU A 81 23.76 4.49 -3.14
CA GLU A 81 25.11 4.03 -2.84
C GLU A 81 26.14 4.91 -3.53
N ASN A 82 27.30 5.07 -2.89
CA ASN A 82 28.37 5.89 -3.44
C ASN A 82 29.17 5.11 -4.46
N LEU A 83 29.34 5.70 -5.65
CA LEU A 83 30.09 5.06 -6.73
C LEU A 83 31.16 5.99 -7.26
N TYR A 84 32.09 5.43 -8.03
CA TYR A 84 33.19 6.21 -8.61
C TYR A 84 33.51 5.73 -10.02
N PHE A 85 33.84 6.67 -10.90
CA PHE A 85 34.18 6.34 -12.28
C PHE A 85 35.26 7.27 -12.81
N GLN A 86 36.38 7.33 -12.10
CA GLN A 86 37.50 8.18 -12.50
C GLN A 86 38.82 7.43 -12.40
N SER A 87 39.82 7.89 -13.15
CA SER A 87 41.13 7.26 -13.15
C SER A 87 42.22 8.27 -13.45
N LEU A 88 42.12 8.93 -14.60
CA LEU A 88 43.10 9.93 -15.01
C LEU A 88 44.48 9.31 -15.15
N GLU A 89 45.44 10.11 -15.62
CA GLU A 89 46.80 9.64 -15.79
C GLU A 89 47.75 10.80 -16.09
N HIS A 90 49.05 10.51 -16.12
CA HIS A 90 50.05 11.53 -16.40
C HIS A 90 51.13 10.99 -17.32
N HIS A 91 51.74 11.89 -18.10
CA HIS A 91 52.80 11.50 -19.02
C HIS A 91 53.75 12.66 -19.27
N HIS A 92 55.01 12.48 -18.90
CA HIS A 92 56.03 13.51 -19.08
C HIS A 92 57.43 12.90 -19.13
N HIS A 93 57.84 12.46 -20.31
CA HIS A 93 59.15 11.86 -20.48
C HIS A 93 59.77 12.26 -21.81
N HIS A 94 61.08 12.09 -21.93
CA HIS A 94 61.79 12.44 -23.16
C HIS A 94 62.61 11.26 -23.67
N HIS A 95 62.29 10.80 -24.87
CA HIS A 95 62.99 9.67 -25.47
C HIS A 95 63.80 10.12 -26.69
N MET A 1 -63.55 -27.55 -17.68
CA MET A 1 -62.82 -26.34 -17.30
C MET A 1 -62.51 -26.32 -15.81
N LEU A 2 -62.13 -27.48 -15.28
CA LEU A 2 -61.81 -27.59 -13.86
C LEU A 2 -60.40 -27.05 -13.58
N VAL A 3 -60.35 -25.83 -13.04
CA VAL A 3 -59.07 -25.21 -12.72
C VAL A 3 -58.44 -25.84 -11.49
N LEU A 4 -57.12 -25.98 -11.50
CA LEU A 4 -56.40 -26.58 -10.39
C LEU A 4 -56.33 -25.61 -9.21
N ASP A 5 -56.95 -26.00 -8.10
CA ASP A 5 -56.95 -25.16 -6.89
C ASP A 5 -55.86 -25.60 -5.93
N PHE A 6 -55.26 -24.63 -5.25
CA PHE A 6 -54.20 -24.92 -4.29
C PHE A 6 -54.78 -25.18 -2.90
N ASN A 7 -53.98 -25.82 -2.04
CA ASN A 7 -54.41 -26.13 -0.69
C ASN A 7 -53.22 -26.53 0.18
N ASN A 8 -53.22 -26.05 1.42
CA ASN A 8 -52.13 -26.36 2.36
C ASN A 8 -50.86 -25.62 1.98
N ILE A 9 -50.34 -25.90 0.79
CA ILE A 9 -49.13 -25.26 0.31
C ILE A 9 -47.97 -25.47 1.28
N ARG A 10 -47.32 -26.63 1.17
CA ARG A 10 -46.20 -26.96 2.04
C ARG A 10 -44.89 -26.43 1.45
N SER A 11 -44.55 -26.90 0.27
CA SER A 11 -43.32 -26.47 -0.40
C SER A 11 -42.09 -26.81 0.45
N SER A 12 -40.92 -26.37 0.00
CA SER A 12 -39.68 -26.63 0.72
C SER A 12 -38.76 -25.42 0.66
N ALA A 13 -38.44 -24.88 1.84
CA ALA A 13 -37.57 -23.71 1.92
C ALA A 13 -36.20 -24.10 2.50
N ASP A 14 -35.14 -23.70 1.81
CA ASP A 14 -33.78 -24.00 2.25
C ASP A 14 -32.83 -22.86 1.88
N LEU A 15 -32.34 -22.15 2.89
CA LEU A 15 -31.42 -21.04 2.68
C LEU A 15 -30.04 -21.36 3.24
N HIS A 16 -29.00 -20.96 2.52
CA HIS A 16 -27.63 -21.20 2.94
C HIS A 16 -27.23 -20.23 4.06
N GLY A 17 -27.57 -18.96 3.88
CA GLY A 17 -27.24 -17.96 4.88
C GLY A 17 -25.89 -17.31 4.62
N ALA A 18 -25.77 -16.61 3.50
CA ALA A 18 -24.53 -15.94 3.14
C ALA A 18 -24.46 -14.55 3.76
N ARG A 19 -23.77 -14.46 4.90
CA ARG A 19 -23.63 -13.18 5.59
C ARG A 19 -22.18 -12.94 6.00
N LYS A 20 -21.38 -12.47 5.06
CA LYS A 20 -19.96 -12.20 5.33
C LYS A 20 -19.28 -11.63 4.09
N GLY A 21 -18.97 -10.33 4.13
CA GLY A 21 -18.31 -9.69 3.01
C GLY A 21 -17.21 -8.75 3.45
N SER A 22 -16.03 -8.87 2.81
CA SER A 22 -14.89 -8.03 3.15
C SER A 22 -15.11 -6.60 2.65
N GLN A 23 -14.58 -5.64 3.39
CA GLN A 23 -14.71 -4.23 3.03
C GLN A 23 -13.89 -3.90 1.79
N CYS A 24 -12.61 -4.29 1.81
CA CYS A 24 -11.72 -4.04 0.69
C CYS A 24 -11.04 -5.33 0.24
N LEU A 25 -10.89 -5.48 -1.07
CA LEU A 25 -10.26 -6.68 -1.63
C LEU A 25 -8.76 -6.46 -1.82
N SER A 26 -8.37 -5.20 -1.98
CA SER A 26 -6.96 -4.85 -2.18
C SER A 26 -6.71 -3.40 -1.78
N ASP A 27 -5.44 -3.09 -1.49
CA ASP A 27 -5.05 -1.75 -1.10
C ASP A 27 -5.48 -0.74 -2.15
N THR A 28 -5.61 -1.20 -3.40
CA THR A 28 -6.00 -0.33 -4.50
C THR A 28 -7.47 0.07 -4.37
N ASP A 29 -8.25 -0.75 -3.69
CA ASP A 29 -9.66 -0.48 -3.50
C ASP A 29 -9.88 0.74 -2.60
N CYS A 30 -8.92 0.99 -1.73
CA CYS A 30 -8.98 2.12 -0.81
C CYS A 30 -9.18 3.43 -1.58
N ASN A 31 -8.11 3.89 -2.22
CA ASN A 31 -8.15 5.13 -3.00
C ASN A 31 -7.04 5.17 -4.03
N THR A 32 -5.82 5.39 -3.56
CA THR A 32 -4.65 5.45 -4.44
C THR A 32 -3.37 5.67 -3.65
N ARG A 33 -3.43 6.54 -2.65
CA ARG A 33 -2.28 6.84 -1.81
C ARG A 33 -2.47 6.30 -0.40
N LYS A 34 -3.29 5.26 -0.28
CA LYS A 34 -3.56 4.65 1.02
C LYS A 34 -3.71 3.13 0.89
N PHE A 35 -3.44 2.42 1.98
CA PHE A 35 -3.55 0.97 1.98
C PHE A 35 -4.61 0.51 2.98
N CYS A 36 -4.95 -0.79 2.91
CA CYS A 36 -5.95 -1.36 3.80
C CYS A 36 -5.28 -2.08 4.97
N LEU A 37 -5.20 -1.40 6.10
CA LEU A 37 -4.59 -1.97 7.30
C LEU A 37 -5.55 -2.94 7.98
N GLN A 38 -5.09 -4.18 8.18
CA GLN A 38 -5.91 -5.20 8.82
C GLN A 38 -5.37 -5.52 10.21
N PRO A 39 -5.84 -4.76 11.22
CA PRO A 39 -5.43 -4.95 12.61
C PRO A 39 -5.97 -6.25 13.21
N ARG A 40 -5.24 -6.80 14.16
CA ARG A 40 -5.64 -8.04 14.81
C ARG A 40 -6.63 -7.77 15.94
N ASP A 41 -6.44 -6.65 16.63
CA ASP A 41 -7.31 -6.28 17.73
C ASP A 41 -8.57 -5.58 17.21
N GLU A 42 -8.47 -5.02 16.01
CA GLU A 42 -9.60 -4.32 15.40
C GLU A 42 -9.96 -4.95 14.06
N LYS A 43 -10.96 -4.36 13.40
CA LYS A 43 -11.41 -4.87 12.09
C LYS A 43 -10.60 -4.24 10.97
N PRO A 44 -10.62 -4.89 9.79
CA PRO A 44 -9.90 -4.40 8.61
C PRO A 44 -10.52 -3.13 8.03
N PHE A 45 -9.66 -2.20 7.63
CA PHE A 45 -10.12 -0.93 7.07
C PHE A 45 -8.96 -0.17 6.41
N CYS A 46 -9.28 0.96 5.79
CA CYS A 46 -8.27 1.78 5.13
C CYS A 46 -7.62 2.74 6.13
N ALA A 47 -6.29 2.79 6.10
CA ALA A 47 -5.54 3.67 7.00
C ALA A 47 -4.49 4.46 6.23
N THR A 48 -4.08 5.58 6.80
CA THR A 48 -3.07 6.43 6.18
C THR A 48 -1.69 5.79 6.24
N CYS A 49 -0.82 6.20 5.32
CA CYS A 49 0.53 5.67 5.27
C CYS A 49 1.31 6.01 6.53
N ARG A 50 2.52 5.48 6.64
CA ARG A 50 3.36 5.73 7.81
C ARG A 50 4.47 6.73 7.48
N GLY A 51 5.22 7.14 8.49
CA GLY A 51 6.31 8.07 8.29
C GLY A 51 7.54 7.41 7.71
N LEU A 52 8.69 8.06 7.88
CA LEU A 52 9.95 7.53 7.36
C LEU A 52 10.57 6.56 8.35
N ARG A 53 10.85 7.04 9.56
CA ARG A 53 11.45 6.21 10.60
C ARG A 53 10.60 4.97 10.86
N ARG A 54 9.31 5.07 10.57
CA ARG A 54 8.39 3.97 10.78
C ARG A 54 8.87 2.72 10.04
N ARG A 55 8.60 1.55 10.64
CA ARG A 55 9.01 0.28 10.04
C ARG A 55 8.04 -0.13 8.93
N CYS A 56 8.56 -0.86 7.94
CA CYS A 56 7.74 -1.31 6.83
C CYS A 56 8.23 -2.67 6.32
N GLN A 57 7.38 -3.35 5.55
CA GLN A 57 7.73 -4.66 5.00
C GLN A 57 7.71 -4.63 3.48
N ARG A 58 6.82 -3.81 2.92
CA ARG A 58 6.69 -3.69 1.48
C ARG A 58 6.94 -2.26 1.02
N ASP A 59 7.02 -2.06 -0.28
CA ASP A 59 7.25 -0.73 -0.85
C ASP A 59 5.95 0.08 -0.89
N ALA A 60 4.94 -0.48 -1.55
CA ALA A 60 3.65 0.19 -1.66
C ALA A 60 3.07 0.51 -0.28
N MET A 61 3.49 -0.27 0.72
CA MET A 61 3.01 -0.08 2.08
C MET A 61 3.29 1.35 2.56
N CYS A 62 4.30 1.98 1.97
CA CYS A 62 4.67 3.34 2.33
C CYS A 62 4.10 4.35 1.32
N CYS A 63 3.94 5.58 1.76
CA CYS A 63 3.41 6.64 0.90
C CYS A 63 4.19 6.70 -0.42
N PRO A 64 3.57 7.32 -1.43
CA PRO A 64 4.19 7.47 -2.75
C PRO A 64 5.36 8.44 -2.74
N GLY A 65 6.54 7.94 -3.09
CA GLY A 65 7.72 8.77 -3.11
C GLY A 65 8.79 8.30 -2.14
N THR A 66 8.68 7.04 -1.71
CA THR A 66 9.64 6.47 -0.77
C THR A 66 9.96 5.03 -1.13
N LEU A 67 10.92 4.44 -0.42
CA LEU A 67 11.32 3.07 -0.66
C LEU A 67 11.56 2.33 0.66
N CYS A 68 10.96 1.15 0.79
CA CYS A 68 11.11 0.35 2.00
C CYS A 68 12.53 -0.22 2.09
N VAL A 69 13.35 0.39 2.93
CA VAL A 69 14.73 -0.06 3.11
C VAL A 69 15.06 -0.21 4.59
N ASN A 70 15.85 -1.23 4.92
CA ASN A 70 16.25 -1.49 6.30
C ASN A 70 15.03 -1.71 7.18
N ASP A 71 13.97 -2.28 6.59
CA ASP A 71 12.74 -2.55 7.33
C ASP A 71 12.10 -1.25 7.80
N VAL A 72 12.40 -0.16 7.11
CA VAL A 72 11.86 1.15 7.45
C VAL A 72 11.67 2.01 6.22
N CYS A 73 10.74 2.96 6.30
CA CYS A 73 10.45 3.85 5.18
C CYS A 73 11.63 4.79 4.93
N THR A 74 12.37 4.52 3.85
CA THR A 74 13.52 5.35 3.50
C THR A 74 13.28 6.13 2.21
N THR A 75 13.44 7.45 2.30
CA THR A 75 13.23 8.32 1.14
C THR A 75 14.13 7.90 -0.02
N MET A 76 13.70 8.23 -1.24
CA MET A 76 14.45 7.90 -2.43
C MET A 76 15.79 8.62 -2.44
N GLU A 77 15.81 9.84 -1.92
CA GLU A 77 17.02 10.64 -1.87
C GLU A 77 18.12 9.90 -1.11
N ASP A 78 17.73 9.16 -0.08
CA ASP A 78 18.68 8.41 0.73
C ASP A 78 19.08 7.11 0.04
N ALA A 79 18.11 6.44 -0.57
CA ALA A 79 18.36 5.19 -1.27
C ALA A 79 18.97 5.44 -2.64
N THR A 80 20.28 5.71 -2.67
CA THR A 80 20.99 5.97 -3.91
C THR A 80 22.39 5.39 -3.88
N GLU A 81 22.51 4.12 -4.27
CA GLU A 81 23.80 3.44 -4.29
C GLU A 81 23.79 2.28 -5.26
N ASN A 82 24.96 1.93 -5.79
CA ASN A 82 25.08 0.83 -6.74
C ASN A 82 25.01 -0.51 -6.02
N LEU A 83 24.28 -1.44 -6.61
CA LEU A 83 24.12 -2.78 -6.02
C LEU A 83 25.48 -3.49 -5.93
N TYR A 84 25.58 -4.42 -4.99
CA TYR A 84 26.82 -5.17 -4.80
C TYR A 84 27.17 -5.96 -6.05
N PHE A 85 28.38 -6.52 -6.07
CA PHE A 85 28.84 -7.32 -7.20
C PHE A 85 29.31 -8.69 -6.75
N GLN A 86 29.52 -9.59 -7.71
CA GLN A 86 29.97 -10.94 -7.42
C GLN A 86 28.95 -11.67 -6.54
N SER A 87 29.28 -12.90 -6.16
CA SER A 87 28.40 -13.71 -5.34
C SER A 87 29.09 -14.98 -4.87
N LEU A 88 28.66 -15.51 -3.73
CA LEU A 88 29.24 -16.71 -3.17
C LEU A 88 28.88 -17.93 -4.02
N GLU A 89 29.90 -18.61 -4.53
CA GLU A 89 29.68 -19.79 -5.36
C GLU A 89 29.25 -20.99 -4.51
N HIS A 90 28.13 -21.60 -4.87
CA HIS A 90 27.60 -22.75 -4.14
C HIS A 90 27.51 -23.97 -5.05
N HIS A 91 26.55 -23.96 -5.95
CA HIS A 91 26.36 -25.08 -6.88
C HIS A 91 26.04 -26.37 -6.13
N HIS A 92 25.73 -27.42 -6.87
CA HIS A 92 25.40 -28.71 -6.27
C HIS A 92 25.54 -29.84 -7.29
N HIS A 93 25.40 -31.07 -6.83
CA HIS A 93 25.51 -32.23 -7.69
C HIS A 93 24.44 -33.28 -7.35
N HIS A 94 24.38 -34.33 -8.17
CA HIS A 94 23.40 -35.39 -7.96
C HIS A 94 24.08 -36.76 -7.90
N HIS A 95 23.44 -37.71 -7.25
CA HIS A 95 23.98 -39.06 -7.13
C HIS A 95 23.52 -39.94 -8.29
N MET A 1 -50.75 -53.80 -1.42
CA MET A 1 -49.42 -54.37 -1.49
C MET A 1 -48.51 -53.81 -0.40
N LEU A 2 -48.78 -52.56 -0.02
CA LEU A 2 -47.99 -51.89 1.02
C LEU A 2 -48.85 -51.58 2.24
N VAL A 3 -48.24 -51.63 3.41
CA VAL A 3 -48.95 -51.35 4.67
C VAL A 3 -48.59 -49.97 5.20
N LEU A 4 -49.58 -49.27 5.73
CA LEU A 4 -49.38 -47.93 6.28
C LEU A 4 -48.53 -48.00 7.54
N ASP A 5 -47.47 -47.19 7.58
CA ASP A 5 -46.58 -47.14 8.73
C ASP A 5 -46.24 -45.70 9.11
N PHE A 6 -46.28 -45.41 10.40
CA PHE A 6 -45.98 -44.07 10.89
C PHE A 6 -44.55 -43.65 10.51
N ASN A 7 -44.45 -42.76 9.53
CA ASN A 7 -43.15 -42.28 9.08
C ASN A 7 -42.64 -41.15 9.98
N ASN A 8 -41.32 -41.05 10.09
CA ASN A 8 -40.70 -40.01 10.92
C ASN A 8 -40.69 -38.67 10.19
N ILE A 9 -40.53 -37.59 10.95
CA ILE A 9 -40.50 -36.26 10.37
C ILE A 9 -39.37 -35.43 10.96
N ARG A 10 -38.14 -35.77 10.59
CA ARG A 10 -36.97 -35.07 11.08
C ARG A 10 -36.88 -33.67 10.49
N SER A 11 -36.60 -32.68 11.34
CA SER A 11 -36.49 -31.30 10.89
C SER A 11 -35.04 -30.87 10.77
N SER A 12 -34.63 -30.51 9.56
CA SER A 12 -33.26 -30.08 9.30
C SER A 12 -33.10 -28.59 9.58
N ALA A 13 -32.68 -28.26 10.79
CA ALA A 13 -32.49 -26.86 11.17
C ALA A 13 -31.19 -26.69 11.96
N ASP A 14 -30.89 -25.44 12.33
CA ASP A 14 -29.68 -25.15 13.08
C ASP A 14 -28.43 -25.54 12.28
N LEU A 15 -28.28 -24.95 11.10
CA LEU A 15 -27.13 -25.24 10.25
C LEU A 15 -25.95 -24.35 10.60
N HIS A 16 -24.81 -24.60 9.95
CA HIS A 16 -23.61 -23.81 10.18
C HIS A 16 -23.77 -22.39 9.64
N GLY A 17 -22.93 -21.48 10.11
CA GLY A 17 -22.99 -20.10 9.67
C GLY A 17 -21.73 -19.33 9.97
N ALA A 18 -20.80 -19.31 9.01
CA ALA A 18 -19.54 -18.60 9.19
C ALA A 18 -19.75 -17.09 9.14
N ARG A 19 -18.76 -16.35 9.64
CA ARG A 19 -18.84 -14.89 9.65
C ARG A 19 -18.49 -14.32 8.27
N LYS A 20 -17.64 -15.03 7.54
CA LYS A 20 -17.23 -14.60 6.21
C LYS A 20 -16.30 -13.39 6.30
N GLY A 21 -16.85 -12.25 6.69
CA GLY A 21 -16.06 -11.04 6.81
C GLY A 21 -15.83 -10.36 5.48
N SER A 22 -14.58 -10.23 5.09
CA SER A 22 -14.23 -9.58 3.82
C SER A 22 -14.84 -8.19 3.73
N GLN A 23 -14.17 -7.22 4.33
CA GLN A 23 -14.65 -5.84 4.33
C GLN A 23 -14.34 -5.16 2.99
N CYS A 24 -13.19 -5.51 2.41
CA CYS A 24 -12.77 -4.94 1.14
C CYS A 24 -12.19 -6.00 0.23
N LEU A 25 -12.31 -5.80 -1.08
CA LEU A 25 -11.79 -6.74 -2.06
C LEU A 25 -10.32 -6.46 -2.36
N SER A 26 -9.91 -5.22 -2.17
CA SER A 26 -8.54 -4.83 -2.43
C SER A 26 -8.29 -3.38 -1.99
N ASP A 27 -7.07 -2.91 -2.18
CA ASP A 27 -6.70 -1.55 -1.80
C ASP A 27 -7.55 -0.54 -2.56
N THR A 28 -8.04 -0.93 -3.73
CA THR A 28 -8.86 -0.06 -4.56
C THR A 28 -10.10 0.39 -3.81
N ASP A 29 -10.52 -0.41 -2.83
CA ASP A 29 -11.71 -0.09 -2.04
C ASP A 29 -11.46 1.13 -1.16
N CYS A 30 -10.20 1.33 -0.78
CA CYS A 30 -9.82 2.45 0.07
C CYS A 30 -9.99 3.77 -0.69
N ASN A 31 -9.62 4.86 -0.02
CA ASN A 31 -9.72 6.19 -0.63
C ASN A 31 -9.05 6.23 -1.99
N THR A 32 -7.72 6.24 -1.99
CA THR A 32 -6.96 6.26 -3.23
C THR A 32 -5.52 5.79 -3.00
N ARG A 33 -4.72 6.64 -2.37
CA ARG A 33 -3.32 6.31 -2.08
C ARG A 33 -3.18 5.73 -0.68
N LYS A 34 -3.94 4.69 -0.40
CA LYS A 34 -3.90 4.02 0.91
C LYS A 34 -4.11 2.53 0.77
N PHE A 35 -3.76 1.79 1.82
CA PHE A 35 -3.91 0.34 1.81
C PHE A 35 -5.06 -0.10 2.72
N CYS A 36 -5.62 -1.27 2.44
CA CYS A 36 -6.72 -1.80 3.24
C CYS A 36 -6.21 -2.46 4.51
N LEU A 37 -6.19 -1.69 5.60
CA LEU A 37 -5.73 -2.21 6.89
C LEU A 37 -6.84 -2.97 7.60
N GLN A 38 -6.62 -4.26 7.80
CA GLN A 38 -7.61 -5.10 8.47
C GLN A 38 -6.95 -5.95 9.55
N PRO A 39 -6.84 -5.40 10.77
CA PRO A 39 -6.23 -6.09 11.90
C PRO A 39 -7.09 -7.24 12.41
N ARG A 40 -6.43 -8.26 12.96
CA ARG A 40 -7.15 -9.42 13.48
C ARG A 40 -7.66 -9.16 14.89
N ASP A 41 -6.98 -8.27 15.60
CA ASP A 41 -7.38 -7.93 16.97
C ASP A 41 -8.35 -6.76 16.97
N GLU A 42 -8.33 -5.96 15.91
CA GLU A 42 -9.22 -4.81 15.80
C GLU A 42 -10.07 -4.90 14.54
N LYS A 43 -10.90 -3.88 14.31
CA LYS A 43 -11.75 -3.84 13.14
C LYS A 43 -11.02 -3.25 11.94
N PRO A 44 -11.54 -3.52 10.73
CA PRO A 44 -10.95 -3.03 9.49
C PRO A 44 -11.11 -1.52 9.33
N PHE A 45 -10.15 -0.89 8.66
CA PHE A 45 -10.18 0.55 8.44
C PHE A 45 -9.12 0.97 7.43
N CYS A 46 -9.34 2.12 6.81
CA CYS A 46 -8.40 2.64 5.82
C CYS A 46 -7.30 3.46 6.49
N ALA A 47 -6.08 2.94 6.46
CA ALA A 47 -4.94 3.62 7.07
C ALA A 47 -4.04 4.23 6.00
N THR A 48 -3.22 5.20 6.41
CA THR A 48 -2.31 5.86 5.48
C THR A 48 -0.89 5.32 5.63
N CYS A 49 -0.07 5.55 4.60
CA CYS A 49 1.31 5.08 4.62
C CYS A 49 2.03 5.52 5.89
N ARG A 50 3.15 4.87 6.18
CA ARG A 50 3.93 5.19 7.38
C ARG A 50 4.93 6.31 7.09
N GLY A 51 5.46 6.90 8.15
CA GLY A 51 6.41 7.98 7.99
C GLY A 51 7.82 7.48 7.71
N LEU A 52 8.73 8.40 7.46
CA LEU A 52 10.12 8.04 7.17
C LEU A 52 10.79 7.42 8.39
N ARG A 53 10.30 7.78 9.57
CA ARG A 53 10.85 7.26 10.82
C ARG A 53 10.10 6.00 11.26
N ARG A 54 9.29 5.46 10.36
CA ARG A 54 8.52 4.27 10.66
C ARG A 54 9.07 3.05 9.90
N ARG A 55 8.88 1.86 10.48
CA ARG A 55 9.36 0.64 9.87
C ARG A 55 8.45 0.21 8.72
N CYS A 56 9.02 -0.54 7.77
CA CYS A 56 8.26 -1.02 6.63
C CYS A 56 8.61 -2.46 6.29
N GLN A 57 7.65 -3.20 5.76
CA GLN A 57 7.86 -4.60 5.41
C GLN A 57 7.83 -4.78 3.89
N ARG A 58 7.05 -3.94 3.22
CA ARG A 58 6.93 -4.01 1.77
C ARG A 58 7.26 -2.67 1.12
N ASP A 59 7.89 -2.72 -0.05
CA ASP A 59 8.27 -1.50 -0.76
C ASP A 59 7.04 -0.70 -1.15
N ALA A 60 5.93 -1.39 -1.40
CA ALA A 60 4.68 -0.74 -1.78
C ALA A 60 3.94 -0.23 -0.55
N MET A 61 4.14 -0.89 0.58
CA MET A 61 3.49 -0.50 1.82
C MET A 61 3.74 0.97 2.13
N CYS A 62 4.92 1.46 1.77
CA CYS A 62 5.28 2.85 2.01
C CYS A 62 4.78 3.74 0.86
N CYS A 63 4.52 5.00 1.18
CA CYS A 63 4.05 5.96 0.18
C CYS A 63 5.01 6.03 -1.00
N PRO A 64 4.50 6.54 -2.14
CA PRO A 64 5.30 6.67 -3.36
C PRO A 64 6.38 7.74 -3.24
N GLY A 65 7.57 7.45 -3.76
CA GLY A 65 8.65 8.39 -3.69
C GLY A 65 9.78 7.93 -2.78
N THR A 66 9.45 7.01 -1.88
CA THR A 66 10.43 6.48 -0.94
C THR A 66 10.68 5.00 -1.17
N LEU A 67 11.67 4.45 -0.46
CA LEU A 67 12.00 3.03 -0.59
C LEU A 67 12.19 2.39 0.78
N CYS A 68 12.12 1.07 0.83
CA CYS A 68 12.30 0.33 2.07
C CYS A 68 13.77 0.05 2.34
N VAL A 69 14.35 0.80 3.27
CA VAL A 69 15.75 0.63 3.63
C VAL A 69 15.90 0.19 5.08
N ASN A 70 16.58 -0.94 5.28
CA ASN A 70 16.78 -1.48 6.62
C ASN A 70 15.47 -1.61 7.37
N ASP A 71 14.44 -2.09 6.68
CA ASP A 71 13.12 -2.26 7.28
C ASP A 71 12.56 -0.92 7.76
N VAL A 72 13.01 0.16 7.13
CA VAL A 72 12.55 1.50 7.49
C VAL A 72 12.29 2.34 6.25
N CYS A 73 11.22 3.13 6.30
CA CYS A 73 10.85 4.00 5.18
C CYS A 73 11.89 5.09 4.97
N THR A 74 12.69 4.93 3.91
CA THR A 74 13.72 5.91 3.59
C THR A 74 13.54 6.47 2.18
N THR A 75 13.46 7.80 2.08
CA THR A 75 13.29 8.46 0.80
C THR A 75 14.37 8.03 -0.19
N MET A 76 14.05 8.12 -1.48
CA MET A 76 15.00 7.75 -2.52
C MET A 76 16.26 8.62 -2.46
N GLU A 77 16.05 9.93 -2.30
CA GLU A 77 17.16 10.87 -2.22
C GLU A 77 17.96 10.66 -0.94
N ASP A 78 17.31 10.14 0.08
CA ASP A 78 17.97 9.89 1.37
C ASP A 78 18.76 8.58 1.33
N ALA A 79 18.28 7.63 0.53
CA ALA A 79 18.95 6.34 0.40
C ALA A 79 20.39 6.51 -0.06
N THR A 80 20.61 7.46 -0.97
CA THR A 80 21.94 7.72 -1.48
C THR A 80 21.95 8.94 -2.41
N GLU A 81 22.79 9.92 -2.09
CA GLU A 81 22.88 11.13 -2.89
C GLU A 81 24.23 11.20 -3.59
N ASN A 82 24.67 10.08 -4.17
CA ASN A 82 25.94 10.02 -4.87
C ASN A 82 27.10 10.35 -3.93
N LEU A 83 27.75 9.31 -3.41
CA LEU A 83 28.87 9.49 -2.49
C LEU A 83 30.01 8.54 -2.85
N TYR A 84 31.24 9.02 -2.68
CA TYR A 84 32.42 8.22 -2.98
C TYR A 84 32.41 6.91 -2.19
N PHE A 85 33.25 5.97 -2.61
CA PHE A 85 33.34 4.68 -1.94
C PHE A 85 34.67 4.00 -2.25
N GLN A 86 35.70 4.81 -2.48
CA GLN A 86 37.03 4.29 -2.79
C GLN A 86 38.05 5.42 -2.88
N SER A 87 39.17 5.27 -2.17
CA SER A 87 40.21 6.28 -2.17
C SER A 87 41.44 5.79 -1.42
N LEU A 88 41.94 4.62 -1.81
CA LEU A 88 43.11 4.04 -1.17
C LEU A 88 43.97 3.29 -2.19
N GLU A 89 45.12 3.86 -2.52
CA GLU A 89 46.03 3.25 -3.48
C GLU A 89 47.46 3.75 -3.27
N HIS A 90 48.30 2.88 -2.72
CA HIS A 90 49.70 3.21 -2.47
C HIS A 90 50.48 1.99 -2.02
N HIS A 91 51.75 1.93 -2.42
CA HIS A 91 52.61 0.81 -2.06
C HIS A 91 53.99 1.30 -1.60
N HIS A 92 53.99 2.23 -0.66
CA HIS A 92 55.23 2.79 -0.14
C HIS A 92 56.06 3.43 -1.26
N HIS A 93 57.25 3.88 -0.92
CA HIS A 93 58.13 4.52 -1.89
C HIS A 93 58.87 3.47 -2.73
N HIS A 94 59.63 3.93 -3.70
CA HIS A 94 60.39 3.03 -4.58
C HIS A 94 61.53 3.77 -5.27
N HIS A 95 62.75 3.42 -4.91
CA HIS A 95 63.93 4.05 -5.51
C HIS A 95 64.54 3.16 -6.59
N MET A 1 -31.67 -34.31 -37.40
CA MET A 1 -31.63 -32.91 -37.00
C MET A 1 -32.55 -32.66 -35.81
N LEU A 2 -31.99 -32.76 -34.60
CA LEU A 2 -32.75 -32.54 -33.38
C LEU A 2 -32.47 -31.17 -32.79
N VAL A 3 -33.52 -30.46 -32.40
CA VAL A 3 -33.37 -29.13 -31.82
C VAL A 3 -33.21 -29.21 -30.31
N LEU A 4 -32.36 -28.35 -29.76
CA LEU A 4 -32.11 -28.32 -28.32
C LEU A 4 -33.30 -27.73 -27.57
N ASP A 5 -33.71 -28.39 -26.50
CA ASP A 5 -34.84 -27.94 -25.69
C ASP A 5 -35.07 -28.86 -24.51
N PHE A 6 -35.65 -28.32 -23.45
CA PHE A 6 -35.94 -29.09 -22.23
C PHE A 6 -36.99 -28.41 -21.39
N ASN A 7 -36.72 -27.16 -21.00
CA ASN A 7 -37.65 -26.40 -20.18
C ASN A 7 -37.64 -24.92 -20.57
N ASN A 8 -36.47 -24.31 -20.48
CA ASN A 8 -36.31 -22.89 -20.81
C ASN A 8 -37.31 -22.04 -20.05
N ILE A 9 -36.98 -21.74 -18.79
CA ILE A 9 -37.85 -20.93 -17.94
C ILE A 9 -37.04 -19.91 -17.15
N ARG A 10 -37.73 -19.06 -16.41
CA ARG A 10 -37.08 -18.03 -15.61
C ARG A 10 -37.85 -17.77 -14.32
N SER A 11 -37.34 -18.29 -13.21
CA SER A 11 -37.97 -18.11 -11.91
C SER A 11 -36.94 -17.85 -10.82
N SER A 12 -37.15 -16.77 -10.07
CA SER A 12 -36.23 -16.40 -9.00
C SER A 12 -37.00 -15.88 -7.79
N ALA A 13 -36.61 -16.35 -6.60
CA ALA A 13 -37.26 -15.93 -5.37
C ALA A 13 -36.31 -16.07 -4.18
N ASP A 14 -36.81 -15.75 -2.99
CA ASP A 14 -36.01 -15.84 -1.77
C ASP A 14 -34.78 -14.95 -1.87
N LEU A 15 -34.87 -13.75 -1.31
CA LEU A 15 -33.76 -12.80 -1.33
C LEU A 15 -33.20 -12.58 0.07
N HIS A 16 -31.88 -12.55 0.18
CA HIS A 16 -31.22 -12.34 1.46
C HIS A 16 -30.01 -11.44 1.31
N GLY A 17 -29.64 -10.75 2.40
CA GLY A 17 -28.50 -9.86 2.37
C GLY A 17 -28.08 -9.41 3.75
N ALA A 18 -27.19 -10.16 4.37
CA ALA A 18 -26.70 -9.84 5.71
C ALA A 18 -25.48 -8.92 5.63
N ARG A 19 -25.18 -8.25 6.75
CA ARG A 19 -24.04 -7.35 6.81
C ARG A 19 -23.45 -7.32 8.20
N LYS A 20 -22.13 -7.49 8.30
CA LYS A 20 -21.44 -7.49 9.58
C LYS A 20 -20.66 -6.19 9.78
N GLY A 21 -19.63 -6.00 8.96
CA GLY A 21 -18.82 -4.79 9.05
C GLY A 21 -17.48 -4.94 8.36
N SER A 22 -17.21 -4.05 7.41
CA SER A 22 -15.96 -4.09 6.67
C SER A 22 -15.67 -2.74 6.03
N GLN A 23 -14.46 -2.22 6.27
CA GLN A 23 -14.06 -0.94 5.72
C GLN A 23 -13.55 -1.09 4.29
N CYS A 24 -12.59 -1.99 4.10
CA CYS A 24 -12.02 -2.24 2.78
C CYS A 24 -11.52 -3.67 2.66
N LEU A 25 -11.48 -4.18 1.43
CA LEU A 25 -11.02 -5.54 1.18
C LEU A 25 -9.64 -5.54 0.53
N SER A 26 -9.32 -4.46 -0.17
CA SER A 26 -8.04 -4.33 -0.84
C SER A 26 -7.49 -2.91 -0.70
N ASP A 27 -6.21 -2.74 -1.00
CA ASP A 27 -5.56 -1.43 -0.90
C ASP A 27 -6.16 -0.46 -1.91
N THR A 28 -6.59 -0.99 -3.06
CA THR A 28 -7.19 -0.18 -4.11
C THR A 28 -8.54 0.38 -3.67
N ASP A 29 -9.19 -0.32 -2.75
CA ASP A 29 -10.49 0.12 -2.24
C ASP A 29 -10.35 1.36 -1.38
N CYS A 30 -9.20 1.51 -0.74
CA CYS A 30 -8.94 2.65 0.13
C CYS A 30 -8.79 3.92 -0.69
N ASN A 31 -8.90 5.07 -0.02
CA ASN A 31 -8.78 6.35 -0.69
C ASN A 31 -7.43 6.49 -1.37
N THR A 32 -7.24 7.60 -2.09
CA THR A 32 -5.99 7.85 -2.80
C THR A 32 -4.82 7.98 -1.82
N ARG A 33 -3.69 7.42 -2.21
CA ARG A 33 -2.49 7.46 -1.36
C ARG A 33 -2.77 6.81 0.00
N LYS A 34 -3.51 5.72 -0.01
CA LYS A 34 -3.84 5.01 1.22
C LYS A 34 -3.92 3.50 0.97
N PHE A 35 -3.66 2.72 2.01
CA PHE A 35 -3.71 1.27 1.91
C PHE A 35 -4.73 0.69 2.89
N CYS A 36 -5.13 -0.55 2.64
CA CYS A 36 -6.10 -1.23 3.49
C CYS A 36 -5.41 -1.99 4.62
N LEU A 37 -5.42 -1.39 5.82
CA LEU A 37 -4.79 -2.00 6.97
C LEU A 37 -5.73 -2.99 7.65
N GLN A 38 -5.43 -4.27 7.53
CA GLN A 38 -6.25 -5.31 8.13
C GLN A 38 -5.51 -6.01 9.26
N PRO A 39 -5.63 -5.47 10.48
CA PRO A 39 -4.97 -6.02 11.66
C PRO A 39 -5.59 -7.35 12.10
N ARG A 40 -4.75 -8.24 12.61
CA ARG A 40 -5.20 -9.55 13.06
C ARG A 40 -5.79 -9.47 14.47
N ASP A 41 -5.37 -8.46 15.23
CA ASP A 41 -5.86 -8.27 16.58
C ASP A 41 -6.96 -7.20 16.63
N GLU A 42 -7.30 -6.68 15.45
CA GLU A 42 -8.34 -5.65 15.36
C GLU A 42 -9.12 -5.79 14.05
N LYS A 43 -10.06 -4.89 13.84
CA LYS A 43 -10.88 -4.90 12.63
C LYS A 43 -10.18 -4.18 11.49
N PRO A 44 -10.53 -4.55 10.24
CA PRO A 44 -9.95 -3.95 9.04
C PRO A 44 -10.38 -2.51 8.85
N PHE A 45 -9.40 -1.61 8.69
CA PHE A 45 -9.68 -0.20 8.49
C PHE A 45 -8.70 0.42 7.50
N CYS A 46 -8.92 1.69 7.18
CA CYS A 46 -8.06 2.40 6.24
C CYS A 46 -7.06 3.28 6.97
N ALA A 47 -5.78 3.12 6.65
CA ALA A 47 -4.72 3.92 7.28
C ALA A 47 -4.15 4.95 6.31
N THR A 48 -3.83 6.12 6.82
CA THR A 48 -3.28 7.19 6.00
C THR A 48 -1.81 6.94 5.68
N CYS A 49 -1.26 7.75 4.79
CA CYS A 49 0.14 7.62 4.39
C CYS A 49 1.05 7.60 5.63
N ARG A 50 2.11 6.80 5.55
CA ARG A 50 3.05 6.69 6.66
C ARG A 50 4.27 7.59 6.42
N GLY A 51 4.99 7.87 7.49
CA GLY A 51 6.18 8.72 7.39
C GLY A 51 7.45 7.93 7.16
N LEU A 52 8.58 8.60 7.16
CA LEU A 52 9.87 7.96 6.94
C LEU A 52 10.20 7.01 8.09
N ARG A 53 10.26 7.57 9.30
CA ARG A 53 10.58 6.78 10.49
C ARG A 53 9.59 5.63 10.65
N ARG A 54 8.40 5.78 10.08
CA ARG A 54 7.38 4.76 10.16
C ARG A 54 7.89 3.43 9.60
N ARG A 55 7.64 2.34 10.33
CA ARG A 55 8.08 1.02 9.90
C ARG A 55 7.26 0.53 8.72
N CYS A 56 7.79 -0.45 8.00
CA CYS A 56 7.10 -1.01 6.84
C CYS A 56 7.52 -2.46 6.62
N GLN A 57 6.72 -3.18 5.83
CA GLN A 57 7.00 -4.58 5.53
C GLN A 57 7.28 -4.78 4.04
N ARG A 58 6.73 -3.89 3.22
CA ARG A 58 6.92 -3.97 1.78
C ARG A 58 7.21 -2.59 1.19
N ASP A 59 7.52 -2.55 -0.10
CA ASP A 59 7.81 -1.30 -0.78
C ASP A 59 6.55 -0.48 -0.99
N ALA A 60 5.41 -1.17 -1.05
CA ALA A 60 4.13 -0.50 -1.25
C ALA A 60 3.58 0.03 0.07
N MET A 61 4.00 -0.57 1.17
CA MET A 61 3.56 -0.15 2.50
C MET A 61 3.78 1.34 2.70
N CYS A 62 4.80 1.88 2.02
CA CYS A 62 5.11 3.30 2.12
C CYS A 62 4.57 4.07 0.92
N CYS A 63 4.36 5.37 1.10
CA CYS A 63 3.86 6.22 0.02
C CYS A 63 4.69 6.05 -1.24
N PRO A 64 4.11 6.46 -2.38
CA PRO A 64 4.78 6.37 -3.68
C PRO A 64 5.94 7.35 -3.80
N GLY A 65 7.14 6.83 -4.00
CA GLY A 65 8.31 7.68 -4.13
C GLY A 65 9.45 7.26 -3.22
N THR A 66 9.11 6.47 -2.19
CA THR A 66 10.11 6.00 -1.24
C THR A 66 10.25 4.48 -1.29
N LEU A 67 11.22 3.96 -0.56
CA LEU A 67 11.45 2.51 -0.52
C LEU A 67 11.50 2.01 0.91
N CYS A 68 11.19 0.73 1.10
CA CYS A 68 11.20 0.12 2.42
C CYS A 68 12.60 -0.38 2.78
N VAL A 69 13.32 0.41 3.57
CA VAL A 69 14.67 0.04 3.98
C VAL A 69 14.71 -0.29 5.47
N ASN A 70 15.34 -1.41 5.80
CA ASN A 70 15.45 -1.84 7.20
C ASN A 70 14.07 -1.88 7.87
N ASP A 71 13.07 -2.31 7.10
CA ASP A 71 11.72 -2.40 7.62
C ASP A 71 11.18 -1.03 8.02
N VAL A 72 11.69 0.00 7.34
CA VAL A 72 11.27 1.38 7.62
C VAL A 72 11.32 2.23 6.36
N CYS A 73 10.33 3.09 6.20
CA CYS A 73 10.25 3.97 5.04
C CYS A 73 11.52 4.82 4.91
N THR A 74 12.05 4.89 3.70
CA THR A 74 13.27 5.67 3.44
C THR A 74 13.21 6.33 2.07
N THR A 75 13.59 7.61 2.03
CA THR A 75 13.57 8.37 0.78
C THR A 75 14.46 7.71 -0.27
N MET A 76 14.20 8.00 -1.53
CA MET A 76 14.97 7.44 -2.64
C MET A 76 16.39 8.00 -2.64
N GLU A 77 16.54 9.26 -2.25
CA GLU A 77 17.84 9.90 -2.22
C GLU A 77 18.62 9.47 -0.98
N ASP A 78 17.91 9.08 0.06
CA ASP A 78 18.54 8.64 1.31
C ASP A 78 18.99 7.19 1.19
N ALA A 79 18.17 6.36 0.56
CA ALA A 79 18.47 4.95 0.38
C ALA A 79 19.78 4.77 -0.38
N THR A 80 20.03 5.65 -1.34
CA THR A 80 21.26 5.58 -2.14
C THR A 80 22.49 5.73 -1.26
N GLU A 81 22.63 6.87 -0.62
CA GLU A 81 23.76 7.14 0.25
C GLU A 81 25.07 7.06 -0.53
N ASN A 82 25.53 8.19 -1.03
CA ASN A 82 26.78 8.25 -1.79
C ASN A 82 27.98 8.00 -0.90
N LEU A 83 28.94 7.24 -1.41
CA LEU A 83 30.15 6.91 -0.66
C LEU A 83 31.31 7.79 -1.11
N TYR A 84 32.43 7.70 -0.39
CA TYR A 84 33.62 8.47 -0.71
C TYR A 84 34.60 7.65 -1.54
N PHE A 85 35.48 8.35 -2.26
CA PHE A 85 36.48 7.68 -3.10
C PHE A 85 37.87 8.21 -2.81
N GLN A 86 38.77 7.32 -2.40
CA GLN A 86 40.14 7.71 -2.09
C GLN A 86 40.17 8.82 -1.05
N SER A 87 41.37 9.33 -0.77
CA SER A 87 41.53 10.40 0.20
C SER A 87 42.40 11.52 -0.36
N LEU A 88 42.73 12.49 0.49
CA LEU A 88 43.57 13.62 0.07
C LEU A 88 44.77 13.77 0.98
N GLU A 89 45.61 14.75 0.69
CA GLU A 89 46.80 15.01 1.49
C GLU A 89 47.73 13.79 1.48
N HIS A 90 48.75 13.84 0.61
CA HIS A 90 49.71 12.74 0.51
C HIS A 90 51.04 13.25 -0.03
N HIS A 91 51.99 12.33 -0.20
CA HIS A 91 53.32 12.67 -0.71
C HIS A 91 54.11 13.45 0.34
N HIS A 92 53.69 14.68 0.60
CA HIS A 92 54.37 15.53 1.58
C HIS A 92 55.82 15.77 1.17
N HIS A 93 56.07 16.93 0.56
CA HIS A 93 57.41 17.28 0.13
C HIS A 93 57.93 18.49 0.89
N HIS A 94 59.22 18.78 0.73
CA HIS A 94 59.84 19.92 1.40
C HIS A 94 59.75 19.77 2.92
N HIS A 95 60.82 19.27 3.52
CA HIS A 95 60.87 19.07 4.96
C HIS A 95 61.03 20.40 5.70
N MET A 1 -56.23 25.43 -19.31
CA MET A 1 -55.19 25.55 -20.31
C MET A 1 -54.04 24.57 -20.02
N LEU A 2 -53.85 23.62 -20.91
CA LEU A 2 -52.79 22.63 -20.75
C LEU A 2 -52.93 21.88 -19.43
N VAL A 3 -53.62 20.75 -19.48
CA VAL A 3 -53.84 19.93 -18.29
C VAL A 3 -52.57 19.17 -17.90
N LEU A 4 -52.01 19.50 -16.74
CA LEU A 4 -50.81 18.85 -16.26
C LEU A 4 -51.01 17.35 -16.11
N ASP A 5 -50.15 16.57 -16.75
CA ASP A 5 -50.24 15.11 -16.68
C ASP A 5 -49.16 14.55 -15.77
N PHE A 6 -47.92 14.59 -16.25
CA PHE A 6 -46.79 14.06 -15.48
C PHE A 6 -45.47 14.31 -16.22
N ASN A 7 -44.52 14.94 -15.53
CA ASN A 7 -43.22 15.24 -16.12
C ASN A 7 -42.26 14.07 -15.92
N ASN A 8 -41.96 13.38 -17.01
CA ASN A 8 -41.05 12.23 -16.97
C ASN A 8 -39.60 12.69 -17.20
N ILE A 9 -38.67 12.00 -16.56
CA ILE A 9 -37.25 12.33 -16.70
C ILE A 9 -36.38 11.32 -15.96
N ARG A 10 -36.87 10.85 -14.81
CA ARG A 10 -36.13 9.87 -14.01
C ARG A 10 -36.80 8.51 -14.07
N SER A 11 -38.14 8.51 -14.17
CA SER A 11 -38.89 7.27 -14.23
C SER A 11 -38.65 6.42 -12.99
N SER A 12 -39.31 5.28 -12.91
CA SER A 12 -39.16 4.37 -11.77
C SER A 12 -37.91 3.51 -11.93
N ALA A 13 -37.35 3.09 -10.81
CA ALA A 13 -36.15 2.26 -10.81
C ALA A 13 -36.27 1.12 -9.79
N ASP A 14 -36.33 1.49 -8.51
CA ASP A 14 -36.44 0.50 -7.45
C ASP A 14 -35.23 -0.43 -7.44
N LEU A 15 -34.04 0.14 -7.59
CA LEU A 15 -32.81 -0.63 -7.60
C LEU A 15 -31.60 0.26 -7.39
N HIS A 16 -31.08 0.27 -6.15
CA HIS A 16 -29.92 1.09 -5.82
C HIS A 16 -28.84 0.24 -5.15
N GLY A 17 -29.20 -0.39 -4.03
CA GLY A 17 -28.25 -1.22 -3.31
C GLY A 17 -28.91 -2.40 -2.64
N ALA A 18 -28.12 -3.20 -1.93
CA ALA A 18 -28.63 -4.36 -1.23
C ALA A 18 -27.70 -4.80 -0.11
N ARG A 19 -26.40 -4.81 -0.40
CA ARG A 19 -25.40 -5.21 0.59
C ARG A 19 -24.00 -5.06 0.02
N LYS A 20 -23.00 -5.02 0.90
CA LYS A 20 -21.61 -4.89 0.49
C LYS A 20 -20.75 -5.97 1.13
N GLY A 21 -20.85 -6.10 2.45
CA GLY A 21 -20.07 -7.10 3.16
C GLY A 21 -18.79 -6.53 3.75
N SER A 22 -17.67 -6.81 3.10
CA SER A 22 -16.38 -6.32 3.58
C SER A 22 -16.35 -4.80 3.60
N GLN A 23 -15.25 -4.25 4.10
CA GLN A 23 -15.09 -2.80 4.18
C GLN A 23 -14.42 -2.26 2.92
N CYS A 24 -13.37 -2.94 2.48
CA CYS A 24 -12.64 -2.52 1.28
C CYS A 24 -12.17 -3.73 0.48
N LEU A 25 -12.21 -3.61 -0.83
CA LEU A 25 -11.78 -4.70 -1.72
C LEU A 25 -10.30 -4.59 -2.04
N SER A 26 -9.81 -3.36 -2.13
CA SER A 26 -8.40 -3.13 -2.43
C SER A 26 -7.96 -1.75 -1.94
N ASP A 27 -6.75 -1.35 -2.31
CA ASP A 27 -6.22 -0.05 -1.90
C ASP A 27 -6.96 1.08 -2.60
N THR A 28 -7.52 0.79 -3.77
CA THR A 28 -8.27 1.78 -4.53
C THR A 28 -9.55 2.19 -3.81
N ASP A 29 -10.06 1.30 -2.97
CA ASP A 29 -11.27 1.56 -2.21
C ASP A 29 -11.01 2.53 -1.07
N CYS A 30 -9.77 2.54 -0.58
CA CYS A 30 -9.38 3.41 0.52
C CYS A 30 -9.33 4.87 0.05
N ASN A 31 -8.34 5.19 -0.77
CA ASN A 31 -8.18 6.54 -1.29
C ASN A 31 -7.18 6.57 -2.44
N THR A 32 -6.82 7.77 -2.87
CA THR A 32 -5.88 7.94 -3.97
C THR A 32 -4.44 7.78 -3.49
N ARG A 33 -4.22 8.06 -2.21
CA ARG A 33 -2.88 7.95 -1.63
C ARG A 33 -2.94 7.26 -0.27
N LYS A 34 -3.67 6.15 -0.20
CA LYS A 34 -3.81 5.41 1.04
C LYS A 34 -3.91 3.90 0.76
N PHE A 35 -3.62 3.10 1.77
CA PHE A 35 -3.69 1.65 1.63
C PHE A 35 -4.58 1.04 2.70
N CYS A 36 -5.17 -0.11 2.39
CA CYS A 36 -6.06 -0.80 3.32
C CYS A 36 -5.29 -1.84 4.13
N LEU A 37 -4.99 -1.50 5.39
CA LEU A 37 -4.27 -2.40 6.27
C LEU A 37 -5.22 -3.35 6.99
N GLN A 38 -4.89 -4.63 6.99
CA GLN A 38 -5.72 -5.64 7.65
C GLN A 38 -4.88 -6.52 8.57
N PRO A 39 -4.71 -6.07 9.83
CA PRO A 39 -3.93 -6.80 10.83
C PRO A 39 -4.61 -8.08 11.27
N ARG A 40 -3.82 -9.04 11.76
CA ARG A 40 -4.35 -10.32 12.21
C ARG A 40 -4.86 -10.22 13.64
N ASP A 41 -4.28 -9.31 14.41
CA ASP A 41 -4.66 -9.10 15.79
C ASP A 41 -5.76 -8.05 15.91
N GLU A 42 -5.83 -7.18 14.91
CA GLU A 42 -6.83 -6.11 14.90
C GLU A 42 -7.77 -6.27 13.71
N LYS A 43 -8.71 -5.33 13.58
CA LYS A 43 -9.67 -5.36 12.48
C LYS A 43 -9.19 -4.54 11.29
N PRO A 44 -9.68 -4.88 10.10
CA PRO A 44 -9.31 -4.20 8.85
C PRO A 44 -9.86 -2.78 8.79
N PHE A 45 -9.00 -1.82 8.44
CA PHE A 45 -9.40 -0.43 8.34
C PHE A 45 -8.52 0.32 7.36
N CYS A 46 -8.81 1.62 7.18
CA CYS A 46 -8.04 2.44 6.26
C CYS A 46 -6.90 3.16 6.98
N ALA A 47 -5.68 2.95 6.51
CA ALA A 47 -4.51 3.57 7.12
C ALA A 47 -3.94 4.66 6.21
N THR A 48 -3.41 5.71 6.84
CA THR A 48 -2.83 6.82 6.09
C THR A 48 -1.40 6.52 5.68
N CYS A 49 -0.86 7.35 4.79
CA CYS A 49 0.51 7.17 4.31
C CYS A 49 1.49 7.09 5.48
N ARG A 50 2.61 6.42 5.26
CA ARG A 50 3.63 6.26 6.30
C ARG A 50 4.79 7.22 6.06
N GLY A 51 5.02 8.12 7.02
CA GLY A 51 6.10 9.07 6.90
C GLY A 51 7.46 8.41 6.89
N LEU A 52 8.50 9.20 6.65
CA LEU A 52 9.86 8.68 6.62
C LEU A 52 10.28 8.15 7.98
N ARG A 53 9.64 8.65 9.03
CA ARG A 53 9.94 8.22 10.40
C ARG A 53 8.94 7.16 10.86
N ARG A 54 8.16 6.65 9.92
CA ARG A 54 7.16 5.63 10.23
C ARG A 54 7.65 4.24 9.83
N ARG A 55 7.37 3.25 10.67
CA ARG A 55 7.78 1.88 10.41
C ARG A 55 6.95 1.27 9.29
N CYS A 56 7.50 0.27 8.62
CA CYS A 56 6.80 -0.40 7.52
C CYS A 56 7.13 -1.89 7.51
N GLN A 57 6.39 -2.64 6.70
CA GLN A 57 6.59 -4.09 6.59
C GLN A 57 6.78 -4.49 5.13
N ARG A 58 5.98 -3.91 4.25
CA ARG A 58 6.04 -4.22 2.83
C ARG A 58 6.55 -3.02 2.04
N ASP A 59 7.14 -3.28 0.88
CA ASP A 59 7.67 -2.22 0.02
C ASP A 59 6.55 -1.31 -0.45
N ALA A 60 5.46 -1.89 -0.93
CA ALA A 60 4.32 -1.13 -1.42
C ALA A 60 3.55 -0.51 -0.25
N MET A 61 3.64 -1.14 0.91
CA MET A 61 2.94 -0.65 2.10
C MET A 61 3.37 0.77 2.43
N CYS A 62 4.60 1.13 2.05
CA CYS A 62 5.13 2.46 2.31
C CYS A 62 4.46 3.50 1.41
N CYS A 63 4.94 4.73 1.49
CA CYS A 63 4.39 5.82 0.69
C CYS A 63 4.83 5.69 -0.78
N PRO A 64 4.09 6.35 -1.67
CA PRO A 64 4.39 6.33 -3.11
C PRO A 64 5.66 7.09 -3.45
N GLY A 65 6.64 6.38 -4.00
CA GLY A 65 7.90 7.01 -4.37
C GLY A 65 8.96 6.83 -3.30
N THR A 66 8.77 5.85 -2.43
CA THR A 66 9.71 5.59 -1.36
C THR A 66 9.97 4.09 -1.20
N LEU A 67 10.91 3.74 -0.34
CA LEU A 67 11.25 2.34 -0.11
C LEU A 67 11.23 2.02 1.39
N CYS A 68 11.16 0.74 1.71
CA CYS A 68 11.13 0.30 3.10
C CYS A 68 12.48 -0.28 3.52
N VAL A 69 13.21 0.46 4.34
CA VAL A 69 14.52 0.01 4.82
C VAL A 69 14.56 -0.02 6.33
N ASN A 70 15.15 -1.08 6.88
CA ASN A 70 15.26 -1.25 8.32
C ASN A 70 13.90 -1.16 8.99
N ASP A 71 12.88 -1.68 8.31
CA ASP A 71 11.52 -1.66 8.83
C ASP A 71 11.01 -0.23 9.00
N VAL A 72 11.57 0.69 8.20
CA VAL A 72 11.18 2.08 8.26
C VAL A 72 11.21 2.72 6.86
N CYS A 73 10.24 3.60 6.60
CA CYS A 73 10.16 4.28 5.32
C CYS A 73 11.37 5.18 5.10
N THR A 74 11.85 5.22 3.86
CA THR A 74 13.01 6.05 3.52
C THR A 74 12.95 6.49 2.06
N THR A 75 13.50 7.67 1.79
CA THR A 75 13.51 8.21 0.44
C THR A 75 14.31 7.33 -0.50
N MET A 76 13.95 7.34 -1.78
CA MET A 76 14.64 6.54 -2.79
C MET A 76 16.10 6.93 -2.90
N GLU A 77 16.39 8.19 -2.59
CA GLU A 77 17.76 8.70 -2.66
C GLU A 77 18.60 8.15 -1.51
N ASP A 78 17.95 7.92 -0.37
CA ASP A 78 18.64 7.40 0.80
C ASP A 78 18.97 5.92 0.63
N ALA A 79 18.04 5.18 0.03
CA ALA A 79 18.23 3.75 -0.20
C ALA A 79 19.04 3.51 -1.46
N THR A 80 20.29 3.08 -1.28
CA THR A 80 21.17 2.81 -2.41
C THR A 80 22.10 1.64 -2.10
N GLU A 81 23.12 1.47 -2.95
CA GLU A 81 24.08 0.38 -2.78
C GLU A 81 25.48 0.94 -2.56
N ASN A 82 26.29 0.21 -1.80
CA ASN A 82 27.65 0.62 -1.51
C ASN A 82 28.63 0.03 -2.54
N LEU A 83 29.02 0.86 -3.50
CA LEU A 83 29.95 0.43 -4.54
C LEU A 83 30.55 1.62 -5.27
N TYR A 84 31.85 1.55 -5.55
CA TYR A 84 32.54 2.63 -6.25
C TYR A 84 33.70 2.09 -7.07
N PHE A 85 33.81 2.57 -8.31
CA PHE A 85 34.87 2.14 -9.20
C PHE A 85 35.91 3.25 -9.39
N GLN A 86 35.55 4.26 -10.17
CA GLN A 86 36.44 5.38 -10.44
C GLN A 86 35.71 6.50 -11.18
N SER A 87 36.37 7.65 -11.32
CA SER A 87 35.78 8.79 -12.00
C SER A 87 36.78 9.94 -12.09
N LEU A 88 37.37 10.11 -13.27
CA LEU A 88 38.35 11.17 -13.48
C LEU A 88 38.44 11.54 -14.96
N GLU A 89 38.57 12.82 -15.25
CA GLU A 89 38.67 13.30 -16.62
C GLU A 89 39.41 14.64 -16.68
N HIS A 90 40.60 14.62 -17.29
CA HIS A 90 41.41 15.83 -17.41
C HIS A 90 41.58 16.22 -18.88
N HIS A 91 41.72 15.22 -19.74
CA HIS A 91 41.89 15.45 -21.16
C HIS A 91 40.68 16.19 -21.74
N HIS A 92 40.94 17.30 -22.42
CA HIS A 92 39.87 18.09 -23.02
C HIS A 92 40.36 18.80 -24.28
N HIS A 93 41.31 18.18 -24.97
CA HIS A 93 41.88 18.76 -26.18
C HIS A 93 42.73 17.74 -26.93
N HIS A 94 42.66 17.77 -28.26
CA HIS A 94 43.42 16.85 -29.09
C HIS A 94 43.57 17.39 -30.51
N HIS A 95 43.72 18.71 -30.62
CA HIS A 95 43.87 19.35 -31.93
C HIS A 95 44.25 20.82 -31.76
N MET A 1 -26.29 -51.10 -25.78
CA MET A 1 -25.95 -50.31 -26.95
C MET A 1 -24.76 -49.39 -26.65
N LEU A 2 -24.87 -48.64 -25.57
CA LEU A 2 -23.81 -47.71 -25.18
C LEU A 2 -23.65 -47.68 -23.66
N VAL A 3 -22.48 -47.26 -23.20
CA VAL A 3 -22.20 -47.18 -21.77
C VAL A 3 -22.40 -45.76 -21.26
N LEU A 4 -23.06 -45.64 -20.11
CA LEU A 4 -23.31 -44.33 -19.51
C LEU A 4 -22.10 -43.87 -18.70
N ASP A 5 -21.48 -42.78 -19.15
CA ASP A 5 -20.32 -42.22 -18.46
C ASP A 5 -20.71 -41.03 -17.60
N PHE A 6 -21.86 -41.12 -16.94
CA PHE A 6 -22.34 -40.05 -16.09
C PHE A 6 -22.29 -40.45 -14.62
N ASN A 7 -21.29 -39.92 -13.91
CA ASN A 7 -21.12 -40.23 -12.50
C ASN A 7 -21.12 -38.96 -11.65
N ASN A 8 -21.50 -39.08 -10.39
CA ASN A 8 -21.55 -37.95 -9.48
C ASN A 8 -20.93 -38.29 -8.13
N ILE A 9 -20.07 -37.42 -7.64
CA ILE A 9 -19.41 -37.63 -6.35
C ILE A 9 -19.80 -36.56 -5.34
N ARG A 10 -19.64 -36.86 -4.07
CA ARG A 10 -19.97 -35.92 -3.00
C ARG A 10 -21.44 -35.54 -3.05
N SER A 11 -21.89 -34.77 -2.07
CA SER A 11 -23.28 -34.36 -1.99
C SER A 11 -23.48 -32.99 -2.66
N SER A 12 -22.70 -32.01 -2.22
CA SER A 12 -22.80 -30.66 -2.76
C SER A 12 -24.18 -30.06 -2.51
N ALA A 13 -24.31 -28.77 -2.77
CA ALA A 13 -25.57 -28.07 -2.57
C ALA A 13 -26.07 -28.23 -1.14
N ASP A 14 -25.22 -27.91 -0.18
CA ASP A 14 -25.58 -28.03 1.23
C ASP A 14 -24.48 -27.43 2.12
N LEU A 15 -24.89 -26.56 3.04
CA LEU A 15 -23.94 -25.91 3.94
C LEU A 15 -22.81 -25.26 3.17
N HIS A 16 -23.12 -24.20 2.45
CA HIS A 16 -22.12 -23.48 1.66
C HIS A 16 -22.27 -21.97 1.84
N GLY A 17 -21.18 -21.31 2.22
CA GLY A 17 -21.21 -19.88 2.42
C GLY A 17 -20.51 -19.45 3.69
N ALA A 18 -19.67 -18.42 3.59
CA ALA A 18 -18.94 -17.92 4.74
C ALA A 18 -18.26 -16.60 4.42
N ARG A 19 -19.05 -15.58 4.10
CA ARG A 19 -18.52 -14.27 3.77
C ARG A 19 -19.25 -13.17 4.55
N LYS A 20 -18.50 -12.43 5.35
CA LYS A 20 -19.07 -11.34 6.14
C LYS A 20 -17.99 -10.36 6.58
N GLY A 21 -18.31 -9.07 6.50
CA GLY A 21 -17.36 -8.05 6.89
C GLY A 21 -16.59 -7.49 5.71
N SER A 22 -15.29 -7.28 5.89
CA SER A 22 -14.44 -6.74 4.83
C SER A 22 -14.92 -5.33 4.43
N GLN A 23 -14.34 -4.33 5.07
CA GLN A 23 -14.69 -2.94 4.77
C GLN A 23 -14.15 -2.51 3.42
N CYS A 24 -13.07 -3.15 2.99
CA CYS A 24 -12.45 -2.84 1.70
C CYS A 24 -12.31 -4.10 0.85
N LEU A 25 -12.49 -3.94 -0.46
CA LEU A 25 -12.38 -5.06 -1.38
C LEU A 25 -10.92 -5.28 -1.81
N SER A 26 -10.17 -4.19 -1.89
CA SER A 26 -8.77 -4.26 -2.28
C SER A 26 -7.97 -3.09 -1.68
N ASP A 27 -6.68 -3.04 -2.00
CA ASP A 27 -5.82 -1.99 -1.50
C ASP A 27 -6.12 -0.67 -2.20
N THR A 28 -6.64 -0.74 -3.42
CA THR A 28 -6.97 0.45 -4.19
C THR A 28 -8.36 0.96 -3.85
N ASP A 29 -9.00 0.32 -2.87
CA ASP A 29 -10.33 0.71 -2.44
C ASP A 29 -10.26 1.71 -1.30
N CYS A 30 -9.06 2.21 -1.02
CA CYS A 30 -8.86 3.17 0.06
C CYS A 30 -8.54 4.56 -0.50
N ASN A 31 -9.58 5.26 -0.94
CA ASN A 31 -9.41 6.60 -1.50
C ASN A 31 -8.71 6.55 -2.85
N THR A 32 -7.40 6.32 -2.82
CA THR A 32 -6.61 6.24 -4.04
C THR A 32 -5.28 5.54 -3.79
N ARG A 33 -4.41 6.19 -3.00
CA ARG A 33 -3.10 5.64 -2.69
C ARG A 33 -2.98 5.36 -1.19
N LYS A 34 -3.59 4.27 -0.75
CA LYS A 34 -3.55 3.89 0.66
C LYS A 34 -3.68 2.38 0.83
N PHE A 35 -3.09 1.85 1.89
CA PHE A 35 -3.14 0.42 2.16
C PHE A 35 -4.22 0.10 3.19
N CYS A 36 -4.90 -1.03 3.00
CA CYS A 36 -5.95 -1.45 3.91
C CYS A 36 -5.39 -2.32 5.04
N LEU A 37 -5.34 -1.75 6.24
CA LEU A 37 -4.82 -2.48 7.40
C LEU A 37 -5.89 -3.38 8.00
N GLN A 38 -5.59 -4.68 8.08
CA GLN A 38 -6.52 -5.65 8.64
C GLN A 38 -5.95 -6.30 9.89
N PRO A 39 -6.18 -5.66 11.05
CA PRO A 39 -5.70 -6.16 12.35
C PRO A 39 -6.42 -7.42 12.78
N ARG A 40 -5.74 -8.26 13.55
CA ARG A 40 -6.31 -9.50 14.04
C ARG A 40 -7.15 -9.26 15.30
N ASP A 41 -6.75 -8.26 16.08
CA ASP A 41 -7.45 -7.93 17.31
C ASP A 41 -8.59 -6.95 17.04
N GLU A 42 -8.46 -6.21 15.93
CA GLU A 42 -9.48 -5.23 15.55
C GLU A 42 -10.08 -5.57 14.20
N LYS A 43 -10.99 -4.71 13.73
CA LYS A 43 -11.64 -4.91 12.44
C LYS A 43 -10.83 -4.25 11.32
N PRO A 44 -11.00 -4.77 10.09
CA PRO A 44 -10.30 -4.25 8.91
C PRO A 44 -10.80 -2.86 8.51
N PHE A 45 -9.88 -2.02 8.05
CA PHE A 45 -10.24 -0.67 7.63
C PHE A 45 -9.11 -0.06 6.79
N CYS A 46 -9.35 1.16 6.32
CA CYS A 46 -8.37 1.86 5.49
C CYS A 46 -7.42 2.70 6.37
N ALA A 47 -6.15 2.72 5.98
CA ALA A 47 -5.15 3.48 6.72
C ALA A 47 -4.18 4.18 5.78
N THR A 48 -3.62 5.30 6.24
CA THR A 48 -2.67 6.06 5.43
C THR A 48 -1.25 5.58 5.64
N CYS A 49 -0.36 5.92 4.71
CA CYS A 49 1.03 5.52 4.80
C CYS A 49 1.68 6.08 6.06
N ARG A 50 2.93 5.68 6.30
CA ARG A 50 3.67 6.14 7.48
C ARG A 50 4.70 7.20 7.09
N GLY A 51 5.57 7.54 8.04
CA GLY A 51 6.59 8.54 7.78
C GLY A 51 7.93 7.92 7.42
N LEU A 52 8.94 8.75 7.29
CA LEU A 52 10.29 8.27 6.96
C LEU A 52 10.95 7.63 8.15
N ARG A 53 10.53 8.03 9.36
CA ARG A 53 11.09 7.48 10.59
C ARG A 53 10.23 6.34 11.11
N ARG A 54 9.32 5.85 10.27
CA ARG A 54 8.44 4.75 10.64
C ARG A 54 8.86 3.46 9.95
N ARG A 55 8.68 2.33 10.65
CA ARG A 55 9.04 1.04 10.10
C ARG A 55 8.03 0.59 9.04
N CYS A 56 8.47 -0.31 8.17
CA CYS A 56 7.60 -0.83 7.11
C CYS A 56 8.05 -2.21 6.66
N GLN A 57 7.17 -2.91 5.96
CA GLN A 57 7.48 -4.26 5.48
C GLN A 57 7.47 -4.31 3.96
N ARG A 58 6.73 -3.38 3.34
CA ARG A 58 6.64 -3.33 1.89
C ARG A 58 6.94 -1.91 1.39
N ASP A 59 7.12 -1.78 0.08
CA ASP A 59 7.40 -0.49 -0.53
C ASP A 59 6.13 0.34 -0.68
N ALA A 60 5.14 -0.22 -1.37
CA ALA A 60 3.87 0.46 -1.59
C ALA A 60 3.17 0.75 -0.27
N MET A 61 3.49 -0.05 0.75
CA MET A 61 2.88 0.12 2.06
C MET A 61 3.10 1.54 2.58
N CYS A 62 4.17 2.19 2.10
CA CYS A 62 4.48 3.55 2.51
C CYS A 62 3.99 4.56 1.49
N CYS A 63 4.30 5.83 1.72
CA CYS A 63 3.88 6.90 0.81
C CYS A 63 4.62 6.80 -0.52
N PRO A 64 4.00 7.32 -1.58
CA PRO A 64 4.57 7.30 -2.93
C PRO A 64 5.77 8.23 -3.06
N GLY A 65 6.92 7.66 -3.38
CA GLY A 65 8.12 8.46 -3.53
C GLY A 65 9.26 7.96 -2.66
N THR A 66 8.94 7.06 -1.74
CA THR A 66 9.95 6.51 -0.83
C THR A 66 10.11 5.01 -1.05
N LEU A 67 11.16 4.44 -0.46
CA LEU A 67 11.44 3.01 -0.59
C LEU A 67 11.67 2.38 0.78
N CYS A 68 11.05 1.23 1.01
CA CYS A 68 11.19 0.52 2.27
C CYS A 68 12.57 -0.11 2.39
N VAL A 69 13.46 0.58 3.09
CA VAL A 69 14.83 0.09 3.28
C VAL A 69 15.11 -0.17 4.76
N ASN A 70 15.84 -1.25 5.04
CA ASN A 70 16.18 -1.62 6.40
C ASN A 70 14.93 -1.72 7.27
N ASP A 71 13.85 -2.20 6.67
CA ASP A 71 12.59 -2.36 7.39
C ASP A 71 12.05 -1.01 7.84
N VAL A 72 12.45 0.05 7.14
CA VAL A 72 12.01 1.40 7.48
C VAL A 72 11.83 2.25 6.22
N CYS A 73 10.82 3.11 6.23
CA CYS A 73 10.54 3.96 5.09
C CYS A 73 11.71 4.92 4.84
N THR A 74 12.46 4.65 3.78
CA THR A 74 13.61 5.48 3.42
C THR A 74 13.46 6.04 2.01
N THR A 75 13.53 7.36 1.90
CA THR A 75 13.42 8.02 0.60
C THR A 75 14.41 7.46 -0.40
N MET A 76 14.13 7.66 -1.68
CA MET A 76 15.01 7.18 -2.74
C MET A 76 16.30 8.01 -2.81
N GLU A 77 16.20 9.27 -2.40
CA GLU A 77 17.35 10.16 -2.42
C GLU A 77 18.35 9.78 -1.33
N ASP A 78 17.86 9.15 -0.27
CA ASP A 78 18.71 8.74 0.84
C ASP A 78 19.33 7.38 0.56
N ALA A 79 18.49 6.41 0.18
CA ALA A 79 18.97 5.06 -0.11
C ALA A 79 20.02 5.08 -1.21
N THR A 80 21.25 4.72 -0.85
CA THR A 80 22.35 4.68 -1.80
C THR A 80 23.27 3.50 -1.54
N GLU A 81 23.95 3.52 -0.40
CA GLU A 81 24.87 2.45 -0.03
C GLU A 81 25.01 2.35 1.48
N ASN A 82 23.96 2.74 2.20
CA ASN A 82 23.97 2.70 3.65
C ASN A 82 25.12 3.53 4.22
N LEU A 83 25.04 4.84 4.05
CA LEU A 83 26.07 5.75 4.55
C LEU A 83 25.96 5.93 6.06
N TYR A 84 27.09 6.20 6.70
CA TYR A 84 27.12 6.39 8.15
C TYR A 84 28.53 6.71 8.62
N PHE A 85 28.63 7.56 9.64
CA PHE A 85 29.92 7.96 10.19
C PHE A 85 29.79 8.33 11.66
N GLN A 86 30.70 7.81 12.48
CA GLN A 86 30.69 8.10 13.91
C GLN A 86 32.01 7.69 14.55
N SER A 87 33.08 7.76 13.78
CA SER A 87 34.41 7.40 14.28
C SER A 87 35.33 8.61 14.30
N LEU A 88 36.05 8.78 15.41
CA LEU A 88 36.97 9.91 15.56
C LEU A 88 37.78 9.77 16.85
N GLU A 89 39.09 9.66 16.71
CA GLU A 89 39.98 9.54 17.85
C GLU A 89 41.24 10.37 17.67
N HIS A 90 42.08 9.93 16.74
CA HIS A 90 43.34 10.64 16.46
C HIS A 90 44.23 10.66 17.68
N HIS A 91 45.43 11.21 17.53
CA HIS A 91 46.39 11.29 18.63
C HIS A 91 47.05 12.67 18.67
N HIS A 92 47.69 12.97 19.80
CA HIS A 92 48.36 14.25 19.97
C HIS A 92 49.30 14.22 21.17
N HIS A 93 50.05 15.30 21.36
CA HIS A 93 50.99 15.39 22.47
C HIS A 93 51.29 16.84 22.81
N HIS A 94 51.75 17.08 24.04
CA HIS A 94 52.07 18.42 24.50
C HIS A 94 52.75 18.40 25.87
N HIS A 95 53.31 19.53 26.27
CA HIS A 95 53.98 19.63 27.56
C HIS A 95 55.01 18.52 27.72
N MET A 1 -71.53 11.77 4.05
CA MET A 1 -71.15 10.73 3.10
C MET A 1 -70.49 9.57 3.82
N LEU A 2 -69.41 9.84 4.53
CA LEU A 2 -68.70 8.80 5.27
C LEU A 2 -69.17 8.73 6.72
N VAL A 3 -69.08 7.55 7.31
CA VAL A 3 -69.49 7.35 8.70
C VAL A 3 -68.30 7.06 9.60
N LEU A 4 -68.34 7.61 10.81
CA LEU A 4 -67.26 7.41 11.77
C LEU A 4 -67.36 6.04 12.44
N ASP A 5 -66.28 5.29 12.41
CA ASP A 5 -66.24 3.96 13.04
C ASP A 5 -64.88 3.68 13.66
N PHE A 6 -63.83 3.87 12.87
CA PHE A 6 -62.47 3.62 13.34
C PHE A 6 -61.45 4.31 12.43
N ASN A 7 -60.35 4.76 13.02
CA ASN A 7 -59.29 5.43 12.26
C ASN A 7 -57.92 4.99 12.76
N ASN A 8 -57.77 3.70 13.02
CA ASN A 8 -56.50 3.16 13.49
C ASN A 8 -55.46 3.18 12.39
N ILE A 9 -54.31 3.79 12.67
CA ILE A 9 -53.22 3.89 11.70
C ILE A 9 -51.94 3.25 12.25
N ARG A 10 -51.21 2.57 11.38
CA ARG A 10 -49.97 1.93 11.77
C ARG A 10 -48.79 2.48 10.97
N SER A 11 -47.82 3.07 11.68
CA SER A 11 -46.65 3.65 11.04
C SER A 11 -45.46 3.68 12.01
N SER A 12 -45.33 2.62 12.79
CA SER A 12 -44.25 2.52 13.76
C SER A 12 -43.21 1.48 13.32
N ALA A 13 -41.93 1.85 13.43
CA ALA A 13 -40.85 0.95 13.05
C ALA A 13 -39.50 1.51 13.48
N ASP A 14 -38.45 0.72 13.26
CA ASP A 14 -37.10 1.14 13.64
C ASP A 14 -36.06 0.24 12.96
N LEU A 15 -36.33 -1.06 12.94
CA LEU A 15 -35.42 -2.01 12.32
C LEU A 15 -34.16 -2.18 13.17
N HIS A 16 -33.33 -1.14 13.18
CA HIS A 16 -32.08 -1.17 13.96
C HIS A 16 -31.18 -2.30 13.48
N GLY A 17 -31.20 -2.56 12.18
CA GLY A 17 -30.37 -3.61 11.62
C GLY A 17 -28.95 -3.16 11.35
N ALA A 18 -27.99 -3.96 11.78
CA ALA A 18 -26.57 -3.64 11.58
C ALA A 18 -25.72 -4.90 11.49
N ARG A 19 -24.92 -5.00 10.44
CA ARG A 19 -24.06 -6.16 10.24
C ARG A 19 -22.68 -5.72 9.73
N LYS A 20 -22.66 -5.15 8.54
CA LYS A 20 -21.40 -4.69 7.94
C LYS A 20 -20.43 -5.85 7.77
N GLY A 21 -19.25 -5.55 7.21
CA GLY A 21 -18.25 -6.58 7.00
C GLY A 21 -16.84 -6.05 7.08
N SER A 22 -16.28 -5.68 5.93
CA SER A 22 -14.93 -5.14 5.88
C SER A 22 -14.91 -3.75 5.27
N GLN A 23 -13.74 -3.12 5.26
CA GLN A 23 -13.59 -1.78 4.71
C GLN A 23 -13.02 -1.84 3.30
N CYS A 24 -11.82 -2.41 3.17
CA CYS A 24 -11.17 -2.52 1.87
C CYS A 24 -10.27 -3.75 1.83
N LEU A 25 -10.09 -4.32 0.63
CA LEU A 25 -9.26 -5.49 0.46
C LEU A 25 -7.85 -5.10 0.01
N SER A 26 -7.75 -3.97 -0.68
CA SER A 26 -6.46 -3.47 -1.15
C SER A 26 -6.46 -1.95 -1.25
N ASP A 27 -5.28 -1.38 -1.48
CA ASP A 27 -5.14 0.06 -1.60
C ASP A 27 -5.95 0.60 -2.78
N THR A 28 -6.16 -0.27 -3.78
CA THR A 28 -6.92 0.12 -4.96
C THR A 28 -8.30 0.63 -4.59
N ASP A 29 -8.81 0.18 -3.45
CA ASP A 29 -10.13 0.59 -2.99
C ASP A 29 -10.11 2.04 -2.53
N CYS A 30 -8.94 2.50 -2.08
CA CYS A 30 -8.79 3.88 -1.62
C CYS A 30 -8.24 4.77 -2.73
N ASN A 31 -6.98 4.55 -3.07
CA ASN A 31 -6.33 5.34 -4.13
C ASN A 31 -6.37 6.83 -3.80
N THR A 32 -6.48 7.14 -2.50
CA THR A 32 -6.53 8.52 -2.05
C THR A 32 -5.26 8.90 -1.30
N ARG A 33 -4.11 8.55 -1.86
CA ARG A 33 -2.83 8.85 -1.25
C ARG A 33 -2.68 8.13 0.08
N LYS A 34 -3.35 6.99 0.20
CA LYS A 34 -3.30 6.19 1.42
C LYS A 34 -3.34 4.70 1.10
N PHE A 35 -2.75 3.89 1.97
CA PHE A 35 -2.72 2.44 1.78
C PHE A 35 -3.73 1.76 2.69
N CYS A 36 -4.12 0.54 2.33
CA CYS A 36 -5.08 -0.23 3.11
C CYS A 36 -4.37 -1.23 4.02
N LEU A 37 -4.23 -0.86 5.29
CA LEU A 37 -3.58 -1.74 6.27
C LEU A 37 -4.55 -2.77 6.82
N GLN A 38 -4.11 -4.02 6.85
CA GLN A 38 -4.94 -5.10 7.36
C GLN A 38 -4.28 -5.78 8.57
N PRO A 39 -4.55 -5.24 9.76
CA PRO A 39 -3.99 -5.76 11.01
C PRO A 39 -4.59 -7.12 11.39
N ARG A 40 -3.81 -7.93 12.10
CA ARG A 40 -4.26 -9.25 12.52
C ARG A 40 -5.10 -9.16 13.79
N ASP A 41 -4.82 -8.14 14.61
CA ASP A 41 -5.56 -7.95 15.85
C ASP A 41 -6.80 -7.09 15.62
N GLU A 42 -6.78 -6.30 14.55
CA GLU A 42 -7.91 -5.43 14.23
C GLU A 42 -8.43 -5.73 12.83
N LYS A 43 -9.44 -4.97 12.41
CA LYS A 43 -10.04 -5.15 11.09
C LYS A 43 -9.30 -4.33 10.03
N PRO A 44 -9.47 -4.71 8.76
CA PRO A 44 -8.83 -4.02 7.64
C PRO A 44 -9.41 -2.61 7.41
N PHE A 45 -8.53 -1.63 7.30
CA PHE A 45 -8.95 -0.25 7.09
C PHE A 45 -7.90 0.52 6.29
N CYS A 46 -8.23 1.76 5.93
CA CYS A 46 -7.33 2.61 5.17
C CYS A 46 -6.49 3.49 6.09
N ALA A 47 -5.18 3.29 6.07
CA ALA A 47 -4.28 4.07 6.90
C ALA A 47 -3.51 5.10 6.07
N THR A 48 -3.26 6.27 6.66
CA THR A 48 -2.53 7.33 5.97
C THR A 48 -1.06 6.97 5.82
N CYS A 49 -0.34 7.78 5.03
CA CYS A 49 1.08 7.55 4.80
C CYS A 49 1.86 7.63 6.11
N ARG A 50 2.78 6.69 6.30
CA ARG A 50 3.60 6.66 7.50
C ARG A 50 4.87 7.49 7.31
N GLY A 51 5.30 8.15 8.38
CA GLY A 51 6.50 8.97 8.32
C GLY A 51 7.70 8.19 7.80
N LEU A 52 8.81 8.89 7.61
CA LEU A 52 10.04 8.26 7.12
C LEU A 52 10.75 7.50 8.23
N ARG A 53 10.29 7.71 9.47
CA ARG A 53 10.89 7.05 10.62
C ARG A 53 10.07 5.83 11.03
N ARG A 54 8.79 5.84 10.68
CA ARG A 54 7.90 4.74 11.01
C ARG A 54 8.44 3.43 10.46
N ARG A 55 8.42 2.39 11.29
CA ARG A 55 8.90 1.08 10.89
C ARG A 55 7.94 0.41 9.92
N CYS A 56 8.46 -0.50 9.10
CA CYS A 56 7.64 -1.21 8.12
C CYS A 56 8.26 -2.57 7.78
N GLN A 57 7.41 -3.52 7.39
CA GLN A 57 7.87 -4.86 7.03
C GLN A 57 7.93 -5.02 5.53
N ARG A 58 7.13 -4.24 4.81
CA ARG A 58 7.09 -4.31 3.35
C ARG A 58 6.96 -2.91 2.74
N ASP A 59 7.29 -2.80 1.47
CA ASP A 59 7.20 -1.52 0.77
C ASP A 59 5.76 -1.21 0.37
N ALA A 60 4.96 -2.27 0.24
CA ALA A 60 3.56 -2.11 -0.14
C ALA A 60 2.74 -1.51 1.00
N MET A 61 2.99 -2.00 2.22
CA MET A 61 2.27 -1.52 3.39
C MET A 61 2.51 -0.03 3.60
N CYS A 62 3.59 0.48 3.01
CA CYS A 62 3.93 1.90 3.13
C CYS A 62 3.36 2.69 1.96
N CYS A 63 3.04 3.95 2.21
CA CYS A 63 2.48 4.83 1.18
C CYS A 63 3.34 4.80 -0.07
N PRO A 64 2.72 5.14 -1.21
CA PRO A 64 3.42 5.16 -2.51
C PRO A 64 4.42 6.30 -2.61
N GLY A 65 5.52 6.05 -3.32
CA GLY A 65 6.54 7.07 -3.48
C GLY A 65 7.77 6.79 -2.64
N THR A 66 7.63 5.94 -1.64
CA THR A 66 8.74 5.58 -0.77
C THR A 66 9.04 4.09 -0.83
N LEU A 67 10.12 3.68 -0.18
CA LEU A 67 10.52 2.28 -0.16
C LEU A 67 10.92 1.84 1.24
N CYS A 68 10.43 0.68 1.65
CA CYS A 68 10.74 0.14 2.98
C CYS A 68 12.20 -0.30 3.05
N VAL A 69 13.00 0.48 3.79
CA VAL A 69 14.42 0.17 3.94
C VAL A 69 14.81 0.14 5.41
N ASN A 70 15.64 -0.84 5.78
CA ASN A 70 16.10 -0.98 7.16
C ASN A 70 14.90 -1.10 8.11
N ASP A 71 13.86 -1.76 7.66
CA ASP A 71 12.65 -1.95 8.46
C ASP A 71 12.00 -0.61 8.78
N VAL A 72 12.23 0.37 7.91
CA VAL A 72 11.66 1.70 8.10
C VAL A 72 11.36 2.37 6.76
N CYS A 73 10.24 3.06 6.69
CA CYS A 73 9.85 3.75 5.46
C CYS A 73 10.91 4.75 5.03
N THR A 74 11.65 4.41 3.98
CA THR A 74 12.71 5.28 3.47
C THR A 74 12.39 5.77 2.07
N THR A 75 12.38 7.09 1.89
CA THR A 75 12.08 7.69 0.59
C THR A 75 12.95 7.09 -0.50
N MET A 76 12.38 6.94 -1.69
CA MET A 76 13.10 6.37 -2.83
C MET A 76 14.38 7.15 -3.10
N GLU A 77 14.24 8.48 -3.23
CA GLU A 77 15.39 9.33 -3.49
C GLU A 77 16.47 9.14 -2.44
N ASP A 78 16.06 8.79 -1.22
CA ASP A 78 16.99 8.57 -0.12
C ASP A 78 17.64 7.20 -0.23
N ALA A 79 16.93 6.26 -0.84
CA ALA A 79 17.44 4.90 -1.00
C ALA A 79 18.24 4.77 -2.29
N THR A 80 19.38 5.48 -2.35
CA THR A 80 20.23 5.45 -3.52
C THR A 80 21.69 5.69 -3.15
N GLU A 81 21.96 6.86 -2.57
CA GLU A 81 23.31 7.22 -2.16
C GLU A 81 23.30 7.99 -0.85
N ASN A 82 24.41 7.93 -0.12
CA ASN A 82 24.51 8.63 1.16
C ASN A 82 25.51 9.78 1.06
N LEU A 83 25.11 10.93 1.59
CA LEU A 83 25.96 12.12 1.56
C LEU A 83 26.40 12.51 2.97
N TYR A 84 27.42 13.35 3.06
CA TYR A 84 27.93 13.81 4.34
C TYR A 84 29.11 14.75 4.17
N PHE A 85 29.88 14.54 3.10
CA PHE A 85 31.04 15.37 2.82
C PHE A 85 31.95 15.48 4.04
N GLN A 86 32.83 14.50 4.20
CA GLN A 86 33.76 14.49 5.32
C GLN A 86 35.11 15.08 4.93
N SER A 87 35.83 15.60 5.91
CA SER A 87 37.13 16.21 5.66
C SER A 87 38.08 15.96 6.83
N LEU A 88 39.35 16.32 6.65
CA LEU A 88 40.35 16.14 7.69
C LEU A 88 41.51 17.10 7.51
N GLU A 89 41.73 17.96 8.51
CA GLU A 89 42.80 18.94 8.46
C GLU A 89 44.04 18.42 9.20
N HIS A 90 45.03 19.29 9.35
CA HIS A 90 46.26 18.93 10.03
C HIS A 90 47.00 20.17 10.54
N HIS A 91 47.46 20.12 11.78
CA HIS A 91 48.17 21.24 12.38
C HIS A 91 49.65 21.22 11.99
N HIS A 92 49.96 21.88 10.87
CA HIS A 92 51.33 21.94 10.38
C HIS A 92 51.64 23.31 9.80
N HIS A 93 52.57 24.02 10.42
CA HIS A 93 52.95 25.35 9.96
C HIS A 93 54.46 25.57 10.12
N HIS A 94 54.97 26.63 9.50
CA HIS A 94 56.39 26.94 9.57
C HIS A 94 56.61 28.44 9.67
N HIS A 95 57.55 28.85 10.52
CA HIS A 95 57.85 30.26 10.71
C HIS A 95 59.28 30.57 10.27
N MET A 1 -67.61 22.71 -19.25
CA MET A 1 -66.87 23.81 -19.84
C MET A 1 -65.63 24.14 -19.02
N LEU A 2 -65.77 24.10 -17.70
CA LEU A 2 -64.65 24.39 -16.81
C LEU A 2 -63.76 23.17 -16.64
N VAL A 3 -62.45 23.38 -16.73
CA VAL A 3 -61.49 22.29 -16.58
C VAL A 3 -61.20 22.02 -15.11
N LEU A 4 -61.09 20.74 -14.76
CA LEU A 4 -60.81 20.35 -13.38
C LEU A 4 -59.34 20.61 -13.03
N ASP A 5 -59.11 21.12 -11.83
CA ASP A 5 -57.76 21.42 -11.37
C ASP A 5 -57.40 20.54 -10.16
N PHE A 6 -56.75 19.43 -10.43
CA PHE A 6 -56.35 18.50 -9.37
C PHE A 6 -54.82 18.39 -9.30
N ASN A 7 -54.17 18.62 -10.43
CA ASN A 7 -52.71 18.54 -10.50
C ASN A 7 -52.22 17.16 -10.11
N ASN A 8 -50.89 16.98 -10.07
CA ASN A 8 -50.30 15.70 -9.72
C ASN A 8 -49.26 15.88 -8.62
N ILE A 9 -49.32 15.03 -7.61
CA ILE A 9 -48.39 15.09 -6.49
C ILE A 9 -47.85 13.70 -6.14
N ARG A 10 -46.66 13.38 -6.63
CA ARG A 10 -46.04 12.09 -6.37
C ARG A 10 -44.97 12.20 -5.28
N SER A 11 -45.01 11.30 -4.32
CA SER A 11 -44.05 11.30 -3.22
C SER A 11 -42.89 10.35 -3.52
N SER A 12 -43.19 9.29 -4.27
CA SER A 12 -42.18 8.29 -4.61
C SER A 12 -41.79 7.46 -3.39
N ALA A 13 -41.10 8.09 -2.45
CA ALA A 13 -40.68 7.41 -1.23
C ALA A 13 -39.91 6.13 -1.55
N ASP A 14 -38.60 6.27 -1.74
CA ASP A 14 -37.74 5.13 -2.06
C ASP A 14 -36.27 5.48 -1.84
N LEU A 15 -35.44 4.44 -1.72
CA LEU A 15 -34.02 4.63 -1.50
C LEU A 15 -33.76 5.49 -0.26
N HIS A 16 -34.49 5.21 0.81
CA HIS A 16 -34.34 5.95 2.05
C HIS A 16 -33.62 5.12 3.10
N GLY A 17 -32.32 5.34 3.24
CA GLY A 17 -31.53 4.59 4.21
C GLY A 17 -30.17 4.21 3.66
N ALA A 18 -29.27 3.81 4.56
CA ALA A 18 -27.93 3.41 4.17
C ALA A 18 -27.50 2.14 4.92
N ARG A 19 -26.32 1.65 4.58
CA ARG A 19 -25.78 0.44 5.21
C ARG A 19 -24.48 0.74 5.93
N LYS A 20 -24.39 0.30 7.19
CA LYS A 20 -23.19 0.52 7.99
C LYS A 20 -22.37 -0.76 8.10
N GLY A 21 -21.45 -0.95 7.15
CA GLY A 21 -20.61 -2.14 7.15
C GLY A 21 -19.20 -1.84 7.62
N SER A 22 -18.24 -2.00 6.71
CA SER A 22 -16.84 -1.75 7.04
C SER A 22 -16.24 -0.72 6.10
N GLN A 23 -15.22 -0.01 6.58
CA GLN A 23 -14.56 1.01 5.79
C GLN A 23 -14.01 0.44 4.48
N CYS A 24 -13.01 -0.43 4.61
CA CYS A 24 -12.40 -1.06 3.44
C CYS A 24 -12.21 -2.56 3.67
N LEU A 25 -12.41 -3.34 2.62
CA LEU A 25 -12.26 -4.79 2.70
C LEU A 25 -10.88 -5.22 2.23
N SER A 26 -10.32 -4.47 1.28
CA SER A 26 -9.01 -4.77 0.73
C SER A 26 -8.33 -3.51 0.22
N ASP A 27 -7.08 -3.64 -0.22
CA ASP A 27 -6.32 -2.51 -0.73
C ASP A 27 -7.03 -1.87 -1.92
N THR A 28 -7.82 -2.68 -2.64
CA THR A 28 -8.55 -2.19 -3.79
C THR A 28 -9.67 -1.24 -3.38
N ASP A 29 -10.15 -1.41 -2.15
CA ASP A 29 -11.23 -0.57 -1.63
C ASP A 29 -10.71 0.83 -1.32
N CYS A 30 -9.42 0.92 -0.98
CA CYS A 30 -8.80 2.19 -0.66
C CYS A 30 -7.80 2.61 -1.74
N ASN A 31 -8.28 3.34 -2.73
CA ASN A 31 -7.42 3.80 -3.82
C ASN A 31 -7.00 5.25 -3.62
N THR A 32 -7.01 5.69 -2.35
CA THR A 32 -6.63 7.05 -2.02
C THR A 32 -5.16 7.13 -1.61
N ARG A 33 -4.32 6.33 -2.24
CA ARG A 33 -2.90 6.30 -1.94
C ARG A 33 -2.66 5.86 -0.49
N LYS A 34 -3.45 4.89 -0.05
CA LYS A 34 -3.32 4.36 1.31
C LYS A 34 -3.64 2.87 1.36
N PHE A 35 -3.15 2.19 2.38
CA PHE A 35 -3.38 0.76 2.54
C PHE A 35 -4.53 0.51 3.51
N CYS A 36 -5.25 -0.59 3.30
CA CYS A 36 -6.37 -0.95 4.16
C CYS A 36 -5.91 -1.79 5.34
N LEU A 37 -5.67 -1.11 6.47
CA LEU A 37 -5.22 -1.78 7.68
C LEU A 37 -6.33 -2.66 8.27
N GLN A 38 -6.14 -3.98 8.19
CA GLN A 38 -7.13 -4.92 8.72
C GLN A 38 -6.54 -5.72 9.88
N PRO A 39 -6.68 -5.17 11.09
CA PRO A 39 -6.18 -5.82 12.31
C PRO A 39 -6.98 -7.06 12.68
N ARG A 40 -6.32 -8.01 13.32
CA ARG A 40 -6.96 -9.26 13.72
C ARG A 40 -7.69 -9.08 15.06
N ASP A 41 -7.23 -8.13 15.86
CA ASP A 41 -7.83 -7.86 17.16
C ASP A 41 -8.92 -6.80 17.03
N GLU A 42 -8.82 -5.98 15.99
CA GLU A 42 -9.80 -4.92 15.76
C GLU A 42 -10.44 -5.06 14.39
N LYS A 43 -11.33 -4.12 14.05
CA LYS A 43 -12.01 -4.15 12.76
C LYS A 43 -11.16 -3.47 11.69
N PRO A 44 -11.47 -3.77 10.41
CA PRO A 44 -10.76 -3.19 9.27
C PRO A 44 -11.03 -1.70 9.10
N PHE A 45 -10.02 -0.96 8.64
CA PHE A 45 -10.16 0.47 8.44
C PHE A 45 -9.02 1.00 7.57
N CYS A 46 -9.26 2.14 6.92
CA CYS A 46 -8.25 2.76 6.06
C CYS A 46 -7.28 3.62 6.88
N ALA A 47 -5.99 3.41 6.66
CA ALA A 47 -4.97 4.17 7.37
C ALA A 47 -3.94 4.75 6.41
N THR A 48 -3.49 5.97 6.70
CA THR A 48 -2.51 6.65 5.85
C THR A 48 -1.30 5.75 5.59
N CYS A 49 -0.51 6.12 4.59
CA CYS A 49 0.68 5.35 4.24
C CYS A 49 1.75 5.49 5.32
N ARG A 50 2.59 4.46 5.43
CA ARG A 50 3.66 4.47 6.43
C ARG A 50 4.62 5.62 6.19
N GLY A 51 4.72 6.51 7.18
CA GLY A 51 5.61 7.66 7.05
C GLY A 51 7.06 7.26 6.90
N LEU A 52 7.94 8.24 6.85
CA LEU A 52 9.37 7.98 6.70
C LEU A 52 9.92 7.28 7.93
N ARG A 53 9.36 7.60 9.10
CA ARG A 53 9.79 6.99 10.34
C ARG A 53 8.98 5.74 10.66
N ARG A 54 8.21 5.28 9.67
CA ARG A 54 7.38 4.10 9.84
C ARG A 54 8.01 2.88 9.17
N ARG A 55 7.87 1.72 9.80
CA ARG A 55 8.42 0.48 9.26
C ARG A 55 7.70 0.07 7.98
N CYS A 56 8.42 -0.61 7.10
CA CYS A 56 7.85 -1.06 5.83
C CYS A 56 8.45 -2.40 5.41
N GLN A 57 7.65 -3.22 4.74
CA GLN A 57 8.10 -4.53 4.28
C GLN A 57 8.07 -4.61 2.77
N ARG A 58 7.22 -3.81 2.14
CA ARG A 58 7.09 -3.80 0.70
C ARG A 58 7.40 -2.41 0.14
N ASP A 59 7.96 -2.37 -1.06
CA ASP A 59 8.30 -1.11 -1.70
C ASP A 59 7.08 -0.20 -1.81
N ALA A 60 5.92 -0.80 -2.03
CA ALA A 60 4.67 -0.05 -2.14
C ALA A 60 4.10 0.27 -0.76
N MET A 61 4.39 -0.58 0.21
CA MET A 61 3.91 -0.38 1.57
C MET A 61 4.32 0.98 2.10
N CYS A 62 5.40 1.52 1.57
CA CYS A 62 5.91 2.82 1.99
C CYS A 62 5.16 3.95 1.27
N CYS A 63 5.12 5.11 1.90
CA CYS A 63 4.44 6.28 1.32
C CYS A 63 4.93 6.53 -0.10
N PRO A 64 4.12 7.28 -0.88
CA PRO A 64 4.46 7.62 -2.26
C PRO A 64 5.62 8.60 -2.35
N GLY A 65 6.70 8.17 -3.00
CA GLY A 65 7.87 9.02 -3.15
C GLY A 65 8.95 8.71 -2.13
N THR A 66 9.16 7.42 -1.86
CA THR A 66 10.16 6.99 -0.90
C THR A 66 10.63 5.57 -1.19
N LEU A 67 11.65 5.13 -0.47
CA LEU A 67 12.19 3.78 -0.65
C LEU A 67 12.15 3.00 0.65
N CYS A 68 12.27 1.67 0.55
CA CYS A 68 12.25 0.81 1.72
C CYS A 68 13.65 0.32 2.06
N VAL A 69 14.21 0.84 3.15
CA VAL A 69 15.54 0.45 3.59
C VAL A 69 15.55 0.08 5.07
N ASN A 70 16.29 -0.98 5.41
CA ASN A 70 16.38 -1.44 6.78
C ASN A 70 15.00 -1.77 7.34
N ASP A 71 14.11 -2.24 6.47
CA ASP A 71 12.75 -2.60 6.88
C ASP A 71 11.99 -1.36 7.36
N VAL A 72 12.41 -0.19 6.89
CA VAL A 72 11.77 1.05 7.28
C VAL A 72 11.83 2.08 6.15
N CYS A 73 10.82 2.93 6.08
CA CYS A 73 10.76 3.96 5.05
C CYS A 73 11.98 4.86 5.10
N THR A 74 12.52 5.20 3.92
CA THR A 74 13.70 6.05 3.85
C THR A 74 13.74 6.80 2.51
N THR A 75 14.04 8.09 2.58
CA THR A 75 14.11 8.92 1.38
C THR A 75 15.02 8.28 0.33
N MET A 76 14.71 8.55 -0.94
CA MET A 76 15.50 8.01 -2.04
C MET A 76 16.90 8.62 -2.06
N GLU A 77 16.99 9.90 -1.70
CA GLU A 77 18.27 10.58 -1.67
C GLU A 77 19.24 9.92 -0.70
N ASP A 78 18.69 9.35 0.37
CA ASP A 78 19.50 8.69 1.39
C ASP A 78 19.58 7.19 1.10
N ALA A 79 18.55 6.66 0.47
CA ALA A 79 18.50 5.23 0.14
C ALA A 79 19.48 4.89 -0.97
N THR A 80 20.02 3.68 -0.93
CA THR A 80 20.96 3.23 -1.95
C THR A 80 22.25 4.05 -1.90
N GLU A 81 22.74 4.30 -0.69
CA GLU A 81 23.97 5.08 -0.51
C GLU A 81 25.20 4.25 -0.86
N ASN A 82 26.11 4.84 -1.63
CA ASN A 82 27.33 4.15 -2.03
C ASN A 82 28.20 3.84 -0.82
N LEU A 83 29.15 2.92 -1.01
CA LEU A 83 30.05 2.53 0.07
C LEU A 83 31.49 2.88 -0.27
N TYR A 84 32.34 2.92 0.75
CA TYR A 84 33.75 3.25 0.55
C TYR A 84 34.52 2.04 0.01
N PHE A 85 35.77 2.26 -0.38
CA PHE A 85 36.60 1.20 -0.92
C PHE A 85 38.00 1.26 -0.31
N GLN A 86 38.09 1.78 0.91
CA GLN A 86 39.36 1.88 1.61
C GLN A 86 39.93 0.51 1.94
N SER A 87 41.23 0.46 2.20
CA SER A 87 41.89 -0.80 2.53
C SER A 87 43.35 -0.57 2.93
N LEU A 88 44.00 -1.62 3.44
CA LEU A 88 45.39 -1.52 3.85
C LEU A 88 46.26 -2.45 3.02
N GLU A 89 47.12 -1.87 2.18
CA GLU A 89 48.01 -2.65 1.33
C GLU A 89 49.47 -2.35 1.66
N HIS A 90 50.14 -3.31 2.29
CA HIS A 90 51.54 -3.15 2.65
C HIS A 90 52.20 -4.49 2.92
N HIS A 91 53.53 -4.53 2.80
CA HIS A 91 54.27 -5.77 3.04
C HIS A 91 54.54 -5.97 4.52
N HIS A 92 55.00 -7.17 4.87
CA HIS A 92 55.30 -7.49 6.27
C HIS A 92 56.50 -8.43 6.36
N HIS A 93 57.67 -7.87 6.59
CA HIS A 93 58.90 -8.65 6.71
C HIS A 93 59.24 -8.94 8.17
N HIS A 94 59.52 -10.19 8.47
CA HIS A 94 59.85 -10.59 9.83
C HIS A 94 61.12 -11.45 9.85
N HIS A 95 61.72 -11.57 11.02
CA HIS A 95 62.95 -12.36 11.18
C HIS A 95 63.91 -12.09 10.02
N MET A 1 33.16 9.74 -39.11
CA MET A 1 32.55 8.62 -38.41
C MET A 1 31.69 9.10 -37.24
N LEU A 2 30.43 9.39 -37.53
CA LEU A 2 29.50 9.87 -36.50
C LEU A 2 28.06 9.48 -36.84
N VAL A 3 27.47 8.62 -36.02
CA VAL A 3 26.10 8.19 -36.24
C VAL A 3 25.16 8.82 -35.23
N LEU A 4 24.08 9.41 -35.73
CA LEU A 4 23.09 10.06 -34.85
C LEU A 4 22.19 9.02 -34.20
N ASP A 5 22.05 9.11 -32.88
CA ASP A 5 21.21 8.19 -32.13
C ASP A 5 19.82 8.77 -31.91
N PHE A 6 18.80 7.95 -32.11
CA PHE A 6 17.42 8.39 -31.94
C PHE A 6 16.61 7.33 -31.19
N ASN A 7 16.34 7.58 -29.91
CA ASN A 7 15.58 6.65 -29.09
C ASN A 7 15.12 7.32 -27.80
N ASN A 8 13.80 7.47 -27.67
CA ASN A 8 13.23 8.11 -26.48
C ASN A 8 11.72 7.91 -26.45
N ILE A 9 11.28 6.76 -25.92
CA ILE A 9 9.87 6.46 -25.82
C ILE A 9 9.53 5.81 -24.48
N ARG A 10 8.38 6.20 -23.92
CA ARG A 10 7.94 5.66 -22.63
C ARG A 10 6.53 6.13 -22.31
N SER A 11 5.65 5.18 -22.04
CA SER A 11 4.26 5.48 -21.71
C SER A 11 3.60 4.32 -20.98
N SER A 12 2.71 4.64 -20.05
CA SER A 12 2.00 3.62 -19.28
C SER A 12 0.73 4.19 -18.65
N ALA A 13 -0.32 3.39 -18.65
CA ALA A 13 -1.60 3.81 -18.09
C ALA A 13 -2.60 2.66 -18.05
N ASP A 14 -3.23 2.47 -16.90
CA ASP A 14 -4.21 1.39 -16.73
C ASP A 14 -4.88 1.48 -15.37
N LEU A 15 -6.21 1.47 -15.37
CA LEU A 15 -6.98 1.56 -14.13
C LEU A 15 -8.21 0.66 -14.20
N HIS A 16 -8.35 -0.22 -13.21
CA HIS A 16 -9.49 -1.13 -13.15
C HIS A 16 -10.02 -1.25 -11.73
N GLY A 17 -11.31 -1.54 -11.61
CA GLY A 17 -11.92 -1.67 -10.30
C GLY A 17 -13.37 -2.12 -10.36
N ALA A 18 -13.72 -3.12 -9.56
CA ALA A 18 -15.08 -3.63 -9.55
C ALA A 18 -15.89 -3.02 -8.40
N ARG A 19 -15.19 -2.65 -7.33
CA ARG A 19 -15.83 -2.06 -6.17
C ARG A 19 -16.62 -3.11 -5.39
N LYS A 20 -17.70 -3.59 -5.99
CA LYS A 20 -18.54 -4.59 -5.34
C LYS A 20 -19.08 -4.10 -4.01
N GLY A 21 -19.70 -4.99 -3.25
CA GLY A 21 -20.24 -4.63 -1.95
C GLY A 21 -19.38 -5.11 -0.80
N SER A 22 -18.12 -4.67 -0.78
CA SER A 22 -17.19 -5.07 0.27
C SER A 22 -16.29 -3.89 0.67
N GLN A 23 -15.39 -4.15 1.61
CA GLN A 23 -14.48 -3.12 2.08
C GLN A 23 -13.64 -2.55 0.93
N CYS A 24 -12.71 -3.35 0.44
CA CYS A 24 -11.84 -2.93 -0.66
C CYS A 24 -11.22 -4.14 -1.35
N LEU A 25 -11.13 -4.08 -2.67
CA LEU A 25 -10.56 -5.16 -3.46
C LEU A 25 -9.03 -5.17 -3.33
N SER A 26 -8.47 -4.00 -3.09
CA SER A 26 -7.02 -3.87 -2.97
C SER A 26 -6.65 -2.54 -2.31
N ASP A 27 -5.45 -2.48 -1.75
CA ASP A 27 -4.97 -1.27 -1.09
C ASP A 27 -5.04 -0.07 -2.04
N THR A 28 -4.94 -0.34 -3.33
CA THR A 28 -5.00 0.71 -4.33
C THR A 28 -6.36 1.39 -4.35
N ASP A 29 -7.39 0.66 -3.92
CA ASP A 29 -8.75 1.20 -3.88
C ASP A 29 -9.03 1.84 -2.53
N CYS A 30 -7.99 2.00 -1.71
CA CYS A 30 -8.13 2.60 -0.39
C CYS A 30 -8.03 4.12 -0.47
N ASN A 31 -9.15 4.76 -0.83
CA ASN A 31 -9.18 6.21 -0.94
C ASN A 31 -8.36 6.70 -2.12
N THR A 32 -7.04 6.68 -1.97
CA THR A 32 -6.14 7.11 -3.03
C THR A 32 -4.68 6.92 -2.63
N ARG A 33 -4.22 7.77 -1.71
CA ARG A 33 -2.85 7.69 -1.24
C ARG A 33 -2.77 6.94 0.09
N LYS A 34 -3.50 5.84 0.19
CA LYS A 34 -3.52 5.04 1.40
C LYS A 34 -3.68 3.56 1.07
N PHE A 35 -3.50 2.71 2.08
CA PHE A 35 -3.63 1.27 1.89
C PHE A 35 -4.63 0.68 2.88
N CYS A 36 -5.17 -0.48 2.55
CA CYS A 36 -6.14 -1.14 3.41
C CYS A 36 -5.45 -1.93 4.52
N LEU A 37 -5.27 -1.29 5.67
CA LEU A 37 -4.61 -1.92 6.81
C LEU A 37 -5.52 -2.97 7.44
N GLN A 38 -4.98 -4.18 7.62
CA GLN A 38 -5.75 -5.27 8.22
C GLN A 38 -5.04 -5.83 9.44
N PRO A 39 -5.30 -5.22 10.60
CA PRO A 39 -4.68 -5.65 11.87
C PRO A 39 -5.20 -7.00 12.34
N ARG A 40 -4.37 -7.72 13.09
CA ARG A 40 -4.74 -9.04 13.59
C ARG A 40 -5.56 -8.91 14.88
N ASP A 41 -5.29 -7.85 15.64
CA ASP A 41 -6.00 -7.61 16.89
C ASP A 41 -7.29 -6.83 16.65
N GLU A 42 -7.33 -6.10 15.54
CA GLU A 42 -8.50 -5.31 15.19
C GLU A 42 -9.06 -5.72 13.84
N LYS A 43 -10.12 -5.05 13.40
CA LYS A 43 -10.75 -5.35 12.13
C LYS A 43 -10.09 -4.58 10.99
N PRO A 44 -10.28 -5.05 9.75
CA PRO A 44 -9.71 -4.41 8.57
C PRO A 44 -10.35 -3.06 8.26
N PHE A 45 -9.52 -2.07 7.92
CA PHE A 45 -10.01 -0.74 7.61
C PHE A 45 -8.92 0.09 6.93
N CYS A 46 -9.32 1.18 6.29
CA CYS A 46 -8.38 2.06 5.61
C CYS A 46 -7.63 2.93 6.61
N ALA A 47 -6.30 2.97 6.48
CA ALA A 47 -5.46 3.76 7.38
C ALA A 47 -4.43 4.56 6.58
N THR A 48 -3.83 5.55 7.24
CA THR A 48 -2.82 6.38 6.60
C THR A 48 -1.50 5.64 6.45
N CYS A 49 -0.72 6.02 5.45
CA CYS A 49 0.58 5.39 5.20
C CYS A 49 1.55 5.66 6.34
N ARG A 50 2.72 5.03 6.27
CA ARG A 50 3.74 5.19 7.30
C ARG A 50 4.73 6.28 6.92
N GLY A 51 5.00 7.18 7.86
CA GLY A 51 5.93 8.27 7.60
C GLY A 51 7.35 7.77 7.40
N LEU A 52 8.23 8.68 7.00
CA LEU A 52 9.63 8.33 6.75
C LEU A 52 10.29 7.83 8.04
N ARG A 53 9.73 8.23 9.18
CA ARG A 53 10.27 7.82 10.47
C ARG A 53 9.48 6.65 11.04
N ARG A 54 8.65 6.04 10.20
CA ARG A 54 7.83 4.90 10.61
C ARG A 54 8.35 3.60 9.99
N ARG A 55 8.10 2.49 10.66
CA ARG A 55 8.54 1.19 10.18
C ARG A 55 7.61 0.68 9.08
N CYS A 56 8.14 -0.18 8.22
CA CYS A 56 7.35 -0.75 7.12
C CYS A 56 7.92 -2.09 6.69
N GLN A 57 7.03 -3.02 6.36
CA GLN A 57 7.44 -4.35 5.93
C GLN A 57 7.35 -4.48 4.41
N ARG A 58 6.50 -3.68 3.79
CA ARG A 58 6.32 -3.70 2.35
C ARG A 58 6.28 -2.28 1.79
N ASP A 59 6.79 -2.12 0.56
CA ASP A 59 6.81 -0.82 -0.09
C ASP A 59 5.40 -0.41 -0.51
N ALA A 60 4.51 -1.38 -0.63
CA ALA A 60 3.14 -1.11 -1.03
C ALA A 60 2.40 -0.30 0.04
N MET A 61 2.58 -0.70 1.30
CA MET A 61 1.94 -0.02 2.42
C MET A 61 2.56 1.35 2.65
N CYS A 62 3.80 1.52 2.19
CA CYS A 62 4.51 2.79 2.34
C CYS A 62 4.05 3.80 1.29
N CYS A 63 3.94 5.06 1.69
CA CYS A 63 3.51 6.12 0.79
C CYS A 63 4.34 6.11 -0.49
N PRO A 64 3.81 6.74 -1.54
CA PRO A 64 4.48 6.83 -2.84
C PRO A 64 5.71 7.73 -2.80
N GLY A 65 6.61 7.54 -3.75
CA GLY A 65 7.82 8.34 -3.81
C GLY A 65 8.81 7.99 -2.71
N THR A 66 8.79 6.72 -2.30
CA THR A 66 9.69 6.25 -1.25
C THR A 66 9.92 4.75 -1.36
N LEU A 67 10.83 4.23 -0.53
CA LEU A 67 11.13 2.80 -0.53
C LEU A 67 11.21 2.26 0.89
N CYS A 68 11.13 0.95 1.03
CA CYS A 68 11.20 0.30 2.33
C CYS A 68 12.57 -0.33 2.56
N VAL A 69 13.34 0.26 3.47
CA VAL A 69 14.67 -0.23 3.79
C VAL A 69 14.86 -0.37 5.29
N ASN A 70 15.50 -1.47 5.69
CA ASN A 70 15.74 -1.74 7.11
C ASN A 70 14.44 -1.68 7.91
N ASP A 71 13.36 -2.12 7.28
CA ASP A 71 12.05 -2.12 7.93
C ASP A 71 11.60 -0.70 8.27
N VAL A 72 12.07 0.26 7.48
CA VAL A 72 11.72 1.66 7.70
C VAL A 72 11.48 2.38 6.38
N CYS A 73 10.48 3.25 6.37
CA CYS A 73 10.15 4.01 5.17
C CYS A 73 11.20 5.07 4.88
N THR A 74 11.96 4.88 3.80
CA THR A 74 13.00 5.81 3.41
C THR A 74 12.70 6.44 2.06
N THR A 75 13.48 7.45 1.70
CA THR A 75 13.30 8.15 0.43
C THR A 75 14.20 7.56 -0.66
N MET A 76 13.76 7.64 -1.91
CA MET A 76 14.53 7.12 -3.03
C MET A 76 15.94 7.72 -3.04
N GLU A 77 16.04 8.99 -2.65
CA GLU A 77 17.33 9.68 -2.62
C GLU A 77 18.26 9.05 -1.58
N ASP A 78 17.67 8.53 -0.52
CA ASP A 78 18.44 7.90 0.56
C ASP A 78 18.83 6.48 0.18
N ALA A 79 17.92 5.78 -0.49
CA ALA A 79 18.16 4.40 -0.90
C ALA A 79 18.91 4.36 -2.23
N THR A 80 20.10 3.77 -2.20
CA THR A 80 20.92 3.67 -3.40
C THR A 80 20.70 2.33 -4.10
N GLU A 81 19.67 2.28 -4.94
CA GLU A 81 19.34 1.05 -5.68
C GLU A 81 18.36 1.36 -6.81
N ASN A 82 18.41 0.54 -7.85
CA ASN A 82 17.53 0.71 -9.01
C ASN A 82 17.70 -0.43 -10.00
N LEU A 83 16.87 -0.44 -11.04
CA LEU A 83 16.93 -1.47 -12.06
C LEU A 83 16.78 -0.88 -13.46
N TYR A 84 17.13 0.39 -13.59
CA TYR A 84 17.03 1.08 -14.86
C TYR A 84 18.23 1.99 -15.09
N PHE A 85 18.47 2.35 -16.35
CA PHE A 85 19.59 3.20 -16.71
C PHE A 85 19.12 4.63 -16.98
N GLN A 86 18.04 4.75 -17.75
CA GLN A 86 17.49 6.06 -18.09
C GLN A 86 18.53 6.92 -18.79
N SER A 87 19.32 6.30 -19.67
CA SER A 87 20.35 7.02 -20.41
C SER A 87 19.97 7.16 -21.88
N LEU A 88 18.76 7.68 -22.12
CA LEU A 88 18.28 7.87 -23.49
C LEU A 88 18.32 9.35 -23.87
N GLU A 89 19.47 9.78 -24.38
CA GLU A 89 19.64 11.16 -24.80
C GLU A 89 20.05 11.25 -26.27
N HIS A 90 19.77 12.39 -26.89
CA HIS A 90 20.11 12.60 -28.29
C HIS A 90 21.45 13.30 -28.43
N HIS A 91 22.07 13.17 -29.61
CA HIS A 91 23.37 13.79 -29.87
C HIS A 91 23.24 14.87 -30.94
N HIS A 92 24.12 15.87 -30.87
CA HIS A 92 24.12 16.95 -31.83
C HIS A 92 25.42 17.00 -32.62
N HIS A 93 26.52 16.65 -31.95
CA HIS A 93 27.83 16.66 -32.59
C HIS A 93 28.21 18.06 -33.06
N HIS A 94 28.82 18.84 -32.17
CA HIS A 94 29.22 20.19 -32.49
C HIS A 94 30.36 20.19 -33.51
N HIS A 95 30.30 21.11 -34.47
CA HIS A 95 31.32 21.21 -35.51
C HIS A 95 31.53 22.67 -35.92
N MET A 1 -39.56 -48.21 14.95
CA MET A 1 -39.62 -47.13 15.94
C MET A 1 -38.89 -45.89 15.42
N LEU A 2 -39.14 -45.54 14.17
CA LEU A 2 -38.51 -44.37 13.56
C LEU A 2 -39.53 -43.28 13.27
N VAL A 3 -40.43 -43.05 14.24
CA VAL A 3 -41.46 -42.02 14.09
C VAL A 3 -40.84 -40.63 14.00
N LEU A 4 -41.24 -39.88 12.97
CA LEU A 4 -40.73 -38.53 12.77
C LEU A 4 -41.63 -37.51 13.42
N ASP A 5 -41.02 -36.50 14.05
CA ASP A 5 -41.78 -35.44 14.72
C ASP A 5 -41.04 -34.11 14.63
N PHE A 6 -41.74 -33.07 14.18
CA PHE A 6 -41.16 -31.76 14.04
C PHE A 6 -42.16 -30.67 14.41
N ASN A 7 -42.09 -30.19 15.64
CA ASN A 7 -43.00 -29.15 16.12
C ASN A 7 -42.34 -28.29 17.19
N ASN A 8 -41.28 -27.59 16.80
CA ASN A 8 -40.55 -26.72 17.72
C ASN A 8 -39.91 -25.56 16.98
N ILE A 9 -40.72 -24.55 16.67
CA ILE A 9 -40.23 -23.36 15.97
C ILE A 9 -40.87 -22.09 16.52
N ARG A 10 -40.94 -22.01 17.84
CA ARG A 10 -41.54 -20.84 18.49
C ARG A 10 -40.83 -19.56 18.05
N SER A 11 -39.52 -19.64 17.92
CA SER A 11 -38.72 -18.47 17.50
C SER A 11 -38.88 -17.33 18.51
N SER A 12 -38.32 -16.17 18.16
CA SER A 12 -38.40 -15.01 19.03
C SER A 12 -38.14 -13.72 18.23
N ALA A 13 -37.07 -13.73 17.44
CA ALA A 13 -36.72 -12.57 16.62
C ALA A 13 -35.53 -12.89 15.71
N ASP A 14 -35.74 -12.73 14.40
CA ASP A 14 -34.70 -13.01 13.43
C ASP A 14 -34.37 -11.75 12.63
N LEU A 15 -33.14 -11.27 12.75
CA LEU A 15 -32.70 -10.08 12.04
C LEU A 15 -31.57 -10.41 11.07
N HIS A 16 -30.49 -10.98 11.60
CA HIS A 16 -29.34 -11.36 10.78
C HIS A 16 -28.33 -12.15 11.61
N GLY A 17 -28.03 -11.67 12.81
CA GLY A 17 -27.08 -12.35 13.66
C GLY A 17 -26.03 -11.40 14.23
N ALA A 18 -24.86 -11.39 13.62
CA ALA A 18 -23.77 -10.53 14.07
C ALA A 18 -22.77 -10.28 12.95
N ARG A 19 -23.24 -9.70 11.85
CA ARG A 19 -22.38 -9.42 10.71
C ARG A 19 -22.41 -7.93 10.37
N LYS A 20 -21.32 -7.44 9.77
CA LYS A 20 -21.22 -6.05 9.39
C LYS A 20 -20.72 -5.90 7.96
N GLY A 21 -19.46 -6.28 7.73
CA GLY A 21 -18.88 -6.19 6.41
C GLY A 21 -17.38 -6.04 6.44
N SER A 22 -16.87 -5.07 5.69
CA SER A 22 -15.43 -4.82 5.63
C SER A 22 -15.14 -3.39 5.16
N GLN A 23 -14.26 -2.71 5.88
CA GLN A 23 -13.90 -1.34 5.55
C GLN A 23 -13.31 -1.26 4.14
N CYS A 24 -12.21 -1.99 3.93
CA CYS A 24 -11.54 -2.00 2.63
C CYS A 24 -10.82 -3.32 2.41
N LEU A 25 -10.66 -3.70 1.14
CA LEU A 25 -9.99 -4.94 0.80
C LEU A 25 -8.55 -4.69 0.36
N SER A 26 -8.31 -3.49 -0.17
CA SER A 26 -6.98 -3.12 -0.63
C SER A 26 -6.85 -1.60 -0.75
N ASP A 27 -5.61 -1.13 -0.91
CA ASP A 27 -5.35 0.29 -1.05
C ASP A 27 -6.20 0.90 -2.16
N THR A 28 -6.50 0.09 -3.18
CA THR A 28 -7.30 0.55 -4.31
C THR A 28 -8.63 1.13 -3.84
N ASP A 29 -9.18 0.55 -2.78
CA ASP A 29 -10.45 1.01 -2.23
C ASP A 29 -10.29 2.36 -1.54
N CYS A 30 -9.09 2.62 -1.04
CA CYS A 30 -8.79 3.88 -0.36
C CYS A 30 -8.35 4.95 -1.34
N ASN A 31 -9.17 5.98 -1.50
CA ASN A 31 -8.85 7.07 -2.41
C ASN A 31 -7.65 7.87 -1.92
N THR A 32 -7.25 8.88 -2.69
CA THR A 32 -6.12 9.71 -2.33
C THR A 32 -4.87 8.88 -2.08
N ARG A 33 -3.81 9.52 -1.61
CA ARG A 33 -2.55 8.83 -1.33
C ARG A 33 -2.63 8.08 -0.01
N LYS A 34 -3.51 7.08 0.04
CA LYS A 34 -3.68 6.28 1.25
C LYS A 34 -3.74 4.79 0.90
N PHE A 35 -3.47 3.95 1.90
CA PHE A 35 -3.49 2.50 1.70
C PHE A 35 -4.42 1.83 2.70
N CYS A 36 -4.77 0.58 2.45
CA CYS A 36 -5.65 -0.17 3.32
C CYS A 36 -4.85 -1.14 4.20
N LEU A 37 -4.65 -0.77 5.46
CA LEU A 37 -3.91 -1.60 6.40
C LEU A 37 -4.77 -2.76 6.88
N GLN A 38 -4.16 -3.96 6.92
CA GLN A 38 -4.88 -5.15 7.37
C GLN A 38 -4.08 -5.88 8.45
N PRO A 39 -4.30 -5.47 9.71
CA PRO A 39 -3.61 -6.08 10.85
C PRO A 39 -4.07 -7.51 11.13
N ARG A 40 -3.18 -8.32 11.68
CA ARG A 40 -3.50 -9.70 12.00
C ARG A 40 -4.23 -9.82 13.32
N ASP A 41 -3.88 -8.94 14.26
CA ASP A 41 -4.51 -8.93 15.57
C ASP A 41 -5.82 -8.14 15.55
N GLU A 42 -5.93 -7.23 14.59
CA GLU A 42 -7.13 -6.42 14.46
C GLU A 42 -7.79 -6.62 13.10
N LYS A 43 -8.87 -5.89 12.85
CA LYS A 43 -9.60 -5.99 11.59
C LYS A 43 -9.02 -5.03 10.56
N PRO A 44 -9.31 -5.29 9.27
CA PRO A 44 -8.83 -4.45 8.16
C PRO A 44 -9.51 -3.09 8.13
N PHE A 45 -8.72 -2.04 7.90
CA PHE A 45 -9.25 -0.69 7.86
C PHE A 45 -8.34 0.21 7.01
N CYS A 46 -8.85 1.40 6.67
CA CYS A 46 -8.09 2.35 5.88
C CYS A 46 -7.20 3.22 6.76
N ALA A 47 -5.90 3.21 6.47
CA ALA A 47 -4.94 3.99 7.24
C ALA A 47 -4.37 5.14 6.40
N THR A 48 -3.88 6.16 7.08
CA THR A 48 -3.30 7.32 6.40
C THR A 48 -1.89 7.01 5.89
N CYS A 49 -1.37 7.90 5.05
CA CYS A 49 -0.02 7.73 4.49
C CYS A 49 1.01 7.65 5.61
N ARG A 50 2.02 6.81 5.40
CA ARG A 50 3.09 6.63 6.38
C ARG A 50 4.25 7.58 6.10
N GLY A 51 4.87 8.09 7.16
CA GLY A 51 5.99 9.00 7.01
C GLY A 51 7.31 8.27 6.90
N LEU A 52 8.40 9.04 6.84
CA LEU A 52 9.73 8.46 6.72
C LEU A 52 10.16 7.85 8.05
N ARG A 53 9.60 8.34 9.14
CA ARG A 53 9.93 7.84 10.48
C ARG A 53 8.93 6.77 10.91
N ARG A 54 8.13 6.29 9.96
CA ARG A 54 7.14 5.26 10.25
C ARG A 54 7.69 3.88 9.93
N ARG A 55 7.65 3.00 10.92
CA ARG A 55 8.14 1.63 10.75
C ARG A 55 7.25 0.84 9.80
N CYS A 56 7.86 0.25 8.78
CA CYS A 56 7.11 -0.53 7.80
C CYS A 56 7.70 -1.93 7.65
N GLN A 57 6.86 -2.89 7.27
CA GLN A 57 7.31 -4.26 7.10
C GLN A 57 7.32 -4.65 5.62
N ARG A 58 6.40 -4.08 4.86
CA ARG A 58 6.30 -4.36 3.43
C ARG A 58 6.51 -3.10 2.61
N ASP A 59 6.75 -3.28 1.32
CA ASP A 59 6.97 -2.15 0.42
C ASP A 59 5.66 -1.43 0.11
N ALA A 60 4.67 -2.17 -0.39
CA ALA A 60 3.37 -1.61 -0.72
C ALA A 60 2.74 -0.95 0.50
N MET A 61 3.12 -1.42 1.68
CA MET A 61 2.58 -0.88 2.92
C MET A 61 2.77 0.63 2.99
N CYS A 62 3.92 1.10 2.50
CA CYS A 62 4.22 2.52 2.51
C CYS A 62 3.59 3.22 1.30
N CYS A 63 3.74 4.53 1.25
CA CYS A 63 3.18 5.32 0.15
C CYS A 63 4.07 5.24 -1.08
N PRO A 64 3.50 5.56 -2.25
CA PRO A 64 4.22 5.53 -3.53
C PRO A 64 5.27 6.63 -3.62
N GLY A 65 6.52 6.23 -3.79
CA GLY A 65 7.60 7.19 -3.90
C GLY A 65 8.77 6.86 -2.98
N THR A 66 8.49 6.09 -1.94
CA THR A 66 9.52 5.71 -0.98
C THR A 66 9.75 4.20 -0.98
N LEU A 67 10.75 3.75 -0.25
CA LEU A 67 11.07 2.33 -0.16
C LEU A 67 11.19 1.88 1.29
N CYS A 68 10.71 0.67 1.57
CA CYS A 68 10.76 0.12 2.92
C CYS A 68 12.15 -0.44 3.24
N VAL A 69 12.91 0.32 4.03
CA VAL A 69 14.26 -0.09 4.40
C VAL A 69 14.45 -0.01 5.91
N ASN A 70 15.17 -0.98 6.46
CA ASN A 70 15.43 -1.02 7.90
C ASN A 70 14.13 -1.05 8.69
N ASP A 71 13.11 -1.67 8.11
CA ASP A 71 11.81 -1.78 8.77
C ASP A 71 11.19 -0.41 8.95
N VAL A 72 11.58 0.54 8.10
CA VAL A 72 11.06 1.89 8.16
C VAL A 72 11.00 2.54 6.77
N CYS A 73 10.04 3.43 6.57
CA CYS A 73 9.88 4.10 5.29
C CYS A 73 11.08 5.00 5.01
N THR A 74 11.88 4.62 4.02
CA THR A 74 13.06 5.39 3.65
C THR A 74 12.96 5.89 2.22
N THR A 75 13.35 7.15 2.01
CA THR A 75 13.30 7.75 0.69
C THR A 75 14.10 6.94 -0.33
N MET A 76 13.54 6.78 -1.53
CA MET A 76 14.20 6.03 -2.58
C MET A 76 15.55 6.65 -2.94
N GLU A 77 15.66 7.95 -2.73
CA GLU A 77 16.89 8.67 -3.03
C GLU A 77 18.02 8.24 -2.09
N ASP A 78 17.66 7.92 -0.85
CA ASP A 78 18.63 7.49 0.14
C ASP A 78 19.05 6.04 -0.09
N ALA A 79 18.05 5.19 -0.32
CA ALA A 79 18.32 3.77 -0.56
C ALA A 79 19.30 3.58 -1.71
N THR A 80 20.33 2.75 -1.46
CA THR A 80 21.34 2.49 -2.49
C THR A 80 22.23 1.33 -2.07
N GLU A 81 22.27 0.29 -2.91
CA GLU A 81 23.09 -0.89 -2.62
C GLU A 81 24.54 -0.49 -2.39
N ASN A 82 25.19 -1.19 -1.46
CA ASN A 82 26.59 -0.91 -1.13
C ASN A 82 27.46 -0.95 -2.38
N LEU A 83 28.68 -0.46 -2.26
CA LEU A 83 29.61 -0.44 -3.38
C LEU A 83 30.50 -1.69 -3.37
N TYR A 84 31.36 -1.80 -4.38
CA TYR A 84 32.26 -2.94 -4.48
C TYR A 84 33.58 -2.66 -3.77
N PHE A 85 33.96 -1.40 -3.73
CA PHE A 85 35.21 -0.99 -3.08
C PHE A 85 36.41 -1.63 -3.76
N GLN A 86 36.68 -2.89 -3.43
CA GLN A 86 37.81 -3.61 -4.01
C GLN A 86 39.13 -2.94 -3.65
N SER A 87 40.24 -3.62 -3.94
CA SER A 87 41.56 -3.10 -3.64
C SER A 87 41.98 -2.07 -4.67
N LEU A 88 43.22 -1.59 -4.55
CA LEU A 88 43.75 -0.59 -5.47
C LEU A 88 45.26 -0.48 -5.36
N GLU A 89 45.87 0.30 -6.24
CA GLU A 89 47.32 0.48 -6.22
C GLU A 89 47.75 1.34 -5.04
N HIS A 90 49.06 1.52 -4.88
CA HIS A 90 49.60 2.31 -3.80
C HIS A 90 50.73 3.21 -4.28
N HIS A 91 50.69 3.55 -5.57
CA HIS A 91 51.72 4.40 -6.16
C HIS A 91 53.09 3.73 -6.11
N HIS A 92 53.48 3.12 -7.22
CA HIS A 92 54.77 2.44 -7.31
C HIS A 92 55.59 2.98 -8.47
N HIS A 93 56.92 2.92 -8.32
CA HIS A 93 57.82 3.41 -9.35
C HIS A 93 59.17 2.71 -9.26
N HIS A 94 59.93 2.75 -10.36
CA HIS A 94 61.24 2.12 -10.39
C HIS A 94 61.15 0.64 -10.05
N HIS A 95 60.72 -0.18 -11.00
CA HIS A 95 60.59 -1.61 -10.79
C HIS A 95 59.65 -1.90 -9.62
#